data_6YAN
#
_entry.id   6YAN
#
loop_
_entity.id
_entity.type
_entity.pdbx_description
1 polymer '60s ribosomal protein l41'
2 polymer '40S ribosomal protein SA'
3 polymer 'ribosomal protein eS1'
4 polymer '40S ribosomal protein uS5'
5 polymer 'Ribosomal protein S3'
6 polymer '40S ribosomal protein S4'
7 polymer 'Ribosomal protein S5'
8 polymer '40S ribosomal protein S6'
9 polymer 'ribosomal protein eS7'
10 polymer '40S ribosomal protein S8'
11 polymer 'Ribosomal protein S9 (Predicted)'
12 polymer '40S ribosomal protein eS10'
13 polymer 'Ribosomal protein S11'
14 polymer '40S ribosomal protein S12'
15 polymer 'ribosomal protein uS15'
16 polymer '40S ribosomal protein uS11'
17 polymer 'ribosomal protein uS9'
18 polymer 'ribosomal protein eS17'
19 polymer '40S ribosomal protein eS19'
20 polymer 'Ribosomal_S10 domain-containing protein'
21 polymer '40S ribosomal protein S21'
22 polymer 'Ribosomal protein S15a'
23 polymer '40S ribosomal protein uS12'
24 polymer '40S ribosomal protein S24'
25 polymer '40S ribosomal protein eS26'
26 polymer '40S ribosomal protein S27'
27 polymer 'ribosomal protein eS28'
28 polymer 'ribosomal protein uS14'
29 polymer 'ribosomal protein eS31'
30 polymer 'ribosomal protein RACK1'
31 polymer 'ribosomal protein eS25'
32 polymer '40S ribosomal protein eS30'
33 polymer '18S ribosomal RNA'
34 polymer 'histone 4 (H4) mRNA'
35 polymer 'Eukaryotic translation initiation factor 2 subunit 1'
36 polymer 'eukaryotic translation initiation factor 2 subunit gamma'
37 polymer '40S ribosomal protein uS13'
38 polymer 'Ribosomal protein S15'
39 polymer 'initiator methionylated tRNA'
#
loop_
_entity_poly.entity_id
_entity_poly.type
_entity_poly.pdbx_seq_one_letter_code
_entity_poly.pdbx_strand_id
1 'polypeptide(L)' MRAKWRKKRMRRLKRKRRKMRQRSK l
2 'polypeptide(L)'
;SGALDVLQMKEEDVLKFLAAGTHLGGTNLDFQMEQYIYKRKSDGIYIINLKRTWEKLLLAARAIVAIENPADVSVISSRN
TGQRAVLKFAAATGATPIAGRFTPGTFTNQIQAAFREPRLLVVTDPRADHQPLTEASYVNLPTIALCNTDSPLRYVDIAI
PCNNKGAHSVGLMWWMLAREVLRMRGTISREHPWEVMPDLYFYRDPEE
;
C
3 'polypeptide(L)'
;KKVVDPFSKKDWYDVKAPAMFNIRNIGKTLVTRTQGTKIASDGLKGRVFEVSLADLQNDEVAFRKFKLITEDVQGKNCLT
NFHGMDLTRDKMCSMVKKWQTMIEAHVDVKTTDGYLLHLFCVGFTKKCNNQIRKTSYAQHQQVRQIRKKMMEIMTREVQT
NDLKEVVNKLIPDSIGKDIEKACQSIYPLHDVFVRKVKMLKKPKFELGKLMELHG
;
D
4 'polypeptide(L)'
;GKAGDKEWLPVTKLGRLVKDMKIKSLEEIYLFSLPIKESEIIDFFLGAALKDKVLKIMPVQKQTQAGQRTRFKAFVAIGD
YNGHVGLGMKCSKEVATAIRGAIILAKLSIVPVRRGYWGNKIGKPHTVRCKVTGRCGSVLVRLIPAPRGTGIISAPVPKK
LLLMAGIDDCYTSAGGCTATLGNFAKATFDAISKTYSYLTPDLWKETVFTKSPYQEFTDHLVKTHT
;
E
5 'polypeptide(L)'
;MAVQISKKRKFVADGIFKAELNEFLTRELAEDGYSGVEVRVTPTRTEIIILATRTQNVLGEKGRRIRELTAVVQKRFGFP
EGSVELYAEKVATRGLCAIAQAESLRYKLLGGLAVRRACYGVLRFIMESGAKGCEVVVSGKLRGQRAKSMKFVDGLMIHS
GDPVNYYVDTAVRHVLLRQGVLGIKVKIMLPWDPSGKIGPKKPLPDHVSIVEPKDEILPTTPISEQK
;
F
6 'polypeptide(L)'
;MARGPKKHLKRVAAPKHWMLDKLTSVFAPRPSTGPHKLRECLPLIIFLRNKLKYALTGDEVKKICMQRFIKIDGKVRADI
TYPAGFMDVISIDKTGENFRLIYDTKGRFAVHRITPEEAKYKLCKVRKIFVGTKGIPHLVTHDARTIRYPDPLIKMNDTI
QIDLETGKITDFIKFDTGNLCMVTGGANLGRIGVITNRERHPGSFDVVHVKDANGNSFATRLSNIFVIGKGNKPWISLPR
GKGIRLTIAEERDKRLAAKQSSG
;
G
7 'polypeptide(L)'
;TPDIKLFGKWSTDDVQINDISLQDYIAVKEKYAKYLPHSAGRYAAKRFRKAQCPIVERLTNSMMMHGRNNGKKLMTVRIV
KHAFEIIHLLTGENPLQVLVNAIINSGPREDSTRIGRAGTVRRQAVDVSPLRRVNQAIWLLCTGAREAAFRNIKTIAECL
ADELINAAKGSSNSYAIKKKDELERVAKSNR
;
H
8 'polypeptide(L)'
;MKLNISFPATGCQKLIEVDDERKLRTFYEKRMATEVAADALGEEWKGYVVRISGGNDKQGFPMKQGVLTHGRVRLLLSKG
HSCYRPRRTGERKRKSVRGCIVDANLSVLNLVIVKKGEKDIPGLTDTTVPRRLGPKRASRIRKLFNLSKEDDVRQYVVRK
PLNKEGKKPRTKAPKIQRLVTPRVLQHKRRRIALKKQRTKKNKEEAAEYAKLLAKRMKEAKEKRQEQIAKRRRLSSL
;
I
9 'polypeptide(L)'
;SAKIVKPNGEKPDEFESGISQALLELEMNSDLKAQLRELNITAAKEIEVGGGRKAIIIFVPVPQLKSFQKIQVRLVRELE
KKFSGKHVVFIAQRRILPKPTRKSRTKNKQKRPRSRTLTAVHDAILEDLVFPSEIVGKRIRVKLDGSRLIKVHLDKAQQN
NVEHKVETFSGVYKKLTGKDVNFEFPEFQL
;
J
10 'polypeptide(L)'
;GISRDNWHKRRKTGGKRKPYHKKRKYELGRPAANTKIGPRRIHTVGVRGGNKKYRALRLDVGNFSWGSECCTRKTRIIDV
VYNASNNELVRTKTLVKNCIVLIDSTPYRQWYESHYALPLGRKKGAKLTPEEEEILNKKRSKKIQKKYDERKKNAKISSL
LEEQFQQGKLLACIASRPGQCGRADGYVLEGKELEFYLRKIKARKG
;
K
11 'polypeptide(L)'
;WVCRKTYVTPRRPFEKSRLDQELKLIGEYGLRNKREVWRVKFTLAKIRKAARELLTLDEKDPRRLFEGNALLRRLVRIGV
LDEGKMKLDYILGLKIEDFLERRLQTQVFKLGLAKSIHHARVLIRQRHIRVRKQVVNIPSFIVRLDSQKHIDFSLRSPYG
GGRPGRVKRKNAKKGQGGAGAG
;
L
12 'polypeptide(L)'
;MLMPKKNRIAIYELLFKEGVMVAKKDVHMPKHPELADKNVPNLHVMKAMQSLKSRGYVKEQFAWRHFYWYLTNEGIQYLR
DYLHLPPEIVPATLRRSR
;
M
13 'polypeptide(L)'
;MADIQTERAYQKQPTIFQNKKRVLLGETGKEKLPRYYKNIGLGFKTPKEAIEGTYIDKKCPFTGNVSIRGRILSGVVTKM
KMQRTIVIRRDYLHYIRKYNRFEKRHKNMSVHLSPCFRDVQIGDIVTVGECRPLSKTVRFNVLKVTKAAGTKKQFQKF
;
N
14 'polypeptide(L)'
;GGVMDVNTALQEVLKTALIHDGLARGIREAAKALDKRQAHLCVLASNCDEPMYVKLVEALCAEHQINLIKVDDNKKLGEW
VGLCKIDREGKPRKVVGCSCVVVKDYGKESQAKDVIEEYFKCKK
;
O
15 'polypeptide(L)'
;GRMHAPGKGLSQSALPYRRSVPTWLKLTSDDVKEQIYKLAKKGLTPSQIGVILRDSHGVAQVRFVTGNKILRILKSKGLA
PDLPEDLYHLIKKAVAVRKHLERNRKDKDAKFRLILIESRIHRLARYYKTKRVLPPNWKYESSTASALVA
;
P
16 'polypeptide(L)'
;SLGPQVAEGENVFGVCHIFASFNDTFVHVTDLSGKETICRVTGGMKVKADRDESSPYAAMLAAQDVAQRCKELGITALHI
KLRATGGNRTKTPGPGAQSALRALARSGMKIGRIEDVTPIPSDSTRRKGGRRGRRL
;
Q
17 'polypeptide(L)'
;PLQSVQVFGRKKTATAVAHCKRGNGLIKVNGRPLEMIEPRTLQYKLLEPVLLLGKERFAGVDIRVRVKGGGHVAQIYAIR
QSISKALVAYYQKYVDEASKKEIKDILIQYDRTLLVADPRRCESKKFGGPGARARYQKSYR
;
S
18 'polypeptide(L)'
;MGRVRTKTVKKAARVIIEKYYTRLGNDFHTNKRVCEEIAIIPSKKLRNKIAGYVTHLMKRIQRGPVRGISIKLQEEERER
RDNYVPEVSALDQEIIEVDPDTKEMLKLLDFGSLSNLQVTQPTVGM
;
T
19 'polypeptide(L)'
;VTVKDVNQQEFVRALAAFLKKSGKLKVPEWVDTVKLAKHKELAPYDENWFYTRAASTARHLYLRGGAGVGSMTKIYGGRQ
RNGVMPSHFSRGSKSVARRVLQALEGLKMVEKDQDWGRKLTPQGQRDLDRIAGQVAAAKKK
;
V
20 'polypeptide(L)'
;AIHRIRITLTSRNVKSLEKVCADLIRGAKEKNLKVKGPVRMPTKTLRITTRKTPCGEGSKTWDRFQMRIHKRLIDLHSPS
EIVKQITSISIEPGVEVEVTIADA
;
W
21 'polypeptide(L)'
;MQSNAGEFVDLYVPRKCSASNRIIGAKDHASIPMNVAEVDKVTGRFNGQSKTYAICGAIRRMGESDDSILRLAKSHGIVS
QN
;
X
22 'polypeptide(L)'
;VRMNVLADALKSINNAEKRGKRQVLIRPCSKVIVRFLTVMMKHGYIGEFEIIDDHRAGKIVVNLTGRLNKCGVISPRFDV
QLKDLEKWQNNLLPSRQFGFIVLTTSAGIMDHEEARRKHTGGKILGFFF
;
Y
23 'polypeptide(L)'
;MGKCRGLRTARKLRSHRRDQKWHDKQYKKAHLGTALKANPFGGASHAKGIVLEKVGVEAKQPNSAIRKCVRVQLIKNGKK
ITAFVPNDGCLNFIEENDEVLVAGFGRKGHAVGDIPGVRFKVVKVANVSLLALYKGKKERPR
;
Z
24 'polypeptide(L)'
;DTVTIRTRKFMTNRLLQRKQMVIDVLHPGKATVPKTEIQEKLAKMYKTTPDVIFVFGFRTHFGGGKTTGFGMIYDSLDYA
KKNEPKHRLARHGLYEKKKTSRKQRKERKNRMKKVRGTAKANVGAG
;
a
25 'polypeptide(L)'
;TKKRRNNGRAKKGRGHVQPIRCTNCACCVPKDKAIKKFVIRNIVEAAAVRDISEVSVFDAYVLPKLYVKLHYCVSCAIHS
KVVRNRSREARKDRTPPPR
;
b
26 'polypeptide(L)'
;MPLAKDLLHPSPEEEKRKHKKKRLVQSPNSYFMDVKCPGCYKITTVFSHAQTVVLCVGCSTVLCQPTGGKARLTEGCSFR
RKQH
;
c
27 'polypeptide(L)' RVQPIKLARVTKVLGRTGSQGQCTQVRVEFMDDTSRSIIRNVKGPVREGDVLTLLESEREARRL d
28 'polypeptide(L)' QQLYWSHPRKFGQGSRSCRVCSNRHGLIRKYGLNMCRQCFRQYAKDIGFIKLD e
29 'polypeptide(L)' KKSYTTPKKNKHKRKKVKLAVLKYYKVDENGKISRLRRECPSDECGAGVFMASHFDRHYCGKCCLTYCFNK f
30 'polypeptide(L)'
;TEQMTLRGTLKGHNGWVTQIATTPQFPDMILSASRDKTIIMWKLTRDETNYGIPQRALRGHSHFVSDVVISSDGQFALSG
SWDGTLRLWDLTTGTTTRRFVGHTKDVLSVAFSSDNRQIVSGSRDKTIKLWNTLGVCKYTVQDESHSEWVSCVRFSPNSS
NPIIVSCGWDKLVKVWNLANCKLKTNHIGHTGYLNTVTVSPDGSLCASGGKDGQAMLWDLNEGKHLYTLDGGDIINALCF
SPNRYWLCAATGPSIKIWDLEGKIIVDELKQEVISTSSKAEPPQCTSLAWSADGQTLFAGYTDNLVRVWQVTI
;
g
31 'polypeptide(L)' RDKLNNLVLFDKATYDKLCKEVPNYKLITPAVVSERLKIRGSLARAALQELLSKGLIKLVSKHRAQVIYTRNTKG h
32 'polypeptide(L)' KVHGSLARVGKVRGQTLKVAKQEKKKKRTGRAKRRMQYNRRFVNVVPTFGKKKGPNANS i
33 'polyribonucleotide'
;UACCUGGUUGAUCCUGCCAGUAGCAUAUGCUUGUCUCAAAGAUUAAGCCAUGCAUGUCUAAGUACGCACGGCCGGUACAG
UGAAACUGCGAAUGGCUCAUUAAAUCAGUUAUGGUUCCUUUGGUCGCUCGCUCCUCUCCUACUUGGAUAACUGUGGUAAU
UCUAGAGCUAAUACAUGCCGACGGCGCUGACUCCCUUUGUGUGGGAUGCGUGCAUUUAUCAGAUCAAAACCAACCCGGUC
AGCCUCCCCGCCGGCCGGGGGGGUGGGGCGGCGGCUUUGGUGACUCUAGAUAACCUCGGGCCGAUCGCAGCCCUCCGUGG
CGGCGACGACCCAUUCGAACGUCUGCCCUAUCAACUUUCGAUGGUAGUCGCCGUGCCUACCAUGGUGACCACGGGUGACG
GGGAAUCAGGGUUCGAUUCCGGAGAGGGAGCCUGAGAAACGGCUACCACAUCCAAGGAAGGCAGCAGGCGCGCAAAUUAC
CCACUCCCGACCCGGGGAGGUAGUGACGAAAAAUAACAAUACAGGACUCUUUCGAGGCCCUGUAAUUGGAAUGAGUCCAC
UUUAAAUCCUUUAACGAGGAUCCAUUGGAGGGCAAGUCUGGUCGCAGCAGCCGCGGUAAUUCCAGCUCCAAUAGCGUAUA
UUAAAGUUGCUGCAGUUAAAAAGCUCGUAGUUGGAUCUUGUGGAGGGUGCGUAGCGGGCGGUCCGCCGCGAGGCGAGCCA
CCGCCCGUCCCCGCCCCUUGCCUCUCGGCGCCCCCUCGAUGCUCUUAGCUGAGUGUCCCGCGGGGCCCGAAGCGUUUACU
UUGAAAAAAUUAGAGUGUUCAAAGCAGGCCCGAGCCGCCUGGAUACCGCAGCUAGGAAUAAUGGAAUAGGACCGCGGUUC
UAUUUUGUUGGUUUUCGGAACUGAGGCCAUGAUUAAGAGGGACGGCCGGGGGCAUUCGUAUUGCGCCGCUAGAGGUGAAA
UUCUUGGACCGGCGCAAGACGGACCAGAGCGAAAGCAUUUGCCAAGAAUGUUUUCAUUAAUCAAGAACGAAAGUCGGAGG
UUCGAAGACGAUCAGAUACCGUCGUAGUUCCGACCAUAAACGAUGCCGACUGGCGAUGCGGCGGCGUUAUUCCCAUGACC
CGCCGGGCAGCUUCCGGGAAACCAAAGUCUUUGGGUUCCGGGGGGAGUAUGGUUGCAAAGCUGAAACUUAAAGGAAUUGA
CGGAAGGGCACCACCAGGAGUGGAGCCUGCGGCUUAAUUUGAC(C4J)CAACACGGGAAACCUCACCCGGCCCGGACACG
GACAGGAUUGACAGAUUGAUAGCUCUUUCUCGAUUCUGUGGGUGGUGGUGCAUGGCCGUUCUUAGUUGGUGGAGCGAUUU
GUCUGGUUAAUUCCGAUAACGAACGAGACUCUGGCAUGCUAACUAGUUACGCGACCCCCGAGCGGUCGGCGUCCCCCAAC
UUCUUAGAGGGACAAGUGGCGUUCAGCCACCCGAGAUUGAGCAAUAACAGGUCUGUGAUGCCCUUAGAUGUCGGGGCUGC
ACGCGCGCUACACUGACUGGCUCAGCGUGUGCCUACCCUACGCCGGCAGGCGCGGGUAACCCGUUGAACCCCAUUCGUGA
UGGGGAUCGGGGAUUGCAAUUAUUCCCCAUGAACGAGGAAUUCCCAGUAAGUGCGGGUCAUAAGCUUGCGUUGAUUAAGU
CCCUGCCCUUUGUACACACCGCCCGUCGCUACUACCGAUUGGAUGGUUUAGUGAGGCCCUCGGAUCGGCCCGCCGGGGUC
GGCCCACGGCCCUGGCGGAGCGCUGAGAAGACGGUCGAACUUGACUAUCUAGAGGAAGUAAAAGUCGUAACAAGGUUUCC
GUAGGUGAACCUGCGGAAGGAUCAUUA
;
2
34 'polyribonucleotide' GGUCAUAACCAUGUCUGGACGUGGCAAGGGUGGUAA 3
35 'polypeptide(L)'
;CRFYQHKFPEVEDVVMVNVRSIAEMGAYVSLLEYNNIEGMILLSELSRRRIRSINKLIRIGRNECVVVIRVDKEKGYIDL
SKRRVSPEEAIKCEDKFTKSKTVYSILRHVAEVLEYTKDEQLESLFQRTAWVFDDKYKRPGYGAYDAFKHAVSDPSILDS
LDLNEDEREVLINNINRRLTPQAVKIRADIEVACYGYEGIDAVKEALRAGLNCSTETMPIKINLIAPPRYVMTTTTLERT
EGLSVLNQAMAVIKEKIEEKRGVFNV
;
A
36 'polypeptide(L)'
;QATINIGTIGHVAHGKSTVVKAISGVHTVRFKNELERNITIKLGYANAKIYKLDDPSCPRPECYRSCGSSTPDEFPTDIP
GTKGNFKLVRHVSFVDCPGHDILMATMLNGAAVMDAALLLIAGNESCPQPQTSEHLAAIEIMKLKHILILQNKIDLVKES
QAKEQYEQILAFVQGTVAEGAPIIPISAQLKYNIEVVCEYIVKKIPVPPRDFTSEPRLIVIRSFDVNKPGCEVDDLKGGV
AGGSILKGVLKVGQEIEVRPGIVSKDSEGKLMCKPIFSKIVSLFAEHNDLQYAAPGGLIGVGTKIDPTLCRADRMVGQVL
GAVGALPEIFTELEISYFLLRRLLGVRTEGDKKAAKVQKLSKNEVLMVNIGSLSTGGRVSAVKADLGKIVLTNPVCTEVG
EKIALSRRVEKHWRLIGWGQIR
;
B
37 'polypeptide(L)'
;PEKFQHILRVLNTNIDGRRKIAFAITAIKGVGRRYAHVVLRKADIDLTKRAGELTEDEVERVITIMQNPRQYKIPDWFLN
RQKDVKDGKYSQVLANGLDNKLREDLERLKKIRAHRGLRHFWGLRVRGQHTKTTGRRGRTVG
;
U
38 'polypeptide(L)'
;VEQKKKRTFRKFTYRGVDLDQLLDMSYEQLMQLYSARQRRRLSRGLRRKQHSLLKRLRKAKKEAPPMEKPEVVKTHLRDM
IILPEMVGSMVGVYNGKTFNQVEIKPEMIGHYLGEFSITYKPVKHGRPGIGATHS
;
R
39 'polyribonucleotide' AGCAGAGUGGCGCAGCGGAAGCGUGCUGGGCCCAU(T6A)ACCCAGAGGUCGAUGGAUCGAAACCAUCCUCUGCUACCA 1
#
# COMPACT_ATOMS: atom_id res chain seq x y z
N MET A 1 -3.70 0.08 -20.85
CA MET A 1 -3.01 0.18 -22.14
C MET A 1 -1.65 -0.45 -22.10
N ARG A 2 -0.94 -0.40 -20.94
CA ARG A 2 0.44 -0.82 -20.80
C ARG A 2 0.62 -2.27 -21.16
N ALA A 3 -0.17 -3.17 -20.53
CA ALA A 3 -0.18 -4.59 -20.83
C ALA A 3 -0.56 -4.94 -22.25
N LYS A 4 -1.54 -4.22 -22.84
CA LYS A 4 -2.01 -4.43 -24.19
C LYS A 4 -0.97 -4.06 -25.20
N TRP A 5 -0.07 -3.12 -24.83
CA TRP A 5 1.02 -2.66 -25.65
C TRP A 5 2.15 -3.65 -25.58
N ARG A 6 2.43 -4.24 -24.40
CA ARG A 6 3.44 -5.28 -24.27
C ARG A 6 3.08 -6.50 -25.11
N LYS A 7 1.77 -6.83 -25.23
CA LYS A 7 1.31 -7.89 -26.09
C LYS A 7 1.38 -7.53 -27.56
N LYS A 8 1.47 -6.23 -27.89
CA LYS A 8 1.42 -5.76 -29.27
C LYS A 8 2.81 -5.70 -29.82
N ARG A 9 3.80 -5.24 -29.04
CA ARG A 9 5.18 -5.14 -29.45
C ARG A 9 5.76 -6.50 -29.73
N MET A 10 5.29 -7.51 -28.96
CA MET A 10 5.72 -8.88 -29.07
C MET A 10 5.04 -9.55 -30.23
N ARG A 11 3.90 -9.01 -30.70
CA ARG A 11 3.19 -9.48 -31.86
C ARG A 11 3.95 -9.13 -33.10
N ARG A 12 4.34 -7.85 -33.25
CA ARG A 12 5.14 -7.38 -34.36
C ARG A 12 6.50 -8.05 -34.44
N LEU A 13 7.14 -8.36 -33.28
CA LEU A 13 8.42 -9.03 -33.23
C LEU A 13 8.33 -10.46 -33.69
N LYS A 14 7.27 -11.18 -33.25
CA LYS A 14 6.96 -12.55 -33.61
C LYS A 14 6.71 -12.69 -35.08
N ARG A 15 6.03 -11.70 -35.69
CA ARG A 15 5.76 -11.64 -37.10
C ARG A 15 7.04 -11.55 -37.90
N LYS A 16 8.06 -10.81 -37.39
CA LYS A 16 9.33 -10.64 -38.05
C LYS A 16 10.12 -11.94 -38.08
N ARG A 17 10.12 -12.70 -36.94
CA ARG A 17 10.76 -13.99 -36.83
C ARG A 17 10.24 -14.98 -37.82
N ARG A 18 8.90 -14.98 -38.02
CA ARG A 18 8.17 -15.78 -38.97
C ARG A 18 8.63 -15.48 -40.37
N LYS A 19 8.67 -14.18 -40.73
CA LYS A 19 9.09 -13.67 -42.01
C LYS A 19 10.50 -14.04 -42.36
N MET A 20 11.44 -13.93 -41.39
CA MET A 20 12.85 -14.20 -41.59
C MET A 20 13.11 -15.68 -41.83
N ARG A 21 12.31 -16.58 -41.21
CA ARG A 21 12.43 -18.00 -41.39
C ARG A 21 11.78 -18.44 -42.66
N GLN A 22 10.60 -17.86 -43.02
CA GLN A 22 9.95 -18.04 -44.30
C GLN A 22 10.77 -17.57 -45.47
N ARG A 23 11.54 -16.46 -45.32
CA ARG A 23 12.44 -15.97 -46.35
C ARG A 23 13.54 -16.94 -46.65
N SER A 24 14.15 -17.55 -45.60
CA SER A 24 15.21 -18.54 -45.72
C SER A 24 14.73 -19.83 -46.32
N LYS A 25 13.39 -20.06 -46.29
CA LYS A 25 12.75 -21.19 -46.91
C LYS A 25 12.06 -20.65 -48.18
N SER B 1 -59.55 -17.74 31.39
CA SER B 1 -59.23 -17.54 32.84
C SER B 1 -59.72 -18.74 33.59
N GLY B 2 -60.84 -18.62 34.33
CA GLY B 2 -61.38 -19.75 35.04
C GLY B 2 -62.04 -19.33 36.32
N ALA B 3 -61.74 -18.11 36.82
CA ALA B 3 -62.54 -17.49 37.85
C ALA B 3 -63.87 -17.08 37.30
N LEU B 4 -64.88 -16.98 38.21
CA LEU B 4 -66.28 -17.06 37.91
C LEU B 4 -66.72 -15.96 37.00
N ASP B 5 -66.23 -14.73 37.29
CA ASP B 5 -66.51 -13.55 36.52
C ASP B 5 -65.64 -12.47 37.08
N VAL B 6 -64.84 -12.80 38.13
CA VAL B 6 -64.02 -11.85 38.84
C VAL B 6 -62.64 -11.75 38.26
N LEU B 7 -62.39 -12.46 37.14
CA LEU B 7 -61.16 -12.35 36.38
C LEU B 7 -61.56 -12.49 34.94
N GLN B 8 -62.80 -12.08 34.59
CA GLN B 8 -63.33 -12.19 33.27
C GLN B 8 -63.97 -10.87 32.96
N MET B 9 -64.32 -10.66 31.67
CA MET B 9 -64.77 -9.39 31.13
C MET B 9 -66.02 -8.88 31.80
N LYS B 10 -66.04 -7.54 32.00
CA LYS B 10 -67.08 -6.83 32.68
C LYS B 10 -67.71 -5.97 31.64
N GLU B 11 -69.02 -5.65 31.81
CA GLU B 11 -69.79 -4.91 30.84
C GLU B 11 -69.37 -3.47 30.78
N GLU B 12 -68.87 -2.92 31.92
CA GLU B 12 -68.54 -1.51 32.09
C GLU B 12 -67.38 -1.12 31.23
N ASP B 13 -66.28 -1.91 31.33
CA ASP B 13 -64.98 -1.64 30.76
C ASP B 13 -65.00 -1.64 29.26
N VAL B 14 -65.91 -2.43 28.64
CA VAL B 14 -66.12 -2.49 27.20
C VAL B 14 -66.44 -1.13 26.64
N LEU B 15 -67.31 -0.37 27.34
CA LEU B 15 -67.70 0.97 26.96
C LEU B 15 -66.55 1.94 26.99
N LYS B 16 -65.64 1.77 27.97
CA LYS B 16 -64.52 2.65 28.20
C LYS B 16 -63.47 2.47 27.12
N PHE B 17 -63.20 1.19 26.74
CA PHE B 17 -62.32 0.83 25.65
C PHE B 17 -62.74 1.42 24.33
N LEU B 18 -64.06 1.48 24.08
CA LEU B 18 -64.57 1.81 22.78
C LEU B 18 -64.70 3.29 22.67
N ALA B 19 -64.96 3.98 23.81
CA ALA B 19 -64.99 5.42 23.86
C ALA B 19 -63.63 6.02 23.71
N ALA B 20 -62.56 5.28 24.11
CA ALA B 20 -61.21 5.76 23.99
C ALA B 20 -60.56 5.27 22.72
N GLY B 21 -61.26 4.50 21.88
CA GLY B 21 -60.80 4.12 20.56
C GLY B 21 -59.65 3.14 20.54
N THR B 22 -59.48 2.31 21.61
CA THR B 22 -58.42 1.34 21.71
C THR B 22 -58.57 0.22 20.71
N HIS B 23 -59.82 -0.13 20.34
CA HIS B 23 -60.17 -1.21 19.46
C HIS B 23 -59.63 -1.02 18.07
N LEU B 24 -59.64 0.24 17.57
CA LEU B 24 -59.07 0.63 16.30
C LEU B 24 -57.57 0.42 16.35
N GLY B 25 -56.96 0.09 15.20
CA GLY B 25 -55.54 -0.20 15.15
C GLY B 25 -55.02 0.10 13.79
N GLY B 26 -53.70 0.44 13.72
CA GLY B 26 -52.99 0.95 12.57
C GLY B 26 -53.11 0.12 11.32
N THR B 27 -52.67 0.71 10.19
CA THR B 27 -52.90 0.21 8.85
C THR B 27 -51.87 -0.80 8.39
N ASN B 28 -51.16 -1.49 9.32
CA ASN B 28 -50.11 -2.40 8.95
C ASN B 28 -50.14 -3.53 9.92
N LEU B 29 -49.48 -4.64 9.53
CA LEU B 29 -49.49 -5.89 10.24
C LEU B 29 -48.07 -6.36 10.25
N ASP B 30 -47.76 -7.34 11.12
CA ASP B 30 -46.50 -8.03 11.14
C ASP B 30 -46.87 -9.48 11.00
N PHE B 31 -45.87 -10.38 11.04
CA PHE B 31 -46.09 -11.79 10.92
C PHE B 31 -46.25 -12.37 12.31
N GLN B 32 -46.09 -11.52 13.36
CA GLN B 32 -46.33 -11.87 14.73
C GLN B 32 -47.57 -11.18 15.21
N MET B 33 -48.06 -10.14 14.48
CA MET B 33 -49.17 -9.34 14.91
C MET B 33 -50.26 -9.56 13.92
N GLU B 34 -50.94 -10.71 14.07
CA GLU B 34 -51.99 -11.13 13.21
C GLU B 34 -52.74 -12.19 13.95
N GLN B 35 -52.42 -12.36 15.26
CA GLN B 35 -52.99 -13.36 16.12
C GLN B 35 -53.78 -12.66 17.17
N TYR B 36 -54.01 -11.34 16.99
CA TYR B 36 -54.77 -10.54 17.92
C TYR B 36 -55.74 -9.76 17.12
N ILE B 37 -55.40 -9.44 15.84
CA ILE B 37 -56.31 -8.87 14.87
C ILE B 37 -57.35 -9.92 14.57
N TYR B 38 -58.61 -9.50 14.30
CA TYR B 38 -59.61 -10.37 13.74
C TYR B 38 -59.63 -10.19 12.26
N LYS B 39 -59.90 -8.95 11.80
CA LYS B 39 -60.00 -8.70 10.38
C LYS B 39 -59.88 -7.24 10.18
N ARG B 40 -60.05 -6.81 8.91
CA ARG B 40 -59.87 -5.45 8.50
C ARG B 40 -61.27 -4.92 8.37
N LYS B 41 -61.38 -3.58 8.31
CA LYS B 41 -62.58 -2.84 8.10
C LYS B 41 -62.72 -2.61 6.62
N SER B 42 -63.79 -1.87 6.21
CA SER B 42 -63.99 -1.31 4.88
C SER B 42 -62.84 -0.37 4.60
N ASP B 43 -62.42 0.32 5.68
CA ASP B 43 -61.40 1.33 5.70
C ASP B 43 -60.11 0.58 5.93
N GLY B 44 -58.96 1.30 5.90
CA GLY B 44 -57.66 0.67 6.06
C GLY B 44 -57.34 0.27 7.47
N ILE B 45 -58.18 0.65 8.45
CA ILE B 45 -58.10 0.30 9.85
C ILE B 45 -58.23 -1.21 10.00
N TYR B 46 -57.53 -1.79 11.01
CA TYR B 46 -57.52 -3.20 11.26
C TYR B 46 -57.94 -3.29 12.69
N ILE B 47 -58.93 -4.16 12.96
CA ILE B 47 -59.68 -4.09 14.19
C ILE B 47 -59.15 -5.12 15.14
N ILE B 48 -58.42 -4.66 16.18
CA ILE B 48 -57.97 -5.42 17.32
C ILE B 48 -59.18 -5.94 18.03
N ASN B 49 -59.17 -7.20 18.53
CA ASN B 49 -60.25 -7.70 19.34
C ASN B 49 -59.94 -7.45 20.78
N LEU B 50 -60.99 -7.25 21.59
CA LEU B 50 -60.92 -6.78 22.95
C LEU B 50 -60.96 -7.93 23.89
N LYS B 51 -61.54 -9.08 23.46
CA LYS B 51 -61.41 -10.33 24.16
C LYS B 51 -59.95 -10.71 24.26
N ARG B 52 -59.24 -10.64 23.12
CA ARG B 52 -57.83 -10.91 23.02
C ARG B 52 -57.00 -9.94 23.80
N THR B 53 -57.46 -8.66 23.97
CA THR B 53 -56.79 -7.70 24.83
C THR B 53 -56.89 -8.10 26.27
N TRP B 54 -58.06 -8.65 26.69
CA TRP B 54 -58.41 -8.77 28.08
C TRP B 54 -57.61 -9.84 28.75
N GLU B 55 -57.41 -11.00 28.08
CA GLU B 55 -56.62 -12.07 28.64
C GLU B 55 -55.19 -11.69 28.80
N LYS B 56 -54.64 -10.92 27.82
CA LYS B 56 -53.24 -10.55 27.81
C LYS B 56 -52.93 -9.56 28.87
N LEU B 57 -53.92 -8.72 29.25
CA LEU B 57 -53.84 -7.79 30.36
C LEU B 57 -53.59 -8.48 31.67
N LEU B 58 -54.14 -9.71 31.84
CA LEU B 58 -54.23 -10.34 33.14
C LEU B 58 -52.94 -10.99 33.49
N LEU B 59 -52.45 -11.97 32.69
CA LEU B 59 -51.20 -12.65 32.99
C LEU B 59 -49.99 -11.76 32.97
N ALA B 60 -50.04 -10.66 32.15
CA ALA B 60 -49.09 -9.57 32.21
C ALA B 60 -49.05 -8.93 33.58
N ALA B 61 -50.23 -8.66 34.16
CA ALA B 61 -50.40 -8.01 35.43
C ALA B 61 -49.98 -8.93 36.54
N ARG B 62 -50.32 -10.24 36.45
CA ARG B 62 -49.95 -11.21 37.45
C ARG B 62 -48.46 -11.37 37.62
N ALA B 63 -47.68 -11.13 36.54
CA ALA B 63 -46.24 -11.15 36.62
C ALA B 63 -45.69 -9.94 37.30
N ILE B 64 -46.33 -8.75 37.13
CA ILE B 64 -45.97 -7.50 37.77
C ILE B 64 -46.20 -7.58 39.26
N VAL B 65 -47.15 -8.43 39.70
CA VAL B 65 -47.48 -8.65 41.09
C VAL B 65 -46.44 -9.51 41.74
N ALA B 66 -45.90 -10.51 40.99
CA ALA B 66 -45.15 -11.61 41.54
C ALA B 66 -43.87 -11.26 42.24
N ILE B 67 -43.27 -10.08 41.97
CA ILE B 67 -42.12 -9.61 42.70
C ILE B 67 -42.50 -9.28 44.13
N GLU B 68 -41.65 -9.66 45.11
CA GLU B 68 -41.92 -9.50 46.52
C GLU B 68 -41.87 -8.06 46.94
N ASN B 69 -40.87 -7.32 46.41
CA ASN B 69 -40.68 -5.93 46.68
C ASN B 69 -41.05 -5.24 45.40
N PRO B 70 -42.13 -4.47 45.33
CA PRO B 70 -42.36 -3.60 44.21
C PRO B 70 -41.72 -2.29 44.58
N ALA B 71 -40.57 -2.01 43.95
CA ALA B 71 -39.91 -0.74 44.03
C ALA B 71 -38.89 -0.75 42.92
N ASP B 72 -38.97 -1.75 42.01
CA ASP B 72 -37.95 -2.00 41.03
C ASP B 72 -38.59 -2.73 39.90
N VAL B 73 -39.79 -2.26 39.51
CA VAL B 73 -40.42 -2.64 38.27
C VAL B 73 -40.44 -1.33 37.52
N SER B 74 -39.37 -1.07 36.75
CA SER B 74 -39.07 0.25 36.25
C SER B 74 -39.80 0.49 34.98
N VAL B 75 -40.69 1.52 34.97
CA VAL B 75 -41.49 1.84 33.83
C VAL B 75 -40.78 2.92 33.08
N ILE B 76 -41.04 3.05 31.76
CA ILE B 76 -40.27 3.88 30.86
C ILE B 76 -41.21 4.33 29.80
N SER B 77 -41.13 5.63 29.41
CA SER B 77 -41.81 6.13 28.24
C SER B 77 -41.16 7.44 27.92
N SER B 78 -41.16 7.82 26.63
CA SER B 78 -40.34 8.91 26.15
C SER B 78 -41.18 9.75 25.22
N ARG B 79 -42.19 9.15 24.55
CA ARG B 79 -43.24 9.85 23.85
C ARG B 79 -44.09 10.59 24.84
N ASN B 80 -44.64 11.76 24.43
CA ASN B 80 -45.28 12.72 25.30
C ASN B 80 -46.51 12.22 26.01
N THR B 81 -47.33 11.43 25.29
CA THR B 81 -48.57 10.90 25.76
C THR B 81 -48.44 9.99 26.96
N GLY B 82 -47.33 9.22 27.04
CA GLY B 82 -47.16 8.20 28.03
C GLY B 82 -46.37 8.71 29.21
N GLN B 83 -46.24 10.04 29.36
CA GLN B 83 -45.44 10.66 30.40
C GLN B 83 -46.30 10.85 31.61
N ARG B 84 -47.50 11.44 31.42
CA ARG B 84 -48.41 11.78 32.48
C ARG B 84 -48.92 10.49 33.06
N ALA B 85 -49.19 9.51 32.16
CA ALA B 85 -49.68 8.19 32.47
C ALA B 85 -48.77 7.42 33.39
N VAL B 86 -47.47 7.25 33.02
CA VAL B 86 -46.51 6.53 33.84
C VAL B 86 -46.27 7.15 35.19
N LEU B 87 -46.35 8.49 35.33
CA LEU B 87 -46.07 9.14 36.59
C LEU B 87 -47.08 8.80 37.65
N LYS B 88 -48.37 8.65 37.26
CA LYS B 88 -49.45 8.32 38.15
C LYS B 88 -49.42 6.86 38.47
N PHE B 89 -49.04 6.02 37.47
CA PHE B 89 -48.82 4.60 37.55
C PHE B 89 -47.92 4.28 38.71
N ALA B 90 -46.71 4.87 38.68
CA ALA B 90 -45.63 4.58 39.60
C ALA B 90 -45.83 5.27 40.93
N ALA B 91 -46.84 6.17 41.03
CA ALA B 91 -47.27 6.73 42.29
C ALA B 91 -48.22 5.77 42.96
N ALA B 92 -49.19 5.22 42.18
CA ALA B 92 -50.21 4.30 42.63
C ALA B 92 -49.65 2.98 43.11
N THR B 93 -48.88 2.28 42.25
CA THR B 93 -48.24 1.04 42.58
C THR B 93 -46.78 1.36 42.67
N GLY B 94 -46.07 0.76 43.67
CA GLY B 94 -44.66 0.97 43.91
C GLY B 94 -43.83 0.58 42.72
N ALA B 95 -43.21 1.59 42.08
CA ALA B 95 -42.43 1.39 40.89
C ALA B 95 -41.56 2.60 40.79
N THR B 96 -40.69 2.64 39.75
CA THR B 96 -39.71 3.67 39.55
C THR B 96 -39.96 4.17 38.16
N PRO B 97 -40.29 5.43 37.92
CA PRO B 97 -40.56 5.90 36.57
C PRO B 97 -39.31 6.47 35.97
N ILE B 98 -39.20 6.40 34.62
CA ILE B 98 -38.13 6.97 33.85
C ILE B 98 -38.83 7.68 32.72
N ALA B 99 -39.00 9.01 32.84
CA ALA B 99 -39.76 9.79 31.90
C ALA B 99 -38.79 10.52 31.01
N GLY B 100 -39.11 10.64 29.71
CA GLY B 100 -38.31 11.39 28.75
C GLY B 100 -37.16 10.57 28.25
N ARG B 101 -36.09 11.25 27.76
CA ARG B 101 -34.93 10.66 27.14
C ARG B 101 -34.20 9.78 28.12
N PHE B 102 -33.90 8.53 27.68
CA PHE B 102 -33.50 7.44 28.52
C PHE B 102 -32.15 7.66 29.11
N THR B 103 -31.18 8.07 28.25
CA THR B 103 -29.78 8.25 28.55
C THR B 103 -29.19 6.86 28.59
N PRO B 104 -28.54 6.33 27.57
CA PRO B 104 -28.28 4.91 27.47
C PRO B 104 -27.11 4.55 28.32
N GLY B 105 -26.93 3.23 28.58
CA GLY B 105 -25.91 2.71 29.44
C GLY B 105 -26.37 2.64 30.86
N THR B 106 -27.69 2.79 31.12
CA THR B 106 -28.24 2.94 32.44
C THR B 106 -28.00 1.73 33.30
N PHE B 107 -28.19 0.52 32.73
CA PHE B 107 -28.02 -0.71 33.44
C PHE B 107 -26.71 -1.38 33.08
N THR B 108 -26.07 -0.96 31.98
CA THR B 108 -24.84 -1.59 31.53
C THR B 108 -23.63 -1.18 32.32
N ASN B 109 -23.45 0.15 32.54
CA ASN B 109 -22.47 0.74 33.43
C ASN B 109 -22.45 0.19 34.83
N GLN B 110 -21.39 0.57 35.57
CA GLN B 110 -21.21 0.26 36.96
C GLN B 110 -20.99 1.59 37.61
N ILE B 111 -20.44 2.54 36.82
CA ILE B 111 -20.01 3.83 37.27
C ILE B 111 -20.89 4.74 36.48
N GLN B 112 -21.83 5.37 37.20
CA GLN B 112 -22.83 6.26 36.69
C GLN B 112 -23.70 6.46 37.89
N ALA B 113 -24.16 7.71 38.12
CA ALA B 113 -24.84 8.09 39.34
C ALA B 113 -26.33 8.02 39.13
N ALA B 114 -26.76 7.55 37.95
CA ALA B 114 -28.13 7.31 37.59
C ALA B 114 -28.30 5.84 37.32
N PHE B 115 -27.34 4.99 37.77
CA PHE B 115 -27.38 3.56 37.65
C PHE B 115 -28.61 2.99 38.31
N ARG B 116 -29.23 1.98 37.66
CA ARG B 116 -30.42 1.33 38.10
C ARG B 116 -30.16 -0.12 37.86
N GLU B 117 -30.97 -0.98 38.49
CA GLU B 117 -30.90 -2.39 38.25
C GLU B 117 -32.24 -2.93 38.64
N PRO B 118 -33.27 -2.91 37.79
CA PRO B 118 -34.59 -3.40 38.11
C PRO B 118 -34.64 -4.86 37.81
N ARG B 119 -35.87 -5.45 37.80
CA ARG B 119 -36.06 -6.82 37.43
C ARG B 119 -36.87 -6.83 36.17
N LEU B 120 -38.04 -6.15 36.14
CA LEU B 120 -38.92 -6.17 35.00
C LEU B 120 -38.81 -4.84 34.34
N LEU B 121 -39.39 -4.70 33.13
CA LEU B 121 -39.59 -3.43 32.48
C LEU B 121 -40.99 -3.47 31.95
N VAL B 122 -41.62 -2.27 31.82
CA VAL B 122 -42.90 -2.11 31.19
C VAL B 122 -42.72 -0.86 30.39
N VAL B 123 -42.72 -1.01 29.05
CA VAL B 123 -42.30 0.00 28.13
C VAL B 123 -43.51 0.37 27.33
N THR B 124 -43.64 1.65 26.91
CA THR B 124 -44.64 2.04 25.95
C THR B 124 -43.93 2.06 24.63
N ASP B 125 -44.53 1.40 23.61
CA ASP B 125 -44.22 1.50 22.20
C ASP B 125 -42.78 1.10 21.90
N PRO B 126 -42.47 -0.14 21.55
CA PRO B 126 -41.12 -0.60 21.25
C PRO B 126 -40.28 0.24 20.33
N ARG B 127 -40.88 0.92 19.33
CA ARG B 127 -40.15 1.61 18.29
C ARG B 127 -40.08 3.09 18.61
N ALA B 128 -40.09 3.45 19.91
CA ALA B 128 -39.73 4.77 20.33
C ALA B 128 -38.75 4.65 21.46
N ASP B 129 -38.81 3.50 22.17
CA ASP B 129 -37.99 3.25 23.33
C ASP B 129 -37.20 2.01 22.99
N HIS B 130 -36.39 2.09 21.92
CA HIS B 130 -35.62 0.96 21.46
C HIS B 130 -34.35 0.79 22.26
N GLN B 131 -33.75 1.90 22.76
CA GLN B 131 -32.56 1.88 23.58
C GLN B 131 -32.69 1.01 24.80
N PRO B 132 -33.66 1.10 25.71
CA PRO B 132 -33.70 0.26 26.90
C PRO B 132 -33.97 -1.18 26.55
N LEU B 133 -34.74 -1.48 25.48
CA LEU B 133 -35.04 -2.83 25.06
C LEU B 133 -33.83 -3.65 24.69
N THR B 134 -32.91 -3.05 23.92
CA THR B 134 -31.66 -3.65 23.49
C THR B 134 -30.78 -3.93 24.67
N GLU B 135 -30.85 -3.04 25.67
CA GLU B 135 -30.03 -3.05 26.85
C GLU B 135 -30.57 -4.04 27.85
N ALA B 136 -31.86 -4.45 27.71
CA ALA B 136 -32.51 -5.42 28.55
C ALA B 136 -31.88 -6.78 28.45
N SER B 137 -31.36 -7.13 27.26
CA SER B 137 -30.76 -8.42 26.99
C SER B 137 -29.30 -8.47 27.34
N TYR B 138 -28.80 -7.50 28.16
CA TYR B 138 -27.46 -7.58 28.71
C TYR B 138 -27.52 -7.75 30.19
N VAL B 139 -28.73 -7.83 30.79
CA VAL B 139 -28.85 -7.89 32.23
C VAL B 139 -30.04 -8.72 32.60
N ASN B 140 -30.59 -9.50 31.63
CA ASN B 140 -31.50 -10.60 31.89
C ASN B 140 -32.80 -10.14 32.49
N LEU B 141 -33.38 -9.04 31.94
CA LEU B 141 -34.64 -8.52 32.40
C LEU B 141 -35.74 -9.09 31.54
N PRO B 142 -36.83 -9.65 32.06
CA PRO B 142 -38.09 -9.84 31.34
C PRO B 142 -38.63 -8.52 30.86
N THR B 143 -39.57 -8.51 29.89
CA THR B 143 -39.96 -7.30 29.23
C THR B 143 -41.40 -7.45 28.89
N ILE B 144 -42.17 -6.34 28.97
CA ILE B 144 -43.58 -6.29 28.70
C ILE B 144 -43.71 -4.99 27.98
N ALA B 145 -44.69 -4.85 27.07
CA ALA B 145 -44.91 -3.58 26.44
C ALA B 145 -46.25 -3.58 25.80
N LEU B 146 -46.58 -2.43 25.18
CA LEU B 146 -47.83 -2.15 24.54
C LEU B 146 -47.45 -2.05 23.10
N CYS B 147 -48.02 -2.92 22.25
CA CYS B 147 -47.72 -2.96 20.86
C CYS B 147 -48.88 -2.32 20.20
N ASN B 148 -48.65 -1.73 18.99
CA ASN B 148 -49.72 -1.24 18.17
C ASN B 148 -50.31 -2.42 17.45
N THR B 149 -49.98 -2.57 16.15
CA THR B 149 -50.42 -3.66 15.33
C THR B 149 -49.32 -3.89 14.35
N ASP B 150 -48.14 -3.24 14.57
CA ASP B 150 -47.12 -3.24 13.57
C ASP B 150 -45.79 -2.94 14.19
N SER B 151 -45.75 -2.71 15.52
CA SER B 151 -44.53 -2.52 16.26
C SER B 151 -43.70 -3.79 16.22
N PRO B 152 -42.38 -3.77 16.15
CA PRO B 152 -41.59 -4.98 15.99
C PRO B 152 -41.53 -5.72 17.30
N LEU B 153 -41.63 -7.06 17.27
CA LEU B 153 -41.64 -7.89 18.45
C LEU B 153 -40.33 -8.59 18.41
N ARG B 154 -39.54 -8.40 19.48
CA ARG B 154 -38.18 -8.83 19.58
C ARG B 154 -37.76 -8.24 20.88
N TYR B 155 -37.46 -9.11 21.86
CA TYR B 155 -37.22 -8.77 23.25
C TYR B 155 -38.50 -8.33 23.91
N VAL B 156 -39.64 -8.97 23.55
CA VAL B 156 -40.92 -8.67 24.15
C VAL B 156 -41.46 -10.03 24.49
N ASP B 157 -41.47 -10.38 25.80
CA ASP B 157 -41.93 -11.65 26.29
C ASP B 157 -43.42 -11.76 26.20
N ILE B 158 -44.14 -10.65 26.48
CA ILE B 158 -45.58 -10.67 26.42
C ILE B 158 -45.99 -9.29 25.97
N ALA B 159 -47.07 -9.22 25.16
CA ALA B 159 -47.57 -8.01 24.57
C ALA B 159 -48.92 -7.77 25.15
N ILE B 160 -49.40 -6.51 25.09
CA ILE B 160 -50.70 -6.12 25.56
C ILE B 160 -51.23 -5.21 24.47
N PRO B 161 -51.89 -5.68 23.41
CA PRO B 161 -52.24 -4.85 22.27
C PRO B 161 -53.07 -3.64 22.63
N CYS B 162 -52.98 -2.57 21.82
CA CYS B 162 -53.56 -1.29 22.14
C CYS B 162 -53.53 -0.53 20.83
N ASN B 163 -54.17 0.66 20.76
CA ASN B 163 -54.13 1.48 19.57
C ASN B 163 -52.87 2.29 19.61
N ASN B 164 -52.66 3.02 20.73
CA ASN B 164 -51.48 3.77 21.13
C ASN B 164 -50.84 4.55 20.01
N LYS B 165 -51.64 5.43 19.37
CA LYS B 165 -51.14 6.44 18.46
C LYS B 165 -51.46 7.77 19.10
N GLY B 166 -51.77 7.74 20.42
CA GLY B 166 -52.08 8.90 21.20
C GLY B 166 -53.50 8.76 21.61
N ALA B 167 -54.20 9.91 21.69
CA ALA B 167 -55.50 10.07 22.29
C ALA B 167 -55.59 9.54 23.70
N HIS B 168 -56.82 9.20 24.12
CA HIS B 168 -57.14 8.54 25.36
C HIS B 168 -56.72 7.10 25.42
N SER B 169 -56.36 6.47 24.28
CA SER B 169 -55.96 5.09 24.23
C SER B 169 -54.78 4.73 25.10
N VAL B 170 -53.84 5.68 25.29
CA VAL B 170 -52.62 5.45 26.03
C VAL B 170 -52.94 5.39 27.50
N GLY B 171 -53.48 6.51 28.03
CA GLY B 171 -53.69 6.71 29.43
C GLY B 171 -54.68 5.76 30.03
N LEU B 172 -55.74 5.40 29.26
CA LEU B 172 -56.72 4.42 29.64
C LEU B 172 -56.11 3.08 29.93
N MET B 173 -55.10 2.67 29.13
CA MET B 173 -54.55 1.34 29.18
C MET B 173 -53.66 1.21 30.38
N TRP B 174 -52.88 2.27 30.70
CA TRP B 174 -52.09 2.31 31.91
C TRP B 174 -52.93 2.36 33.16
N TRP B 175 -54.13 2.97 33.09
CA TRP B 175 -55.04 3.06 34.21
C TRP B 175 -55.60 1.70 34.55
N MET B 176 -56.07 0.95 33.53
CA MET B 176 -56.59 -0.39 33.65
C MET B 176 -55.58 -1.34 34.20
N LEU B 177 -54.30 -1.17 33.81
CA LEU B 177 -53.19 -1.97 34.28
C LEU B 177 -53.01 -1.81 35.76
N ALA B 178 -53.18 -0.57 36.27
CA ALA B 178 -52.96 -0.25 37.67
C ALA B 178 -54.13 -0.69 38.49
N ARG B 179 -55.33 -0.80 37.88
CA ARG B 179 -56.51 -1.30 38.55
C ARG B 179 -56.36 -2.74 38.91
N GLU B 180 -55.78 -3.55 37.99
CA GLU B 180 -55.72 -4.98 38.13
C GLU B 180 -54.73 -5.39 39.16
N VAL B 181 -53.52 -4.78 39.18
CA VAL B 181 -52.47 -5.15 40.10
C VAL B 181 -52.84 -4.93 41.55
N LEU B 182 -53.78 -3.98 41.82
CA LEU B 182 -54.21 -3.65 43.17
C LEU B 182 -55.28 -4.58 43.62
N ARG B 183 -56.13 -5.08 42.70
CA ARG B 183 -57.13 -6.08 43.00
C ARG B 183 -56.52 -7.39 43.45
N MET B 184 -55.33 -7.71 42.91
CA MET B 184 -54.68 -8.98 43.09
C MET B 184 -53.75 -8.98 44.26
N ARG B 185 -52.94 -7.93 44.41
CA ARG B 185 -51.93 -7.91 45.43
C ARG B 185 -52.49 -7.29 46.67
N GLY B 186 -53.20 -6.16 46.51
CA GLY B 186 -53.64 -5.33 47.62
C GLY B 186 -54.91 -5.85 48.21
N THR B 187 -55.80 -4.90 48.58
CA THR B 187 -57.06 -5.19 49.23
C THR B 187 -58.02 -4.14 48.75
N ILE B 188 -57.75 -3.58 47.55
CA ILE B 188 -58.55 -2.59 46.88
C ILE B 188 -59.74 -3.30 46.26
N SER B 189 -59.62 -4.64 46.05
CA SER B 189 -60.64 -5.47 45.44
C SER B 189 -61.90 -5.48 46.25
N ARG B 190 -63.03 -5.36 45.53
CA ARG B 190 -64.32 -5.23 46.10
C ARG B 190 -65.26 -5.58 44.98
N GLU B 191 -64.74 -5.58 43.73
CA GLU B 191 -65.43 -5.84 42.49
C GLU B 191 -66.60 -4.89 42.34
N HIS B 192 -66.36 -3.63 42.80
CA HIS B 192 -67.31 -2.55 42.80
C HIS B 192 -66.44 -1.34 42.72
N PRO B 193 -66.87 -0.22 42.14
CA PRO B 193 -66.03 0.54 41.24
C PRO B 193 -64.97 1.31 41.98
N TRP B 194 -63.74 1.32 41.40
CA TRP B 194 -62.60 2.04 41.92
C TRP B 194 -62.79 3.52 41.81
N GLU B 195 -62.30 4.25 42.83
CA GLU B 195 -62.54 5.65 43.07
C GLU B 195 -61.82 6.49 42.05
N VAL B 196 -60.56 6.10 41.76
CA VAL B 196 -59.63 6.77 40.88
C VAL B 196 -60.15 6.79 39.47
N MET B 197 -59.88 7.92 38.76
CA MET B 197 -60.48 8.23 37.49
C MET B 197 -59.47 7.80 36.45
N PRO B 198 -59.85 7.36 35.25
CA PRO B 198 -58.91 7.20 34.14
C PRO B 198 -58.59 8.55 33.54
N ASP B 199 -59.30 9.62 33.96
CA ASP B 199 -59.16 10.95 33.45
C ASP B 199 -57.81 11.56 33.70
N LEU B 200 -57.23 11.34 34.89
CA LEU B 200 -55.98 11.96 35.29
C LEU B 200 -54.82 11.07 34.98
N TYR B 201 -55.01 10.02 34.14
CA TYR B 201 -53.93 9.22 33.59
C TYR B 201 -53.74 9.61 32.15
N PHE B 202 -54.64 10.45 31.57
CA PHE B 202 -54.50 10.92 30.20
C PHE B 202 -53.47 12.00 30.11
N TYR B 203 -53.10 12.36 28.85
CA TYR B 203 -52.08 13.31 28.48
C TYR B 203 -52.47 14.66 29.01
N ARG B 204 -51.47 15.48 29.44
CA ARG B 204 -51.69 16.83 29.90
C ARG B 204 -52.32 17.69 28.84
N ASP B 205 -51.70 17.75 27.63
CA ASP B 205 -52.23 18.35 26.42
C ASP B 205 -52.22 19.87 26.52
N PRO B 206 -51.98 20.66 25.45
CA PRO B 206 -51.92 22.11 25.56
C PRO B 206 -53.22 22.68 26.06
N GLU B 207 -53.18 23.41 27.19
CA GLU B 207 -54.33 23.71 28.00
C GLU B 207 -54.98 24.97 27.49
N GLU B 208 -56.16 25.30 28.07
CA GLU B 208 -56.89 26.50 27.74
C GLU B 208 -56.12 27.74 28.22
N LYS C 1 -29.47 45.40 -53.59
CA LYS C 1 -28.28 44.52 -53.59
C LYS C 1 -27.02 45.28 -53.26
N LYS C 2 -26.82 46.45 -53.89
CA LYS C 2 -25.58 47.19 -53.79
C LYS C 2 -25.84 48.59 -54.30
N VAL C 3 -27.09 48.84 -54.77
CA VAL C 3 -27.55 50.14 -55.21
C VAL C 3 -28.02 50.95 -54.05
N VAL C 4 -28.22 52.27 -54.29
CA VAL C 4 -28.58 53.25 -53.27
C VAL C 4 -30.06 53.14 -53.03
N ASP C 5 -30.43 52.89 -51.75
CA ASP C 5 -31.78 52.74 -51.25
C ASP C 5 -32.71 51.90 -52.13
N PRO C 6 -32.65 50.57 -52.12
CA PRO C 6 -33.47 49.75 -52.98
C PRO C 6 -34.75 49.44 -52.22
N PHE C 7 -34.98 50.11 -51.07
CA PHE C 7 -36.20 50.05 -50.32
C PHE C 7 -37.10 51.20 -50.70
N SER C 8 -36.68 52.01 -51.69
CA SER C 8 -37.53 52.98 -52.35
C SER C 8 -37.90 52.45 -53.70
N LYS C 9 -37.52 51.20 -54.01
CA LYS C 9 -37.86 50.55 -55.25
C LYS C 9 -38.93 49.53 -55.02
N LYS C 10 -39.46 49.43 -53.78
CA LYS C 10 -40.44 48.41 -53.47
C LYS C 10 -41.79 49.03 -53.58
N ASP C 11 -42.82 48.19 -53.78
CA ASP C 11 -44.18 48.61 -53.96
C ASP C 11 -44.91 47.85 -52.90
N TRP C 12 -45.71 48.55 -52.06
CA TRP C 12 -46.50 47.93 -51.02
C TRP C 12 -47.74 47.27 -51.60
N TYR C 13 -48.30 46.33 -50.82
CA TYR C 13 -49.45 45.53 -51.18
C TYR C 13 -50.15 45.25 -49.88
N ASP C 14 -51.25 44.46 -49.96
CA ASP C 14 -52.03 44.03 -48.83
C ASP C 14 -52.29 42.57 -49.11
N VAL C 15 -52.69 41.81 -48.07
CA VAL C 15 -52.84 40.38 -48.15
C VAL C 15 -54.12 40.05 -47.43
N LYS C 16 -55.08 39.49 -48.18
CA LYS C 16 -56.44 39.26 -47.74
C LYS C 16 -56.62 37.79 -47.53
N ALA C 17 -57.38 37.41 -46.48
CA ALA C 17 -57.66 36.05 -46.09
C ALA C 17 -59.02 35.72 -46.64
N PRO C 18 -59.40 34.46 -46.89
CA PRO C 18 -60.76 34.10 -47.26
C PRO C 18 -61.73 34.40 -46.16
N ALA C 19 -63.04 34.47 -46.50
CA ALA C 19 -64.08 34.83 -45.58
C ALA C 19 -64.54 33.59 -44.86
N MET C 20 -63.88 33.32 -43.71
CA MET C 20 -64.08 32.17 -42.88
C MET C 20 -63.51 32.57 -41.53
N PHE C 21 -63.14 33.86 -41.39
CA PHE C 21 -62.51 34.40 -40.21
C PHE C 21 -63.21 35.70 -39.96
N ASN C 22 -63.16 36.19 -38.71
CA ASN C 22 -63.75 37.46 -38.33
C ASN C 22 -62.91 38.60 -38.87
N ILE C 23 -61.57 38.46 -38.77
CA ILE C 23 -60.63 39.43 -39.27
C ILE C 23 -60.05 38.80 -40.51
N ARG C 24 -60.11 39.52 -41.65
CA ARG C 24 -59.66 39.01 -42.91
C ARG C 24 -58.46 39.76 -43.39
N ASN C 25 -58.16 40.94 -42.80
CA ASN C 25 -57.04 41.76 -43.20
C ASN C 25 -55.81 41.30 -42.46
N ILE C 26 -55.02 40.40 -43.10
CA ILE C 26 -53.86 39.78 -42.53
C ILE C 26 -52.79 40.82 -42.29
N GLY C 27 -52.31 41.48 -43.37
CA GLY C 27 -51.28 42.47 -43.21
C GLY C 27 -50.85 42.88 -44.57
N LYS C 28 -49.55 43.23 -44.71
CA LYS C 28 -49.03 43.95 -45.84
C LYS C 28 -47.70 43.36 -46.13
N THR C 29 -47.31 43.37 -47.43
CA THR C 29 -46.06 42.87 -47.89
C THR C 29 -45.56 43.84 -48.91
N LEU C 30 -44.39 43.52 -49.52
CA LEU C 30 -43.83 44.31 -50.56
C LEU C 30 -43.00 43.42 -51.45
N VAL C 31 -42.93 43.77 -52.74
CA VAL C 31 -42.09 43.14 -53.73
C VAL C 31 -41.41 44.29 -54.39
N THR C 32 -40.38 44.01 -55.22
CA THR C 32 -39.71 45.03 -56.00
C THR C 32 -40.62 45.35 -57.16
N ARG C 33 -40.51 46.61 -57.66
CA ARG C 33 -41.17 47.15 -58.82
C ARG C 33 -41.02 46.32 -60.06
N THR C 34 -41.86 46.61 -61.08
CA THR C 34 -41.88 45.92 -62.34
C THR C 34 -40.73 46.45 -63.12
N GLN C 35 -39.77 45.56 -63.39
CA GLN C 35 -38.63 45.74 -64.26
C GLN C 35 -39.01 45.36 -65.66
N GLY C 36 -38.04 45.50 -66.59
CA GLY C 36 -38.22 45.27 -68.00
C GLY C 36 -38.19 43.81 -68.37
N THR C 37 -38.02 42.92 -67.36
CA THR C 37 -37.96 41.51 -67.54
C THR C 37 -38.83 40.95 -66.46
N LYS C 38 -38.46 41.20 -65.18
CA LYS C 38 -39.15 40.70 -64.02
C LYS C 38 -40.35 41.55 -63.74
N ILE C 39 -41.36 40.99 -63.04
CA ILE C 39 -42.64 41.62 -62.90
C ILE C 39 -43.13 41.28 -61.53
N ALA C 40 -43.66 42.30 -60.84
CA ALA C 40 -44.01 42.30 -59.44
C ALA C 40 -44.95 41.20 -59.03
N SER C 41 -46.09 41.06 -59.73
CA SER C 41 -47.16 40.16 -59.34
C SER C 41 -46.79 38.70 -59.37
N ASP C 42 -45.94 38.28 -60.33
CA ASP C 42 -45.49 36.90 -60.44
C ASP C 42 -44.46 36.56 -59.40
N GLY C 43 -43.77 37.58 -58.83
CA GLY C 43 -42.78 37.37 -57.80
C GLY C 43 -43.36 37.64 -56.45
N LEU C 44 -44.71 37.72 -56.37
CA LEU C 44 -45.46 37.99 -55.17
C LEU C 44 -46.33 36.79 -54.89
N LYS C 45 -46.33 35.80 -55.82
CA LYS C 45 -47.03 34.56 -55.70
C LYS C 45 -46.05 33.58 -55.10
N GLY C 46 -46.57 32.44 -54.61
CA GLY C 46 -45.76 31.34 -54.14
C GLY C 46 -45.14 31.56 -52.79
N ARG C 47 -45.55 32.61 -52.05
CA ARG C 47 -45.00 32.89 -50.74
C ARG C 47 -45.69 32.02 -49.73
N VAL C 48 -45.20 32.03 -48.46
CA VAL C 48 -45.84 31.35 -47.37
C VAL C 48 -46.03 32.41 -46.32
N PHE C 49 -47.10 32.27 -45.52
CA PHE C 49 -47.43 33.20 -44.49
C PHE C 49 -47.81 32.35 -43.34
N GLU C 50 -46.85 32.06 -42.44
CA GLU C 50 -47.15 31.48 -41.15
C GLU C 50 -47.94 32.53 -40.40
N VAL C 51 -49.15 32.19 -39.92
CA VAL C 51 -49.98 33.12 -39.19
C VAL C 51 -50.71 32.34 -38.15
N SER C 52 -50.90 32.98 -36.97
CA SER C 52 -51.60 32.38 -35.85
C SER C 52 -53.06 32.26 -36.17
N LEU C 53 -53.75 31.45 -35.36
CA LEU C 53 -55.14 31.15 -35.52
C LEU C 53 -55.90 32.16 -34.74
N ALA C 54 -55.43 32.50 -33.53
CA ALA C 54 -56.02 33.48 -32.66
C ALA C 54 -56.06 34.84 -33.32
N ASP C 55 -55.00 35.17 -34.08
CA ASP C 55 -54.84 36.42 -34.79
C ASP C 55 -55.95 36.72 -35.79
N LEU C 56 -56.52 35.68 -36.47
CA LEU C 56 -57.46 35.90 -37.54
C LEU C 56 -58.87 35.63 -37.11
N GLN C 57 -59.12 34.50 -36.40
CA GLN C 57 -60.45 34.16 -35.95
C GLN C 57 -60.91 35.07 -34.85
N ASN C 58 -60.00 35.32 -33.87
CA ASN C 58 -60.22 36.15 -32.72
C ASN C 58 -61.35 35.61 -31.87
N ASP C 59 -61.17 34.37 -31.38
CA ASP C 59 -62.13 33.77 -30.50
C ASP C 59 -61.50 32.58 -29.84
N GLU C 60 -60.20 32.28 -30.11
CA GLU C 60 -59.70 30.94 -29.88
C GLU C 60 -58.22 30.96 -29.72
N VAL C 61 -57.66 29.76 -29.43
CA VAL C 61 -56.33 29.46 -29.00
C VAL C 61 -55.23 29.90 -29.93
N ALA C 62 -54.06 30.22 -29.32
CA ALA C 62 -52.89 30.74 -29.98
C ALA C 62 -52.24 29.69 -30.83
N PHE C 63 -52.12 28.46 -30.29
CA PHE C 63 -51.51 27.34 -30.99
C PHE C 63 -52.36 26.91 -32.15
N ARG C 64 -51.67 26.38 -33.18
CA ARG C 64 -52.12 26.13 -34.52
C ARG C 64 -51.72 27.31 -35.34
N LYS C 65 -50.83 27.06 -36.31
CA LYS C 65 -50.30 28.03 -37.22
C LYS C 65 -50.76 27.52 -38.53
N PHE C 66 -51.10 28.43 -39.46
CA PHE C 66 -51.60 28.07 -40.76
C PHE C 66 -50.63 28.62 -41.75
N LYS C 67 -50.43 27.88 -42.86
CA LYS C 67 -49.66 28.33 -43.99
C LYS C 67 -50.68 28.76 -45.00
N LEU C 68 -50.38 29.87 -45.70
CA LEU C 68 -51.26 30.42 -46.69
C LEU C 68 -50.35 30.83 -47.80
N ILE C 69 -50.73 30.49 -49.06
CA ILE C 69 -49.96 30.82 -50.23
C ILE C 69 -50.72 31.87 -50.97
N THR C 70 -50.01 32.84 -51.57
CA THR C 70 -50.56 33.79 -52.50
C THR C 70 -50.61 33.06 -53.80
N GLU C 71 -51.83 32.75 -54.31
CA GLU C 71 -51.97 32.01 -55.54
C GLU C 71 -52.25 32.95 -56.68
N ASP C 72 -52.75 34.16 -56.38
CA ASP C 72 -53.02 35.16 -57.40
C ASP C 72 -52.82 36.50 -56.76
N VAL C 73 -52.49 37.50 -57.61
CA VAL C 73 -52.41 38.88 -57.19
C VAL C 73 -53.41 39.51 -58.13
N GLN C 74 -54.19 40.49 -57.62
CA GLN C 74 -55.21 41.14 -58.40
C GLN C 74 -55.35 42.54 -57.89
N GLY C 75 -54.63 43.50 -58.51
CA GLY C 75 -54.90 44.91 -58.36
C GLY C 75 -54.64 45.45 -56.98
N LYS C 76 -53.56 44.98 -56.32
CA LYS C 76 -53.10 45.39 -55.01
C LYS C 76 -53.82 44.63 -53.93
N ASN C 77 -54.31 43.42 -54.25
CA ASN C 77 -54.95 42.55 -53.30
C ASN C 77 -54.39 41.20 -53.57
N CYS C 78 -53.85 40.53 -52.53
CA CYS C 78 -53.23 39.25 -52.68
C CYS C 78 -54.14 38.27 -52.05
N LEU C 79 -54.68 37.33 -52.86
CA LEU C 79 -55.67 36.41 -52.41
C LEU C 79 -54.93 35.18 -52.00
N THR C 80 -55.42 34.49 -50.95
CA THR C 80 -54.70 33.41 -50.33
C THR C 80 -55.44 32.13 -50.56
N ASN C 81 -54.78 31.00 -50.24
CA ASN C 81 -55.34 29.69 -50.38
C ASN C 81 -54.65 28.88 -49.32
N PHE C 82 -55.33 27.81 -48.83
CA PHE C 82 -54.82 26.89 -47.83
C PHE C 82 -53.63 26.15 -48.40
N HIS C 83 -52.65 25.82 -47.54
CA HIS C 83 -51.41 25.24 -47.97
C HIS C 83 -51.00 24.15 -47.03
N GLY C 84 -51.64 24.06 -45.84
CA GLY C 84 -51.28 23.11 -44.83
C GLY C 84 -51.20 23.81 -43.52
N MET C 85 -51.49 23.06 -42.44
CA MET C 85 -51.55 23.55 -41.10
C MET C 85 -50.38 22.93 -40.38
N ASP C 86 -49.96 23.58 -39.29
CA ASP C 86 -48.85 23.18 -38.46
C ASP C 86 -49.34 23.31 -37.05
N LEU C 87 -48.40 23.55 -36.11
CA LEU C 87 -48.67 23.60 -34.71
C LEU C 87 -47.48 24.33 -34.15
N THR C 88 -47.55 24.76 -32.88
CA THR C 88 -46.44 25.37 -32.17
C THR C 88 -45.57 24.26 -31.63
N ARG C 89 -44.40 24.63 -31.06
CA ARG C 89 -43.51 23.66 -30.48
C ARG C 89 -43.95 23.37 -29.09
N ASP C 90 -44.17 24.44 -28.29
CA ASP C 90 -44.36 24.37 -26.86
C ASP C 90 -45.53 23.54 -26.39
N LYS C 91 -46.71 23.66 -27.05
CA LYS C 91 -47.88 22.87 -26.73
C LYS C 91 -47.66 21.42 -26.95
N MET C 92 -47.07 21.09 -28.12
CA MET C 92 -46.76 19.75 -28.54
C MET C 92 -45.74 19.10 -27.65
N CYS C 93 -44.84 19.92 -27.05
CA CYS C 93 -43.75 19.46 -26.23
C CYS C 93 -44.24 19.18 -24.85
N SER C 94 -45.06 20.10 -24.28
CA SER C 94 -45.47 20.05 -22.90
C SER C 94 -46.27 18.80 -22.60
N MET C 95 -47.13 18.36 -23.55
CA MET C 95 -47.92 17.15 -23.41
C MET C 95 -47.11 15.87 -23.32
N VAL C 96 -45.95 15.79 -24.02
CA VAL C 96 -45.10 14.62 -24.02
C VAL C 96 -44.35 14.57 -22.70
N LYS C 97 -44.45 13.45 -21.96
CA LYS C 97 -43.76 13.32 -20.69
C LYS C 97 -43.74 11.88 -20.34
N LYS C 98 -42.94 11.50 -19.30
CA LYS C 98 -42.81 10.13 -18.86
C LYS C 98 -44.06 9.70 -18.16
N TRP C 99 -44.35 8.39 -18.26
CA TRP C 99 -45.43 7.68 -17.62
C TRP C 99 -46.68 7.75 -18.46
N GLN C 100 -46.51 7.96 -19.79
CA GLN C 100 -47.59 7.97 -20.75
C GLN C 100 -47.12 7.20 -21.94
N THR C 101 -48.08 6.83 -22.82
CA THR C 101 -47.81 6.14 -24.06
C THR C 101 -48.37 7.00 -25.14
N MET C 102 -47.51 7.38 -26.11
CA MET C 102 -47.86 8.27 -27.20
C MET C 102 -48.39 7.40 -28.31
N ILE C 103 -49.42 7.89 -29.03
CA ILE C 103 -50.13 7.10 -30.01
C ILE C 103 -50.27 8.01 -31.18
N GLU C 104 -49.98 7.51 -32.40
CA GLU C 104 -49.88 8.33 -33.58
C GLU C 104 -50.34 7.47 -34.71
N ALA C 105 -50.86 8.12 -35.77
CA ALA C 105 -51.21 7.45 -37.00
C ALA C 105 -51.41 8.56 -37.97
N HIS C 106 -51.37 8.23 -39.28
CA HIS C 106 -51.58 9.20 -40.32
C HIS C 106 -52.34 8.49 -41.41
N VAL C 107 -52.89 9.25 -42.38
CA VAL C 107 -53.51 8.71 -43.56
C VAL C 107 -53.28 9.70 -44.65
N ASP C 108 -53.21 9.20 -45.89
CA ASP C 108 -53.24 9.97 -47.09
C ASP C 108 -54.66 9.95 -47.55
N VAL C 109 -55.18 11.10 -48.00
CA VAL C 109 -56.59 11.22 -48.31
C VAL C 109 -56.69 12.27 -49.38
N LYS C 110 -57.77 12.21 -50.18
CA LYS C 110 -58.05 13.11 -51.27
C LYS C 110 -59.33 13.77 -50.89
N THR C 111 -59.55 15.03 -51.36
CA THR C 111 -60.74 15.80 -51.14
C THR C 111 -61.82 15.32 -52.10
N THR C 112 -62.69 16.23 -52.59
CA THR C 112 -63.58 15.95 -53.70
C THR C 112 -63.20 16.89 -54.81
N ASP C 113 -61.97 17.45 -54.76
CA ASP C 113 -61.37 18.24 -55.80
C ASP C 113 -60.04 17.59 -56.07
N GLY C 114 -59.11 18.33 -56.71
CA GLY C 114 -57.79 17.85 -57.07
C GLY C 114 -56.81 17.92 -55.93
N TYR C 115 -57.22 18.48 -54.76
CA TYR C 115 -56.37 18.57 -53.59
C TYR C 115 -56.14 17.22 -52.97
N LEU C 116 -54.94 17.07 -52.37
CA LEU C 116 -54.46 15.85 -51.78
C LEU C 116 -53.85 16.31 -50.51
N LEU C 117 -54.07 15.54 -49.42
CA LEU C 117 -53.73 15.96 -48.09
C LEU C 117 -53.20 14.74 -47.40
N HIS C 118 -52.49 14.99 -46.29
CA HIS C 118 -51.71 13.99 -45.62
C HIS C 118 -51.76 14.42 -44.19
N LEU C 119 -52.72 13.89 -43.41
CA LEU C 119 -53.01 14.40 -42.09
C LEU C 119 -52.27 13.54 -41.12
N PHE C 120 -51.90 14.13 -39.97
CA PHE C 120 -51.08 13.52 -38.95
C PHE C 120 -51.77 13.84 -37.68
N CYS C 121 -52.06 12.82 -36.84
CA CYS C 121 -52.81 13.02 -35.62
C CYS C 121 -51.96 12.49 -34.49
N VAL C 122 -52.48 12.57 -33.24
CA VAL C 122 -51.76 12.21 -32.06
C VAL C 122 -52.80 11.98 -30.98
N GLY C 123 -52.53 11.05 -30.05
CA GLY C 123 -53.28 10.83 -28.85
C GLY C 123 -52.31 10.61 -27.73
N PHE C 124 -52.75 10.87 -26.47
CA PHE C 124 -51.97 10.57 -25.29
C PHE C 124 -52.90 9.88 -24.35
N THR C 125 -52.36 8.92 -23.57
CA THR C 125 -53.10 8.21 -22.55
C THR C 125 -53.43 9.13 -21.40
N LYS C 126 -54.57 8.87 -20.74
CA LYS C 126 -55.06 9.65 -19.63
C LYS C 126 -54.38 9.16 -18.40
N LYS C 127 -54.22 10.05 -17.38
CA LYS C 127 -53.90 9.65 -16.04
C LYS C 127 -55.22 9.27 -15.41
N CYS C 128 -55.57 7.97 -15.56
CA CYS C 128 -56.93 7.49 -15.58
C CYS C 128 -57.57 7.71 -14.25
N ASN C 129 -58.88 8.07 -14.23
CA ASN C 129 -59.67 8.36 -13.05
C ASN C 129 -58.90 9.07 -11.96
N ASN C 130 -58.73 8.42 -10.80
CA ASN C 130 -57.99 8.94 -9.69
C ASN C 130 -57.15 7.83 -9.16
N GLN C 131 -56.39 7.17 -10.08
CA GLN C 131 -55.33 6.17 -9.88
C GLN C 131 -54.53 6.33 -8.62
N ILE C 132 -54.10 5.19 -8.03
CA ILE C 132 -52.99 5.18 -7.10
C ILE C 132 -51.82 4.48 -7.75
N ARG C 133 -51.99 4.04 -9.03
CA ARG C 133 -50.93 3.54 -9.89
C ARG C 133 -49.96 4.65 -10.18
N LYS C 134 -48.69 4.29 -10.36
CA LYS C 134 -47.61 5.25 -10.47
C LYS C 134 -47.29 5.48 -11.91
N THR C 135 -48.01 4.83 -12.84
CA THR C 135 -47.80 5.02 -14.25
C THR C 135 -49.09 4.60 -14.92
N SER C 136 -49.28 5.05 -16.18
CA SER C 136 -50.38 4.62 -17.00
C SER C 136 -49.82 4.39 -18.36
N TYR C 137 -49.96 3.14 -18.85
CA TYR C 137 -49.43 2.72 -20.11
C TYR C 137 -50.47 1.81 -20.69
N ALA C 138 -50.39 1.58 -22.02
CA ALA C 138 -51.35 0.83 -22.77
C ALA C 138 -50.54 -0.27 -23.38
N GLN C 139 -51.14 -1.49 -23.53
CA GLN C 139 -50.50 -2.62 -24.17
C GLN C 139 -50.33 -2.39 -25.65
N HIS C 140 -49.63 -3.29 -26.37
CA HIS C 140 -49.32 -3.05 -27.75
C HIS C 140 -50.50 -3.37 -28.60
N GLN C 141 -51.31 -4.37 -28.18
CA GLN C 141 -52.56 -4.71 -28.82
C GLN C 141 -53.55 -3.58 -28.76
N GLN C 142 -53.67 -2.93 -27.57
CA GLN C 142 -54.59 -1.86 -27.27
C GLN C 142 -54.34 -0.66 -28.13
N VAL C 143 -53.04 -0.38 -28.39
CA VAL C 143 -52.59 0.74 -29.20
C VAL C 143 -53.03 0.53 -30.61
N ARG C 144 -52.89 -0.69 -31.16
CA ARG C 144 -53.18 -0.95 -32.56
C ARG C 144 -54.64 -0.81 -32.91
N GLN C 145 -55.57 -1.04 -31.95
CA GLN C 145 -56.97 -0.70 -32.09
C GLN C 145 -57.20 0.77 -32.25
N ILE C 146 -56.56 1.58 -31.36
CA ILE C 146 -56.72 3.01 -31.28
C ILE C 146 -56.20 3.66 -32.55
N ARG C 147 -55.09 3.12 -33.11
CA ARG C 147 -54.50 3.59 -34.34
C ARG C 147 -55.38 3.32 -35.50
N LYS C 148 -56.07 2.16 -35.52
CA LYS C 148 -56.95 1.77 -36.58
C LYS C 148 -58.15 2.69 -36.64
N LYS C 149 -58.66 3.09 -35.45
CA LYS C 149 -59.82 3.94 -35.32
C LYS C 149 -59.47 5.40 -35.50
N MET C 150 -58.17 5.76 -35.45
CA MET C 150 -57.69 7.11 -35.65
C MET C 150 -57.49 7.35 -37.13
N MET C 151 -57.38 6.26 -37.92
CA MET C 151 -57.26 6.34 -39.35
C MET C 151 -58.63 6.43 -39.97
N GLU C 152 -59.56 5.57 -39.50
CA GLU C 152 -60.93 5.46 -39.95
C GLU C 152 -61.70 6.76 -39.98
N ILE C 153 -61.54 7.60 -38.94
CA ILE C 153 -62.26 8.84 -38.76
C ILE C 153 -61.71 9.87 -39.70
N MET C 154 -60.39 9.89 -39.85
CA MET C 154 -59.67 10.93 -40.52
C MET C 154 -59.67 10.73 -42.02
N THR C 155 -60.18 9.57 -42.51
CA THR C 155 -60.37 9.34 -43.92
C THR C 155 -61.78 9.64 -44.30
N ARG C 156 -62.74 9.23 -43.45
CA ARG C 156 -64.16 9.39 -43.65
C ARG C 156 -64.59 10.82 -43.81
N GLU C 157 -64.03 11.73 -43.00
CA GLU C 157 -64.42 13.11 -42.91
C GLU C 157 -63.71 13.98 -43.91
N VAL C 158 -62.75 13.45 -44.70
CA VAL C 158 -61.95 14.29 -45.58
C VAL C 158 -62.09 13.78 -46.98
N GLN C 159 -62.43 12.47 -47.14
CA GLN C 159 -62.76 11.87 -48.41
C GLN C 159 -64.07 12.41 -48.90
N THR C 160 -65.07 12.48 -47.99
CA THR C 160 -66.24 13.31 -48.14
C THR C 160 -65.83 14.76 -48.05
N ASN C 161 -66.60 15.66 -48.69
CA ASN C 161 -66.52 17.09 -48.50
C ASN C 161 -65.39 17.68 -49.28
N ASP C 162 -65.59 18.94 -49.71
CA ASP C 162 -64.71 19.67 -50.59
C ASP C 162 -63.82 20.52 -49.74
N LEU C 163 -62.74 21.05 -50.36
CA LEU C 163 -61.62 21.76 -49.78
C LEU C 163 -62.00 22.75 -48.71
N LYS C 164 -63.05 23.57 -48.96
CA LYS C 164 -63.48 24.64 -48.09
C LYS C 164 -64.07 24.11 -46.81
N GLU C 165 -64.89 23.04 -46.89
CA GLU C 165 -65.49 22.43 -45.74
C GLU C 165 -64.49 21.73 -44.85
N VAL C 166 -63.35 21.26 -45.43
CA VAL C 166 -62.24 20.68 -44.70
C VAL C 166 -61.69 21.71 -43.75
N VAL C 167 -61.39 22.92 -44.26
CA VAL C 167 -60.88 24.05 -43.52
C VAL C 167 -61.82 24.41 -42.38
N ASN C 168 -63.15 24.35 -42.63
CA ASN C 168 -64.17 24.72 -41.66
C ASN C 168 -64.18 23.81 -40.45
N LYS C 169 -63.70 22.56 -40.61
CA LYS C 169 -63.70 21.56 -39.56
C LYS C 169 -62.43 21.62 -38.77
N LEU C 170 -61.37 22.26 -39.31
CA LEU C 170 -60.05 22.24 -38.72
C LEU C 170 -59.86 23.48 -37.88
N ILE C 171 -60.53 24.60 -38.23
CA ILE C 171 -60.48 25.85 -37.49
C ILE C 171 -60.94 25.72 -36.05
N PRO C 172 -62.09 25.15 -35.66
CA PRO C 172 -62.38 24.87 -34.26
C PRO C 172 -61.78 23.59 -33.78
N ASP C 173 -61.32 22.70 -34.71
CA ASP C 173 -60.67 21.44 -34.40
C ASP C 173 -61.69 20.43 -33.91
N SER C 174 -62.84 20.34 -34.63
CA SER C 174 -63.91 19.40 -34.42
C SER C 174 -63.49 17.96 -34.58
N ILE C 175 -62.50 17.73 -35.48
CA ILE C 175 -61.98 16.45 -35.89
C ILE C 175 -61.43 15.72 -34.70
N GLY C 176 -60.49 16.36 -33.96
CA GLY C 176 -59.82 15.78 -32.82
C GLY C 176 -60.76 15.41 -31.70
N LYS C 177 -61.74 16.27 -31.39
CA LYS C 177 -62.70 16.02 -30.33
C LYS C 177 -63.54 14.79 -30.61
N ASP C 178 -63.87 14.54 -31.90
CA ASP C 178 -64.63 13.37 -32.31
C ASP C 178 -63.90 12.06 -32.08
N ILE C 179 -62.55 12.06 -32.18
CA ILE C 179 -61.72 10.88 -32.08
C ILE C 179 -61.61 10.47 -30.63
N GLU C 180 -61.53 11.46 -29.72
CA GLU C 180 -61.36 11.28 -28.30
C GLU C 180 -62.47 10.48 -27.68
N LYS C 181 -63.72 10.66 -28.17
CA LYS C 181 -64.85 9.97 -27.64
C LYS C 181 -64.98 8.62 -28.31
N ALA C 182 -64.57 8.51 -29.59
CA ALA C 182 -64.73 7.28 -30.34
C ALA C 182 -63.76 6.19 -29.97
N CYS C 183 -62.66 6.53 -29.26
CA CYS C 183 -61.66 5.59 -28.81
C CYS C 183 -61.77 5.36 -27.34
N GLN C 184 -62.75 5.99 -26.67
CA GLN C 184 -62.80 6.16 -25.23
C GLN C 184 -62.94 4.87 -24.47
N SER C 185 -63.70 3.90 -25.03
CA SER C 185 -64.00 2.65 -24.37
C SER C 185 -62.80 1.77 -24.13
N ILE C 186 -61.84 1.72 -25.09
CA ILE C 186 -60.69 0.84 -25.01
C ILE C 186 -59.49 1.47 -24.35
N TYR C 187 -59.55 2.77 -24.01
CA TYR C 187 -58.57 3.45 -23.18
C TYR C 187 -59.01 4.89 -23.25
N PRO C 188 -59.14 5.64 -22.16
CA PRO C 188 -59.94 6.85 -22.15
C PRO C 188 -59.33 7.99 -22.91
N LEU C 189 -58.01 8.26 -22.74
CA LEU C 189 -57.26 9.28 -23.45
C LEU C 189 -57.61 10.68 -23.01
N HIS C 190 -56.60 11.55 -22.80
CA HIS C 190 -56.85 12.96 -22.86
C HIS C 190 -55.87 13.40 -23.90
N ASP C 191 -56.40 13.86 -25.04
CA ASP C 191 -55.90 14.94 -25.87
C ASP C 191 -55.99 14.34 -27.21
N VAL C 192 -56.38 15.14 -28.21
CA VAL C 192 -56.29 14.73 -29.59
C VAL C 192 -56.14 16.04 -30.28
N PHE C 193 -55.21 16.08 -31.24
CA PHE C 193 -54.95 17.24 -32.05
C PHE C 193 -54.51 16.66 -33.35
N VAL C 194 -54.49 17.50 -34.41
CA VAL C 194 -53.97 17.08 -35.68
C VAL C 194 -52.85 18.03 -35.89
N ARG C 195 -51.64 17.48 -35.62
CA ARG C 195 -50.40 18.20 -35.45
C ARG C 195 -49.88 18.78 -36.73
N LYS C 196 -50.19 18.17 -37.89
CA LYS C 196 -49.73 18.65 -39.16
C LYS C 196 -50.83 18.36 -40.12
N VAL C 197 -50.86 19.12 -41.24
CA VAL C 197 -51.48 18.66 -42.47
C VAL C 197 -50.53 19.15 -43.52
N LYS C 198 -50.29 18.31 -44.54
CA LYS C 198 -49.39 18.61 -45.62
C LYS C 198 -50.11 18.43 -46.92
N MET C 199 -50.46 19.56 -47.57
CA MET C 199 -50.95 19.62 -48.93
C MET C 199 -49.88 19.11 -49.87
N LEU C 200 -50.28 18.38 -50.94
CA LEU C 200 -49.34 17.69 -51.78
C LEU C 200 -49.64 17.97 -53.23
N LYS C 201 -50.92 18.17 -53.59
CA LYS C 201 -51.28 18.54 -54.95
C LYS C 201 -52.45 19.47 -54.87
N LYS C 202 -52.75 20.08 -56.03
CA LYS C 202 -53.79 21.05 -56.22
C LYS C 202 -54.06 20.98 -57.71
N PRO C 203 -55.21 21.39 -58.23
CA PRO C 203 -55.48 21.26 -59.66
C PRO C 203 -54.88 22.39 -60.49
N LYS C 204 -55.52 23.58 -60.52
CA LYS C 204 -55.11 24.73 -61.28
C LYS C 204 -55.59 25.88 -60.45
N PHE C 205 -55.33 27.14 -60.90
CA PHE C 205 -55.69 28.34 -60.17
C PHE C 205 -57.17 28.46 -59.95
N GLU C 206 -57.99 28.26 -61.01
CA GLU C 206 -59.43 28.27 -60.96
C GLU C 206 -59.95 29.55 -60.36
N LEU C 207 -59.71 30.67 -61.07
CA LEU C 207 -60.01 32.04 -60.71
C LEU C 207 -61.39 32.29 -60.15
N GLY C 208 -62.43 31.59 -60.68
CA GLY C 208 -63.80 31.69 -60.22
C GLY C 208 -63.96 31.13 -58.85
N LYS C 209 -63.38 29.92 -58.61
CA LYS C 209 -63.38 29.25 -57.33
C LYS C 209 -62.52 29.95 -56.32
N LEU C 210 -61.50 30.71 -56.78
CA LEU C 210 -60.56 31.42 -55.93
C LEU C 210 -61.36 32.49 -55.21
N MET C 211 -62.10 33.29 -56.03
CA MET C 211 -62.84 34.45 -55.58
C MET C 211 -64.08 34.06 -54.82
N GLU C 212 -64.53 32.78 -54.91
CA GLU C 212 -65.61 32.23 -54.12
C GLU C 212 -65.32 32.32 -52.65
N LEU C 213 -64.06 32.02 -52.30
CA LEU C 213 -63.56 31.96 -50.95
C LEU C 213 -63.49 33.34 -50.34
N HIS C 214 -63.15 34.36 -51.16
CA HIS C 214 -63.06 35.74 -50.73
C HIS C 214 -64.30 36.50 -51.09
N GLY C 215 -65.41 35.80 -51.40
CA GLY C 215 -66.69 36.43 -51.65
C GLY C 215 -66.75 36.89 -53.11
N GLY D 1 -0.49 -4.30 65.65
CA GLY D 1 -0.64 -3.68 64.30
C GLY D 1 -0.87 -2.21 64.40
N LYS D 2 -1.11 -1.57 63.23
CA LYS D 2 -1.48 -0.18 63.18
C LYS D 2 -2.17 0.08 61.85
N ALA D 3 -2.44 -0.99 61.06
CA ALA D 3 -2.93 -0.88 59.72
C ALA D 3 -4.09 -1.84 59.59
N GLY D 4 -5.27 -1.29 59.21
CA GLY D 4 -6.45 -2.05 58.89
C GLY D 4 -6.43 -2.51 57.47
N ASP D 5 -7.54 -3.14 57.05
CA ASP D 5 -7.85 -3.45 55.67
C ASP D 5 -9.31 -3.08 55.53
N LYS D 6 -9.82 -3.03 54.28
CA LYS D 6 -11.11 -2.43 54.01
C LYS D 6 -11.64 -2.96 52.71
N GLU D 7 -10.92 -3.93 52.10
CA GLU D 7 -10.99 -4.24 50.69
C GLU D 7 -12.36 -4.66 50.23
N TRP D 8 -12.80 -4.07 49.09
CA TRP D 8 -14.04 -4.35 48.40
C TRP D 8 -15.22 -3.82 49.16
N LEU D 9 -16.00 -2.93 48.51
CA LEU D 9 -17.34 -2.64 48.96
C LEU D 9 -18.17 -2.74 47.73
N PRO D 10 -19.16 -3.62 47.61
CA PRO D 10 -19.86 -3.84 46.36
C PRO D 10 -20.84 -2.72 46.13
N VAL D 11 -20.99 -2.29 44.86
CA VAL D 11 -22.00 -1.37 44.44
C VAL D 11 -22.95 -2.10 43.52
N THR D 12 -22.82 -3.44 43.44
CA THR D 12 -23.57 -4.25 42.52
C THR D 12 -24.37 -5.17 43.39
N LYS D 13 -25.61 -5.47 42.95
CA LYS D 13 -26.58 -6.34 43.58
C LYS D 13 -26.03 -7.71 43.84
N LEU D 14 -25.44 -8.37 42.81
CA LEU D 14 -24.84 -9.68 42.90
C LEU D 14 -23.69 -9.69 43.88
N GLY D 15 -22.93 -8.57 43.92
CA GLY D 15 -21.82 -8.40 44.82
C GLY D 15 -22.26 -8.32 46.24
N ARG D 16 -23.53 -7.90 46.50
CA ARG D 16 -24.00 -7.64 47.83
C ARG D 16 -24.39 -8.92 48.50
N LEU D 17 -24.99 -9.88 47.74
CA LEU D 17 -25.36 -11.18 48.29
C LEU D 17 -24.16 -12.00 48.64
N VAL D 18 -23.03 -11.83 47.91
CA VAL D 18 -21.82 -12.57 48.16
C VAL D 18 -21.11 -12.04 49.37
N LYS D 19 -20.97 -10.70 49.48
CA LYS D 19 -20.34 -10.05 50.61
C LYS D 19 -21.05 -10.28 51.92
N ASP D 20 -22.40 -10.39 51.89
CA ASP D 20 -23.17 -10.70 53.07
C ASP D 20 -23.34 -12.17 53.27
N MET D 21 -22.98 -12.97 52.24
CA MET D 21 -22.81 -14.40 52.33
C MET D 21 -24.14 -15.10 52.38
N LYS D 22 -24.77 -15.27 51.19
CA LYS D 22 -25.99 -16.01 51.03
C LYS D 22 -25.79 -16.91 49.84
N ILE D 23 -24.94 -16.46 48.89
CA ILE D 23 -24.45 -17.24 47.78
C ILE D 23 -23.13 -17.76 48.25
N LYS D 24 -22.86 -19.06 47.98
CA LYS D 24 -21.77 -19.78 48.59
C LYS D 24 -21.11 -20.65 47.58
N SER D 25 -21.39 -20.44 46.27
CA SER D 25 -20.69 -21.13 45.21
C SER D 25 -20.90 -20.36 43.95
N LEU D 26 -19.98 -20.53 42.97
CA LEU D 26 -20.12 -19.98 41.64
C LEU D 26 -21.26 -20.61 40.90
N GLU D 27 -21.61 -21.86 41.27
CA GLU D 27 -22.57 -22.68 40.58
C GLU D 27 -23.96 -22.12 40.65
N GLU D 28 -24.24 -21.32 41.71
CA GLU D 28 -25.49 -20.62 41.82
C GLU D 28 -25.58 -19.53 40.80
N ILE D 29 -24.49 -18.74 40.63
CA ILE D 29 -24.43 -17.62 39.71
C ILE D 29 -24.69 -18.08 38.28
N TYR D 30 -23.92 -19.11 37.85
CA TYR D 30 -23.94 -19.66 36.52
C TYR D 30 -25.26 -20.27 36.13
N LEU D 31 -26.01 -20.84 37.09
CA LEU D 31 -27.25 -21.50 36.79
C LEU D 31 -28.32 -20.54 36.37
N PHE D 32 -28.20 -19.24 36.77
CA PHE D 32 -29.13 -18.22 36.35
C PHE D 32 -28.52 -17.39 35.26
N SER D 33 -27.24 -17.66 34.92
CA SER D 33 -26.47 -17.01 33.89
C SER D 33 -26.44 -15.52 34.09
N LEU D 34 -26.23 -15.10 35.36
CA LEU D 34 -26.19 -13.72 35.75
C LEU D 34 -24.96 -13.07 35.18
N PRO D 35 -24.98 -11.79 34.82
CA PRO D 35 -23.78 -10.99 34.62
C PRO D 35 -22.88 -11.02 35.83
N ILE D 36 -21.57 -10.87 35.62
CA ILE D 36 -20.63 -10.57 36.67
C ILE D 36 -20.00 -9.30 36.19
N LYS D 37 -19.66 -8.38 37.12
CA LYS D 37 -19.25 -7.05 36.78
C LYS D 37 -18.12 -6.68 37.69
N GLU D 38 -18.00 -7.36 38.85
CA GLU D 38 -17.00 -7.05 39.83
C GLU D 38 -16.13 -8.26 39.92
N SER D 39 -14.80 -8.04 40.01
CA SER D 39 -13.81 -9.06 39.81
C SER D 39 -13.34 -9.61 41.11
N GLU D 40 -14.06 -9.28 42.22
CA GLU D 40 -13.68 -9.69 43.54
C GLU D 40 -14.54 -10.86 43.92
N ILE D 41 -15.70 -11.02 43.24
CA ILE D 41 -16.68 -12.04 43.51
C ILE D 41 -16.09 -13.39 43.21
N ILE D 42 -15.59 -13.52 41.98
CA ILE D 42 -14.84 -14.64 41.48
C ILE D 42 -13.61 -14.94 42.30
N ASP D 43 -12.88 -13.89 42.75
CA ASP D 43 -11.67 -14.04 43.51
C ASP D 43 -11.95 -14.29 44.99
N PHE D 44 -13.25 -14.35 45.39
CA PHE D 44 -13.62 -14.67 46.75
C PHE D 44 -13.90 -16.14 46.85
N PHE D 45 -14.74 -16.71 45.94
CA PHE D 45 -14.94 -18.14 45.87
C PHE D 45 -13.69 -18.89 45.53
N LEU D 46 -12.85 -18.30 44.67
CA LEU D 46 -11.63 -18.88 44.19
C LEU D 46 -10.62 -17.88 44.65
N GLY D 47 -9.51 -17.71 43.90
CA GLY D 47 -8.43 -16.81 44.23
C GLY D 47 -7.51 -17.49 45.20
N ALA D 48 -7.79 -18.78 45.49
CA ALA D 48 -7.01 -19.64 46.32
C ALA D 48 -6.60 -20.80 45.46
N ALA D 49 -6.71 -20.65 44.11
CA ALA D 49 -6.23 -21.65 43.20
C ALA D 49 -5.99 -21.06 41.84
N LEU D 50 -6.09 -19.71 41.68
CA LEU D 50 -5.93 -19.09 40.39
C LEU D 50 -4.50 -18.67 40.17
N LYS D 51 -3.96 -19.07 39.01
CA LYS D 51 -2.62 -18.77 38.54
C LYS D 51 -2.80 -17.93 37.32
N ASP D 52 -1.72 -17.24 36.86
CA ASP D 52 -1.77 -16.53 35.61
C ASP D 52 -0.58 -16.98 34.82
N LYS D 53 -0.74 -16.98 33.49
CA LYS D 53 0.28 -17.41 32.57
C LYS D 53 0.24 -16.44 31.43
N VAL D 54 1.14 -15.44 31.44
CA VAL D 54 1.24 -14.39 30.45
C VAL D 54 1.72 -14.99 29.16
N LEU D 55 0.85 -15.05 28.13
CA LEU D 55 1.16 -15.72 26.89
C LEU D 55 2.12 -14.93 26.06
N LYS D 56 1.70 -13.74 25.57
CA LYS D 56 2.51 -12.92 24.71
C LYS D 56 2.37 -11.51 25.17
N ILE D 57 3.37 -10.64 24.85
CA ILE D 57 3.29 -9.22 25.04
C ILE D 57 3.69 -8.69 23.70
N MET D 58 2.69 -8.20 22.94
CA MET D 58 2.78 -7.99 21.53
C MET D 58 2.69 -6.51 21.32
N PRO D 59 3.53 -5.85 20.53
CA PRO D 59 3.31 -4.45 20.20
C PRO D 59 2.29 -4.29 19.12
N VAL D 60 1.61 -3.13 19.09
CA VAL D 60 0.80 -2.65 18.00
C VAL D 60 1.07 -1.18 18.00
N GLN D 61 0.70 -0.44 16.93
CA GLN D 61 1.03 0.96 16.84
C GLN D 61 0.28 1.54 15.70
N LYS D 62 -0.13 2.83 15.84
CA LYS D 62 -0.80 3.55 14.79
C LYS D 62 0.14 4.61 14.34
N GLN D 63 -0.30 5.44 13.36
CA GLN D 63 0.54 6.36 12.65
C GLN D 63 -0.01 7.73 12.88
N THR D 64 0.89 8.72 13.07
CA THR D 64 0.48 10.10 13.16
C THR D 64 1.59 10.88 12.54
N GLN D 65 1.40 12.21 12.38
CA GLN D 65 2.23 13.10 11.61
C GLN D 65 3.53 13.39 12.30
N ALA D 66 3.60 13.06 13.60
CA ALA D 66 4.77 13.17 14.41
C ALA D 66 5.49 11.85 14.50
N GLY D 67 5.05 10.81 13.75
CA GLY D 67 5.77 9.56 13.72
C GLY D 67 4.94 8.51 14.34
N GLN D 68 5.63 7.52 14.94
CA GLN D 68 5.05 6.35 15.52
C GLN D 68 4.39 6.69 16.83
N ARG D 69 3.47 5.82 17.29
CA ARG D 69 2.93 5.93 18.62
C ARG D 69 2.58 4.51 18.96
N THR D 70 3.20 3.96 20.03
CA THR D 70 3.23 2.54 20.30
C THR D 70 2.49 2.24 21.56
N ARG D 71 1.65 1.19 21.52
CA ARG D 71 0.90 0.70 22.64
C ARG D 71 1.22 -0.76 22.74
N PHE D 72 1.20 -1.32 23.96
CA PHE D 72 1.58 -2.69 24.22
C PHE D 72 0.35 -3.44 24.58
N LYS D 73 0.11 -4.59 23.92
CA LYS D 73 -1.09 -5.37 24.06
C LYS D 73 -0.66 -6.73 24.50
N ALA D 74 -1.14 -7.21 25.68
CA ALA D 74 -0.71 -8.46 26.23
C ALA D 74 -1.90 -9.30 26.51
N PHE D 75 -1.72 -10.63 26.39
CA PHE D 75 -2.73 -11.62 26.59
C PHE D 75 -2.30 -12.36 27.83
N VAL D 76 -3.26 -12.73 28.69
CA VAL D 76 -2.97 -13.32 29.97
C VAL D 76 -4.06 -14.30 30.20
N ALA D 77 -3.69 -15.55 30.55
CA ALA D 77 -4.60 -16.64 30.80
C ALA D 77 -4.77 -16.71 32.29
N ILE D 78 -5.81 -17.42 32.77
CA ILE D 78 -6.05 -17.53 34.18
C ILE D 78 -6.84 -18.78 34.35
N GLY D 79 -6.60 -19.54 35.44
CA GLY D 79 -7.35 -20.74 35.62
C GLY D 79 -6.82 -21.53 36.75
N ASP D 80 -7.75 -22.23 37.44
CA ASP D 80 -7.47 -23.22 38.43
C ASP D 80 -7.63 -24.54 37.74
N TYR D 81 -7.08 -25.61 38.32
CA TYR D 81 -6.97 -26.90 37.69
C TYR D 81 -8.17 -27.74 38.08
N ASN D 82 -9.22 -27.09 38.62
CA ASN D 82 -10.44 -27.72 39.02
C ASN D 82 -11.51 -27.55 37.99
N GLY D 83 -11.23 -26.84 36.88
CA GLY D 83 -12.14 -26.76 35.75
C GLY D 83 -12.68 -25.40 35.48
N HIS D 84 -12.14 -24.33 36.10
CA HIS D 84 -12.55 -23.00 35.77
C HIS D 84 -11.36 -22.38 35.12
N VAL D 85 -11.55 -21.82 33.91
CA VAL D 85 -10.51 -21.10 33.21
C VAL D 85 -11.15 -19.89 32.62
N GLY D 86 -10.31 -18.94 32.16
CA GLY D 86 -10.74 -17.70 31.59
C GLY D 86 -9.58 -17.13 30.83
N LEU D 87 -9.78 -15.94 30.21
CA LEU D 87 -8.81 -15.41 29.30
C LEU D 87 -9.21 -13.97 29.11
N GLY D 88 -8.23 -13.09 28.84
CA GLY D 88 -8.49 -11.69 28.65
C GLY D 88 -7.33 -11.12 27.90
N MET D 89 -7.59 -10.04 27.14
CA MET D 89 -6.60 -9.25 26.46
C MET D 89 -6.85 -7.82 26.82
N LYS D 90 -5.80 -6.96 26.84
CA LYS D 90 -5.95 -5.59 27.21
C LYS D 90 -4.72 -4.92 26.69
N CYS D 91 -4.81 -3.60 26.41
CA CYS D 91 -3.71 -2.82 25.90
C CYS D 91 -3.68 -1.53 26.65
N SER D 92 -2.49 -0.92 26.72
CA SER D 92 -2.23 0.28 27.47
C SER D 92 -0.96 0.81 26.89
N LYS D 93 -0.59 2.05 27.27
CA LYS D 93 0.59 2.70 26.77
C LYS D 93 1.87 2.11 27.30
N GLU D 94 1.81 1.45 28.48
CA GLU D 94 2.98 0.95 29.16
C GLU D 94 2.71 -0.51 29.39
N VAL D 95 3.73 -1.25 29.87
CA VAL D 95 3.79 -2.68 29.76
C VAL D 95 3.12 -3.26 30.96
N ALA D 96 3.61 -2.94 32.18
CA ALA D 96 3.23 -3.57 33.41
C ALA D 96 1.77 -3.37 33.71
N THR D 97 1.29 -2.12 33.50
CA THR D 97 -0.09 -1.72 33.62
C THR D 97 -1.00 -2.52 32.71
N ALA D 98 -0.56 -2.82 31.47
CA ALA D 98 -1.33 -3.59 30.53
C ALA D 98 -1.48 -5.01 30.99
N ILE D 99 -0.43 -5.62 31.57
CA ILE D 99 -0.47 -6.96 32.13
C ILE D 99 -1.45 -7.03 33.27
N ARG D 100 -1.41 -6.05 34.19
CA ARG D 100 -2.27 -6.05 35.36
C ARG D 100 -3.70 -5.77 35.00
N GLY D 101 -3.93 -5.04 33.88
CA GLY D 101 -5.22 -4.77 33.30
C GLY D 101 -5.83 -5.98 32.69
N ALA D 102 -5.00 -6.96 32.30
CA ALA D 102 -5.42 -8.14 31.61
C ALA D 102 -5.78 -9.17 32.63
N ILE D 103 -5.04 -9.25 33.77
CA ILE D 103 -5.36 -10.15 34.86
C ILE D 103 -6.72 -9.84 35.46
N ILE D 104 -7.17 -8.57 35.44
CA ILE D 104 -8.50 -8.21 35.89
C ILE D 104 -9.54 -8.65 34.89
N LEU D 105 -9.31 -8.39 33.58
CA LEU D 105 -10.29 -8.65 32.57
C LEU D 105 -10.51 -10.13 32.41
N ALA D 106 -9.43 -10.92 32.59
CA ALA D 106 -9.44 -12.36 32.50
C ALA D 106 -10.25 -13.01 33.59
N LYS D 107 -10.22 -12.45 34.84
CA LYS D 107 -10.99 -12.93 35.97
C LYS D 107 -12.47 -12.81 35.71
N LEU D 108 -12.87 -11.75 34.99
CA LEU D 108 -14.24 -11.46 34.69
C LEU D 108 -14.89 -12.49 33.78
N SER D 109 -14.11 -13.08 32.85
CA SER D 109 -14.62 -13.89 31.79
C SER D 109 -14.53 -15.36 32.07
N ILE D 110 -14.21 -15.78 33.32
CA ILE D 110 -14.04 -17.17 33.71
C ILE D 110 -15.32 -17.95 33.48
N VAL D 111 -15.21 -19.23 33.04
CA VAL D 111 -16.34 -20.07 32.71
C VAL D 111 -15.99 -21.46 33.19
N PRO D 112 -16.94 -22.39 33.30
CA PRO D 112 -16.66 -23.74 33.74
C PRO D 112 -16.47 -24.60 32.52
N VAL D 113 -15.86 -25.80 32.68
CA VAL D 113 -15.71 -26.77 31.62
C VAL D 113 -16.33 -28.05 32.13
N ARG D 114 -16.84 -28.88 31.21
CA ARG D 114 -17.51 -30.11 31.50
C ARG D 114 -16.64 -31.20 30.97
N ARG D 115 -16.26 -32.15 31.85
CA ARG D 115 -15.35 -33.20 31.53
C ARG D 115 -16.13 -34.48 31.58
N GLY D 116 -15.62 -35.52 30.87
CA GLY D 116 -16.33 -36.77 30.71
C GLY D 116 -15.29 -37.84 30.57
N TYR D 117 -15.69 -39.02 30.06
CA TYR D 117 -14.90 -40.22 30.11
C TYR D 117 -14.79 -40.69 28.70
N TRP D 118 -13.79 -41.55 28.42
CA TRP D 118 -13.50 -42.02 27.09
C TRP D 118 -14.58 -42.95 26.58
N GLY D 119 -15.05 -43.88 27.42
CA GLY D 119 -16.17 -44.71 27.03
C GLY D 119 -16.58 -45.60 28.14
N ASN D 120 -15.74 -45.73 29.19
CA ASN D 120 -16.01 -46.59 30.31
C ASN D 120 -15.64 -45.81 31.53
N LYS D 121 -16.43 -45.99 32.61
CA LYS D 121 -16.42 -45.09 33.72
C LYS D 121 -15.53 -45.74 34.73
N ILE D 122 -14.79 -44.96 35.54
CA ILE D 122 -14.03 -45.53 36.62
C ILE D 122 -13.81 -44.45 37.65
N GLY D 123 -14.50 -43.30 37.50
CA GLY D 123 -14.52 -42.25 38.48
C GLY D 123 -13.43 -41.27 38.15
N LYS D 124 -13.78 -39.96 38.28
CA LYS D 124 -12.94 -38.82 38.12
C LYS D 124 -12.72 -38.56 36.64
N PRO D 125 -13.40 -37.64 35.97
CA PRO D 125 -13.30 -37.43 34.53
C PRO D 125 -11.92 -37.04 34.08
N HIS D 126 -11.61 -37.13 32.76
CA HIS D 126 -10.24 -36.99 32.35
C HIS D 126 -10.11 -36.48 30.95
N THR D 127 -11.21 -36.07 30.30
CA THR D 127 -11.15 -35.79 28.89
C THR D 127 -12.37 -34.95 28.61
N VAL D 128 -12.66 -34.64 27.33
CA VAL D 128 -13.68 -33.71 26.93
C VAL D 128 -14.89 -34.52 26.67
N ARG D 129 -16.07 -33.93 26.94
CA ARG D 129 -17.34 -34.60 26.92
C ARG D 129 -17.63 -35.23 25.60
N CYS D 130 -17.34 -34.51 24.50
CA CYS D 130 -17.65 -34.97 23.18
C CYS D 130 -16.79 -34.17 22.25
N LYS D 131 -16.81 -34.54 20.95
CA LYS D 131 -15.95 -33.95 19.96
C LYS D 131 -16.57 -32.66 19.54
N VAL D 132 -15.89 -31.53 19.85
CA VAL D 132 -16.44 -30.20 19.68
C VAL D 132 -15.40 -29.40 18.94
N THR D 133 -15.76 -28.15 18.57
CA THR D 133 -14.94 -27.31 17.74
C THR D 133 -15.09 -25.92 18.27
N GLY D 134 -14.42 -24.93 17.66
CA GLY D 134 -14.63 -23.54 17.97
C GLY D 134 -13.75 -22.78 17.04
N ARG D 135 -14.29 -21.76 16.35
CA ARG D 135 -13.58 -21.01 15.34
C ARG D 135 -13.57 -19.56 15.71
N CYS D 136 -12.44 -18.88 15.40
CA CYS D 136 -12.31 -17.46 15.57
C CYS D 136 -11.50 -16.97 14.40
N GLY D 137 -12.19 -16.56 13.31
CA GLY D 137 -11.58 -15.85 12.20
C GLY D 137 -10.65 -16.69 11.38
N SER D 138 -11.03 -17.96 11.14
CA SER D 138 -10.44 -18.92 10.26
C SER D 138 -9.30 -19.65 10.90
N VAL D 139 -9.23 -19.60 12.24
CA VAL D 139 -8.43 -20.49 13.03
C VAL D 139 -9.47 -21.34 13.66
N LEU D 140 -9.25 -22.67 13.82
CA LEU D 140 -10.18 -23.46 14.59
C LEU D 140 -9.41 -24.53 15.25
N VAL D 141 -10.06 -25.20 16.22
CA VAL D 141 -9.45 -26.28 16.95
C VAL D 141 -10.58 -27.28 16.93
N ARG D 142 -10.24 -28.59 16.97
CA ARG D 142 -11.19 -29.66 17.03
C ARG D 142 -10.77 -30.57 18.12
N LEU D 143 -11.17 -30.28 19.38
CA LEU D 143 -10.90 -31.13 20.51
C LEU D 143 -11.59 -32.47 20.35
N ILE D 144 -10.82 -33.58 20.32
CA ILE D 144 -11.31 -34.91 20.04
C ILE D 144 -11.00 -35.68 21.32
N PRO D 145 -11.91 -36.45 21.93
CA PRO D 145 -11.65 -37.25 23.12
C PRO D 145 -10.51 -38.22 22.97
N ALA D 146 -9.91 -38.66 24.09
CA ALA D 146 -8.72 -39.48 24.05
C ALA D 146 -8.73 -40.38 25.25
N PRO D 147 -8.22 -41.62 25.21
CA PRO D 147 -8.16 -42.52 26.34
C PRO D 147 -7.06 -42.06 27.27
N ARG D 148 -7.04 -42.60 28.51
CA ARG D 148 -6.14 -42.19 29.56
C ARG D 148 -4.69 -42.36 29.21
N GLY D 149 -3.85 -41.40 29.66
CA GLY D 149 -2.42 -41.56 29.64
C GLY D 149 -1.81 -41.23 28.33
N THR D 150 -2.51 -40.46 27.46
CA THR D 150 -1.98 -40.07 26.17
C THR D 150 -1.51 -38.66 26.21
N GLY D 151 -1.78 -37.94 27.33
CA GLY D 151 -1.49 -36.54 27.51
C GLY D 151 -2.17 -35.65 26.51
N ILE D 152 -1.86 -34.34 26.58
CA ILE D 152 -2.42 -33.35 25.71
C ILE D 152 -1.48 -33.26 24.55
N ILE D 153 -1.98 -33.50 23.32
CA ILE D 153 -1.17 -33.48 22.14
C ILE D 153 -1.70 -32.32 21.39
N SER D 154 -0.95 -31.20 21.44
CA SER D 154 -1.34 -29.98 20.81
C SER D 154 -0.08 -29.18 20.69
N ALA D 155 -0.18 -28.02 19.97
CA ALA D 155 0.85 -27.02 19.87
C ALA D 155 1.11 -26.40 21.21
N PRO D 156 2.18 -25.64 21.47
CA PRO D 156 2.46 -25.08 22.77
C PRO D 156 1.41 -24.13 23.27
N VAL D 157 0.77 -23.31 22.39
CA VAL D 157 -0.19 -22.31 22.76
C VAL D 157 -1.43 -22.96 23.35
N PRO D 158 -2.25 -23.79 22.70
CA PRO D 158 -3.41 -24.42 23.31
C PRO D 158 -3.06 -25.38 24.41
N LYS D 159 -1.81 -25.90 24.49
CA LYS D 159 -1.39 -26.78 25.55
C LYS D 159 -1.38 -26.12 26.90
N LYS D 160 -1.21 -24.77 26.94
CA LYS D 160 -1.38 -23.96 28.12
C LYS D 160 -2.80 -24.03 28.60
N LEU D 161 -3.77 -23.66 27.73
CA LEU D 161 -5.16 -23.50 28.10
C LEU D 161 -5.77 -24.79 28.57
N LEU D 162 -5.64 -25.88 27.79
CA LEU D 162 -6.17 -27.18 28.10
C LEU D 162 -5.63 -27.76 29.39
N LEU D 163 -4.35 -27.47 29.72
CA LEU D 163 -3.70 -27.92 30.92
C LEU D 163 -4.25 -27.21 32.13
N MET D 164 -4.54 -25.90 31.99
CA MET D 164 -5.12 -25.08 33.01
C MET D 164 -6.53 -25.47 33.28
N ALA D 165 -7.26 -25.93 32.24
CA ALA D 165 -8.61 -26.44 32.35
C ALA D 165 -8.67 -27.70 33.18
N GLY D 166 -7.54 -28.43 33.30
CA GLY D 166 -7.49 -29.68 34.01
C GLY D 166 -7.86 -30.85 33.14
N ILE D 167 -7.96 -30.65 31.81
CA ILE D 167 -8.28 -31.68 30.87
C ILE D 167 -6.99 -32.42 30.64
N ASP D 168 -6.97 -33.75 30.92
CA ASP D 168 -5.76 -34.51 31.03
C ASP D 168 -5.28 -34.99 29.69
N ASP D 169 -6.21 -35.45 28.84
CA ASP D 169 -5.86 -36.20 27.65
C ASP D 169 -6.70 -35.67 26.54
N CYS D 170 -6.09 -35.33 25.40
CA CYS D 170 -6.85 -34.78 24.30
C CYS D 170 -6.04 -34.92 23.06
N TYR D 171 -6.72 -34.93 21.89
CA TYR D 171 -6.10 -34.86 20.59
C TYR D 171 -6.72 -33.65 19.97
N THR D 172 -5.98 -32.94 19.09
CA THR D 172 -6.46 -31.70 18.51
C THR D 172 -6.10 -31.73 17.07
N SER D 173 -6.76 -30.85 16.28
CA SER D 173 -6.44 -30.65 14.90
C SER D 173 -6.76 -29.22 14.62
N ALA D 174 -5.90 -28.54 13.83
CA ALA D 174 -5.99 -27.13 13.57
C ALA D 174 -6.25 -26.98 12.11
N GLY D 175 -6.66 -25.76 11.69
CA GLY D 175 -6.88 -25.49 10.29
C GLY D 175 -6.66 -24.02 10.14
N GLY D 176 -5.81 -23.63 9.18
CA GLY D 176 -5.58 -22.24 8.88
C GLY D 176 -4.49 -21.69 9.74
N CYS D 177 -4.26 -20.36 9.65
CA CYS D 177 -3.17 -19.65 10.27
C CYS D 177 -3.20 -19.81 11.77
N THR D 178 -2.02 -19.93 12.40
CA THR D 178 -1.91 -20.19 13.81
C THR D 178 -0.68 -19.47 14.32
N ALA D 179 -0.14 -18.51 13.52
CA ALA D 179 1.02 -17.74 13.89
C ALA D 179 0.56 -16.40 14.39
N THR D 180 -0.77 -16.14 14.32
CA THR D 180 -1.42 -14.95 14.81
C THR D 180 -2.18 -15.40 16.03
N LEU D 181 -1.43 -15.62 17.14
CA LEU D 181 -1.90 -16.41 18.26
C LEU D 181 -3.07 -15.84 19.01
N GLY D 182 -3.36 -14.52 18.87
CA GLY D 182 -4.51 -13.91 19.49
C GLY D 182 -5.82 -14.54 19.09
N ASN D 183 -5.95 -14.92 17.79
CA ASN D 183 -7.05 -15.70 17.27
C ASN D 183 -7.03 -17.10 17.80
N PHE D 184 -5.83 -17.73 17.82
CA PHE D 184 -5.61 -19.14 18.07
C PHE D 184 -6.04 -19.53 19.46
N ALA D 185 -5.82 -18.61 20.43
CA ALA D 185 -6.06 -18.85 21.83
C ALA D 185 -7.50 -18.63 22.12
N LYS D 186 -8.10 -17.56 21.53
CA LYS D 186 -9.52 -17.32 21.59
C LYS D 186 -10.34 -18.44 21.00
N ALA D 187 -9.82 -19.15 19.97
CA ALA D 187 -10.50 -20.24 19.31
C ALA D 187 -10.50 -21.48 20.17
N THR D 188 -9.43 -21.70 20.95
CA THR D 188 -9.34 -22.75 21.94
C THR D 188 -10.35 -22.50 23.03
N PHE D 189 -10.34 -21.26 23.57
CA PHE D 189 -11.24 -20.82 24.60
C PHE D 189 -12.70 -20.94 24.20
N ASP D 190 -13.01 -20.68 22.91
CA ASP D 190 -14.31 -20.88 22.34
C ASP D 190 -14.75 -22.32 22.40
N ALA D 191 -13.83 -23.26 22.06
CA ALA D 191 -14.12 -24.67 22.02
C ALA D 191 -14.45 -25.24 23.36
N ILE D 192 -13.69 -24.88 24.42
CA ILE D 192 -13.93 -25.39 25.75
C ILE D 192 -15.20 -24.87 26.36
N SER D 193 -15.67 -23.69 25.92
CA SER D 193 -16.88 -23.07 26.41
C SER D 193 -18.11 -23.84 26.02
N LYS D 194 -18.15 -24.38 24.79
CA LYS D 194 -19.31 -25.01 24.19
C LYS D 194 -19.70 -26.32 24.81
N THR D 195 -18.88 -26.86 25.74
CA THR D 195 -19.04 -28.18 26.29
C THR D 195 -20.34 -28.33 27.05
N TYR D 196 -20.70 -27.31 27.86
CA TYR D 196 -21.93 -27.28 28.63
C TYR D 196 -23.12 -26.94 27.80
N SER D 197 -22.91 -26.41 26.57
CA SER D 197 -24.00 -26.04 25.69
C SER D 197 -24.29 -27.14 24.72
N TYR D 198 -23.55 -28.28 24.79
CA TYR D 198 -23.79 -29.42 23.94
C TYR D 198 -24.73 -30.33 24.66
N LEU D 199 -25.84 -30.73 23.98
CA LEU D 199 -26.89 -31.51 24.59
C LEU D 199 -26.53 -32.94 24.37
N THR D 200 -26.70 -33.77 25.41
CA THR D 200 -26.30 -35.16 25.41
C THR D 200 -27.48 -35.93 25.92
N PRO D 201 -27.58 -37.25 25.79
CA PRO D 201 -28.78 -37.99 26.14
C PRO D 201 -28.96 -38.07 27.63
N ASP D 202 -27.85 -37.89 28.38
CA ASP D 202 -27.77 -37.74 29.81
C ASP D 202 -28.68 -36.67 30.34
N LEU D 203 -28.71 -35.52 29.65
CA LEU D 203 -29.34 -34.31 30.11
C LEU D 203 -30.79 -34.25 29.69
N TRP D 204 -31.36 -35.34 29.12
CA TRP D 204 -32.71 -35.32 28.62
C TRP D 204 -33.73 -35.33 29.73
N LYS D 205 -33.34 -35.76 30.97
CA LYS D 205 -34.18 -35.67 32.14
C LYS D 205 -34.49 -34.23 32.48
N GLU D 206 -35.68 -33.96 33.05
CA GLU D 206 -36.23 -32.63 33.16
C GLU D 206 -35.66 -31.94 34.39
N THR D 207 -35.39 -30.62 34.26
CA THR D 207 -34.80 -29.78 35.29
C THR D 207 -35.96 -29.16 36.03
N VAL D 208 -35.85 -29.18 37.38
CA VAL D 208 -36.89 -28.83 38.32
C VAL D 208 -37.32 -27.39 38.24
N PHE D 209 -36.33 -26.46 38.14
CA PHE D 209 -36.50 -25.01 38.15
C PHE D 209 -36.59 -24.60 39.59
N THR D 210 -35.97 -23.46 39.94
CA THR D 210 -36.05 -22.93 41.27
C THR D 210 -35.87 -21.45 41.15
N LYS D 211 -36.42 -20.72 42.15
CA LYS D 211 -36.45 -19.28 42.24
C LYS D 211 -35.06 -18.73 42.38
N SER D 212 -34.84 -17.48 41.91
CA SER D 212 -33.55 -16.87 41.75
C SER D 212 -32.97 -16.55 43.10
N PRO D 213 -31.66 -16.42 43.32
CA PRO D 213 -31.10 -16.01 44.60
C PRO D 213 -31.49 -14.59 44.90
N TYR D 214 -31.58 -13.71 43.87
CA TYR D 214 -32.15 -12.38 43.94
C TYR D 214 -33.55 -12.36 44.50
N GLN D 215 -34.37 -13.38 44.15
CA GLN D 215 -35.76 -13.44 44.53
C GLN D 215 -35.86 -13.85 45.96
N GLU D 216 -35.20 -14.95 46.36
CA GLU D 216 -35.39 -15.55 47.66
C GLU D 216 -34.81 -14.68 48.76
N PHE D 217 -33.66 -14.02 48.49
CA PHE D 217 -32.90 -13.27 49.45
C PHE D 217 -33.15 -11.80 49.33
N THR D 218 -34.29 -11.40 48.72
CA THR D 218 -34.65 -10.03 48.46
C THR D 218 -34.89 -9.22 49.72
N ASP D 219 -35.13 -9.91 50.86
CA ASP D 219 -35.45 -9.27 52.12
C ASP D 219 -34.20 -8.74 52.77
N HIS D 220 -33.02 -9.22 52.31
CA HIS D 220 -31.75 -8.77 52.80
C HIS D 220 -31.18 -7.74 51.87
N LEU D 221 -31.78 -7.60 50.67
CA LEU D 221 -31.30 -6.70 49.64
C LEU D 221 -32.03 -5.40 49.79
N VAL D 222 -33.04 -5.36 50.69
CA VAL D 222 -33.77 -4.16 50.98
C VAL D 222 -33.70 -4.10 52.47
N LYS D 223 -32.93 -3.13 52.99
CA LYS D 223 -32.90 -2.71 54.37
C LYS D 223 -32.13 -1.43 54.28
N THR D 224 -30.97 -1.47 53.58
CA THR D 224 -30.22 -0.29 53.20
C THR D 224 -29.33 -0.70 52.05
N HIS D 225 -29.50 -1.95 51.55
CA HIS D 225 -28.52 -2.64 50.77
C HIS D 225 -28.79 -2.38 49.31
N THR D 226 -27.77 -2.60 48.45
CA THR D 226 -27.85 -2.36 47.02
C THR D 226 -28.15 -3.69 46.30
N MET E 1 25.55 56.79 52.21
CA MET E 1 25.68 55.65 53.14
C MET E 1 27.03 55.04 52.98
N ALA E 2 28.09 55.74 53.46
CA ALA E 2 29.46 55.27 53.42
C ALA E 2 29.65 54.15 54.41
N VAL E 3 30.50 53.13 54.13
CA VAL E 3 31.24 52.89 52.91
C VAL E 3 30.44 51.97 52.02
N GLN E 4 29.15 51.74 52.36
CA GLN E 4 28.29 50.77 51.73
C GLN E 4 27.77 51.36 50.44
N ILE E 5 26.99 50.55 49.71
CA ILE E 5 26.62 50.80 48.35
C ILE E 5 25.26 51.44 48.37
N SER E 6 24.87 52.10 47.24
CA SER E 6 23.62 52.81 47.09
C SER E 6 22.49 51.82 47.05
N LYS E 7 21.22 52.27 47.12
CA LYS E 7 20.07 51.41 47.28
C LYS E 7 19.82 50.51 46.12
N LYS E 8 20.08 50.95 44.87
CA LYS E 8 19.99 50.10 43.70
C LYS E 8 20.90 48.91 43.81
N ARG E 9 22.17 49.15 44.19
CA ARG E 9 23.18 48.13 44.30
C ARG E 9 23.03 47.29 45.55
N LYS E 10 22.27 47.78 46.56
CA LYS E 10 22.09 47.14 47.84
C LYS E 10 21.37 45.82 47.79
N PHE E 11 20.37 45.69 46.89
CA PHE E 11 19.52 44.52 46.83
C PHE E 11 20.16 43.46 46.01
N VAL E 12 20.95 43.89 44.99
CA VAL E 12 21.66 43.05 44.06
C VAL E 12 22.72 42.29 44.81
N ALA E 13 23.50 43.00 45.66
CA ALA E 13 24.54 42.43 46.50
C ALA E 13 24.02 41.40 47.48
N ASP E 14 22.76 41.56 47.95
CA ASP E 14 22.11 40.61 48.83
C ASP E 14 21.78 39.34 48.08
N GLY E 15 21.38 39.48 46.81
CA GLY E 15 20.97 38.40 45.95
C GLY E 15 22.11 37.50 45.60
N ILE E 16 23.31 38.09 45.36
CA ILE E 16 24.53 37.39 45.02
C ILE E 16 24.98 36.52 46.18
N PHE E 17 24.79 36.98 47.43
CA PHE E 17 25.14 36.27 48.64
C PHE E 17 24.15 35.15 48.88
N LYS E 18 22.85 35.39 48.59
CA LYS E 18 21.78 34.44 48.74
C LYS E 18 21.94 33.26 47.80
N ALA E 19 22.59 33.48 46.64
CA ALA E 19 22.61 32.55 45.55
C ALA E 19 23.83 31.70 45.70
N GLU E 20 25.03 32.30 45.94
CA GLU E 20 26.25 31.57 46.12
C GLU E 20 26.16 30.53 47.21
N LEU E 21 25.62 30.94 48.39
CA LEU E 21 25.35 30.09 49.52
C LEU E 21 24.45 28.92 49.20
N ASN E 22 23.35 29.18 48.46
CA ASN E 22 22.35 28.21 48.11
C ASN E 22 22.87 27.13 47.18
N GLU E 23 24.02 27.34 46.49
CA GLU E 23 24.59 26.30 45.67
C GLU E 23 25.78 25.69 46.34
N PHE E 24 26.40 26.42 47.30
CA PHE E 24 27.50 25.95 48.10
C PHE E 24 27.08 24.80 48.99
N LEU E 25 25.97 25.00 49.73
CA LEU E 25 25.42 24.02 50.63
C LEU E 25 24.95 22.78 49.95
N THR E 26 24.32 22.93 48.76
CA THR E 26 23.71 21.87 47.99
C THR E 26 24.70 20.84 47.50
N ARG E 27 26.00 21.16 47.48
CA ARG E 27 27.02 20.25 47.01
C ARG E 27 27.67 19.51 48.15
N GLU E 28 27.07 19.54 49.36
CA GLU E 28 27.68 18.86 50.48
C GLU E 28 26.66 18.52 51.53
N LEU E 29 25.36 18.56 51.20
CA LEU E 29 24.29 18.35 52.16
C LEU E 29 23.16 17.69 51.43
N ALA E 30 23.39 17.27 50.17
CA ALA E 30 22.37 16.70 49.31
C ALA E 30 21.89 15.39 49.84
N GLU E 31 22.81 14.57 50.40
CA GLU E 31 22.55 13.23 50.87
C GLU E 31 21.89 13.26 52.23
N ASP E 32 21.97 14.43 52.92
CA ASP E 32 21.47 14.62 54.26
C ASP E 32 20.11 15.25 54.14
N GLY E 33 19.58 15.33 52.90
CA GLY E 33 18.22 15.73 52.61
C GLY E 33 18.04 17.21 52.62
N TYR E 34 18.98 17.98 52.01
CA TYR E 34 18.86 19.40 51.76
C TYR E 34 17.56 19.73 51.08
N SER E 35 17.01 20.93 51.36
CA SER E 35 15.72 21.30 50.83
C SER E 35 15.67 22.79 50.65
N GLY E 36 16.79 23.49 50.94
CA GLY E 36 16.84 24.93 50.84
C GLY E 36 17.41 25.47 52.09
N VAL E 37 17.29 26.80 52.25
CA VAL E 37 17.70 27.54 53.40
C VAL E 37 16.65 28.59 53.55
N GLU E 38 16.78 29.39 54.62
CA GLU E 38 16.03 30.60 54.73
C GLU E 38 16.88 31.41 55.66
N VAL E 39 17.45 32.51 55.13
CA VAL E 39 18.35 33.37 55.85
C VAL E 39 17.50 34.42 56.49
N ARG E 40 17.95 34.97 57.63
CA ARG E 40 17.30 36.13 58.19
C ARG E 40 18.36 36.80 58.98
N VAL E 41 18.67 38.07 58.63
CA VAL E 41 19.44 38.93 59.49
C VAL E 41 18.52 39.48 60.54
N THR E 42 19.01 39.57 61.80
CA THR E 42 18.28 40.02 62.95
C THR E 42 19.27 40.95 63.61
N PRO E 43 18.95 41.72 64.65
CA PRO E 43 19.92 42.61 65.29
C PRO E 43 21.12 41.86 65.84
N THR E 44 22.33 42.24 65.35
CA THR E 44 23.63 41.71 65.68
C THR E 44 23.81 40.22 65.49
N ARG E 45 23.07 39.60 64.53
CA ARG E 45 23.18 38.18 64.34
C ARG E 45 22.68 37.91 62.95
N THR E 46 23.26 36.88 62.27
CA THR E 46 22.70 36.31 61.07
C THR E 46 22.18 34.96 61.53
N GLU E 47 21.00 34.55 61.02
CA GLU E 47 20.47 33.23 61.21
C GLU E 47 20.43 32.65 59.84
N ILE E 48 20.92 31.41 59.72
CA ILE E 48 20.86 30.69 58.48
C ILE E 48 20.27 29.39 58.91
N ILE E 49 18.96 29.24 58.62
CA ILE E 49 18.17 28.07 58.97
C ILE E 49 18.32 27.11 57.84
N ILE E 50 19.08 26.01 58.09
CA ILE E 50 19.47 25.04 57.10
C ILE E 50 18.42 23.98 57.11
N LEU E 51 17.35 24.19 56.30
CA LEU E 51 16.21 23.32 56.22
C LEU E 51 16.63 22.00 55.60
N ALA E 52 16.42 20.89 56.36
CA ALA E 52 16.61 19.59 55.80
C ALA E 52 15.68 18.63 56.45
N THR E 53 15.35 17.56 55.69
CA THR E 53 14.35 16.57 56.00
C THR E 53 14.68 15.73 57.20
N ARG E 54 15.94 15.28 57.35
CA ARG E 54 16.31 14.34 58.37
C ARG E 54 17.40 15.02 59.13
N THR E 55 17.10 15.52 60.36
CA THR E 55 18.02 16.25 61.19
C THR E 55 19.12 15.40 61.79
N GLN E 56 18.94 14.07 61.79
CA GLN E 56 19.86 13.10 62.33
C GLN E 56 21.21 13.20 61.68
N ASN E 57 21.22 13.01 60.34
CA ASN E 57 22.38 13.02 59.47
C ASN E 57 23.03 14.38 59.35
N VAL E 58 22.24 15.46 59.56
CA VAL E 58 22.67 16.84 59.59
C VAL E 58 23.56 17.12 60.77
N LEU E 59 23.24 16.55 61.95
CA LEU E 59 23.92 16.85 63.19
C LEU E 59 25.32 16.30 63.17
N GLY E 60 25.47 14.99 62.89
CA GLY E 60 26.76 14.32 62.90
C GLY E 60 27.07 13.95 64.32
N GLU E 61 28.38 13.85 64.65
CA GLU E 61 28.81 13.39 65.95
C GLU E 61 29.25 14.59 66.73
N LYS E 62 28.46 14.94 67.77
CA LYS E 62 28.65 16.06 68.66
C LYS E 62 28.60 17.37 67.92
N GLY E 63 27.61 17.54 67.02
CA GLY E 63 27.32 18.77 66.33
C GLY E 63 28.45 19.25 65.46
N ARG E 64 29.28 18.30 64.97
CA ARG E 64 30.47 18.54 64.21
C ARG E 64 30.24 19.30 62.94
N ARG E 65 29.15 18.96 62.21
CA ARG E 65 28.95 19.41 60.86
C ARG E 65 28.59 20.86 60.87
N ILE E 66 27.65 21.25 61.76
CA ILE E 66 27.23 22.62 61.97
C ILE E 66 28.38 23.52 62.38
N ARG E 67 29.39 23.00 63.12
CA ARG E 67 30.55 23.76 63.52
C ARG E 67 31.52 24.00 62.39
N GLU E 68 31.77 22.99 61.52
CA GLU E 68 32.62 23.17 60.36
C GLU E 68 32.12 24.25 59.43
N LEU E 69 30.80 24.18 59.12
CA LEU E 69 30.12 25.03 58.19
C LEU E 69 30.10 26.47 58.62
N THR E 70 30.01 26.73 59.94
CA THR E 70 29.91 28.07 60.47
C THR E 70 31.26 28.72 60.40
N ALA E 71 32.36 27.96 60.64
CA ALA E 71 33.70 28.49 60.56
C ALA E 71 34.08 28.88 59.17
N VAL E 72 33.60 28.14 58.14
CA VAL E 72 33.79 28.47 56.74
C VAL E 72 33.24 29.81 56.35
N VAL E 73 31.94 30.03 56.65
CA VAL E 73 31.16 31.19 56.25
C VAL E 73 31.69 32.44 56.92
N GLN E 74 32.22 32.27 58.16
CA GLN E 74 32.80 33.33 58.96
C GLN E 74 34.06 33.89 58.37
N LYS E 75 34.72 33.15 57.44
CA LYS E 75 35.98 33.54 56.86
C LYS E 75 35.77 33.96 55.45
N ARG E 76 34.78 33.37 54.73
CA ARG E 76 34.67 33.46 53.29
C ARG E 76 34.17 34.83 52.97
N PHE E 77 33.07 35.25 53.63
CA PHE E 77 32.48 36.55 53.42
C PHE E 77 33.10 37.56 54.35
N GLY E 78 34.13 37.14 55.12
CA GLY E 78 34.95 37.96 55.99
C GLY E 78 34.27 38.65 57.12
N PHE E 79 33.16 38.09 57.66
CA PHE E 79 32.53 38.61 58.85
C PHE E 79 33.41 38.39 60.08
N PRO E 80 33.49 39.29 61.05
CA PRO E 80 34.08 39.00 62.35
C PRO E 80 33.19 38.07 63.15
N GLU E 81 33.77 37.48 64.23
CA GLU E 81 33.17 36.45 65.04
C GLU E 81 31.89 36.90 65.70
N GLY E 82 30.96 35.94 65.93
CA GLY E 82 29.74 36.17 66.66
C GLY E 82 28.63 36.69 65.78
N SER E 83 28.86 36.74 64.45
CA SER E 83 27.90 37.20 63.48
C SER E 83 27.09 36.00 63.08
N VAL E 84 27.58 35.23 62.09
CA VAL E 84 26.93 34.08 61.53
C VAL E 84 26.75 33.00 62.56
N GLU E 85 25.51 32.45 62.62
CA GLU E 85 25.22 31.31 63.46
C GLU E 85 24.24 30.50 62.68
N LEU E 86 24.58 29.21 62.41
CA LEU E 86 23.72 28.30 61.70
C LEU E 86 22.80 27.67 62.70
N TYR E 87 21.64 27.20 62.21
CA TYR E 87 20.70 26.43 62.98
C TYR E 87 20.11 25.46 61.99
N ALA E 88 19.56 24.33 62.48
CA ALA E 88 18.94 23.34 61.64
C ALA E 88 17.47 23.38 61.96
N GLU E 89 16.66 22.70 61.13
CA GLU E 89 15.23 22.71 61.23
C GLU E 89 14.78 21.50 60.48
N LYS E 90 13.75 20.80 61.01
CA LYS E 90 13.15 19.69 60.33
C LYS E 90 11.85 20.15 59.73
N VAL E 91 11.64 19.78 58.43
CA VAL E 91 10.45 20.13 57.68
C VAL E 91 9.53 18.96 57.74
N ALA E 92 8.26 19.22 58.12
CA ALA E 92 7.22 18.23 58.17
C ALA E 92 6.54 18.20 56.84
N THR E 93 6.20 16.97 56.38
CA THR E 93 5.64 16.64 55.09
C THR E 93 6.69 16.81 54.03
N ARG E 94 7.18 15.67 53.47
CA ARG E 94 8.31 15.67 52.58
C ARG E 94 7.84 15.54 51.17
N GLY E 95 6.51 15.35 50.97
CA GLY E 95 5.94 15.14 49.66
C GLY E 95 5.68 16.43 48.97
N LEU E 96 5.96 17.57 49.64
CA LEU E 96 5.86 18.88 49.09
C LEU E 96 7.25 19.45 48.91
N CYS E 97 8.30 18.64 49.19
CA CYS E 97 9.66 19.10 49.19
C CYS E 97 10.31 18.59 47.96
N ALA E 98 9.88 19.07 46.77
CA ALA E 98 10.35 18.70 45.44
C ALA E 98 11.85 18.55 45.29
N ILE E 99 12.62 19.51 45.87
CA ILE E 99 14.05 19.56 45.87
C ILE E 99 14.69 18.34 46.50
N ALA E 100 14.09 17.84 47.60
CA ALA E 100 14.58 16.73 48.38
C ALA E 100 14.15 15.44 47.76
N GLN E 101 12.91 15.40 47.22
CA GLN E 101 12.33 14.30 46.48
C GLN E 101 13.12 13.98 45.25
N ALA E 102 13.69 15.01 44.60
CA ALA E 102 14.48 14.91 43.41
C ALA E 102 15.80 14.29 43.77
N GLU E 103 16.39 14.72 44.90
CA GLU E 103 17.68 14.24 45.36
C GLU E 103 17.56 12.87 45.96
N SER E 104 16.34 12.42 46.31
CA SER E 104 16.10 11.06 46.73
C SER E 104 16.11 10.14 45.54
N LEU E 105 15.45 10.57 44.43
CA LEU E 105 15.45 9.91 43.15
C LEU E 105 16.84 9.76 42.60
N ARG E 106 17.71 10.77 42.83
CA ARG E 106 19.08 10.79 42.40
C ARG E 106 19.86 9.62 42.97
N TYR E 107 19.85 9.47 44.31
CA TYR E 107 20.54 8.40 45.00
C TYR E 107 19.93 7.05 44.82
N LYS E 108 18.66 6.99 44.42
CA LYS E 108 18.02 5.71 44.16
C LYS E 108 18.54 5.20 42.82
N LEU E 109 18.71 6.13 41.89
CA LEU E 109 19.21 5.89 40.55
C LEU E 109 20.66 5.51 40.61
N LEU E 110 21.48 6.26 41.37
CA LEU E 110 22.89 6.01 41.53
C LEU E 110 23.14 4.77 42.34
N GLY E 111 22.11 4.29 43.08
CA GLY E 111 22.15 3.02 43.78
C GLY E 111 22.20 1.85 42.84
N GLY E 112 21.73 2.04 41.58
CA GLY E 112 21.73 1.02 40.56
C GLY E 112 20.36 0.42 40.56
N LEU E 113 19.47 0.95 39.69
CA LEU E 113 18.10 0.51 39.66
C LEU E 113 17.58 0.93 38.31
N ALA E 114 16.45 0.33 37.88
CA ALA E 114 15.75 0.65 36.66
C ALA E 114 15.01 1.94 36.87
N VAL E 115 14.43 2.50 35.80
CA VAL E 115 13.98 3.87 35.81
C VAL E 115 12.54 3.85 36.17
N ARG E 116 11.74 2.92 35.61
CA ARG E 116 10.30 2.87 35.81
C ARG E 116 9.96 2.63 37.25
N ARG E 117 10.55 1.59 37.83
CA ARG E 117 10.30 1.27 39.24
C ARG E 117 10.71 2.38 40.20
N ALA E 118 11.84 3.03 39.91
CA ALA E 118 12.32 4.09 40.78
C ALA E 118 11.38 5.27 40.78
N CYS E 119 10.92 5.66 39.57
CA CYS E 119 10.00 6.76 39.35
C CYS E 119 8.68 6.52 40.01
N TYR E 120 8.18 5.26 39.96
CA TYR E 120 6.92 4.84 40.56
C TYR E 120 6.98 4.99 42.06
N GLY E 121 8.13 4.66 42.67
CA GLY E 121 8.30 4.67 44.11
C GLY E 121 8.23 6.06 44.64
N VAL E 122 8.91 7.02 43.95
CA VAL E 122 8.86 8.42 44.28
C VAL E 122 7.48 9.00 44.06
N LEU E 123 6.73 8.49 43.06
CA LEU E 123 5.45 9.05 42.67
C LEU E 123 4.39 8.86 43.72
N ARG E 124 4.16 7.61 44.10
CA ARG E 124 3.12 7.28 45.08
C ARG E 124 3.36 7.95 46.44
N PHE E 125 4.62 8.11 46.81
CA PHE E 125 4.95 8.71 48.07
C PHE E 125 4.50 10.14 48.14
N ILE E 126 4.83 10.95 47.10
CA ILE E 126 4.48 12.35 47.06
C ILE E 126 3.03 12.59 46.85
N MET E 127 2.33 11.63 46.21
CA MET E 127 0.90 11.67 46.08
C MET E 127 0.20 11.34 47.38
N GLU E 128 0.72 10.34 48.12
CA GLU E 128 0.16 9.84 49.36
C GLU E 128 0.25 10.89 50.42
N SER E 129 1.40 11.61 50.48
CA SER E 129 1.67 12.64 51.46
C SER E 129 0.73 13.80 51.36
N GLY E 130 0.07 13.97 50.18
CA GLY E 130 -0.95 14.96 49.96
C GLY E 130 -0.49 15.92 48.91
N ALA E 131 -1.12 15.83 47.73
CA ALA E 131 -0.76 16.61 46.58
C ALA E 131 -1.95 16.53 45.69
N LYS E 132 -2.15 17.54 44.81
CA LYS E 132 -3.14 17.51 43.76
C LYS E 132 -2.71 16.56 42.69
N GLY E 133 -1.40 16.54 42.40
CA GLY E 133 -0.88 15.72 41.35
C GLY E 133 0.59 15.92 41.37
N CYS E 134 1.26 15.33 40.38
CA CYS E 134 2.69 15.18 40.43
C CYS E 134 3.09 14.56 39.13
N GLU E 135 4.39 14.66 38.82
CA GLU E 135 4.91 14.29 37.54
C GLU E 135 6.37 14.08 37.75
N VAL E 136 6.99 13.23 36.89
CA VAL E 136 8.39 12.93 36.94
C VAL E 136 8.69 12.73 35.49
N VAL E 137 9.91 13.11 35.05
CA VAL E 137 10.38 12.88 33.71
C VAL E 137 11.78 12.42 33.94
N VAL E 138 12.30 11.53 33.07
CA VAL E 138 13.70 11.18 33.05
C VAL E 138 14.02 11.05 31.61
N SER E 139 14.85 11.99 31.12
CA SER E 139 15.23 12.11 29.74
C SER E 139 16.72 11.96 29.64
N GLY E 140 17.18 11.06 28.76
CA GLY E 140 18.59 10.74 28.63
C GLY E 140 18.64 9.35 28.11
N LYS E 141 19.80 8.66 28.28
CA LYS E 141 20.03 7.38 27.67
C LYS E 141 19.62 6.29 28.60
N LEU E 142 19.38 5.08 28.03
CA LEU E 142 19.13 3.84 28.72
C LEU E 142 18.63 2.91 27.65
N ARG E 143 19.20 1.68 27.61
CA ARG E 143 18.89 0.62 26.67
C ARG E 143 19.05 1.05 25.25
N GLY E 144 20.28 1.48 24.93
CA GLY E 144 20.67 1.86 23.61
C GLY E 144 21.58 3.02 23.83
N GLN E 145 21.52 4.00 22.92
CA GLN E 145 22.43 5.10 22.92
C GLN E 145 21.82 6.21 22.11
N ARG E 146 20.55 6.03 21.69
CA ARG E 146 19.68 7.14 21.38
C ARG E 146 18.99 7.49 22.65
N ALA E 147 18.68 8.79 22.85
CA ALA E 147 18.07 9.28 24.05
C ALA E 147 16.60 9.06 23.95
N LYS E 148 15.88 9.13 25.09
CA LYS E 148 14.46 8.92 25.10
C LYS E 148 13.88 9.77 26.19
N SER E 149 12.57 9.57 26.49
CA SER E 149 11.93 10.17 27.62
C SER E 149 10.89 9.20 28.08
N MET E 150 10.66 9.21 29.39
CA MET E 150 9.68 8.37 30.07
C MET E 150 8.95 9.30 31.02
N LYS E 151 7.65 9.53 30.78
CA LYS E 151 6.88 10.42 31.60
C LYS E 151 5.96 9.59 32.41
N PHE E 152 5.79 9.99 33.69
CA PHE E 152 5.00 9.28 34.66
C PHE E 152 4.21 10.36 35.29
N VAL E 153 2.86 10.28 35.25
CA VAL E 153 2.02 11.42 35.52
C VAL E 153 0.86 10.87 36.31
N ASP E 154 0.37 11.66 37.29
CA ASP E 154 -0.81 11.34 38.02
C ASP E 154 -1.36 12.66 38.49
N GLY E 155 -2.71 12.79 38.49
CA GLY E 155 -3.40 13.89 39.12
C GLY E 155 -3.55 15.04 38.19
N LEU E 156 -3.54 16.27 38.74
CA LEU E 156 -3.77 17.49 38.01
C LEU E 156 -2.45 18.16 37.86
N MET E 157 -2.35 19.09 36.88
CA MET E 157 -1.16 19.85 36.70
C MET E 157 -1.62 21.09 35.98
N ILE E 158 -0.84 22.18 36.07
CA ILE E 158 -1.09 23.40 35.34
C ILE E 158 0.20 23.72 34.68
N HIS E 159 0.16 24.64 33.70
CA HIS E 159 1.33 24.95 32.93
C HIS E 159 1.24 26.36 32.45
N SER E 160 0.08 27.04 32.61
CA SER E 160 -0.13 28.34 32.02
C SER E 160 -0.67 29.28 33.05
N GLY E 161 -0.43 30.59 32.82
CA GLY E 161 -0.88 31.68 33.65
C GLY E 161 -0.02 31.85 34.86
N ASP E 162 -0.35 32.90 35.65
CA ASP E 162 0.25 33.23 36.92
C ASP E 162 0.06 32.23 38.06
N PRO E 163 -0.96 31.38 38.19
CA PRO E 163 -1.10 30.40 39.27
C PRO E 163 0.05 29.45 39.42
N VAL E 164 0.85 29.25 38.34
CA VAL E 164 2.02 28.40 38.25
C VAL E 164 3.03 28.76 39.32
N ASN E 165 3.12 30.05 39.67
CA ASN E 165 4.00 30.59 40.69
C ASN E 165 3.60 30.18 42.08
N TYR E 166 2.30 29.95 42.33
CA TYR E 166 1.82 29.56 43.64
C TYR E 166 1.86 28.06 43.73
N TYR E 167 1.12 27.38 42.83
CA TYR E 167 0.70 26.02 43.06
C TYR E 167 1.66 24.97 42.57
N VAL E 168 2.86 25.28 42.02
CA VAL E 168 3.81 24.20 41.79
C VAL E 168 5.15 24.65 42.26
N ASP E 169 5.99 23.64 42.59
CA ASP E 169 7.40 23.80 42.83
C ASP E 169 8.05 22.82 41.89
N THR E 170 9.30 23.12 41.48
CA THR E 170 9.95 22.45 40.39
C THR E 170 11.41 22.38 40.73
N ALA E 171 12.05 21.24 40.37
CA ALA E 171 13.42 20.97 40.69
C ALA E 171 13.98 20.35 39.46
N VAL E 172 15.31 20.43 39.29
CA VAL E 172 16.03 19.91 38.16
C VAL E 172 17.28 19.39 38.79
N ARG E 173 17.75 18.19 38.36
CA ARG E 173 18.91 17.58 38.94
C ARG E 173 19.55 16.79 37.85
N HIS E 174 20.89 16.91 37.76
CA HIS E 174 21.69 16.13 36.87
C HIS E 174 22.13 14.97 37.69
N VAL E 175 22.16 13.77 37.10
CA VAL E 175 22.68 12.61 37.77
C VAL E 175 23.59 11.96 36.77
N LEU E 176 24.76 11.50 37.26
CA LEU E 176 25.83 10.97 36.45
C LEU E 176 25.70 9.48 36.39
N LEU E 177 26.34 8.89 35.37
CA LEU E 177 26.57 7.48 35.32
C LEU E 177 27.82 7.34 34.50
N ARG E 178 28.37 6.11 34.49
CA ARG E 178 29.59 5.73 33.83
C ARG E 178 29.51 5.95 32.35
N GLN E 179 28.31 5.78 31.75
CA GLN E 179 28.08 6.08 30.37
C GLN E 179 26.99 7.09 30.38
N GLY E 180 27.34 8.36 30.03
CA GLY E 180 26.45 9.48 29.86
C GLY E 180 25.78 9.95 31.12
N VAL E 181 24.86 10.93 30.95
CA VAL E 181 24.29 11.73 32.01
C VAL E 181 22.81 11.58 31.80
N LEU E 182 22.00 11.70 32.87
CA LEU E 182 20.57 11.63 32.78
C LEU E 182 20.05 12.85 33.48
N GLY E 183 18.96 13.40 32.93
CA GLY E 183 18.35 14.62 33.39
C GLY E 183 17.09 14.22 34.09
N ILE E 184 16.88 14.78 35.30
CA ILE E 184 15.75 14.52 36.14
C ILE E 184 15.01 15.84 36.17
N LYS E 185 13.67 15.77 36.29
CA LYS E 185 12.86 16.94 36.47
C LYS E 185 11.72 16.40 37.26
N VAL E 186 11.26 17.19 38.24
CA VAL E 186 10.21 16.81 39.15
C VAL E 186 9.38 18.04 39.27
N LYS E 187 8.04 17.85 39.24
CA LYS E 187 7.07 18.92 39.30
C LYS E 187 5.97 18.38 40.14
N ILE E 188 5.51 19.14 41.16
CA ILE E 188 4.62 18.63 42.17
C ILE E 188 3.73 19.79 42.44
N MET E 189 2.43 19.50 42.73
CA MET E 189 1.40 20.49 42.79
C MET E 189 0.88 20.44 44.19
N LEU E 190 0.76 21.63 44.82
CA LEU E 190 0.54 21.77 46.24
C LEU E 190 -0.93 21.70 46.56
N PRO E 191 -1.37 21.15 47.69
CA PRO E 191 -2.75 20.76 47.86
C PRO E 191 -3.59 21.85 48.45
N TRP E 192 -2.99 22.78 49.25
CA TRP E 192 -3.71 23.76 50.04
C TRP E 192 -4.38 24.75 49.12
N ASP E 193 -5.63 25.17 49.44
CA ASP E 193 -6.30 26.19 48.68
C ASP E 193 -7.21 26.97 49.62
N PRO E 194 -8.46 26.70 49.99
CA PRO E 194 -9.17 27.58 50.91
C PRO E 194 -8.77 27.39 52.35
N SER E 195 -9.00 26.19 52.94
CA SER E 195 -8.77 25.90 54.33
C SER E 195 -7.44 25.25 54.41
N GLY E 196 -6.51 25.93 55.10
CA GLY E 196 -5.13 25.52 55.23
C GLY E 196 -4.40 26.23 54.12
N LYS E 197 -3.19 26.78 54.35
CA LYS E 197 -2.51 26.90 55.62
C LYS E 197 -3.19 27.79 56.64
N ILE E 198 -3.90 28.92 56.31
CA ILE E 198 -4.18 29.59 55.07
C ILE E 198 -2.91 30.13 54.49
N GLY E 199 -2.68 29.88 53.18
CA GLY E 199 -1.57 30.44 52.47
C GLY E 199 -2.02 30.64 51.05
N PRO E 200 -2.11 29.63 50.20
CA PRO E 200 -2.64 29.71 48.85
C PRO E 200 -3.95 30.43 48.71
N LYS E 201 -4.10 31.19 47.61
CA LYS E 201 -5.24 32.01 47.33
C LYS E 201 -6.30 31.15 46.71
N LYS E 202 -7.52 31.71 46.60
CA LYS E 202 -8.70 31.00 46.14
C LYS E 202 -8.65 30.45 44.72
N PRO E 203 -8.18 31.09 43.63
CA PRO E 203 -8.30 30.58 42.26
C PRO E 203 -7.86 29.17 42.05
N LEU E 204 -8.80 28.34 41.57
CA LEU E 204 -8.65 26.93 41.32
C LEU E 204 -7.84 26.77 40.05
N PRO E 205 -7.19 25.62 39.79
CA PRO E 205 -6.23 25.38 38.71
C PRO E 205 -6.46 26.05 37.37
N ASP E 206 -7.63 25.83 36.73
CA ASP E 206 -7.80 26.17 35.34
C ASP E 206 -9.28 26.22 35.07
N HIS E 207 -10.10 26.10 36.14
CA HIS E 207 -11.48 26.47 36.12
C HIS E 207 -11.69 27.05 37.48
N VAL E 208 -11.90 28.38 37.56
CA VAL E 208 -11.95 29.09 38.82
C VAL E 208 -13.39 29.00 39.25
N SER E 209 -13.62 28.48 40.48
CA SER E 209 -14.92 28.03 40.91
C SER E 209 -15.36 28.79 42.13
N ILE E 210 -16.69 28.79 42.33
CA ILE E 210 -17.40 29.50 43.36
C ILE E 210 -17.96 28.39 44.22
N VAL E 211 -17.96 28.60 45.55
CA VAL E 211 -18.47 27.66 46.53
C VAL E 211 -19.60 28.39 47.19
N GLU E 212 -20.78 27.74 47.25
CA GLU E 212 -22.02 28.42 47.51
C GLU E 212 -22.69 27.68 48.65
N PRO E 213 -22.81 28.25 49.86
CA PRO E 213 -23.63 27.75 50.96
C PRO E 213 -25.10 27.62 50.60
N LYS E 214 -25.90 26.89 51.39
CA LYS E 214 -27.31 26.69 51.11
C LYS E 214 -28.10 27.02 52.34
N ASP E 215 -29.27 27.68 52.14
CA ASP E 215 -30.33 27.90 53.10
C ASP E 215 -31.17 28.97 52.47
N GLU E 216 -32.52 28.80 52.56
CA GLU E 216 -33.51 29.69 52.00
C GLU E 216 -34.84 29.03 52.28
N ILE E 217 -35.52 29.47 53.37
CA ILE E 217 -36.84 29.02 53.78
C ILE E 217 -37.49 30.20 54.45
N LEU E 218 -38.80 30.10 54.76
CA LEU E 218 -39.51 31.01 55.63
C LEU E 218 -40.42 30.18 56.48
N PRO E 219 -40.92 30.71 57.61
CA PRO E 219 -42.02 30.03 58.28
C PRO E 219 -43.07 31.04 58.72
N THR E 220 -42.99 32.31 58.26
CA THR E 220 -43.71 33.44 58.83
C THR E 220 -45.22 33.34 58.78
N THR E 221 -45.88 33.78 59.88
CA THR E 221 -47.32 33.92 60.03
C THR E 221 -47.49 35.06 61.02
N PRO E 222 -48.58 35.82 61.05
CA PRO E 222 -48.73 37.00 61.91
C PRO E 222 -48.58 36.68 63.38
N ILE E 223 -47.63 37.34 64.08
CA ILE E 223 -47.48 37.23 65.51
C ILE E 223 -46.64 38.41 65.92
N SER E 224 -46.81 38.86 67.18
CA SER E 224 -45.99 39.88 67.78
C SER E 224 -45.50 39.26 69.04
N GLU E 225 -44.18 39.41 69.31
CA GLU E 225 -43.55 38.85 70.49
C GLU E 225 -43.08 40.05 71.24
N GLN E 226 -43.78 40.37 72.34
CA GLN E 226 -43.57 41.60 73.06
C GLN E 226 -42.60 41.29 74.15
N LYS E 227 -41.55 42.13 74.27
CA LYS E 227 -40.49 41.96 75.22
C LYS E 227 -40.41 43.21 76.11
N MET F 1 18.49 -71.14 -13.48
CA MET F 1 19.04 -72.52 -13.60
C MET F 1 17.90 -73.48 -13.75
N ALA F 2 17.86 -74.23 -14.88
CA ALA F 2 16.66 -74.87 -15.32
C ALA F 2 16.99 -75.57 -16.60
N ARG F 3 18.22 -76.13 -16.69
CA ARG F 3 18.59 -77.05 -17.74
C ARG F 3 18.44 -78.46 -17.26
N GLY F 4 17.94 -78.67 -16.02
CA GLY F 4 17.60 -79.99 -15.59
C GLY F 4 17.11 -79.92 -14.17
N PRO F 5 16.93 -81.05 -13.52
CA PRO F 5 16.37 -81.13 -12.18
C PRO F 5 17.39 -80.73 -11.13
N LYS F 6 16.93 -80.10 -10.04
CA LYS F 6 17.76 -79.60 -8.97
C LYS F 6 17.99 -80.72 -7.99
N LYS F 7 18.98 -80.56 -7.09
CA LYS F 7 19.42 -81.63 -6.23
C LYS F 7 19.68 -81.09 -4.85
N HIS F 8 19.86 -79.76 -4.69
CA HIS F 8 20.02 -79.14 -3.39
C HIS F 8 18.65 -78.74 -2.93
N LEU F 9 18.47 -78.62 -1.60
CA LEU F 9 17.27 -78.08 -1.01
C LEU F 9 17.74 -77.24 0.13
N LYS F 10 17.19 -76.02 0.29
CA LYS F 10 17.65 -75.10 1.30
C LYS F 10 16.98 -75.45 2.61
N ARG F 11 17.27 -74.66 3.67
CA ARG F 11 16.71 -74.88 4.99
C ARG F 11 15.54 -73.98 5.21
N VAL F 12 15.39 -72.95 4.36
CA VAL F 12 14.58 -71.81 4.69
C VAL F 12 13.41 -71.90 3.75
N ALA F 13 13.42 -72.90 2.84
CA ALA F 13 12.27 -73.29 2.06
C ALA F 13 11.94 -74.72 2.34
N ALA F 14 12.61 -75.36 3.34
CA ALA F 14 12.34 -76.72 3.74
C ALA F 14 10.93 -76.85 4.30
N PRO F 15 10.19 -77.94 4.08
CA PRO F 15 8.86 -78.15 4.63
C PRO F 15 8.83 -78.03 6.12
N LYS F 16 7.97 -77.15 6.67
CA LYS F 16 8.04 -76.77 8.05
C LYS F 16 7.08 -77.59 8.84
N HIS F 17 7.66 -78.58 9.54
CA HIS F 17 7.00 -79.53 10.42
C HIS F 17 8.01 -80.59 10.68
N TRP F 18 9.28 -80.34 10.27
CA TRP F 18 10.41 -81.13 10.65
C TRP F 18 11.13 -80.43 11.77
N MET F 19 10.69 -79.19 12.10
CA MET F 19 11.15 -78.41 13.22
C MET F 19 12.63 -78.14 13.18
N LEU F 20 13.13 -77.63 12.03
CA LEU F 20 14.53 -77.34 11.83
C LEU F 20 14.83 -75.99 12.40
N ASP F 21 16.13 -75.73 12.64
CA ASP F 21 16.66 -74.49 13.16
C ASP F 21 17.03 -73.65 11.96
N LYS F 22 18.02 -72.73 12.10
CA LYS F 22 18.44 -71.95 10.98
C LYS F 22 19.80 -71.38 11.22
N LEU F 23 20.50 -71.80 12.30
CA LEU F 23 21.85 -71.33 12.57
C LEU F 23 22.86 -72.40 12.28
N THR F 24 22.40 -73.60 11.83
CA THR F 24 23.19 -74.50 11.04
C THR F 24 23.03 -74.07 9.61
N SER F 25 23.88 -74.59 8.70
CA SER F 25 24.13 -74.02 7.39
C SER F 25 22.92 -74.05 6.48
N VAL F 26 23.12 -73.48 5.27
CA VAL F 26 22.11 -73.24 4.28
C VAL F 26 21.30 -74.45 3.86
N PHE F 27 21.89 -75.66 3.74
CA PHE F 27 21.18 -76.78 3.17
C PHE F 27 20.39 -77.50 4.22
N ALA F 28 19.35 -78.26 3.78
CA ALA F 28 18.61 -79.20 4.60
C ALA F 28 18.58 -80.49 3.82
N PRO F 29 18.20 -81.63 4.40
CA PRO F 29 18.43 -82.95 3.83
C PRO F 29 17.96 -83.22 2.44
N ARG F 30 16.72 -82.81 2.06
CA ARG F 30 16.08 -83.13 0.80
C ARG F 30 15.66 -84.59 0.77
N PRO F 31 14.39 -84.96 0.68
CA PRO F 31 14.00 -86.35 0.50
C PRO F 31 14.41 -86.79 -0.88
N SER F 32 14.96 -88.01 -1.01
CA SER F 32 15.25 -88.60 -2.30
C SER F 32 13.96 -89.18 -2.80
N THR F 33 13.93 -89.57 -4.10
CA THR F 33 12.74 -90.08 -4.75
C THR F 33 12.31 -91.36 -4.10
N GLY F 34 10.98 -91.59 -3.99
CA GLY F 34 10.51 -92.79 -3.36
C GLY F 34 9.02 -92.84 -3.45
N PRO F 35 8.32 -93.47 -2.52
CA PRO F 35 6.91 -93.76 -2.70
C PRO F 35 6.04 -92.66 -2.19
N HIS F 36 6.49 -91.84 -1.21
CA HIS F 36 5.64 -90.83 -0.63
C HIS F 36 6.02 -89.51 -1.19
N LYS F 37 5.06 -88.55 -1.13
CA LYS F 37 5.17 -87.23 -1.70
C LYS F 37 6.17 -86.46 -0.89
N LEU F 38 6.94 -85.55 -1.52
CA LEU F 38 8.12 -84.93 -0.93
C LEU F 38 7.79 -84.15 0.31
N ARG F 39 6.71 -83.35 0.27
CA ARG F 39 6.17 -82.61 1.38
C ARG F 39 5.69 -83.47 2.52
N GLU F 40 5.17 -84.67 2.23
CA GLU F 40 4.56 -85.55 3.20
C GLU F 40 5.59 -86.50 3.79
N CYS F 41 6.88 -86.36 3.42
CA CYS F 41 7.87 -87.29 3.90
C CYS F 41 8.46 -86.73 5.14
N LEU F 42 9.08 -87.63 5.92
CA LEU F 42 10.02 -87.29 6.93
C LEU F 42 11.22 -88.09 6.53
N PRO F 43 12.28 -87.51 5.97
CA PRO F 43 13.58 -88.13 5.77
C PRO F 43 14.10 -88.82 6.99
N LEU F 44 14.91 -89.89 6.78
CA LEU F 44 15.27 -90.86 7.76
C LEU F 44 16.08 -90.22 8.84
N ILE F 45 17.12 -89.45 8.44
CA ILE F 45 18.09 -88.82 9.30
C ILE F 45 17.48 -87.87 10.30
N ILE F 46 16.34 -87.24 9.99
CA ILE F 46 15.65 -86.36 10.90
C ILE F 46 14.98 -87.11 12.04
N PHE F 47 14.67 -88.41 11.87
CA PHE F 47 14.15 -89.22 12.94
C PHE F 47 15.24 -89.71 13.86
N LEU F 48 16.52 -89.67 13.41
CA LEU F 48 17.58 -90.38 14.08
C LEU F 48 18.63 -89.48 14.66
N ARG F 49 18.46 -88.14 14.58
CA ARG F 49 19.46 -87.28 15.18
C ARG F 49 18.87 -85.93 15.39
N ASN F 50 17.62 -85.73 14.95
CA ASN F 50 16.93 -84.49 15.17
C ASN F 50 15.62 -84.81 15.84
N LYS F 51 15.50 -86.04 16.38
CA LYS F 51 14.41 -86.43 17.24
C LYS F 51 15.01 -87.18 18.38
N LEU F 52 15.45 -88.44 18.16
CA LEU F 52 15.72 -89.37 19.24
C LEU F 52 17.15 -89.29 19.68
N LYS F 53 18.02 -88.61 18.91
CA LYS F 53 19.38 -88.27 19.26
C LYS F 53 20.24 -89.45 19.58
N TYR F 54 20.19 -90.50 18.74
CA TYR F 54 21.18 -91.55 18.75
C TYR F 54 22.49 -91.02 18.24
N ALA F 55 22.41 -90.21 17.17
CA ALA F 55 23.55 -89.65 16.50
C ALA F 55 23.53 -88.19 16.77
N LEU F 56 24.61 -87.49 16.36
CA LEU F 56 24.85 -86.12 16.71
C LEU F 56 25.35 -85.43 15.48
N THR F 57 25.85 -86.19 14.47
CA THR F 57 26.28 -85.64 13.21
C THR F 57 25.72 -86.56 12.16
N GLY F 58 25.66 -86.09 10.90
CA GLY F 58 25.08 -86.86 9.82
C GLY F 58 25.89 -88.08 9.46
N ASP F 59 27.22 -88.05 9.74
CA ASP F 59 28.13 -89.12 9.44
C ASP F 59 27.89 -90.29 10.34
N GLU F 60 27.41 -90.01 11.57
CA GLU F 60 27.07 -90.99 12.57
C GLU F 60 25.87 -91.79 12.12
N VAL F 61 24.84 -91.13 11.51
CA VAL F 61 23.65 -91.79 11.00
C VAL F 61 23.98 -92.73 9.87
N LYS F 62 24.95 -92.37 9.00
CA LYS F 62 25.47 -93.19 7.94
C LYS F 62 26.14 -94.43 8.46
N LYS F 63 26.70 -94.36 9.68
CA LYS F 63 27.43 -95.43 10.31
C LYS F 63 26.49 -96.40 11.00
N ILE F 64 25.21 -96.01 11.18
CA ILE F 64 24.18 -96.82 11.77
C ILE F 64 23.61 -97.58 10.61
N CYS F 65 23.18 -96.87 9.54
CA CYS F 65 22.55 -97.46 8.38
C CYS F 65 23.39 -98.51 7.69
N MET F 66 24.74 -98.33 7.66
CA MET F 66 25.68 -99.27 7.09
C MET F 66 25.76 -100.60 7.78
N GLN F 67 25.44 -100.65 9.09
CA GLN F 67 25.51 -101.87 9.83
C GLN F 67 24.18 -102.55 9.78
N ARG F 68 23.18 -101.90 9.13
CA ARG F 68 21.89 -102.44 8.81
C ARG F 68 21.14 -102.92 10.02
N PHE F 69 20.86 -101.98 10.95
CA PHE F 69 19.99 -102.24 12.08
C PHE F 69 18.62 -101.71 11.77
N ILE F 70 18.48 -100.93 10.67
CA ILE F 70 17.27 -100.21 10.36
C ILE F 70 16.50 -101.07 9.40
N LYS F 71 15.16 -101.12 9.55
CA LYS F 71 14.29 -101.68 8.56
C LYS F 71 13.18 -100.68 8.40
N ILE F 72 12.41 -100.81 7.31
CA ILE F 72 11.21 -100.04 7.08
C ILE F 72 10.40 -101.01 6.30
N ASP F 73 9.17 -101.30 6.79
CA ASP F 73 8.21 -102.22 6.22
C ASP F 73 8.77 -103.60 6.05
N GLY F 74 9.66 -104.02 6.98
CA GLY F 74 10.23 -105.33 7.05
C GLY F 74 11.35 -105.58 6.09
N LYS F 75 11.72 -104.58 5.26
CA LYS F 75 12.83 -104.71 4.34
C LYS F 75 13.90 -103.79 4.85
N VAL F 76 15.12 -103.89 4.29
CA VAL F 76 16.25 -103.18 4.82
C VAL F 76 16.49 -102.04 3.89
N ARG F 77 16.68 -100.84 4.45
CA ARG F 77 16.98 -99.63 3.73
C ARG F 77 18.23 -99.14 4.38
N ALA F 78 19.02 -98.32 3.66
CA ALA F 78 20.37 -98.05 4.09
C ALA F 78 20.80 -96.70 3.59
N ASP F 79 19.83 -95.86 3.14
CA ASP F 79 20.08 -94.48 2.77
C ASP F 79 19.96 -93.65 4.01
N ILE F 80 20.44 -92.39 3.94
CA ILE F 80 20.31 -91.46 5.03
C ILE F 80 19.16 -90.53 4.77
N THR F 81 18.54 -90.60 3.57
CA THR F 81 17.48 -89.70 3.17
C THR F 81 16.46 -90.54 2.47
N TYR F 82 16.17 -91.74 3.01
CA TYR F 82 15.07 -92.56 2.56
C TYR F 82 13.76 -91.82 2.86
N PRO F 83 12.76 -91.81 2.00
CA PRO F 83 11.62 -90.95 2.18
C PRO F 83 10.47 -91.76 2.73
N ALA F 84 10.47 -92.00 4.05
CA ALA F 84 9.36 -92.61 4.75
C ALA F 84 8.34 -91.58 5.07
N GLY F 85 7.05 -91.98 5.07
CA GLY F 85 5.95 -91.08 5.25
C GLY F 85 4.95 -91.75 6.12
N PHE F 86 3.69 -91.26 6.07
CA PHE F 86 2.57 -91.69 6.88
C PHE F 86 2.29 -93.16 6.71
N MET F 87 1.96 -93.84 7.85
CA MET F 87 1.67 -95.25 7.93
C MET F 87 2.79 -96.09 7.41
N ASP F 88 3.94 -96.02 8.09
CA ASP F 88 4.97 -97.00 7.93
C ASP F 88 5.43 -97.32 9.32
N VAL F 89 6.14 -98.45 9.47
CA VAL F 89 6.64 -98.90 10.74
C VAL F 89 8.12 -98.99 10.55
N ILE F 90 8.86 -98.39 11.49
CA ILE F 90 10.30 -98.48 11.56
C ILE F 90 10.52 -99.55 12.57
N SER F 91 11.65 -100.29 12.46
CA SER F 91 11.89 -101.44 13.29
C SER F 91 13.36 -101.48 13.47
N ILE F 92 13.79 -101.26 14.73
CA ILE F 92 15.14 -101.46 15.15
C ILE F 92 15.08 -102.70 15.98
N ASP F 93 15.84 -103.73 15.55
CA ASP F 93 15.78 -105.05 16.09
C ASP F 93 16.92 -105.26 17.06
N LYS F 94 17.71 -104.20 17.30
CA LYS F 94 18.86 -104.23 18.15
C LYS F 94 18.49 -103.50 19.42
N THR F 95 17.21 -103.07 19.54
CA THR F 95 16.68 -102.45 20.72
C THR F 95 15.39 -103.16 21.08
N GLY F 96 14.76 -103.84 20.09
CA GLY F 96 13.50 -104.53 20.29
C GLY F 96 12.33 -103.60 20.19
N GLU F 97 12.49 -102.48 19.46
CA GLU F 97 11.57 -101.37 19.46
C GLU F 97 10.94 -101.28 18.10
N ASN F 98 9.73 -100.71 18.07
CA ASN F 98 9.01 -100.49 16.85
C ASN F 98 8.28 -99.21 17.08
N PHE F 99 8.28 -98.38 16.02
CA PHE F 99 7.73 -97.06 15.99
C PHE F 99 6.63 -97.10 15.00
N ARG F 100 5.80 -96.04 14.97
CA ARG F 100 4.84 -95.84 13.93
C ARG F 100 4.84 -94.37 13.66
N LEU F 101 4.64 -94.00 12.39
CA LEU F 101 4.62 -92.64 11.92
C LEU F 101 3.17 -92.32 11.76
N ILE F 102 2.68 -91.35 12.56
CA ILE F 102 1.29 -90.98 12.58
C ILE F 102 1.35 -89.51 12.91
N TYR F 103 0.22 -88.80 12.71
CA TYR F 103 0.12 -87.39 12.91
C TYR F 103 -0.32 -87.14 14.31
N ASP F 104 0.44 -86.24 14.98
CA ASP F 104 0.04 -85.51 16.15
C ASP F 104 -1.17 -84.64 15.85
N THR F 105 -1.84 -84.17 16.91
CA THR F 105 -2.95 -83.27 16.84
C THR F 105 -2.53 -81.88 16.39
N LYS F 106 -1.22 -81.54 16.48
CA LYS F 106 -0.67 -80.28 16.01
C LYS F 106 -0.07 -80.47 14.65
N GLY F 107 -0.28 -81.65 14.02
CA GLY F 107 0.02 -81.86 12.63
C GLY F 107 1.47 -82.07 12.31
N ARG F 108 2.18 -82.92 13.07
CA ARG F 108 3.56 -83.19 12.77
C ARG F 108 3.78 -84.60 13.22
N PHE F 109 4.72 -85.33 12.55
CA PHE F 109 4.94 -86.74 12.76
C PHE F 109 5.53 -86.98 14.12
N ALA F 110 4.82 -87.74 14.98
CA ALA F 110 5.27 -87.93 16.34
C ALA F 110 5.96 -89.27 16.46
N VAL F 111 6.41 -89.60 17.69
CA VAL F 111 6.96 -90.87 18.05
C VAL F 111 5.82 -91.60 18.70
N HIS F 112 5.38 -92.71 18.08
CA HIS F 112 4.31 -93.52 18.61
C HIS F 112 4.76 -94.94 18.64
N ARG F 113 5.42 -95.35 19.75
CA ARG F 113 5.88 -96.71 19.92
C ARG F 113 4.69 -97.63 20.07
N ILE F 114 4.89 -98.93 19.75
CA ILE F 114 3.79 -99.85 19.56
C ILE F 114 4.33 -101.20 19.87
N THR F 115 3.41 -102.16 20.11
CA THR F 115 3.67 -103.57 20.23
C THR F 115 4.27 -104.13 18.95
N PRO F 116 5.09 -105.17 18.98
CA PRO F 116 5.52 -105.90 17.80
C PRO F 116 4.37 -106.53 17.07
N GLU F 117 3.25 -106.83 17.77
CA GLU F 117 2.06 -107.43 17.23
C GLU F 117 1.38 -106.54 16.23
N GLU F 118 1.22 -105.24 16.57
CA GLU F 118 0.69 -104.23 15.67
C GLU F 118 1.61 -103.97 14.52
N ALA F 119 2.94 -104.03 14.78
CA ALA F 119 3.99 -103.83 13.81
C ALA F 119 4.19 -105.07 12.97
N LYS F 120 3.18 -105.42 12.14
CA LYS F 120 3.23 -106.49 11.20
C LYS F 120 2.28 -106.14 10.09
N TYR F 121 1.82 -104.87 10.04
CA TYR F 121 0.83 -104.47 9.08
C TYR F 121 0.72 -102.97 9.15
N LYS F 122 0.10 -102.39 8.10
CA LYS F 122 -0.15 -100.98 8.02
C LYS F 122 -1.40 -100.78 7.23
N LEU F 123 -1.95 -99.55 7.29
CA LEU F 123 -3.21 -99.20 6.69
C LEU F 123 -2.87 -98.45 5.43
N CYS F 124 -3.51 -98.83 4.30
CA CYS F 124 -3.15 -98.35 2.99
C CYS F 124 -4.42 -97.93 2.32
N LYS F 125 -4.45 -96.72 1.72
CA LYS F 125 -5.61 -96.19 1.03
C LYS F 125 -5.59 -96.72 -0.38
N VAL F 126 -6.78 -96.99 -0.97
CA VAL F 126 -6.92 -97.36 -2.36
C VAL F 126 -7.12 -96.08 -3.11
N ARG F 127 -6.48 -95.95 -4.28
CA ARG F 127 -6.55 -94.72 -5.04
C ARG F 127 -6.98 -94.99 -6.44
N LYS F 128 -6.64 -96.17 -7.00
CA LYS F 128 -6.93 -96.40 -8.39
C LYS F 128 -7.14 -97.87 -8.55
N ILE F 129 -8.06 -98.22 -9.47
CA ILE F 129 -8.33 -99.57 -9.88
C ILE F 129 -8.10 -99.52 -11.35
N PHE F 130 -7.36 -100.51 -11.88
CA PHE F 130 -6.81 -100.43 -13.21
C PHE F 130 -6.77 -101.84 -13.67
N VAL F 131 -7.44 -102.14 -14.82
CA VAL F 131 -7.41 -103.45 -15.40
C VAL F 131 -6.19 -103.50 -16.28
N GLY F 132 -5.26 -104.44 -15.98
CA GLY F 132 -4.09 -104.69 -16.80
C GLY F 132 -4.45 -105.64 -17.90
N THR F 133 -3.44 -106.14 -18.64
CA THR F 133 -3.66 -107.06 -19.74
C THR F 133 -4.09 -108.39 -19.22
N LYS F 134 -4.90 -109.10 -20.05
CA LYS F 134 -5.39 -110.44 -19.82
C LYS F 134 -6.33 -110.49 -18.65
N GLY F 135 -7.17 -109.44 -18.51
CA GLY F 135 -8.22 -109.33 -17.53
C GLY F 135 -7.83 -109.59 -16.11
N ILE F 136 -6.85 -108.82 -15.57
CA ILE F 136 -6.40 -108.97 -14.20
C ILE F 136 -6.69 -107.62 -13.63
N PRO F 137 -7.22 -107.44 -12.42
CA PRO F 137 -7.39 -106.10 -11.87
C PRO F 137 -6.20 -105.77 -11.02
N HIS F 138 -6.10 -104.51 -10.52
CA HIS F 138 -5.00 -104.07 -9.69
C HIS F 138 -5.49 -103.10 -8.67
N LEU F 139 -4.70 -102.91 -7.59
CA LEU F 139 -4.88 -101.81 -6.68
C LEU F 139 -3.66 -100.95 -6.82
N VAL F 140 -3.75 -99.69 -6.36
CA VAL F 140 -2.67 -98.74 -6.30
C VAL F 140 -2.94 -98.02 -5.02
N THR F 141 -1.88 -97.76 -4.21
CA THR F 141 -2.03 -97.23 -2.89
C THR F 141 -1.14 -96.01 -2.79
N HIS F 142 -1.24 -95.26 -1.67
CA HIS F 142 -0.49 -94.03 -1.47
C HIS F 142 0.95 -94.29 -1.14
N ASP F 143 1.26 -95.52 -0.69
CA ASP F 143 2.60 -96.01 -0.49
C ASP F 143 3.05 -96.74 -1.73
N ALA F 144 2.26 -96.64 -2.82
CA ALA F 144 2.61 -96.99 -4.17
C ALA F 144 2.99 -98.42 -4.34
N ARG F 145 2.09 -99.34 -3.93
CA ARG F 145 2.30 -100.76 -4.05
C ARG F 145 1.19 -101.25 -4.92
N THR F 146 1.53 -102.21 -5.80
CA THR F 146 0.64 -102.78 -6.77
C THR F 146 0.43 -104.20 -6.37
N ILE F 147 -0.81 -104.51 -5.94
CA ILE F 147 -1.19 -105.76 -5.36
C ILE F 147 -2.14 -106.31 -6.37
N ARG F 148 -1.81 -107.49 -6.94
CA ARG F 148 -2.54 -108.04 -8.06
C ARG F 148 -3.61 -108.94 -7.54
N TYR F 149 -4.63 -109.17 -8.38
CA TYR F 149 -5.81 -109.94 -8.09
C TYR F 149 -6.56 -109.52 -6.84
N PRO F 150 -7.01 -108.29 -6.64
CA PRO F 150 -7.92 -107.96 -5.55
C PRO F 150 -9.31 -108.47 -5.83
N ASP F 151 -10.03 -108.90 -4.77
CA ASP F 151 -11.42 -109.33 -4.85
C ASP F 151 -12.27 -108.15 -5.27
N PRO F 152 -13.28 -108.26 -6.14
CA PRO F 152 -13.93 -107.07 -6.65
C PRO F 152 -15.10 -106.75 -5.74
N LEU F 153 -14.93 -105.69 -4.94
CA LEU F 153 -15.94 -105.03 -4.15
C LEU F 153 -15.24 -103.91 -3.43
N ILE F 154 -13.91 -103.77 -3.63
CA ILE F 154 -13.09 -102.76 -3.01
C ILE F 154 -13.08 -101.66 -4.02
N LYS F 155 -13.30 -100.41 -3.56
CA LYS F 155 -13.39 -99.25 -4.39
C LYS F 155 -12.51 -98.21 -3.78
N MET F 156 -12.35 -97.06 -4.47
CA MET F 156 -11.40 -96.05 -4.09
C MET F 156 -11.94 -95.25 -2.94
N ASN F 157 -11.01 -94.77 -2.08
CA ASN F 157 -11.22 -94.11 -0.82
C ASN F 157 -11.51 -95.10 0.27
N ASP F 158 -11.32 -96.40 -0.02
CA ASP F 158 -11.39 -97.47 0.95
C ASP F 158 -10.01 -97.65 1.49
N THR F 159 -9.85 -98.53 2.48
CA THR F 159 -8.57 -98.78 3.08
C THR F 159 -8.51 -100.26 3.29
N ILE F 160 -7.27 -100.80 3.36
CA ILE F 160 -6.96 -102.20 3.27
C ILE F 160 -5.82 -102.37 4.21
N GLN F 161 -5.77 -103.52 4.92
CA GLN F 161 -4.71 -103.88 5.84
C GLN F 161 -3.82 -104.76 5.05
N ILE F 162 -2.50 -104.50 5.06
CA ILE F 162 -1.54 -105.16 4.23
C ILE F 162 -0.57 -105.83 5.16
N ASP F 163 -0.18 -107.08 4.81
CA ASP F 163 0.76 -107.87 5.57
C ASP F 163 2.06 -107.59 4.89
N LEU F 164 3.01 -107.02 5.66
CA LEU F 164 4.26 -106.47 5.17
C LEU F 164 5.08 -107.47 4.40
N GLU F 165 5.12 -108.73 4.91
CA GLU F 165 5.85 -109.81 4.32
C GLU F 165 5.32 -110.27 2.98
N THR F 166 3.98 -110.44 2.84
CA THR F 166 3.43 -111.21 1.75
C THR F 166 2.48 -110.46 0.86
N GLY F 167 2.23 -109.14 1.06
CA GLY F 167 1.06 -108.49 0.47
C GLY F 167 -0.20 -109.19 0.92
N LYS F 168 -1.20 -109.34 0.01
CA LYS F 168 -2.34 -110.21 0.22
C LYS F 168 -3.16 -109.86 1.43
N ILE F 169 -3.92 -108.74 1.30
CA ILE F 169 -4.66 -108.03 2.32
C ILE F 169 -5.48 -108.89 3.26
N THR F 170 -5.53 -108.50 4.55
CA THR F 170 -6.14 -109.29 5.58
C THR F 170 -7.59 -108.90 5.74
N ASP F 171 -7.89 -107.59 5.63
CA ASP F 171 -9.23 -107.07 5.86
C ASP F 171 -9.29 -105.83 5.03
N PHE F 172 -10.46 -105.17 5.04
CA PHE F 172 -10.61 -103.88 4.42
C PHE F 172 -11.82 -103.26 5.04
N ILE F 173 -12.00 -101.95 4.76
CA ILE F 173 -13.16 -101.18 5.15
C ILE F 173 -13.72 -100.73 3.83
N LYS F 174 -15.04 -100.48 3.75
CA LYS F 174 -15.65 -99.87 2.61
C LYS F 174 -16.13 -98.53 3.09
N PHE F 175 -15.66 -97.46 2.41
CA PHE F 175 -15.88 -96.07 2.75
C PHE F 175 -17.33 -95.68 2.83
N ASP F 176 -17.73 -95.12 4.00
CA ASP F 176 -19.09 -94.68 4.17
C ASP F 176 -19.14 -93.81 5.40
N THR F 177 -20.33 -93.23 5.64
CA THR F 177 -20.73 -92.50 6.83
C THR F 177 -20.69 -93.46 8.00
N GLY F 178 -20.26 -92.96 9.18
CA GLY F 178 -20.25 -93.75 10.39
C GLY F 178 -19.09 -94.68 10.45
N ASN F 179 -17.94 -94.24 9.90
CA ASN F 179 -16.70 -94.96 9.96
C ASN F 179 -15.74 -93.96 10.47
N LEU F 180 -14.65 -94.40 11.11
CA LEU F 180 -13.82 -93.52 11.88
C LEU F 180 -12.67 -93.21 10.98
N CYS F 181 -12.27 -91.91 10.94
CA CYS F 181 -11.37 -91.42 9.93
C CYS F 181 -10.35 -90.54 10.60
N MET F 182 -9.21 -90.37 9.90
CA MET F 182 -8.14 -89.51 10.30
C MET F 182 -7.96 -88.61 9.12
N VAL F 183 -7.42 -87.39 9.34
CA VAL F 183 -7.17 -86.44 8.27
C VAL F 183 -5.70 -86.57 8.04
N THR F 184 -5.25 -86.42 6.76
CA THR F 184 -3.88 -86.71 6.38
C THR F 184 -3.32 -85.59 5.57
N GLY F 185 -4.18 -84.75 4.96
CA GLY F 185 -3.71 -83.63 4.19
C GLY F 185 -4.56 -82.47 4.59
N GLY F 186 -4.38 -81.32 3.91
CA GLY F 186 -5.18 -80.14 4.17
C GLY F 186 -4.72 -79.39 5.38
N ALA F 187 -5.45 -78.31 5.71
CA ALA F 187 -5.11 -77.40 6.77
C ALA F 187 -5.50 -77.96 8.12
N ASN F 188 -6.40 -78.96 8.12
CA ASN F 188 -6.71 -79.77 9.27
C ASN F 188 -5.71 -80.88 9.18
N LEU F 189 -5.10 -81.30 10.31
CA LEU F 189 -4.21 -82.42 10.22
C LEU F 189 -4.25 -83.14 11.53
N GLY F 190 -4.40 -84.47 11.43
CA GLY F 190 -4.33 -85.39 12.54
C GLY F 190 -5.63 -85.48 13.29
N ARG F 191 -6.69 -84.77 12.85
CA ARG F 191 -7.96 -84.80 13.54
C ARG F 191 -8.68 -86.09 13.27
N ILE F 192 -9.35 -86.64 14.30
CA ILE F 192 -10.05 -87.90 14.26
C ILE F 192 -11.50 -87.64 14.56
N GLY F 193 -12.42 -88.28 13.81
CA GLY F 193 -13.83 -88.09 13.97
C GLY F 193 -14.49 -88.97 12.97
N VAL F 194 -15.81 -89.23 13.10
CA VAL F 194 -16.54 -90.09 12.19
C VAL F 194 -16.95 -89.26 11.00
N ILE F 195 -17.25 -89.94 9.86
CA ILE F 195 -17.42 -89.29 8.58
C ILE F 195 -18.63 -88.39 8.52
N THR F 196 -19.82 -88.86 8.94
CA THR F 196 -21.02 -88.06 9.12
C THR F 196 -21.73 -87.79 7.81
N ASN F 197 -21.04 -87.27 6.76
CA ASN F 197 -21.67 -86.90 5.51
C ASN F 197 -20.59 -86.84 4.47
N ARG F 198 -21.00 -86.93 3.18
CA ARG F 198 -20.18 -86.66 2.01
C ARG F 198 -20.95 -85.74 1.12
N GLU F 199 -20.24 -85.10 0.16
CA GLU F 199 -20.84 -84.22 -0.81
C GLU F 199 -20.12 -84.45 -2.10
N ARG F 200 -20.87 -84.47 -3.24
CA ARG F 200 -20.34 -84.74 -4.56
C ARG F 200 -20.65 -83.55 -5.42
N HIS F 201 -19.71 -83.21 -6.34
CA HIS F 201 -19.91 -82.23 -7.39
C HIS F 201 -19.43 -82.88 -8.65
N PRO F 202 -19.75 -82.39 -9.83
CA PRO F 202 -19.20 -82.93 -11.07
C PRO F 202 -17.95 -82.18 -11.44
N GLY F 203 -16.79 -82.87 -11.32
CA GLY F 203 -15.46 -82.30 -11.36
C GLY F 203 -15.23 -81.20 -10.36
N SER F 204 -14.03 -80.57 -10.45
CA SER F 204 -13.55 -79.48 -9.62
C SER F 204 -13.69 -79.74 -8.14
N PHE F 205 -13.04 -80.83 -7.66
CA PHE F 205 -12.97 -81.23 -6.26
C PHE F 205 -14.32 -81.56 -5.71
N ASP F 206 -14.34 -81.99 -4.43
CA ASP F 206 -15.54 -82.11 -3.66
C ASP F 206 -15.07 -82.22 -2.25
N VAL F 207 -15.99 -82.02 -1.27
CA VAL F 207 -15.62 -81.96 0.12
C VAL F 207 -16.40 -83.00 0.85
N VAL F 208 -16.00 -83.23 2.11
CA VAL F 208 -16.41 -84.33 2.92
C VAL F 208 -16.43 -83.74 4.28
N HIS F 209 -17.62 -83.65 4.90
CA HIS F 209 -17.77 -83.23 6.28
C HIS F 209 -17.27 -84.32 7.18
N VAL F 210 -17.02 -83.97 8.45
CA VAL F 210 -16.47 -84.82 9.47
C VAL F 210 -17.12 -84.24 10.70
N LYS F 211 -17.34 -85.07 11.74
CA LYS F 211 -17.76 -84.58 13.02
C LYS F 211 -17.13 -85.53 13.99
N ASP F 212 -16.73 -85.05 15.19
CA ASP F 212 -16.12 -85.89 16.18
C ASP F 212 -17.09 -86.07 17.32
N ALA F 213 -16.65 -86.74 18.39
CA ALA F 213 -17.47 -87.06 19.53
C ALA F 213 -17.35 -86.00 20.61
N ASN F 214 -16.76 -84.83 20.30
CA ASN F 214 -16.68 -83.72 21.20
C ASN F 214 -17.49 -82.58 20.66
N GLY F 215 -18.31 -82.83 19.61
CA GLY F 215 -19.23 -81.85 19.09
C GLY F 215 -18.59 -80.72 18.36
N ASN F 216 -17.82 -81.04 17.30
CA ASN F 216 -17.25 -80.03 16.44
C ASN F 216 -17.38 -80.61 15.07
N SER F 217 -17.71 -79.73 14.10
CA SER F 217 -17.90 -80.09 12.72
C SER F 217 -16.90 -79.30 11.96
N PHE F 218 -16.24 -79.97 11.00
CA PHE F 218 -15.24 -79.38 10.17
C PHE F 218 -15.29 -80.19 8.92
N ALA F 219 -14.61 -79.72 7.86
CA ALA F 219 -14.71 -80.34 6.57
C ALA F 219 -13.35 -80.25 5.98
N THR F 220 -13.11 -81.02 4.90
CA THR F 220 -11.81 -81.13 4.29
C THR F 220 -12.16 -81.65 2.93
N ARG F 221 -11.26 -81.48 1.94
CA ARG F 221 -11.32 -82.14 0.66
C ARG F 221 -11.31 -83.64 0.77
N LEU F 222 -11.89 -84.31 -0.26
CA LEU F 222 -12.10 -85.74 -0.34
C LEU F 222 -10.82 -86.51 -0.18
N SER F 223 -9.72 -85.99 -0.76
CA SER F 223 -8.53 -86.76 -1.01
C SER F 223 -7.57 -86.57 0.13
N ASN F 224 -8.06 -86.02 1.26
CA ASN F 224 -7.29 -85.84 2.47
C ASN F 224 -7.90 -86.69 3.54
N ILE F 225 -8.84 -87.60 3.20
CA ILE F 225 -9.55 -88.39 4.18
C ILE F 225 -8.94 -89.75 4.11
N PHE F 226 -8.86 -90.43 5.27
CA PHE F 226 -8.22 -91.71 5.39
C PHE F 226 -9.04 -92.40 6.44
N VAL F 227 -9.31 -93.72 6.28
CA VAL F 227 -10.17 -94.44 7.19
C VAL F 227 -9.23 -95.21 8.09
N ILE F 228 -9.59 -95.38 9.38
CA ILE F 228 -8.73 -95.98 10.37
C ILE F 228 -9.41 -97.14 11.03
N GLY F 229 -10.75 -97.25 10.92
CA GLY F 229 -11.43 -98.36 11.54
C GLY F 229 -12.88 -98.01 11.58
N LYS F 230 -13.71 -98.98 12.04
CA LYS F 230 -15.16 -98.88 12.06
C LYS F 230 -15.55 -97.86 13.07
N GLY F 231 -16.83 -97.39 13.01
CA GLY F 231 -17.31 -96.26 13.79
C GLY F 231 -17.04 -96.39 15.26
N ASN F 232 -16.15 -95.49 15.76
CA ASN F 232 -15.75 -95.37 17.14
C ASN F 232 -15.00 -96.59 17.62
N LYS F 233 -14.09 -97.12 16.78
CA LYS F 233 -13.46 -98.40 16.96
C LYS F 233 -12.20 -98.34 16.13
N PRO F 234 -11.10 -97.77 16.60
CA PRO F 234 -9.86 -97.71 15.83
C PRO F 234 -9.23 -99.08 15.76
N TRP F 235 -8.61 -99.41 14.61
CA TRP F 235 -7.87 -100.63 14.42
C TRP F 235 -6.39 -100.35 14.49
N ILE F 236 -6.02 -99.21 15.09
CA ILE F 236 -4.65 -98.88 15.35
C ILE F 236 -4.63 -98.33 16.74
N SER F 237 -3.43 -98.30 17.36
CA SER F 237 -3.20 -97.66 18.62
C SER F 237 -2.89 -96.23 18.29
N LEU F 238 -3.61 -95.28 18.93
CA LEU F 238 -3.59 -93.89 18.58
C LEU F 238 -2.63 -93.20 19.52
N PRO F 239 -1.92 -92.15 19.12
CA PRO F 239 -1.15 -91.32 20.02
C PRO F 239 -2.08 -90.46 20.80
N ARG F 240 -1.74 -90.21 22.09
CA ARG F 240 -2.36 -89.30 23.02
C ARG F 240 -2.96 -88.04 22.42
N GLY F 241 -4.11 -87.62 23.00
CA GLY F 241 -4.85 -86.44 22.60
C GLY F 241 -5.98 -86.81 21.68
N LYS F 242 -5.85 -87.96 20.96
CA LYS F 242 -6.88 -88.70 20.28
C LYS F 242 -7.52 -87.93 19.15
N GLY F 243 -6.79 -86.94 18.59
CA GLY F 243 -7.19 -86.20 17.41
C GLY F 243 -8.25 -85.17 17.68
N ILE F 244 -8.62 -84.95 18.96
CA ILE F 244 -9.69 -84.07 19.34
C ILE F 244 -9.34 -82.65 19.00
N ARG F 245 -8.11 -82.22 19.38
CA ARG F 245 -7.54 -80.92 19.12
C ARG F 245 -8.21 -79.87 19.95
N LEU F 246 -7.48 -79.28 20.91
CA LEU F 246 -7.95 -78.20 21.73
C LEU F 246 -7.61 -76.90 21.06
N THR F 247 -8.20 -75.80 21.59
CA THR F 247 -7.77 -74.45 21.31
C THR F 247 -6.62 -74.16 22.23
N ILE F 248 -5.94 -73.00 22.02
CA ILE F 248 -4.73 -72.63 22.73
C ILE F 248 -5.05 -72.19 24.12
N ALA F 249 -6.25 -71.62 24.37
CA ALA F 249 -6.63 -71.18 25.69
C ALA F 249 -6.74 -72.33 26.67
N GLU F 250 -7.45 -73.41 26.26
CA GLU F 250 -7.61 -74.61 27.04
C GLU F 250 -6.34 -75.39 27.24
N GLU F 251 -5.45 -75.39 26.23
CA GLU F 251 -4.19 -76.09 26.26
C GLU F 251 -3.21 -75.52 27.24
N ARG F 252 -3.23 -74.17 27.39
CA ARG F 252 -2.48 -73.40 28.35
C ARG F 252 -2.92 -73.75 29.74
N ASP F 253 -4.24 -73.92 29.90
CA ASP F 253 -4.90 -74.12 31.16
C ASP F 253 -4.48 -75.44 31.76
N LYS F 254 -4.25 -76.48 30.93
CA LYS F 254 -3.85 -77.79 31.39
C LYS F 254 -2.50 -77.75 32.05
N ARG F 255 -1.51 -77.05 31.43
CA ARG F 255 -0.15 -77.03 31.90
C ARG F 255 -0.05 -76.36 33.24
N LEU F 256 -0.78 -75.23 33.43
CA LEU F 256 -0.83 -74.52 34.69
C LEU F 256 -1.81 -75.10 35.69
N ALA F 257 -2.54 -76.18 35.33
CA ALA F 257 -3.55 -76.79 36.18
C ALA F 257 -2.90 -77.88 36.97
N ALA F 258 -2.12 -78.74 36.28
CA ALA F 258 -1.32 -79.76 36.91
C ALA F 258 -0.12 -79.09 37.53
N LYS F 259 0.28 -77.92 36.97
CA LYS F 259 1.38 -77.10 37.38
C LYS F 259 2.64 -77.89 37.22
N GLN F 260 2.85 -78.31 35.96
CA GLN F 260 3.74 -79.37 35.61
C GLN F 260 4.32 -78.94 34.31
N SER F 261 5.66 -79.10 34.18
CA SER F 261 6.39 -78.88 32.97
C SER F 261 7.64 -79.72 33.07
N SER F 262 7.76 -80.49 34.17
CA SER F 262 8.86 -81.36 34.42
C SER F 262 8.37 -82.42 35.38
N GLY F 263 9.14 -83.52 35.50
CA GLY F 263 8.69 -84.67 36.24
C GLY F 263 9.88 -85.63 36.45
N THR G 1 -25.15 81.28 12.99
CA THR G 1 -25.68 82.37 12.11
C THR G 1 -25.31 83.72 12.70
N PRO G 2 -25.61 84.11 13.96
CA PRO G 2 -25.18 85.40 14.48
C PRO G 2 -23.85 85.21 15.15
N ASP G 3 -23.21 84.04 14.96
CA ASP G 3 -21.93 83.71 15.52
C ASP G 3 -21.22 82.88 14.47
N ILE G 4 -21.61 83.03 13.18
CA ILE G 4 -21.09 82.27 12.05
C ILE G 4 -19.59 82.45 11.93
N LYS G 5 -18.89 81.29 11.82
CA LYS G 5 -17.46 81.21 11.74
C LYS G 5 -17.10 81.20 10.30
N LEU G 6 -16.03 81.94 9.96
CA LEU G 6 -15.48 82.04 8.64
C LEU G 6 -14.33 81.05 8.59
N PHE G 7 -13.32 81.32 7.75
CA PHE G 7 -12.04 80.66 7.80
C PHE G 7 -11.06 81.63 8.40
N GLY G 8 -11.58 82.73 8.98
CA GLY G 8 -10.86 83.95 9.21
C GLY G 8 -10.86 84.85 8.01
N LYS G 9 -11.56 84.49 6.89
CA LYS G 9 -11.78 85.45 5.84
C LYS G 9 -12.81 85.01 4.84
N TRP G 10 -13.39 83.78 4.95
CA TRP G 10 -14.18 83.23 3.87
C TRP G 10 -15.47 82.73 4.44
N SER G 11 -16.58 82.92 3.68
CA SER G 11 -17.89 82.51 4.10
C SER G 11 -18.01 81.04 3.79
N THR G 12 -18.77 80.29 4.61
CA THR G 12 -19.05 78.90 4.40
C THR G 12 -20.49 78.74 3.94
N ASP G 13 -21.24 79.86 3.92
CA ASP G 13 -22.50 79.97 3.26
C ASP G 13 -22.19 80.51 1.89
N ASP G 14 -23.16 80.41 0.95
CA ASP G 14 -22.99 80.61 -0.47
C ASP G 14 -22.08 79.57 -1.05
N VAL G 15 -22.27 78.30 -0.63
CA VAL G 15 -21.50 77.19 -1.10
C VAL G 15 -22.54 76.20 -1.51
N GLN G 16 -22.53 75.85 -2.81
CA GLN G 16 -23.53 75.02 -3.42
C GLN G 16 -22.94 73.66 -3.59
N ILE G 17 -23.80 72.63 -3.73
CA ILE G 17 -23.43 71.32 -4.20
C ILE G 17 -24.37 71.11 -5.34
N ASN G 18 -23.83 70.74 -6.52
CA ASN G 18 -24.56 70.71 -7.77
C ASN G 18 -24.81 69.27 -8.14
N ASP G 19 -24.79 68.36 -7.13
CA ASP G 19 -25.26 67.02 -7.30
C ASP G 19 -26.18 66.78 -6.15
N ILE G 20 -27.06 65.77 -6.31
CA ILE G 20 -27.90 65.23 -5.27
C ILE G 20 -27.29 63.89 -4.91
N SER G 21 -26.22 63.52 -5.63
CA SER G 21 -25.52 62.26 -5.53
C SER G 21 -24.24 62.44 -4.78
N LEU G 22 -23.95 63.66 -4.25
CA LEU G 22 -22.67 63.92 -3.63
C LEU G 22 -22.89 64.88 -2.51
N GLN G 23 -24.10 65.50 -2.41
CA GLN G 23 -24.46 66.22 -1.21
C GLN G 23 -24.66 65.24 -0.09
N ASP G 24 -24.26 65.64 1.13
CA ASP G 24 -24.16 64.80 2.30
C ASP G 24 -23.10 63.73 2.11
N TYR G 25 -21.98 64.13 1.48
CA TYR G 25 -20.72 63.43 1.49
C TYR G 25 -19.67 64.49 1.33
N ILE G 26 -20.10 65.70 0.88
CA ILE G 26 -19.39 66.94 1.04
C ILE G 26 -19.85 67.46 2.38
N ALA G 27 -18.88 67.91 3.21
CA ALA G 27 -19.13 68.45 4.51
C ALA G 27 -18.50 69.81 4.47
N VAL G 28 -19.30 70.90 4.60
CA VAL G 28 -18.74 72.21 4.41
C VAL G 28 -19.58 73.27 5.12
N LYS G 29 -20.80 72.95 5.62
CA LYS G 29 -21.66 74.05 6.01
C LYS G 29 -22.82 73.66 6.87
N GLU G 30 -23.01 72.35 7.21
CA GLU G 30 -24.11 71.94 8.08
C GLU G 30 -23.88 72.41 9.49
N LYS G 31 -22.66 72.16 10.01
CA LYS G 31 -22.13 72.85 11.15
C LYS G 31 -20.66 72.51 11.13
N TYR G 32 -20.10 72.30 9.92
CA TYR G 32 -18.80 71.69 9.78
C TYR G 32 -17.76 72.76 9.60
N ALA G 33 -18.18 74.05 9.59
CA ALA G 33 -17.29 75.20 9.55
C ALA G 33 -16.41 75.28 10.76
N LYS G 34 -15.14 75.68 10.53
CA LYS G 34 -14.14 75.83 11.57
C LYS G 34 -13.19 76.85 11.02
N TYR G 35 -12.43 77.51 11.92
CA TYR G 35 -11.50 78.54 11.51
C TYR G 35 -10.21 77.95 11.00
N LEU G 36 -9.92 76.67 11.32
CA LEU G 36 -8.69 76.02 10.92
C LEU G 36 -9.05 74.66 10.39
N PRO G 37 -8.19 74.00 9.63
CA PRO G 37 -8.33 72.60 9.31
C PRO G 37 -7.28 71.86 10.10
N HIS G 38 -7.40 71.87 11.44
CA HIS G 38 -6.62 71.01 12.28
C HIS G 38 -7.54 70.64 13.40
N SER G 39 -7.56 69.34 13.76
CA SER G 39 -8.34 68.83 14.85
C SER G 39 -7.63 67.58 15.26
N ALA G 40 -8.02 67.02 16.45
CA ALA G 40 -7.62 65.68 16.85
C ALA G 40 -8.23 64.66 15.93
N GLY G 41 -9.54 64.83 15.64
CA GLY G 41 -10.29 64.08 14.65
C GLY G 41 -10.55 62.64 15.03
N ARG G 42 -11.60 62.07 14.42
CA ARG G 42 -11.84 60.66 14.39
C ARG G 42 -12.16 60.39 12.96
N TYR G 43 -11.32 59.55 12.32
CA TYR G 43 -11.40 59.27 10.91
C TYR G 43 -11.46 57.77 10.79
N ALA G 44 -11.63 57.06 11.92
CA ALA G 44 -11.43 55.64 11.94
C ALA G 44 -12.24 55.09 13.06
N ALA G 45 -12.42 53.75 13.00
CA ALA G 45 -12.87 52.84 14.04
C ALA G 45 -14.29 52.48 13.75
N LYS G 46 -14.86 53.10 12.70
CA LYS G 46 -16.17 52.81 12.20
C LYS G 46 -16.06 53.26 10.79
N ARG G 47 -16.72 52.56 9.85
CA ARG G 47 -16.58 52.81 8.43
C ARG G 47 -17.20 54.12 8.04
N PHE G 48 -18.41 54.41 8.54
CA PHE G 48 -19.10 55.65 8.28
C PHE G 48 -18.76 56.61 9.38
N ARG G 49 -17.67 57.38 9.18
CA ARG G 49 -17.14 58.25 10.19
C ARG G 49 -16.14 59.14 9.51
N LYS G 50 -15.79 58.83 8.24
CA LYS G 50 -14.87 59.63 7.49
C LYS G 50 -15.58 60.81 6.89
N ALA G 51 -16.90 60.67 6.65
CA ALA G 51 -17.66 61.60 5.86
C ALA G 51 -18.22 62.69 6.73
N GLN G 52 -17.77 62.76 8.00
CA GLN G 52 -18.41 63.54 9.02
C GLN G 52 -17.45 64.64 9.43
N CYS G 53 -16.28 64.73 8.75
CA CYS G 53 -15.21 65.66 9.06
C CYS G 53 -15.04 66.50 7.80
N PRO G 54 -14.63 67.78 7.89
CA PRO G 54 -14.68 68.73 6.79
C PRO G 54 -13.90 68.34 5.57
N ILE G 55 -14.21 68.97 4.41
CA ILE G 55 -13.51 68.75 3.15
C ILE G 55 -12.19 69.45 3.20
N VAL G 56 -12.12 70.62 3.87
CA VAL G 56 -10.94 71.45 3.99
C VAL G 56 -9.93 70.73 4.85
N GLU G 57 -10.40 69.98 5.89
CA GLU G 57 -9.57 69.20 6.76
C GLU G 57 -8.97 68.02 6.04
N ARG G 58 -9.82 67.29 5.28
CA ARG G 58 -9.44 66.22 4.38
C ARG G 58 -8.35 66.59 3.39
N LEU G 59 -8.40 67.83 2.86
CA LEU G 59 -7.46 68.36 1.90
C LEU G 59 -6.08 68.51 2.49
N THR G 60 -6.01 68.99 3.76
CA THR G 60 -4.77 69.22 4.47
C THR G 60 -4.12 67.90 4.76
N ASN G 61 -4.94 66.88 5.06
CA ASN G 61 -4.50 65.55 5.39
C ASN G 61 -3.85 64.89 4.20
N SER G 62 -4.46 65.01 3.00
CA SER G 62 -4.07 64.27 1.83
C SER G 62 -2.89 64.87 1.08
N MET G 63 -2.29 65.97 1.56
CA MET G 63 -1.18 66.58 0.86
C MET G 63 -0.03 66.73 1.81
N MET G 64 0.64 65.60 2.14
CA MET G 64 1.69 65.57 3.12
C MET G 64 2.48 64.30 2.90
N MET G 65 2.40 63.74 1.68
CA MET G 65 2.98 62.48 1.34
C MET G 65 4.38 62.60 0.79
N HIS G 66 5.03 61.43 0.61
CA HIS G 66 6.31 61.18 -0.02
C HIS G 66 7.43 61.17 0.96
N GLY G 67 7.18 60.74 2.21
CA GLY G 67 8.21 60.19 3.05
C GLY G 67 9.08 61.20 3.76
N ARG G 68 8.71 62.49 3.74
CA ARG G 68 9.57 63.53 4.28
C ARG G 68 8.70 64.68 4.65
N ASN G 69 7.37 64.55 4.42
CA ASN G 69 6.42 65.59 4.67
C ASN G 69 5.42 65.06 5.64
N ASN G 70 5.65 63.82 6.15
CA ASN G 70 4.77 63.19 7.10
C ASN G 70 5.19 63.72 8.43
N GLY G 71 4.21 64.13 9.25
CA GLY G 71 4.48 64.67 10.56
C GLY G 71 4.85 66.12 10.43
N LYS G 72 4.24 66.81 9.44
CA LYS G 72 4.57 68.18 9.12
C LYS G 72 3.30 68.78 8.63
N LYS G 73 2.18 68.43 9.31
CA LYS G 73 0.83 68.89 9.06
C LYS G 73 0.69 70.38 9.27
N LEU G 74 1.59 71.00 10.04
CA LEU G 74 1.54 72.39 10.37
C LEU G 74 2.01 73.24 9.22
N MET G 75 3.14 72.82 8.58
CA MET G 75 3.57 73.32 7.29
C MET G 75 2.50 73.26 6.22
N THR G 76 1.65 72.20 6.24
CA THR G 76 0.63 71.99 5.25
C THR G 76 -0.43 73.05 5.32
N VAL G 77 -0.77 73.57 6.53
CA VAL G 77 -1.81 74.57 6.68
C VAL G 77 -1.30 75.89 6.14
N ARG G 78 0.02 76.14 6.17
CA ARG G 78 0.64 77.28 5.50
C ARG G 78 0.33 77.34 4.02
N ILE G 79 0.28 76.16 3.35
CA ILE G 79 0.10 76.01 1.92
C ILE G 79 -1.35 76.29 1.58
N VAL G 80 -2.28 76.04 2.53
CA VAL G 80 -3.70 76.11 2.30
C VAL G 80 -4.12 77.54 2.41
N LYS G 81 -3.51 78.34 3.32
CA LYS G 81 -3.85 79.72 3.47
C LYS G 81 -3.48 80.52 2.25
N HIS G 82 -2.30 80.24 1.64
CA HIS G 82 -1.93 80.84 0.38
C HIS G 82 -2.76 80.40 -0.79
N ALA G 83 -3.25 79.13 -0.77
CA ALA G 83 -3.94 78.54 -1.91
C ALA G 83 -5.23 79.25 -2.20
N PHE G 84 -6.11 79.28 -1.18
CA PHE G 84 -7.37 79.98 -1.19
C PHE G 84 -7.22 81.45 -1.47
N GLU G 85 -6.19 82.11 -0.92
CA GLU G 85 -5.91 83.50 -1.16
C GLU G 85 -5.71 83.78 -2.63
N ILE G 86 -4.81 83.00 -3.29
CA ILE G 86 -4.56 83.10 -4.70
C ILE G 86 -5.78 82.81 -5.53
N ILE G 87 -6.63 81.83 -5.14
CA ILE G 87 -7.82 81.46 -5.90
C ILE G 87 -8.85 82.55 -5.94
N HIS G 88 -8.94 83.34 -4.85
CA HIS G 88 -9.95 84.34 -4.69
C HIS G 88 -9.58 85.55 -5.49
N LEU G 89 -8.30 85.97 -5.42
CA LEU G 89 -7.78 87.05 -6.24
C LEU G 89 -7.90 86.76 -7.71
N LEU G 90 -7.51 85.53 -8.12
CA LEU G 90 -7.36 85.09 -9.48
C LEU G 90 -8.62 85.06 -10.30
N THR G 91 -9.79 84.73 -9.70
CA THR G 91 -11.01 84.57 -10.48
C THR G 91 -12.11 85.40 -9.87
N GLY G 92 -12.18 85.50 -8.53
CA GLY G 92 -13.15 86.36 -7.88
C GLY G 92 -14.16 85.58 -7.10
N GLU G 93 -14.20 84.24 -7.29
CA GLU G 93 -15.18 83.42 -6.61
C GLU G 93 -14.69 83.21 -5.21
N ASN G 94 -15.62 83.04 -4.25
CA ASN G 94 -15.34 82.48 -2.95
C ASN G 94 -14.63 81.15 -3.10
N PRO G 95 -13.42 80.95 -2.57
CA PRO G 95 -12.55 79.86 -2.97
C PRO G 95 -13.00 78.52 -2.45
N LEU G 96 -14.13 78.43 -1.72
CA LEU G 96 -14.68 77.17 -1.29
C LEU G 96 -15.55 76.66 -2.38
N GLN G 97 -16.34 77.54 -3.05
CA GLN G 97 -17.11 77.20 -4.22
C GLN G 97 -16.29 76.64 -5.35
N VAL G 98 -15.05 77.16 -5.52
CA VAL G 98 -14.02 76.64 -6.39
C VAL G 98 -13.71 75.21 -6.09
N LEU G 99 -13.43 74.89 -4.81
CA LEU G 99 -13.03 73.57 -4.38
C LEU G 99 -14.14 72.56 -4.57
N VAL G 100 -15.41 72.92 -4.23
CA VAL G 100 -16.55 72.04 -4.38
C VAL G 100 -16.82 71.69 -5.83
N ASN G 101 -16.73 72.69 -6.76
CA ASN G 101 -16.81 72.45 -8.19
C ASN G 101 -15.71 71.53 -8.67
N ALA G 102 -14.47 71.73 -8.17
CA ALA G 102 -13.29 70.99 -8.55
C ALA G 102 -13.40 69.54 -8.20
N ILE G 103 -14.06 69.22 -7.06
CA ILE G 103 -14.32 67.88 -6.60
C ILE G 103 -15.36 67.25 -7.48
N ILE G 104 -16.48 67.96 -7.75
CA ILE G 104 -17.58 67.42 -8.52
C ILE G 104 -17.20 67.13 -9.95
N ASN G 105 -16.38 67.99 -10.60
CA ASN G 105 -15.92 67.76 -11.94
C ASN G 105 -14.86 66.70 -12.13
N SER G 106 -14.21 66.21 -11.04
CA SER G 106 -13.04 65.36 -11.19
C SER G 106 -13.33 63.94 -10.83
N GLY G 107 -14.52 63.63 -10.26
CA GLY G 107 -14.79 62.33 -9.72
C GLY G 107 -15.13 61.37 -10.85
N PRO G 108 -14.60 60.16 -10.94
CA PRO G 108 -14.85 59.26 -12.05
C PRO G 108 -16.17 58.59 -11.77
N ARG G 109 -16.94 58.21 -12.81
CA ARG G 109 -18.29 57.72 -12.64
C ARG G 109 -18.36 56.24 -12.91
N GLU G 110 -17.32 55.67 -13.54
CA GLU G 110 -17.24 54.24 -13.78
C GLU G 110 -15.78 53.95 -13.84
N ASP G 111 -15.43 52.73 -13.42
CA ASP G 111 -14.07 52.28 -13.24
C ASP G 111 -14.12 50.82 -13.56
N SER G 112 -12.94 50.21 -13.79
CA SER G 112 -12.83 48.84 -14.24
C SER G 112 -12.26 48.07 -13.08
N THR G 113 -12.23 46.73 -13.20
CA THR G 113 -11.68 45.88 -12.19
C THR G 113 -11.26 44.63 -12.92
N ARG G 114 -10.76 43.63 -12.18
CA ARG G 114 -10.20 42.41 -12.73
C ARG G 114 -11.18 41.30 -12.49
N ILE G 115 -11.10 40.26 -13.35
CA ILE G 115 -11.82 39.03 -13.13
C ILE G 115 -10.97 37.99 -13.82
N GLY G 116 -10.79 36.83 -13.16
CA GLY G 116 -9.98 35.73 -13.64
C GLY G 116 -10.88 34.77 -14.34
N ARG G 117 -10.73 34.59 -15.67
CA ARG G 117 -11.50 33.60 -16.37
C ARG G 117 -10.63 33.03 -17.45
N ALA G 118 -10.54 31.67 -17.47
CA ALA G 118 -9.85 30.88 -18.46
C ALA G 118 -8.36 31.06 -18.44
N GLY G 119 -7.80 31.63 -17.34
CA GLY G 119 -6.39 31.86 -17.17
C GLY G 119 -5.91 33.04 -17.99
N THR G 120 -6.83 33.91 -18.45
CA THR G 120 -6.53 35.04 -19.30
C THR G 120 -7.23 36.23 -18.71
N VAL G 121 -6.67 37.43 -18.99
CA VAL G 121 -7.15 38.69 -18.45
C VAL G 121 -8.46 39.05 -19.10
N ARG G 122 -9.49 39.24 -18.25
CA ARG G 122 -10.72 39.85 -18.65
C ARG G 122 -10.97 40.88 -17.61
N ARG G 123 -11.70 41.92 -18.01
CA ARG G 123 -11.92 43.12 -17.24
C ARG G 123 -13.39 43.32 -17.25
N GLN G 124 -13.92 44.05 -16.25
CA GLN G 124 -15.33 44.26 -16.13
C GLN G 124 -15.46 45.68 -15.72
N ALA G 125 -16.47 46.41 -16.26
CA ALA G 125 -16.74 47.77 -15.89
C ALA G 125 -17.75 47.76 -14.81
N VAL G 126 -17.59 48.67 -13.82
CA VAL G 126 -18.41 48.71 -12.65
C VAL G 126 -18.57 50.17 -12.34
N ASP G 127 -19.46 50.48 -11.36
CA ASP G 127 -19.84 51.82 -10.97
C ASP G 127 -19.04 52.13 -9.74
N VAL G 128 -19.44 53.16 -8.96
CA VAL G 128 -18.64 53.62 -7.85
C VAL G 128 -19.58 54.21 -6.84
N SER G 129 -19.16 54.18 -5.56
CA SER G 129 -19.85 54.75 -4.42
C SER G 129 -19.70 56.26 -4.49
N PRO G 130 -20.56 57.08 -3.91
CA PRO G 130 -20.30 58.50 -3.72
C PRO G 130 -19.08 58.73 -2.84
N LEU G 131 -18.85 57.89 -1.82
CA LEU G 131 -17.75 58.02 -0.92
C LEU G 131 -16.45 57.77 -1.64
N ARG G 132 -16.47 56.89 -2.68
CA ARG G 132 -15.35 56.59 -3.53
C ARG G 132 -14.99 57.77 -4.38
N ARG G 133 -15.99 58.45 -4.99
CA ARG G 133 -15.82 59.60 -5.84
C ARG G 133 -15.07 60.70 -5.15
N VAL G 134 -15.47 61.01 -3.89
CA VAL G 134 -14.83 62.03 -3.08
C VAL G 134 -13.39 61.68 -2.79
N ASN G 135 -13.11 60.43 -2.37
CA ASN G 135 -11.77 59.98 -2.04
C ASN G 135 -10.84 60.09 -3.22
N GLN G 136 -11.32 59.67 -4.41
CA GLN G 136 -10.56 59.72 -5.63
C GLN G 136 -10.29 61.13 -6.06
N ALA G 137 -11.34 61.99 -6.06
CA ALA G 137 -11.24 63.34 -6.54
C ALA G 137 -10.29 64.19 -5.75
N ILE G 138 -10.22 64.01 -4.41
CA ILE G 138 -9.29 64.70 -3.57
C ILE G 138 -7.86 64.27 -3.84
N TRP G 139 -7.63 62.97 -4.11
CA TRP G 139 -6.32 62.45 -4.41
C TRP G 139 -5.75 63.04 -5.68
N LEU G 140 -6.55 63.06 -6.77
CA LEU G 140 -6.08 63.26 -8.13
C LEU G 140 -5.55 64.64 -8.34
N LEU G 141 -6.30 65.69 -7.96
CA LEU G 141 -5.91 67.07 -8.17
C LEU G 141 -4.69 67.46 -7.36
N CYS G 142 -4.53 66.89 -6.15
CA CYS G 142 -3.36 67.08 -5.32
C CYS G 142 -2.12 66.48 -5.90
N THR G 143 -2.23 65.41 -6.73
CA THR G 143 -1.11 64.77 -7.38
C THR G 143 -0.46 65.67 -8.39
N GLY G 144 -1.24 66.58 -9.01
CA GLY G 144 -0.76 67.47 -10.06
C GLY G 144 0.25 68.44 -9.54
N ALA G 145 -0.11 69.15 -8.46
CA ALA G 145 0.70 70.20 -7.87
C ALA G 145 1.94 69.67 -7.22
N ARG G 146 1.85 68.46 -6.63
CA ARG G 146 2.92 67.73 -6.01
C ARG G 146 4.02 67.36 -6.97
N GLU G 147 3.64 67.10 -8.24
CA GLU G 147 4.51 66.67 -9.31
C GLU G 147 5.16 67.89 -9.89
N ALA G 148 4.36 68.97 -10.09
CA ALA G 148 4.77 70.16 -10.81
C ALA G 148 5.89 70.89 -10.10
N ALA G 149 5.79 71.06 -8.78
CA ALA G 149 6.71 71.82 -7.96
C ALA G 149 7.97 71.06 -7.60
N PHE G 150 8.20 69.89 -8.25
CA PHE G 150 9.27 68.98 -7.88
C PHE G 150 10.59 69.29 -8.55
N ARG G 151 10.70 70.42 -9.30
CA ARG G 151 12.00 70.90 -9.75
C ARG G 151 11.81 72.25 -10.39
N ASN G 152 10.80 73.03 -9.95
CA ASN G 152 10.43 74.27 -10.59
C ASN G 152 10.67 75.37 -9.63
N ILE G 153 10.84 76.59 -10.19
CA ILE G 153 10.96 77.86 -9.52
C ILE G 153 9.67 78.14 -8.79
N LYS G 154 8.52 77.74 -9.41
CA LYS G 154 7.21 77.82 -8.82
C LYS G 154 7.14 77.04 -7.53
N THR G 155 6.48 77.62 -6.51
CA THR G 155 6.30 77.02 -5.23
C THR G 155 5.03 76.20 -5.24
N ILE G 156 4.89 75.30 -4.25
CA ILE G 156 3.80 74.38 -4.09
C ILE G 156 2.46 75.07 -3.94
N ALA G 157 2.45 76.27 -3.31
CA ALA G 157 1.28 77.10 -3.15
C ALA G 157 0.71 77.54 -4.47
N GLU G 158 1.57 78.11 -5.35
CA GLU G 158 1.22 78.54 -6.68
C GLU G 158 0.67 77.43 -7.54
N CYS G 159 1.32 76.24 -7.50
CA CYS G 159 0.93 75.10 -8.31
C CYS G 159 -0.43 74.59 -7.95
N LEU G 160 -0.77 74.62 -6.64
CA LEU G 160 -1.94 73.96 -6.12
C LEU G 160 -3.13 74.82 -6.41
N ALA G 161 -2.97 76.15 -6.26
CA ALA G 161 -4.02 77.09 -6.53
C ALA G 161 -4.39 77.15 -7.98
N ASP G 162 -3.41 77.02 -8.90
CA ASP G 162 -3.63 76.94 -10.33
C ASP G 162 -4.44 75.74 -10.73
N GLU G 163 -4.21 74.60 -10.04
CA GLU G 163 -4.79 73.33 -10.39
C GLU G 163 -6.24 73.26 -10.00
N LEU G 164 -6.65 74.04 -8.98
CA LEU G 164 -8.02 74.10 -8.54
C LEU G 164 -8.86 74.97 -9.43
N ILE G 165 -8.25 75.97 -10.14
CA ILE G 165 -8.98 76.77 -11.11
C ILE G 165 -9.39 75.91 -12.26
N ASN G 166 -8.42 75.22 -12.92
CA ASN G 166 -8.66 74.41 -14.09
C ASN G 166 -9.50 73.18 -13.83
N ALA G 167 -9.58 72.73 -12.56
CA ALA G 167 -10.46 71.66 -12.15
C ALA G 167 -11.86 72.13 -11.96
N ALA G 168 -12.04 73.31 -11.33
CA ALA G 168 -13.34 73.90 -11.04
C ALA G 168 -14.05 74.33 -12.29
N LYS G 169 -13.28 74.64 -13.35
CA LYS G 169 -13.79 74.87 -14.66
C LYS G 169 -13.71 73.57 -15.40
N GLY G 170 -14.41 73.48 -16.55
CA GLY G 170 -14.50 72.29 -17.35
C GLY G 170 -13.40 72.26 -18.38
N SER G 171 -12.31 73.03 -18.13
CA SER G 171 -11.28 73.39 -19.09
C SER G 171 -10.55 72.23 -19.69
N SER G 172 -10.22 71.20 -18.87
CA SER G 172 -9.54 69.99 -19.29
C SER G 172 -8.10 70.29 -19.63
N ASN G 173 -7.46 71.12 -18.77
CA ASN G 173 -6.08 71.47 -18.88
C ASN G 173 -5.52 71.36 -17.49
N SER G 174 -5.58 70.12 -16.95
CA SER G 174 -5.20 69.83 -15.60
C SER G 174 -4.84 68.38 -15.56
N TYR G 175 -4.16 67.96 -14.47
CA TYR G 175 -3.82 66.59 -14.21
C TYR G 175 -5.01 65.76 -13.79
N ALA G 176 -6.07 66.42 -13.26
CA ALA G 176 -7.21 65.73 -12.72
C ALA G 176 -8.15 65.33 -13.81
N ILE G 177 -8.63 66.33 -14.59
CA ILE G 177 -9.66 66.17 -15.59
C ILE G 177 -9.18 65.35 -16.76
N LYS G 178 -7.86 65.40 -17.07
CA LYS G 178 -7.21 64.44 -17.95
C LYS G 178 -7.44 63.01 -17.53
N LYS G 179 -7.01 62.65 -16.31
CA LYS G 179 -7.01 61.30 -15.84
C LYS G 179 -8.39 60.79 -15.58
N LYS G 180 -9.35 61.67 -15.20
CA LYS G 180 -10.75 61.33 -15.04
C LYS G 180 -11.31 60.70 -16.29
N ASP G 181 -11.10 61.33 -17.47
CA ASP G 181 -11.65 60.87 -18.72
C ASP G 181 -10.93 59.66 -19.24
N GLU G 182 -9.66 59.44 -18.84
CA GLU G 182 -8.88 58.29 -19.22
C GLU G 182 -9.48 57.00 -18.69
N LEU G 183 -9.91 57.02 -17.41
CA LEU G 183 -10.54 55.93 -16.70
C LEU G 183 -11.85 55.57 -17.35
N GLU G 184 -12.69 56.59 -17.66
CA GLU G 184 -13.98 56.40 -18.30
C GLU G 184 -13.85 55.82 -19.68
N ARG G 185 -12.76 56.20 -20.39
CA ARG G 185 -12.43 55.73 -21.71
C ARG G 185 -12.15 54.25 -21.70
N VAL G 186 -11.56 53.71 -20.60
CA VAL G 186 -11.38 52.29 -20.42
C VAL G 186 -12.70 51.64 -20.14
N ALA G 187 -13.53 52.25 -19.26
CA ALA G 187 -14.78 51.68 -18.80
C ALA G 187 -15.80 51.47 -19.89
N LYS G 188 -15.80 52.33 -20.93
CA LYS G 188 -16.58 52.16 -22.14
C LYS G 188 -16.19 50.93 -22.89
N SER G 189 -14.86 50.70 -23.04
CA SER G 189 -14.28 49.66 -23.85
C SER G 189 -14.65 48.29 -23.35
N ASN G 190 -14.24 47.94 -22.12
CA ASN G 190 -14.52 46.66 -21.51
C ASN G 190 -15.83 46.67 -20.75
N ARG G 191 -16.87 47.35 -21.29
CA ARG G 191 -18.12 47.47 -20.60
C ARG G 191 -18.91 46.16 -20.76
N MET H 1 64.63 -86.32 -46.05
CA MET H 1 63.82 -86.90 -44.95
C MET H 1 64.57 -87.95 -44.20
N LYS H 2 63.87 -88.66 -43.28
CA LYS H 2 64.36 -89.86 -42.67
C LYS H 2 63.42 -90.92 -43.13
N LEU H 3 63.66 -92.17 -42.67
CA LEU H 3 62.69 -93.23 -42.78
C LEU H 3 62.65 -93.85 -41.44
N ASN H 4 61.58 -94.63 -41.18
CA ASN H 4 61.53 -95.54 -40.08
C ASN H 4 61.15 -96.86 -40.69
N ILE H 5 62.16 -97.68 -41.02
CA ILE H 5 61.99 -99.05 -41.47
C ILE H 5 61.50 -99.87 -40.30
N SER H 6 60.51 -100.76 -40.51
CA SER H 6 59.97 -101.57 -39.46
C SER H 6 59.79 -102.96 -40.00
N PHE H 7 60.15 -103.97 -39.18
CA PHE H 7 60.10 -105.36 -39.54
C PHE H 7 59.05 -105.90 -38.61
N PRO H 8 57.85 -106.26 -39.05
CA PRO H 8 56.80 -106.68 -38.13
C PRO H 8 56.82 -108.17 -37.95
N ALA H 9 57.85 -108.89 -38.43
CA ALA H 9 58.04 -110.28 -38.08
C ALA H 9 59.06 -110.45 -36.99
N THR H 10 59.66 -109.34 -36.50
CA THR H 10 60.45 -109.38 -35.28
C THR H 10 59.88 -108.36 -34.33
N GLY H 11 59.08 -107.41 -34.85
CA GLY H 11 58.51 -106.32 -34.09
C GLY H 11 59.50 -105.23 -33.87
N CYS H 12 60.70 -105.30 -34.47
CA CYS H 12 61.78 -104.36 -34.27
C CYS H 12 61.73 -103.40 -35.41
N GLN H 13 62.28 -102.19 -35.21
CA GLN H 13 62.20 -101.11 -36.15
C GLN H 13 63.31 -100.17 -35.83
N LYS H 14 63.87 -99.53 -36.89
CA LYS H 14 65.07 -98.75 -36.81
C LYS H 14 64.90 -97.61 -37.77
N LEU H 15 65.79 -96.61 -37.65
CA LEU H 15 65.76 -95.42 -38.45
C LEU H 15 66.90 -95.55 -39.41
N ILE H 16 66.91 -94.64 -40.40
CA ILE H 16 67.99 -94.48 -41.34
C ILE H 16 67.68 -93.14 -41.92
N GLU H 17 68.72 -92.42 -42.40
CA GLU H 17 68.61 -91.06 -42.82
C GLU H 17 69.24 -91.07 -44.17
N VAL H 18 68.50 -90.56 -45.18
CA VAL H 18 68.95 -90.56 -46.55
C VAL H 18 68.62 -89.20 -47.08
N ASP H 19 69.26 -88.84 -48.21
CA ASP H 19 68.94 -87.61 -48.90
C ASP H 19 69.25 -87.87 -50.36
N ASP H 20 69.45 -89.16 -50.72
CA ASP H 20 69.72 -89.59 -52.07
C ASP H 20 68.47 -89.39 -52.88
N GLU H 21 68.55 -88.48 -53.88
CA GLU H 21 67.44 -88.03 -54.69
C GLU H 21 66.80 -89.12 -55.47
N ARG H 22 67.66 -90.03 -56.01
CA ARG H 22 67.36 -91.05 -56.99
C ARG H 22 66.44 -92.10 -56.43
N LYS H 23 66.79 -92.59 -55.23
CA LYS H 23 66.10 -93.60 -54.45
C LYS H 23 64.69 -93.22 -54.07
N LEU H 24 64.42 -91.91 -53.92
CA LEU H 24 63.17 -91.41 -53.42
C LEU H 24 62.17 -91.22 -54.52
N ARG H 25 62.62 -91.19 -55.81
CA ARG H 25 61.73 -90.96 -56.93
C ARG H 25 60.76 -92.08 -57.21
N THR H 26 61.05 -93.32 -56.73
CA THR H 26 60.11 -94.43 -56.77
C THR H 26 58.91 -94.17 -55.89
N PHE H 27 59.15 -93.47 -54.75
CA PHE H 27 58.17 -93.23 -53.72
C PHE H 27 57.29 -92.08 -54.07
N TYR H 28 57.86 -91.04 -54.73
CA TYR H 28 57.21 -89.75 -54.93
C TYR H 28 56.00 -89.89 -55.78
N GLU H 29 54.96 -89.09 -55.44
CA GLU H 29 53.71 -88.99 -56.15
C GLU H 29 52.97 -90.30 -56.17
N LYS H 30 52.74 -90.86 -54.97
CA LYS H 30 52.04 -92.10 -54.78
C LYS H 30 51.26 -91.91 -53.52
N ARG H 31 50.08 -92.58 -53.41
CA ARG H 31 49.21 -92.47 -52.27
C ARG H 31 49.54 -93.58 -51.30
N MET H 32 49.17 -93.37 -50.03
CA MET H 32 49.42 -94.26 -48.93
C MET H 32 48.79 -95.60 -49.10
N ALA H 33 49.49 -96.63 -48.57
CA ALA H 33 49.07 -98.01 -48.39
C ALA H 33 49.32 -98.81 -49.64
N THR H 34 50.00 -98.20 -50.64
CA THR H 34 50.55 -98.87 -51.79
C THR H 34 51.80 -99.60 -51.39
N GLU H 35 52.11 -100.72 -52.09
CA GLU H 35 53.36 -101.41 -51.89
C GLU H 35 54.14 -101.12 -53.14
N VAL H 36 55.47 -100.96 -52.99
CA VAL H 36 56.37 -100.76 -54.09
C VAL H 36 57.62 -101.45 -53.65
N ALA H 37 58.45 -101.88 -54.63
CA ALA H 37 59.67 -102.60 -54.38
C ALA H 37 60.71 -101.66 -53.88
N ALA H 38 61.40 -102.04 -52.78
CA ALA H 38 62.49 -101.28 -52.24
C ALA H 38 63.70 -101.84 -52.90
N ASP H 39 64.16 -101.14 -53.96
CA ASP H 39 65.16 -101.65 -54.86
C ASP H 39 66.50 -101.13 -54.49
N ALA H 40 66.56 -99.92 -53.89
CA ALA H 40 67.80 -99.42 -53.40
C ALA H 40 67.55 -98.56 -52.22
N LEU H 41 68.42 -98.74 -51.21
CA LEU H 41 68.43 -98.06 -49.95
C LEU H 41 69.66 -98.57 -49.25
N GLY H 42 70.38 -99.51 -49.91
CA GLY H 42 71.64 -100.03 -49.50
C GLY H 42 71.95 -100.98 -50.61
N GLU H 43 72.20 -102.26 -50.25
CA GLU H 43 72.51 -103.30 -51.20
C GLU H 43 71.65 -104.47 -50.81
N GLU H 44 71.23 -104.51 -49.53
CA GLU H 44 70.33 -105.50 -48.97
C GLU H 44 68.99 -105.36 -49.62
N TRP H 45 68.57 -104.09 -49.82
CA TRP H 45 67.36 -103.73 -50.49
C TRP H 45 67.56 -103.93 -51.95
N LYS H 46 66.68 -104.78 -52.51
CA LYS H 46 66.62 -105.25 -53.87
C LYS H 46 65.76 -106.47 -53.79
N GLY H 47 65.85 -107.23 -52.69
CA GLY H 47 64.95 -108.32 -52.41
C GLY H 47 63.75 -107.85 -51.63
N TYR H 48 63.91 -106.77 -50.83
CA TYR H 48 62.85 -106.24 -50.00
C TYR H 48 61.78 -105.58 -50.82
N VAL H 49 60.52 -105.65 -50.33
CA VAL H 49 59.41 -104.89 -50.85
C VAL H 49 58.82 -104.32 -49.60
N VAL H 50 58.36 -103.05 -49.67
CA VAL H 50 57.88 -102.30 -48.55
C VAL H 50 56.50 -101.81 -48.87
N ARG H 51 55.76 -101.42 -47.81
CA ARG H 51 54.48 -100.74 -47.85
C ARG H 51 54.68 -99.44 -47.13
N ILE H 52 54.12 -98.32 -47.67
CA ILE H 52 54.19 -97.04 -47.01
C ILE H 52 52.93 -96.92 -46.19
N SER H 53 53.08 -96.61 -44.89
CA SER H 53 51.96 -96.53 -43.97
C SER H 53 51.66 -95.11 -43.54
N GLY H 54 52.49 -94.12 -43.97
CA GLY H 54 52.21 -92.73 -43.73
C GLY H 54 53.44 -92.15 -43.13
N GLY H 55 53.30 -90.99 -42.46
CA GLY H 55 54.42 -90.38 -41.78
C GLY H 55 53.98 -89.09 -41.20
N ASN H 56 54.90 -88.10 -41.20
CA ASN H 56 54.66 -86.81 -40.62
C ASN H 56 55.17 -85.84 -41.61
N ASP H 57 54.29 -84.93 -42.08
CA ASP H 57 54.61 -83.71 -42.79
C ASP H 57 55.47 -82.83 -41.92
N LYS H 58 56.21 -81.87 -42.53
CA LYS H 58 56.89 -80.82 -41.81
C LYS H 58 55.96 -79.93 -41.03
N GLN H 59 56.41 -79.55 -39.82
CA GLN H 59 55.69 -78.86 -38.76
C GLN H 59 54.90 -79.87 -37.96
N GLY H 60 55.28 -81.18 -38.08
CA GLY H 60 54.85 -82.24 -37.20
C GLY H 60 53.47 -82.75 -37.45
N PHE H 61 52.76 -82.24 -38.47
CA PHE H 61 51.38 -82.62 -38.72
C PHE H 61 51.34 -84.04 -39.25
N PRO H 62 50.35 -84.86 -38.96
CA PRO H 62 50.40 -86.27 -39.27
C PRO H 62 49.79 -86.40 -40.63
N MET H 63 49.83 -87.61 -41.21
CA MET H 63 49.33 -87.91 -42.52
C MET H 63 48.29 -88.96 -42.28
N LYS H 64 47.19 -88.96 -43.06
CA LYS H 64 46.18 -89.98 -42.89
C LYS H 64 45.53 -90.28 -44.19
N GLN H 65 45.07 -91.54 -44.30
CA GLN H 65 44.42 -92.13 -45.43
C GLN H 65 43.10 -91.47 -45.70
N GLY H 66 42.69 -91.40 -46.99
CA GLY H 66 41.40 -90.90 -47.39
C GLY H 66 41.45 -89.46 -47.72
N VAL H 67 42.65 -88.84 -47.69
CA VAL H 67 42.78 -87.41 -47.84
C VAL H 67 43.58 -87.28 -49.09
N LEU H 68 42.93 -86.83 -50.17
CA LEU H 68 43.51 -86.70 -51.47
C LEU H 68 43.81 -85.25 -51.65
N THR H 69 44.61 -84.93 -52.69
CA THR H 69 45.79 -84.09 -52.65
C THR H 69 46.75 -84.35 -51.51
N HIS H 70 47.39 -83.29 -50.99
CA HIS H 70 48.73 -83.34 -50.46
C HIS H 70 48.94 -82.13 -49.60
N GLY H 71 47.95 -81.20 -49.58
CA GLY H 71 47.97 -80.04 -48.73
C GLY H 71 47.58 -80.40 -47.33
N ARG H 72 47.51 -79.36 -46.46
CA ARG H 72 47.16 -79.50 -45.08
C ARG H 72 45.81 -78.92 -44.93
N VAL H 73 44.83 -79.78 -44.57
CA VAL H 73 43.43 -79.47 -44.68
C VAL H 73 42.89 -79.60 -43.29
N ARG H 74 41.91 -78.73 -42.99
CA ARG H 74 41.32 -78.58 -41.69
C ARG H 74 39.96 -79.18 -41.78
N LEU H 75 39.80 -80.37 -41.14
CA LEU H 75 38.60 -81.14 -41.17
C LEU H 75 38.16 -81.31 -39.76
N LEU H 76 36.84 -81.36 -39.54
CA LEU H 76 36.27 -81.79 -38.29
C LEU H 76 36.50 -83.26 -38.17
N LEU H 77 36.93 -83.68 -36.96
CA LEU H 77 37.34 -85.02 -36.69
C LEU H 77 36.42 -85.44 -35.60
N SER H 78 36.16 -86.76 -35.53
CA SER H 78 35.24 -87.30 -34.57
C SER H 78 35.82 -88.59 -34.17
N LYS H 79 35.18 -89.25 -33.17
CA LYS H 79 35.65 -90.50 -32.64
C LYS H 79 35.25 -91.54 -33.65
N GLY H 80 36.27 -92.06 -34.39
CA GLY H 80 36.08 -93.04 -35.41
C GLY H 80 37.10 -92.76 -36.47
N HIS H 81 37.67 -91.54 -36.46
CA HIS H 81 38.74 -91.14 -37.33
C HIS H 81 39.98 -91.26 -36.51
N SER H 82 41.14 -91.41 -37.20
CA SER H 82 42.44 -91.32 -36.57
C SER H 82 42.79 -89.87 -36.60
N CYS H 83 43.69 -89.49 -35.67
CA CYS H 83 44.34 -88.20 -35.57
C CYS H 83 43.52 -87.32 -34.67
N TYR H 84 42.72 -87.95 -33.79
CA TYR H 84 41.97 -87.25 -32.80
C TYR H 84 41.79 -88.19 -31.65
N ARG H 85 41.78 -87.63 -30.43
CA ARG H 85 41.42 -88.31 -29.23
C ARG H 85 40.46 -87.34 -28.60
N PRO H 86 39.21 -87.67 -28.29
CA PRO H 86 38.29 -86.73 -27.67
C PRO H 86 38.66 -86.55 -26.23
N ARG H 87 38.61 -85.30 -25.72
CA ARG H 87 38.81 -85.00 -24.33
C ARG H 87 37.57 -85.33 -23.54
N ARG H 88 36.41 -84.91 -24.06
CA ARG H 88 35.14 -85.07 -23.40
C ARG H 88 34.30 -85.85 -24.34
N THR H 89 33.28 -86.57 -23.80
CA THR H 89 32.43 -87.46 -24.55
C THR H 89 31.67 -86.71 -25.59
N GLY H 90 31.74 -87.19 -26.86
CA GLY H 90 31.01 -86.63 -27.97
C GLY H 90 31.65 -85.42 -28.56
N GLU H 91 32.83 -84.99 -28.04
CA GLU H 91 33.46 -83.76 -28.43
C GLU H 91 34.08 -83.95 -29.79
N ARG H 92 34.17 -82.85 -30.57
CA ARG H 92 34.61 -82.86 -31.93
C ARG H 92 35.41 -81.61 -32.02
N LYS H 93 36.54 -81.62 -32.75
CA LYS H 93 37.36 -80.45 -32.90
C LYS H 93 37.84 -80.47 -34.30
N ARG H 94 38.45 -79.34 -34.73
CA ARG H 94 38.94 -79.15 -36.07
C ARG H 94 40.42 -79.00 -35.90
N LYS H 95 41.19 -79.85 -36.60
CA LYS H 95 42.64 -79.84 -36.56
C LYS H 95 43.08 -79.99 -37.98
N SER H 96 44.38 -79.72 -38.22
CA SER H 96 44.98 -79.85 -39.52
C SER H 96 45.58 -81.23 -39.59
N VAL H 97 45.51 -81.84 -40.79
CA VAL H 97 46.10 -83.13 -41.10
C VAL H 97 46.59 -82.95 -42.51
N ARG H 98 47.23 -83.99 -43.09
CA ARG H 98 47.94 -83.84 -44.35
C ARG H 98 47.69 -85.04 -45.20
N GLY H 99 47.72 -84.82 -46.54
CA GLY H 99 47.29 -85.74 -47.59
C GLY H 99 48.10 -87.00 -47.69
N CYS H 100 47.81 -87.78 -48.77
CA CYS H 100 48.47 -89.04 -49.03
C CYS H 100 49.52 -88.92 -50.10
N ILE H 101 49.38 -87.95 -51.02
CA ILE H 101 50.23 -87.85 -52.19
C ILE H 101 51.52 -87.20 -51.81
N VAL H 102 52.63 -87.94 -51.93
CA VAL H 102 53.92 -87.54 -51.40
C VAL H 102 54.47 -86.51 -52.35
N ASP H 103 54.90 -85.37 -51.80
CA ASP H 103 55.52 -84.31 -52.56
C ASP H 103 57.00 -84.49 -52.39
N ALA H 104 57.60 -83.79 -51.41
CA ALA H 104 58.97 -83.94 -51.02
C ALA H 104 59.13 -83.00 -49.85
N ASN H 105 58.04 -82.83 -49.08
CA ASN H 105 57.93 -81.87 -48.01
C ASN H 105 57.73 -82.58 -46.71
N LEU H 106 58.23 -83.83 -46.59
CA LEU H 106 57.93 -84.67 -45.46
C LEU H 106 59.14 -84.75 -44.59
N SER H 107 58.93 -84.88 -43.26
CA SER H 107 59.97 -84.98 -42.27
C SER H 107 60.49 -86.40 -42.23
N VAL H 108 59.56 -87.37 -42.34
CA VAL H 108 59.88 -88.74 -42.09
C VAL H 108 58.73 -89.53 -42.64
N LEU H 109 59.00 -90.78 -43.05
CA LEU H 109 58.00 -91.68 -43.57
C LEU H 109 58.25 -92.94 -42.83
N ASN H 110 57.22 -93.82 -42.83
CA ASN H 110 57.23 -95.08 -42.15
C ASN H 110 57.06 -96.13 -43.20
N LEU H 111 58.08 -97.00 -43.37
CA LEU H 111 58.03 -98.07 -44.32
C LEU H 111 57.98 -99.34 -43.53
N VAL H 112 57.00 -100.20 -43.87
CA VAL H 112 56.78 -101.48 -43.27
C VAL H 112 57.37 -102.48 -44.22
N ILE H 113 58.24 -103.40 -43.74
CA ILE H 113 58.73 -104.54 -44.47
C ILE H 113 57.60 -105.50 -44.71
N VAL H 114 57.43 -105.92 -45.99
CA VAL H 114 56.41 -106.81 -46.44
C VAL H 114 57.11 -108.05 -46.91
N LYS H 115 57.95 -107.94 -47.97
CA LYS H 115 58.67 -109.07 -48.50
C LYS H 115 60.07 -109.00 -47.99
N LYS H 116 60.61 -110.16 -47.55
CA LYS H 116 61.96 -110.31 -47.04
C LYS H 116 62.99 -110.13 -48.12
N GLY H 117 64.19 -109.64 -47.72
CA GLY H 117 65.31 -109.36 -48.58
C GLY H 117 66.01 -110.58 -49.07
N GLU H 118 67.26 -110.34 -49.53
CA GLU H 118 68.18 -111.32 -50.04
C GLU H 118 69.18 -111.60 -48.95
N LYS H 119 69.33 -110.63 -48.03
CA LYS H 119 70.35 -110.60 -47.01
C LYS H 119 69.62 -110.29 -45.75
N ASP H 120 70.33 -110.43 -44.61
CA ASP H 120 69.79 -110.11 -43.32
C ASP H 120 70.36 -108.78 -42.94
N ILE H 121 69.48 -107.74 -42.88
CA ILE H 121 69.83 -106.40 -42.47
C ILE H 121 70.19 -106.47 -40.99
N PRO H 122 71.24 -105.84 -40.46
CA PRO H 122 71.77 -106.23 -39.14
C PRO H 122 70.95 -105.62 -38.04
N GLY H 123 70.13 -104.60 -38.34
CA GLY H 123 69.53 -103.78 -37.33
C GLY H 123 68.18 -104.30 -36.94
N LEU H 124 67.64 -105.29 -37.69
CA LEU H 124 66.27 -105.71 -37.50
C LEU H 124 66.18 -107.21 -37.55
N THR H 125 67.12 -107.90 -38.24
CA THR H 125 67.00 -109.33 -38.51
C THR H 125 68.01 -110.08 -37.66
N ASP H 126 68.81 -109.34 -36.85
CA ASP H 126 69.64 -109.92 -35.83
C ASP H 126 69.10 -109.51 -34.48
N THR H 127 67.85 -109.00 -34.45
CA THR H 127 67.17 -108.68 -33.23
C THR H 127 65.91 -109.51 -33.29
N THR H 128 65.66 -110.30 -32.23
CA THR H 128 64.53 -111.19 -32.13
C THR H 128 63.92 -110.86 -30.80
N VAL H 129 62.60 -110.53 -30.80
CA VAL H 129 61.87 -110.16 -29.63
C VAL H 129 60.78 -111.20 -29.53
N PRO H 130 60.57 -111.93 -28.43
CA PRO H 130 59.41 -112.77 -28.24
C PRO H 130 58.19 -111.93 -27.95
N ARG H 131 57.01 -112.29 -28.52
CA ARG H 131 55.76 -111.70 -28.13
C ARG H 131 55.44 -112.11 -26.72
N ARG H 132 55.15 -111.09 -25.88
CA ARG H 132 55.12 -111.22 -24.44
C ARG H 132 53.99 -112.07 -23.98
N LEU H 133 52.80 -111.91 -24.60
CA LEU H 133 51.56 -112.32 -24.00
C LEU H 133 50.95 -113.33 -24.91
N GLY H 134 50.62 -114.52 -24.35
CA GLY H 134 49.78 -115.50 -24.98
C GLY H 134 48.34 -115.12 -24.75
N PRO H 135 47.41 -116.01 -25.09
CA PRO H 135 45.98 -115.86 -24.91
C PRO H 135 45.54 -115.51 -23.51
N LYS H 136 44.25 -115.08 -23.35
CA LYS H 136 43.68 -114.92 -22.04
C LYS H 136 42.33 -115.59 -22.01
N ARG H 137 41.68 -115.82 -23.18
CA ARG H 137 40.39 -116.48 -23.21
C ARG H 137 40.63 -117.96 -23.29
N ALA H 138 39.62 -118.76 -22.86
CA ALA H 138 39.61 -120.20 -22.91
C ALA H 138 39.78 -120.68 -24.33
N SER H 139 38.87 -120.27 -25.25
CA SER H 139 38.77 -120.81 -26.59
C SER H 139 39.95 -120.38 -27.43
N ARG H 140 40.57 -119.23 -27.10
CA ARG H 140 41.78 -118.76 -27.73
C ARG H 140 42.97 -119.67 -27.48
N ILE H 141 43.04 -120.29 -26.28
CA ILE H 141 44.05 -121.29 -25.93
C ILE H 141 43.82 -122.54 -26.75
N ARG H 142 42.54 -122.92 -26.98
CA ARG H 142 42.17 -124.04 -27.81
C ARG H 142 42.62 -123.85 -29.23
N LYS H 143 42.41 -122.65 -29.82
CA LYS H 143 42.83 -122.37 -31.18
C LYS H 143 44.33 -122.42 -31.32
N LEU H 144 45.08 -121.90 -30.32
CA LEU H 144 46.52 -121.85 -30.36
C LEU H 144 47.16 -123.22 -30.39
N PHE H 145 47.00 -124.03 -29.30
CA PHE H 145 47.63 -125.32 -29.18
C PHE H 145 46.83 -126.43 -29.82
N ASN H 146 45.68 -126.11 -30.46
CA ASN H 146 44.89 -127.03 -31.27
C ASN H 146 44.40 -128.21 -30.48
N LEU H 147 43.74 -127.96 -29.31
CA LEU H 147 43.19 -128.99 -28.46
C LEU H 147 41.84 -129.37 -29.00
N SER H 148 41.20 -130.40 -28.40
CA SER H 148 39.86 -130.82 -28.72
C SER H 148 38.92 -129.99 -27.88
N LYS H 149 38.35 -130.56 -26.78
CA LYS H 149 37.57 -129.83 -25.82
C LYS H 149 37.59 -130.61 -24.52
N GLU H 150 38.21 -131.82 -24.49
CA GLU H 150 38.27 -132.63 -23.30
C GLU H 150 39.63 -132.55 -22.67
N ASP H 151 40.57 -131.85 -23.34
CA ASP H 151 41.88 -131.51 -22.84
C ASP H 151 41.84 -130.54 -21.68
N ASP H 152 40.96 -129.51 -21.80
CA ASP H 152 40.73 -128.46 -20.82
C ASP H 152 42.00 -127.72 -20.49
N VAL H 153 42.11 -127.15 -19.27
CA VAL H 153 43.26 -126.44 -18.80
C VAL H 153 43.62 -127.19 -17.56
N ARG H 154 44.88 -127.67 -17.52
CA ARG H 154 45.42 -128.31 -16.35
C ARG H 154 46.92 -128.27 -16.41
N GLN H 155 47.46 -127.58 -17.45
CA GLN H 155 48.87 -127.47 -17.73
C GLN H 155 49.01 -126.69 -18.99
N TYR H 156 47.88 -126.23 -19.58
CA TYR H 156 47.83 -125.64 -20.88
C TYR H 156 47.84 -124.14 -20.84
N VAL H 157 47.96 -123.54 -19.63
CA VAL H 157 48.03 -122.10 -19.48
C VAL H 157 49.48 -121.71 -19.66
N VAL H 158 49.72 -120.57 -20.34
CA VAL H 158 51.03 -119.97 -20.55
C VAL H 158 51.62 -119.57 -19.22
N ARG H 159 52.96 -119.76 -19.06
CA ARG H 159 53.64 -119.44 -17.83
C ARG H 159 54.71 -118.44 -18.16
N LYS H 160 54.53 -117.21 -17.63
CA LYS H 160 55.31 -116.04 -17.96
C LYS H 160 56.37 -115.85 -16.90
N PRO H 161 57.67 -115.99 -17.13
CA PRO H 161 58.66 -115.89 -16.08
C PRO H 161 58.86 -114.47 -15.61
N LEU H 162 58.97 -114.31 -14.27
CA LEU H 162 59.49 -113.18 -13.54
C LEU H 162 60.94 -113.48 -13.34
N ASN H 163 61.80 -112.64 -13.93
CA ASN H 163 63.23 -112.85 -13.97
C ASN H 163 63.84 -112.86 -12.58
N LYS H 164 63.46 -111.91 -11.70
CA LYS H 164 63.99 -111.86 -10.36
C LYS H 164 63.11 -111.00 -9.50
N GLU H 165 63.27 -111.17 -8.19
CA GLU H 165 62.69 -110.33 -7.18
C GLU H 165 63.61 -110.44 -5.99
N GLY H 166 64.63 -111.33 -6.08
CA GLY H 166 65.66 -111.52 -5.10
C GLY H 166 65.25 -112.42 -3.98
N LYS H 167 64.03 -113.01 -4.03
CA LYS H 167 63.55 -113.87 -2.99
C LYS H 167 62.77 -114.99 -3.61
N LYS H 168 62.26 -114.80 -4.85
CA LYS H 168 61.53 -115.84 -5.53
C LYS H 168 61.25 -115.36 -6.93
N PRO H 169 61.96 -115.86 -7.95
CA PRO H 169 61.54 -115.77 -9.34
C PRO H 169 60.23 -116.52 -9.48
N ARG H 170 59.15 -115.84 -9.94
CA ARG H 170 57.86 -116.45 -10.15
C ARG H 170 57.75 -116.88 -11.58
N THR H 171 56.79 -117.78 -11.88
CA THR H 171 56.27 -117.93 -13.22
C THR H 171 54.83 -117.64 -13.01
N LYS H 172 54.32 -116.59 -13.68
CA LYS H 172 52.95 -116.16 -13.53
C LYS H 172 52.08 -116.85 -14.51
N ALA H 173 50.77 -117.00 -14.20
CA ALA H 173 49.78 -117.38 -15.16
C ALA H 173 48.70 -116.34 -15.05
N PRO H 174 48.17 -115.77 -16.13
CA PRO H 174 47.03 -114.87 -16.07
C PRO H 174 45.76 -115.62 -15.75
N LYS H 175 44.66 -114.85 -15.54
CA LYS H 175 43.35 -115.37 -15.24
C LYS H 175 42.74 -115.74 -16.56
N ILE H 176 41.80 -116.71 -16.57
CA ILE H 176 41.14 -117.18 -17.76
C ILE H 176 39.70 -116.85 -17.55
N GLN H 177 39.07 -116.24 -18.58
CA GLN H 177 37.66 -115.97 -18.64
C GLN H 177 37.07 -116.85 -19.70
N ARG H 178 35.73 -117.02 -19.64
CA ARG H 178 34.92 -117.98 -20.38
C ARG H 178 35.35 -119.40 -20.16
N LEU H 179 35.68 -119.75 -18.90
CA LEU H 179 35.92 -121.11 -18.49
C LEU H 179 34.93 -121.38 -17.41
N VAL H 180 34.23 -122.53 -17.50
CA VAL H 180 33.20 -122.91 -16.56
C VAL H 180 33.82 -123.58 -15.38
N THR H 181 33.36 -123.20 -14.18
CA THR H 181 33.82 -123.73 -12.92
C THR H 181 32.54 -124.14 -12.25
N PRO H 182 32.51 -124.80 -11.11
CA PRO H 182 31.28 -125.18 -10.46
C PRO H 182 30.41 -124.00 -10.11
N ARG H 183 31.01 -122.85 -9.71
CA ARG H 183 30.29 -121.66 -9.34
C ARG H 183 29.43 -121.12 -10.45
N VAL H 184 29.93 -121.19 -11.72
CA VAL H 184 29.25 -120.75 -12.91
C VAL H 184 27.98 -121.52 -13.10
N LEU H 185 28.08 -122.86 -12.99
CA LEU H 185 27.04 -123.80 -13.32
C LEU H 185 25.86 -123.70 -12.39
N GLN H 186 26.12 -123.38 -11.09
CA GLN H 186 25.12 -123.10 -10.09
C GLN H 186 24.23 -121.95 -10.46
N HIS H 187 24.83 -120.84 -10.94
CA HIS H 187 24.14 -119.65 -11.38
C HIS H 187 23.25 -119.90 -12.56
N LYS H 188 23.58 -120.90 -13.41
CA LYS H 188 22.81 -121.22 -14.60
C LYS H 188 21.65 -122.08 -14.23
N ARG H 189 21.78 -122.87 -13.14
CA ARG H 189 20.71 -123.70 -12.61
C ARG H 189 19.75 -122.84 -11.85
N ARG H 190 20.28 -121.83 -11.12
CA ARG H 190 19.48 -120.92 -10.33
C ARG H 190 18.73 -119.96 -11.23
N ARG H 191 19.32 -119.61 -12.38
CA ARG H 191 18.69 -118.78 -13.39
C ARG H 191 17.40 -119.35 -13.89
N ILE H 192 17.30 -120.70 -14.03
CA ILE H 192 16.13 -121.34 -14.58
C ILE H 192 15.19 -121.71 -13.48
N ALA H 193 15.69 -121.93 -12.24
CA ALA H 193 14.86 -122.28 -11.11
C ALA H 193 13.92 -121.16 -10.77
N LEU H 194 14.41 -119.90 -10.83
CA LEU H 194 13.65 -118.69 -10.63
C LEU H 194 12.60 -118.47 -11.68
N LYS H 195 12.90 -118.81 -12.96
CA LYS H 195 11.99 -118.62 -14.06
C LYS H 195 10.78 -119.52 -13.93
N LYS H 196 11.02 -120.78 -13.53
CA LYS H 196 10.03 -121.79 -13.27
C LYS H 196 9.18 -121.46 -12.07
N GLN H 197 9.81 -120.94 -10.99
CA GLN H 197 9.17 -120.50 -9.78
C GLN H 197 8.19 -119.39 -10.03
N ARG H 198 8.54 -118.47 -10.96
CA ARG H 198 7.75 -117.32 -11.33
C ARG H 198 6.48 -117.77 -12.00
N THR H 199 6.57 -118.80 -12.85
CA THR H 199 5.44 -119.36 -13.57
C THR H 199 4.51 -120.07 -12.61
N LYS H 200 5.09 -120.80 -11.63
CA LYS H 200 4.35 -121.49 -10.59
C LYS H 200 3.56 -120.56 -9.69
N LYS H 201 4.02 -119.32 -9.48
CA LYS H 201 3.35 -118.36 -8.62
C LYS H 201 2.19 -117.75 -9.32
N ASN H 202 2.30 -117.47 -10.63
CA ASN H 202 1.20 -116.93 -11.42
C ASN H 202 0.10 -117.95 -11.59
N LYS H 203 0.39 -119.24 -11.39
CA LYS H 203 -0.61 -120.26 -11.39
C LYS H 203 -1.47 -120.18 -10.16
N GLU H 204 -0.86 -120.20 -8.95
CA GLU H 204 -1.59 -120.34 -7.71
C GLU H 204 -2.41 -119.14 -7.36
N GLU H 205 -1.92 -117.93 -7.70
CA GLU H 205 -2.60 -116.68 -7.46
C GLU H 205 -3.90 -116.62 -8.22
N ALA H 206 -3.84 -116.91 -9.54
CA ALA H 206 -4.99 -116.94 -10.41
C ALA H 206 -5.99 -118.01 -10.06
N ALA H 207 -5.53 -119.12 -9.44
CA ALA H 207 -6.35 -120.22 -8.97
C ALA H 207 -7.24 -119.77 -7.87
N GLU H 208 -6.64 -119.17 -6.82
CA GLU H 208 -7.31 -118.64 -5.65
C GLU H 208 -8.26 -117.54 -6.01
N TYR H 209 -7.85 -116.66 -6.95
CA TYR H 209 -8.67 -115.57 -7.39
C TYR H 209 -9.90 -116.07 -8.10
N ALA H 210 -9.79 -117.20 -8.83
CA ALA H 210 -10.89 -117.76 -9.57
C ALA H 210 -11.92 -118.35 -8.64
N LYS H 211 -11.47 -119.04 -7.58
CA LYS H 211 -12.29 -119.52 -6.49
C LYS H 211 -13.10 -118.43 -5.84
N LEU H 212 -12.42 -117.34 -5.42
CA LEU H 212 -13.00 -116.17 -4.81
C LEU H 212 -13.97 -115.45 -5.71
N LEU H 213 -13.60 -115.26 -6.99
CA LEU H 213 -14.41 -114.61 -7.99
C LEU H 213 -15.68 -115.35 -8.23
N ALA H 214 -15.59 -116.69 -8.40
CA ALA H 214 -16.72 -117.53 -8.68
C ALA H 214 -17.66 -117.63 -7.51
N LYS H 215 -17.15 -117.45 -6.26
CA LYS H 215 -17.96 -117.46 -5.07
C LYS H 215 -18.98 -116.35 -5.06
N ARG H 216 -18.53 -115.09 -5.33
CA ARG H 216 -19.34 -113.90 -5.41
C ARG H 216 -20.29 -113.89 -6.58
N MET H 217 -19.86 -114.54 -7.68
CA MET H 217 -20.55 -114.49 -8.94
C MET H 217 -20.83 -115.95 -9.36
N LYS H 218 -22.83 -116.06 -5.96
CA LYS H 218 -23.86 -115.92 -4.91
C LYS H 218 -24.50 -114.58 -5.01
N GLU H 219 -23.71 -113.49 -4.89
CA GLU H 219 -24.17 -112.13 -4.96
C GLU H 219 -24.85 -111.78 -6.25
N ALA H 220 -24.25 -112.17 -7.41
CA ALA H 220 -24.85 -111.92 -8.72
C ALA H 220 -26.22 -112.54 -8.83
N LYS H 221 -26.30 -113.83 -8.40
CA LYS H 221 -27.48 -114.65 -8.34
C LYS H 221 -28.54 -114.00 -7.49
N GLU H 222 -28.12 -113.49 -6.31
CA GLU H 222 -28.90 -112.80 -5.33
C GLU H 222 -29.57 -111.58 -5.89
N LYS H 223 -28.83 -110.73 -6.67
CA LYS H 223 -29.42 -109.56 -7.31
C LYS H 223 -30.54 -109.90 -8.25
N ARG H 224 -30.33 -110.91 -9.14
CA ARG H 224 -31.35 -111.38 -10.06
C ARG H 224 -32.59 -111.89 -9.36
N GLN H 225 -32.36 -112.70 -8.30
CA GLN H 225 -33.34 -113.29 -7.42
C GLN H 225 -34.16 -112.22 -6.77
N GLU H 226 -33.49 -111.15 -6.28
CA GLU H 226 -34.07 -109.99 -5.65
C GLU H 226 -35.05 -109.30 -6.55
N GLN H 227 -34.69 -109.06 -7.85
CA GLN H 227 -35.61 -108.43 -8.79
C GLN H 227 -36.90 -109.20 -8.98
N ILE H 228 -36.78 -110.54 -9.20
CA ILE H 228 -37.91 -111.44 -9.34
C ILE H 228 -38.81 -111.43 -8.12
N ALA H 229 -38.18 -111.54 -6.94
CA ALA H 229 -38.78 -111.54 -5.63
C ALA H 229 -39.56 -110.30 -5.39
N LYS H 230 -38.99 -109.12 -5.72
CA LYS H 230 -39.60 -107.81 -5.61
C LYS H 230 -40.87 -107.72 -6.40
N ARG H 231 -40.88 -108.19 -7.67
CA ARG H 231 -42.11 -108.18 -8.46
C ARG H 231 -43.24 -108.94 -7.79
N ARG H 232 -42.93 -110.20 -7.35
CA ARG H 232 -43.88 -111.06 -6.64
C ARG H 232 -44.42 -110.47 -5.36
N ARG H 233 -43.51 -109.92 -4.50
CA ARG H 233 -43.77 -109.29 -3.24
C ARG H 233 -44.69 -108.12 -3.35
N LEU H 234 -44.42 -107.23 -4.34
CA LEU H 234 -45.22 -106.08 -4.63
C LEU H 234 -46.63 -106.48 -4.96
N SER H 235 -46.78 -107.49 -5.86
CA SER H 235 -48.06 -108.03 -6.26
C SER H 235 -48.90 -108.58 -5.12
N SER H 236 -48.28 -109.42 -4.23
CA SER H 236 -48.82 -110.02 -3.00
C SER H 236 -49.92 -109.28 -2.29
N LEU H 237 -50.51 -108.30 -3.01
CA LEU H 237 -51.84 -107.79 -2.77
C LEU H 237 -51.83 -106.32 -3.22
N SER I 1 -81.76 -75.58 -2.07
CA SER I 1 -82.38 -75.68 -0.73
C SER I 1 -81.84 -74.57 0.14
N ALA I 2 -80.73 -74.85 0.87
CA ALA I 2 -80.20 -73.94 1.85
C ALA I 2 -78.79 -74.36 2.17
N LYS I 3 -78.35 -75.55 1.68
CA LYS I 3 -77.03 -76.08 1.94
C LYS I 3 -76.30 -76.26 0.65
N ILE I 4 -76.94 -75.89 -0.49
CA ILE I 4 -76.44 -76.16 -1.82
C ILE I 4 -76.81 -74.98 -2.67
N VAL I 5 -77.06 -73.81 -2.05
CA VAL I 5 -77.25 -72.56 -2.73
C VAL I 5 -76.12 -71.60 -2.38
N LYS I 6 -75.07 -72.12 -1.71
CA LYS I 6 -73.87 -71.38 -1.47
C LYS I 6 -72.73 -72.32 -1.80
N PRO I 7 -71.85 -72.03 -2.76
CA PRO I 7 -70.74 -72.91 -3.11
C PRO I 7 -69.75 -73.10 -1.98
N ASN I 8 -68.90 -74.13 -2.10
CA ASN I 8 -67.88 -74.60 -1.17
C ASN I 8 -67.25 -73.54 -0.31
N GLY I 9 -67.06 -73.87 1.00
CA GLY I 9 -66.79 -72.90 2.03
C GLY I 9 -67.87 -73.02 3.06
N GLU I 10 -67.62 -73.85 4.10
CA GLU I 10 -68.40 -73.99 5.31
C GLU I 10 -69.82 -74.43 5.03
N LYS I 11 -69.95 -75.53 4.26
CA LYS I 11 -71.21 -76.07 3.77
C LYS I 11 -72.16 -76.53 4.87
N PRO I 12 -71.81 -77.23 5.95
CA PRO I 12 -72.81 -77.61 6.94
C PRO I 12 -72.67 -76.75 8.17
N ASP I 13 -73.46 -75.65 8.25
CA ASP I 13 -73.56 -74.85 9.45
C ASP I 13 -74.96 -74.33 9.45
N GLU I 14 -75.60 -74.35 10.64
CA GLU I 14 -77.03 -74.20 10.81
C GLU I 14 -77.49 -72.81 10.45
N PHE I 15 -76.91 -71.79 11.12
CA PHE I 15 -77.17 -70.38 10.89
C PHE I 15 -76.87 -69.97 9.48
N GLU I 16 -75.72 -70.42 8.92
CA GLU I 16 -75.29 -70.04 7.59
C GLU I 16 -76.22 -70.55 6.53
N SER I 17 -76.84 -71.74 6.77
CA SER I 17 -77.80 -72.32 5.87
C SER I 17 -79.09 -71.59 5.95
N GLY I 18 -79.54 -71.24 7.18
CA GLY I 18 -80.74 -70.46 7.40
C GLY I 18 -80.70 -69.04 6.86
N ILE I 19 -79.48 -68.46 6.66
CA ILE I 19 -79.27 -67.17 6.07
C ILE I 19 -79.55 -67.26 4.60
N SER I 20 -78.92 -68.24 3.90
CA SER I 20 -79.02 -68.43 2.48
C SER I 20 -80.43 -68.72 2.03
N GLN I 21 -81.19 -69.45 2.87
CA GLN I 21 -82.52 -69.95 2.60
C GLN I 21 -83.46 -68.81 2.42
N ALA I 22 -83.52 -67.91 3.43
CA ALA I 22 -84.38 -66.76 3.44
C ALA I 22 -83.87 -65.65 2.56
N LEU I 23 -82.57 -65.71 2.16
CA LEU I 23 -81.96 -64.73 1.30
C LEU I 23 -82.46 -64.94 -0.10
N LEU I 24 -82.25 -66.14 -0.68
CA LEU I 24 -82.74 -66.49 -1.99
C LEU I 24 -84.24 -66.50 -2.11
N GLU I 25 -84.99 -66.83 -1.03
CA GLU I 25 -86.43 -66.81 -1.00
C GLU I 25 -87.02 -65.45 -1.33
N LEU I 26 -86.46 -64.39 -0.69
CA LEU I 26 -86.80 -63.00 -0.88
C LEU I 26 -86.52 -62.49 -2.26
N GLU I 27 -85.35 -62.88 -2.83
CA GLU I 27 -84.93 -62.51 -4.16
C GLU I 27 -85.86 -63.04 -5.22
N MET I 28 -86.48 -64.22 -5.00
CA MET I 28 -87.47 -64.77 -5.91
C MET I 28 -88.82 -64.16 -5.69
N ASN I 29 -89.12 -63.70 -4.46
CA ASN I 29 -90.38 -63.07 -4.13
C ASN I 29 -90.49 -61.75 -4.86
N SER I 30 -91.76 -61.36 -5.14
CA SER I 30 -92.08 -60.21 -5.96
C SER I 30 -92.26 -58.95 -5.14
N ASP I 31 -91.95 -59.00 -3.81
CA ASP I 31 -92.02 -57.86 -2.93
C ASP I 31 -91.04 -56.80 -3.37
N LEU I 32 -89.83 -57.22 -3.79
CA LEU I 32 -88.94 -56.40 -4.53
C LEU I 32 -88.21 -57.35 -5.43
N LYS I 33 -87.95 -56.90 -6.67
CA LYS I 33 -87.39 -57.72 -7.70
C LYS I 33 -86.78 -56.75 -8.69
N ALA I 34 -86.74 -55.45 -8.33
CA ALA I 34 -86.18 -54.39 -9.14
C ALA I 34 -84.82 -54.02 -8.61
N GLN I 35 -84.39 -54.68 -7.50
CA GLN I 35 -83.06 -54.50 -6.95
C GLN I 35 -82.64 -55.83 -6.37
N LEU I 36 -83.35 -56.93 -6.74
CA LEU I 36 -83.04 -58.25 -6.26
C LEU I 36 -83.21 -59.21 -7.40
N ARG I 37 -82.26 -60.16 -7.46
CA ARG I 37 -82.03 -61.04 -8.59
C ARG I 37 -81.58 -62.28 -7.90
N GLU I 38 -82.08 -63.46 -8.33
CA GLU I 38 -81.62 -64.73 -7.83
C GLU I 38 -80.20 -64.98 -8.30
N LEU I 39 -79.28 -65.06 -7.31
CA LEU I 39 -77.89 -65.39 -7.51
C LEU I 39 -77.51 -66.16 -6.27
N ASN I 40 -76.26 -66.68 -6.25
CA ASN I 40 -75.70 -67.40 -5.14
C ASN I 40 -74.66 -66.50 -4.54
N ILE I 41 -74.26 -66.82 -3.29
CA ILE I 41 -73.24 -66.13 -2.54
C ILE I 41 -71.98 -66.93 -2.80
N THR I 42 -71.04 -67.06 -1.83
CA THR I 42 -69.96 -67.99 -2.01
C THR I 42 -69.51 -68.46 -0.64
N ALA I 43 -69.96 -67.80 0.44
CA ALA I 43 -69.65 -68.22 1.78
C ALA I 43 -70.43 -67.32 2.69
N ALA I 44 -70.30 -67.57 4.01
CA ALA I 44 -70.82 -66.68 5.01
C ALA I 44 -70.08 -67.05 6.26
N LYS I 45 -70.21 -66.22 7.33
CA LYS I 45 -69.45 -66.41 8.53
C LYS I 45 -70.11 -65.53 9.54
N GLU I 46 -69.99 -65.86 10.84
CA GLU I 46 -70.54 -65.08 11.91
C GLU I 46 -69.38 -64.85 12.83
N ILE I 47 -69.16 -63.57 13.25
CA ILE I 47 -68.02 -63.19 14.06
C ILE I 47 -68.54 -62.16 15.00
N GLU I 48 -68.05 -62.16 16.27
CA GLU I 48 -68.57 -61.29 17.29
C GLU I 48 -67.80 -60.01 17.33
N VAL I 49 -68.08 -59.18 18.36
CA VAL I 49 -67.32 -58.02 18.71
C VAL I 49 -67.40 -58.02 20.21
N GLY I 50 -66.53 -57.19 20.85
CA GLY I 50 -66.52 -56.95 22.29
C GLY I 50 -67.56 -55.98 22.76
N GLY I 51 -68.39 -55.44 21.83
CA GLY I 51 -69.49 -54.57 22.16
C GLY I 51 -70.68 -55.29 22.71
N GLY I 52 -70.64 -56.64 22.76
CA GLY I 52 -71.72 -57.43 23.29
C GLY I 52 -72.71 -57.74 22.21
N ARG I 53 -72.23 -57.86 20.95
CA ARG I 53 -73.09 -58.05 19.80
C ARG I 53 -72.34 -58.91 18.84
N LYS I 54 -73.11 -59.52 17.91
CA LYS I 54 -72.68 -60.42 16.88
C LYS I 54 -72.81 -59.67 15.59
N ALA I 55 -72.14 -60.16 14.54
CA ALA I 55 -72.30 -59.58 13.24
C ALA I 55 -72.04 -60.68 12.25
N ILE I 56 -72.77 -60.64 11.13
CA ILE I 56 -72.77 -61.65 10.11
C ILE I 56 -71.98 -61.04 8.99
N ILE I 57 -71.37 -61.88 8.14
CA ILE I 57 -70.55 -61.47 7.03
C ILE I 57 -71.13 -62.28 5.91
N ILE I 58 -71.26 -61.69 4.70
CA ILE I 58 -71.77 -62.37 3.54
C ILE I 58 -70.76 -62.08 2.47
N PHE I 59 -70.17 -63.14 1.87
CA PHE I 59 -69.18 -63.01 0.83
C PHE I 59 -69.88 -63.23 -0.46
N VAL I 60 -69.25 -62.81 -1.60
CA VAL I 60 -69.88 -62.87 -2.89
C VAL I 60 -68.84 -63.29 -3.90
N PRO I 61 -69.20 -63.74 -5.11
CA PRO I 61 -68.26 -64.22 -6.12
C PRO I 61 -67.27 -63.23 -6.67
N VAL I 62 -67.61 -61.91 -6.73
CA VAL I 62 -66.75 -60.87 -7.26
C VAL I 62 -66.54 -60.98 -8.76
N PRO I 63 -67.61 -61.18 -9.49
CA PRO I 63 -67.91 -60.14 -10.46
C PRO I 63 -69.34 -59.77 -10.20
N GLN I 64 -69.99 -60.54 -9.30
CA GLN I 64 -71.38 -60.42 -8.93
C GLN I 64 -71.53 -59.40 -7.86
N LEU I 65 -70.39 -58.99 -7.25
CA LEU I 65 -70.24 -58.02 -6.19
C LEU I 65 -70.96 -56.74 -6.48
N LYS I 66 -71.00 -56.28 -7.75
CA LYS I 66 -71.64 -55.03 -8.13
C LYS I 66 -73.12 -55.03 -7.80
N SER I 67 -73.83 -56.16 -8.04
CA SER I 67 -75.25 -56.26 -7.78
C SER I 67 -75.60 -56.30 -6.31
N PHE I 68 -74.83 -57.04 -5.47
CA PHE I 68 -75.03 -57.10 -4.03
C PHE I 68 -74.95 -55.76 -3.34
N GLN I 69 -73.99 -54.91 -3.78
CA GLN I 69 -73.73 -53.59 -3.28
C GLN I 69 -74.85 -52.63 -3.59
N LYS I 70 -75.71 -52.98 -4.59
CA LYS I 70 -76.79 -52.15 -5.06
C LYS I 70 -77.84 -51.92 -4.00
N ILE I 71 -78.35 -53.01 -3.36
CA ILE I 71 -79.46 -52.86 -2.46
C ILE I 71 -78.91 -52.65 -1.07
N GLN I 72 -78.28 -53.67 -0.43
CA GLN I 72 -77.28 -53.61 0.61
C GLN I 72 -77.70 -52.99 1.94
N VAL I 73 -78.91 -52.41 2.03
CA VAL I 73 -79.29 -51.60 3.15
C VAL I 73 -80.65 -52.08 3.53
N ARG I 74 -81.61 -52.05 2.56
CA ARG I 74 -82.90 -52.69 2.65
C ARG I 74 -82.81 -54.15 3.00
N LEU I 75 -81.93 -54.88 2.26
CA LEU I 75 -81.63 -56.27 2.45
C LEU I 75 -81.06 -56.54 3.81
N VAL I 76 -80.06 -55.72 4.22
CA VAL I 76 -79.39 -55.82 5.50
C VAL I 76 -80.35 -55.53 6.61
N ARG I 77 -81.33 -54.63 6.40
CA ARG I 77 -82.36 -54.27 7.35
C ARG I 77 -83.21 -55.47 7.69
N GLU I 78 -83.70 -56.20 6.65
CA GLU I 78 -84.48 -57.40 6.81
C GLU I 78 -83.73 -58.47 7.56
N LEU I 79 -82.41 -58.61 7.33
CA LEU I 79 -81.63 -59.65 7.96
C LEU I 79 -81.16 -59.25 9.35
N GLU I 80 -81.23 -57.95 9.71
CA GLU I 80 -81.01 -57.47 11.06
C GLU I 80 -82.11 -57.89 11.98
N LYS I 81 -83.33 -58.05 11.44
CA LYS I 81 -84.51 -58.39 12.20
C LYS I 81 -84.67 -59.88 12.20
N LYS I 82 -84.31 -60.56 11.08
CA LYS I 82 -84.46 -62.00 10.97
C LYS I 82 -83.49 -62.72 11.85
N PHE I 83 -82.28 -62.15 12.08
CA PHE I 83 -81.28 -62.74 12.94
C PHE I 83 -81.12 -61.95 14.20
N SER I 84 -82.16 -61.18 14.57
CA SER I 84 -82.29 -60.14 15.58
C SER I 84 -81.07 -59.66 16.33
N GLY I 85 -80.82 -58.32 16.28
CA GLY I 85 -79.81 -57.66 17.06
C GLY I 85 -78.40 -57.80 16.55
N LYS I 86 -78.23 -58.29 15.32
CA LYS I 86 -76.92 -58.50 14.73
C LYS I 86 -76.88 -57.62 13.53
N HIS I 87 -75.67 -57.10 13.18
CA HIS I 87 -75.52 -56.28 11.99
C HIS I 87 -75.08 -57.24 10.94
N VAL I 88 -75.30 -56.88 9.67
CA VAL I 88 -75.11 -57.76 8.55
C VAL I 88 -74.43 -56.88 7.56
N VAL I 89 -73.35 -57.37 6.91
CA VAL I 89 -72.60 -56.54 6.00
C VAL I 89 -72.07 -57.48 4.97
N PHE I 90 -71.95 -56.95 3.73
CA PHE I 90 -71.42 -57.65 2.59
C PHE I 90 -69.98 -57.30 2.45
N ILE I 91 -69.23 -58.23 1.84
CA ILE I 91 -67.83 -58.08 1.57
C ILE I 91 -67.61 -58.95 0.35
N ALA I 92 -66.39 -58.90 -0.20
CA ALA I 92 -66.02 -59.51 -1.44
C ALA I 92 -64.95 -60.49 -1.14
N GLN I 93 -64.95 -61.64 -1.84
CA GLN I 93 -64.05 -62.74 -1.56
C GLN I 93 -62.91 -62.55 -2.51
N ARG I 94 -61.73 -62.20 -1.95
CA ARG I 94 -60.58 -61.81 -2.69
C ARG I 94 -59.45 -62.70 -2.31
N ARG I 95 -58.75 -63.24 -3.33
CA ARG I 95 -57.63 -64.12 -3.16
C ARG I 95 -56.39 -63.28 -2.97
N ILE I 96 -55.38 -63.87 -2.29
CA ILE I 96 -54.18 -63.19 -1.88
C ILE I 96 -53.11 -64.22 -2.05
N LEU I 97 -51.90 -63.75 -2.44
CA LEU I 97 -50.89 -64.60 -3.01
C LEU I 97 -49.65 -64.43 -2.17
N PRO I 98 -48.86 -65.47 -1.90
CA PRO I 98 -47.46 -65.37 -1.55
C PRO I 98 -46.65 -64.67 -2.62
N LYS I 99 -45.42 -64.24 -2.30
CA LYS I 99 -44.47 -63.65 -3.21
C LYS I 99 -44.14 -64.61 -4.34
N PRO I 100 -43.84 -64.18 -5.56
CA PRO I 100 -43.47 -65.08 -6.65
C PRO I 100 -42.12 -65.72 -6.45
N THR I 101 -41.38 -65.32 -5.40
CA THR I 101 -40.10 -65.84 -5.03
C THR I 101 -40.30 -66.41 -3.66
N ARG I 102 -40.03 -67.72 -3.50
CA ARG I 102 -39.26 -68.23 -2.39
C ARG I 102 -40.20 -68.64 -1.27
N LYS I 103 -41.40 -69.17 -1.60
CA LYS I 103 -42.20 -69.90 -0.64
C LYS I 103 -42.87 -71.07 -1.33
N SER I 104 -44.09 -70.86 -1.89
CA SER I 104 -44.75 -71.76 -2.80
C SER I 104 -44.05 -71.82 -4.13
N ARG I 105 -44.13 -72.99 -4.80
CA ARG I 105 -43.36 -73.29 -5.98
C ARG I 105 -44.18 -72.90 -7.18
N THR I 106 -43.52 -72.27 -8.17
CA THR I 106 -44.12 -71.88 -9.41
C THR I 106 -42.99 -71.90 -10.40
N LYS I 107 -43.30 -71.82 -11.70
CA LYS I 107 -42.32 -71.84 -12.77
C LYS I 107 -42.27 -70.44 -13.33
N ASN I 108 -42.81 -69.47 -12.57
CA ASN I 108 -43.03 -68.09 -12.94
C ASN I 108 -44.05 -68.09 -14.04
N LYS I 109 -45.14 -68.86 -13.81
CA LYS I 109 -46.18 -69.17 -14.76
C LYS I 109 -46.93 -67.92 -15.11
N GLN I 110 -47.10 -67.04 -14.10
CA GLN I 110 -47.80 -65.80 -14.18
C GLN I 110 -46.95 -64.78 -13.48
N LYS I 111 -47.43 -63.52 -13.44
CA LYS I 111 -46.64 -62.36 -13.09
C LYS I 111 -46.87 -62.03 -11.62
N ARG I 112 -47.90 -62.65 -10.98
CA ARG I 112 -48.46 -62.28 -9.70
C ARG I 112 -49.18 -60.97 -9.87
N PRO I 113 -50.42 -60.91 -10.38
CA PRO I 113 -51.20 -59.70 -10.54
C PRO I 113 -51.21 -58.77 -9.36
N ARG I 114 -51.35 -57.46 -9.62
CA ARG I 114 -51.31 -56.44 -8.59
C ARG I 114 -52.75 -56.18 -8.16
N SER I 115 -53.69 -56.96 -8.72
CA SER I 115 -55.07 -57.01 -8.30
C SER I 115 -55.33 -58.32 -7.63
N ARG I 116 -54.27 -59.02 -7.15
CA ARG I 116 -54.42 -60.25 -6.41
C ARG I 116 -53.29 -60.30 -5.41
N THR I 117 -52.58 -59.17 -5.22
CA THR I 117 -51.53 -59.00 -4.25
C THR I 117 -52.19 -58.75 -2.92
N LEU I 118 -51.40 -58.63 -1.82
CA LEU I 118 -51.91 -58.52 -0.48
C LEU I 118 -52.44 -57.14 -0.29
N THR I 119 -51.63 -56.11 -0.62
CA THR I 119 -51.90 -54.73 -0.28
C THR I 119 -53.14 -54.22 -0.96
N ALA I 120 -53.39 -54.64 -2.22
CA ALA I 120 -54.56 -54.23 -2.99
C ALA I 120 -55.84 -54.77 -2.44
N VAL I 121 -55.79 -55.86 -1.65
CA VAL I 121 -56.95 -56.53 -1.14
C VAL I 121 -57.38 -55.83 0.11
N HIS I 122 -56.43 -55.50 1.00
CA HIS I 122 -56.68 -54.82 2.25
C HIS I 122 -57.19 -53.41 2.08
N ASP I 123 -56.93 -52.79 0.90
CA ASP I 123 -57.46 -51.48 0.57
C ASP I 123 -58.89 -51.63 0.13
N ALA I 124 -59.20 -52.69 -0.65
CA ALA I 124 -60.51 -52.99 -1.18
C ALA I 124 -61.47 -53.42 -0.11
N ILE I 125 -60.99 -54.17 0.90
CA ILE I 125 -61.73 -54.61 2.08
C ILE I 125 -62.29 -53.43 2.83
N LEU I 126 -61.50 -52.35 3.02
CA LEU I 126 -61.92 -51.17 3.75
C LEU I 126 -63.09 -50.48 3.09
N GLU I 127 -63.21 -50.58 1.75
CA GLU I 127 -64.25 -49.93 0.98
C GLU I 127 -65.61 -50.52 1.21
N ASP I 128 -65.70 -51.76 1.75
CA ASP I 128 -66.94 -52.52 1.76
C ASP I 128 -67.62 -52.29 3.06
N LEU I 129 -66.83 -52.21 4.16
CA LEU I 129 -67.28 -51.99 5.51
C LEU I 129 -68.10 -50.74 5.67
N VAL I 130 -67.67 -49.64 4.99
CA VAL I 130 -68.28 -48.34 5.11
C VAL I 130 -68.75 -47.95 3.74
N PHE I 131 -69.22 -48.94 2.93
CA PHE I 131 -69.75 -48.71 1.61
C PHE I 131 -70.78 -47.61 1.49
N PRO I 132 -71.85 -47.42 2.25
CA PRO I 132 -72.79 -46.36 1.90
C PRO I 132 -72.25 -44.97 2.12
N SER I 133 -71.10 -44.77 2.82
CA SER I 133 -70.53 -43.44 2.96
C SER I 133 -69.45 -43.09 1.98
N GLU I 134 -68.74 -44.12 1.43
CA GLU I 134 -67.55 -43.93 0.59
C GLU I 134 -66.43 -43.32 1.44
N ILE I 135 -65.22 -43.02 0.89
CA ILE I 135 -64.06 -42.68 1.70
C ILE I 135 -63.45 -41.44 1.10
N VAL I 136 -63.26 -40.37 1.93
CA VAL I 136 -62.74 -39.10 1.46
C VAL I 136 -61.28 -38.97 1.80
N GLY I 137 -60.84 -39.37 3.03
CA GLY I 137 -59.45 -39.29 3.38
C GLY I 137 -59.03 -40.52 4.10
N LYS I 138 -57.70 -40.72 4.18
CA LYS I 138 -57.07 -41.71 5.01
C LYS I 138 -55.89 -41.02 5.62
N ARG I 139 -55.61 -41.28 6.91
CA ARG I 139 -54.43 -40.81 7.57
C ARG I 139 -54.02 -41.97 8.42
N ILE I 140 -52.78 -41.94 8.97
CA ILE I 140 -52.22 -43.03 9.70
C ILE I 140 -51.43 -42.32 10.77
N ARG I 141 -51.23 -42.97 11.93
CA ARG I 141 -50.44 -42.45 13.00
C ARG I 141 -49.59 -43.62 13.38
N VAL I 142 -48.38 -43.34 13.92
CA VAL I 142 -47.46 -44.34 14.38
C VAL I 142 -47.25 -43.99 15.82
N LYS I 143 -47.16 -45.02 16.68
CA LYS I 143 -47.07 -44.86 18.11
C LYS I 143 -45.64 -45.09 18.50
N LEU I 144 -45.28 -44.74 19.76
CA LEU I 144 -43.93 -44.84 20.27
C LEU I 144 -43.51 -46.26 20.54
N ASP I 145 -44.46 -47.22 20.55
CA ASP I 145 -44.19 -48.63 20.75
C ASP I 145 -44.29 -49.36 19.44
N GLY I 146 -44.25 -48.63 18.30
CA GLY I 146 -44.16 -49.22 16.99
C GLY I 146 -45.48 -49.71 16.47
N SER I 147 -46.59 -49.42 17.18
CA SER I 147 -47.92 -49.77 16.73
C SER I 147 -48.38 -48.72 15.75
N ARG I 148 -49.50 -48.98 15.04
CA ARG I 148 -49.99 -48.05 14.06
C ARG I 148 -51.48 -48.13 14.10
N LEU I 149 -52.12 -46.95 13.96
CA LEU I 149 -53.54 -46.77 14.07
C LEU I 149 -53.91 -46.01 12.85
N ILE I 150 -54.96 -46.46 12.14
CA ILE I 150 -55.23 -46.01 10.81
C ILE I 150 -56.52 -45.29 10.97
N LYS I 151 -56.49 -43.95 10.83
CA LYS I 151 -57.66 -43.12 10.89
C LYS I 151 -58.26 -43.14 9.52
N VAL I 152 -59.60 -43.08 9.42
CA VAL I 152 -60.24 -43.05 8.13
C VAL I 152 -61.26 -41.99 8.25
N HIS I 153 -61.13 -40.96 7.39
CA HIS I 153 -62.06 -39.86 7.30
C HIS I 153 -63.04 -40.24 6.23
N LEU I 154 -64.34 -40.25 6.60
CA LEU I 154 -65.40 -40.76 5.76
C LEU I 154 -66.21 -39.56 5.38
N ASP I 155 -66.87 -39.62 4.20
CA ASP I 155 -67.76 -38.59 3.73
C ASP I 155 -68.95 -38.49 4.64
N LYS I 156 -69.55 -37.29 4.71
CA LYS I 156 -70.65 -37.01 5.60
C LYS I 156 -71.95 -37.25 4.88
N ALA I 157 -71.87 -37.74 3.62
CA ALA I 157 -72.98 -38.33 2.93
C ALA I 157 -73.25 -39.64 3.60
N GLN I 158 -74.49 -39.80 4.14
CA GLN I 158 -74.96 -40.95 4.85
C GLN I 158 -74.18 -41.14 6.13
N GLN I 159 -73.97 -40.03 6.88
CA GLN I 159 -73.08 -40.01 8.02
C GLN I 159 -73.63 -40.86 9.13
N ASN I 160 -74.92 -40.62 9.47
CA ASN I 160 -75.63 -41.20 10.58
C ASN I 160 -75.79 -42.68 10.46
N ASN I 161 -76.01 -43.14 9.21
CA ASN I 161 -76.22 -44.52 8.83
C ASN I 161 -75.09 -45.43 9.26
N VAL I 162 -73.83 -44.97 9.15
CA VAL I 162 -72.69 -45.79 9.47
C VAL I 162 -72.10 -45.35 10.78
N GLU I 163 -72.74 -44.37 11.48
CA GLU I 163 -72.20 -43.78 12.70
C GLU I 163 -72.79 -44.50 13.88
N HIS I 164 -73.80 -45.36 13.62
CA HIS I 164 -74.34 -46.26 14.60
C HIS I 164 -73.85 -47.65 14.29
N LYS I 165 -72.87 -47.76 13.37
CA LYS I 165 -72.19 -48.99 13.04
C LYS I 165 -70.71 -48.82 13.26
N VAL I 166 -70.29 -47.70 13.89
CA VAL I 166 -68.95 -47.17 13.78
C VAL I 166 -67.93 -47.96 14.57
N GLU I 167 -68.37 -48.60 15.68
CA GLU I 167 -67.52 -49.40 16.53
C GLU I 167 -67.44 -50.79 16.00
N THR I 168 -68.58 -51.32 15.48
CA THR I 168 -68.69 -52.70 15.09
C THR I 168 -67.84 -53.01 13.88
N PHE I 169 -67.53 -52.00 13.02
CA PHE I 169 -66.61 -52.18 11.92
C PHE I 169 -65.21 -52.44 12.38
N SER I 170 -64.83 -51.96 13.58
CA SER I 170 -63.46 -51.98 14.00
C SER I 170 -63.10 -53.36 14.46
N GLY I 171 -64.01 -54.03 15.22
CA GLY I 171 -63.82 -55.40 15.62
C GLY I 171 -63.85 -56.38 14.48
N VAL I 172 -64.55 -56.04 13.38
CA VAL I 172 -64.62 -56.81 12.18
C VAL I 172 -63.29 -56.81 11.49
N TYR I 173 -62.70 -55.61 11.33
CA TYR I 173 -61.48 -55.39 10.59
C TYR I 173 -60.30 -56.07 11.22
N LYS I 174 -60.21 -56.04 12.57
CA LYS I 174 -59.22 -56.74 13.36
C LYS I 174 -59.13 -58.19 13.04
N LYS I 175 -60.31 -58.86 12.91
CA LYS I 175 -60.38 -60.27 12.68
C LYS I 175 -60.05 -60.62 11.25
N LEU I 176 -60.39 -59.75 10.28
CA LEU I 176 -60.17 -60.07 8.88
C LEU I 176 -58.76 -59.82 8.43
N THR I 177 -58.15 -58.69 8.85
CA THR I 177 -56.82 -58.32 8.39
C THR I 177 -55.79 -58.65 9.44
N GLY I 178 -55.91 -58.04 10.64
CA GLY I 178 -54.91 -58.12 11.67
C GLY I 178 -54.56 -56.72 12.10
N LYS I 179 -55.19 -55.71 11.46
CA LYS I 179 -54.76 -54.33 11.51
C LYS I 179 -55.75 -53.60 12.37
N ASP I 180 -55.38 -52.38 12.81
CA ASP I 180 -56.18 -51.58 13.71
C ASP I 180 -56.66 -50.38 12.96
N VAL I 181 -57.94 -50.02 13.15
CA VAL I 181 -58.58 -48.95 12.43
C VAL I 181 -59.38 -48.18 13.43
N ASN I 182 -59.66 -46.90 13.11
CA ASN I 182 -60.56 -46.04 13.84
C ASN I 182 -61.24 -45.27 12.75
N PHE I 183 -62.34 -44.56 13.10
CA PHE I 183 -63.07 -43.80 12.11
C PHE I 183 -63.40 -42.49 12.72
N GLU I 184 -63.70 -41.52 11.84
CA GLU I 184 -64.00 -40.16 12.20
C GLU I 184 -64.67 -39.57 11.01
N PHE I 185 -65.17 -38.33 11.16
CA PHE I 185 -65.72 -37.56 10.07
C PHE I 185 -65.14 -36.18 10.22
N PRO I 186 -65.01 -35.39 9.16
CA PRO I 186 -64.33 -34.10 9.23
C PRO I 186 -65.46 -33.09 9.33
N GLU I 187 -65.34 -31.94 8.64
CA GLU I 187 -66.46 -31.05 8.45
C GLU I 187 -66.22 -30.39 7.11
N PHE I 188 -65.21 -30.89 6.37
CA PHE I 188 -64.65 -30.23 5.23
C PHE I 188 -64.58 -31.33 4.22
N GLN I 189 -65.02 -31.04 2.99
CA GLN I 189 -65.06 -32.03 1.94
C GLN I 189 -64.96 -31.25 0.68
N LEU I 190 -64.44 -31.88 -0.39
CA LEU I 190 -64.55 -31.37 -1.74
C LEU I 190 -65.99 -31.61 -2.22
N GLY J 1 17.23 -75.78 -35.74
CA GLY J 1 17.62 -74.70 -36.70
C GLY J 1 16.40 -73.95 -37.05
N ILE J 2 15.61 -74.50 -38.00
CA ILE J 2 14.27 -74.07 -38.30
C ILE J 2 13.39 -74.29 -37.08
N SER J 3 12.69 -73.22 -36.66
CA SER J 3 12.06 -73.13 -35.38
C SER J 3 10.65 -73.60 -35.47
N ARG J 4 9.99 -73.66 -34.29
CA ARG J 4 8.61 -74.03 -34.18
C ARG J 4 8.09 -73.23 -33.02
N ASP J 5 8.59 -71.98 -32.86
CA ASP J 5 8.30 -71.11 -31.74
C ASP J 5 6.90 -70.59 -31.86
N ASN J 6 6.32 -70.16 -30.72
CA ASN J 6 5.01 -69.54 -30.70
C ASN J 6 5.20 -68.10 -30.30
N TRP J 7 6.46 -67.70 -30.00
CA TRP J 7 6.78 -66.40 -29.46
C TRP J 7 7.36 -65.53 -30.53
N HIS J 8 7.46 -66.02 -31.79
CA HIS J 8 7.48 -65.14 -32.93
C HIS J 8 6.06 -64.94 -33.33
N LYS J 9 5.81 -63.94 -34.20
CA LYS J 9 4.53 -63.64 -34.81
C LYS J 9 3.64 -62.87 -33.88
N ARG J 10 2.79 -61.98 -34.46
CA ARG J 10 1.86 -61.08 -33.82
C ARG J 10 0.94 -61.67 -32.80
N ARG J 11 0.18 -60.78 -32.12
CA ARG J 11 -0.90 -61.11 -31.23
C ARG J 11 -2.13 -60.50 -31.84
N LYS J 12 -3.29 -60.63 -31.14
CA LYS J 12 -4.61 -60.38 -31.67
C LYS J 12 -4.82 -58.97 -32.16
N THR J 13 -4.20 -57.98 -31.50
CA THR J 13 -4.51 -56.58 -31.72
C THR J 13 -3.62 -56.03 -32.80
N GLY J 14 -2.83 -56.90 -33.47
CA GLY J 14 -1.88 -56.50 -34.47
C GLY J 14 -0.59 -56.06 -33.87
N GLY J 15 -0.44 -56.17 -32.52
CA GLY J 15 0.78 -55.81 -31.83
C GLY J 15 1.87 -56.78 -32.16
N LYS J 16 3.13 -56.43 -31.82
CA LYS J 16 4.25 -57.31 -31.95
C LYS J 16 4.72 -57.63 -30.56
N ARG J 17 5.51 -58.71 -30.45
CA ARG J 17 6.18 -59.09 -29.24
C ARG J 17 7.57 -59.36 -29.69
N LYS J 18 8.52 -59.43 -28.73
CA LYS J 18 9.93 -59.56 -29.03
C LYS J 18 10.43 -60.70 -28.21
N PRO J 19 11.56 -61.31 -28.55
CA PRO J 19 12.14 -62.41 -27.80
C PRO J 19 12.64 -61.94 -26.46
N TYR J 20 13.00 -62.90 -25.59
CA TYR J 20 13.67 -62.62 -24.34
C TYR J 20 14.62 -63.75 -24.09
N HIS J 21 14.62 -64.76 -24.98
CA HIS J 21 15.37 -65.96 -24.75
C HIS J 21 15.62 -66.57 -26.08
N LYS J 22 16.74 -67.33 -26.21
CA LYS J 22 17.14 -67.98 -27.42
C LYS J 22 16.38 -69.26 -27.54
N LYS J 23 16.35 -69.83 -28.75
CA LYS J 23 15.52 -70.98 -29.06
C LYS J 23 15.83 -72.15 -28.19
N ARG J 24 14.79 -72.80 -27.65
CA ARG J 24 14.96 -73.87 -26.71
C ARG J 24 14.91 -75.13 -27.49
N LYS J 25 15.33 -76.25 -26.87
CA LYS J 25 15.56 -77.47 -27.59
C LYS J 25 14.33 -78.35 -27.52
N TYR J 26 13.23 -77.84 -26.93
CA TYR J 26 11.96 -78.52 -26.92
C TYR J 26 11.10 -77.94 -28.00
N GLU J 27 11.67 -77.04 -28.81
CA GLU J 27 11.06 -76.48 -29.99
C GLU J 27 12.02 -76.84 -31.08
N LEU J 28 11.53 -77.59 -32.09
CA LEU J 28 12.40 -78.32 -32.98
C LEU J 28 11.67 -78.44 -34.27
N GLY J 29 12.42 -78.79 -35.33
CA GLY J 29 11.88 -78.80 -36.65
C GLY J 29 12.98 -79.38 -37.48
N ARG J 30 12.63 -80.43 -38.24
CA ARG J 30 13.57 -81.14 -39.08
C ARG J 30 12.75 -81.38 -40.33
N PRO J 31 13.26 -81.13 -41.52
CA PRO J 31 12.46 -80.98 -42.72
C PRO J 31 11.80 -82.26 -43.16
N ALA J 32 10.79 -82.13 -44.05
CA ALA J 32 9.84 -83.16 -44.42
C ALA J 32 10.49 -84.35 -45.06
N ALA J 33 9.85 -85.53 -44.95
CA ALA J 33 10.34 -86.77 -45.50
C ALA J 33 10.35 -86.77 -47.01
N ASN J 34 9.22 -86.34 -47.63
CA ASN J 34 9.03 -86.27 -49.06
C ASN J 34 9.18 -87.63 -49.72
N THR J 35 8.61 -88.68 -49.08
CA THR J 35 8.75 -90.06 -49.48
C THR J 35 8.06 -90.30 -50.80
N LYS J 36 8.60 -91.24 -51.61
CA LYS J 36 8.13 -91.48 -52.95
C LYS J 36 7.84 -92.94 -53.10
N ILE J 37 7.95 -93.48 -54.34
CA ILE J 37 7.81 -94.88 -54.65
C ILE J 37 9.16 -95.34 -55.17
N GLY J 38 9.67 -96.48 -54.64
CA GLY J 38 10.97 -96.98 -54.97
C GLY J 38 11.33 -98.00 -53.93
N PRO J 39 12.54 -98.53 -53.88
CA PRO J 39 12.98 -99.50 -52.88
C PRO J 39 13.18 -98.85 -51.54
N ARG J 40 12.89 -99.59 -50.43
CA ARG J 40 12.90 -99.09 -49.06
C ARG J 40 14.22 -98.49 -48.68
N ARG J 41 14.21 -97.21 -48.28
CA ARG J 41 15.37 -96.55 -47.72
C ARG J 41 14.87 -95.93 -46.45
N ILE J 42 15.42 -96.30 -45.27
CA ILE J 42 14.90 -95.86 -44.01
C ILE J 42 16.05 -95.24 -43.26
N HIS J 43 15.79 -94.16 -42.51
CA HIS J 43 16.74 -93.51 -41.66
C HIS J 43 16.09 -93.41 -40.32
N THR J 44 16.86 -93.65 -39.24
CA THR J 44 16.38 -93.64 -37.88
C THR J 44 16.88 -92.39 -37.24
N VAL J 45 15.95 -91.67 -36.57
CA VAL J 45 16.15 -90.37 -35.99
C VAL J 45 15.82 -90.59 -34.55
N GLY J 46 16.76 -90.23 -33.64
CA GLY J 46 16.52 -90.24 -32.22
C GLY J 46 15.93 -88.92 -31.88
N VAL J 47 14.96 -88.90 -30.94
CA VAL J 47 14.16 -87.74 -30.65
C VAL J 47 14.23 -87.54 -29.16
N ARG J 48 13.25 -86.83 -28.57
CA ARG J 48 13.36 -86.33 -27.23
C ARG J 48 12.86 -87.38 -26.27
N GLY J 49 13.55 -87.52 -25.13
CA GLY J 49 13.25 -88.52 -24.12
C GLY J 49 13.83 -89.86 -24.47
N GLY J 50 14.68 -89.93 -25.52
CA GLY J 50 15.10 -91.17 -26.11
C GLY J 50 14.14 -91.40 -27.24
N ASN J 51 13.79 -92.67 -27.53
CA ASN J 51 12.78 -93.06 -28.49
C ASN J 51 13.26 -92.91 -29.90
N LYS J 52 12.67 -93.71 -30.82
CA LYS J 52 13.10 -93.74 -32.20
C LYS J 52 11.91 -93.49 -33.08
N LYS J 53 12.11 -92.64 -34.10
CA LYS J 53 11.10 -92.34 -35.07
C LYS J 53 11.77 -92.77 -36.32
N TYR J 54 11.05 -93.59 -37.12
CA TYR J 54 11.54 -94.11 -38.38
C TYR J 54 10.98 -93.20 -39.41
N ARG J 55 11.83 -92.78 -40.36
CA ARG J 55 11.42 -91.95 -41.44
C ARG J 55 11.73 -92.74 -42.65
N ALA J 56 10.72 -92.93 -43.52
CA ALA J 56 10.78 -93.82 -44.63
C ALA J 56 10.80 -92.98 -45.86
N LEU J 57 11.69 -93.32 -46.81
CA LEU J 57 11.89 -92.65 -48.05
C LEU J 57 11.80 -93.75 -49.06
N ARG J 58 10.99 -93.55 -50.11
CA ARG J 58 10.81 -94.50 -51.18
C ARG J 58 10.18 -95.79 -50.69
N LEU J 59 8.92 -95.72 -50.21
CA LEU J 59 8.14 -96.89 -49.87
C LEU J 59 7.70 -97.62 -51.11
N ASP J 60 7.15 -98.84 -50.97
CA ASP J 60 6.69 -99.58 -52.11
C ASP J 60 5.64 -100.58 -51.74
N VAL J 61 5.32 -100.71 -50.44
CA VAL J 61 4.43 -101.75 -50.01
C VAL J 61 3.68 -101.18 -48.85
N GLY J 62 2.39 -101.54 -48.74
CA GLY J 62 1.59 -101.16 -47.62
C GLY J 62 0.62 -102.26 -47.40
N ASN J 63 0.08 -102.31 -46.18
CA ASN J 63 -0.84 -103.33 -45.78
C ASN J 63 -2.17 -102.65 -45.87
N PHE J 64 -2.87 -102.88 -47.01
CA PHE J 64 -4.19 -102.33 -47.26
C PHE J 64 -5.19 -103.34 -46.81
N SER J 65 -6.48 -102.96 -46.82
CA SER J 65 -7.50 -103.83 -46.32
C SER J 65 -8.78 -103.58 -47.04
N TRP J 66 -9.65 -104.60 -47.02
CA TRP J 66 -10.97 -104.58 -47.59
C TRP J 66 -11.76 -105.09 -46.43
N GLY J 67 -12.13 -104.16 -45.51
CA GLY J 67 -12.67 -104.48 -44.22
C GLY J 67 -14.13 -104.82 -44.23
N SER J 68 -14.80 -104.72 -45.40
CA SER J 68 -16.16 -105.17 -45.58
C SER J 68 -16.28 -106.66 -45.43
N GLU J 69 -15.29 -107.38 -46.01
CA GLU J 69 -15.20 -108.81 -46.00
C GLU J 69 -14.01 -109.27 -45.21
N CYS J 70 -13.30 -108.33 -44.54
CA CYS J 70 -12.26 -108.57 -43.59
C CYS J 70 -11.14 -109.42 -44.11
N CYS J 71 -10.49 -108.97 -45.21
CA CYS J 71 -9.20 -109.51 -45.56
C CYS J 71 -8.32 -108.32 -45.72
N THR J 72 -7.05 -108.50 -45.31
CA THR J 72 -6.05 -107.49 -45.40
C THR J 72 -4.82 -108.24 -45.82
N ARG J 73 -4.23 -107.84 -46.97
CA ARG J 73 -3.09 -108.56 -47.50
C ARG J 73 -2.12 -107.49 -47.89
N LYS J 74 -0.84 -107.92 -47.93
CA LYS J 74 0.29 -107.10 -48.25
C LYS J 74 0.36 -107.01 -49.75
N THR J 75 0.47 -105.78 -50.29
CA THR J 75 0.25 -105.50 -51.69
C THR J 75 1.19 -104.38 -52.05
N ARG J 76 1.62 -104.28 -53.33
CA ARG J 76 2.48 -103.23 -53.82
C ARG J 76 1.70 -101.96 -54.06
N ILE J 77 2.38 -100.78 -53.91
CA ILE J 77 1.81 -99.47 -54.03
C ILE J 77 2.39 -98.91 -55.29
N ILE J 78 1.54 -98.68 -56.32
CA ILE J 78 2.02 -98.42 -57.65
C ILE J 78 2.30 -96.94 -57.83
N ASP J 79 1.27 -96.05 -57.75
CA ASP J 79 1.43 -94.64 -58.06
C ASP J 79 0.37 -93.87 -57.34
N VAL J 80 0.56 -92.54 -57.18
CA VAL J 80 -0.43 -91.63 -56.64
C VAL J 80 -1.24 -91.13 -57.81
N VAL J 81 -2.52 -90.79 -57.57
CA VAL J 81 -3.43 -90.27 -58.55
C VAL J 81 -4.02 -89.00 -58.05
N TYR J 82 -4.43 -88.89 -56.76
CA TYR J 82 -5.12 -87.70 -56.31
C TYR J 82 -4.67 -87.44 -54.92
N ASN J 83 -4.40 -86.14 -54.63
CA ASN J 83 -3.95 -85.67 -53.35
C ASN J 83 -4.70 -84.40 -53.14
N ALA J 84 -5.58 -84.37 -52.10
CA ALA J 84 -6.47 -83.27 -51.89
C ALA J 84 -5.76 -82.13 -51.20
N SER J 85 -4.59 -82.40 -50.58
CA SER J 85 -3.82 -81.41 -49.85
C SER J 85 -3.23 -80.40 -50.79
N ASN J 86 -2.66 -80.88 -51.92
CA ASN J 86 -1.99 -80.02 -52.87
C ASN J 86 -2.04 -80.77 -54.17
N ASN J 87 -1.92 -80.05 -55.29
CA ASN J 87 -1.99 -80.58 -56.64
C ASN J 87 -0.64 -80.94 -57.13
N GLU J 88 0.42 -80.26 -56.65
CA GLU J 88 1.76 -80.32 -57.17
C GLU J 88 2.38 -81.66 -56.88
N LEU J 89 2.01 -82.25 -55.73
CA LEU J 89 2.51 -83.53 -55.26
C LEU J 89 2.11 -84.65 -56.18
N VAL J 90 0.93 -84.57 -56.83
CA VAL J 90 0.41 -85.60 -57.71
C VAL J 90 1.23 -85.71 -58.98
N ARG J 91 1.66 -84.56 -59.52
CA ARG J 91 2.48 -84.46 -60.70
C ARG J 91 3.87 -84.98 -60.48
N THR J 92 4.37 -84.86 -59.24
CA THR J 92 5.72 -85.22 -58.87
C THR J 92 5.80 -86.52 -58.11
N LYS J 93 4.67 -87.25 -57.94
CA LYS J 93 4.63 -88.59 -57.39
C LYS J 93 5.24 -88.64 -56.01
N THR J 94 4.69 -87.85 -55.08
CA THR J 94 5.16 -87.74 -53.72
C THR J 94 4.02 -88.20 -52.87
N LEU J 95 4.35 -88.92 -51.78
CA LEU J 95 3.45 -89.72 -51.02
C LEU J 95 3.45 -89.11 -49.64
N VAL J 96 2.24 -88.92 -49.06
CA VAL J 96 1.99 -88.35 -47.76
C VAL J 96 0.66 -88.93 -47.34
N LYS J 97 0.18 -88.63 -46.11
CA LYS J 97 -1.07 -89.16 -45.61
C LYS J 97 -2.23 -88.61 -46.41
N ASN J 98 -3.24 -89.47 -46.63
CA ASN J 98 -4.50 -89.18 -47.31
C ASN J 98 -4.31 -88.89 -48.78
N CYS J 99 -3.31 -89.57 -49.40
CA CYS J 99 -3.21 -89.64 -50.83
C CYS J 99 -4.20 -90.69 -51.29
N ILE J 100 -4.29 -90.89 -52.61
CA ILE J 100 -5.14 -91.83 -53.25
C ILE J 100 -4.15 -92.46 -54.18
N VAL J 101 -4.04 -93.80 -54.15
CA VAL J 101 -2.98 -94.51 -54.83
C VAL J 101 -3.61 -95.67 -55.51
N LEU J 102 -2.77 -96.51 -56.15
CA LEU J 102 -3.19 -97.62 -56.97
C LEU J 102 -2.46 -98.77 -56.38
N ILE J 103 -3.02 -100.00 -56.50
CA ILE J 103 -2.38 -101.17 -55.94
C ILE J 103 -2.46 -102.26 -56.96
N ASP J 104 -1.87 -103.43 -56.63
CA ASP J 104 -1.71 -104.55 -57.52
C ASP J 104 -3.03 -105.23 -57.74
N SER J 105 -3.81 -105.41 -56.65
CA SER J 105 -5.17 -105.90 -56.62
C SER J 105 -5.21 -107.40 -56.74
N THR J 106 -4.02 -108.04 -56.67
CA THR J 106 -3.83 -109.44 -56.96
C THR J 106 -4.32 -110.31 -55.84
N PRO J 107 -3.90 -110.23 -54.57
CA PRO J 107 -4.18 -111.25 -53.57
C PRO J 107 -5.64 -111.31 -53.23
N TYR J 108 -6.36 -110.19 -53.41
CA TYR J 108 -7.78 -110.06 -53.16
C TYR J 108 -8.60 -110.96 -54.04
N ARG J 109 -8.14 -111.22 -55.29
CA ARG J 109 -8.81 -112.09 -56.21
C ARG J 109 -8.64 -113.52 -55.78
N GLN J 110 -7.40 -113.89 -55.40
CA GLN J 110 -7.03 -115.19 -54.88
C GLN J 110 -7.83 -115.54 -53.66
N TRP J 111 -8.06 -114.55 -52.77
CA TRP J 111 -8.83 -114.69 -51.57
C TRP J 111 -10.29 -114.96 -51.88
N TYR J 112 -10.87 -114.19 -52.84
CA TYR J 112 -12.25 -114.30 -53.26
C TYR J 112 -12.55 -115.66 -53.84
N GLU J 113 -11.71 -116.09 -54.81
CA GLU J 113 -11.77 -117.36 -55.50
C GLU J 113 -11.71 -118.54 -54.58
N SER J 114 -10.92 -118.45 -53.49
CA SER J 114 -10.70 -119.54 -52.59
C SER J 114 -11.81 -119.62 -51.56
N HIS J 115 -12.45 -118.47 -51.22
CA HIS J 115 -13.36 -118.41 -50.11
C HIS J 115 -14.76 -118.57 -50.60
N TYR J 116 -15.13 -117.93 -51.73
CA TYR J 116 -16.49 -117.98 -52.23
C TYR J 116 -16.59 -118.97 -53.34
N ALA J 117 -15.45 -119.49 -53.86
CA ALA J 117 -15.40 -120.59 -54.82
C ALA J 117 -16.11 -120.22 -56.11
N LEU J 118 -15.97 -118.94 -56.53
CA LEU J 118 -16.58 -118.43 -57.73
C LEU J 118 -15.58 -117.46 -58.30
N PRO J 119 -15.40 -117.38 -59.61
CA PRO J 119 -14.49 -116.44 -60.25
C PRO J 119 -14.97 -115.02 -60.15
N LEU J 120 -14.07 -114.07 -60.52
CA LEU J 120 -14.35 -112.66 -60.68
C LEU J 120 -14.75 -112.50 -62.13
N GLY J 121 -15.09 -111.27 -62.56
CA GLY J 121 -15.19 -110.90 -63.97
C GLY J 121 -13.89 -111.14 -64.68
N ARG J 122 -13.96 -111.62 -65.94
CA ARG J 122 -12.79 -112.03 -66.69
C ARG J 122 -12.92 -111.49 -68.07
N LYS J 123 -11.77 -111.50 -68.79
CA LYS J 123 -11.65 -111.08 -70.17
C LYS J 123 -12.34 -112.08 -71.07
N LYS J 124 -12.10 -113.38 -70.81
CA LYS J 124 -12.59 -114.45 -71.63
C LYS J 124 -12.57 -115.69 -70.80
N GLY J 125 -13.26 -116.76 -71.28
CA GLY J 125 -13.40 -118.02 -70.57
C GLY J 125 -12.22 -118.92 -70.76
N ALA J 126 -11.25 -118.52 -71.62
CA ALA J 126 -10.08 -119.30 -71.94
C ALA J 126 -8.90 -118.76 -71.17
N LYS J 127 -9.14 -117.69 -70.37
CA LYS J 127 -8.19 -117.03 -69.51
C LYS J 127 -7.79 -117.94 -68.37
N LEU J 128 -8.77 -118.66 -67.79
CA LEU J 128 -8.59 -119.39 -66.56
C LEU J 128 -8.23 -120.82 -66.83
N THR J 129 -8.40 -121.29 -68.09
CA THR J 129 -8.36 -122.70 -68.43
C THR J 129 -7.05 -123.39 -68.13
N PRO J 130 -5.83 -122.91 -68.37
CA PRO J 130 -4.62 -123.66 -68.04
C PRO J 130 -4.40 -123.78 -66.56
N GLU J 131 -4.55 -122.66 -65.82
CA GLU J 131 -4.37 -122.63 -64.40
C GLU J 131 -5.30 -121.53 -63.97
N GLU J 132 -5.81 -121.62 -62.72
CA GLU J 132 -6.85 -120.79 -62.13
C GLU J 132 -8.22 -121.36 -62.45
N GLU J 133 -8.27 -122.63 -62.89
CA GLU J 133 -9.52 -123.37 -62.98
C GLU J 133 -9.28 -124.70 -62.34
N GLU J 134 -8.01 -124.99 -61.97
CA GLU J 134 -7.62 -126.21 -61.35
C GLU J 134 -7.53 -126.00 -59.86
N ILE J 135 -7.75 -124.75 -59.41
CA ILE J 135 -7.84 -124.40 -58.01
C ILE J 135 -9.17 -123.75 -57.77
N LEU J 136 -9.98 -123.56 -58.84
CA LEU J 136 -11.28 -122.93 -58.73
C LEU J 136 -12.30 -124.02 -58.71
N ASN J 137 -11.97 -125.18 -59.31
CA ASN J 137 -12.64 -126.43 -59.06
C ASN J 137 -11.55 -127.30 -58.51
N LYS J 138 -11.91 -128.07 -57.46
CA LYS J 138 -10.98 -128.84 -56.67
C LYS J 138 -11.67 -130.13 -56.40
N LYS J 139 -10.92 -131.09 -55.81
CA LYS J 139 -11.31 -132.47 -55.70
C LYS J 139 -12.30 -132.68 -54.57
N ARG J 140 -12.41 -131.67 -53.65
CA ARG J 140 -13.34 -131.63 -52.56
C ARG J 140 -14.75 -131.65 -53.08
N SER J 141 -15.67 -132.38 -52.38
CA SER J 141 -16.92 -132.77 -52.98
C SER J 141 -18.02 -133.30 -52.08
N LYS J 142 -17.98 -133.41 -50.72
CA LYS J 142 -17.12 -132.92 -49.66
C LYS J 142 -17.02 -131.43 -49.71
N LYS J 143 -18.20 -130.76 -49.76
CA LYS J 143 -18.36 -129.33 -49.59
C LYS J 143 -18.20 -128.64 -50.90
N ILE J 144 -18.64 -129.30 -52.00
CA ILE J 144 -19.11 -128.62 -53.19
C ILE J 144 -20.38 -127.91 -52.86
N GLN J 145 -21.37 -128.57 -52.21
CA GLN J 145 -22.63 -127.89 -52.03
C GLN J 145 -22.67 -127.31 -50.66
N LYS J 146 -22.17 -128.03 -49.63
CA LYS J 146 -22.40 -127.63 -48.26
C LYS J 146 -21.78 -126.29 -47.93
N LYS J 147 -20.58 -126.00 -48.48
CA LYS J 147 -19.92 -124.73 -48.32
C LYS J 147 -20.40 -123.67 -49.28
N TYR J 148 -20.39 -124.03 -50.58
CA TYR J 148 -20.57 -123.07 -51.67
C TYR J 148 -21.94 -122.45 -51.72
N ASP J 149 -22.99 -123.15 -51.22
CA ASP J 149 -24.37 -122.70 -51.32
C ASP J 149 -24.65 -121.38 -50.66
N GLU J 150 -23.92 -121.02 -49.57
CA GLU J 150 -24.14 -119.78 -48.85
C GLU J 150 -23.29 -118.69 -49.44
N ARG J 151 -22.46 -119.04 -50.44
CA ARG J 151 -21.62 -118.12 -51.17
C ARG J 151 -22.25 -117.85 -52.51
N LYS J 152 -23.43 -118.46 -52.77
CA LYS J 152 -24.12 -118.43 -54.04
C LYS J 152 -25.40 -117.65 -53.87
N LYS J 153 -25.55 -116.96 -52.71
CA LYS J 153 -26.77 -116.26 -52.37
C LYS J 153 -26.38 -115.20 -51.37
N ASN J 154 -25.06 -114.97 -51.22
CA ASN J 154 -24.51 -113.79 -50.61
C ASN J 154 -23.35 -113.40 -51.48
N ALA J 155 -22.94 -112.11 -51.37
CA ALA J 155 -21.95 -111.44 -52.16
C ALA J 155 -22.52 -111.00 -53.49
N LYS J 156 -22.30 -109.71 -53.82
CA LYS J 156 -22.74 -109.10 -55.05
C LYS J 156 -21.49 -108.58 -55.67
N ILE J 157 -20.61 -108.01 -54.80
CA ILE J 157 -19.59 -107.03 -55.06
C ILE J 157 -20.06 -105.83 -55.88
N SER J 158 -19.58 -104.62 -55.51
CA SER J 158 -20.05 -103.37 -56.03
C SER J 158 -19.42 -103.16 -57.38
N SER J 159 -20.14 -102.44 -58.29
CA SER J 159 -19.82 -102.32 -59.69
C SER J 159 -18.53 -101.59 -59.92
N LEU J 160 -18.35 -100.45 -59.22
CA LEU J 160 -17.26 -99.52 -59.43
C LEU J 160 -15.92 -100.12 -59.09
N LEU J 161 -15.87 -101.13 -58.19
CA LEU J 161 -14.68 -101.89 -57.91
C LEU J 161 -14.34 -102.77 -59.08
N GLU J 162 -15.33 -103.57 -59.54
CA GLU J 162 -15.16 -104.70 -60.42
C GLU J 162 -14.61 -104.33 -61.76
N GLU J 163 -15.03 -103.18 -62.34
CA GLU J 163 -14.53 -102.74 -63.62
C GLU J 163 -13.05 -102.39 -63.59
N GLN J 164 -12.54 -101.98 -62.40
CA GLN J 164 -11.17 -101.62 -62.20
C GLN J 164 -10.33 -102.82 -61.90
N PHE J 165 -10.95 -103.85 -61.27
CA PHE J 165 -10.32 -105.07 -60.80
C PHE J 165 -9.68 -105.83 -61.92
N GLN J 166 -10.34 -105.79 -63.10
CA GLN J 166 -9.95 -106.45 -64.31
C GLN J 166 -8.68 -105.88 -64.86
N GLN J 167 -8.53 -104.54 -64.79
CA GLN J 167 -7.34 -103.82 -65.15
C GLN J 167 -6.19 -104.12 -64.21
N GLY J 168 -6.49 -104.47 -62.93
CA GLY J 168 -5.49 -104.79 -61.95
C GLY J 168 -5.17 -103.57 -61.15
N LYS J 169 -6.20 -102.76 -60.83
CA LYS J 169 -6.02 -101.48 -60.18
C LYS J 169 -7.18 -101.33 -59.25
N LEU J 170 -6.95 -100.65 -58.11
CA LEU J 170 -7.97 -100.37 -57.15
C LEU J 170 -7.49 -99.14 -56.49
N LEU J 171 -8.44 -98.37 -55.92
CA LEU J 171 -8.22 -97.02 -55.47
C LEU J 171 -8.28 -97.14 -53.97
N ALA J 172 -7.17 -96.82 -53.28
CA ALA J 172 -7.09 -96.96 -51.85
C ALA J 172 -6.59 -95.67 -51.29
N CYS J 173 -6.79 -95.51 -49.97
CA CYS J 173 -6.58 -94.28 -49.24
C CYS J 173 -5.53 -94.58 -48.22
N ILE J 174 -4.42 -93.81 -48.25
CA ILE J 174 -3.35 -93.87 -47.29
C ILE J 174 -3.84 -93.43 -45.94
N ALA J 175 -3.72 -94.28 -44.89
CA ALA J 175 -4.05 -93.93 -43.54
C ALA J 175 -2.89 -94.37 -42.71
N SER J 176 -2.11 -93.37 -42.25
CA SER J 176 -0.90 -93.43 -41.45
C SER J 176 -0.07 -92.33 -42.02
N ARG J 177 0.72 -91.63 -41.17
CA ARG J 177 1.73 -90.71 -41.65
C ARG J 177 2.98 -91.51 -41.92
N PRO J 178 3.48 -91.62 -43.13
CA PRO J 178 4.65 -92.43 -43.44
C PRO J 178 5.92 -91.88 -42.85
N GLY J 179 6.03 -90.54 -42.69
CA GLY J 179 7.24 -89.89 -42.26
C GLY J 179 7.53 -90.04 -40.79
N GLN J 180 6.54 -90.45 -39.98
CA GLN J 180 6.69 -90.57 -38.56
C GLN J 180 6.69 -92.01 -38.17
N CYS J 181 5.94 -92.85 -38.92
CA CYS J 181 5.72 -94.23 -38.59
C CYS J 181 6.81 -95.05 -39.20
N GLY J 182 7.14 -94.76 -40.47
CA GLY J 182 8.06 -95.55 -41.25
C GLY J 182 7.34 -96.60 -42.04
N ARG J 183 5.98 -96.53 -42.15
CA ARG J 183 5.21 -97.54 -42.84
C ARG J 183 4.11 -96.81 -43.57
N ALA J 184 3.72 -97.35 -44.73
CA ALA J 184 2.51 -96.97 -45.42
C ALA J 184 1.54 -98.07 -45.16
N ASP J 185 0.24 -97.71 -45.05
CA ASP J 185 -0.83 -98.59 -44.69
C ASP J 185 -2.04 -97.88 -45.17
N GLY J 186 -3.22 -98.53 -45.18
CA GLY J 186 -4.41 -97.85 -45.61
C GLY J 186 -5.57 -98.80 -45.69
N TYR J 187 -6.64 -98.33 -46.36
CA TYR J 187 -7.81 -99.11 -46.63
C TYR J 187 -8.20 -98.82 -48.04
N VAL J 188 -8.95 -99.75 -48.70
CA VAL J 188 -9.37 -99.62 -50.08
C VAL J 188 -10.72 -98.96 -50.06
N LEU J 189 -11.05 -98.18 -51.11
CA LEU J 189 -12.24 -97.36 -51.15
C LEU J 189 -13.43 -98.20 -51.52
N GLU J 190 -14.63 -97.70 -51.18
CA GLU J 190 -15.88 -98.34 -51.47
C GLU J 190 -16.89 -97.26 -51.45
N GLY J 191 -18.17 -97.61 -51.76
CA GLY J 191 -19.34 -96.79 -51.57
C GLY J 191 -19.23 -95.41 -52.14
N LYS J 192 -19.52 -94.39 -51.30
CA LYS J 192 -19.78 -93.04 -51.71
C LYS J 192 -18.48 -92.29 -51.77
N GLU J 193 -17.52 -92.62 -50.89
CA GLU J 193 -16.14 -92.21 -50.98
C GLU J 193 -15.52 -92.46 -52.34
N LEU J 194 -15.73 -93.68 -52.87
CA LEU J 194 -15.20 -94.12 -54.13
C LEU J 194 -15.88 -93.43 -55.29
N GLU J 195 -17.15 -93.00 -55.11
CA GLU J 195 -17.85 -92.19 -56.07
C GLU J 195 -17.33 -90.79 -56.05
N PHE J 196 -16.97 -90.26 -54.85
CA PHE J 196 -16.53 -88.91 -54.63
C PHE J 196 -15.22 -88.72 -55.35
N TYR J 197 -14.18 -89.52 -55.02
CA TYR J 197 -12.87 -89.31 -55.55
C TYR J 197 -12.77 -89.59 -57.03
N LEU J 198 -13.60 -90.52 -57.58
CA LEU J 198 -13.75 -90.70 -59.01
C LEU J 198 -14.11 -89.44 -59.74
N ARG J 199 -15.06 -88.65 -59.17
CA ARG J 199 -15.52 -87.43 -59.76
C ARG J 199 -14.49 -86.34 -59.71
N LYS J 200 -13.68 -86.27 -58.63
CA LYS J 200 -12.61 -85.30 -58.47
C LYS J 200 -11.53 -85.54 -59.49
N ILE J 201 -11.16 -86.84 -59.67
CA ILE J 201 -10.22 -87.31 -60.65
C ILE J 201 -10.68 -86.95 -62.03
N LYS J 202 -11.96 -87.27 -62.36
CA LYS J 202 -12.54 -87.12 -63.67
C LYS J 202 -12.69 -85.67 -64.08
N ALA J 203 -12.88 -84.77 -63.09
CA ALA J 203 -12.97 -83.35 -63.27
C ALA J 203 -11.65 -82.78 -63.72
N ARG J 204 -10.57 -83.21 -63.02
CA ARG J 204 -9.27 -82.59 -63.04
C ARG J 204 -8.48 -83.07 -64.21
N LYS J 205 -8.60 -84.39 -64.51
CA LYS J 205 -7.79 -85.06 -65.49
C LYS J 205 -8.59 -86.23 -65.96
N GLY J 206 -8.01 -87.05 -66.88
CA GLY J 206 -8.68 -88.18 -67.46
C GLY J 206 -8.49 -89.39 -66.53
N TRP K 1 20.96 -60.63 11.08
CA TRP K 1 19.72 -61.26 10.57
C TRP K 1 18.55 -60.40 10.94
N VAL K 2 18.25 -60.31 12.27
CA VAL K 2 17.11 -59.61 12.81
C VAL K 2 17.69 -58.66 13.82
N CYS K 3 17.21 -57.40 13.82
CA CYS K 3 17.66 -56.35 14.71
C CYS K 3 16.49 -55.42 14.83
N ARG K 4 16.52 -54.51 15.83
CA ARG K 4 15.57 -53.43 15.89
C ARG K 4 16.18 -52.36 16.72
N LYS K 5 15.60 -51.13 16.65
CA LYS K 5 16.12 -49.98 17.33
C LYS K 5 15.16 -49.79 18.46
N THR K 6 15.67 -49.90 19.71
CA THR K 6 14.88 -49.87 20.91
C THR K 6 14.37 -48.51 21.30
N TYR K 7 15.23 -47.46 21.29
CA TYR K 7 14.85 -46.14 21.73
C TYR K 7 14.28 -45.36 20.58
N VAL K 8 13.67 -44.21 20.88
CA VAL K 8 13.14 -43.30 19.90
C VAL K 8 13.57 -41.95 20.40
N THR K 9 13.60 -40.95 19.50
CA THR K 9 14.07 -39.63 19.84
C THR K 9 12.86 -38.75 20.04
N PRO K 10 12.94 -37.63 20.77
CA PRO K 10 11.84 -36.71 20.93
C PRO K 10 11.56 -35.99 19.64
N ARG K 11 10.27 -35.70 19.38
CA ARG K 11 9.80 -35.04 18.19
C ARG K 11 10.31 -33.64 18.09
N ARG K 12 10.29 -32.88 19.22
CA ARG K 12 10.78 -31.53 19.28
C ARG K 12 12.18 -31.57 19.85
N PRO K 13 13.17 -30.81 19.37
CA PRO K 13 14.54 -30.95 19.83
C PRO K 13 14.77 -30.19 21.10
N PHE K 14 13.97 -29.16 21.40
CA PHE K 14 14.23 -28.27 22.51
C PHE K 14 12.89 -27.87 22.99
N GLU K 15 12.76 -27.73 24.30
CA GLU K 15 11.53 -27.38 24.96
C GLU K 15 11.94 -27.54 26.38
N LYS K 16 12.09 -26.40 27.09
CA LYS K 16 12.59 -26.32 28.45
C LYS K 16 11.88 -27.23 29.41
N SER K 17 10.54 -27.35 29.26
CA SER K 17 9.67 -28.13 30.09
C SER K 17 9.97 -29.59 29.96
N ARG K 18 10.16 -30.08 28.72
CA ARG K 18 10.44 -31.48 28.46
C ARG K 18 11.78 -31.84 29.06
N LEU K 19 12.81 -30.99 28.81
CA LEU K 19 14.19 -31.22 29.20
C LEU K 19 14.34 -31.33 30.70
N ASP K 20 13.55 -30.53 31.46
CA ASP K 20 13.59 -30.50 32.90
C ASP K 20 13.07 -31.77 33.50
N GLN K 21 12.06 -32.39 32.86
CA GLN K 21 11.49 -33.64 33.30
C GLN K 21 12.47 -34.76 33.10
N GLU K 22 13.19 -34.78 31.95
CA GLU K 22 14.16 -35.81 31.66
C GLU K 22 15.34 -35.72 32.59
N LEU K 23 15.73 -34.48 32.98
CA LEU K 23 16.83 -34.23 33.88
C LEU K 23 16.51 -34.73 35.25
N LYS K 24 15.39 -34.28 35.85
CA LYS K 24 15.02 -34.64 37.20
C LYS K 24 14.72 -36.10 37.38
N LEU K 25 14.28 -36.79 36.30
CA LEU K 25 14.06 -38.22 36.32
C LEU K 25 15.36 -38.98 36.41
N ILE K 26 16.41 -38.54 35.67
CA ILE K 26 17.74 -39.11 35.71
C ILE K 26 18.39 -38.90 37.05
N GLY K 27 18.08 -37.78 37.73
CA GLY K 27 18.66 -37.47 39.01
C GLY K 27 18.22 -38.45 40.06
N GLU K 28 16.93 -38.83 40.01
CA GLU K 28 16.29 -39.68 40.97
C GLU K 28 16.84 -41.07 40.98
N TYR K 29 17.14 -41.66 39.80
CA TYR K 29 17.49 -43.07 39.71
C TYR K 29 18.93 -43.26 39.39
N GLY K 30 19.69 -42.19 39.06
CA GLY K 30 21.11 -42.27 38.92
C GLY K 30 21.48 -42.93 37.61
N LEU K 31 20.74 -42.61 36.53
CA LEU K 31 20.92 -43.18 35.22
C LEU K 31 22.05 -42.47 34.53
N ARG K 32 22.63 -43.11 33.49
CA ARG K 32 23.81 -42.61 32.83
C ARG K 32 23.47 -41.62 31.76
N ASN K 33 22.51 -41.96 30.87
CA ASN K 33 22.30 -41.19 29.67
C ASN K 33 20.82 -41.12 29.39
N LYS K 34 20.40 -40.14 28.56
CA LYS K 34 19.02 -39.94 28.17
C LYS K 34 18.52 -41.03 27.26
N ARG K 35 19.44 -41.74 26.59
CA ARG K 35 19.13 -42.91 25.80
C ARG K 35 18.63 -44.04 26.67
N GLU K 36 19.05 -44.05 27.96
CA GLU K 36 18.60 -44.99 28.96
C GLU K 36 17.25 -44.64 29.51
N VAL K 37 16.67 -43.48 29.13
CA VAL K 37 15.42 -42.99 29.64
C VAL K 37 14.43 -43.30 28.56
N TRP K 38 14.69 -42.80 27.33
CA TRP K 38 13.79 -43.00 26.20
C TRP K 38 13.56 -44.46 25.88
N ARG K 39 14.55 -45.33 26.17
CA ARG K 39 14.44 -46.78 26.11
C ARG K 39 13.30 -47.31 26.93
N VAL K 40 13.21 -46.88 28.21
CA VAL K 40 12.15 -47.21 29.14
C VAL K 40 10.82 -46.72 28.64
N LYS K 41 10.79 -45.51 28.04
CA LYS K 41 9.57 -44.81 27.74
C LYS K 41 8.97 -45.38 26.49
N PHE K 42 9.82 -46.00 25.65
CA PHE K 42 9.45 -46.81 24.52
C PHE K 42 8.69 -48.02 24.99
N THR K 43 9.21 -48.74 26.00
CA THR K 43 8.60 -49.94 26.55
C THR K 43 7.20 -49.65 27.02
N LEU K 44 7.00 -48.50 27.70
CA LEU K 44 5.72 -48.11 28.25
C LEU K 44 4.76 -47.83 27.14
N ALA K 45 5.16 -47.01 26.15
CA ALA K 45 4.31 -46.65 25.05
C ALA K 45 3.96 -47.80 24.14
N LYS K 46 4.87 -48.80 24.02
CA LYS K 46 4.63 -50.06 23.36
C LYS K 46 3.53 -50.87 23.99
N ILE K 47 3.55 -51.00 25.34
CA ILE K 47 2.55 -51.75 26.08
C ILE K 47 1.21 -51.06 25.99
N ARG K 48 1.22 -49.71 25.92
CA ARG K 48 0.04 -48.90 25.79
C ARG K 48 -0.59 -48.98 24.42
N LYS K 49 0.15 -49.51 23.42
CA LYS K 49 -0.28 -49.53 22.05
C LYS K 49 -0.99 -50.83 21.84
N ALA K 50 -0.41 -51.92 22.37
CA ALA K 50 -1.01 -53.23 22.38
C ALA K 50 -2.33 -53.24 23.11
N ALA K 51 -2.38 -52.60 24.30
CA ALA K 51 -3.56 -52.47 25.13
C ALA K 51 -4.72 -51.80 24.46
N ARG K 52 -4.46 -50.74 23.68
CA ARG K 52 -5.47 -49.93 23.03
C ARG K 52 -6.23 -50.70 21.97
N GLU K 53 -5.66 -51.83 21.50
CA GLU K 53 -6.29 -52.73 20.56
C GLU K 53 -7.37 -53.48 21.28
N LEU K 54 -7.03 -54.12 22.41
CA LEU K 54 -7.85 -55.15 23.03
C LEU K 54 -9.12 -54.59 23.62
N LEU K 55 -9.11 -53.30 24.03
CA LEU K 55 -10.26 -52.61 24.57
C LEU K 55 -11.38 -52.44 23.59
N THR K 56 -11.12 -52.54 22.27
CA THR K 56 -12.13 -52.42 21.27
C THR K 56 -12.13 -53.76 20.60
N LEU K 57 -13.24 -54.51 20.81
CA LEU K 57 -13.56 -55.83 20.33
C LEU K 57 -14.33 -56.36 21.49
N ASP K 58 -15.48 -57.03 21.27
CA ASP K 58 -16.34 -57.53 22.32
C ASP K 58 -15.63 -58.57 23.15
N GLU K 59 -15.98 -58.63 24.45
CA GLU K 59 -15.57 -59.69 25.35
C GLU K 59 -16.21 -60.97 24.89
N LYS K 60 -15.51 -62.10 25.15
CA LYS K 60 -15.87 -63.41 24.63
C LYS K 60 -15.67 -63.45 23.14
N ASP K 61 -14.51 -62.92 22.68
CA ASP K 61 -13.91 -63.29 21.43
C ASP K 61 -12.57 -63.82 21.86
N PRO K 62 -12.06 -64.88 21.23
CA PRO K 62 -10.89 -65.58 21.71
C PRO K 62 -9.63 -64.76 21.71
N ARG K 63 -9.47 -63.80 20.77
CA ARG K 63 -8.30 -62.96 20.72
C ARG K 63 -8.18 -62.09 21.95
N ARG K 64 -9.32 -61.54 22.45
CA ARG K 64 -9.28 -60.60 23.54
C ARG K 64 -8.97 -61.28 24.83
N LEU K 65 -9.52 -62.50 25.05
CA LEU K 65 -9.34 -63.20 26.28
C LEU K 65 -7.93 -63.67 26.48
N PHE K 66 -7.41 -64.46 25.51
CA PHE K 66 -6.15 -65.17 25.66
C PHE K 66 -4.99 -64.23 25.74
N GLU K 67 -5.03 -63.13 24.96
CA GLU K 67 -4.01 -62.12 24.92
C GLU K 67 -3.97 -61.35 26.21
N GLY K 68 -5.14 -60.82 26.65
CA GLY K 68 -5.26 -59.99 27.83
C GLY K 68 -4.79 -60.68 29.07
N ASN K 69 -5.23 -61.93 29.29
CA ASN K 69 -4.83 -62.79 30.37
C ASN K 69 -3.34 -62.95 30.49
N ALA K 70 -2.64 -63.21 29.36
CA ALA K 70 -1.23 -63.46 29.37
C ALA K 70 -0.43 -62.19 29.44
N LEU K 71 -1.01 -61.05 28.96
CA LEU K 71 -0.41 -59.75 29.08
C LEU K 71 -0.35 -59.36 30.53
N LEU K 72 -1.52 -59.36 31.19
CA LEU K 72 -1.69 -58.97 32.57
C LEU K 72 -0.91 -59.85 33.52
N ARG K 73 -0.78 -61.16 33.21
CA ARG K 73 0.07 -62.08 33.95
C ARG K 73 1.50 -61.64 34.06
N ARG K 74 2.03 -61.03 32.99
CA ARG K 74 3.40 -60.63 32.88
C ARG K 74 3.64 -59.36 33.63
N LEU K 75 2.68 -58.42 33.57
CA LEU K 75 2.67 -57.20 34.35
C LEU K 75 2.61 -57.46 35.83
N VAL K 76 1.90 -58.53 36.25
CA VAL K 76 1.82 -58.95 37.63
C VAL K 76 3.11 -59.64 38.04
N ARG K 77 3.73 -60.45 37.14
CA ARG K 77 4.95 -61.17 37.44
C ARG K 77 6.13 -60.30 37.79
N ILE K 78 6.20 -59.06 37.25
CA ILE K 78 7.24 -58.12 37.61
C ILE K 78 6.79 -57.22 38.72
N GLY K 79 5.46 -57.09 38.94
CA GLY K 79 4.94 -56.45 40.12
C GLY K 79 4.83 -54.96 39.97
N VAL K 80 4.51 -54.48 38.75
CA VAL K 80 4.23 -53.08 38.52
C VAL K 80 2.74 -52.88 38.53
N LEU K 81 1.98 -53.94 38.84
CA LEU K 81 0.54 -53.92 38.76
C LEU K 81 0.08 -54.85 39.83
N ASP K 82 -1.09 -54.56 40.44
CA ASP K 82 -1.67 -55.37 41.48
C ASP K 82 -2.60 -56.36 40.84
N GLU K 83 -2.96 -57.42 41.59
CA GLU K 83 -3.94 -58.39 41.14
C GLU K 83 -5.28 -58.01 41.74
N GLY K 84 -5.29 -56.94 42.57
CA GLY K 84 -6.48 -56.27 43.03
C GLY K 84 -6.94 -55.29 41.98
N LYS K 85 -6.15 -55.14 40.89
CA LYS K 85 -6.52 -54.38 39.74
C LYS K 85 -6.85 -55.41 38.71
N MET K 86 -5.89 -55.75 37.83
CA MET K 86 -5.99 -56.79 36.81
C MET K 86 -7.20 -56.66 35.93
N LYS K 87 -7.33 -55.51 35.27
CA LYS K 87 -8.31 -55.28 34.24
C LYS K 87 -7.52 -54.50 33.25
N LEU K 88 -8.01 -54.39 32.00
CA LEU K 88 -7.20 -53.90 30.92
C LEU K 88 -7.11 -52.40 31.01
N ASP K 89 -8.10 -51.79 31.69
CA ASP K 89 -8.17 -50.38 31.97
C ASP K 89 -7.06 -49.91 32.86
N TYR K 90 -6.59 -50.78 33.79
CA TYR K 90 -5.54 -50.46 34.72
C TYR K 90 -4.17 -50.54 34.11
N ILE K 91 -4.06 -51.07 32.87
CA ILE K 91 -2.83 -51.06 32.09
C ILE K 91 -2.48 -49.62 31.78
N LEU K 92 -3.51 -48.78 31.57
CA LEU K 92 -3.39 -47.42 31.14
C LEU K 92 -3.07 -46.53 32.31
N GLY K 93 -3.26 -47.04 33.55
CA GLY K 93 -2.92 -46.31 34.74
C GLY K 93 -1.46 -46.45 35.07
N LEU K 94 -0.74 -47.41 34.42
CA LEU K 94 0.70 -47.53 34.49
C LEU K 94 1.39 -46.29 33.99
N LYS K 95 2.61 -46.03 34.52
CA LYS K 95 3.34 -44.84 34.24
C LYS K 95 4.78 -45.16 34.45
N ILE K 96 5.67 -44.15 34.23
CA ILE K 96 7.07 -44.32 33.93
C ILE K 96 7.80 -44.82 35.15
N GLU K 97 7.39 -44.34 36.35
CA GLU K 97 8.20 -44.47 37.54
C GLU K 97 8.18 -45.89 38.05
N ASP K 98 7.09 -46.66 37.76
CA ASP K 98 6.91 -47.97 38.32
C ASP K 98 7.87 -48.96 37.72
N PHE K 99 8.13 -48.86 36.39
CA PHE K 99 9.19 -49.54 35.69
C PHE K 99 10.54 -49.31 36.31
N LEU K 100 10.91 -48.03 36.53
CA LEU K 100 12.23 -47.65 37.00
C LEU K 100 12.53 -48.15 38.39
N GLU K 101 11.48 -48.36 39.22
CA GLU K 101 11.57 -48.95 40.52
C GLU K 101 12.03 -50.38 40.53
N ARG K 102 11.67 -51.15 39.49
CA ARG K 102 11.98 -52.57 39.40
C ARG K 102 13.38 -52.81 38.94
N ARG K 103 14.10 -51.78 38.43
CA ARG K 103 15.50 -51.87 38.06
C ARG K 103 16.35 -52.34 39.20
N LEU K 104 17.41 -53.10 38.88
CA LEU K 104 18.30 -53.70 39.83
C LEU K 104 18.96 -52.69 40.70
N GLN K 105 19.58 -51.62 40.14
CA GLN K 105 20.26 -50.60 40.92
C GLN K 105 19.38 -49.93 41.94
N THR K 106 18.07 -49.78 41.66
CA THR K 106 17.11 -49.23 42.57
C THR K 106 16.85 -50.16 43.73
N GLN K 107 16.93 -51.48 43.50
CA GLN K 107 16.56 -52.50 44.44
C GLN K 107 17.71 -52.86 45.32
N VAL K 108 18.95 -52.80 44.80
CA VAL K 108 20.20 -52.81 45.52
C VAL K 108 20.17 -51.76 46.60
N PHE K 109 19.87 -50.50 46.23
CA PHE K 109 19.80 -49.37 47.13
C PHE K 109 18.74 -49.59 48.18
N LYS K 110 17.54 -50.03 47.75
CA LYS K 110 16.36 -50.14 48.56
C LYS K 110 16.42 -51.25 49.58
N LEU K 111 17.18 -52.34 49.33
CA LEU K 111 17.03 -53.57 50.09
C LEU K 111 18.40 -54.14 50.34
N GLY K 112 19.44 -53.31 50.28
CA GLY K 112 20.78 -53.79 50.45
C GLY K 112 21.62 -52.59 50.71
N LEU K 113 22.94 -52.81 50.86
CA LEU K 113 23.79 -51.81 51.44
C LEU K 113 24.37 -50.99 50.34
N ALA K 114 24.28 -49.67 50.55
CA ALA K 114 24.69 -48.65 49.64
C ALA K 114 24.78 -47.44 50.54
N LYS K 115 25.17 -46.28 50.00
CA LYS K 115 25.07 -45.05 50.75
C LYS K 115 24.30 -44.06 49.92
N SER K 116 24.35 -44.18 48.59
CA SER K 116 23.49 -43.43 47.71
C SER K 116 23.27 -44.31 46.53
N ILE K 117 22.25 -43.98 45.69
CA ILE K 117 21.98 -44.60 44.42
C ILE K 117 23.20 -44.70 43.50
N HIS K 118 24.08 -43.67 43.56
CA HIS K 118 25.34 -43.59 42.87
C HIS K 118 26.33 -44.63 43.27
N HIS K 119 26.30 -45.04 44.56
CA HIS K 119 27.09 -46.12 45.08
C HIS K 119 26.63 -47.42 44.50
N ALA K 120 25.30 -47.65 44.47
CA ALA K 120 24.72 -48.93 44.18
C ALA K 120 25.00 -49.40 42.77
N ARG K 121 25.04 -48.48 41.77
CA ARG K 121 25.35 -48.80 40.40
C ARG K 121 26.74 -49.36 40.22
N VAL K 122 27.70 -48.82 41.00
CA VAL K 122 29.09 -49.19 40.99
C VAL K 122 29.29 -50.57 41.56
N LEU K 123 28.56 -50.92 42.65
CA LEU K 123 28.60 -52.25 43.22
C LEU K 123 28.16 -53.34 42.28
N ILE K 124 27.15 -53.08 41.41
CA ILE K 124 26.66 -54.06 40.46
C ILE K 124 27.68 -54.31 39.39
N ARG K 125 28.48 -53.30 39.03
CA ARG K 125 29.33 -53.36 37.87
C ARG K 125 30.65 -53.94 38.28
N GLN K 126 31.09 -53.66 39.53
CA GLN K 126 32.31 -54.19 40.09
C GLN K 126 32.05 -55.55 40.73
N ARG K 127 30.90 -56.19 40.40
CA ARG K 127 30.63 -57.59 40.61
C ARG K 127 30.60 -57.99 42.05
N HIS K 128 29.96 -57.18 42.92
CA HIS K 128 29.91 -57.45 44.33
C HIS K 128 28.54 -57.87 44.74
N ILE K 129 27.63 -58.12 43.77
CA ILE K 129 26.31 -58.57 44.10
C ILE K 129 25.99 -59.68 43.15
N ARG K 130 24.91 -60.42 43.49
CA ARG K 130 24.44 -61.56 42.77
C ARG K 130 22.96 -61.51 42.90
N VAL K 131 22.27 -62.37 42.14
CA VAL K 131 20.85 -62.49 42.15
C VAL K 131 20.70 -63.98 42.21
N ARG K 132 20.57 -64.47 43.47
CA ARG K 132 20.27 -65.82 43.85
C ARG K 132 21.49 -66.71 43.88
N LYS K 133 22.20 -66.88 42.75
CA LYS K 133 23.50 -67.52 42.75
C LYS K 133 24.40 -66.91 41.73
N GLN K 134 23.91 -65.89 40.97
CA GLN K 134 24.48 -65.59 39.69
C GLN K 134 24.92 -64.18 39.73
N VAL K 135 26.22 -63.91 39.46
CA VAL K 135 26.79 -62.59 39.34
C VAL K 135 26.12 -61.85 38.21
N VAL K 136 25.97 -60.50 38.31
CA VAL K 136 25.48 -59.70 37.21
C VAL K 136 26.27 -58.43 37.16
N ASN K 137 26.29 -57.81 35.95
CA ASN K 137 26.98 -56.59 35.67
C ASN K 137 25.98 -55.62 35.10
N ILE K 138 24.67 -55.94 35.20
CA ILE K 138 23.63 -55.25 34.49
C ILE K 138 22.80 -54.54 35.52
N PRO K 139 22.79 -53.22 35.62
CA PRO K 139 22.01 -52.51 36.63
C PRO K 139 20.68 -52.16 36.03
N SER K 140 20.38 -52.69 34.83
CA SER K 140 19.18 -52.42 34.09
C SER K 140 18.41 -53.70 33.98
N PHE K 141 18.49 -54.57 35.02
CA PHE K 141 18.01 -55.93 34.98
C PHE K 141 16.53 -56.03 34.68
N ILE K 142 15.72 -55.20 35.35
CA ILE K 142 14.39 -55.53 35.83
C ILE K 142 14.30 -56.85 36.56
N VAL K 143 13.65 -56.82 37.73
CA VAL K 143 13.84 -57.80 38.76
C VAL K 143 12.44 -58.30 38.95
N ARG K 144 12.20 -59.60 38.66
CA ARG K 144 10.93 -60.28 38.88
C ARG K 144 10.53 -60.22 40.32
N LEU K 145 9.20 -60.25 40.59
CA LEU K 145 8.67 -59.93 41.89
C LEU K 145 9.15 -60.87 42.97
N ASP K 146 9.11 -62.19 42.69
CA ASP K 146 9.55 -63.24 43.59
C ASP K 146 10.99 -63.15 44.03
N SER K 147 11.85 -62.54 43.19
CA SER K 147 13.27 -62.53 43.35
C SER K 147 13.76 -61.32 44.11
N GLN K 148 12.83 -60.48 44.62
CA GLN K 148 13.17 -59.28 45.37
C GLN K 148 13.35 -59.60 46.82
N LYS K 149 14.21 -60.59 47.13
CA LYS K 149 14.48 -61.08 48.45
C LYS K 149 15.49 -62.18 48.27
N HIS K 150 16.33 -62.06 47.24
CA HIS K 150 17.40 -62.98 46.99
C HIS K 150 18.58 -62.21 46.47
N ILE K 151 18.53 -60.86 46.66
CA ILE K 151 19.61 -59.97 46.32
C ILE K 151 20.56 -60.08 47.48
N ASP K 152 21.82 -60.48 47.22
CA ASP K 152 22.80 -60.77 48.24
C ASP K 152 24.08 -60.29 47.66
N PHE K 153 25.13 -60.12 48.50
CA PHE K 153 26.47 -59.88 47.97
C PHE K 153 26.98 -61.14 47.33
N SER K 154 28.11 -61.05 46.61
CA SER K 154 28.69 -62.18 45.94
C SER K 154 29.37 -63.03 46.97
N LEU K 155 29.40 -64.35 46.72
CA LEU K 155 29.81 -65.33 47.69
C LEU K 155 31.31 -65.35 47.77
N ARG K 156 31.99 -64.80 46.76
CA ARG K 156 33.40 -64.50 46.84
C ARG K 156 33.52 -63.08 46.41
N SER K 157 34.11 -62.23 47.29
CA SER K 157 34.32 -60.82 47.09
C SER K 157 34.70 -60.30 48.46
N PRO K 158 35.48 -59.24 48.60
CA PRO K 158 35.72 -58.54 49.87
C PRO K 158 34.52 -58.17 50.69
N TYR K 159 33.32 -58.02 50.08
CA TYR K 159 32.11 -57.75 50.82
C TYR K 159 31.44 -59.07 50.96
N GLY K 160 31.24 -59.54 52.20
CA GLY K 160 30.99 -60.94 52.47
C GLY K 160 32.30 -61.68 52.41
N GLY K 161 32.25 -63.02 52.57
CA GLY K 161 33.44 -63.85 52.61
C GLY K 161 34.16 -63.83 51.30
N GLY K 162 35.51 -63.98 51.32
CA GLY K 162 36.32 -63.98 50.13
C GLY K 162 37.57 -63.21 50.41
N ARG K 163 38.54 -63.33 49.47
CA ARG K 163 39.89 -62.80 49.55
C ARG K 163 39.91 -61.28 49.67
N PRO K 164 40.92 -60.66 50.29
CA PRO K 164 41.05 -59.21 50.38
C PRO K 164 41.47 -58.63 49.05
N GLY K 165 41.00 -57.40 48.72
CA GLY K 165 41.32 -56.70 47.50
C GLY K 165 42.78 -56.33 47.45
N ARG K 166 43.24 -55.75 46.32
CA ARG K 166 44.63 -55.42 46.12
C ARG K 166 45.01 -54.06 46.65
N VAL K 167 44.07 -53.32 47.30
CA VAL K 167 44.38 -52.10 48.01
C VAL K 167 44.70 -52.48 49.42
N LYS K 168 43.95 -53.46 49.97
CA LYS K 168 44.12 -53.98 51.29
C LYS K 168 45.36 -54.81 51.34
N ARG K 169 45.45 -55.83 50.45
CA ARG K 169 46.51 -56.81 50.46
C ARG K 169 47.86 -56.21 50.12
N LYS K 170 47.92 -55.13 49.31
CA LYS K 170 49.10 -54.28 49.21
C LYS K 170 49.57 -53.71 50.52
N ASN K 171 48.68 -52.97 51.22
CA ASN K 171 48.97 -52.29 52.46
C ASN K 171 49.29 -53.20 53.62
N ALA K 172 48.76 -54.44 53.63
CA ALA K 172 49.15 -55.44 54.59
C ALA K 172 50.61 -55.86 54.45
N LYS K 173 51.09 -55.95 53.19
CA LYS K 173 52.46 -56.26 52.86
C LYS K 173 53.33 -55.03 52.91
N LYS K 174 52.74 -53.83 53.10
CA LYS K 174 53.46 -52.59 53.29
C LYS K 174 53.99 -52.47 54.69
N GLY K 175 53.37 -53.20 55.66
CA GLY K 175 53.94 -53.32 56.97
C GLY K 175 55.10 -54.27 57.10
N GLN K 176 55.48 -55.03 56.03
CA GLN K 176 56.58 -55.97 56.15
C GLN K 176 57.57 -55.86 55.00
N GLY K 177 57.13 -55.36 53.82
CA GLY K 177 57.98 -55.22 52.67
C GLY K 177 57.87 -53.89 52.00
N GLY K 178 57.05 -52.96 52.55
CA GLY K 178 56.89 -51.64 51.99
C GLY K 178 57.43 -50.62 52.94
N ALA K 179 57.68 -51.02 54.21
CA ALA K 179 58.16 -50.12 55.22
C ALA K 179 58.66 -50.93 56.38
N GLY K 180 58.66 -52.28 56.26
CA GLY K 180 59.10 -53.17 57.31
C GLY K 180 60.59 -53.13 57.50
N ALA K 181 61.34 -52.95 56.39
CA ALA K 181 62.78 -52.88 56.43
C ALA K 181 63.27 -52.40 55.10
N GLY K 182 62.35 -52.10 54.15
CA GLY K 182 62.73 -51.62 52.84
C GLY K 182 61.48 -51.10 52.15
N MET L 1 62.47 23.85 46.31
CA MET L 1 61.32 24.80 46.24
C MET L 1 60.94 25.09 44.81
N LEU L 2 59.64 25.16 44.40
CA LEU L 2 58.43 24.52 44.87
C LEU L 2 57.74 25.31 45.94
N MET L 3 58.19 25.21 47.21
CA MET L 3 57.96 26.28 48.17
C MET L 3 59.00 26.15 49.24
N PRO L 4 59.27 27.18 50.03
CA PRO L 4 60.05 27.09 51.25
C PRO L 4 59.47 26.11 52.24
N LYS L 5 60.25 25.80 53.30
CA LYS L 5 59.89 24.84 54.32
C LYS L 5 59.27 25.63 55.43
N LYS L 6 59.48 26.97 55.42
CA LYS L 6 58.87 27.92 56.30
C LYS L 6 57.39 27.98 56.02
N ASN L 7 57.03 28.09 54.71
CA ASN L 7 55.69 28.34 54.26
C ASN L 7 54.80 27.13 54.39
N ARG L 8 55.38 25.91 54.51
CA ARG L 8 54.63 24.71 54.82
C ARG L 8 54.00 24.82 56.19
N ILE L 9 54.85 25.13 57.20
CA ILE L 9 54.51 25.24 58.60
C ILE L 9 53.42 26.25 58.84
N ALA L 10 53.56 27.47 58.26
CA ALA L 10 52.68 28.59 58.50
C ALA L 10 51.27 28.37 58.02
N ILE L 11 51.07 27.42 57.08
CA ILE L 11 49.77 27.02 56.59
C ILE L 11 49.28 25.88 57.44
N TYR L 12 50.09 24.82 57.63
CA TYR L 12 49.69 23.62 58.34
C TYR L 12 49.39 23.85 59.81
N GLU L 13 50.00 24.88 60.44
CA GLU L 13 49.78 25.21 61.82
C GLU L 13 48.51 26.01 61.97
N LEU L 14 48.21 26.84 60.95
CA LEU L 14 47.07 27.73 60.94
C LEU L 14 45.83 26.93 60.72
N LEU L 15 45.92 25.93 59.81
CA LEU L 15 44.89 24.95 59.54
C LEU L 15 44.51 24.21 60.78
N PHE L 16 45.52 23.84 61.61
CA PHE L 16 45.32 23.07 62.82
C PHE L 16 44.57 23.84 63.88
N LYS L 17 44.60 25.18 63.82
CA LYS L 17 44.05 26.07 64.82
C LYS L 17 42.63 26.44 64.51
N GLU L 18 42.25 26.49 63.21
CA GLU L 18 40.93 26.90 62.82
C GLU L 18 40.09 25.70 62.45
N GLY L 19 40.74 24.61 62.01
CA GLY L 19 40.10 23.37 61.64
C GLY L 19 39.54 23.40 60.26
N VAL L 20 39.77 24.48 59.47
CA VAL L 20 39.20 24.59 58.16
C VAL L 20 39.98 25.66 57.45
N MET L 21 40.13 25.55 56.11
CA MET L 21 40.79 26.55 55.31
C MET L 21 39.90 26.78 54.13
N VAL L 22 40.06 27.96 53.47
CA VAL L 22 39.32 28.39 52.33
C VAL L 22 40.26 29.27 51.57
N ALA L 23 40.05 29.37 50.25
CA ALA L 23 40.82 30.25 49.43
C ALA L 23 40.05 30.39 48.16
N LYS L 24 40.58 31.19 47.22
CA LYS L 24 39.88 31.56 46.02
C LYS L 24 40.76 31.00 44.95
N LYS L 25 40.24 30.84 43.71
CA LYS L 25 41.00 30.24 42.65
C LYS L 25 41.64 31.35 41.88
N ASP L 26 42.96 31.51 42.09
CA ASP L 26 43.75 32.53 41.47
C ASP L 26 45.13 31.95 41.42
N VAL L 27 45.93 32.42 40.45
CA VAL L 27 47.33 32.09 40.34
C VAL L 27 48.05 33.40 40.42
N HIS L 28 47.35 34.45 40.86
CA HIS L 28 47.91 35.76 41.05
C HIS L 28 47.25 36.32 42.28
N MET L 29 47.51 35.67 43.44
CA MET L 29 47.07 36.15 44.73
C MET L 29 48.37 36.45 45.43
N PRO L 30 48.81 37.69 45.61
CA PRO L 30 50.18 37.94 46.03
C PRO L 30 50.47 37.56 47.46
N LYS L 31 49.46 37.55 48.35
CA LYS L 31 49.72 37.30 49.74
C LYS L 31 48.62 36.47 50.32
N HIS L 32 47.63 36.04 49.50
CA HIS L 32 46.39 35.47 49.97
C HIS L 32 45.74 36.34 51.03
N PRO L 33 45.30 37.58 50.76
CA PRO L 33 44.41 38.35 51.63
C PRO L 33 43.29 37.55 52.23
N GLU L 34 43.03 37.75 53.55
CA GLU L 34 42.06 37.05 54.34
C GLU L 34 42.60 35.68 54.65
N LEU L 35 42.78 35.36 55.95
CA LEU L 35 43.97 34.75 56.49
C LEU L 35 45.24 35.44 56.01
N ALA L 36 46.33 34.67 55.76
CA ALA L 36 47.56 34.90 56.45
C ALA L 36 48.51 35.44 55.45
N ASP L 37 49.19 36.55 55.85
CA ASP L 37 49.83 37.46 54.95
C ASP L 37 51.27 37.43 55.31
N LYS L 38 52.13 37.54 54.27
CA LYS L 38 53.54 37.84 54.37
C LYS L 38 54.25 36.53 54.53
N ASN L 39 53.65 35.46 53.98
CA ASN L 39 54.12 34.10 54.14
C ASN L 39 53.48 33.23 53.07
N VAL L 40 52.70 33.84 52.15
CA VAL L 40 52.18 33.19 50.98
C VAL L 40 52.65 34.09 49.86
N PRO L 41 53.29 33.64 48.79
CA PRO L 41 53.84 34.56 47.82
C PRO L 41 52.93 34.55 46.62
N ASN L 42 52.14 33.48 46.41
CA ASN L 42 51.46 33.28 45.16
C ASN L 42 50.44 32.21 45.40
N LEU L 43 50.48 31.09 44.62
CA LEU L 43 49.58 29.96 44.70
C LEU L 43 49.39 29.38 46.08
N HIS L 44 50.49 29.39 46.88
CA HIS L 44 50.91 28.38 47.84
C HIS L 44 49.87 27.65 48.64
N VAL L 45 48.79 28.32 49.11
CA VAL L 45 47.67 27.71 49.80
C VAL L 45 47.09 26.58 49.00
N MET L 46 46.74 26.85 47.72
CA MET L 46 46.13 25.90 46.82
C MET L 46 47.07 24.79 46.47
N LYS L 47 48.36 25.14 46.26
CA LYS L 47 49.41 24.26 45.81
C LYS L 47 49.81 23.26 46.87
N ALA L 48 49.64 23.62 48.16
CA ALA L 48 50.04 22.82 49.30
C ALA L 48 48.88 21.98 49.71
N MET L 49 47.65 22.50 49.52
CA MET L 49 46.41 21.80 49.81
C MET L 49 46.22 20.64 48.90
N GLN L 50 46.63 20.74 47.62
CA GLN L 50 46.47 19.70 46.64
C GLN L 50 47.27 18.48 47.01
N SER L 51 48.53 18.68 47.46
CA SER L 51 49.40 17.63 47.93
C SER L 51 48.92 16.97 49.19
N LEU L 52 48.33 17.77 50.11
CA LEU L 52 47.77 17.28 51.35
C LEU L 52 46.58 16.41 51.07
N LYS L 53 45.70 16.87 50.14
CA LYS L 53 44.47 16.24 49.73
C LYS L 53 44.70 14.91 49.07
N SER L 54 45.79 14.80 48.28
CA SER L 54 46.23 13.59 47.65
C SER L 54 46.46 12.46 48.61
N ARG L 55 46.94 12.78 49.83
CA ARG L 55 47.30 11.80 50.83
C ARG L 55 46.20 11.68 51.85
N GLY L 56 44.96 12.08 51.48
CA GLY L 56 43.81 12.02 52.36
C GLY L 56 43.83 13.23 53.22
N TYR L 57 43.40 13.09 54.49
CA TYR L 57 43.56 14.07 55.55
C TYR L 57 42.68 15.29 55.40
N VAL L 58 41.77 15.33 54.40
CA VAL L 58 41.00 16.49 54.13
C VAL L 58 39.90 16.07 53.19
N LYS L 59 38.77 16.82 53.17
CA LYS L 59 37.77 16.72 52.13
C LYS L 59 37.74 18.08 51.49
N GLU L 60 37.20 18.17 50.26
CA GLU L 60 37.36 19.36 49.45
C GLU L 60 36.11 19.58 48.66
N GLN L 61 35.53 20.80 48.77
CA GLN L 61 34.48 21.28 47.90
C GLN L 61 35.06 22.36 47.04
N PHE L 62 34.30 22.75 46.00
CA PHE L 62 34.69 23.80 45.11
C PHE L 62 33.40 24.33 44.58
N ALA L 63 33.22 25.66 44.61
CA ALA L 63 31.97 26.27 44.25
C ALA L 63 32.24 27.72 44.04
N TRP L 64 31.92 28.24 42.82
CA TRP L 64 32.03 29.63 42.41
C TRP L 64 33.40 30.20 42.60
N ARG L 65 34.45 29.48 42.17
CA ARG L 65 35.83 29.94 42.17
C ARG L 65 36.36 30.00 43.59
N HIS L 66 35.99 29.03 44.44
CA HIS L 66 36.47 29.00 45.80
C HIS L 66 36.55 27.57 46.20
N PHE L 67 37.73 27.15 46.70
CA PHE L 67 37.93 25.87 47.33
C PHE L 67 37.44 25.96 48.75
N TYR L 68 37.22 24.80 49.41
CA TYR L 68 36.80 24.77 50.78
C TYR L 68 37.30 23.46 51.29
N TRP L 69 38.33 23.50 52.18
CA TRP L 69 38.98 22.30 52.66
C TRP L 69 38.59 22.04 54.07
N TYR L 70 38.08 20.81 54.36
CA TYR L 70 37.58 20.40 55.64
C TYR L 70 38.51 19.38 56.22
N LEU L 71 39.20 19.73 57.33
CA LEU L 71 40.09 18.86 58.07
C LEU L 71 39.34 17.69 58.69
N THR L 72 40.02 16.53 58.87
CA THR L 72 39.42 15.29 59.32
C THR L 72 40.25 14.78 60.47
N ASN L 73 39.75 13.71 61.16
CA ASN L 73 40.33 13.07 62.33
C ASN L 73 41.72 12.57 62.05
N GLU L 74 41.90 12.00 60.85
CA GLU L 74 43.13 11.43 60.34
C GLU L 74 44.13 12.53 60.20
N GLY L 75 43.67 13.71 59.70
CA GLY L 75 44.47 14.89 59.54
C GLY L 75 44.88 15.54 60.85
N ILE L 76 44.07 15.39 61.94
CA ILE L 76 44.37 15.96 63.25
C ILE L 76 45.61 15.27 63.78
N GLN L 77 45.64 13.93 63.66
CA GLN L 77 46.77 13.08 63.99
C GLN L 77 48.00 13.43 63.20
N TYR L 78 47.87 13.56 61.86
CA TYR L 78 48.92 13.95 60.95
C TYR L 78 49.57 15.25 61.34
N LEU L 79 48.80 16.35 61.40
CA LEU L 79 49.27 17.68 61.77
C LEU L 79 49.92 17.73 63.12
N ARG L 80 49.41 16.94 64.09
CA ARG L 80 49.96 16.85 65.42
C ARG L 80 51.36 16.30 65.42
N ASP L 81 51.59 15.26 64.59
CA ASP L 81 52.85 14.59 64.50
C ASP L 81 53.82 15.38 63.65
N TYR L 82 53.35 15.97 62.52
CA TYR L 82 54.18 16.74 61.62
C TYR L 82 54.79 17.98 62.27
N LEU L 83 54.09 18.62 63.23
CA LEU L 83 54.62 19.81 63.85
C LEU L 83 54.93 19.55 65.30
N HIS L 84 54.85 18.26 65.73
CA HIS L 84 55.23 17.77 67.04
C HIS L 84 54.69 18.63 68.17
N LEU L 85 53.36 18.88 68.16
CA LEU L 85 52.73 19.83 69.04
C LEU L 85 52.04 19.10 70.17
N PRO L 86 51.72 19.76 71.29
CA PRO L 86 50.96 19.21 72.41
C PRO L 86 49.60 18.63 72.00
N PRO L 87 49.01 17.72 72.78
CA PRO L 87 47.80 17.01 72.42
C PRO L 87 46.55 17.85 72.60
N GLU L 88 46.63 19.05 73.20
CA GLU L 88 45.48 19.90 73.40
C GLU L 88 45.33 20.74 72.16
N ILE L 89 44.24 20.45 71.38
CA ILE L 89 43.75 21.22 70.25
C ILE L 89 42.78 20.29 69.56
N VAL L 90 41.62 20.84 69.14
CA VAL L 90 40.63 20.23 68.29
C VAL L 90 39.52 21.27 68.18
N PRO L 91 39.45 22.07 67.11
CA PRO L 91 38.50 23.17 67.06
C PRO L 91 37.32 22.79 66.19
N ALA L 92 37.38 21.63 65.49
CA ALA L 92 36.33 21.15 64.62
C ALA L 92 35.12 20.74 65.42
N THR L 93 35.35 20.10 66.60
CA THR L 93 34.31 19.73 67.52
C THR L 93 34.95 19.83 68.88
N LEU L 94 34.14 20.20 69.90
CA LEU L 94 34.61 20.26 71.26
C LEU L 94 33.41 20.29 72.18
N ARG L 95 32.17 20.34 71.62
CA ARG L 95 30.97 20.31 72.43
C ARG L 95 29.89 19.71 71.59
N ARG L 96 28.93 19.00 72.23
CA ARG L 96 27.73 18.49 71.62
C ARG L 96 26.70 19.59 71.73
N SER L 97 26.18 20.03 70.56
CA SER L 97 25.21 21.10 70.45
C SER L 97 23.93 20.77 71.17
N ARG L 98 23.34 21.79 71.86
CA ARG L 98 22.11 21.67 72.60
C ARG L 98 20.99 22.34 71.79
N MET M 1 -27.25 -79.03 -47.47
CA MET M 1 -27.47 -79.77 -46.20
C MET M 1 -27.38 -81.25 -46.46
N ALA M 2 -28.10 -81.74 -47.51
CA ALA M 2 -27.99 -83.10 -47.98
C ALA M 2 -26.62 -83.36 -48.53
N ASP M 3 -26.10 -82.37 -49.28
CA ASP M 3 -24.71 -82.31 -49.66
C ASP M 3 -24.08 -81.36 -48.70
N ILE M 4 -22.97 -81.80 -48.06
CA ILE M 4 -22.16 -80.96 -47.20
C ILE M 4 -20.74 -81.05 -47.67
N GLN M 5 -20.47 -81.80 -48.77
CA GLN M 5 -19.14 -81.93 -49.32
C GLN M 5 -19.01 -80.80 -50.28
N THR M 6 -17.87 -80.08 -50.21
CA THR M 6 -17.60 -78.97 -51.09
C THR M 6 -16.12 -78.73 -51.03
N GLU M 7 -15.40 -79.49 -50.19
CA GLU M 7 -13.99 -79.26 -49.93
C GLU M 7 -13.19 -80.04 -50.95
N ARG M 8 -11.87 -79.76 -50.98
CA ARG M 8 -10.88 -80.53 -51.70
C ARG M 8 -10.84 -81.94 -51.24
N ALA M 9 -10.90 -82.16 -49.90
CA ALA M 9 -10.83 -83.46 -49.30
C ALA M 9 -12.22 -83.88 -48.95
N TYR M 10 -12.47 -85.20 -48.92
CA TYR M 10 -13.75 -85.78 -48.58
C TYR M 10 -14.05 -85.49 -47.13
N GLN M 11 -15.35 -85.26 -46.83
CA GLN M 11 -15.80 -84.95 -45.50
C GLN M 11 -16.58 -86.15 -45.07
N LYS M 12 -16.34 -86.62 -43.84
CA LYS M 12 -16.99 -87.80 -43.33
C LYS M 12 -16.91 -87.78 -41.85
N GLN M 13 -17.70 -88.67 -41.20
CA GLN M 13 -17.57 -88.96 -39.80
C GLN M 13 -16.53 -90.05 -39.72
N PRO M 14 -15.44 -89.96 -38.96
CA PRO M 14 -14.74 -91.13 -38.45
C PRO M 14 -15.62 -91.88 -37.47
N THR M 15 -15.22 -93.13 -37.11
CA THR M 15 -15.88 -94.03 -36.19
C THR M 15 -17.24 -94.47 -36.69
N ILE M 16 -17.37 -94.63 -38.02
CA ILE M 16 -18.55 -95.08 -38.71
C ILE M 16 -17.95 -95.78 -39.89
N PHE M 17 -18.62 -96.84 -40.39
CA PHE M 17 -18.16 -97.62 -41.51
C PHE M 17 -19.36 -97.80 -42.41
N GLN M 18 -19.10 -98.11 -43.70
CA GLN M 18 -20.11 -98.38 -44.70
C GLN M 18 -19.85 -99.80 -45.10
N ASN M 19 -20.91 -100.64 -45.01
CA ASN M 19 -20.85 -102.04 -45.37
C ASN M 19 -21.21 -102.19 -46.82
N LYS M 20 -21.11 -103.43 -47.33
CA LYS M 20 -21.66 -103.83 -48.60
C LYS M 20 -22.67 -104.92 -48.31
N LYS M 21 -22.89 -105.23 -47.01
CA LYS M 21 -23.66 -106.35 -46.52
C LYS M 21 -25.10 -106.28 -46.93
N ARG M 22 -25.67 -107.49 -47.15
CA ARG M 22 -26.86 -107.71 -47.93
C ARG M 22 -28.07 -107.17 -47.20
N VAL M 23 -29.06 -106.65 -47.95
CA VAL M 23 -30.34 -106.31 -47.41
C VAL M 23 -31.30 -106.52 -48.56
N LEU M 24 -32.62 -106.54 -48.27
CA LEU M 24 -33.69 -106.94 -49.15
C LEU M 24 -34.21 -105.76 -49.95
N LEU M 25 -33.35 -104.75 -50.16
CA LEU M 25 -33.67 -103.52 -50.84
C LEU M 25 -32.35 -102.93 -51.29
N GLY M 26 -31.24 -103.65 -51.05
CA GLY M 26 -29.88 -103.26 -51.30
C GLY M 26 -29.51 -102.97 -52.73
N GLU M 27 -28.26 -102.52 -52.99
CA GLU M 27 -27.22 -102.23 -52.01
C GLU M 27 -27.46 -100.86 -51.43
N THR M 28 -27.28 -100.61 -50.10
CA THR M 28 -26.87 -101.53 -49.06
C THR M 28 -27.46 -100.98 -47.78
N GLY M 29 -28.31 -99.93 -47.88
CA GLY M 29 -28.95 -99.35 -46.74
C GLY M 29 -30.20 -98.71 -47.25
N LYS M 30 -30.46 -97.46 -46.80
CA LYS M 30 -31.60 -96.71 -47.23
C LYS M 30 -31.29 -95.24 -47.05
N GLU M 31 -30.05 -94.90 -46.63
CA GLU M 31 -29.56 -93.56 -46.73
C GLU M 31 -28.07 -93.58 -46.62
N LYS M 32 -27.47 -94.75 -46.24
CA LYS M 32 -26.05 -94.95 -45.96
C LYS M 32 -25.51 -93.97 -44.94
N LEU M 33 -26.15 -93.90 -43.75
CA LEU M 33 -25.68 -93.09 -42.66
C LEU M 33 -26.40 -93.58 -41.43
N PRO M 34 -25.73 -94.27 -40.53
CA PRO M 34 -26.13 -94.35 -39.15
C PRO M 34 -25.38 -93.26 -38.40
N ARG M 35 -26.13 -92.24 -37.91
CA ARG M 35 -25.60 -91.06 -37.26
C ARG M 35 -24.87 -91.34 -35.97
N TYR M 36 -23.84 -90.52 -35.66
CA TYR M 36 -23.03 -90.62 -34.47
C TYR M 36 -23.30 -89.37 -33.70
N TYR M 37 -23.27 -89.50 -32.34
CA TYR M 37 -23.31 -88.38 -31.44
C TYR M 37 -22.76 -88.92 -30.14
N LYS M 38 -22.54 -88.02 -29.16
CA LYS M 38 -22.14 -88.38 -27.83
C LYS M 38 -22.64 -87.30 -26.93
N ASN M 39 -22.79 -87.64 -25.62
CA ASN M 39 -23.11 -86.70 -24.57
C ASN M 39 -21.89 -85.95 -24.14
N ILE M 40 -22.11 -84.74 -23.57
CA ILE M 40 -21.06 -83.92 -23.03
C ILE M 40 -20.77 -84.38 -21.64
N GLY M 41 -21.85 -84.66 -20.87
CA GLY M 41 -21.77 -84.98 -19.47
C GLY M 41 -21.88 -83.68 -18.75
N LEU M 42 -21.72 -83.71 -17.40
CA LEU M 42 -21.61 -82.55 -16.53
C LEU M 42 -22.98 -82.13 -16.05
N GLY M 43 -24.00 -82.25 -16.94
CA GLY M 43 -25.38 -82.02 -16.62
C GLY M 43 -26.00 -81.15 -17.68
N PHE M 44 -25.19 -80.70 -18.67
CA PHE M 44 -25.66 -80.04 -19.86
C PHE M 44 -26.36 -81.02 -20.75
N LYS M 45 -27.38 -80.52 -21.51
CA LYS M 45 -28.30 -81.35 -22.24
C LYS M 45 -27.83 -81.52 -23.65
N THR M 46 -28.13 -82.69 -24.24
CA THR M 46 -27.86 -82.99 -25.63
C THR M 46 -28.98 -82.38 -26.46
N PRO M 47 -28.75 -81.91 -27.68
CA PRO M 47 -29.79 -81.34 -28.51
C PRO M 47 -30.33 -82.39 -29.45
N LYS M 48 -31.61 -82.24 -29.85
CA LYS M 48 -32.27 -83.06 -30.85
C LYS M 48 -31.66 -82.87 -32.20
N GLU M 49 -31.24 -81.62 -32.50
CA GLU M 49 -30.84 -81.17 -33.81
C GLU M 49 -29.64 -81.90 -34.33
N ALA M 50 -28.74 -82.33 -33.42
CA ALA M 50 -27.54 -83.06 -33.75
C ALA M 50 -27.85 -84.46 -34.22
N ILE M 51 -28.66 -85.19 -33.41
CA ILE M 51 -29.01 -86.56 -33.64
C ILE M 51 -29.83 -86.72 -34.89
N GLU M 52 -30.77 -85.79 -35.15
CA GLU M 52 -31.48 -85.70 -36.41
C GLU M 52 -30.57 -85.39 -37.57
N GLY M 53 -29.74 -84.34 -37.42
CA GLY M 53 -29.12 -83.63 -38.50
C GLY M 53 -27.96 -84.31 -39.13
N THR M 54 -27.40 -83.62 -40.15
CA THR M 54 -26.30 -84.07 -40.94
C THR M 54 -25.41 -82.86 -41.00
N TYR M 55 -24.19 -82.98 -40.43
CA TYR M 55 -23.16 -82.01 -40.65
C TYR M 55 -21.88 -82.70 -40.26
N ILE M 56 -20.74 -82.21 -40.80
CA ILE M 56 -19.45 -82.71 -40.44
C ILE M 56 -18.73 -81.55 -39.83
N ASP M 57 -18.31 -81.71 -38.57
CA ASP M 57 -17.52 -80.74 -37.87
C ASP M 57 -16.86 -81.54 -36.79
N LYS M 58 -15.64 -81.13 -36.38
CA LYS M 58 -14.86 -81.87 -35.43
C LYS M 58 -14.63 -81.07 -34.18
N LYS M 59 -14.98 -79.77 -34.18
CA LYS M 59 -14.62 -78.89 -33.09
C LYS M 59 -15.81 -78.71 -32.21
N CYS M 60 -16.98 -79.25 -32.61
CA CYS M 60 -18.16 -79.27 -31.77
C CYS M 60 -18.04 -80.46 -30.85
N PRO M 61 -18.60 -80.47 -29.65
CA PRO M 61 -18.25 -81.49 -28.69
C PRO M 61 -19.36 -82.52 -28.68
N PHE M 62 -20.50 -82.21 -29.32
CA PHE M 62 -21.64 -83.09 -29.40
C PHE M 62 -21.40 -84.20 -30.37
N THR M 63 -20.76 -83.92 -31.53
CA THR M 63 -20.61 -84.88 -32.60
C THR M 63 -19.15 -85.14 -32.81
N GLY M 64 -18.28 -84.17 -32.47
CA GLY M 64 -16.88 -84.23 -32.83
C GLY M 64 -16.13 -84.86 -31.70
N ASN M 65 -14.84 -84.52 -31.57
CA ASN M 65 -14.00 -84.98 -30.49
C ASN M 65 -13.39 -83.73 -29.94
N VAL M 66 -13.62 -83.52 -28.62
CA VAL M 66 -13.07 -82.46 -27.82
C VAL M 66 -13.86 -82.56 -26.55
N SER M 67 -13.16 -82.55 -25.40
CA SER M 67 -13.75 -82.68 -24.10
C SER M 67 -13.99 -81.31 -23.55
N ILE M 68 -14.93 -81.21 -22.58
CA ILE M 68 -15.10 -80.03 -21.75
C ILE M 68 -14.82 -80.48 -20.36
N ARG M 69 -13.86 -79.76 -19.73
CA ARG M 69 -13.30 -80.11 -18.45
C ARG M 69 -12.68 -78.83 -17.97
N GLY M 70 -12.60 -78.66 -16.62
CA GLY M 70 -12.20 -77.40 -16.03
C GLY M 70 -13.33 -76.42 -16.06
N ARG M 71 -13.01 -75.11 -16.18
CA ARG M 71 -13.89 -73.97 -16.03
C ARG M 71 -15.15 -73.98 -16.84
N ILE M 72 -16.09 -73.08 -16.47
CA ILE M 72 -17.35 -72.85 -17.11
C ILE M 72 -17.55 -71.36 -16.90
N LEU M 73 -18.11 -70.65 -17.90
CA LEU M 73 -18.23 -69.22 -17.91
C LEU M 73 -19.47 -68.94 -18.69
N SER M 74 -19.83 -67.63 -18.83
CA SER M 74 -20.93 -67.20 -19.67
C SER M 74 -20.44 -66.06 -20.53
N GLY M 75 -21.38 -65.37 -21.20
CA GLY M 75 -21.07 -64.18 -21.95
C GLY M 75 -22.31 -63.73 -22.65
N VAL M 76 -22.14 -63.00 -23.77
CA VAL M 76 -23.23 -62.51 -24.57
C VAL M 76 -22.63 -62.27 -25.92
N VAL M 77 -23.39 -62.37 -27.02
CA VAL M 77 -22.89 -62.15 -28.37
C VAL M 77 -22.73 -60.66 -28.58
N THR M 78 -21.70 -60.26 -29.36
CA THR M 78 -21.45 -58.87 -29.65
C THR M 78 -21.26 -58.71 -31.13
N LYS M 79 -20.83 -59.76 -31.85
CA LYS M 79 -20.43 -59.60 -33.22
C LYS M 79 -20.23 -60.99 -33.69
N MET M 80 -20.51 -61.23 -34.99
CA MET M 80 -20.14 -62.47 -35.64
C MET M 80 -20.28 -62.23 -37.10
N LYS M 81 -19.44 -62.94 -37.88
CA LYS M 81 -19.47 -62.97 -39.31
C LYS M 81 -18.46 -64.00 -39.73
N MET M 82 -17.74 -64.57 -38.73
CA MET M 82 -16.73 -65.56 -38.92
C MET M 82 -17.35 -66.92 -39.09
N GLN M 83 -16.58 -67.85 -39.68
CA GLN M 83 -17.07 -69.14 -40.10
C GLN M 83 -16.97 -70.12 -38.97
N ARG M 84 -18.14 -70.60 -38.48
CA ARG M 84 -18.29 -71.51 -37.37
C ARG M 84 -17.65 -71.00 -36.09
N THR M 85 -17.82 -69.70 -35.78
CA THR M 85 -17.34 -69.16 -34.53
C THR M 85 -18.00 -67.82 -34.42
N ILE M 86 -17.82 -67.14 -33.26
CA ILE M 86 -18.49 -65.91 -32.92
C ILE M 86 -17.51 -65.18 -32.05
N VAL M 87 -17.88 -63.95 -31.61
CA VAL M 87 -17.15 -63.18 -30.65
C VAL M 87 -18.16 -62.93 -29.58
N ILE M 88 -17.72 -62.76 -28.32
CA ILE M 88 -18.57 -62.57 -27.18
C ILE M 88 -17.86 -61.58 -26.31
N ARG M 89 -18.44 -61.22 -25.15
CA ARG M 89 -17.93 -60.17 -24.33
C ARG M 89 -18.24 -60.56 -22.92
N ARG M 90 -17.44 -60.06 -21.97
CA ARG M 90 -17.60 -60.33 -20.57
C ARG M 90 -17.43 -59.03 -19.87
N ASP M 91 -18.56 -58.44 -19.39
CA ASP M 91 -18.57 -57.28 -18.56
C ASP M 91 -18.34 -57.69 -17.14
N TYR M 92 -17.55 -56.91 -16.39
CA TYR M 92 -17.27 -57.20 -15.00
C TYR M 92 -16.78 -55.91 -14.41
N LEU M 93 -16.45 -55.94 -13.10
CA LEU M 93 -16.19 -54.75 -12.33
C LEU M 93 -14.92 -54.99 -11.58
N HIS M 94 -13.99 -54.03 -11.71
CA HIS M 94 -12.67 -54.07 -11.15
C HIS M 94 -12.66 -53.06 -10.03
N TYR M 95 -12.05 -53.43 -8.88
CA TYR M 95 -12.11 -52.67 -7.67
C TYR M 95 -10.76 -52.02 -7.52
N ILE M 96 -10.71 -50.88 -6.79
CA ILE M 96 -9.51 -50.11 -6.51
C ILE M 96 -9.53 -49.89 -5.03
N ARG M 97 -8.42 -50.23 -4.34
CA ARG M 97 -8.35 -50.20 -2.90
C ARG M 97 -8.04 -48.82 -2.39
N LYS M 98 -7.38 -47.97 -3.23
CA LYS M 98 -7.10 -46.58 -2.91
C LYS M 98 -8.36 -45.79 -2.76
N TYR M 99 -9.32 -45.99 -3.69
CA TYR M 99 -10.65 -45.45 -3.57
C TYR M 99 -11.50 -46.47 -2.89
N ASN M 100 -12.81 -46.47 -3.17
CA ASN M 100 -13.73 -47.46 -2.68
C ASN M 100 -14.74 -47.65 -3.78
N ARG M 101 -14.41 -47.20 -5.00
CA ARG M 101 -15.27 -47.25 -6.14
C ARG M 101 -14.88 -48.45 -6.96
N PHE M 102 -15.77 -48.83 -7.90
CA PHE M 102 -15.56 -49.89 -8.87
C PHE M 102 -15.44 -49.18 -10.18
N GLU M 103 -15.20 -49.92 -11.28
CA GLU M 103 -15.17 -49.35 -12.60
C GLU M 103 -15.31 -50.50 -13.52
N LYS M 104 -15.70 -50.23 -14.79
CA LYS M 104 -16.08 -51.25 -15.72
C LYS M 104 -14.89 -51.59 -16.56
N ARG M 105 -14.77 -52.88 -16.91
CA ARG M 105 -13.75 -53.35 -17.79
C ARG M 105 -14.37 -54.52 -18.47
N HIS M 106 -13.95 -54.77 -19.72
CA HIS M 106 -14.48 -55.86 -20.49
C HIS M 106 -13.36 -56.46 -21.25
N LYS M 107 -13.49 -57.77 -21.55
CA LYS M 107 -12.59 -58.44 -22.45
C LYS M 107 -13.50 -58.97 -23.52
N ASN M 108 -12.91 -59.38 -24.66
CA ASN M 108 -13.64 -60.00 -25.73
C ASN M 108 -12.87 -61.25 -25.98
N MET M 109 -13.59 -62.32 -26.39
CA MET M 109 -12.98 -63.58 -26.66
C MET M 109 -13.81 -64.20 -27.73
N SER M 110 -13.17 -65.03 -28.58
CA SER M 110 -13.87 -65.82 -29.56
C SER M 110 -14.09 -67.17 -28.97
N VAL M 111 -15.01 -67.93 -29.57
CA VAL M 111 -15.38 -69.22 -29.10
C VAL M 111 -16.08 -69.84 -30.25
N HIS M 112 -15.96 -71.18 -30.42
CA HIS M 112 -16.47 -71.87 -31.56
C HIS M 112 -17.92 -72.15 -31.32
N LEU M 113 -18.69 -72.12 -32.42
CA LEU M 113 -20.11 -72.27 -32.40
C LEU M 113 -20.35 -73.50 -33.20
N SER M 114 -21.11 -74.45 -32.64
CA SER M 114 -21.48 -75.69 -33.29
C SER M 114 -22.37 -75.40 -34.49
N PRO M 115 -22.29 -76.14 -35.60
CA PRO M 115 -23.30 -76.12 -36.64
C PRO M 115 -24.63 -76.64 -36.18
N CYS M 116 -24.70 -77.20 -34.95
CA CYS M 116 -25.91 -77.65 -34.33
C CYS M 116 -26.84 -76.50 -34.04
N PHE M 117 -26.30 -75.38 -33.49
CA PHE M 117 -27.08 -74.21 -33.18
C PHE M 117 -27.13 -73.39 -34.43
N ARG M 118 -28.36 -73.01 -34.84
CA ARG M 118 -28.61 -72.29 -36.06
C ARG M 118 -29.86 -71.53 -35.75
N ASP M 119 -29.74 -70.56 -34.83
CA ASP M 119 -30.85 -69.79 -34.34
C ASP M 119 -30.33 -68.60 -33.58
N VAL M 120 -28.98 -68.49 -33.45
CA VAL M 120 -28.28 -67.40 -32.80
C VAL M 120 -28.47 -66.09 -33.52
N GLN M 121 -28.38 -64.99 -32.75
CA GLN M 121 -28.52 -63.65 -33.25
C GLN M 121 -27.73 -62.81 -32.29
N ILE M 122 -27.45 -61.54 -32.64
CA ILE M 122 -26.62 -60.64 -31.86
C ILE M 122 -27.34 -60.32 -30.57
N GLY M 123 -26.60 -60.30 -29.44
CA GLY M 123 -27.13 -60.00 -28.13
C GLY M 123 -27.74 -61.17 -27.43
N ASP M 124 -27.72 -62.39 -28.01
CA ASP M 124 -28.24 -63.57 -27.34
C ASP M 124 -27.28 -63.96 -26.27
N ILE M 125 -27.79 -64.35 -25.07
CA ILE M 125 -26.98 -64.93 -24.02
C ILE M 125 -26.41 -66.25 -24.47
N VAL M 126 -25.20 -66.61 -23.99
CA VAL M 126 -24.56 -67.83 -24.37
C VAL M 126 -23.84 -68.30 -23.15
N THR M 127 -23.60 -69.63 -23.04
CA THR M 127 -22.77 -70.23 -22.02
C THR M 127 -21.72 -71.01 -22.75
N VAL M 128 -20.52 -71.19 -22.16
CA VAL M 128 -19.39 -71.77 -22.83
C VAL M 128 -18.66 -72.57 -21.77
N GLY M 129 -17.55 -73.24 -22.16
CA GLY M 129 -16.82 -74.09 -21.25
C GLY M 129 -15.46 -74.29 -21.84
N GLU M 130 -14.47 -74.45 -20.92
CA GLU M 130 -13.06 -74.70 -21.17
C GLU M 130 -12.81 -75.96 -21.93
N CYS M 131 -11.80 -75.92 -22.84
CA CYS M 131 -11.41 -77.02 -23.68
C CYS M 131 -9.95 -76.90 -23.89
N ARG M 132 -9.32 -77.91 -24.54
CA ARG M 132 -7.99 -77.83 -25.10
C ARG M 132 -8.01 -76.86 -26.25
N PRO M 133 -6.94 -76.17 -26.62
CA PRO M 133 -6.90 -75.28 -27.78
C PRO M 133 -7.43 -75.91 -29.04
N LEU M 134 -8.20 -75.15 -29.84
CA LEU M 134 -8.68 -75.60 -31.12
C LEU M 134 -8.00 -74.78 -32.16
N SER M 135 -7.67 -73.51 -31.83
CA SER M 135 -7.17 -72.58 -32.79
C SER M 135 -6.43 -71.57 -31.96
N LYS M 136 -5.83 -70.56 -32.61
CA LYS M 136 -4.99 -69.57 -31.98
C LYS M 136 -5.73 -68.75 -30.96
N THR M 137 -7.02 -68.38 -31.25
CA THR M 137 -7.79 -67.51 -30.40
C THR M 137 -9.02 -68.21 -29.90
N VAL M 138 -9.14 -69.55 -30.10
CA VAL M 138 -10.28 -70.30 -29.62
C VAL M 138 -9.74 -71.23 -28.58
N ARG M 139 -10.37 -71.21 -27.39
CA ARG M 139 -10.06 -72.11 -26.31
C ARG M 139 -11.32 -72.74 -25.78
N PHE M 140 -12.50 -72.36 -26.32
CA PHE M 140 -13.77 -72.67 -25.70
C PHE M 140 -14.65 -73.25 -26.76
N ASN M 141 -15.86 -73.73 -26.37
CA ASN M 141 -16.91 -74.05 -27.31
C ASN M 141 -18.16 -73.60 -26.62
N VAL M 142 -19.26 -73.46 -27.41
CA VAL M 142 -20.59 -73.24 -26.89
C VAL M 142 -21.03 -74.55 -26.29
N LEU M 143 -21.78 -74.52 -25.16
CA LEU M 143 -22.50 -75.68 -24.71
C LEU M 143 -23.97 -75.46 -24.89
N LYS M 144 -24.43 -74.22 -24.73
CA LYS M 144 -25.84 -73.96 -24.70
C LYS M 144 -26.01 -72.51 -25.04
N VAL M 145 -27.18 -72.17 -25.58
CA VAL M 145 -27.58 -70.82 -25.90
C VAL M 145 -28.87 -70.71 -25.17
N THR M 146 -29.23 -69.50 -24.72
CA THR M 146 -30.51 -69.27 -24.11
C THR M 146 -30.84 -67.86 -24.47
N LYS M 147 -32.13 -67.56 -24.72
CA LYS M 147 -32.56 -66.19 -24.89
C LYS M 147 -34.03 -66.15 -24.59
N ALA M 148 -34.56 -64.91 -24.43
CA ALA M 148 -35.89 -64.51 -24.02
C ALA M 148 -35.92 -64.37 -22.53
N ALA M 149 -34.74 -64.09 -21.91
CA ALA M 149 -34.59 -63.98 -20.49
C ALA M 149 -34.51 -62.53 -20.10
N GLY M 150 -34.45 -61.63 -21.10
CA GLY M 150 -34.29 -60.23 -20.86
C GLY M 150 -34.36 -59.60 -22.20
N THR M 151 -35.52 -58.95 -22.49
CA THR M 151 -35.86 -58.31 -23.74
C THR M 151 -36.04 -59.38 -24.77
N LYS M 152 -37.32 -59.74 -25.03
CA LYS M 152 -37.66 -60.87 -25.87
C LYS M 152 -37.51 -60.46 -27.30
N LYS M 153 -37.44 -61.48 -28.19
CA LYS M 153 -37.19 -61.29 -29.60
C LYS M 153 -38.50 -61.51 -30.31
N GLN M 154 -39.58 -61.80 -29.55
CA GLN M 154 -40.86 -62.13 -30.10
C GLN M 154 -41.88 -61.94 -29.02
N PHE M 155 -43.18 -62.05 -29.39
CA PHE M 155 -44.29 -61.71 -28.54
C PHE M 155 -45.44 -62.57 -28.99
N GLN M 156 -46.39 -62.82 -28.07
CA GLN M 156 -47.46 -63.78 -28.24
C GLN M 156 -48.70 -62.99 -28.52
N LYS M 157 -49.39 -63.32 -29.64
CA LYS M 157 -50.67 -62.74 -29.99
C LYS M 157 -51.38 -63.71 -30.88
N PHE M 158 -50.89 -64.96 -30.96
CA PHE M 158 -51.39 -65.99 -31.85
C PHE M 158 -52.59 -66.67 -31.17
N GLY N 1 70.38 16.61 84.81
CA GLY N 1 69.87 15.24 85.01
C GLY N 1 70.83 14.23 84.44
N GLY N 2 70.32 13.35 83.53
CA GLY N 2 71.05 12.32 82.85
C GLY N 2 71.68 11.29 83.75
N VAL N 3 72.44 10.37 83.12
CA VAL N 3 73.18 9.32 83.80
C VAL N 3 74.64 9.69 83.76
N MET N 4 74.96 10.86 83.15
CA MET N 4 76.28 11.41 82.99
C MET N 4 77.18 10.50 82.21
N ASP N 5 76.69 10.07 81.03
CA ASP N 5 77.47 9.46 79.99
C ASP N 5 77.32 10.46 78.88
N VAL N 6 78.46 10.74 78.20
CA VAL N 6 78.62 11.77 77.21
C VAL N 6 77.73 11.59 76.00
N ASN N 7 77.37 10.32 75.66
CA ASN N 7 76.71 10.02 74.41
C ASN N 7 75.22 10.16 74.55
N THR N 8 74.62 9.55 75.62
CA THR N 8 73.19 9.62 75.87
C THR N 8 72.76 10.98 76.40
N ALA N 9 73.73 11.81 76.84
CA ALA N 9 73.50 13.16 77.31
C ALA N 9 73.34 14.06 76.12
N LEU N 10 74.22 13.89 75.12
CA LEU N 10 74.24 14.61 73.88
C LEU N 10 73.04 14.27 73.03
N GLN N 11 72.41 13.09 73.29
CA GLN N 11 71.14 12.73 72.71
C GLN N 11 70.01 13.57 73.27
N GLU N 12 69.98 13.82 74.60
CA GLU N 12 68.98 14.66 75.23
C GLU N 12 69.00 16.09 74.73
N VAL N 13 70.20 16.59 74.33
CA VAL N 13 70.42 17.85 73.65
C VAL N 13 69.69 17.83 72.35
N LEU N 14 69.95 16.77 71.55
CA LEU N 14 69.59 16.59 70.17
C LEU N 14 68.09 16.51 69.97
N LYS N 15 67.33 16.15 71.03
CA LYS N 15 65.89 15.92 70.99
C LYS N 15 65.22 17.25 70.78
N THR N 16 65.64 18.26 71.57
CA THR N 16 65.04 19.55 71.64
C THR N 16 65.72 20.46 70.66
N ALA N 17 67.02 20.18 70.33
CA ALA N 17 67.74 20.83 69.27
C ALA N 17 67.13 20.70 67.91
N LEU N 18 66.54 19.52 67.60
CA LEU N 18 65.75 19.26 66.42
C LEU N 18 64.57 20.18 66.26
N ILE N 19 63.84 20.44 67.36
CA ILE N 19 62.71 21.34 67.43
C ILE N 19 63.15 22.77 67.31
N HIS N 20 64.32 23.10 67.91
CA HIS N 20 64.93 24.41 67.91
C HIS N 20 65.52 24.78 66.57
N ASP N 21 65.74 23.77 65.70
CA ASP N 21 66.35 23.89 64.39
C ASP N 21 67.74 24.48 64.49
N GLY N 22 68.51 23.99 65.49
CA GLY N 22 69.83 24.48 65.78
C GLY N 22 70.89 23.79 64.98
N LEU N 23 70.51 22.76 64.18
CA LEU N 23 71.43 21.85 63.54
C LEU N 23 71.95 22.50 62.29
N ALA N 24 73.28 22.73 62.26
CA ALA N 24 73.96 23.32 61.14
C ALA N 24 74.79 22.28 60.45
N ARG N 25 74.10 21.52 59.56
CA ARG N 25 74.63 20.42 58.79
C ARG N 25 75.31 20.93 57.55
N GLY N 26 76.42 20.26 57.16
CA GLY N 26 77.21 20.64 56.01
C GLY N 26 78.18 21.72 56.36
N ILE N 27 79.26 21.81 55.57
CA ILE N 27 80.40 22.68 55.80
C ILE N 27 80.07 24.15 55.75
N ARG N 28 79.18 24.59 54.84
CA ARG N 28 78.84 25.99 54.67
C ARG N 28 78.08 26.51 55.85
N GLU N 29 77.15 25.70 56.38
CA GLU N 29 76.37 26.05 57.55
C GLU N 29 77.17 25.89 58.81
N ALA N 30 78.10 24.90 58.87
CA ALA N 30 79.00 24.69 59.98
C ALA N 30 79.92 25.85 60.19
N ALA N 31 80.42 26.42 59.07
CA ALA N 31 81.33 27.55 59.07
C ALA N 31 80.61 28.77 59.58
N LYS N 32 79.40 29.02 59.03
CA LYS N 32 78.53 30.10 59.36
C LYS N 32 78.07 30.06 60.79
N ALA N 33 77.87 28.86 61.36
CA ALA N 33 77.46 28.63 62.72
C ALA N 33 78.50 29.04 63.73
N LEU N 34 79.81 28.83 63.41
CA LEU N 34 80.87 29.02 64.37
C LEU N 34 81.49 30.38 64.15
N ASP N 35 81.37 30.95 62.91
CA ASP N 35 81.66 32.34 62.65
C ASP N 35 80.64 33.24 63.33
N LYS N 36 79.41 32.72 63.54
CA LYS N 36 78.42 33.29 64.41
C LYS N 36 78.65 32.80 65.82
N ARG N 37 78.09 33.56 66.79
CA ARG N 37 78.29 33.33 68.20
C ARG N 37 77.10 32.60 68.75
N GLN N 38 76.14 32.26 67.87
CA GLN N 38 74.89 31.62 68.23
C GLN N 38 75.05 30.15 68.52
N ALA N 39 76.16 29.54 68.04
CA ALA N 39 76.55 28.18 68.35
C ALA N 39 76.85 28.06 69.83
N HIS N 40 76.72 26.84 70.41
CA HIS N 40 77.20 26.63 71.76
C HIS N 40 77.74 25.25 71.93
N LEU N 41 77.75 24.43 70.87
CA LEU N 41 78.14 23.03 71.00
C LEU N 41 78.67 22.67 69.65
N CYS N 42 79.67 21.78 69.59
CA CYS N 42 80.22 21.28 68.36
C CYS N 42 80.50 19.83 68.62
N VAL N 43 80.26 18.96 67.62
CA VAL N 43 80.66 17.57 67.68
C VAL N 43 81.17 17.30 66.30
N LEU N 44 82.30 16.55 66.21
CA LEU N 44 82.98 16.22 64.99
C LEU N 44 83.06 14.72 64.93
N ALA N 45 83.59 14.15 63.82
CA ALA N 45 83.64 12.73 63.59
C ALA N 45 84.69 12.47 62.54
N SER N 46 85.01 11.16 62.33
CA SER N 46 85.98 10.60 61.42
C SER N 46 85.84 11.07 59.98
N ASN N 47 86.87 10.80 59.13
CA ASN N 47 86.99 11.21 57.74
C ASN N 47 85.77 10.79 56.93
N CYS N 48 84.97 11.80 56.48
CA CYS N 48 83.85 11.61 55.58
C CYS N 48 84.30 11.70 54.15
N ASP N 49 85.00 12.80 53.80
CA ASP N 49 85.18 13.19 52.42
C ASP N 49 86.61 13.59 52.25
N GLU N 50 87.24 14.11 53.33
CA GLU N 50 88.59 14.61 53.28
C GLU N 50 89.14 14.47 54.67
N PRO N 51 90.46 14.46 54.85
CA PRO N 51 91.07 14.45 56.17
C PRO N 51 91.41 15.90 56.44
N MET N 52 90.93 16.82 55.57
CA MET N 52 91.23 18.22 55.61
C MET N 52 90.23 18.91 56.48
N TYR N 53 88.94 18.53 56.41
CA TYR N 53 87.88 19.22 57.11
C TYR N 53 87.96 18.98 58.61
N VAL N 54 88.35 17.76 59.04
CA VAL N 54 88.53 17.40 60.44
C VAL N 54 89.54 18.29 61.13
N LYS N 55 90.56 18.75 60.36
CA LYS N 55 91.59 19.67 60.75
C LYS N 55 91.00 21.05 60.78
N LEU N 56 90.28 21.47 59.71
CA LEU N 56 89.70 22.78 59.53
C LEU N 56 88.72 23.12 60.64
N VAL N 57 87.92 22.15 61.12
CA VAL N 57 86.92 22.34 62.15
C VAL N 57 87.59 22.70 63.47
N GLU N 58 88.73 22.07 63.78
CA GLU N 58 89.57 22.40 64.91
C GLU N 58 90.16 23.79 64.79
N ALA N 59 90.55 24.19 63.56
CA ALA N 59 91.11 25.49 63.23
C ALA N 59 90.11 26.59 63.48
N LEU N 60 88.80 26.30 63.29
CA LEU N 60 87.72 27.25 63.45
C LEU N 60 87.38 27.35 64.92
N CYS N 61 87.39 26.21 65.66
CA CYS N 61 87.24 26.18 67.10
C CYS N 61 88.30 27.00 67.81
N ALA N 62 89.53 27.06 67.26
CA ALA N 62 90.64 27.79 67.81
C ALA N 62 90.37 29.28 67.76
N GLU N 63 90.02 29.78 66.55
CA GLU N 63 89.91 31.18 66.21
C GLU N 63 88.68 31.81 66.84
N HIS N 64 87.58 31.04 67.00
CA HIS N 64 86.27 31.60 67.26
C HIS N 64 85.74 31.19 68.60
N GLN N 65 85.60 29.87 68.86
CA GLN N 65 84.96 29.39 70.05
C GLN N 65 85.34 27.95 70.22
N ILE N 66 86.01 27.62 71.36
CA ILE N 66 86.42 26.29 71.69
C ILE N 66 85.26 25.69 72.45
N ASN N 67 84.83 24.49 72.02
CA ASN N 67 83.60 23.89 72.47
C ASN N 67 83.58 22.46 72.01
N LEU N 68 84.69 22.00 71.36
CA LEU N 68 84.71 20.83 70.53
C LEU N 68 84.50 19.57 71.34
N ILE N 69 83.89 18.56 70.70
CA ILE N 69 83.68 17.22 71.21
C ILE N 69 83.93 16.38 69.98
N LYS N 70 84.44 15.13 70.15
CA LYS N 70 84.72 14.27 69.04
C LYS N 70 84.03 12.99 69.37
N VAL N 71 83.15 12.53 68.45
CA VAL N 71 82.43 11.29 68.52
C VAL N 71 82.55 10.78 67.11
N ASP N 72 83.29 9.67 66.92
CA ASP N 72 83.68 9.20 65.61
C ASP N 72 82.59 8.35 65.03
N ASP N 73 82.70 8.14 63.70
CA ASP N 73 81.85 7.36 62.83
C ASP N 73 80.80 8.26 62.29
N ASN N 74 80.96 8.71 61.02
CA ASN N 74 80.05 9.56 60.28
C ASN N 74 78.63 9.06 60.25
N LYS N 75 78.48 7.71 60.28
CA LYS N 75 77.23 6.99 60.20
C LYS N 75 76.40 7.22 61.43
N LYS N 76 77.04 7.55 62.56
CA LYS N 76 76.41 7.89 63.82
C LYS N 76 75.62 9.17 63.69
N LEU N 77 76.31 10.28 63.37
CA LEU N 77 75.69 11.57 63.14
C LEU N 77 74.72 11.60 61.99
N GLY N 78 74.97 10.80 60.92
CA GLY N 78 74.08 10.61 59.79
C GLY N 78 72.76 10.00 60.11
N GLU N 79 72.75 9.06 61.07
CA GLU N 79 71.57 8.41 61.58
C GLU N 79 70.81 9.38 62.47
N TRP N 80 71.56 10.18 63.26
CA TRP N 80 71.06 11.04 64.29
C TRP N 80 70.24 12.18 63.77
N VAL N 81 70.50 12.63 62.51
CA VAL N 81 69.69 13.64 61.88
C VAL N 81 69.46 13.11 60.50
N GLY N 82 68.17 12.85 60.16
CA GLY N 82 67.75 12.33 58.90
C GLY N 82 67.65 13.41 57.86
N LEU N 83 66.50 13.45 57.14
CA LEU N 83 66.20 14.45 56.14
C LEU N 83 66.07 15.84 56.69
N CYS N 84 65.40 16.01 57.85
CA CYS N 84 65.38 17.25 58.58
C CYS N 84 65.45 16.86 60.03
N LYS N 85 64.96 15.64 60.33
CA LYS N 85 64.79 15.11 61.65
C LYS N 85 65.00 13.66 61.43
N ILE N 86 65.42 12.91 62.47
CA ILE N 86 65.52 11.47 62.41
C ILE N 86 64.17 10.85 62.13
N ASP N 87 64.12 9.90 61.18
CA ASP N 87 62.94 9.64 60.39
C ASP N 87 62.94 8.15 60.30
N ARG N 88 61.83 7.53 60.76
CA ARG N 88 61.54 6.13 60.59
C ARG N 88 62.38 5.25 61.48
N GLU N 89 61.86 4.03 61.75
CA GLU N 89 62.61 2.90 62.27
C GLU N 89 63.64 2.47 61.24
N GLY N 90 63.20 2.44 59.96
CA GLY N 90 64.02 2.15 58.81
C GLY N 90 64.65 3.40 58.28
N LYS N 91 64.70 3.48 56.93
CA LYS N 91 64.93 4.62 56.06
C LYS N 91 66.16 4.25 55.29
N PRO N 92 66.08 3.58 54.15
CA PRO N 92 67.25 3.15 53.41
C PRO N 92 67.61 4.15 52.33
N ARG N 93 66.73 5.13 52.01
CA ARG N 93 67.03 6.16 51.03
C ARG N 93 68.20 7.02 51.45
N LYS N 94 68.32 7.35 52.75
CA LYS N 94 69.52 7.96 53.26
C LYS N 94 69.78 7.41 54.63
N VAL N 95 71.06 7.48 55.05
CA VAL N 95 71.56 7.25 56.39
C VAL N 95 72.94 7.88 56.37
N VAL N 96 73.27 8.62 55.28
CA VAL N 96 74.52 9.30 55.03
C VAL N 96 74.88 10.27 56.13
N GLY N 97 76.21 10.35 56.42
CA GLY N 97 76.80 11.12 57.48
C GLY N 97 76.53 12.59 57.37
N CYS N 98 76.51 13.27 58.54
CA CYS N 98 76.40 14.70 58.61
C CYS N 98 77.79 15.23 58.88
N SER N 99 78.68 14.31 59.35
CA SER N 99 80.11 14.43 59.60
C SER N 99 80.54 15.38 60.69
N CYS N 100 79.70 16.38 61.01
CA CYS N 100 79.91 17.30 62.08
C CYS N 100 78.65 18.10 62.07
N VAL N 101 78.21 18.53 63.26
CA VAL N 101 77.02 19.28 63.47
C VAL N 101 77.32 20.21 64.58
N VAL N 102 76.57 21.33 64.62
CA VAL N 102 76.74 22.40 65.57
C VAL N 102 75.33 22.71 65.95
N VAL N 103 75.11 22.94 67.28
CA VAL N 103 73.81 23.07 67.88
C VAL N 103 73.89 24.34 68.69
N LYS N 104 72.76 25.06 68.77
CA LYS N 104 72.67 26.40 69.28
C LYS N 104 72.04 26.42 70.65
N ASP N 105 72.87 26.75 71.66
CA ASP N 105 72.53 26.88 73.06
C ASP N 105 71.85 25.69 73.66
N TYR N 106 72.41 24.50 73.33
CA TYR N 106 71.95 23.17 73.69
C TYR N 106 70.51 22.92 73.29
N GLY N 107 70.05 23.56 72.19
CA GLY N 107 68.72 23.37 71.66
C GLY N 107 67.83 24.28 72.44
N LYS N 108 67.13 23.70 73.44
CA LYS N 108 66.32 24.43 74.39
C LYS N 108 67.05 24.32 75.71
N GLU N 109 66.73 25.24 76.65
CA GLU N 109 67.41 25.38 77.92
C GLU N 109 66.54 24.92 79.04
N SER N 110 65.35 24.33 78.72
CA SER N 110 64.23 24.27 79.63
C SER N 110 64.48 23.38 80.83
N GLN N 111 65.07 22.17 80.60
CA GLN N 111 65.39 21.23 81.65
C GLN N 111 66.77 20.70 81.34
N ALA N 112 66.99 19.37 81.63
CA ALA N 112 68.22 18.66 81.96
C ALA N 112 69.47 18.91 81.14
N LYS N 113 69.30 19.41 79.90
CA LYS N 113 70.30 19.80 78.92
C LYS N 113 71.41 20.63 79.49
N ASP N 114 71.09 21.64 80.33
CA ASP N 114 72.10 22.50 80.90
C ASP N 114 73.04 21.77 81.81
N VAL N 115 72.56 20.85 82.68
CA VAL N 115 73.41 20.26 83.70
C VAL N 115 74.29 19.17 83.15
N ILE N 116 73.72 18.32 82.26
CA ILE N 116 74.43 17.20 81.67
C ILE N 116 75.61 17.60 80.84
N GLU N 117 75.49 18.75 80.13
CA GLU N 117 76.45 19.23 79.19
C GLU N 117 77.51 20.01 79.92
N GLU N 118 77.11 20.89 80.87
CA GLU N 118 77.95 21.70 81.72
C GLU N 118 78.89 20.88 82.56
N TYR N 119 78.49 19.64 82.95
CA TYR N 119 79.36 18.77 83.70
C TYR N 119 80.57 18.37 82.87
N PHE N 120 80.36 18.09 81.57
CA PHE N 120 81.42 17.69 80.68
C PHE N 120 82.25 18.87 80.23
N LYS N 121 81.60 20.00 79.87
CA LYS N 121 82.21 21.07 79.10
C LYS N 121 83.38 21.76 79.74
N CYS N 122 83.33 22.08 81.05
CA CYS N 122 84.42 22.79 81.70
C CYS N 122 85.66 21.91 81.84
N LYS N 123 85.47 20.57 81.86
CA LYS N 123 86.54 19.61 81.88
C LYS N 123 87.14 19.49 80.51
N LYS N 124 86.29 19.39 79.46
CA LYS N 124 86.68 19.19 78.10
C LYS N 124 86.53 20.55 77.41
N GLY O 1 -37.74 -28.92 -15.66
CA GLY O 1 -37.83 -27.76 -16.57
C GLY O 1 -37.86 -28.17 -18.01
N ARG O 2 -38.10 -27.18 -18.90
CA ARG O 2 -38.20 -27.38 -20.32
C ARG O 2 -36.89 -27.81 -20.91
N MET O 3 -36.97 -28.61 -21.99
CA MET O 3 -35.87 -29.40 -22.46
C MET O 3 -35.00 -28.56 -23.36
N HIS O 4 -35.52 -27.43 -23.87
CA HIS O 4 -34.78 -26.57 -24.74
C HIS O 4 -35.23 -25.15 -24.57
N ALA O 5 -35.85 -24.83 -23.40
CA ALA O 5 -36.11 -23.47 -23.03
C ALA O 5 -35.70 -23.38 -21.57
N PRO O 6 -35.45 -22.20 -21.01
CA PRO O 6 -34.88 -22.12 -19.68
C PRO O 6 -35.97 -22.24 -18.66
N GLY O 7 -37.24 -21.96 -19.05
CA GLY O 7 -38.33 -21.73 -18.15
C GLY O 7 -38.64 -22.90 -17.27
N LYS O 8 -39.24 -22.62 -16.10
CA LYS O 8 -39.64 -23.62 -15.16
C LYS O 8 -40.99 -23.17 -14.75
N GLY O 9 -42.02 -24.02 -14.95
CA GLY O 9 -43.39 -23.60 -14.77
C GLY O 9 -44.16 -24.75 -14.20
N LEU O 10 -45.47 -24.54 -14.00
CA LEU O 10 -46.39 -25.52 -13.52
C LEU O 10 -47.66 -25.19 -14.22
N SER O 11 -48.38 -26.23 -14.68
CA SER O 11 -49.72 -26.07 -15.20
C SER O 11 -50.36 -27.43 -15.19
N GLN O 12 -49.67 -28.42 -14.53
CA GLN O 12 -50.04 -29.81 -14.51
C GLN O 12 -51.37 -29.98 -13.81
N SER O 13 -52.28 -30.77 -14.43
CA SER O 13 -53.58 -31.14 -13.90
C SER O 13 -53.49 -32.00 -12.67
N ALA O 14 -54.48 -31.86 -11.76
CA ALA O 14 -54.52 -32.56 -10.50
C ALA O 14 -55.86 -33.22 -10.39
N LEU O 15 -55.86 -34.55 -10.12
CA LEU O 15 -57.03 -35.38 -10.12
C LEU O 15 -57.57 -35.43 -8.71
N PRO O 16 -58.84 -35.79 -8.46
CA PRO O 16 -59.37 -35.91 -7.11
C PRO O 16 -58.95 -37.23 -6.51
N TYR O 17 -59.05 -37.35 -5.17
CA TYR O 17 -58.81 -38.57 -4.42
C TYR O 17 -59.79 -39.66 -4.78
N ARG O 18 -61.08 -39.32 -4.91
CA ARG O 18 -62.14 -40.27 -5.13
C ARG O 18 -62.34 -40.42 -6.61
N ARG O 19 -62.51 -41.67 -7.09
CA ARG O 19 -62.56 -41.96 -8.51
C ARG O 19 -63.85 -42.65 -8.89
N SER O 20 -64.88 -42.63 -8.02
CA SER O 20 -66.19 -43.20 -8.33
C SER O 20 -67.20 -42.09 -8.51
N VAL O 21 -66.78 -40.84 -8.21
CA VAL O 21 -67.45 -39.58 -8.44
C VAL O 21 -67.92 -39.40 -9.88
N PRO O 22 -68.91 -38.57 -10.22
CA PRO O 22 -69.71 -37.75 -9.32
C PRO O 22 -71.00 -38.44 -8.97
N THR O 23 -71.13 -39.75 -9.27
CA THR O 23 -72.22 -40.60 -8.82
C THR O 23 -73.58 -40.11 -9.25
N TRP O 24 -73.79 -40.01 -10.58
CA TRP O 24 -75.10 -39.83 -11.15
C TRP O 24 -74.99 -40.21 -12.59
N LEU O 25 -73.80 -40.69 -13.02
CA LEU O 25 -73.37 -40.76 -14.40
C LEU O 25 -74.31 -41.56 -15.24
N LYS O 26 -74.73 -40.98 -16.40
CA LYS O 26 -75.52 -41.68 -17.37
C LYS O 26 -74.52 -42.47 -18.15
N LEU O 27 -74.96 -43.62 -18.72
CA LEU O 27 -74.11 -44.51 -19.48
C LEU O 27 -73.16 -45.27 -18.58
N THR O 28 -72.77 -46.47 -19.03
CA THR O 28 -71.94 -47.40 -18.31
C THR O 28 -70.99 -47.93 -19.33
N SER O 29 -70.18 -48.95 -18.96
CA SER O 29 -68.92 -49.31 -19.59
C SER O 29 -69.05 -49.56 -21.07
N ASP O 30 -69.99 -50.45 -21.47
CA ASP O 30 -70.23 -50.86 -22.83
C ASP O 30 -70.61 -49.72 -23.74
N ASP O 31 -71.42 -48.77 -23.21
CA ASP O 31 -71.91 -47.58 -23.88
C ASP O 31 -70.82 -46.64 -24.27
N VAL O 32 -69.79 -46.52 -23.39
CA VAL O 32 -68.67 -45.62 -23.51
C VAL O 32 -67.84 -46.04 -24.70
N LYS O 33 -67.81 -47.36 -25.01
CA LYS O 33 -66.96 -47.91 -26.04
C LYS O 33 -67.40 -47.45 -27.39
N GLU O 34 -68.71 -47.59 -27.69
CA GLU O 34 -69.30 -47.16 -28.94
C GLU O 34 -69.27 -45.66 -29.10
N GLN O 35 -69.34 -44.91 -27.98
CA GLN O 35 -69.21 -43.47 -27.96
C GLN O 35 -67.84 -43.01 -28.40
N ILE O 36 -66.80 -43.84 -28.12
CA ILE O 36 -65.43 -43.55 -28.45
C ILE O 36 -65.22 -43.87 -29.88
N TYR O 37 -65.64 -45.07 -30.36
CA TYR O 37 -65.37 -45.56 -31.70
C TYR O 37 -65.85 -44.64 -32.77
N LYS O 38 -67.02 -43.99 -32.55
CA LYS O 38 -67.60 -43.00 -33.44
C LYS O 38 -66.68 -41.83 -33.68
N LEU O 39 -65.91 -41.41 -32.65
CA LEU O 39 -65.12 -40.21 -32.69
C LEU O 39 -63.86 -40.43 -33.49
N ALA O 40 -63.24 -41.62 -33.37
CA ALA O 40 -62.00 -41.96 -34.03
C ALA O 40 -62.14 -42.06 -35.54
N LYS O 41 -63.36 -42.38 -36.01
CA LYS O 41 -63.77 -42.34 -37.39
C LYS O 41 -63.66 -40.97 -38.00
N LYS O 42 -64.00 -39.93 -37.21
CA LYS O 42 -64.15 -38.57 -37.68
C LYS O 42 -62.83 -37.85 -37.79
N GLY O 43 -61.70 -38.52 -37.45
CA GLY O 43 -60.37 -37.95 -37.58
C GLY O 43 -59.81 -37.46 -36.29
N LEU O 44 -60.47 -37.72 -35.14
CA LEU O 44 -59.95 -37.35 -33.85
C LEU O 44 -58.98 -38.40 -33.42
N THR O 45 -58.07 -38.04 -32.48
CA THR O 45 -56.97 -38.86 -32.05
C THR O 45 -57.08 -38.90 -30.54
N PRO O 46 -56.45 -39.80 -29.77
CA PRO O 46 -56.84 -40.12 -28.41
C PRO O 46 -56.92 -38.96 -27.45
N SER O 47 -56.04 -37.94 -27.57
CA SER O 47 -56.10 -36.77 -26.73
C SER O 47 -57.35 -35.94 -26.96
N GLN O 48 -57.67 -35.62 -28.24
CA GLN O 48 -58.89 -34.96 -28.64
C GLN O 48 -60.16 -35.68 -28.25
N ILE O 49 -60.12 -37.03 -28.26
CA ILE O 49 -61.27 -37.88 -28.06
C ILE O 49 -61.74 -37.71 -26.65
N GLY O 50 -60.82 -37.85 -25.67
CA GLY O 50 -61.11 -37.68 -24.27
C GLY O 50 -61.62 -36.31 -23.89
N VAL O 51 -61.15 -35.22 -24.57
CA VAL O 51 -61.64 -33.87 -24.34
C VAL O 51 -63.10 -33.77 -24.69
N ILE O 52 -63.46 -34.24 -25.91
CA ILE O 52 -64.79 -34.11 -26.48
C ILE O 52 -65.78 -34.99 -25.75
N LEU O 53 -65.28 -36.01 -25.01
CA LEU O 53 -66.11 -36.78 -24.13
C LEU O 53 -66.32 -36.11 -22.80
N ARG O 54 -65.24 -35.55 -22.20
CA ARG O 54 -65.27 -35.01 -20.86
C ARG O 54 -66.07 -33.75 -20.76
N ASP O 55 -65.95 -32.85 -21.77
CA ASP O 55 -66.56 -31.54 -21.73
C ASP O 55 -68.06 -31.52 -21.73
N SER O 56 -68.71 -32.42 -22.51
CA SER O 56 -70.13 -32.33 -22.79
C SER O 56 -70.88 -33.55 -22.35
N HIS O 57 -70.27 -34.38 -21.48
CA HIS O 57 -70.88 -35.60 -21.02
C HIS O 57 -70.39 -35.79 -19.61
N GLY O 58 -70.98 -36.77 -18.90
CA GLY O 58 -70.80 -36.93 -17.47
C GLY O 58 -69.50 -37.59 -17.11
N VAL O 59 -68.76 -38.09 -18.13
CA VAL O 59 -67.47 -38.71 -17.99
C VAL O 59 -66.50 -37.66 -17.51
N ALA O 60 -65.72 -37.98 -16.44
CA ALA O 60 -64.51 -37.26 -16.15
C ALA O 60 -63.37 -37.84 -16.92
N GLN O 61 -63.14 -39.16 -16.78
CA GLN O 61 -62.12 -39.85 -17.52
C GLN O 61 -62.61 -41.23 -17.72
N VAL O 62 -62.09 -41.87 -18.79
CA VAL O 62 -62.50 -43.18 -19.23
C VAL O 62 -61.76 -44.19 -18.41
N ARG O 63 -60.66 -43.76 -17.78
CA ARG O 63 -59.93 -44.47 -16.77
C ARG O 63 -60.77 -44.75 -15.55
N PHE O 64 -61.70 -43.84 -15.21
CA PHE O 64 -62.48 -43.94 -14.00
C PHE O 64 -63.82 -44.62 -14.23
N VAL O 65 -64.18 -44.99 -15.49
CA VAL O 65 -65.40 -45.74 -15.73
C VAL O 65 -65.15 -47.06 -16.42
N THR O 66 -63.91 -47.32 -16.91
CA THR O 66 -63.57 -48.62 -17.45
C THR O 66 -62.20 -48.94 -16.95
N GLY O 67 -61.77 -50.21 -17.14
CA GLY O 67 -60.45 -50.69 -16.79
C GLY O 67 -59.44 -50.35 -17.85
N ASN O 68 -59.87 -49.72 -18.96
CA ASN O 68 -59.04 -49.41 -20.09
C ASN O 68 -58.73 -47.93 -20.03
N LYS O 69 -58.22 -47.38 -21.16
CA LYS O 69 -57.98 -45.99 -21.36
C LYS O 69 -58.33 -45.76 -22.80
N ILE O 70 -58.16 -44.53 -23.33
CA ILE O 70 -58.61 -44.17 -24.67
C ILE O 70 -57.82 -44.92 -25.71
N LEU O 71 -56.53 -45.21 -25.46
CA LEU O 71 -55.67 -45.76 -26.47
C LEU O 71 -55.93 -47.24 -26.54
N ARG O 72 -56.02 -47.92 -25.38
CA ARG O 72 -56.33 -49.33 -25.29
C ARG O 72 -57.66 -49.73 -25.90
N ILE O 73 -58.70 -48.87 -25.76
CA ILE O 73 -60.00 -49.04 -26.40
C ILE O 73 -59.89 -49.09 -27.90
N LEU O 74 -59.11 -48.15 -28.50
CA LEU O 74 -58.88 -48.10 -29.93
C LEU O 74 -58.06 -49.28 -30.37
N LYS O 75 -57.13 -49.77 -29.52
CA LYS O 75 -56.22 -50.84 -29.82
C LYS O 75 -56.96 -52.16 -29.91
N SER O 76 -58.01 -52.36 -29.07
CA SER O 76 -58.78 -53.58 -29.10
C SER O 76 -59.53 -53.79 -30.39
N LYS O 77 -59.96 -52.70 -31.07
CA LYS O 77 -60.50 -52.72 -32.42
C LYS O 77 -59.44 -53.04 -33.44
N GLY O 78 -58.24 -52.44 -33.26
CA GLY O 78 -57.22 -52.40 -34.28
C GLY O 78 -57.32 -51.10 -35.02
N LEU O 79 -57.97 -50.10 -34.40
CA LEU O 79 -58.32 -48.84 -35.01
C LEU O 79 -57.33 -47.80 -34.53
N ALA O 80 -56.38 -48.19 -33.65
CA ALA O 80 -55.29 -47.36 -33.18
C ALA O 80 -54.39 -46.94 -34.33
N PRO O 81 -53.80 -45.74 -34.34
CA PRO O 81 -52.88 -45.30 -35.37
C PRO O 81 -51.61 -46.12 -35.39
N ASP O 82 -50.80 -45.97 -36.47
CA ASP O 82 -49.66 -46.82 -36.75
C ASP O 82 -48.43 -46.40 -35.98
N LEU O 83 -48.41 -45.16 -35.45
CA LEU O 83 -47.31 -44.67 -34.68
C LEU O 83 -47.92 -43.71 -33.70
N PRO O 84 -47.35 -43.46 -32.52
CA PRO O 84 -47.89 -42.57 -31.52
C PRO O 84 -48.15 -41.18 -32.06
N GLU O 85 -49.26 -40.54 -31.64
CA GLU O 85 -49.58 -39.17 -32.02
C GLU O 85 -48.52 -38.20 -31.60
N ASP O 86 -47.81 -38.50 -30.51
CA ASP O 86 -46.71 -37.74 -29.98
C ASP O 86 -45.58 -37.59 -30.96
N LEU O 87 -45.12 -38.74 -31.48
CA LEU O 87 -44.10 -38.85 -32.49
C LEU O 87 -44.49 -38.17 -33.76
N TYR O 88 -45.77 -38.31 -34.16
CA TYR O 88 -46.30 -37.73 -35.35
C TYR O 88 -46.24 -36.23 -35.28
N HIS O 89 -46.63 -35.62 -34.13
CA HIS O 89 -46.74 -34.18 -34.03
C HIS O 89 -45.42 -33.48 -34.08
N LEU O 90 -44.33 -34.11 -33.60
CA LEU O 90 -43.00 -33.61 -33.80
C LEU O 90 -42.64 -33.57 -35.26
N ILE O 91 -42.87 -34.70 -35.98
CA ILE O 91 -42.50 -34.84 -37.38
C ILE O 91 -43.29 -33.91 -38.25
N LYS O 92 -44.59 -33.71 -37.94
CA LYS O 92 -45.52 -32.83 -38.60
C LYS O 92 -45.06 -31.40 -38.59
N LYS O 93 -44.41 -31.00 -37.47
CA LYS O 93 -44.01 -29.65 -37.19
C LYS O 93 -42.80 -29.29 -38.00
N ALA O 94 -41.81 -30.21 -38.07
CA ALA O 94 -40.47 -29.93 -38.52
C ALA O 94 -40.41 -29.71 -40.00
N VAL O 95 -41.46 -30.14 -40.73
CA VAL O 95 -41.54 -29.99 -42.16
C VAL O 95 -41.86 -28.57 -42.47
N ALA O 96 -42.79 -27.93 -41.72
CA ALA O 96 -43.16 -26.55 -41.89
C ALA O 96 -42.01 -25.60 -41.65
N VAL O 97 -41.13 -25.93 -40.68
CA VAL O 97 -39.91 -25.21 -40.39
C VAL O 97 -38.99 -25.25 -41.59
N ARG O 98 -38.81 -26.46 -42.19
CA ARG O 98 -37.99 -26.64 -43.36
C ARG O 98 -38.53 -25.91 -44.57
N LYS O 99 -39.87 -25.70 -44.66
CA LYS O 99 -40.49 -24.94 -45.72
C LYS O 99 -40.13 -23.49 -45.59
N HIS O 100 -40.31 -22.92 -44.36
CA HIS O 100 -39.97 -21.54 -44.10
C HIS O 100 -38.52 -21.21 -44.38
N LEU O 101 -37.62 -22.19 -44.15
CA LEU O 101 -36.21 -22.06 -44.36
C LEU O 101 -35.86 -22.01 -45.82
N GLU O 102 -36.62 -22.74 -46.68
CA GLU O 102 -36.41 -22.72 -48.11
C GLU O 102 -36.89 -21.44 -48.70
N ARG O 103 -38.03 -20.90 -48.19
CA ARG O 103 -38.56 -19.64 -48.62
C ARG O 103 -37.75 -18.43 -48.17
N ASN O 104 -37.00 -18.54 -47.06
CA ASN O 104 -36.23 -17.43 -46.50
C ASN O 104 -34.98 -18.03 -45.95
N ARG O 105 -33.81 -17.64 -46.50
CA ARG O 105 -32.55 -18.27 -46.17
C ARG O 105 -31.67 -17.42 -45.29
N LYS O 106 -32.14 -16.25 -44.80
CA LYS O 106 -31.32 -15.42 -43.96
C LYS O 106 -31.79 -15.57 -42.54
N ASP O 107 -32.84 -16.39 -42.31
CA ASP O 107 -33.43 -16.61 -41.01
C ASP O 107 -32.64 -17.61 -40.20
N LYS O 108 -31.52 -17.15 -39.60
CA LYS O 108 -30.65 -17.92 -38.75
C LYS O 108 -31.32 -18.37 -37.48
N ASP O 109 -32.28 -17.56 -36.96
CA ASP O 109 -33.09 -17.89 -35.80
C ASP O 109 -33.86 -19.18 -36.00
N ALA O 110 -34.46 -19.34 -37.20
CA ALA O 110 -35.23 -20.51 -37.59
C ALA O 110 -34.34 -21.72 -37.69
N LYS O 111 -33.16 -21.55 -38.33
CA LYS O 111 -32.12 -22.55 -38.45
C LYS O 111 -31.72 -23.11 -37.12
N PHE O 112 -31.58 -22.24 -36.09
CA PHE O 112 -31.28 -22.66 -34.74
C PHE O 112 -32.39 -23.50 -34.17
N ARG O 113 -33.66 -23.02 -34.26
CA ARG O 113 -34.79 -23.65 -33.64
C ARG O 113 -35.08 -25.02 -34.20
N LEU O 114 -34.77 -25.23 -35.49
CA LEU O 114 -34.92 -26.52 -36.14
C LEU O 114 -34.06 -27.58 -35.52
N ILE O 115 -32.83 -27.23 -35.06
CA ILE O 115 -31.88 -28.15 -34.44
C ILE O 115 -32.44 -28.69 -33.16
N LEU O 116 -33.18 -27.86 -32.40
CA LEU O 116 -33.79 -28.24 -31.14
C LEU O 116 -34.84 -29.29 -31.40
N ILE O 117 -35.83 -29.00 -32.27
CA ILE O 117 -36.94 -29.86 -32.58
C ILE O 117 -36.49 -31.15 -33.24
N GLU O 118 -35.42 -31.08 -34.08
CA GLU O 118 -34.76 -32.20 -34.71
C GLU O 118 -34.24 -33.18 -33.71
N SER O 119 -33.47 -32.71 -32.70
CA SER O 119 -32.88 -33.55 -31.69
C SER O 119 -33.94 -34.14 -30.81
N ARG O 120 -35.09 -33.46 -30.69
CA ARG O 120 -36.19 -33.90 -29.88
C ARG O 120 -36.91 -35.06 -30.50
N ILE O 121 -36.87 -35.19 -31.86
CA ILE O 121 -37.38 -36.35 -32.56
C ILE O 121 -36.57 -37.56 -32.22
N HIS O 122 -35.23 -37.47 -32.34
CA HIS O 122 -34.33 -38.59 -32.17
C HIS O 122 -34.36 -39.20 -30.80
N ARG O 123 -34.48 -38.35 -29.77
CA ARG O 123 -34.60 -38.73 -28.37
C ARG O 123 -35.85 -39.48 -28.10
N LEU O 124 -36.98 -39.01 -28.67
CA LEU O 124 -38.28 -39.61 -28.50
C LEU O 124 -38.32 -40.95 -29.17
N ALA O 125 -37.68 -41.07 -30.35
CA ALA O 125 -37.55 -42.27 -31.13
C ALA O 125 -36.80 -43.34 -30.41
N ARG O 126 -35.82 -42.95 -29.57
CA ARG O 126 -34.94 -43.85 -28.87
C ARG O 126 -35.62 -44.42 -27.65
N TYR O 127 -36.82 -43.91 -27.31
CA TYR O 127 -37.71 -44.52 -26.36
C TYR O 127 -38.43 -45.64 -27.06
N TYR O 128 -39.17 -45.31 -28.14
CA TYR O 128 -40.05 -46.20 -28.84
C TYR O 128 -39.39 -47.42 -29.39
N LYS O 129 -38.19 -47.30 -29.99
CA LYS O 129 -37.58 -48.39 -30.73
C LYS O 129 -37.07 -49.46 -29.80
N THR O 130 -36.75 -49.11 -28.53
CA THR O 130 -36.37 -50.08 -27.53
C THR O 130 -37.57 -50.78 -26.95
N LYS O 131 -38.77 -50.18 -27.09
CA LYS O 131 -39.99 -50.72 -26.51
C LYS O 131 -40.73 -51.48 -27.57
N ARG O 132 -40.19 -51.52 -28.81
CA ARG O 132 -40.72 -52.25 -29.94
C ARG O 132 -42.10 -51.78 -30.29
N VAL O 133 -42.25 -50.46 -30.50
CA VAL O 133 -43.47 -49.82 -30.91
C VAL O 133 -43.22 -49.26 -32.29
N LEU O 134 -41.96 -49.39 -32.78
CA LEU O 134 -41.56 -48.99 -34.10
C LEU O 134 -40.74 -50.14 -34.64
N PRO O 135 -40.42 -50.18 -35.93
CA PRO O 135 -39.43 -51.10 -36.49
C PRO O 135 -38.07 -50.73 -35.96
N PRO O 136 -37.17 -51.65 -35.61
CA PRO O 136 -35.81 -51.31 -35.24
C PRO O 136 -34.97 -50.91 -36.42
N ASN O 137 -35.44 -51.14 -37.66
CA ASN O 137 -34.80 -50.62 -38.85
C ASN O 137 -35.14 -49.18 -39.11
N TRP O 138 -36.24 -48.65 -38.48
CA TRP O 138 -36.73 -47.31 -38.74
C TRP O 138 -35.74 -46.29 -38.23
N LYS O 139 -35.59 -45.18 -39.00
CA LYS O 139 -34.70 -44.12 -38.66
C LYS O 139 -35.34 -42.90 -39.23
N TYR O 140 -35.08 -41.72 -38.62
CA TYR O 140 -35.63 -40.47 -39.06
C TYR O 140 -34.66 -39.91 -40.05
N GLU O 141 -35.20 -39.28 -41.10
CA GLU O 141 -34.44 -38.71 -42.18
C GLU O 141 -35.33 -37.64 -42.73
N SER O 142 -34.75 -36.80 -43.62
CA SER O 142 -35.41 -35.83 -44.45
C SER O 142 -36.44 -36.48 -45.34
N SER O 143 -36.02 -37.58 -46.00
CA SER O 143 -36.80 -38.38 -46.90
C SER O 143 -38.01 -38.99 -46.23
N THR O 144 -37.84 -39.70 -45.09
CA THR O 144 -38.92 -40.30 -44.34
C THR O 144 -39.90 -39.29 -43.79
N ALA O 145 -39.46 -38.03 -43.56
CA ALA O 145 -40.29 -36.94 -43.10
C ALA O 145 -41.26 -36.55 -44.15
N SER O 146 -40.78 -36.49 -45.42
CA SER O 146 -41.54 -36.17 -46.61
C SER O 146 -42.65 -37.16 -46.78
N ALA O 147 -42.36 -38.47 -46.63
CA ALA O 147 -43.30 -39.52 -46.92
C ALA O 147 -44.34 -39.63 -45.85
N LEU O 148 -43.97 -39.38 -44.57
CA LEU O 148 -44.89 -39.58 -43.45
C LEU O 148 -45.81 -38.40 -43.29
N VAL O 149 -45.46 -37.22 -43.84
CA VAL O 149 -46.28 -36.03 -43.73
C VAL O 149 -47.23 -35.98 -44.91
N ALA O 150 -46.85 -36.60 -46.04
CA ALA O 150 -47.66 -36.64 -47.23
C ALA O 150 -47.23 -37.86 -48.05
N SER P 1 -37.07 53.92 -48.36
CA SER P 1 -37.56 53.80 -46.97
C SER P 1 -38.92 54.45 -46.81
N LEU P 2 -39.84 54.19 -47.78
CA LEU P 2 -41.13 54.81 -47.83
C LEU P 2 -42.04 53.86 -47.11
N GLY P 3 -42.84 54.39 -46.16
CA GLY P 3 -43.80 53.64 -45.39
C GLY P 3 -44.90 52.96 -46.15
N PRO P 4 -45.70 52.15 -45.45
CA PRO P 4 -46.89 51.50 -45.96
C PRO P 4 -48.00 52.51 -46.04
N GLN P 5 -49.23 52.06 -46.40
CA GLN P 5 -50.30 52.96 -46.74
C GLN P 5 -51.26 53.12 -45.60
N VAL P 6 -51.13 52.28 -44.53
CA VAL P 6 -51.83 52.47 -43.27
C VAL P 6 -50.82 52.02 -42.27
N ALA P 7 -50.66 52.81 -41.18
CA ALA P 7 -49.93 52.40 -40.01
C ALA P 7 -50.35 53.31 -38.89
N GLU P 8 -51.41 54.12 -39.12
CA GLU P 8 -51.80 55.19 -38.22
C GLU P 8 -52.89 54.72 -37.31
N GLY P 9 -53.53 53.57 -37.63
CA GLY P 9 -54.59 53.00 -36.84
C GLY P 9 -54.18 51.66 -36.29
N GLU P 10 -53.14 51.02 -36.89
CA GLU P 10 -52.69 49.72 -36.45
C GLU P 10 -51.21 49.63 -36.68
N ASN P 11 -50.57 48.57 -36.10
CA ASN P 11 -49.18 48.30 -36.28
C ASN P 11 -48.95 47.39 -37.44
N VAL P 12 -47.72 47.44 -37.98
CA VAL P 12 -47.22 46.59 -39.03
C VAL P 12 -46.13 45.77 -38.41
N PHE P 13 -46.04 44.50 -38.84
CA PHE P 13 -45.30 43.44 -38.20
C PHE P 13 -44.21 42.94 -39.09
N GLY P 14 -42.95 42.98 -38.59
CA GLY P 14 -41.84 42.36 -39.29
C GLY P 14 -41.49 41.14 -38.50
N VAL P 15 -40.51 40.34 -38.94
CA VAL P 15 -40.12 39.14 -38.21
C VAL P 15 -38.65 39.29 -37.97
N CYS P 16 -38.21 38.94 -36.73
CA CYS P 16 -36.92 39.32 -36.19
C CYS P 16 -35.82 38.36 -36.54
N HIS P 17 -36.12 37.03 -36.56
CA HIS P 17 -35.17 35.96 -36.85
C HIS P 17 -33.86 36.03 -36.11
N ILE P 18 -33.87 36.01 -34.76
CA ILE P 18 -32.64 36.05 -33.99
C ILE P 18 -31.98 34.70 -34.09
N PHE P 19 -30.65 34.69 -34.38
CA PHE P 19 -29.80 33.53 -34.30
C PHE P 19 -28.99 33.82 -33.07
N ALA P 20 -28.48 32.79 -32.36
CA ALA P 20 -27.78 33.05 -31.12
C ALA P 20 -26.51 32.27 -31.04
N SER P 21 -26.20 31.45 -32.08
CA SER P 21 -25.41 30.26 -31.89
C SER P 21 -23.97 30.64 -31.69
N PHE P 22 -23.21 29.81 -30.95
CA PHE P 22 -22.06 30.26 -30.19
C PHE P 22 -21.02 30.76 -31.15
N ASN P 23 -20.35 31.87 -30.76
CA ASN P 23 -19.29 32.54 -31.47
C ASN P 23 -19.85 33.60 -32.38
N ASP P 24 -21.17 33.92 -32.28
CA ASP P 24 -21.80 34.85 -33.19
C ASP P 24 -23.15 35.18 -32.64
N THR P 25 -23.79 36.24 -33.19
CA THR P 25 -25.19 36.52 -32.98
C THR P 25 -25.66 37.18 -34.24
N PHE P 26 -26.85 36.80 -34.81
CA PHE P 26 -27.44 37.49 -35.93
C PHE P 26 -28.74 38.07 -35.43
N VAL P 27 -29.18 39.19 -36.06
CA VAL P 27 -30.52 39.71 -35.97
C VAL P 27 -30.84 40.15 -37.39
N HIS P 28 -31.99 39.72 -37.94
CA HIS P 28 -32.21 39.78 -39.36
C HIS P 28 -33.67 40.06 -39.58
N VAL P 29 -34.03 41.35 -39.84
CA VAL P 29 -35.42 41.77 -39.84
C VAL P 29 -35.90 41.69 -41.26
N THR P 30 -37.12 41.15 -41.44
CA THR P 30 -37.63 40.71 -42.71
C THR P 30 -39.03 41.23 -42.78
N ASP P 31 -39.75 40.85 -43.86
CA ASP P 31 -41.17 41.08 -44.04
C ASP P 31 -41.91 40.07 -43.23
N LEU P 32 -43.26 40.11 -43.26
CA LEU P 32 -44.08 39.02 -42.79
C LEU P 32 -43.84 37.77 -43.62
N SER P 33 -43.73 37.94 -44.96
CA SER P 33 -43.51 36.87 -45.90
C SER P 33 -42.16 36.22 -45.72
N GLY P 34 -41.12 37.04 -45.49
CA GLY P 34 -39.75 36.61 -45.32
C GLY P 34 -39.06 36.34 -46.63
N LYS P 35 -39.75 36.60 -47.77
CA LYS P 35 -39.23 36.39 -49.10
C LYS P 35 -38.29 37.51 -49.48
N GLU P 36 -38.36 38.66 -48.78
CA GLU P 36 -37.45 39.78 -48.96
C GLU P 36 -37.19 40.29 -47.58
N THR P 37 -36.25 41.24 -47.45
CA THR P 37 -35.72 41.57 -46.15
C THR P 37 -35.09 42.94 -46.23
N ILE P 38 -34.61 43.42 -45.05
CA ILE P 38 -34.02 44.72 -44.82
C ILE P 38 -32.75 44.43 -44.07
N CYS P 39 -32.14 45.47 -43.43
CA CYS P 39 -30.87 45.46 -42.73
C CYS P 39 -30.63 44.26 -41.84
N ARG P 40 -29.34 43.87 -41.72
CA ARG P 40 -28.93 42.67 -41.05
C ARG P 40 -27.63 42.97 -40.39
N VAL P 41 -27.53 42.72 -39.07
CA VAL P 41 -26.47 43.22 -38.23
C VAL P 41 -26.09 42.01 -37.41
N THR P 42 -24.79 41.88 -37.07
CA THR P 42 -24.27 40.80 -36.29
C THR P 42 -23.52 41.45 -35.17
N GLY P 43 -23.22 40.69 -34.09
CA GLY P 43 -22.41 41.19 -33.00
C GLY P 43 -20.95 41.16 -33.33
N GLY P 44 -20.59 40.51 -34.46
CA GLY P 44 -19.25 40.39 -34.97
C GLY P 44 -18.88 41.57 -35.81
N MET P 45 -19.85 42.49 -36.01
CA MET P 45 -19.75 43.63 -36.88
C MET P 45 -19.49 44.82 -36.03
N LYS P 46 -20.10 44.88 -34.83
CA LYS P 46 -19.90 45.95 -33.88
C LYS P 46 -18.51 45.91 -33.29
N VAL P 47 -18.04 44.71 -32.88
CA VAL P 47 -16.78 44.55 -32.19
C VAL P 47 -16.12 43.40 -32.88
N LYS P 48 -14.89 43.63 -33.39
CA LYS P 48 -14.04 42.61 -33.95
C LYS P 48 -13.05 42.30 -32.86
N ALA P 49 -13.02 41.03 -32.42
CA ALA P 49 -12.05 40.57 -31.46
C ALA P 49 -12.01 39.08 -31.54
N ASP P 50 -12.86 38.48 -32.41
CA ASP P 50 -13.00 37.06 -32.64
C ASP P 50 -13.41 36.29 -31.43
N ARG P 51 -14.13 36.93 -30.48
CA ARG P 51 -14.50 36.27 -29.26
C ARG P 51 -15.49 37.13 -28.54
N ASP P 52 -15.72 38.36 -29.06
CA ASP P 52 -16.73 39.25 -28.57
C ASP P 52 -17.80 39.34 -29.61
N GLU P 53 -17.80 38.37 -30.55
CA GLU P 53 -18.77 38.26 -31.60
C GLU P 53 -20.06 37.71 -31.04
N SER P 54 -19.97 37.04 -29.87
CA SER P 54 -21.09 36.42 -29.20
C SER P 54 -21.37 37.15 -27.91
N SER P 55 -20.66 38.27 -27.65
CA SER P 55 -20.70 38.99 -26.39
C SER P 55 -22.10 39.50 -26.10
N PRO P 56 -22.54 39.61 -24.84
CA PRO P 56 -23.83 40.13 -24.46
C PRO P 56 -24.00 41.53 -24.95
N TYR P 57 -23.00 42.40 -24.67
CA TYR P 57 -23.04 43.81 -24.92
C TYR P 57 -22.96 44.09 -26.41
N ALA P 58 -22.26 43.22 -27.17
CA ALA P 58 -22.22 43.26 -28.62
C ALA P 58 -23.56 43.00 -29.26
N ALA P 59 -24.36 42.12 -28.61
CA ALA P 59 -25.70 41.78 -29.04
C ALA P 59 -26.66 42.89 -28.71
N MET P 60 -26.41 43.66 -27.62
CA MET P 60 -27.25 44.77 -27.24
C MET P 60 -27.05 45.90 -28.19
N LEU P 61 -25.77 46.28 -28.46
CA LEU P 61 -25.43 47.27 -29.46
C LEU P 61 -25.97 46.97 -30.85
N ALA P 62 -26.10 45.68 -31.20
CA ALA P 62 -26.66 45.24 -32.45
C ALA P 62 -28.11 45.58 -32.55
N ALA P 63 -28.93 45.18 -31.56
CA ALA P 63 -30.36 45.40 -31.56
C ALA P 63 -30.73 46.86 -31.41
N GLN P 64 -29.83 47.65 -30.78
CA GLN P 64 -29.92 49.08 -30.61
C GLN P 64 -29.81 49.84 -31.91
N ASP P 65 -29.19 49.21 -32.94
CA ASP P 65 -29.04 49.75 -34.26
C ASP P 65 -30.21 49.32 -35.10
N VAL P 66 -30.55 48.01 -35.05
CA VAL P 66 -31.58 47.37 -35.84
C VAL P 66 -32.92 48.01 -35.62
N ALA P 67 -33.23 48.39 -34.35
CA ALA P 67 -34.49 48.98 -33.99
C ALA P 67 -34.71 50.35 -34.58
N GLN P 68 -33.63 51.03 -35.03
CA GLN P 68 -33.75 52.31 -35.69
C GLN P 68 -34.26 52.12 -37.09
N ARG P 69 -33.72 51.09 -37.80
CA ARG P 69 -33.95 50.87 -39.21
C ARG P 69 -35.34 50.37 -39.44
N CYS P 70 -35.93 49.71 -38.40
CA CYS P 70 -37.32 49.34 -38.33
C CYS P 70 -38.20 50.55 -38.47
N LYS P 71 -38.06 51.51 -37.53
CA LYS P 71 -38.84 52.73 -37.47
C LYS P 71 -38.62 53.64 -38.65
N GLU P 72 -37.41 53.62 -39.25
CA GLU P 72 -37.11 54.30 -40.49
C GLU P 72 -37.97 53.88 -41.66
N LEU P 73 -38.39 52.59 -41.71
CA LEU P 73 -39.22 52.12 -42.79
C LEU P 73 -40.66 52.31 -42.42
N GLY P 74 -41.05 51.96 -41.17
CA GLY P 74 -42.42 52.08 -40.74
C GLY P 74 -42.74 50.98 -39.79
N ILE P 75 -41.92 49.90 -39.75
CA ILE P 75 -42.07 48.78 -38.85
C ILE P 75 -41.93 49.26 -37.43
N THR P 76 -42.84 48.76 -36.55
CA THR P 76 -43.00 49.28 -35.21
C THR P 76 -43.22 48.10 -34.32
N ALA P 77 -43.69 46.96 -34.88
CA ALA P 77 -43.94 45.79 -34.09
C ALA P 77 -43.23 44.67 -34.75
N LEU P 78 -43.00 43.60 -33.97
CA LEU P 78 -42.16 42.52 -34.38
C LEU P 78 -42.74 41.27 -33.83
N HIS P 79 -42.94 40.26 -34.71
CA HIS P 79 -42.98 38.88 -34.30
C HIS P 79 -41.55 38.45 -34.24
N ILE P 80 -41.23 37.44 -33.40
CA ILE P 80 -39.87 37.06 -33.15
C ILE P 80 -39.83 35.57 -33.30
N LYS P 81 -38.81 35.08 -34.03
CA LYS P 81 -38.51 33.68 -34.15
C LYS P 81 -37.14 33.59 -33.58
N LEU P 82 -36.93 32.62 -32.67
CA LEU P 82 -35.66 32.40 -32.03
C LEU P 82 -35.05 31.26 -32.77
N ARG P 83 -33.72 31.10 -32.66
CA ARG P 83 -33.03 29.94 -33.14
C ARG P 83 -31.85 29.79 -32.26
N ALA P 84 -31.80 28.66 -31.53
CA ALA P 84 -30.65 28.24 -30.79
C ALA P 84 -29.55 27.86 -31.74
N THR P 85 -29.41 26.59 -32.11
CA THR P 85 -28.27 26.16 -32.88
C THR P 85 -28.78 25.06 -33.75
N GLY P 86 -29.10 23.88 -33.15
CA GLY P 86 -29.63 22.73 -33.86
C GLY P 86 -28.70 22.22 -34.92
N GLY P 87 -29.20 21.30 -35.77
CA GLY P 87 -28.39 20.68 -36.78
C GLY P 87 -27.50 19.63 -36.20
N ASN P 88 -28.05 18.88 -35.21
CA ASN P 88 -27.34 17.93 -34.40
C ASN P 88 -26.22 18.59 -33.64
N ARG P 89 -26.57 19.64 -32.86
CA ARG P 89 -25.64 20.41 -32.06
C ARG P 89 -26.43 20.83 -30.85
N THR P 90 -25.73 21.53 -29.93
CA THR P 90 -26.11 21.91 -28.58
C THR P 90 -27.55 22.33 -28.35
N LYS P 91 -28.15 23.16 -29.22
CA LYS P 91 -29.52 23.63 -29.16
C LYS P 91 -29.86 24.32 -27.86
N THR P 92 -28.94 25.19 -27.40
CA THR P 92 -29.05 25.92 -26.15
C THR P 92 -28.81 27.35 -26.54
N PRO P 93 -29.60 28.36 -26.15
CA PRO P 93 -29.39 29.76 -26.46
C PRO P 93 -28.00 30.26 -26.21
N GLY P 94 -27.53 31.23 -27.02
CA GLY P 94 -26.27 31.91 -26.79
C GLY P 94 -26.35 32.87 -25.63
N PRO P 95 -25.27 33.60 -25.36
CA PRO P 95 -25.25 34.66 -24.38
C PRO P 95 -26.10 35.83 -24.82
N GLY P 96 -26.20 36.04 -26.15
CA GLY P 96 -26.74 37.24 -26.74
C GLY P 96 -28.12 36.95 -27.26
N ALA P 97 -28.89 36.15 -26.51
CA ALA P 97 -30.23 35.76 -26.87
C ALA P 97 -31.16 36.52 -25.99
N GLN P 98 -31.00 36.41 -24.66
CA GLN P 98 -31.62 37.25 -23.66
C GLN P 98 -31.38 38.72 -23.89
N SER P 99 -30.16 39.07 -24.37
CA SER P 99 -29.67 40.41 -24.49
C SER P 99 -30.45 41.19 -25.50
N ALA P 100 -30.54 40.64 -26.74
CA ALA P 100 -31.12 41.34 -27.85
C ALA P 100 -32.60 41.62 -27.67
N LEU P 101 -33.35 40.69 -27.04
CA LEU P 101 -34.78 40.83 -26.75
C LEU P 101 -35.07 42.01 -25.86
N ARG P 102 -34.35 42.07 -24.72
CA ARG P 102 -34.41 43.12 -23.73
C ARG P 102 -34.08 44.47 -24.31
N ALA P 103 -33.15 44.49 -25.29
CA ALA P 103 -32.63 45.70 -25.87
C ALA P 103 -33.61 46.26 -26.85
N LEU P 104 -34.19 45.42 -27.73
CA LEU P 104 -35.06 45.91 -28.79
C LEU P 104 -36.38 46.33 -28.23
N ALA P 105 -36.87 45.67 -27.15
CA ALA P 105 -38.10 46.07 -26.52
C ALA P 105 -38.01 47.46 -25.91
N ARG P 106 -36.99 47.71 -25.07
CA ARG P 106 -36.82 48.96 -24.40
C ARG P 106 -36.36 50.10 -25.28
N SER P 107 -35.81 49.84 -26.49
CA SER P 107 -35.57 50.88 -27.48
C SER P 107 -36.84 51.51 -28.01
N GLY P 108 -37.93 50.71 -28.08
CA GLY P 108 -39.26 51.19 -28.34
C GLY P 108 -39.80 50.41 -29.48
N MET P 109 -40.03 49.09 -29.25
CA MET P 109 -40.56 48.20 -30.24
C MET P 109 -41.53 47.32 -29.51
N LYS P 110 -42.72 47.13 -30.13
CA LYS P 110 -43.80 46.35 -29.60
C LYS P 110 -43.59 44.91 -29.97
N ILE P 111 -44.18 43.97 -29.17
CA ILE P 111 -43.95 42.56 -29.34
C ILE P 111 -45.27 41.94 -29.69
N GLY P 112 -45.23 41.13 -30.77
CA GLY P 112 -46.36 40.44 -31.35
C GLY P 112 -46.27 38.99 -31.00
N ARG P 113 -45.09 38.38 -31.17
CA ARG P 113 -44.94 36.97 -30.90
C ARG P 113 -43.49 36.74 -30.60
N ILE P 114 -43.19 35.53 -30.09
CA ILE P 114 -41.90 35.16 -29.60
C ILE P 114 -42.07 33.69 -29.39
N GLU P 115 -41.22 32.90 -30.08
CA GLU P 115 -41.42 31.48 -30.16
C GLU P 115 -40.08 30.86 -30.30
N ASP P 116 -40.02 29.52 -30.19
CA ASP P 116 -38.84 28.73 -30.43
C ASP P 116 -39.00 28.13 -31.80
N VAL P 117 -37.92 28.20 -32.60
CA VAL P 117 -37.81 27.49 -33.85
C VAL P 117 -36.40 27.00 -33.78
N THR P 118 -36.19 25.68 -34.00
CA THR P 118 -34.87 25.10 -33.96
C THR P 118 -34.96 23.98 -34.94
N PRO P 119 -33.93 23.61 -35.69
CA PRO P 119 -34.07 22.53 -36.64
C PRO P 119 -33.49 21.32 -35.94
N ILE P 120 -34.31 20.69 -35.06
CA ILE P 120 -33.91 19.56 -34.27
C ILE P 120 -34.08 18.31 -35.10
N PRO P 121 -33.29 17.26 -34.92
CA PRO P 121 -33.43 16.03 -35.69
C PRO P 121 -34.49 15.17 -35.04
N SER P 122 -34.94 14.11 -35.76
CA SER P 122 -35.75 13.04 -35.24
C SER P 122 -34.93 11.79 -35.24
N ASP P 123 -33.60 11.96 -35.03
CA ASP P 123 -32.55 10.96 -34.99
C ASP P 123 -31.93 10.94 -36.35
N SER P 124 -30.71 11.51 -36.45
CA SER P 124 -30.06 11.72 -37.71
C SER P 124 -28.59 11.78 -37.44
N THR P 125 -27.82 11.99 -38.54
CA THR P 125 -26.41 11.79 -38.79
C THR P 125 -25.45 12.02 -37.65
N ARG P 126 -24.31 11.29 -37.71
CA ARG P 126 -23.23 11.30 -36.75
C ARG P 126 -22.61 12.66 -36.56
N ARG P 127 -22.15 12.93 -35.32
CA ARG P 127 -21.72 14.21 -34.85
C ARG P 127 -20.23 14.16 -34.75
N LYS P 128 -19.54 15.28 -35.10
CA LYS P 128 -18.11 15.41 -35.05
C LYS P 128 -17.57 15.25 -33.66
N GLY P 129 -16.43 14.56 -33.54
CA GLY P 129 -15.63 14.51 -32.33
C GLY P 129 -15.28 13.09 -32.01
N GLY P 130 -15.79 12.11 -32.77
CA GLY P 130 -15.45 10.73 -32.59
C GLY P 130 -16.04 10.17 -31.34
N ARG P 131 -15.72 8.90 -31.03
CA ARG P 131 -16.24 8.14 -29.93
C ARG P 131 -15.95 8.72 -28.58
N ARG P 132 -14.71 9.23 -28.36
CA ARG P 132 -14.31 9.72 -27.07
C ARG P 132 -14.48 11.21 -26.94
N GLY P 133 -15.07 11.87 -27.98
CA GLY P 133 -15.41 13.28 -27.98
C GLY P 133 -14.20 14.15 -27.95
N ARG P 134 -14.37 15.43 -27.52
CA ARG P 134 -13.27 16.33 -27.27
C ARG P 134 -12.74 15.97 -25.91
N ARG P 135 -11.55 16.49 -25.53
CA ARG P 135 -11.07 16.22 -24.20
C ARG P 135 -10.15 17.32 -23.74
N LEU P 136 -10.07 18.44 -24.47
CA LEU P 136 -9.18 19.52 -24.07
C LEU P 136 -9.97 20.40 -23.09
N PRO Q 1 -17.73 84.75 49.17
CA PRO Q 1 -16.53 83.99 49.66
C PRO Q 1 -15.47 84.12 48.60
N LEU Q 2 -14.35 83.38 48.77
CA LEU Q 2 -13.20 83.49 47.90
C LEU Q 2 -13.48 82.51 46.80
N GLN Q 3 -13.78 83.06 45.61
CA GLN Q 3 -14.22 82.29 44.48
C GLN Q 3 -13.02 81.81 43.73
N SER Q 4 -12.82 80.48 43.73
CA SER Q 4 -11.70 79.87 43.09
C SER Q 4 -12.08 78.44 42.95
N VAL Q 5 -11.99 77.94 41.69
CA VAL Q 5 -12.29 76.57 41.35
C VAL Q 5 -11.20 76.27 40.37
N GLN Q 6 -10.67 75.03 40.34
CA GLN Q 6 -9.52 74.72 39.54
C GLN Q 6 -9.91 73.55 38.69
N VAL Q 7 -9.26 73.43 37.52
CA VAL Q 7 -9.54 72.40 36.56
C VAL Q 7 -8.21 72.06 35.97
N PHE Q 8 -8.19 71.06 35.07
CA PHE Q 8 -7.00 70.70 34.35
C PHE Q 8 -7.42 70.29 32.98
N GLY Q 9 -6.44 70.10 32.09
CA GLY Q 9 -6.68 69.61 30.76
C GLY Q 9 -5.64 68.58 30.51
N ARG Q 10 -5.89 67.73 29.48
CA ARG Q 10 -5.04 66.63 29.14
C ARG Q 10 -5.04 66.56 27.66
N LYS Q 11 -3.93 66.09 27.09
CA LYS Q 11 -3.93 65.54 25.77
C LYS Q 11 -2.60 64.88 25.68
N LYS Q 12 -2.57 63.55 25.93
CA LYS Q 12 -1.41 62.72 25.69
C LYS Q 12 -0.22 63.19 26.49
N THR Q 13 -0.38 63.33 27.82
CA THR Q 13 0.62 63.84 28.74
C THR Q 13 0.90 65.29 28.45
N ALA Q 14 0.09 66.19 29.05
CA ALA Q 14 0.30 67.60 28.98
C ALA Q 14 -0.78 68.17 29.85
N THR Q 15 -0.40 68.51 31.10
CA THR Q 15 -1.31 69.02 32.09
C THR Q 15 -1.29 70.52 31.99
N ALA Q 16 -2.46 71.15 32.23
CA ALA Q 16 -2.57 72.58 32.18
C ALA Q 16 -3.59 72.90 33.23
N VAL Q 17 -3.15 73.34 34.43
CA VAL Q 17 -4.00 73.59 35.57
C VAL Q 17 -4.42 75.02 35.57
N ALA Q 18 -5.72 75.26 35.30
CA ALA Q 18 -6.29 76.56 35.09
C ALA Q 18 -7.21 76.90 36.22
N HIS Q 19 -6.81 77.83 37.13
CA HIS Q 19 -7.70 78.27 38.18
C HIS Q 19 -8.53 79.41 37.64
N CYS Q 20 -9.85 79.37 37.90
CA CYS Q 20 -10.78 80.43 37.59
C CYS Q 20 -11.13 81.10 38.88
N LYS Q 21 -10.70 82.38 39.00
CA LYS Q 21 -10.90 83.26 40.10
C LYS Q 21 -11.70 84.43 39.59
N ARG Q 22 -12.68 84.92 40.39
CA ARG Q 22 -13.47 86.11 40.14
C ARG Q 22 -12.60 87.31 39.81
N GLY Q 23 -13.08 88.21 38.91
CA GLY Q 23 -12.30 89.32 38.46
C GLY Q 23 -13.04 89.95 37.32
N ASN Q 24 -12.37 90.06 36.16
CA ASN Q 24 -12.86 90.61 34.92
C ASN Q 24 -11.66 90.73 34.03
N GLY Q 25 -11.73 90.11 32.81
CA GLY Q 25 -10.71 90.15 31.78
C GLY Q 25 -9.43 89.51 32.25
N LEU Q 26 -8.29 89.93 31.66
CA LEU Q 26 -6.95 89.59 32.08
C LEU Q 26 -6.68 88.11 32.13
N ILE Q 27 -7.08 87.34 31.08
CA ILE Q 27 -6.78 85.93 31.00
C ILE Q 27 -5.36 85.81 30.51
N LYS Q 28 -4.59 84.88 31.10
CA LYS Q 28 -3.21 84.70 30.78
C LYS Q 28 -2.94 83.24 30.76
N VAL Q 29 -1.75 82.86 30.25
CA VAL Q 29 -1.25 81.51 30.28
C VAL Q 29 0.22 81.74 30.45
N ASN Q 30 0.82 81.12 31.48
CA ASN Q 30 2.23 81.15 31.83
C ASN Q 30 2.73 82.54 32.13
N GLY Q 31 1.86 83.43 32.66
CA GLY Q 31 2.19 84.82 32.87
C GLY Q 31 2.44 85.56 31.60
N ARG Q 32 1.70 85.24 30.52
CA ARG Q 32 1.86 85.89 29.24
C ARG Q 32 0.47 86.06 28.69
N PRO Q 33 0.24 86.99 27.74
CA PRO Q 33 -1.05 87.12 27.08
C PRO Q 33 -1.20 85.99 26.12
N LEU Q 34 -2.43 85.52 25.90
CA LEU Q 34 -2.72 84.44 25.00
C LEU Q 34 -3.10 84.97 23.64
N GLU Q 35 -2.82 86.28 23.38
CA GLU Q 35 -3.00 86.90 22.09
C GLU Q 35 -1.84 86.57 21.19
N MET Q 36 -0.70 86.16 21.77
CA MET Q 36 0.39 85.58 21.04
C MET Q 36 0.93 84.53 21.94
N ILE Q 37 1.04 83.29 21.42
CA ILE Q 37 1.72 82.21 22.08
C ILE Q 37 2.22 81.39 20.93
N GLU Q 38 3.45 80.83 21.06
CA GLU Q 38 4.42 80.94 19.99
C GLU Q 38 4.58 79.61 19.29
N PRO Q 39 3.52 79.16 18.64
CA PRO Q 39 3.73 78.78 17.24
C PRO Q 39 3.12 79.88 16.42
N ARG Q 40 2.00 80.45 16.94
CA ARG Q 40 1.11 81.41 16.33
C ARG Q 40 0.85 81.17 14.86
N THR Q 41 0.34 79.96 14.56
CA THR Q 41 -0.28 79.64 13.29
C THR Q 41 -1.52 78.89 13.68
N LEU Q 42 -1.47 78.24 14.87
CA LEU Q 42 -2.60 77.61 15.51
C LEU Q 42 -3.24 78.60 16.44
N GLN Q 43 -2.97 79.91 16.24
CA GLN Q 43 -3.39 80.99 17.11
C GLN Q 43 -4.89 81.14 17.19
N TYR Q 44 -5.61 80.73 16.14
CA TYR Q 44 -7.04 80.84 16.05
C TYR Q 44 -7.73 79.81 16.89
N LYS Q 45 -6.98 78.83 17.44
CA LYS Q 45 -7.54 77.63 17.99
C LYS Q 45 -7.77 77.85 19.45
N LEU Q 46 -6.75 78.25 20.23
CA LEU Q 46 -6.92 78.59 21.63
C LEU Q 46 -7.85 79.76 21.85
N LEU Q 47 -7.97 80.68 20.85
CA LEU Q 47 -8.88 81.79 20.89
C LEU Q 47 -10.30 81.38 20.62
N GLU Q 48 -10.51 80.24 19.92
CA GLU Q 48 -11.80 79.72 19.48
C GLU Q 48 -12.91 79.74 20.53
N PRO Q 49 -12.80 79.27 21.79
CA PRO Q 49 -13.89 79.31 22.75
C PRO Q 49 -14.28 80.72 23.09
N VAL Q 50 -13.31 81.60 23.39
CA VAL Q 50 -13.52 82.99 23.72
C VAL Q 50 -14.27 83.70 22.63
N LEU Q 51 -13.85 83.51 21.37
CA LEU Q 51 -14.46 84.13 20.22
C LEU Q 51 -15.86 83.66 19.96
N LEU Q 52 -16.12 82.34 20.12
CA LEU Q 52 -17.39 81.74 19.79
C LEU Q 52 -18.43 82.05 20.84
N LEU Q 53 -18.04 81.99 22.13
CA LEU Q 53 -18.95 82.22 23.23
C LEU Q 53 -19.20 83.68 23.45
N GLY Q 54 -18.35 84.56 22.89
CA GLY Q 54 -18.44 85.99 23.11
C GLY Q 54 -17.71 86.34 24.36
N LYS Q 55 -17.71 87.63 24.73
CA LYS Q 55 -16.95 88.16 25.84
C LYS Q 55 -17.81 88.23 27.07
N GLU Q 56 -19.07 87.76 26.97
CA GLU Q 56 -20.06 87.97 28.01
C GLU Q 56 -20.21 86.76 28.88
N ARG Q 57 -19.31 85.76 28.72
CA ARG Q 57 -19.16 84.73 29.73
C ARG Q 57 -17.86 84.98 30.45
N PHE Q 58 -17.04 85.90 29.92
CA PHE Q 58 -15.73 86.21 30.42
C PHE Q 58 -15.78 87.61 30.95
N ALA Q 59 -16.99 88.00 31.44
CA ALA Q 59 -17.29 89.32 31.89
C ALA Q 59 -17.13 89.41 33.38
N GLY Q 60 -16.53 88.40 34.05
CA GLY Q 60 -16.35 88.53 35.47
C GLY Q 60 -15.34 87.57 36.01
N VAL Q 61 -14.28 87.23 35.25
CA VAL Q 61 -13.33 86.23 35.69
C VAL Q 61 -11.97 86.65 35.22
N ASP Q 62 -10.93 86.26 35.98
CA ASP Q 62 -9.58 86.17 35.51
C ASP Q 62 -9.26 84.72 35.56
N ILE Q 63 -8.78 84.12 34.44
CA ILE Q 63 -8.41 82.73 34.43
C ILE Q 63 -6.94 82.78 34.14
N ARG Q 64 -6.10 82.03 34.89
CA ARG Q 64 -4.69 81.95 34.58
C ARG Q 64 -4.33 80.51 34.65
N VAL Q 65 -3.32 80.10 33.84
CA VAL Q 65 -2.99 78.71 33.62
C VAL Q 65 -1.50 78.55 33.79
N ARG Q 66 -1.07 77.40 34.34
CA ARG Q 66 0.31 76.97 34.34
C ARG Q 66 0.31 75.68 33.56
N VAL Q 67 1.39 75.38 32.79
CA VAL Q 67 1.43 74.19 31.97
C VAL Q 67 2.71 73.45 32.23
N LYS Q 68 2.79 72.22 31.67
CA LYS Q 68 4.00 71.44 31.59
C LYS Q 68 3.65 70.25 30.76
N GLY Q 69 4.66 69.60 30.13
CA GLY Q 69 4.48 68.36 29.41
C GLY Q 69 3.99 68.57 28.01
N GLY Q 70 4.20 67.54 27.14
CA GLY Q 70 3.72 67.52 25.78
C GLY Q 70 4.61 68.32 24.89
N GLY Q 71 4.26 68.41 23.59
CA GLY Q 71 4.99 69.21 22.64
C GLY Q 71 4.25 70.49 22.42
N HIS Q 72 4.61 71.22 21.34
CA HIS Q 72 4.04 72.48 20.97
C HIS Q 72 2.58 72.40 20.66
N VAL Q 73 2.14 71.31 20.01
CA VAL Q 73 0.78 71.12 19.52
C VAL Q 73 -0.05 70.78 20.71
N ALA Q 74 0.29 69.68 21.43
CA ALA Q 74 -0.49 69.10 22.49
C ALA Q 74 -0.74 70.04 23.65
N GLN Q 75 0.22 70.96 23.95
CA GLN Q 75 0.02 72.09 24.85
C GLN Q 75 -1.13 73.00 24.50
N ILE Q 76 -1.35 73.33 23.21
CA ILE Q 76 -2.44 74.17 22.73
C ILE Q 76 -3.78 73.54 23.03
N TYR Q 77 -3.93 72.21 22.77
CA TYR Q 77 -5.15 71.51 23.08
C TYR Q 77 -5.39 71.40 24.56
N ALA Q 78 -4.32 71.32 25.39
CA ALA Q 78 -4.46 71.22 26.82
C ALA Q 78 -4.96 72.50 27.44
N ILE Q 79 -4.37 73.67 27.06
CA ILE Q 79 -4.78 74.96 27.58
C ILE Q 79 -6.16 75.35 27.15
N ARG Q 80 -6.59 74.93 25.94
CA ARG Q 80 -7.88 75.23 25.41
C ARG Q 80 -8.93 74.47 26.16
N GLN Q 81 -8.62 73.19 26.43
CA GLN Q 81 -9.50 72.27 27.11
C GLN Q 81 -9.67 72.70 28.54
N SER Q 82 -8.61 73.26 29.17
CA SER Q 82 -8.69 73.67 30.55
C SER Q 82 -9.52 74.92 30.75
N ILE Q 83 -9.27 76.03 30.01
CA ILE Q 83 -10.02 77.26 30.15
C ILE Q 83 -11.50 77.12 29.85
N SER Q 84 -11.87 76.26 28.87
CA SER Q 84 -13.23 75.91 28.54
C SER Q 84 -13.94 75.26 29.70
N LYS Q 85 -13.26 74.30 30.37
CA LYS Q 85 -13.79 73.49 31.43
C LYS Q 85 -13.87 74.30 32.70
N ALA Q 86 -12.92 75.25 32.87
CA ALA Q 86 -12.84 76.16 33.99
C ALA Q 86 -14.08 77.00 34.09
N LEU Q 87 -14.44 77.66 32.98
CA LEU Q 87 -15.66 78.42 32.81
C LEU Q 87 -16.91 77.69 33.21
N VAL Q 88 -17.06 76.41 32.79
CA VAL Q 88 -18.22 75.59 33.07
C VAL Q 88 -18.36 75.32 34.55
N ALA Q 89 -17.28 74.84 35.20
CA ALA Q 89 -17.24 74.51 36.61
C ALA Q 89 -17.57 75.67 37.54
N TYR Q 90 -17.10 76.88 37.19
CA TYR Q 90 -17.32 78.13 37.88
C TYR Q 90 -18.76 78.56 37.97
N TYR Q 91 -19.54 78.31 36.91
CA TYR Q 91 -20.93 78.67 36.86
C TYR Q 91 -21.77 77.65 37.56
N GLN Q 92 -21.37 76.37 37.55
CA GLN Q 92 -22.10 75.30 38.20
C GLN Q 92 -22.07 75.43 39.71
N LYS Q 93 -21.11 76.21 40.25
CA LYS Q 93 -20.76 76.11 41.64
C LYS Q 93 -21.10 77.36 42.39
N TYR Q 94 -21.02 78.55 41.75
CA TYR Q 94 -21.28 79.77 42.46
C TYR Q 94 -22.43 80.52 41.88
N VAL Q 95 -22.92 80.17 40.67
CA VAL Q 95 -24.02 80.87 40.07
C VAL Q 95 -25.20 79.93 40.16
N ASP Q 96 -25.50 79.14 39.11
CA ASP Q 96 -26.64 78.25 39.14
C ASP Q 96 -26.48 77.27 38.02
N GLU Q 97 -27.38 76.25 37.97
CA GLU Q 97 -27.34 75.17 37.03
C GLU Q 97 -27.58 75.67 35.62
N ALA Q 98 -28.64 76.50 35.45
CA ALA Q 98 -29.11 76.95 34.17
C ALA Q 98 -28.15 77.90 33.50
N SER Q 99 -27.23 78.49 34.29
CA SER Q 99 -26.16 79.36 33.84
C SER Q 99 -25.17 78.60 33.00
N LYS Q 100 -24.81 77.37 33.42
CA LYS Q 100 -23.69 76.66 32.85
C LYS Q 100 -24.22 75.72 31.82
N LYS Q 101 -25.48 75.25 32.00
CA LYS Q 101 -26.17 74.39 31.07
C LYS Q 101 -26.24 74.90 29.67
N GLU Q 102 -26.55 76.20 29.46
CA GLU Q 102 -26.45 76.84 28.17
C GLU Q 102 -25.08 76.76 27.55
N ILE Q 103 -24.04 77.12 28.34
CA ILE Q 103 -22.66 77.20 27.92
C ILE Q 103 -22.09 75.86 27.56
N LYS Q 104 -22.57 74.80 28.24
CA LYS Q 104 -22.15 73.43 28.05
C LYS Q 104 -22.63 72.95 26.72
N ASP Q 105 -23.89 73.31 26.38
CA ASP Q 105 -24.56 72.95 25.15
C ASP Q 105 -23.87 73.56 23.94
N ILE Q 106 -23.31 74.79 24.08
CA ILE Q 106 -22.68 75.55 23.03
C ILE Q 106 -21.41 74.85 22.64
N LEU Q 107 -20.57 74.47 23.64
CA LEU Q 107 -19.28 73.88 23.42
C LEU Q 107 -19.39 72.51 22.82
N ILE Q 108 -20.28 71.64 23.37
CA ILE Q 108 -20.43 70.27 22.97
C ILE Q 108 -21.04 70.14 21.58
N GLN Q 109 -21.67 71.21 21.05
CA GLN Q 109 -22.13 71.27 19.67
C GLN Q 109 -20.98 71.12 18.69
N TYR Q 110 -19.98 72.02 18.78
CA TYR Q 110 -18.72 71.90 18.07
C TYR Q 110 -17.68 71.21 18.92
N ASP Q 111 -18.01 70.03 19.52
CA ASP Q 111 -17.10 69.25 20.33
C ASP Q 111 -15.86 68.87 19.58
N ARG Q 112 -14.72 68.96 20.28
CA ARG Q 112 -13.40 68.74 19.77
C ARG Q 112 -12.67 68.33 21.02
N THR Q 113 -13.34 67.49 21.85
CA THR Q 113 -12.90 67.01 23.13
C THR Q 113 -12.71 68.18 24.06
N LEU Q 114 -13.77 69.01 24.18
CA LEU Q 114 -13.74 70.24 24.94
C LEU Q 114 -14.29 70.01 26.33
N LEU Q 115 -14.67 68.77 26.67
CA LEU Q 115 -15.26 68.47 27.95
C LEU Q 115 -14.81 67.10 28.38
N VAL Q 116 -13.93 66.45 27.58
CA VAL Q 116 -13.45 65.12 27.83
C VAL Q 116 -12.01 65.12 27.41
N ALA Q 117 -11.28 64.04 27.79
CA ALA Q 117 -9.86 63.93 27.59
C ALA Q 117 -9.70 62.80 26.62
N ASP Q 118 -8.78 62.98 25.64
CA ASP Q 118 -8.40 61.98 24.67
C ASP Q 118 -7.79 60.78 25.39
N PRO Q 119 -8.28 59.56 25.28
CA PRO Q 119 -7.67 58.40 25.90
C PRO Q 119 -6.33 58.00 25.34
N ARG Q 120 -6.11 58.21 24.01
CA ARG Q 120 -5.01 57.66 23.26
C ARG Q 120 -3.68 58.14 23.78
N ARG Q 121 -2.75 57.20 24.00
CA ARG Q 121 -1.38 57.47 24.33
C ARG Q 121 -0.58 56.42 23.64
N CYS Q 122 0.74 56.66 23.53
CA CYS Q 122 1.69 55.85 22.80
C CYS Q 122 1.74 54.43 23.30
N GLU Q 123 2.02 53.48 22.39
CA GLU Q 123 2.11 52.08 22.69
C GLU Q 123 3.54 51.72 22.58
N SER Q 124 3.97 50.80 23.47
CA SER Q 124 5.34 50.39 23.65
C SER Q 124 5.89 49.65 22.47
N LYS Q 125 7.21 49.80 22.28
CA LYS Q 125 8.00 49.14 21.26
C LYS Q 125 8.23 47.76 21.80
N LYS Q 126 7.99 46.73 20.99
CA LYS Q 126 8.41 45.40 21.30
C LYS Q 126 9.33 45.02 20.20
N PHE Q 127 10.41 44.31 20.61
CA PHE Q 127 11.55 43.89 19.83
C PHE Q 127 11.22 43.22 18.53
N GLY Q 128 12.22 43.10 17.64
CA GLY Q 128 12.07 42.48 16.34
C GLY Q 128 11.58 43.43 15.32
N GLY Q 129 11.65 44.75 15.59
CA GLY Q 129 11.29 45.72 14.60
C GLY Q 129 11.40 47.06 15.23
N PRO Q 130 11.56 48.11 14.44
CA PRO Q 130 11.41 49.47 14.92
C PRO Q 130 9.96 49.74 15.24
N GLY Q 131 9.67 50.81 16.01
CA GLY Q 131 8.31 51.23 16.26
C GLY Q 131 7.53 50.25 17.06
N ALA Q 132 6.20 50.44 17.12
CA ALA Q 132 5.33 49.65 17.95
C ALA Q 132 4.55 48.66 17.15
N ARG Q 133 4.83 48.50 15.83
CA ARG Q 133 4.02 47.62 15.03
C ARG Q 133 4.73 47.27 13.75
N ALA Q 134 5.85 47.93 13.42
CA ALA Q 134 6.56 47.69 12.18
C ALA Q 134 7.60 46.65 12.44
N ARG Q 135 8.10 46.00 11.36
CA ARG Q 135 8.98 44.86 11.45
C ARG Q 135 10.07 45.10 10.45
N TYR Q 136 11.31 44.67 10.79
CA TYR Q 136 12.45 44.63 9.89
C TYR Q 136 12.22 43.71 8.72
N GLN Q 137 12.93 43.93 7.59
CA GLN Q 137 12.83 43.12 6.40
C GLN Q 137 13.28 41.71 6.64
N LYS Q 138 12.66 40.77 5.90
CA LYS Q 138 12.82 39.36 6.09
C LYS Q 138 13.13 38.84 4.72
N SER Q 139 14.32 38.20 4.55
CA SER Q 139 14.81 37.79 3.26
C SER Q 139 14.84 36.28 3.21
N TYR Q 140 14.36 35.74 2.09
CA TYR Q 140 14.34 34.31 1.88
C TYR Q 140 15.47 33.96 0.92
N ARG Q 141 16.44 33.18 1.39
CA ARG Q 141 17.56 32.80 0.56
C ARG Q 141 18.41 34.02 0.19
N MET R 1 -18.30 42.29 18.30
CA MET R 1 -18.03 42.00 19.73
C MET R 1 -17.17 40.78 19.86
N GLY R 2 -17.77 39.59 19.69
CA GLY R 2 -17.14 38.33 19.98
C GLY R 2 -17.48 38.02 21.40
N ARG R 3 -16.91 36.92 21.94
CA ARG R 3 -17.06 36.48 23.31
C ARG R 3 -18.43 35.92 23.60
N VAL R 4 -18.41 34.62 23.91
CA VAL R 4 -19.49 33.80 24.36
C VAL R 4 -19.02 33.43 25.72
N ARG R 5 -19.94 33.38 26.71
CA ARG R 5 -19.61 33.06 28.08
C ARG R 5 -19.08 31.67 28.20
N THR R 6 -18.11 31.46 29.13
CA THR R 6 -17.43 30.20 29.34
C THR R 6 -18.31 29.31 30.16
N LYS R 7 -17.85 28.06 30.42
CA LYS R 7 -18.68 27.07 31.05
C LYS R 7 -18.70 27.26 32.53
N THR R 8 -17.59 27.78 33.13
CA THR R 8 -17.51 28.14 34.53
C THR R 8 -18.56 29.13 34.97
N VAL R 9 -18.98 30.04 34.07
CA VAL R 9 -20.00 31.02 34.33
C VAL R 9 -21.34 30.37 34.26
N LYS R 10 -21.67 29.68 33.14
CA LYS R 10 -22.98 29.10 32.97
C LYS R 10 -23.29 27.98 33.91
N LYS R 11 -22.27 27.28 34.43
CA LYS R 11 -22.45 26.18 35.35
C LYS R 11 -22.85 26.65 36.71
N ALA R 12 -22.13 27.67 37.23
CA ALA R 12 -22.29 28.13 38.59
C ALA R 12 -23.45 29.09 38.70
N ALA R 13 -23.76 29.80 37.59
CA ALA R 13 -24.88 30.71 37.47
C ALA R 13 -26.18 30.03 37.77
N ARG R 14 -26.36 28.81 37.24
CA ARG R 14 -27.52 27.98 37.46
C ARG R 14 -27.71 27.61 38.91
N VAL R 15 -26.65 27.14 39.60
CA VAL R 15 -26.68 26.85 41.02
C VAL R 15 -27.13 28.06 41.84
N ILE R 16 -26.48 29.23 41.63
CA ILE R 16 -26.73 30.44 42.39
C ILE R 16 -28.12 31.01 42.23
N ILE R 17 -28.81 30.80 41.09
CA ILE R 17 -30.16 31.28 40.91
C ILE R 17 -31.14 30.33 41.54
N GLU R 18 -30.81 29.03 41.61
CA GLU R 18 -31.72 28.01 42.08
C GLU R 18 -31.98 28.11 43.57
N LYS R 19 -30.93 28.35 44.37
CA LYS R 19 -31.04 28.21 45.81
C LYS R 19 -31.24 29.53 46.50
N TYR R 20 -31.17 30.64 45.74
CA TYR R 20 -31.38 31.96 46.28
C TYR R 20 -32.24 32.67 45.27
N TYR R 21 -33.33 32.00 44.86
CA TYR R 21 -34.26 32.46 43.86
C TYR R 21 -34.96 33.73 44.29
N THR R 22 -35.35 33.80 45.58
CA THR R 22 -36.16 34.88 46.11
C THR R 22 -35.32 36.01 46.64
N ARG R 23 -34.02 36.02 46.31
CA ARG R 23 -33.09 37.00 46.80
C ARG R 23 -32.54 37.79 45.65
N LEU R 24 -33.12 37.64 44.43
CA LEU R 24 -32.63 38.32 43.26
C LEU R 24 -33.66 39.31 42.84
N GLY R 25 -33.16 40.45 42.33
CA GLY R 25 -33.94 41.48 41.72
C GLY R 25 -33.98 41.22 40.25
N ASN R 26 -34.01 42.32 39.46
CA ASN R 26 -33.84 42.29 38.04
C ASN R 26 -32.98 43.47 37.71
N ASP R 27 -32.09 43.85 38.65
CA ASP R 27 -31.13 44.90 38.52
C ASP R 27 -29.80 44.25 38.69
N PHE R 28 -28.79 44.76 37.92
CA PHE R 28 -27.41 44.31 37.92
C PHE R 28 -26.79 44.52 39.27
N HIS R 29 -26.85 45.76 39.80
CA HIS R 29 -26.09 46.20 40.94
C HIS R 29 -26.46 45.47 42.20
N THR R 30 -27.78 45.22 42.41
CA THR R 30 -28.26 44.50 43.57
C THR R 30 -27.81 43.06 43.54
N ASN R 31 -27.91 42.41 42.37
CA ASN R 31 -27.57 41.02 42.19
C ASN R 31 -26.09 40.79 42.27
N LYS R 32 -25.27 41.84 42.04
CA LYS R 32 -23.84 41.82 42.15
C LYS R 32 -23.45 41.68 43.60
N ARG R 33 -23.92 42.62 44.45
CA ARG R 33 -23.62 42.68 45.86
C ARG R 33 -24.07 41.46 46.62
N VAL R 34 -25.18 40.83 46.17
CA VAL R 34 -25.71 39.61 46.75
C VAL R 34 -24.77 38.46 46.54
N CYS R 35 -24.25 38.25 45.31
CA CYS R 35 -23.33 37.17 44.99
C CYS R 35 -22.04 37.22 45.77
N GLU R 36 -21.59 38.45 46.13
CA GLU R 36 -20.41 38.65 46.91
C GLU R 36 -20.58 38.18 48.33
N GLU R 37 -21.83 38.24 48.84
CA GLU R 37 -22.11 38.05 50.24
C GLU R 37 -22.54 36.64 50.50
N ILE R 38 -23.35 36.02 49.59
CA ILE R 38 -23.82 34.66 49.81
C ILE R 38 -22.81 33.63 49.43
N ALA R 39 -21.67 34.01 48.84
CA ALA R 39 -20.71 33.03 48.41
C ALA R 39 -19.42 33.74 48.19
N ILE R 40 -18.31 32.96 48.26
CA ILE R 40 -16.99 33.41 47.88
C ILE R 40 -16.97 33.55 46.39
N ILE R 41 -16.29 34.59 45.86
CA ILE R 41 -16.01 34.69 44.46
C ILE R 41 -14.52 34.94 44.43
N PRO R 42 -13.68 34.17 43.73
CA PRO R 42 -12.24 34.34 43.85
C PRO R 42 -11.70 35.58 43.17
N SER R 43 -12.53 36.31 42.39
CA SER R 43 -12.11 37.54 41.79
C SER R 43 -13.29 38.48 41.80
N LYS R 44 -13.05 39.72 41.33
CA LYS R 44 -14.01 40.78 41.26
C LYS R 44 -14.55 40.80 39.86
N LYS R 45 -13.66 40.65 38.85
CA LYS R 45 -14.04 40.68 37.46
C LYS R 45 -14.90 39.50 37.11
N LEU R 46 -14.57 38.32 37.65
CA LEU R 46 -15.35 37.10 37.52
C LEU R 46 -16.73 37.26 38.09
N ARG R 47 -16.85 37.96 39.24
CA ARG R 47 -18.13 38.27 39.86
C ARG R 47 -19.00 39.10 38.97
N ASN R 48 -18.44 40.15 38.33
CA ASN R 48 -19.18 41.06 37.48
C ASN R 48 -19.75 40.40 36.26
N LYS R 49 -19.20 39.24 35.84
CA LYS R 49 -19.71 38.50 34.71
C LYS R 49 -20.82 37.62 35.17
N ILE R 50 -20.57 36.79 36.23
CA ILE R 50 -21.49 35.77 36.68
C ILE R 50 -22.79 36.36 37.16
N ALA R 51 -22.74 37.57 37.76
CA ALA R 51 -23.89 38.35 38.18
C ALA R 51 -24.76 38.71 37.02
N GLY R 52 -24.15 39.15 35.90
CA GLY R 52 -24.84 39.65 34.75
C GLY R 52 -25.59 38.58 34.01
N TYR R 53 -25.13 37.30 34.12
CA TYR R 53 -25.77 36.18 33.49
C TYR R 53 -26.87 35.67 34.40
N VAL R 54 -26.63 35.64 35.73
CA VAL R 54 -27.65 35.37 36.74
C VAL R 54 -28.84 36.29 36.59
N THR R 55 -28.59 37.59 36.32
CA THR R 55 -29.60 38.58 35.99
C THR R 55 -30.36 38.18 34.76
N HIS R 56 -29.65 37.77 33.69
CA HIS R 56 -30.24 37.48 32.40
C HIS R 56 -31.11 36.25 32.42
N LEU R 57 -30.84 35.31 33.35
CA LEU R 57 -31.61 34.11 33.52
C LEU R 57 -32.89 34.47 34.21
N MET R 58 -32.81 35.34 35.23
CA MET R 58 -33.92 35.72 36.07
C MET R 58 -35.01 36.45 35.31
N LYS R 59 -34.66 37.11 34.19
CA LYS R 59 -35.63 37.71 33.31
C LYS R 59 -36.56 36.73 32.63
N ARG R 60 -36.02 35.59 32.17
CA ARG R 60 -36.74 34.62 31.37
C ARG R 60 -37.50 33.67 32.23
N ILE R 61 -37.04 33.44 33.48
CA ILE R 61 -37.59 32.41 34.33
C ILE R 61 -38.96 32.80 34.85
N GLN R 62 -39.25 34.12 34.85
CA GLN R 62 -40.56 34.67 35.18
C GLN R 62 -41.49 34.66 34.00
N ARG R 63 -41.10 34.05 32.86
CA ARG R 63 -41.95 33.86 31.72
C ARG R 63 -42.11 32.39 31.46
N GLY R 64 -41.67 31.52 32.41
CA GLY R 64 -41.77 30.09 32.27
C GLY R 64 -40.40 29.50 32.27
N PRO R 65 -40.33 28.17 32.28
CA PRO R 65 -39.15 27.42 32.67
C PRO R 65 -38.12 27.44 31.58
N VAL R 66 -36.83 27.34 31.98
CA VAL R 66 -35.70 27.23 31.09
C VAL R 66 -35.16 25.89 31.47
N ARG R 67 -34.81 25.06 30.46
CA ARG R 67 -34.43 23.68 30.69
C ARG R 67 -33.11 23.57 31.40
N GLY R 68 -33.00 22.56 32.28
CA GLY R 68 -31.83 22.28 33.09
C GLY R 68 -31.78 23.07 34.37
N ILE R 69 -32.78 23.95 34.63
CA ILE R 69 -32.78 24.78 35.80
C ILE R 69 -34.22 24.80 36.26
N SER R 70 -34.43 24.37 37.53
CA SER R 70 -35.75 24.14 38.07
C SER R 70 -35.75 24.84 39.39
N ILE R 71 -36.61 25.88 39.50
CA ILE R 71 -36.93 26.55 40.73
C ILE R 71 -38.12 25.86 41.34
N LYS R 72 -38.44 26.25 42.59
CA LYS R 72 -39.36 25.54 43.45
C LYS R 72 -40.77 25.74 42.99
N LEU R 73 -41.15 27.00 42.71
CA LEU R 73 -42.50 27.39 42.38
C LEU R 73 -43.00 26.86 41.05
N GLN R 74 -42.07 26.58 40.10
CA GLN R 74 -42.40 25.91 38.87
C GLN R 74 -42.69 24.44 39.06
N GLU R 75 -41.94 23.77 39.97
CA GLU R 75 -42.12 22.37 40.29
C GLU R 75 -43.34 22.16 41.14
N GLU R 76 -43.79 23.23 41.85
CA GLU R 76 -45.06 23.30 42.52
C GLU R 76 -46.17 23.23 41.51
N GLU R 77 -46.21 24.18 40.54
CA GLU R 77 -47.26 24.21 39.54
C GLU R 77 -47.26 23.01 38.63
N ARG R 78 -46.08 22.39 38.34
CA ARG R 78 -45.98 21.11 37.69
C ARG R 78 -46.79 20.02 38.36
N GLU R 79 -46.66 19.90 39.70
CA GLU R 79 -47.34 18.89 40.48
C GLU R 79 -48.81 19.20 40.50
N ARG R 80 -49.16 20.51 40.57
CA ARG R 80 -50.51 20.99 40.67
C ARG R 80 -51.33 20.69 39.42
N ARG R 81 -50.69 20.70 38.24
CA ARG R 81 -51.31 20.25 37.01
C ARG R 81 -51.36 18.75 36.89
N ASP R 82 -50.48 18.02 37.61
CA ASP R 82 -50.29 16.61 37.37
C ASP R 82 -51.14 15.79 38.30
N ASN R 83 -51.56 16.34 39.46
CA ASN R 83 -52.52 15.69 40.31
C ASN R 83 -53.92 15.78 39.78
N TYR R 84 -54.16 16.75 38.87
CA TYR R 84 -55.41 16.91 38.18
C TYR R 84 -55.25 18.21 37.46
N VAL R 85 -55.51 18.21 36.14
CA VAL R 85 -55.57 19.42 35.34
C VAL R 85 -56.97 19.95 35.58
N PRO R 86 -57.28 21.24 35.42
CA PRO R 86 -58.56 21.79 35.83
C PRO R 86 -59.73 21.20 35.06
N GLU R 87 -59.46 20.69 33.83
CA GLU R 87 -60.43 20.20 32.87
C GLU R 87 -61.16 18.99 33.41
N VAL R 88 -62.45 18.86 33.01
CA VAL R 88 -63.44 17.90 33.46
C VAL R 88 -63.03 16.45 33.37
N SER R 89 -63.66 15.61 34.23
CA SER R 89 -63.70 14.18 34.08
C SER R 89 -64.87 13.79 33.25
N ALA R 90 -64.62 12.86 32.29
CA ALA R 90 -65.56 12.44 31.29
C ALA R 90 -64.79 11.64 30.30
N LEU R 91 -65.45 10.60 29.74
CA LEU R 91 -64.82 9.60 28.93
C LEU R 91 -65.88 9.12 27.97
N ASP R 92 -66.14 9.85 26.84
CA ASP R 92 -65.79 11.23 26.59
C ASP R 92 -67.09 11.99 26.47
N GLN R 93 -68.22 11.26 26.51
CA GLN R 93 -69.53 11.83 26.72
C GLN R 93 -70.43 10.72 27.17
N GLU R 94 -69.88 9.48 27.30
CA GLU R 94 -70.51 8.34 27.92
C GLU R 94 -71.45 7.68 26.95
N ILE R 95 -71.13 7.75 25.64
CA ILE R 95 -71.94 7.20 24.58
C ILE R 95 -70.90 6.65 23.64
N ILE R 96 -71.15 5.44 23.08
CA ILE R 96 -70.29 4.84 22.09
C ILE R 96 -71.04 4.75 20.80
N GLU R 97 -70.33 5.06 19.70
CA GLU R 97 -70.85 5.03 18.35
C GLU R 97 -69.96 4.08 17.63
N VAL R 98 -70.56 3.14 16.86
CA VAL R 98 -69.87 2.02 16.27
C VAL R 98 -70.25 1.99 14.82
N ASP R 99 -69.61 1.08 14.06
CA ASP R 99 -69.70 1.00 12.63
C ASP R 99 -69.91 -0.46 12.33
N PRO R 100 -70.23 -0.89 11.10
CA PRO R 100 -70.49 -2.28 10.83
C PRO R 100 -69.21 -3.08 10.95
N ASP R 101 -69.28 -4.25 11.62
CA ASP R 101 -68.17 -5.12 11.94
C ASP R 101 -67.32 -4.60 13.07
N THR R 102 -67.82 -3.60 13.83
CA THR R 102 -67.33 -3.29 15.15
C THR R 102 -68.33 -3.94 16.06
N LYS R 103 -69.61 -3.88 15.63
CA LYS R 103 -70.74 -4.52 16.25
C LYS R 103 -70.62 -6.01 16.23
N GLU R 104 -69.96 -6.57 15.18
CA GLU R 104 -69.76 -7.99 15.00
C GLU R 104 -68.75 -8.52 15.99
N MET R 105 -67.73 -7.70 16.32
CA MET R 105 -66.77 -7.98 17.34
C MET R 105 -67.42 -8.08 18.69
N LEU R 106 -68.37 -7.16 18.97
CA LEU R 106 -69.05 -7.02 20.23
C LEU R 106 -69.98 -8.17 20.50
N LYS R 107 -70.53 -8.81 19.43
CA LYS R 107 -71.28 -10.05 19.52
C LYS R 107 -70.41 -11.17 20.03
N LEU R 108 -69.11 -11.13 19.66
CA LEU R 108 -68.16 -12.17 19.95
C LEU R 108 -67.40 -11.83 21.21
N LEU R 109 -67.88 -10.79 21.95
CA LEU R 109 -67.40 -10.46 23.26
C LEU R 109 -68.47 -10.91 24.21
N ASP R 110 -69.66 -11.26 23.65
CA ASP R 110 -70.82 -11.80 24.32
C ASP R 110 -71.49 -10.70 25.09
N PHE R 111 -71.65 -9.53 24.45
CA PHE R 111 -72.33 -8.39 25.00
C PHE R 111 -73.04 -7.69 23.89
N GLY R 112 -73.84 -6.66 24.26
CA GLY R 112 -74.68 -5.96 23.33
C GLY R 112 -75.46 -4.97 24.15
N SER R 113 -75.02 -3.70 24.14
CA SER R 113 -75.63 -2.67 24.93
C SER R 113 -75.42 -1.38 24.19
N LEU R 114 -76.42 -0.46 24.27
CA LEU R 114 -76.33 0.94 23.89
C LEU R 114 -75.99 1.11 22.44
N SER R 115 -76.81 0.47 21.56
CA SER R 115 -76.58 0.40 20.13
C SER R 115 -76.70 1.75 19.48
N ASN R 116 -75.74 2.03 18.56
CA ASN R 116 -75.76 3.16 17.67
C ASN R 116 -75.10 2.63 16.44
N LEU R 117 -75.11 3.40 15.33
CA LEU R 117 -74.49 2.95 14.11
C LEU R 117 -74.13 4.18 13.34
N GLN R 118 -73.10 4.05 12.47
CA GLN R 118 -72.80 4.99 11.43
C GLN R 118 -72.26 4.14 10.33
N VAL R 119 -72.71 4.38 9.07
CA VAL R 119 -72.51 3.45 7.98
C VAL R 119 -71.40 4.01 7.14
N THR R 120 -70.40 3.15 6.84
CA THR R 120 -69.14 3.53 6.24
C THR R 120 -69.18 3.24 4.76
N GLN R 121 -68.20 3.81 4.01
CA GLN R 121 -68.23 3.88 2.57
C GLN R 121 -67.02 3.12 2.10
N PRO R 122 -67.09 2.16 1.17
CA PRO R 122 -66.02 1.78 0.25
C PRO R 122 -65.26 2.95 -0.34
N THR R 123 -63.91 2.92 -0.49
CA THR R 123 -62.98 1.88 -0.11
C THR R 123 -61.67 2.61 0.13
N VAL R 124 -60.63 1.89 0.63
CA VAL R 124 -59.40 2.43 1.16
C VAL R 124 -58.72 3.27 0.12
N GLY R 125 -58.30 4.49 0.50
CA GLY R 125 -57.77 5.47 -0.43
C GLY R 125 -58.92 5.98 -1.25
N MET R 126 -58.96 5.57 -2.54
CA MET R 126 -59.91 6.06 -3.51
C MET R 126 -61.26 5.38 -3.21
N VAL S 1 6.02 97.90 30.41
CA VAL S 1 5.42 96.58 30.66
C VAL S 1 6.45 95.58 31.08
N THR S 2 5.99 94.38 31.49
CA THR S 2 6.82 93.19 31.61
C THR S 2 7.13 92.74 30.20
N VAL S 3 8.32 92.14 29.98
CA VAL S 3 8.79 91.80 28.66
C VAL S 3 7.99 90.65 28.09
N LYS S 4 7.27 89.92 28.97
CA LYS S 4 6.37 88.85 28.63
C LYS S 4 5.19 89.35 27.83
N ASP S 5 4.73 90.60 28.08
CA ASP S 5 3.51 91.13 27.49
C ASP S 5 3.70 91.50 26.04
N VAL S 6 4.97 91.66 25.60
CA VAL S 6 5.28 92.09 24.25
C VAL S 6 5.81 90.87 23.59
N ASN S 7 5.78 90.87 22.24
CA ASN S 7 6.47 89.90 21.42
C ASN S 7 7.95 89.86 21.71
N GLN S 8 8.58 88.67 21.56
CA GLN S 8 9.93 88.48 22.03
C GLN S 8 10.86 88.41 20.86
N GLN S 9 10.37 88.01 19.66
CA GLN S 9 11.13 88.14 18.44
C GLN S 9 11.42 89.58 18.11
N GLU S 10 10.47 90.48 18.46
CA GLU S 10 10.58 91.90 18.23
C GLU S 10 11.40 92.57 19.28
N PHE S 11 11.26 92.12 20.56
CA PHE S 11 11.97 92.61 21.73
C PHE S 11 13.45 92.66 21.55
N VAL S 12 14.07 91.52 21.15
CA VAL S 12 15.50 91.34 21.04
C VAL S 12 16.09 92.22 19.96
N ARG S 13 15.40 92.37 18.82
CA ARG S 13 15.87 93.07 17.65
C ARG S 13 15.87 94.57 17.88
N ALA S 14 15.18 95.02 18.95
CA ALA S 14 15.17 96.39 19.42
C ALA S 14 16.11 96.58 20.58
N LEU S 15 16.41 95.53 21.37
CA LEU S 15 17.29 95.60 22.50
C LEU S 15 18.72 95.63 22.01
N ALA S 16 19.00 94.90 20.91
CA ALA S 16 20.27 94.90 20.23
C ALA S 16 20.58 96.27 19.69
N ALA S 17 19.56 96.93 19.11
CA ALA S 17 19.68 98.24 18.51
C ALA S 17 19.98 99.30 19.53
N PHE S 18 19.39 99.20 20.74
CA PHE S 18 19.58 100.11 21.87
C PHE S 18 21.04 100.19 22.26
N LEU S 19 21.70 99.02 22.37
CA LEU S 19 23.07 98.91 22.81
C LEU S 19 23.99 99.51 21.80
N LYS S 20 23.77 99.18 20.51
CA LYS S 20 24.60 99.64 19.42
C LYS S 20 24.51 101.13 19.19
N LYS S 21 23.36 101.75 19.56
CA LYS S 21 23.18 103.18 19.51
C LYS S 21 23.99 103.90 20.55
N SER S 22 24.04 103.35 21.79
CA SER S 22 24.53 104.05 22.95
C SER S 22 26.02 103.92 23.12
N GLY S 23 26.71 103.27 22.15
CA GLY S 23 28.14 103.07 22.20
C GLY S 23 28.52 101.97 23.14
N LYS S 24 27.51 101.25 23.70
CA LYS S 24 27.65 100.22 24.69
C LYS S 24 28.36 99.00 24.16
N LEU S 25 28.97 98.25 25.11
CA LEU S 25 29.61 96.97 24.97
C LEU S 25 31.05 97.14 24.64
N LYS S 26 31.83 96.09 24.97
CA LYS S 26 33.20 95.91 24.61
C LYS S 26 33.19 94.65 23.81
N VAL S 27 33.81 94.67 22.61
CA VAL S 27 33.59 93.67 21.59
C VAL S 27 34.93 92.98 21.45
N PRO S 28 35.03 91.65 21.40
CA PRO S 28 36.24 90.89 21.09
C PRO S 28 36.94 91.30 19.83
N GLU S 29 38.23 90.93 19.71
CA GLU S 29 39.04 91.12 18.52
C GLU S 29 38.50 90.28 17.38
N TRP S 30 38.15 89.00 17.70
CA TRP S 30 37.65 88.02 16.76
C TRP S 30 36.21 88.33 16.48
N VAL S 31 35.87 88.61 15.20
CA VAL S 31 34.56 89.06 14.85
C VAL S 31 34.35 88.86 13.35
N ASP S 32 35.34 88.25 12.66
CA ASP S 32 35.31 88.05 11.22
C ASP S 32 36.10 86.82 10.96
N THR S 33 36.07 85.86 11.92
CA THR S 33 36.88 84.67 11.85
C THR S 33 36.17 83.62 12.68
N VAL S 34 34.89 83.87 13.03
CA VAL S 34 34.25 83.18 14.12
C VAL S 34 33.13 82.40 13.49
N LYS S 35 33.07 81.07 13.75
CA LYS S 35 32.02 80.22 13.25
C LYS S 35 30.72 80.49 13.92
N LEU S 36 30.75 80.70 15.26
CA LEU S 36 29.62 81.05 16.10
C LEU S 36 28.79 79.81 16.29
N ALA S 37 29.39 78.85 17.03
CA ALA S 37 28.87 77.56 17.42
C ALA S 37 29.54 76.50 16.60
N LYS S 38 29.79 75.36 17.25
CA LYS S 38 30.50 74.20 16.75
C LYS S 38 29.79 73.56 15.58
N HIS S 39 28.45 73.47 15.65
CA HIS S 39 27.64 72.76 14.69
C HIS S 39 27.43 73.52 13.41
N LYS S 40 27.69 74.85 13.42
CA LYS S 40 27.56 75.69 12.25
C LYS S 40 28.62 75.36 11.23
N GLU S 41 28.27 75.56 9.94
CA GLU S 41 29.11 75.26 8.82
C GLU S 41 29.73 76.53 8.29
N LEU S 42 29.14 77.70 8.60
CA LEU S 42 29.59 78.95 8.04
C LEU S 42 29.55 79.99 9.13
N ALA S 43 30.33 81.07 8.93
CA ALA S 43 30.32 82.30 9.69
C ALA S 43 28.99 83.00 9.59
N PRO S 44 28.57 83.83 10.56
CA PRO S 44 27.38 84.67 10.52
C PRO S 44 27.19 85.44 9.23
N TYR S 45 25.91 85.65 8.84
CA TYR S 45 25.54 86.57 7.80
C TYR S 45 25.62 88.00 8.26
N ASP S 46 25.65 88.24 9.59
CA ASP S 46 25.58 89.56 10.15
C ASP S 46 26.82 89.83 10.95
N GLU S 47 27.34 91.07 10.84
CA GLU S 47 28.53 91.54 11.53
C GLU S 47 28.20 92.00 12.92
N ASN S 48 26.89 92.22 13.18
CA ASN S 48 26.38 92.77 14.42
C ASN S 48 25.97 91.66 15.34
N TRP S 49 26.55 90.44 15.16
CA TRP S 49 26.17 89.26 15.88
C TRP S 49 26.44 89.36 17.36
N PHE S 50 27.50 90.10 17.78
CA PHE S 50 27.82 90.30 19.17
C PHE S 50 26.71 91.04 19.89
N TYR S 51 26.18 92.13 19.27
CA TYR S 51 25.05 92.90 19.74
C TYR S 51 23.80 92.08 19.81
N THR S 52 23.63 91.17 18.83
CA THR S 52 22.43 90.37 18.66
C THR S 52 22.36 89.34 19.72
N ARG S 53 23.52 88.76 20.11
CA ARG S 53 23.54 87.64 21.02
C ARG S 53 23.41 88.18 22.42
N ALA S 54 23.89 89.41 22.66
CA ALA S 54 23.78 90.08 23.93
C ALA S 54 22.36 90.43 24.26
N ALA S 55 21.53 90.70 23.23
CA ALA S 55 20.12 90.91 23.38
C ALA S 55 19.43 89.71 23.96
N SER S 56 19.62 88.54 23.31
CA SER S 56 19.01 87.27 23.67
C SER S 56 19.50 86.75 25.01
N THR S 57 20.76 87.05 25.38
CA THR S 57 21.34 86.76 26.68
C THR S 57 20.59 87.45 27.78
N ALA S 58 20.45 88.79 27.67
CA ALA S 58 19.87 89.60 28.71
C ALA S 58 18.41 89.31 28.92
N ARG S 59 17.71 88.88 27.85
CA ARG S 59 16.32 88.51 27.89
C ARG S 59 16.10 87.30 28.78
N HIS S 60 16.91 86.23 28.57
CA HIS S 60 16.85 85.00 29.33
C HIS S 60 17.12 85.17 30.79
N LEU S 61 17.98 86.14 31.16
CA LEU S 61 18.32 86.39 32.54
C LEU S 61 17.14 86.94 33.30
N TYR S 62 16.30 87.79 32.65
CA TYR S 62 15.02 88.22 33.20
C TYR S 62 14.08 87.08 33.52
N LEU S 63 14.03 86.04 32.65
CA LEU S 63 13.05 85.00 32.76
C LEU S 63 13.45 83.97 33.78
N ARG S 64 14.63 83.33 33.58
CA ARG S 64 15.09 82.25 34.41
C ARG S 64 16.01 82.89 35.40
N GLY S 65 16.39 82.15 36.46
CA GLY S 65 17.03 82.71 37.62
C GLY S 65 18.49 82.99 37.40
N GLY S 66 19.01 82.65 36.19
CA GLY S 66 20.34 82.96 35.77
C GLY S 66 21.22 81.82 36.16
N ALA S 67 22.19 81.50 35.27
CA ALA S 67 23.08 80.41 35.49
C ALA S 67 24.26 80.69 34.62
N GLY S 68 25.31 79.89 34.80
CA GLY S 68 26.62 80.11 34.24
C GLY S 68 26.71 79.88 32.77
N VAL S 69 27.98 79.85 32.29
CA VAL S 69 28.41 79.85 30.91
C VAL S 69 27.93 78.59 30.22
N GLY S 70 27.81 77.49 31.00
CA GLY S 70 27.41 76.19 30.54
C GLY S 70 25.99 76.22 30.08
N SER S 71 25.09 76.83 30.87
CA SER S 71 23.66 76.82 30.61
C SER S 71 23.37 77.66 29.38
N MET S 72 24.10 78.79 29.18
CA MET S 72 23.92 79.67 28.04
C MET S 72 24.19 78.97 26.75
N THR S 73 25.23 78.11 26.73
CA THR S 73 25.61 77.29 25.60
C THR S 73 24.55 76.27 25.27
N LYS S 74 23.96 75.62 26.31
CA LYS S 74 22.91 74.62 26.20
C LYS S 74 21.64 75.15 25.56
N ILE S 75 21.32 76.43 25.82
CA ILE S 75 20.21 77.15 25.23
C ILE S 75 20.43 77.37 23.75
N TYR S 76 21.69 77.45 23.31
CA TYR S 76 22.04 77.87 21.97
C TYR S 76 22.29 76.69 21.08
N GLY S 77 22.72 75.54 21.65
CA GLY S 77 23.05 74.34 20.90
C GLY S 77 21.89 73.81 20.12
N GLY S 78 22.17 73.15 18.98
CA GLY S 78 21.14 72.58 18.15
C GLY S 78 21.69 71.35 17.52
N ARG S 79 21.21 71.05 16.30
CA ARG S 79 21.45 69.80 15.64
C ARG S 79 22.65 69.97 14.75
N GLN S 80 23.47 68.91 14.66
CA GLN S 80 24.70 68.86 13.93
C GLN S 80 24.53 67.76 12.91
N ARG S 81 24.57 68.13 11.62
CA ARG S 81 24.60 67.18 10.53
C ARG S 81 26.01 66.62 10.47
N ASN S 82 26.14 65.30 10.17
CA ASN S 82 27.41 64.63 10.17
C ASN S 82 27.66 63.98 8.85
N GLY S 83 26.95 64.43 7.79
CA GLY S 83 27.13 63.92 6.46
C GLY S 83 26.45 62.59 6.32
N VAL S 84 27.25 61.55 5.99
CA VAL S 84 26.80 60.19 5.83
C VAL S 84 26.28 59.59 7.12
N MET S 85 26.94 59.87 8.27
CA MET S 85 26.50 59.47 9.59
C MET S 85 25.24 60.21 9.97
N PRO S 86 24.33 59.67 10.77
CA PRO S 86 23.11 60.34 11.16
C PRO S 86 23.42 61.37 12.22
N SER S 87 22.59 62.43 12.27
CA SER S 87 22.61 63.57 13.17
C SER S 87 22.87 63.28 14.63
N HIS S 88 23.33 64.32 15.36
CA HIS S 88 23.41 64.33 16.80
C HIS S 88 23.24 65.74 17.25
N PHE S 89 22.95 65.91 18.56
CA PHE S 89 22.85 67.18 19.25
C PHE S 89 24.26 67.56 19.63
N SER S 90 24.50 68.86 19.80
CA SER S 90 25.74 69.34 20.33
C SER S 90 25.47 70.71 20.85
N ARG S 91 26.43 71.23 21.63
CA ARG S 91 26.35 72.48 22.31
C ARG S 91 27.49 73.24 21.72
N GLY S 92 27.22 74.52 21.36
CA GLY S 92 28.13 75.40 20.65
C GLY S 92 29.34 75.83 21.43
N SER S 93 29.81 77.07 21.10
CA SER S 93 31.04 77.65 21.60
C SER S 93 30.88 78.04 23.05
N LYS S 94 32.01 78.36 23.73
CA LYS S 94 31.97 78.84 25.09
C LYS S 94 32.55 80.19 25.13
N SER S 95 33.73 80.41 24.50
CA SER S 95 34.49 81.63 24.67
C SER S 95 33.79 82.85 24.12
N VAL S 96 32.83 82.68 23.16
CA VAL S 96 31.99 83.76 22.69
C VAL S 96 31.00 84.18 23.75
N ALA S 97 30.32 83.21 24.40
CA ALA S 97 29.30 83.46 25.40
C ALA S 97 29.88 84.05 26.66
N ARG S 98 31.12 83.66 27.01
CA ARG S 98 31.84 84.15 28.15
C ARG S 98 32.26 85.60 28.00
N ARG S 99 32.38 86.08 26.74
CA ARG S 99 32.70 87.46 26.43
C ARG S 99 31.45 88.27 26.39
N VAL S 100 30.34 87.71 25.87
CA VAL S 100 29.01 88.31 25.87
C VAL S 100 28.61 88.71 27.27
N LEU S 101 28.61 87.73 28.22
CA LEU S 101 28.20 87.92 29.58
C LEU S 101 29.09 88.90 30.30
N GLN S 102 30.41 88.87 30.01
CA GLN S 102 31.38 89.77 30.59
C GLN S 102 31.28 91.18 30.08
N ALA S 103 30.76 91.39 28.85
CA ALA S 103 30.60 92.69 28.24
C ALA S 103 29.41 93.40 28.81
N LEU S 104 28.32 92.63 29.04
CA LEU S 104 27.12 93.06 29.72
C LEU S 104 27.42 93.47 31.13
N GLU S 105 28.24 92.66 31.82
CA GLU S 105 28.67 92.84 33.18
C GLU S 105 29.56 94.04 33.35
N GLY S 106 30.29 94.43 32.27
CA GLY S 106 31.08 95.65 32.19
C GLY S 106 30.28 96.91 32.26
N LEU S 107 29.00 96.84 31.82
CA LEU S 107 28.06 97.95 31.87
C LEU S 107 27.30 97.87 33.16
N LYS S 108 27.46 96.74 33.90
CA LYS S 108 26.82 96.42 35.15
C LYS S 108 25.34 96.28 34.96
N MET S 109 24.95 95.53 33.90
CA MET S 109 23.61 95.05 33.71
C MET S 109 23.52 93.60 34.04
N VAL S 110 24.66 92.97 34.41
CA VAL S 110 24.69 91.61 34.84
C VAL S 110 25.71 91.67 35.95
N GLU S 111 25.84 90.59 36.76
CA GLU S 111 26.74 90.53 37.86
C GLU S 111 26.75 89.11 38.29
N LYS S 112 27.91 88.59 38.76
CA LYS S 112 27.98 87.32 39.45
C LYS S 112 27.31 87.47 40.80
N ASP S 113 26.07 86.97 40.94
CA ASP S 113 25.29 87.11 42.13
C ASP S 113 25.32 85.80 42.86
N GLN S 114 24.63 85.76 44.03
CA GLN S 114 24.49 84.70 44.99
C GLN S 114 24.46 83.31 44.40
N ASP S 115 25.23 82.40 45.02
CA ASP S 115 25.37 81.01 44.63
C ASP S 115 26.05 80.89 43.29
N TRP S 116 27.15 81.68 43.13
CA TRP S 116 28.15 81.56 42.09
C TRP S 116 27.62 81.33 40.69
N GLY S 117 27.10 82.40 40.04
CA GLY S 117 26.46 82.28 38.77
C GLY S 117 25.93 83.64 38.48
N ARG S 118 25.82 84.03 37.19
CA ARG S 118 25.32 85.34 36.86
C ARG S 118 23.83 85.46 37.11
N LYS S 119 23.42 86.69 37.51
CA LYS S 119 22.07 87.13 37.68
C LYS S 119 22.04 88.52 37.11
N LEU S 120 20.86 89.04 36.68
CA LEU S 120 20.75 90.36 36.12
C LEU S 120 20.57 91.39 37.22
N THR S 121 21.33 92.50 37.11
CA THR S 121 21.45 93.59 38.08
C THR S 121 20.10 94.27 38.19
N PRO S 122 19.64 94.87 39.29
CA PRO S 122 18.40 95.60 39.36
C PRO S 122 18.32 96.78 38.41
N GLN S 123 19.46 97.47 38.16
CA GLN S 123 19.64 98.46 37.13
C GLN S 123 19.39 97.91 35.75
N GLY S 124 19.84 96.66 35.50
CA GLY S 124 19.62 95.91 34.28
C GLY S 124 18.17 95.62 34.03
N GLN S 125 17.45 95.16 35.09
CA GLN S 125 16.05 94.80 35.03
C GLN S 125 15.20 96.01 34.74
N ARG S 126 15.68 97.18 35.19
CA ARG S 126 15.07 98.46 34.94
C ARG S 126 15.07 98.83 33.48
N ASP S 127 16.19 98.56 32.77
CA ASP S 127 16.43 99.02 31.42
C ASP S 127 15.70 98.17 30.43
N LEU S 128 15.49 96.88 30.74
CA LEU S 128 14.75 95.95 29.91
C LEU S 128 13.33 96.41 29.81
N ASP S 129 12.67 96.56 30.97
CA ASP S 129 11.29 96.99 31.06
C ASP S 129 11.08 98.40 30.59
N ARG S 130 12.15 99.22 30.56
CA ARG S 130 12.11 100.58 30.06
C ARG S 130 11.86 100.63 28.57
N ILE S 131 12.49 99.73 27.77
CA ILE S 131 12.29 99.73 26.34
C ILE S 131 11.20 98.76 25.99
N ALA S 132 10.78 97.88 26.93
CA ALA S 132 9.71 96.93 26.76
C ALA S 132 8.41 97.61 26.51
N GLY S 133 8.17 98.75 27.19
CA GLY S 133 6.99 99.54 26.98
C GLY S 133 7.10 100.38 25.74
N GLN S 134 8.34 100.75 25.30
CA GLN S 134 8.53 101.45 24.05
C GLN S 134 8.12 100.64 22.85
N VAL S 135 8.30 99.29 22.88
CA VAL S 135 7.82 98.38 21.85
C VAL S 135 6.31 98.40 21.75
N ALA S 136 5.59 98.30 22.90
CA ALA S 136 4.16 98.30 22.89
C ALA S 136 3.57 99.65 22.55
N ALA S 137 4.24 100.75 22.97
CA ALA S 137 3.91 102.10 22.60
C ALA S 137 4.07 102.39 21.13
N ALA S 138 5.07 101.74 20.48
CA ALA S 138 5.47 102.06 19.14
C ALA S 138 4.49 101.52 18.14
N LYS S 139 4.38 100.18 18.06
CA LYS S 139 3.64 99.53 17.01
C LYS S 139 2.22 99.40 17.49
N LYS S 140 1.95 98.32 18.25
CA LYS S 140 0.92 98.21 19.27
C LYS S 140 0.67 96.74 19.38
N LYS S 141 0.94 96.18 20.58
CA LYS S 141 0.63 94.80 20.90
C LYS S 141 -0.74 94.80 21.59
N ALA T 1 17.64 64.56 74.15
CA ALA T 1 16.48 65.47 74.02
C ALA T 1 15.55 65.04 72.92
N ILE T 2 14.55 65.89 72.60
CA ILE T 2 13.64 65.70 71.49
C ILE T 2 14.37 66.04 70.22
N HIS T 3 14.58 65.02 69.36
CA HIS T 3 15.29 65.21 68.12
C HIS T 3 14.36 64.79 67.03
N ARG T 4 14.35 65.56 65.90
CA ARG T 4 13.66 65.22 64.69
C ARG T 4 14.32 64.03 64.06
N ILE T 5 13.71 62.83 64.19
CA ILE T 5 14.31 61.58 63.80
C ILE T 5 13.50 61.00 62.68
N ARG T 6 14.18 60.59 61.57
CA ARG T 6 13.51 60.14 60.37
C ARG T 6 13.81 58.69 60.20
N ILE T 7 12.76 57.84 60.13
CA ILE T 7 12.86 56.41 60.00
C ILE T 7 12.51 56.06 58.58
N THR T 8 13.51 55.67 57.77
CA THR T 8 13.34 55.29 56.39
C THR T 8 13.13 53.80 56.37
N LEU T 9 12.14 53.32 55.58
CA LEU T 9 11.91 51.92 55.36
C LEU T 9 12.12 51.69 53.89
N THR T 10 12.50 50.45 53.51
CA THR T 10 12.81 50.11 52.13
C THR T 10 12.66 48.61 52.04
N SER T 11 12.10 48.08 50.93
CA SER T 11 11.83 46.67 50.80
C SER T 11 11.58 46.42 49.34
N ARG T 12 11.22 45.16 48.99
CA ARG T 12 10.93 44.72 47.65
C ARG T 12 9.54 44.18 47.58
N ASN T 13 8.80 44.19 48.71
CA ASN T 13 7.52 43.53 48.80
C ASN T 13 6.61 44.51 49.45
N VAL T 14 5.49 44.87 48.77
CA VAL T 14 4.71 46.04 49.12
C VAL T 14 3.83 45.74 50.30
N LYS T 15 3.30 44.50 50.38
CA LYS T 15 2.56 44.02 51.53
C LYS T 15 3.37 43.96 52.79
N SER T 16 4.56 43.32 52.74
CA SER T 16 5.43 43.09 53.86
C SER T 16 5.97 44.37 54.43
N LEU T 17 6.27 45.33 53.53
CA LEU T 17 6.69 46.68 53.81
C LEU T 17 5.63 47.40 54.57
N GLU T 18 4.41 47.49 54.01
CA GLU T 18 3.39 48.44 54.40
C GLU T 18 2.88 48.15 55.78
N LYS T 19 2.63 46.87 56.14
CA LYS T 19 2.19 46.50 57.46
C LYS T 19 3.19 46.82 58.54
N VAL T 20 4.51 46.78 58.23
CA VAL T 20 5.58 47.12 59.15
C VAL T 20 5.66 48.62 59.33
N CYS T 21 5.27 49.41 58.29
CA CYS T 21 5.12 50.83 58.40
C CYS T 21 4.01 51.21 59.33
N ALA T 22 2.86 50.48 59.25
CA ALA T 22 1.68 50.69 60.05
C ALA T 22 1.97 50.48 61.51
N ASP T 23 2.74 49.42 61.85
CA ASP T 23 3.24 49.09 63.17
C ASP T 23 4.05 50.19 63.80
N LEU T 24 4.94 50.84 63.02
CA LEU T 24 5.83 51.88 63.50
C LEU T 24 5.12 53.19 63.66
N ILE T 25 3.96 53.36 62.99
CA ILE T 25 3.13 54.54 63.06
C ILE T 25 2.22 54.35 64.24
N ARG T 26 1.85 53.09 64.55
CA ARG T 26 1.04 52.72 65.69
C ARG T 26 1.75 52.97 66.98
N GLY T 27 2.96 52.41 67.16
CA GLY T 27 3.78 52.50 68.34
C GLY T 27 4.12 53.93 68.70
N ALA T 28 4.14 54.82 67.68
CA ALA T 28 4.37 56.23 67.83
C ALA T 28 3.11 56.91 68.31
N LYS T 29 1.97 56.65 67.63
CA LYS T 29 0.67 57.23 67.97
C LYS T 29 0.15 56.81 69.32
N GLU T 30 0.53 55.60 69.77
CA GLU T 30 0.24 55.05 71.08
C GLU T 30 0.76 55.91 72.19
N LYS T 31 1.92 56.56 71.97
CA LYS T 31 2.59 57.36 72.98
C LYS T 31 2.46 58.81 72.62
N ASN T 32 1.72 59.12 71.52
CA ASN T 32 1.33 60.43 71.08
C ASN T 32 2.52 61.31 70.85
N LEU T 33 3.40 60.86 69.92
CA LEU T 33 4.66 61.50 69.65
C LEU T 33 4.53 62.46 68.50
N LYS T 34 3.31 62.61 67.95
CA LYS T 34 2.95 63.53 66.89
C LYS T 34 3.69 63.24 65.62
N VAL T 35 3.65 61.96 65.20
CA VAL T 35 4.35 61.40 64.07
C VAL T 35 3.64 61.83 62.81
N LYS T 36 4.33 61.71 61.65
CA LYS T 36 3.80 62.03 60.35
C LYS T 36 3.72 60.71 59.67
N GLY T 37 2.62 60.52 58.89
CA GLY T 37 2.25 59.31 58.20
C GLY T 37 3.28 58.95 57.16
N PRO T 38 3.10 57.89 56.40
CA PRO T 38 4.08 57.50 55.40
C PRO T 38 4.02 58.47 54.24
N VAL T 39 5.22 58.76 53.70
CA VAL T 39 5.40 59.58 52.55
C VAL T 39 5.97 58.60 51.60
N ARG T 40 5.12 58.09 50.68
CA ARG T 40 5.48 57.06 49.76
C ARG T 40 6.20 57.68 48.61
N MET T 41 7.43 57.19 48.34
CA MET T 41 8.35 57.76 47.40
C MET T 41 8.20 57.00 46.10
N PRO T 42 8.59 57.55 44.95
CA PRO T 42 8.53 56.87 43.67
C PRO T 42 9.25 55.54 43.64
N THR T 43 8.55 54.46 43.24
CA THR T 43 9.07 53.12 43.05
C THR T 43 9.98 53.09 41.84
N LYS T 44 11.17 52.44 41.97
CA LYS T 44 12.19 52.51 40.95
C LYS T 44 12.33 51.17 40.30
N THR T 45 12.61 51.18 38.98
CA THR T 45 12.64 50.02 38.12
C THR T 45 14.07 49.68 37.78
N LEU T 46 14.53 48.46 38.14
CA LEU T 46 15.75 47.88 37.63
C LEU T 46 15.38 47.00 36.48
N ARG T 47 15.96 47.20 35.27
CA ARG T 47 15.64 46.45 34.08
C ARG T 47 16.84 45.70 33.56
N ILE T 48 16.61 44.49 33.00
CA ILE T 48 17.62 43.67 32.36
C ILE T 48 16.91 43.07 31.17
N THR T 49 17.42 43.33 29.94
CA THR T 49 16.82 42.96 28.68
C THR T 49 17.87 42.22 27.90
N THR T 50 17.78 40.87 27.80
CA THR T 50 18.85 40.09 27.21
C THR T 50 18.26 38.95 26.41
N ARG T 51 19.11 38.31 25.56
CA ARG T 51 18.78 37.18 24.69
C ARG T 51 18.31 36.00 25.48
N LYS T 52 17.36 35.22 24.91
CA LYS T 52 16.90 34.01 25.55
C LYS T 52 17.68 32.82 25.09
N THR T 53 18.42 32.94 23.96
CA THR T 53 19.15 31.84 23.37
C THR T 53 20.58 31.90 23.82
N PRO T 54 21.22 30.83 24.26
CA PRO T 54 22.65 30.80 24.38
C PRO T 54 23.19 30.32 23.06
N CYS T 55 23.88 31.23 22.35
CA CYS T 55 24.57 31.05 21.08
C CYS T 55 23.59 31.25 19.98
N GLY T 56 23.63 32.46 19.35
CA GLY T 56 22.61 32.99 18.49
C GLY T 56 22.30 32.10 17.33
N GLU T 57 21.00 31.94 17.05
CA GLU T 57 20.46 30.96 16.16
C GLU T 57 19.01 31.07 16.46
N GLY T 58 18.17 31.07 15.40
CA GLY T 58 16.73 31.13 15.53
C GLY T 58 16.36 32.59 15.62
N SER T 59 15.05 32.87 15.76
CA SER T 59 14.50 34.21 15.77
C SER T 59 15.01 34.98 16.96
N LYS T 60 15.12 36.33 16.81
CA LYS T 60 15.73 37.17 17.80
C LYS T 60 14.63 37.53 18.75
N THR T 61 14.81 37.12 20.01
CA THR T 61 13.85 37.30 21.05
C THR T 61 14.65 37.83 22.18
N TRP T 62 13.97 38.47 23.16
CA TRP T 62 14.64 39.08 24.27
C TRP T 62 13.75 38.76 25.43
N ASP T 63 14.03 39.30 26.63
CA ASP T 63 13.14 39.08 27.74
C ASP T 63 13.35 40.18 28.71
N ARG T 64 12.25 40.91 29.01
CA ARG T 64 12.23 41.99 29.93
C ARG T 64 12.08 41.38 31.29
N PHE T 65 13.06 41.65 32.18
CA PHE T 65 12.98 41.33 33.57
C PHE T 65 12.85 42.64 34.26
N GLN T 66 12.26 42.66 35.47
CA GLN T 66 12.18 43.86 36.26
C GLN T 66 12.19 43.44 37.69
N MET T 67 12.81 44.27 38.56
CA MET T 67 12.62 44.23 39.99
C MET T 67 12.16 45.62 40.36
N ARG T 68 11.12 45.71 41.22
CA ARG T 68 10.64 46.96 41.75
C ARG T 68 10.93 47.03 43.21
N ILE T 69 11.80 47.97 43.64
CA ILE T 69 12.03 48.30 45.04
C ILE T 69 11.00 49.32 45.44
N HIS T 70 10.78 49.53 46.76
CA HIS T 70 9.87 50.52 47.25
C HIS T 70 10.53 51.17 48.42
N LYS T 71 10.39 52.52 48.51
CA LYS T 71 10.89 53.34 49.59
C LYS T 71 9.75 54.12 50.13
N ARG T 72 9.77 54.41 51.46
CA ARG T 72 8.82 55.26 52.12
C ARG T 72 9.38 55.60 53.46
N LEU T 73 9.01 56.77 54.01
CA LEU T 73 9.66 57.30 55.18
C LEU T 73 8.63 57.95 56.07
N ILE T 74 8.81 57.73 57.40
CA ILE T 74 8.01 58.30 58.46
C ILE T 74 8.87 59.23 59.28
N ASP T 75 8.39 60.47 59.49
CA ASP T 75 9.09 61.48 60.24
C ASP T 75 8.52 61.48 61.64
N LEU T 76 9.39 61.41 62.67
CA LEU T 76 9.02 61.44 64.07
C LEU T 76 9.76 62.63 64.63
N HIS T 77 9.29 63.17 65.77
CA HIS T 77 10.09 64.05 66.59
C HIS T 77 9.76 63.65 68.00
N SER T 78 10.76 63.03 68.69
CA SER T 78 10.59 62.49 70.01
C SER T 78 11.96 62.15 70.54
N PRO T 79 12.14 61.76 71.82
CA PRO T 79 13.42 61.34 72.36
C PRO T 79 13.95 60.10 71.69
N SER T 80 15.28 60.02 71.46
CA SER T 80 15.90 58.99 70.65
C SER T 80 15.91 57.62 71.29
N GLU T 81 15.64 57.53 72.61
CA GLU T 81 15.63 56.32 73.37
C GLU T 81 14.39 55.53 73.01
N ILE T 82 13.21 56.15 73.20
CA ILE T 82 11.90 55.58 72.99
C ILE T 82 11.69 55.24 71.54
N VAL T 83 12.39 55.96 70.62
CA VAL T 83 12.44 55.66 69.21
C VAL T 83 13.05 54.29 69.02
N LYS T 84 14.30 54.05 69.49
CA LYS T 84 14.99 52.78 69.34
C LYS T 84 14.29 51.64 70.04
N GLN T 85 13.50 51.93 71.10
CA GLN T 85 12.55 51.02 71.72
C GLN T 85 11.51 50.55 70.72
N ILE T 86 10.74 51.48 70.11
CA ILE T 86 9.56 51.19 69.31
C ILE T 86 9.99 50.64 67.95
N THR T 87 11.24 50.94 67.51
CA THR T 87 11.76 50.56 66.22
C THR T 87 11.95 49.07 66.21
N SER T 88 12.72 48.56 67.21
CA SER T 88 13.15 47.20 67.31
C SER T 88 12.04 46.19 67.53
N ILE T 89 10.81 46.61 67.90
CA ILE T 89 9.73 45.71 68.19
C ILE T 89 8.81 45.60 67.01
N SER T 90 8.14 44.42 66.90
CA SER T 90 7.11 44.09 65.95
C SER T 90 7.57 44.13 64.52
N ILE T 91 8.75 43.52 64.24
CA ILE T 91 9.27 43.39 62.90
C ILE T 91 9.65 41.94 62.83
N GLU T 92 9.09 41.24 61.81
CA GLU T 92 9.37 39.86 61.50
C GLU T 92 9.86 39.68 60.07
N PRO T 93 9.42 40.33 58.98
CA PRO T 93 9.76 39.86 57.64
C PRO T 93 11.01 40.57 57.21
N GLY T 94 11.60 40.17 56.06
CA GLY T 94 12.76 40.81 55.49
C GLY T 94 12.46 42.18 54.93
N VAL T 95 12.75 43.21 55.75
CA VAL T 95 12.43 44.59 55.49
C VAL T 95 13.55 45.29 56.22
N GLU T 96 14.16 46.34 55.60
CA GLU T 96 15.29 47.03 56.14
C GLU T 96 14.77 48.26 56.81
N VAL T 97 15.56 48.85 57.76
CA VAL T 97 15.16 50.00 58.52
C VAL T 97 16.42 50.78 58.71
N GLU T 98 16.32 52.13 58.68
CA GLU T 98 17.46 53.00 58.83
C GLU T 98 17.04 54.16 59.68
N VAL T 99 17.77 54.32 60.82
CA VAL T 99 17.52 55.31 61.84
C VAL T 99 18.49 56.43 61.56
N THR T 100 18.08 57.70 61.80
CA THR T 100 18.86 58.88 61.44
C THR T 100 19.03 59.65 62.72
N ILE T 101 20.21 60.28 62.91
CA ILE T 101 20.54 61.03 64.11
C ILE T 101 19.66 62.25 64.28
N ALA T 102 19.52 63.09 63.23
CA ALA T 102 18.78 64.32 63.35
C ALA T 102 18.47 64.78 61.96
N ASP T 103 17.48 65.70 61.84
CA ASP T 103 17.05 66.25 60.59
C ASP T 103 16.54 67.63 60.86
N ALA T 104 16.50 68.48 59.81
CA ALA T 104 16.16 69.87 59.90
C ALA T 104 14.66 70.05 59.60
N MET U 1 -24.76 -36.61 35.56
CA MET U 1 -24.04 -37.75 34.96
C MET U 1 -23.50 -38.64 36.03
N GLN U 2 -23.67 -39.97 35.87
CA GLN U 2 -23.42 -40.94 36.90
C GLN U 2 -22.44 -41.90 36.33
N SER U 3 -21.38 -42.19 37.12
CA SER U 3 -20.36 -43.14 36.78
C SER U 3 -20.81 -44.51 37.25
N ASN U 4 -19.96 -45.54 37.01
CA ASN U 4 -20.16 -46.88 37.51
C ASN U 4 -19.86 -46.95 38.98
N ALA U 5 -19.16 -45.92 39.53
CA ALA U 5 -18.84 -45.82 40.93
C ALA U 5 -20.06 -45.36 41.72
N GLY U 6 -21.07 -44.80 41.02
CA GLY U 6 -22.18 -44.09 41.63
C GLY U 6 -21.86 -42.66 41.97
N GLU U 7 -20.64 -42.17 41.62
CA GLU U 7 -20.25 -40.80 41.82
C GLU U 7 -21.00 -39.92 40.85
N PHE U 8 -21.65 -38.86 41.36
CA PHE U 8 -22.53 -38.02 40.58
C PHE U 8 -21.68 -36.85 40.15
N VAL U 9 -21.03 -36.99 38.98
CA VAL U 9 -20.04 -36.08 38.49
C VAL U 9 -20.71 -34.97 37.71
N ASP U 10 -19.93 -33.88 37.47
CA ASP U 10 -20.27 -32.68 36.73
C ASP U 10 -20.64 -31.63 37.72
N LEU U 11 -20.14 -30.39 37.49
CA LEU U 11 -20.15 -29.31 38.43
C LEU U 11 -21.55 -28.83 38.75
N TYR U 12 -22.41 -28.75 37.72
CA TYR U 12 -23.80 -28.43 37.92
C TYR U 12 -24.53 -28.97 36.74
N VAL U 13 -25.86 -29.18 36.89
CA VAL U 13 -26.71 -29.59 35.82
C VAL U 13 -27.37 -28.33 35.31
N PRO U 14 -27.30 -27.96 34.04
CA PRO U 14 -27.75 -26.67 33.57
C PRO U 14 -29.21 -26.80 33.26
N ARG U 15 -29.94 -25.68 33.26
CA ARG U 15 -31.37 -25.66 33.10
C ARG U 15 -31.70 -25.70 31.65
N LYS U 16 -32.89 -26.23 31.32
CA LYS U 16 -33.29 -26.54 29.97
C LYS U 16 -34.56 -25.79 29.79
N CYS U 17 -34.57 -24.87 28.81
CA CYS U 17 -35.64 -23.94 28.59
C CYS U 17 -36.81 -24.62 27.97
N SER U 18 -38.02 -24.09 28.24
CA SER U 18 -39.26 -24.73 27.90
C SER U 18 -39.72 -24.17 26.59
N ALA U 19 -38.96 -23.18 26.07
CA ALA U 19 -39.26 -22.46 24.86
C ALA U 19 -39.15 -23.34 23.66
N SER U 20 -38.11 -24.20 23.63
CA SER U 20 -37.81 -24.97 22.46
C SER U 20 -37.01 -26.19 22.82
N ASN U 21 -36.96 -26.53 24.14
CA ASN U 21 -36.35 -27.75 24.66
C ASN U 21 -34.87 -27.84 24.41
N ARG U 22 -34.11 -26.79 24.78
CA ARG U 22 -32.68 -26.80 24.57
C ARG U 22 -32.09 -25.99 25.66
N ILE U 23 -30.74 -26.01 25.79
CA ILE U 23 -30.08 -25.67 27.03
C ILE U 23 -29.29 -24.44 26.77
N ILE U 24 -29.27 -23.58 27.79
CA ILE U 24 -28.64 -22.29 27.76
C ILE U 24 -27.28 -22.41 28.37
N GLY U 25 -26.50 -21.32 28.26
CA GLY U 25 -25.09 -21.32 28.53
C GLY U 25 -24.90 -20.97 29.97
N ALA U 26 -24.00 -20.00 30.21
CA ALA U 26 -23.63 -19.57 31.53
C ALA U 26 -23.13 -18.17 31.41
N LYS U 27 -23.27 -17.57 30.21
CA LYS U 27 -22.92 -16.21 29.94
C LYS U 27 -23.91 -15.70 28.94
N ASP U 28 -25.02 -16.42 28.69
CA ASP U 28 -26.07 -15.96 27.81
C ASP U 28 -26.95 -15.10 28.64
N HIS U 29 -27.02 -13.80 28.27
CA HIS U 29 -27.53 -12.76 29.13
C HIS U 29 -28.87 -12.31 28.63
N ALA U 30 -29.46 -13.05 27.68
CA ALA U 30 -30.78 -12.79 27.16
C ALA U 30 -31.72 -13.90 27.57
N SER U 31 -31.26 -14.84 28.42
CA SER U 31 -32.06 -15.96 28.85
C SER U 31 -32.64 -15.62 30.18
N ILE U 32 -33.98 -15.60 30.29
CA ILE U 32 -34.66 -15.00 31.41
C ILE U 32 -35.60 -16.03 32.00
N PRO U 33 -35.64 -16.24 33.32
CA PRO U 33 -36.76 -16.86 33.98
C PRO U 33 -37.77 -15.79 34.35
N MET U 34 -39.08 -16.07 34.18
CA MET U 34 -40.11 -15.10 34.42
C MET U 34 -41.13 -15.77 35.28
N ASN U 35 -41.38 -15.21 36.48
CA ASN U 35 -42.21 -15.80 37.49
C ASN U 35 -43.54 -15.13 37.37
N VAL U 36 -44.60 -15.94 37.13
CA VAL U 36 -45.98 -15.52 37.11
C VAL U 36 -46.52 -15.92 38.46
N ALA U 37 -47.36 -15.06 39.07
CA ALA U 37 -47.96 -15.31 40.36
C ALA U 37 -49.30 -15.93 40.12
N GLU U 38 -49.59 -17.07 40.78
CA GLU U 38 -50.92 -17.64 40.74
C GLU U 38 -51.83 -16.86 41.63
N VAL U 39 -53.15 -17.06 41.43
CA VAL U 39 -54.18 -16.50 42.25
C VAL U 39 -55.11 -17.65 42.54
N ASP U 40 -56.05 -17.45 43.48
CA ASP U 40 -57.03 -18.44 43.89
C ASP U 40 -58.01 -18.79 42.80
N LYS U 41 -58.36 -17.79 41.95
CA LYS U 41 -59.32 -17.88 40.88
C LYS U 41 -60.71 -18.11 41.43
N VAL U 42 -61.05 -17.40 42.53
CA VAL U 42 -62.37 -17.42 43.10
C VAL U 42 -62.72 -16.00 43.45
N THR U 43 -61.70 -15.16 43.78
CA THR U 43 -61.92 -13.78 44.16
C THR U 43 -60.95 -12.89 43.42
N GLY U 44 -59.76 -13.43 43.07
CA GLY U 44 -58.71 -12.70 42.39
C GLY U 44 -57.85 -12.09 43.45
N ARG U 45 -56.99 -12.92 44.09
CA ARG U 45 -56.11 -12.47 45.12
C ARG U 45 -54.97 -13.45 45.08
N PHE U 46 -53.75 -12.98 45.42
CA PHE U 46 -52.49 -13.69 45.44
C PHE U 46 -52.62 -14.93 46.29
N ASN U 47 -52.01 -16.04 45.82
CA ASN U 47 -52.05 -17.27 46.54
C ASN U 47 -50.75 -17.94 46.26
N GLY U 48 -49.74 -17.69 47.12
CA GLY U 48 -48.57 -18.51 47.36
C GLY U 48 -47.76 -18.83 46.13
N GLN U 49 -47.90 -20.10 45.68
CA GLN U 49 -47.12 -20.85 44.73
C GLN U 49 -47.05 -20.24 43.37
N SER U 50 -45.84 -19.90 42.87
CA SER U 50 -45.71 -19.24 41.60
C SER U 50 -45.55 -20.31 40.54
N LYS U 51 -45.87 -19.98 39.29
CA LYS U 51 -45.50 -20.72 38.10
C LYS U 51 -44.32 -20.02 37.53
N THR U 52 -43.19 -20.72 37.33
CA THR U 52 -41.99 -20.13 36.81
C THR U 52 -41.66 -20.85 35.53
N TYR U 53 -41.09 -20.09 34.58
CA TYR U 53 -40.82 -20.54 33.25
C TYR U 53 -39.40 -20.11 33.01
N ALA U 54 -38.86 -20.46 31.83
CA ALA U 54 -37.55 -20.06 31.45
C ALA U 54 -37.55 -20.16 29.97
N ILE U 55 -36.80 -19.23 29.32
CA ILE U 55 -36.86 -19.01 27.91
C ILE U 55 -35.43 -18.76 27.59
N CYS U 56 -35.00 -19.21 26.39
CA CYS U 56 -33.63 -19.10 25.94
C CYS U 56 -33.48 -17.81 25.20
N GLY U 57 -32.23 -17.32 25.12
CA GLY U 57 -31.94 -16.03 24.55
C GLY U 57 -32.05 -16.07 23.06
N ALA U 58 -31.86 -17.26 22.44
CA ALA U 58 -31.84 -17.41 21.00
C ALA U 58 -33.17 -17.14 20.37
N ILE U 59 -34.25 -17.73 20.91
CA ILE U 59 -35.59 -17.51 20.41
C ILE U 59 -36.09 -16.12 20.77
N ARG U 60 -35.58 -15.54 21.88
CA ARG U 60 -35.94 -14.23 22.33
C ARG U 60 -35.46 -13.19 21.36
N ARG U 61 -34.16 -13.27 20.98
CA ARG U 61 -33.52 -12.26 20.15
C ARG U 61 -34.03 -12.28 18.73
N MET U 62 -34.57 -13.42 18.23
CA MET U 62 -35.19 -13.43 16.92
C MET U 62 -36.63 -12.98 17.02
N GLY U 63 -37.24 -13.09 18.21
CA GLY U 63 -38.56 -12.58 18.51
C GLY U 63 -39.64 -13.60 18.25
N GLU U 64 -39.61 -14.70 19.02
CA GLU U 64 -40.59 -15.77 18.98
C GLU U 64 -41.25 -15.87 20.32
N SER U 65 -40.67 -15.22 21.35
CA SER U 65 -41.02 -15.35 22.75
C SER U 65 -42.47 -15.05 23.05
N ASP U 66 -43.09 -14.07 22.36
CA ASP U 66 -44.46 -13.66 22.57
C ASP U 66 -45.45 -14.80 22.40
N ASP U 67 -45.20 -15.68 21.41
CA ASP U 67 -46.01 -16.84 21.16
C ASP U 67 -45.72 -17.91 22.16
N SER U 68 -44.44 -18.09 22.54
CA SER U 68 -44.03 -19.15 23.44
C SER U 68 -44.61 -18.99 24.82
N ILE U 69 -44.55 -17.77 25.39
CA ILE U 69 -45.12 -17.45 26.68
C ILE U 69 -46.62 -17.63 26.68
N LEU U 70 -47.29 -17.33 25.55
CA LEU U 70 -48.72 -17.50 25.41
C LEU U 70 -49.09 -18.96 25.40
N ARG U 71 -48.36 -19.79 24.63
CA ARG U 71 -48.64 -21.19 24.47
C ARG U 71 -48.44 -21.98 25.74
N LEU U 72 -47.37 -21.68 26.50
CA LEU U 72 -47.12 -22.26 27.80
C LEU U 72 -48.24 -22.01 28.80
N ALA U 73 -48.71 -20.74 28.86
CA ALA U 73 -49.74 -20.27 29.77
C ALA U 73 -51.14 -20.65 29.39
N LYS U 74 -51.37 -21.04 28.13
CA LYS U 74 -52.68 -21.32 27.59
C LYS U 74 -53.17 -22.65 28.07
N SER U 75 -52.24 -23.60 28.30
CA SER U 75 -52.55 -24.90 28.82
C SER U 75 -52.76 -24.88 30.32
N HIS U 76 -52.57 -23.71 30.97
CA HIS U 76 -52.75 -23.56 32.40
C HIS U 76 -53.68 -22.39 32.59
N GLY U 77 -53.40 -21.52 33.60
CA GLY U 77 -54.09 -20.28 33.79
C GLY U 77 -53.11 -19.18 33.51
N ILE U 78 -53.52 -17.89 33.48
CA ILE U 78 -54.87 -17.36 33.60
C ILE U 78 -55.40 -17.09 32.21
N VAL U 79 -54.93 -17.86 31.21
CA VAL U 79 -55.48 -17.89 29.89
C VAL U 79 -55.84 -19.33 29.74
N SER U 80 -57.09 -19.62 29.31
CA SER U 80 -57.54 -20.97 29.05
C SER U 80 -58.32 -20.95 27.76
N GLN U 81 -58.79 -19.76 27.36
CA GLN U 81 -59.39 -19.57 26.07
C GLN U 81 -59.02 -18.16 25.71
N ASN U 82 -58.54 -17.96 24.47
CA ASN U 82 -58.04 -16.70 24.00
C ASN U 82 -58.75 -16.48 22.66
N VAL V 1 -35.80 -33.43 -10.84
CA VAL V 1 -35.06 -34.60 -10.30
C VAL V 1 -35.14 -34.66 -8.81
N ARG V 2 -34.56 -35.73 -8.24
CA ARG V 2 -34.46 -36.03 -6.84
C ARG V 2 -34.02 -37.45 -6.94
N MET V 3 -32.68 -37.63 -6.96
CA MET V 3 -32.06 -38.90 -7.23
C MET V 3 -31.89 -39.68 -5.97
N ASN V 4 -31.93 -38.99 -4.81
CA ASN V 4 -31.81 -39.60 -3.52
C ASN V 4 -32.92 -38.97 -2.76
N VAL V 5 -33.84 -39.83 -2.26
CA VAL V 5 -35.07 -39.41 -1.65
C VAL V 5 -34.73 -39.16 -0.22
N LEU V 6 -34.08 -40.15 0.43
CA LEU V 6 -33.56 -40.09 1.77
C LEU V 6 -32.68 -38.90 2.02
N ALA V 7 -31.89 -38.44 1.02
CA ALA V 7 -31.00 -37.33 1.22
C ALA V 7 -31.71 -36.02 1.31
N ASP V 8 -32.85 -35.87 0.61
CA ASP V 8 -33.63 -34.67 0.59
C ASP V 8 -34.49 -34.58 1.81
N ALA V 9 -34.86 -35.72 2.42
CA ALA V 9 -35.73 -35.75 3.58
C ALA V 9 -35.02 -35.16 4.77
N LEU V 10 -33.82 -35.68 5.07
CA LEU V 10 -33.12 -35.42 6.29
C LEU V 10 -32.66 -34.00 6.44
N LYS V 11 -32.29 -33.33 5.31
CA LYS V 11 -31.86 -31.95 5.30
C LYS V 11 -32.93 -31.02 5.78
N SER V 12 -34.20 -31.36 5.49
CA SER V 12 -35.36 -30.64 5.96
C SER V 12 -35.42 -30.69 7.46
N ILE V 13 -35.33 -31.90 8.06
CA ILE V 13 -35.43 -32.10 9.48
C ILE V 13 -34.26 -31.46 10.19
N ASN V 14 -33.08 -31.41 9.55
CA ASN V 14 -31.94 -30.69 10.02
C ASN V 14 -32.20 -29.20 10.09
N ASN V 15 -32.67 -28.58 8.98
CA ASN V 15 -32.93 -27.15 8.92
C ASN V 15 -33.99 -26.73 9.90
N ALA V 16 -35.06 -27.56 10.01
CA ALA V 16 -36.23 -27.27 10.81
C ALA V 16 -35.93 -27.25 12.28
N GLU V 17 -35.12 -28.22 12.75
CA GLU V 17 -34.72 -28.39 14.12
C GLU V 17 -33.94 -27.21 14.61
N LYS V 18 -33.12 -26.58 13.73
CA LYS V 18 -32.31 -25.43 14.07
C LYS V 18 -33.17 -24.23 14.40
N ARG V 19 -34.20 -23.96 13.57
CA ARG V 19 -35.13 -22.87 13.79
C ARG V 19 -35.97 -23.09 15.03
N GLY V 20 -36.28 -24.36 15.35
CA GLY V 20 -37.02 -24.71 16.54
C GLY V 20 -38.40 -25.20 16.23
N LYS V 21 -38.70 -25.50 14.95
CA LYS V 21 -40.00 -26.00 14.53
C LYS V 21 -40.22 -27.35 15.12
N ARG V 22 -41.48 -27.66 15.50
CA ARG V 22 -41.82 -28.94 16.05
C ARG V 22 -42.88 -29.62 15.24
N GLN V 23 -43.13 -29.09 14.02
CA GLN V 23 -43.91 -29.78 13.03
C GLN V 23 -43.26 -29.39 11.74
N VAL V 24 -43.23 -30.35 10.78
CA VAL V 24 -42.53 -30.22 9.53
C VAL V 24 -43.40 -30.90 8.50
N LEU V 25 -42.94 -30.96 7.24
CA LEU V 25 -43.66 -31.56 6.15
C LEU V 25 -42.58 -32.08 5.25
N ILE V 26 -42.62 -33.41 4.99
CA ILE V 26 -41.56 -34.11 4.29
C ILE V 26 -42.26 -34.83 3.18
N ARG V 27 -41.70 -34.78 1.96
CA ARG V 27 -42.28 -35.47 0.84
C ARG V 27 -41.13 -35.83 -0.06
N PRO V 28 -41.22 -36.86 -0.89
CA PRO V 28 -42.28 -37.84 -0.96
C PRO V 28 -41.98 -38.87 0.10
N CYS V 29 -43.04 -39.50 0.67
CA CYS V 29 -42.92 -40.71 1.45
C CYS V 29 -42.44 -41.89 0.64
N SER V 30 -41.63 -42.75 1.28
CA SER V 30 -41.23 -44.03 0.76
C SER V 30 -41.21 -44.89 1.97
N LYS V 31 -41.47 -46.20 1.79
CA LYS V 31 -41.31 -47.21 2.81
C LYS V 31 -39.97 -47.23 3.49
N VAL V 32 -38.87 -46.90 2.76
CA VAL V 32 -37.53 -46.82 3.29
C VAL V 32 -37.44 -45.75 4.34
N ILE V 33 -38.11 -44.60 4.10
CA ILE V 33 -38.15 -43.46 4.99
C ILE V 33 -38.93 -43.77 6.24
N VAL V 34 -39.91 -44.70 6.17
CA VAL V 34 -40.76 -45.01 7.30
C VAL V 34 -39.94 -45.74 8.33
N ARG V 35 -39.23 -46.82 7.92
CA ARG V 35 -38.46 -47.64 8.81
C ARG V 35 -37.25 -46.93 9.35
N PHE V 36 -36.71 -45.94 8.60
CA PHE V 36 -35.69 -45.01 9.06
C PHE V 36 -36.17 -44.27 10.28
N LEU V 37 -37.32 -43.57 10.15
CA LEU V 37 -37.87 -42.73 11.18
C LEU V 37 -38.36 -43.53 12.36
N THR V 38 -38.74 -44.81 12.15
CA THR V 38 -39.11 -45.74 13.21
C THR V 38 -37.98 -45.95 14.17
N VAL V 39 -36.74 -46.17 13.65
CA VAL V 39 -35.57 -46.41 14.47
C VAL V 39 -35.24 -45.16 15.23
N MET V 40 -35.39 -43.99 14.58
CA MET V 40 -35.08 -42.71 15.18
C MET V 40 -36.05 -42.34 16.28
N MET V 41 -37.23 -42.98 16.29
CA MET V 41 -38.27 -42.71 17.25
C MET V 41 -38.13 -43.56 18.46
N LYS V 42 -37.68 -44.84 18.28
CA LYS V 42 -37.61 -45.82 19.34
C LYS V 42 -36.65 -45.39 20.40
N HIS V 43 -35.43 -45.00 19.99
CA HIS V 43 -34.40 -44.48 20.85
C HIS V 43 -34.82 -43.21 21.54
N GLY V 44 -35.66 -42.38 20.89
CA GLY V 44 -36.34 -41.29 21.55
C GLY V 44 -35.86 -39.95 21.10
N TYR V 45 -35.22 -39.86 19.91
CA TYR V 45 -34.78 -38.60 19.37
C TYR V 45 -35.90 -37.81 18.74
N ILE V 46 -37.01 -38.48 18.33
CA ILE V 46 -38.13 -37.78 17.75
C ILE V 46 -39.36 -38.47 18.25
N GLY V 47 -40.53 -37.82 18.05
CA GLY V 47 -41.81 -38.26 18.53
C GLY V 47 -42.57 -38.92 17.42
N GLU V 48 -43.88 -39.14 17.65
CA GLU V 48 -44.81 -39.75 16.76
C GLU V 48 -45.00 -38.96 15.49
N PHE V 49 -45.33 -39.66 14.38
CA PHE V 49 -45.41 -39.06 13.08
C PHE V 49 -46.58 -39.63 12.37
N GLU V 50 -47.17 -38.82 11.46
CA GLU V 50 -48.43 -39.07 10.80
C GLU V 50 -48.14 -39.18 9.35
N ILE V 51 -48.62 -40.24 8.68
CA ILE V 51 -48.49 -40.36 7.26
C ILE V 51 -49.82 -39.96 6.68
N ILE V 52 -49.86 -38.79 5.98
CA ILE V 52 -50.99 -38.42 5.14
C ILE V 52 -50.91 -39.29 3.92
N ASP V 53 -52.07 -39.68 3.35
CA ASP V 53 -52.14 -40.54 2.21
C ASP V 53 -52.70 -39.74 1.08
N ASP V 54 -52.16 -40.01 -0.13
CA ASP V 54 -52.69 -39.51 -1.35
C ASP V 54 -52.85 -40.71 -2.21
N HIS V 55 -52.60 -40.56 -3.51
CA HIS V 55 -52.54 -41.64 -4.46
C HIS V 55 -51.45 -41.21 -5.39
N ARG V 56 -50.29 -40.78 -4.85
CA ARG V 56 -49.21 -40.22 -5.63
C ARG V 56 -47.93 -40.71 -5.03
N ALA V 57 -47.61 -40.28 -3.78
CA ALA V 57 -46.43 -40.79 -3.12
C ALA V 57 -46.48 -40.48 -1.66
N GLY V 58 -47.60 -39.92 -1.16
CA GLY V 58 -47.77 -39.55 0.23
C GLY V 58 -46.97 -38.35 0.66
N LYS V 59 -47.24 -37.91 1.90
CA LYS V 59 -46.56 -36.83 2.57
C LYS V 59 -46.61 -37.19 4.01
N ILE V 60 -45.66 -36.71 4.82
CA ILE V 60 -45.45 -37.14 6.18
C ILE V 60 -45.33 -35.88 6.96
N VAL V 61 -45.69 -35.91 8.25
CA VAL V 61 -45.73 -34.78 9.16
C VAL V 61 -45.18 -35.43 10.40
N VAL V 62 -44.40 -34.69 11.21
CA VAL V 62 -43.56 -35.30 12.22
C VAL V 62 -43.74 -34.41 13.40
N ASN V 63 -43.59 -34.99 14.62
CA ASN V 63 -43.55 -34.21 15.83
C ASN V 63 -42.21 -34.54 16.40
N LEU V 64 -41.47 -33.49 16.79
CA LEU V 64 -40.08 -33.62 17.14
C LEU V 64 -39.84 -32.70 18.29
N THR V 65 -38.69 -32.92 18.97
CA THR V 65 -38.24 -32.16 20.10
C THR V 65 -36.85 -31.71 19.74
N GLY V 66 -36.19 -30.99 20.67
CA GLY V 66 -34.90 -30.39 20.46
C GLY V 66 -33.79 -31.39 20.67
N ARG V 67 -34.13 -32.66 20.99
CA ARG V 67 -33.20 -33.74 21.27
C ARG V 67 -32.33 -34.09 20.09
N LEU V 68 -32.87 -34.08 18.85
CA LEU V 68 -32.13 -34.33 17.62
C LEU V 68 -31.09 -33.24 17.42
N ASN V 69 -29.92 -33.59 16.84
CA ASN V 69 -28.87 -32.62 16.59
C ASN V 69 -28.49 -32.59 15.14
N LYS V 70 -28.49 -33.75 14.45
CA LYS V 70 -27.94 -33.83 13.13
C LYS V 70 -28.13 -35.25 12.71
N CYS V 71 -28.86 -35.44 11.59
CA CYS V 71 -28.98 -36.71 10.92
C CYS V 71 -28.49 -36.45 9.52
N GLY V 72 -27.61 -37.34 9.01
CA GLY V 72 -27.00 -37.17 7.72
C GLY V 72 -27.31 -38.36 6.89
N VAL V 73 -27.05 -38.22 5.57
CA VAL V 73 -27.06 -39.27 4.59
C VAL V 73 -25.63 -39.52 4.22
N ILE V 74 -25.30 -40.76 3.76
CA ILE V 74 -24.02 -41.07 3.20
C ILE V 74 -24.34 -41.62 1.84
N SER V 75 -23.80 -40.94 0.80
CA SER V 75 -24.03 -41.24 -0.57
C SER V 75 -22.65 -41.32 -1.14
N PRO V 76 -22.23 -42.34 -1.84
CA PRO V 76 -22.98 -43.51 -2.26
C PRO V 76 -23.02 -44.47 -1.10
N ARG V 77 -23.61 -45.66 -1.30
CA ARG V 77 -23.90 -46.56 -0.21
C ARG V 77 -22.81 -47.57 -0.23
N PHE V 78 -21.92 -47.50 0.78
CA PHE V 78 -20.75 -48.34 0.89
C PHE V 78 -21.13 -49.61 1.57
N ASP V 79 -20.22 -50.60 1.54
CA ASP V 79 -20.40 -51.86 2.20
C ASP V 79 -19.62 -51.78 3.48
N VAL V 80 -19.93 -52.66 4.45
CA VAL V 80 -19.31 -52.69 5.75
C VAL V 80 -19.14 -54.16 6.00
N GLN V 81 -18.10 -54.57 6.76
CA GLN V 81 -17.73 -55.96 6.87
C GLN V 81 -17.36 -56.32 8.28
N LEU V 82 -17.79 -55.53 9.29
CA LEU V 82 -17.72 -55.86 10.71
C LEU V 82 -16.31 -55.83 11.23
N LYS V 83 -15.40 -55.21 10.48
CA LYS V 83 -14.08 -54.84 10.94
C LYS V 83 -13.83 -53.51 10.33
N ASP V 84 -14.53 -53.22 9.20
CA ASP V 84 -14.61 -51.93 8.58
C ASP V 84 -15.53 -51.07 9.38
N LEU V 85 -16.38 -51.70 10.23
CA LEU V 85 -17.41 -51.07 11.02
C LEU V 85 -16.81 -50.06 11.95
N GLU V 86 -15.75 -50.45 12.68
CA GLU V 86 -15.09 -49.65 13.69
C GLU V 86 -14.48 -48.40 13.11
N LYS V 87 -13.99 -48.46 11.85
CA LYS V 87 -13.36 -47.36 11.16
C LYS V 87 -14.39 -46.30 10.87
N TRP V 88 -15.59 -46.73 10.41
CA TRP V 88 -16.75 -45.92 10.19
C TRP V 88 -17.19 -45.25 11.45
N GLN V 89 -17.38 -46.02 12.54
CA GLN V 89 -18.06 -45.63 13.74
C GLN V 89 -17.29 -44.55 14.45
N ASN V 90 -15.96 -44.51 14.27
CA ASN V 90 -15.12 -43.43 14.73
C ASN V 90 -15.45 -42.13 14.04
N ASN V 91 -15.54 -42.14 12.70
CA ASN V 91 -15.67 -40.95 11.90
C ASN V 91 -17.00 -40.24 12.00
N LEU V 92 -18.13 -40.95 12.23
CA LEU V 92 -19.43 -40.32 12.08
C LEU V 92 -20.03 -39.97 13.40
N LEU V 93 -19.41 -40.35 14.54
CA LEU V 93 -20.04 -40.19 15.83
C LEU V 93 -19.14 -39.31 16.63
N PRO V 94 -19.64 -38.36 17.41
CA PRO V 94 -18.83 -37.46 18.20
C PRO V 94 -18.29 -38.13 19.42
N SER V 95 -18.74 -39.34 19.77
CA SER V 95 -18.41 -39.93 21.02
C SER V 95 -18.45 -41.40 20.83
N ARG V 96 -17.99 -42.12 21.89
CA ARG V 96 -18.04 -43.54 21.97
C ARG V 96 -19.22 -43.89 22.86
N GLN V 97 -19.86 -42.88 23.48
CA GLN V 97 -20.88 -43.10 24.47
C GLN V 97 -22.27 -42.89 23.91
N PHE V 98 -22.42 -42.33 22.69
CA PHE V 98 -23.74 -42.13 22.13
C PHE V 98 -23.62 -41.90 20.65
N GLY V 99 -24.78 -41.92 19.96
CA GLY V 99 -24.86 -41.83 18.52
C GLY V 99 -24.93 -43.20 17.92
N PHE V 100 -25.59 -43.28 16.74
CA PHE V 100 -25.95 -44.52 16.12
C PHE V 100 -25.81 -44.30 14.65
N ILE V 101 -24.86 -45.00 13.98
CA ILE V 101 -24.85 -45.04 12.54
C ILE V 101 -25.83 -46.11 12.15
N VAL V 102 -26.63 -45.87 11.10
CA VAL V 102 -27.71 -46.76 10.73
C VAL V 102 -27.22 -47.45 9.48
N LEU V 103 -27.79 -48.62 9.17
CA LEU V 103 -27.45 -49.35 7.97
C LEU V 103 -28.56 -50.32 7.71
N THR V 104 -28.49 -51.02 6.56
CA THR V 104 -29.45 -52.00 6.14
C THR V 104 -28.64 -53.23 5.93
N THR V 105 -29.26 -54.39 6.23
CA THR V 105 -28.63 -55.68 6.15
C THR V 105 -29.71 -56.53 5.57
N SER V 106 -29.39 -57.80 5.27
CA SER V 106 -30.35 -58.80 4.85
C SER V 106 -31.29 -59.20 5.98
N ALA V 107 -30.96 -58.79 7.23
CA ALA V 107 -31.76 -59.04 8.40
C ALA V 107 -32.59 -57.82 8.70
N GLY V 108 -32.61 -56.81 7.80
CA GLY V 108 -33.48 -55.66 7.87
C GLY V 108 -32.69 -54.46 8.29
N ILE V 109 -33.37 -53.30 8.47
CA ILE V 109 -32.75 -52.03 8.75
C ILE V 109 -32.64 -51.91 10.24
N MET V 110 -31.48 -51.43 10.74
CA MET V 110 -31.24 -51.35 12.15
C MET V 110 -30.04 -50.49 12.37
N ASP V 111 -29.78 -50.13 13.66
CA ASP V 111 -28.60 -49.43 14.09
C ASP V 111 -27.41 -50.36 14.14
N HIS V 112 -26.20 -49.80 14.32
CA HIS V 112 -24.97 -50.57 14.32
C HIS V 112 -24.76 -51.39 15.55
N GLU V 113 -25.27 -50.97 16.73
CA GLU V 113 -25.10 -51.72 17.96
C GLU V 113 -25.83 -53.03 17.88
N GLU V 114 -26.93 -53.06 17.09
CA GLU V 114 -27.80 -54.18 16.92
C GLU V 114 -27.26 -55.08 15.85
N ALA V 115 -26.72 -54.51 14.75
CA ALA V 115 -26.16 -55.23 13.63
C ALA V 115 -24.98 -56.10 14.00
N ARG V 116 -24.17 -55.65 14.98
CA ARG V 116 -23.04 -56.37 15.48
C ARG V 116 -23.46 -57.59 16.27
N ARG V 117 -24.69 -57.57 16.82
CA ARG V 117 -25.23 -58.67 17.59
C ARG V 117 -25.96 -59.64 16.72
N LYS V 118 -26.12 -59.33 15.42
CA LYS V 118 -26.73 -60.24 14.49
C LYS V 118 -25.60 -60.90 13.75
N HIS V 119 -24.38 -60.33 13.86
CA HIS V 119 -23.18 -60.77 13.23
C HIS V 119 -23.25 -60.73 11.72
N THR V 120 -23.86 -59.66 11.15
CA THR V 120 -23.99 -59.51 9.71
C THR V 120 -23.71 -58.08 9.38
N GLY V 121 -22.82 -57.85 8.37
CA GLY V 121 -22.58 -56.56 7.77
C GLY V 121 -23.67 -56.21 6.80
N GLY V 122 -23.47 -55.15 6.01
CA GLY V 122 -24.42 -54.77 4.99
C GLY V 122 -24.05 -53.43 4.47
N LYS V 123 -25.02 -52.72 3.86
CA LYS V 123 -24.84 -51.47 3.19
C LYS V 123 -25.27 -50.35 4.10
N ILE V 124 -24.45 -49.28 4.21
CA ILE V 124 -24.67 -48.19 5.14
C ILE V 124 -25.54 -47.16 4.47
N LEU V 125 -26.37 -46.44 5.26
CA LEU V 125 -27.41 -45.58 4.72
C LEU V 125 -27.12 -44.18 5.16
N GLY V 126 -26.99 -43.95 6.48
CA GLY V 126 -26.79 -42.62 6.98
C GLY V 126 -26.20 -42.74 8.34
N PHE V 127 -26.50 -41.75 9.20
CA PHE V 127 -26.04 -41.75 10.57
C PHE V 127 -26.89 -40.74 11.28
N PHE V 128 -26.68 -40.62 12.61
CA PHE V 128 -27.26 -39.56 13.37
C PHE V 128 -26.63 -39.60 14.72
N PHE V 129 -26.91 -38.55 15.53
CA PHE V 129 -26.52 -38.50 16.91
C PHE V 129 -27.37 -37.42 17.60
N MET W 1 -15.86 -30.60 -2.42
CA MET W 1 -16.63 -31.50 -3.32
C MET W 1 -16.58 -30.96 -4.72
N GLY W 2 -17.74 -30.89 -5.43
CA GLY W 2 -17.84 -30.30 -6.75
C GLY W 2 -17.47 -31.31 -7.79
N LYS W 3 -17.56 -32.61 -7.45
CA LYS W 3 -16.92 -33.68 -8.15
C LYS W 3 -17.85 -34.83 -8.01
N CYS W 4 -17.68 -35.89 -8.82
CA CYS W 4 -18.58 -37.02 -8.83
C CYS W 4 -18.26 -37.89 -7.66
N ARG W 5 -19.28 -38.58 -7.13
CA ARG W 5 -19.16 -39.46 -6.00
C ARG W 5 -20.05 -40.63 -6.27
N GLY W 6 -19.94 -41.23 -7.48
CA GLY W 6 -20.65 -42.44 -7.83
C GLY W 6 -19.98 -43.62 -7.15
N LEU W 7 -20.42 -44.84 -7.46
CA LEU W 7 -19.82 -46.05 -6.91
C LEU W 7 -19.21 -46.81 -8.06
N ARG W 8 -18.97 -46.12 -9.18
CA ARG W 8 -18.53 -46.76 -10.39
C ARG W 8 -17.68 -45.75 -11.11
N THR W 9 -17.22 -44.72 -10.36
CA THR W 9 -16.50 -43.59 -10.88
C THR W 9 -15.06 -43.70 -10.50
N ALA W 10 -14.50 -44.92 -10.40
CA ALA W 10 -13.11 -45.08 -10.04
C ALA W 10 -12.20 -44.61 -11.12
N ARG W 11 -12.61 -44.75 -12.41
CA ARG W 11 -11.75 -44.41 -13.51
C ARG W 11 -11.59 -42.94 -13.64
N LYS W 12 -12.72 -42.18 -13.56
CA LYS W 12 -12.75 -40.75 -13.74
C LYS W 12 -12.05 -40.01 -12.64
N LEU W 13 -11.82 -40.69 -11.49
CA LEU W 13 -11.11 -40.13 -10.37
C LEU W 13 -9.65 -40.41 -10.55
N ARG W 14 -9.28 -41.68 -10.82
CA ARG W 14 -7.90 -42.11 -10.81
C ARG W 14 -7.13 -41.63 -12.01
N SER W 15 -7.81 -41.11 -13.05
CA SER W 15 -7.14 -40.60 -14.22
C SER W 15 -7.00 -39.11 -14.09
N HIS W 16 -7.93 -38.48 -13.36
CA HIS W 16 -7.90 -37.07 -13.10
C HIS W 16 -6.78 -36.68 -12.19
N ARG W 17 -6.55 -37.47 -11.12
CA ARG W 17 -5.55 -37.18 -10.12
C ARG W 17 -4.18 -37.38 -10.69
N ARG W 18 -4.03 -38.36 -11.59
CA ARG W 18 -2.79 -38.66 -12.26
C ARG W 18 -2.38 -37.57 -13.21
N ASP W 19 -3.34 -36.69 -13.62
CA ASP W 19 -3.06 -35.61 -14.52
C ASP W 19 -2.76 -34.36 -13.74
N GLN W 20 -3.53 -34.05 -12.68
CA GLN W 20 -3.38 -32.82 -11.96
C GLN W 20 -2.24 -32.84 -11.01
N LYS W 21 -1.55 -33.99 -10.87
CA LYS W 21 -0.31 -34.11 -10.13
C LYS W 21 0.85 -33.52 -10.88
N TRP W 22 0.76 -33.37 -12.22
CA TRP W 22 1.85 -32.86 -13.01
C TRP W 22 2.03 -31.38 -12.88
N HIS W 23 1.02 -30.65 -12.35
CA HIS W 23 1.12 -29.22 -12.17
C HIS W 23 1.90 -28.86 -10.93
N ASP W 24 2.02 -29.80 -9.97
CA ASP W 24 2.81 -29.65 -8.77
C ASP W 24 4.26 -29.38 -9.12
N LYS W 25 4.90 -28.44 -8.37
CA LYS W 25 6.21 -27.94 -8.70
C LYS W 25 7.27 -28.95 -8.44
N GLN W 26 7.18 -29.64 -7.28
CA GLN W 26 8.16 -30.60 -6.80
C GLN W 26 8.19 -31.76 -7.74
N TYR W 27 7.00 -32.32 -8.03
CA TYR W 27 6.77 -33.46 -8.88
C TYR W 27 7.31 -33.27 -10.27
N LYS W 28 7.16 -32.06 -10.83
CA LYS W 28 7.48 -31.77 -12.21
C LYS W 28 8.97 -31.75 -12.43
N LYS W 29 9.79 -31.56 -11.37
CA LYS W 29 11.23 -31.61 -11.52
C LYS W 29 11.70 -33.02 -11.38
N ALA W 30 11.08 -33.78 -10.44
CA ALA W 30 11.45 -35.12 -10.08
C ALA W 30 11.27 -36.12 -11.19
N HIS W 31 10.17 -35.99 -11.95
CA HIS W 31 9.66 -37.04 -12.80
C HIS W 31 9.92 -36.75 -14.24
N LEU W 32 10.34 -35.51 -14.62
CA LEU W 32 10.70 -35.25 -15.99
C LEU W 32 12.16 -35.60 -16.15
N GLY W 33 12.95 -35.41 -15.06
CA GLY W 33 14.34 -35.77 -14.94
C GLY W 33 15.26 -34.81 -15.63
N THR W 34 14.71 -33.73 -16.23
CA THR W 34 15.41 -32.66 -16.91
C THR W 34 16.28 -31.90 -15.94
N ALA W 35 15.87 -31.85 -14.65
CA ALA W 35 16.70 -31.43 -13.53
C ALA W 35 18.07 -32.05 -13.52
N LEU W 36 18.19 -33.39 -13.62
CA LEU W 36 19.44 -34.14 -13.55
C LEU W 36 20.33 -33.80 -14.71
N LYS W 37 19.74 -33.82 -15.92
CA LYS W 37 20.39 -33.64 -17.21
C LYS W 37 20.99 -32.27 -17.31
N ALA W 38 20.33 -31.27 -16.69
CA ALA W 38 20.73 -29.89 -16.74
C ALA W 38 21.79 -29.65 -15.70
N ASN W 39 21.72 -30.33 -14.53
CA ASN W 39 22.66 -30.20 -13.44
C ASN W 39 24.06 -30.54 -13.89
N PRO W 40 25.09 -29.85 -13.43
CA PRO W 40 26.47 -30.25 -13.63
C PRO W 40 26.85 -31.46 -12.83
N PHE W 41 26.04 -31.91 -11.86
CA PHE W 41 26.27 -33.15 -11.18
C PHE W 41 25.38 -34.14 -11.84
N GLY W 42 25.68 -35.45 -11.63
CA GLY W 42 24.85 -36.53 -12.10
C GLY W 42 23.72 -36.80 -11.17
N GLY W 43 23.69 -36.08 -10.02
CA GLY W 43 22.72 -36.30 -8.97
C GLY W 43 23.44 -36.88 -7.79
N ALA W 44 24.79 -36.88 -7.84
CA ALA W 44 25.62 -37.34 -6.76
C ALA W 44 25.76 -36.20 -5.79
N SER W 45 26.03 -36.52 -4.52
CA SER W 45 26.16 -35.55 -3.46
C SER W 45 27.35 -34.65 -3.67
N HIS W 46 28.47 -35.22 -4.16
CA HIS W 46 29.69 -34.51 -4.38
C HIS W 46 30.08 -34.75 -5.80
N ALA W 47 31.27 -34.27 -6.16
CA ALA W 47 31.81 -34.41 -7.48
C ALA W 47 33.21 -33.91 -7.34
N LYS W 48 34.06 -34.14 -8.34
CA LYS W 48 35.47 -33.86 -8.24
C LYS W 48 35.79 -33.15 -9.51
N GLY W 49 36.77 -32.22 -9.46
CA GLY W 49 37.10 -31.44 -10.61
C GLY W 49 38.51 -31.01 -10.49
N ILE W 50 38.91 -30.02 -11.32
CA ILE W 50 40.23 -29.49 -11.33
C ILE W 50 40.02 -28.02 -11.48
N VAL W 51 40.80 -27.22 -10.71
CA VAL W 51 40.68 -25.79 -10.58
C VAL W 51 41.12 -25.19 -11.88
N LEU W 52 40.51 -24.05 -12.27
CA LEU W 52 40.85 -23.33 -13.47
C LEU W 52 41.49 -22.06 -13.04
N GLU W 53 40.83 -21.31 -12.14
CA GLU W 53 41.29 -19.98 -11.84
C GLU W 53 40.49 -19.50 -10.68
N LYS W 54 41.14 -18.79 -9.74
CA LYS W 54 40.47 -18.02 -8.72
C LYS W 54 39.68 -16.89 -9.33
N VAL W 55 38.62 -16.43 -8.63
CA VAL W 55 37.78 -15.33 -9.02
C VAL W 55 37.31 -14.72 -7.73
N GLY W 56 36.67 -13.54 -7.81
CA GLY W 56 35.99 -12.95 -6.69
C GLY W 56 34.64 -12.55 -7.19
N VAL W 57 33.63 -12.62 -6.31
CA VAL W 57 32.26 -12.37 -6.66
C VAL W 57 31.88 -11.28 -5.71
N GLU W 58 31.21 -10.22 -6.21
CA GLU W 58 30.79 -9.11 -5.40
C GLU W 58 29.37 -9.37 -5.06
N ALA W 59 29.06 -9.41 -3.73
CA ALA W 59 27.79 -9.78 -3.18
C ALA W 59 26.69 -8.82 -3.56
N LYS W 60 25.46 -9.37 -3.67
CA LYS W 60 24.22 -8.67 -3.89
C LYS W 60 23.94 -7.72 -2.75
N GLN W 61 23.32 -6.57 -3.07
CA GLN W 61 22.97 -5.52 -2.15
C GLN W 61 22.03 -6.00 -1.05
N PRO W 62 21.99 -5.41 0.13
CA PRO W 62 22.74 -4.25 0.58
C PRO W 62 24.14 -4.59 1.00
N ASN W 63 24.47 -5.87 1.28
CA ASN W 63 25.78 -6.29 1.73
C ASN W 63 26.84 -6.03 0.70
N SER W 64 28.05 -5.64 1.15
CA SER W 64 29.17 -5.45 0.26
C SER W 64 30.32 -6.18 0.83
N ALA W 65 30.89 -7.09 0.01
CA ALA W 65 32.04 -7.86 0.37
C ALA W 65 32.53 -8.47 -0.91
N ILE W 66 33.68 -9.15 -0.84
CA ILE W 66 34.25 -9.91 -1.92
C ILE W 66 34.31 -11.27 -1.32
N ARG W 67 33.87 -12.32 -2.07
CA ARG W 67 33.49 -13.57 -1.47
C ARG W 67 34.41 -14.66 -1.88
N LYS W 68 35.49 -14.34 -2.66
CA LYS W 68 36.59 -15.22 -2.95
C LYS W 68 36.19 -16.62 -3.37
N CYS W 69 35.62 -16.75 -4.59
CA CYS W 69 35.26 -18.06 -5.08
C CYS W 69 36.38 -18.62 -5.91
N VAL W 70 36.13 -19.76 -6.56
CA VAL W 70 37.01 -20.38 -7.52
C VAL W 70 36.13 -20.67 -8.68
N ARG W 71 36.70 -21.22 -9.76
CA ARG W 71 35.93 -21.75 -10.85
C ARG W 71 36.68 -22.99 -11.17
N VAL W 72 35.93 -24.06 -11.50
CA VAL W 72 36.43 -25.42 -11.50
C VAL W 72 35.71 -26.02 -12.67
N GLN W 73 36.38 -26.95 -13.40
CA GLN W 73 35.75 -27.80 -14.38
C GLN W 73 35.76 -29.17 -13.80
N LEU W 74 34.77 -30.02 -14.15
CA LEU W 74 34.58 -31.32 -13.55
C LEU W 74 35.15 -32.40 -14.40
N ILE W 75 35.37 -33.59 -13.80
CA ILE W 75 35.92 -34.76 -14.44
C ILE W 75 34.81 -35.46 -15.17
N LYS W 76 33.66 -35.64 -14.48
CA LYS W 76 32.67 -36.61 -14.85
C LYS W 76 31.58 -36.02 -15.68
N ASN W 77 31.76 -34.78 -16.18
CA ASN W 77 30.75 -34.20 -17.02
C ASN W 77 31.40 -33.12 -17.85
N GLY W 78 32.68 -32.77 -17.55
CA GLY W 78 33.45 -31.78 -18.27
C GLY W 78 32.75 -30.47 -18.48
N LYS W 79 32.29 -29.82 -17.38
CA LYS W 79 31.61 -28.55 -17.49
C LYS W 79 31.81 -27.85 -16.18
N LYS W 80 31.50 -26.54 -16.15
CA LYS W 80 32.12 -25.62 -15.23
C LYS W 80 31.12 -25.03 -14.29
N ILE W 81 31.58 -24.85 -13.03
CA ILE W 81 30.82 -24.43 -11.88
C ILE W 81 31.67 -23.47 -11.13
N THR W 82 31.02 -22.50 -10.46
CA THR W 82 31.67 -21.45 -9.71
C THR W 82 31.27 -21.75 -8.29
N ALA W 83 32.28 -21.91 -7.40
CA ALA W 83 32.15 -22.59 -6.14
C ALA W 83 32.75 -21.73 -5.08
N PHE W 84 32.07 -21.63 -3.92
CA PHE W 84 32.46 -20.84 -2.78
C PHE W 84 33.56 -21.53 -2.03
N VAL W 85 34.38 -20.74 -1.30
CA VAL W 85 35.43 -21.23 -0.45
C VAL W 85 35.04 -20.80 0.95
N PRO W 86 34.77 -21.68 1.90
CA PRO W 86 34.30 -21.30 3.23
C PRO W 86 35.44 -20.97 4.13
N ASN W 87 35.11 -20.61 5.40
CA ASN W 87 35.94 -19.97 6.39
C ASN W 87 36.67 -18.75 5.89
N ASP W 88 37.75 -18.36 6.61
CA ASP W 88 38.50 -17.16 6.39
C ASP W 88 39.85 -17.61 5.95
N GLY W 89 40.34 -17.03 4.84
CA GLY W 89 41.69 -17.22 4.38
C GLY W 89 41.97 -18.61 3.91
N CYS W 90 40.94 -19.31 3.39
CA CYS W 90 41.11 -20.64 2.86
C CYS W 90 41.26 -20.55 1.38
N LEU W 91 41.24 -19.32 0.81
CA LEU W 91 41.66 -19.06 -0.54
C LEU W 91 43.12 -19.45 -0.70
N ASN W 92 43.95 -19.13 0.31
CA ASN W 92 45.36 -19.45 0.37
C ASN W 92 45.66 -20.92 0.39
N PHE W 93 44.78 -21.73 1.03
CA PHE W 93 44.96 -23.17 1.10
C PHE W 93 44.56 -23.85 -0.18
N ILE W 94 43.99 -23.12 -1.16
CA ILE W 94 43.70 -23.62 -2.47
C ILE W 94 44.78 -23.08 -3.35
N GLU W 95 45.29 -23.93 -4.26
CA GLU W 95 46.33 -23.59 -5.17
C GLU W 95 45.86 -24.11 -6.49
N GLU W 96 46.06 -23.29 -7.55
CA GLU W 96 45.50 -23.47 -8.86
C GLU W 96 46.00 -24.70 -9.56
N ASN W 97 45.12 -25.30 -10.40
CA ASN W 97 45.37 -26.45 -11.25
C ASN W 97 45.69 -27.68 -10.46
N ASP W 98 44.91 -27.90 -9.39
CA ASP W 98 44.95 -29.10 -8.59
C ASP W 98 43.53 -29.57 -8.55
N GLU W 99 43.27 -30.71 -7.90
CA GLU W 99 41.94 -31.24 -7.79
C GLU W 99 41.35 -30.72 -6.53
N VAL W 100 40.01 -30.74 -6.46
CA VAL W 100 39.27 -30.31 -5.32
C VAL W 100 38.09 -31.22 -5.32
N LEU W 101 37.29 -31.17 -4.24
CA LEU W 101 36.08 -31.93 -4.14
C LEU W 101 35.05 -30.91 -3.79
N VAL W 102 33.90 -30.94 -4.50
CA VAL W 102 32.88 -29.94 -4.40
C VAL W 102 31.70 -30.63 -3.78
N ALA W 103 30.64 -29.85 -3.51
CA ALA W 103 29.52 -30.31 -2.73
C ALA W 103 28.53 -29.20 -2.86
N GLY W 104 27.23 -29.52 -2.77
CA GLY W 104 26.19 -28.52 -2.90
C GLY W 104 26.12 -27.66 -1.68
N PHE W 105 25.43 -26.51 -1.80
CA PHE W 105 25.38 -25.53 -0.76
C PHE W 105 24.56 -25.99 0.41
N GLY W 106 23.38 -26.60 0.16
CA GLY W 106 22.43 -26.85 1.21
C GLY W 106 21.15 -26.14 0.98
N ARG W 107 20.78 -25.88 -0.30
CA ARG W 107 19.48 -25.33 -0.58
C ARG W 107 19.05 -25.80 -1.94
N LYS W 108 19.74 -26.83 -2.48
CA LYS W 108 19.23 -27.70 -3.52
C LYS W 108 18.92 -27.01 -4.82
N GLY W 109 19.87 -26.19 -5.31
CA GLY W 109 19.82 -25.70 -6.67
C GLY W 109 19.58 -24.22 -6.68
N HIS W 110 19.80 -23.53 -5.55
CA HIS W 110 19.36 -22.17 -5.40
C HIS W 110 20.41 -21.54 -4.56
N ALA W 111 20.87 -20.34 -4.98
CA ALA W 111 21.96 -19.64 -4.35
C ALA W 111 21.61 -19.25 -2.95
N VAL W 112 22.61 -19.26 -2.05
CA VAL W 112 22.42 -19.22 -0.62
C VAL W 112 23.01 -17.91 -0.25
N GLY W 113 22.31 -17.16 0.62
CA GLY W 113 22.86 -15.97 1.24
C GLY W 113 22.82 -14.85 0.27
N ASP W 114 23.81 -13.94 0.35
CA ASP W 114 23.83 -12.73 -0.43
C ASP W 114 24.69 -12.88 -1.63
N ILE W 115 25.32 -14.07 -1.84
CA ILE W 115 26.19 -14.28 -2.97
C ILE W 115 25.34 -14.84 -4.09
N PRO W 116 25.34 -14.30 -5.31
CA PRO W 116 24.55 -14.85 -6.40
C PRO W 116 25.40 -15.72 -7.28
N GLY W 117 24.77 -16.73 -7.94
CA GLY W 117 25.39 -17.55 -8.95
C GLY W 117 26.27 -18.64 -8.41
N VAL W 118 26.27 -18.87 -7.08
CA VAL W 118 27.15 -19.83 -6.47
C VAL W 118 26.27 -20.75 -5.68
N ARG W 119 26.26 -22.05 -6.06
CA ARG W 119 25.41 -23.04 -5.49
C ARG W 119 26.24 -24.18 -4.99
N PHE W 120 27.54 -23.96 -4.71
CA PHE W 120 28.45 -25.04 -4.43
C PHE W 120 29.46 -24.52 -3.48
N LYS W 121 30.13 -25.43 -2.74
CA LYS W 121 31.21 -25.09 -1.87
C LYS W 121 32.23 -26.17 -2.04
N VAL W 122 33.31 -26.14 -1.23
CA VAL W 122 34.51 -26.91 -1.46
C VAL W 122 34.84 -27.51 -0.13
N VAL W 123 35.35 -28.76 -0.12
CA VAL W 123 35.55 -29.54 1.08
C VAL W 123 36.97 -30.05 1.16
N LYS W 124 37.59 -30.54 0.06
CA LYS W 124 38.90 -31.16 0.11
C LYS W 124 39.71 -30.57 -0.99
N VAL W 125 41.02 -30.33 -0.73
CA VAL W 125 41.92 -29.74 -1.70
C VAL W 125 42.98 -30.72 -2.14
N ALA W 126 43.26 -31.78 -1.37
CA ALA W 126 44.29 -32.71 -1.76
C ALA W 126 44.24 -33.89 -0.85
N ASN W 127 43.01 -34.25 -0.40
CA ASN W 127 42.67 -35.36 0.48
C ASN W 127 42.79 -34.89 1.89
N VAL W 128 42.67 -33.56 2.08
CA VAL W 128 42.90 -32.92 3.33
C VAL W 128 41.83 -31.88 3.36
N SER W 129 41.04 -31.84 4.45
CA SER W 129 39.83 -31.07 4.50
C SER W 129 40.19 -29.66 4.85
N LEU W 130 39.33 -28.68 4.47
CA LEU W 130 39.47 -27.29 4.79
C LEU W 130 39.35 -27.07 6.27
N LEU W 131 38.62 -27.98 6.97
CA LEU W 131 38.42 -27.93 8.40
C LEU W 131 39.75 -28.15 9.05
N ALA W 132 40.42 -29.28 8.71
CA ALA W 132 41.68 -29.68 9.27
C ALA W 132 42.82 -28.76 8.90
N LEU W 133 42.81 -28.12 7.71
CA LEU W 133 43.73 -27.08 7.33
C LEU W 133 43.61 -25.85 8.20
N TYR W 134 42.36 -25.47 8.51
CA TYR W 134 42.04 -24.27 9.23
C TYR W 134 42.39 -24.45 10.68
N LYS W 135 42.06 -25.62 11.26
CA LYS W 135 42.20 -25.87 12.68
C LYS W 135 43.64 -26.21 12.97
N GLY W 136 44.26 -27.04 12.11
CA GLY W 136 45.67 -27.32 12.15
C GLY W 136 45.88 -28.76 12.50
N LYS W 137 44.82 -29.57 12.36
CA LYS W 137 44.86 -30.99 12.61
C LYS W 137 45.59 -31.72 11.52
N LYS W 138 45.72 -31.10 10.33
CA LYS W 138 46.49 -31.61 9.24
C LYS W 138 47.13 -30.42 8.57
N GLU W 139 48.00 -30.68 7.57
CA GLU W 139 48.78 -29.68 6.91
C GLU W 139 48.80 -30.07 5.47
N ARG W 140 48.84 -29.05 4.57
CA ARG W 140 48.97 -29.17 3.13
C ARG W 140 50.23 -29.91 2.77
N PRO W 141 50.23 -30.95 1.92
CA PRO W 141 51.43 -31.74 1.71
C PRO W 141 52.16 -31.19 0.51
N ARG W 142 53.35 -30.61 0.73
CA ARG W 142 54.16 -30.01 -0.32
C ARG W 142 55.52 -30.72 -0.26
N ASP X 1 40.81 -78.17 42.08
CA ASP X 1 40.59 -77.67 43.46
C ASP X 1 39.52 -78.54 44.08
N THR X 2 38.32 -77.95 44.33
CA THR X 2 37.12 -78.67 44.69
C THR X 2 36.54 -79.12 43.38
N VAL X 3 36.27 -80.44 43.26
CA VAL X 3 35.88 -81.03 42.01
C VAL X 3 34.65 -81.78 42.38
N THR X 4 33.55 -81.50 41.65
CA THR X 4 32.30 -82.17 41.84
C THR X 4 31.93 -82.51 40.44
N ILE X 5 31.73 -83.81 40.17
CA ILE X 5 31.20 -84.27 38.91
C ILE X 5 29.91 -84.91 39.31
N ARG X 6 28.81 -84.49 38.65
CA ARG X 6 27.48 -84.90 38.99
C ARG X 6 26.98 -85.54 37.74
N THR X 7 26.21 -86.64 37.90
CA THR X 7 25.71 -87.42 36.80
C THR X 7 24.74 -86.54 35.98
N ARG X 8 21.81 -86.73 34.52
CA ARG X 8 21.24 -85.81 33.54
C ARG X 8 21.41 -86.35 32.16
N LYS X 9 20.29 -86.74 31.53
CA LYS X 9 20.17 -87.21 30.17
C LYS X 9 21.00 -88.44 29.92
N PHE X 10 20.88 -89.42 30.84
CA PHE X 10 21.50 -90.74 30.75
C PHE X 10 20.81 -91.45 29.61
N MET X 11 21.57 -91.99 28.63
CA MET X 11 20.98 -92.79 27.59
C MET X 11 21.95 -93.87 27.25
N THR X 12 21.42 -95.10 27.05
CA THR X 12 22.13 -96.28 26.66
C THR X 12 21.97 -96.49 25.18
N ASN X 13 23.03 -96.11 24.42
CA ASN X 13 23.01 -96.01 22.99
C ASN X 13 23.62 -97.27 22.44
N ARG X 14 22.78 -98.33 22.36
CA ARG X 14 23.19 -99.67 21.99
C ARG X 14 23.72 -99.74 20.58
N LEU X 15 23.13 -98.96 19.65
CA LEU X 15 23.49 -98.92 18.25
C LEU X 15 24.90 -98.50 17.97
N LEU X 16 25.44 -97.53 18.73
CA LEU X 16 26.81 -97.07 18.62
C LEU X 16 27.69 -97.67 19.68
N GLN X 17 27.12 -98.43 20.64
CA GLN X 17 27.85 -99.15 21.66
C GLN X 17 28.48 -98.20 22.65
N ARG X 18 27.68 -97.29 23.21
CA ARG X 18 28.21 -96.29 24.09
C ARG X 18 27.09 -95.83 24.98
N LYS X 19 27.43 -94.95 25.94
CA LYS X 19 26.53 -94.45 26.93
C LYS X 19 26.86 -93.00 26.97
N GLN X 20 25.88 -92.13 26.65
CA GLN X 20 26.08 -90.71 26.49
C GLN X 20 25.20 -90.01 27.49
N MET X 21 25.82 -89.07 28.24
CA MET X 21 25.17 -88.27 29.23
C MET X 21 25.74 -86.87 29.13
N VAL X 22 25.38 -85.99 30.10
CA VAL X 22 25.89 -84.65 30.22
C VAL X 22 26.86 -84.66 31.38
N ILE X 23 27.94 -83.84 31.30
CA ILE X 23 28.96 -83.75 32.31
C ILE X 23 28.80 -82.42 32.99
N ASP X 24 28.11 -82.42 34.14
CA ASP X 24 27.74 -81.24 34.90
C ASP X 24 28.73 -81.13 36.03
N VAL X 25 29.40 -79.97 36.15
CA VAL X 25 30.55 -79.84 37.01
C VAL X 25 30.27 -78.60 37.79
N LEU X 26 30.60 -78.64 39.11
CA LEU X 26 30.49 -77.55 40.04
C LEU X 26 31.86 -77.42 40.64
N HIS X 27 32.33 -76.19 40.91
CA HIS X 27 33.66 -75.97 41.43
C HIS X 27 33.83 -74.52 41.71
N PRO X 28 33.84 -74.04 42.95
CA PRO X 28 33.74 -72.62 43.23
C PRO X 28 35.13 -72.03 43.35
N GLY X 29 36.19 -72.81 43.08
CA GLY X 29 37.55 -72.34 43.18
C GLY X 29 37.87 -71.74 41.86
N LYS X 30 38.79 -72.38 41.10
CA LYS X 30 39.04 -72.04 39.73
C LYS X 30 38.22 -73.06 39.02
N ALA X 31 37.08 -72.60 38.45
CA ALA X 31 36.28 -73.33 37.49
C ALA X 31 37.09 -73.69 36.27
N THR X 32 36.78 -74.87 35.71
CA THR X 32 37.35 -75.46 34.53
C THR X 32 38.59 -76.19 34.96
N VAL X 33 38.48 -77.52 35.07
CA VAL X 33 39.60 -78.38 35.37
C VAL X 33 39.94 -79.04 34.06
N PRO X 34 41.18 -79.46 33.80
CA PRO X 34 41.60 -80.19 32.61
C PRO X 34 40.68 -81.32 32.25
N LYS X 35 40.53 -81.63 30.94
CA LYS X 35 39.62 -82.66 30.51
C LYS X 35 40.18 -84.01 30.86
N THR X 36 41.51 -84.09 31.05
CA THR X 36 42.21 -85.28 31.41
C THR X 36 41.81 -85.69 32.81
N GLU X 37 41.79 -84.73 33.76
CA GLU X 37 41.38 -84.91 35.14
C GLU X 37 39.94 -85.38 35.26
N ILE X 38 39.06 -84.94 34.34
CA ILE X 38 37.65 -85.23 34.42
C ILE X 38 37.44 -86.68 34.10
N GLN X 39 38.04 -87.17 32.99
CA GLN X 39 37.88 -88.53 32.55
C GLN X 39 38.48 -89.55 33.48
N GLU X 40 39.46 -89.18 34.35
CA GLU X 40 39.92 -90.04 35.41
C GLU X 40 38.83 -90.37 36.38
N LYS X 41 38.11 -89.32 36.85
CA LYS X 41 37.08 -89.44 37.84
C LYS X 41 35.84 -90.15 37.36
N LEU X 42 35.48 -89.97 36.08
CA LEU X 42 34.34 -90.60 35.48
C LEU X 42 34.61 -92.05 35.17
N ALA X 43 35.90 -92.40 34.98
CA ALA X 43 36.36 -93.76 34.82
C ALA X 43 36.06 -94.58 36.03
N LYS X 44 36.25 -94.00 37.23
CA LYS X 44 36.01 -94.64 38.51
C LYS X 44 34.67 -94.23 39.05
N MET X 45 33.67 -94.01 38.17
CA MET X 45 32.29 -93.90 38.58
C MET X 45 31.43 -94.88 37.85
N TYR X 46 31.97 -95.59 36.83
CA TYR X 46 31.26 -96.70 36.26
C TYR X 46 32.24 -97.81 36.00
N LYS X 47 33.52 -97.60 36.40
CA LYS X 47 34.54 -98.61 36.52
C LYS X 47 34.96 -99.15 35.18
N THR X 48 35.17 -98.26 34.18
CA THR X 48 35.40 -98.67 32.80
C THR X 48 36.77 -98.25 32.29
N THR X 49 37.57 -97.51 33.10
CA THR X 49 38.99 -97.22 32.88
C THR X 49 39.19 -96.18 31.79
N PRO X 50 40.25 -95.37 31.74
CA PRO X 50 40.17 -94.17 30.92
C PRO X 50 40.95 -94.46 29.66
N ASP X 51 40.28 -95.19 28.73
CA ASP X 51 40.72 -95.38 27.38
C ASP X 51 39.48 -95.60 26.57
N VAL X 52 38.29 -95.33 27.16
CA VAL X 52 37.04 -95.42 26.46
C VAL X 52 36.18 -94.28 26.91
N ILE X 53 36.72 -93.38 27.75
CA ILE X 53 36.01 -92.18 28.14
C ILE X 53 36.42 -91.14 27.12
N PHE X 54 35.45 -90.28 26.74
CA PHE X 54 35.68 -89.22 25.80
C PHE X 54 34.79 -88.15 26.28
N VAL X 55 35.28 -86.90 26.31
CA VAL X 55 34.49 -85.79 26.78
C VAL X 55 34.84 -84.67 25.86
N PHE X 56 33.93 -83.67 25.79
CA PHE X 56 34.10 -82.50 24.98
C PHE X 56 33.03 -81.55 25.40
N GLY X 57 33.09 -80.28 24.93
CA GLY X 57 32.09 -79.28 25.23
C GLY X 57 32.73 -78.31 26.15
N PHE X 58 32.24 -78.24 27.41
CA PHE X 58 32.85 -77.52 28.49
C PHE X 58 32.96 -76.05 28.23
N ARG X 59 31.80 -75.39 28.13
CA ARG X 59 31.72 -73.94 28.17
C ARG X 59 31.31 -73.62 29.56
N THR X 60 31.93 -72.56 30.11
CA THR X 60 31.82 -72.20 31.50
C THR X 60 30.86 -71.07 31.51
N HIS X 61 29.87 -71.16 32.41
CA HIS X 61 28.82 -70.20 32.57
C HIS X 61 29.36 -68.94 33.13
N PHE X 62 28.67 -67.80 32.87
CA PHE X 62 29.02 -66.50 33.40
C PHE X 62 29.10 -66.55 34.90
N GLY X 63 30.13 -65.89 35.48
CA GLY X 63 30.29 -65.80 36.91
C GLY X 63 30.97 -67.02 37.46
N GLY X 64 31.36 -67.97 36.58
CA GLY X 64 31.91 -69.27 36.92
C GLY X 64 31.03 -70.08 37.82
N GLY X 65 31.65 -71.05 38.51
CA GLY X 65 31.03 -71.86 39.52
C GLY X 65 30.28 -73.03 38.96
N LYS X 66 30.29 -73.19 37.61
CA LYS X 66 29.64 -74.30 36.99
C LYS X 66 30.24 -74.36 35.62
N THR X 67 30.28 -75.57 35.01
CA THR X 67 30.71 -75.77 33.66
C THR X 67 29.97 -77.00 33.25
N THR X 68 29.61 -77.12 31.95
CA THR X 68 28.77 -78.20 31.48
C THR X 68 29.34 -78.61 30.16
N GLY X 69 29.51 -79.94 29.97
CA GLY X 69 30.06 -80.53 28.78
C GLY X 69 29.20 -81.71 28.44
N PHE X 70 29.76 -82.63 27.63
CA PHE X 70 29.03 -83.74 27.07
C PHE X 70 30.06 -84.84 26.96
N GLY X 71 29.72 -86.05 27.46
CA GLY X 71 30.68 -87.12 27.56
C GLY X 71 30.08 -88.40 27.08
N MET X 72 30.91 -89.24 26.45
CA MET X 72 30.59 -90.57 26.01
C MET X 72 31.43 -91.54 26.80
N ILE X 73 30.97 -92.80 26.87
CA ILE X 73 31.68 -93.89 27.51
C ILE X 73 31.40 -95.07 26.64
N TYR X 74 32.46 -95.66 26.04
CA TYR X 74 32.36 -96.79 25.14
C TYR X 74 32.58 -98.03 25.92
N ASP X 75 32.00 -99.15 25.42
CA ASP X 75 32.11 -100.46 26.00
C ASP X 75 33.50 -101.04 25.85
N SER X 76 34.10 -100.88 24.66
CA SER X 76 35.43 -101.40 24.38
C SER X 76 36.17 -100.40 23.56
N LEU X 77 37.49 -100.64 23.41
CA LEU X 77 38.41 -99.77 22.72
C LEU X 77 38.11 -99.75 21.25
N ASP X 78 37.93 -100.92 20.62
CA ASP X 78 37.79 -101.03 19.18
C ASP X 78 36.54 -100.36 18.66
N TYR X 79 35.47 -100.33 19.50
CA TYR X 79 34.23 -99.65 19.21
C TYR X 79 34.36 -98.16 19.24
N ALA X 80 35.31 -97.64 20.04
CA ALA X 80 35.61 -96.22 20.08
C ALA X 80 36.42 -95.86 18.88
N LYS X 81 37.48 -96.65 18.62
CA LYS X 81 38.43 -96.44 17.55
C LYS X 81 37.80 -96.43 16.17
N LYS X 82 36.66 -97.13 16.01
CA LYS X 82 35.93 -97.21 14.76
C LYS X 82 35.02 -96.03 14.60
N ASN X 83 34.22 -95.71 15.64
CA ASN X 83 33.13 -94.77 15.56
C ASN X 83 33.56 -93.34 15.63
N GLU X 84 33.96 -92.86 16.85
CA GLU X 84 34.76 -91.67 17.13
C GLU X 84 35.22 -90.83 15.94
N PRO X 85 34.78 -89.58 15.74
CA PRO X 85 35.43 -88.60 14.88
C PRO X 85 36.93 -88.58 14.96
N LYS X 86 37.60 -88.34 13.81
CA LYS X 86 39.01 -88.55 13.62
C LYS X 86 39.83 -87.68 14.54
N HIS X 87 39.42 -86.39 14.66
CA HIS X 87 40.07 -85.41 15.49
C HIS X 87 39.95 -85.69 16.97
N ARG X 88 38.89 -86.40 17.42
CA ARG X 88 38.69 -86.77 18.81
C ARG X 88 39.54 -87.91 19.26
N LEU X 89 39.94 -88.79 18.32
CA LEU X 89 40.88 -89.86 18.58
C LEU X 89 42.27 -89.27 18.62
N ALA X 90 42.56 -88.32 17.72
CA ALA X 90 43.85 -87.67 17.71
C ALA X 90 44.00 -86.63 18.79
N ARG X 91 42.91 -86.30 19.52
CA ARG X 91 42.89 -85.33 20.59
C ARG X 91 43.74 -85.75 21.75
N HIS X 92 43.60 -87.02 22.18
CA HIS X 92 44.54 -87.68 23.04
C HIS X 92 44.97 -88.87 22.26
N GLY X 93 46.25 -88.87 21.82
CA GLY X 93 46.71 -89.60 20.67
C GLY X 93 46.48 -91.08 20.71
N LEU X 94 46.04 -91.62 19.56
CA LEU X 94 46.16 -93.00 19.21
C LEU X 94 45.89 -93.08 17.73
N TYR X 95 45.84 -91.90 17.07
CA TYR X 95 45.45 -91.77 15.70
C TYR X 95 46.06 -90.47 15.25
N GLU X 96 46.35 -90.38 13.93
CA GLU X 96 46.70 -89.13 13.30
C GLU X 96 46.48 -89.33 11.84
N LYS X 97 46.51 -88.22 11.08
CA LYS X 97 46.52 -88.23 9.65
C LYS X 97 47.43 -87.10 9.30
N LYS X 98 48.45 -87.38 8.43
CA LYS X 98 49.36 -86.36 7.97
C LYS X 98 48.69 -85.57 6.88
N LYS X 99 48.67 -84.24 7.07
CA LYS X 99 48.03 -83.31 6.16
C LYS X 99 49.09 -82.33 5.75
N THR X 100 49.32 -82.21 4.42
CA THR X 100 50.40 -81.43 3.84
C THR X 100 50.28 -79.90 3.89
N SER X 101 49.17 -79.19 3.56
CA SER X 101 47.88 -79.65 3.13
C SER X 101 47.33 -78.57 2.24
N ARG X 102 46.56 -79.01 1.21
CA ARG X 102 45.56 -78.25 0.51
C ARG X 102 46.11 -77.21 -0.42
N LYS X 103 47.43 -77.22 -0.69
CA LYS X 103 47.96 -76.43 -1.76
C LYS X 103 48.90 -77.35 -2.45
N GLN X 104 49.60 -78.21 -1.68
CA GLN X 104 50.38 -79.29 -2.20
C GLN X 104 49.53 -80.31 -2.91
N ARG X 105 48.28 -80.53 -2.46
CA ARG X 105 47.34 -81.43 -3.08
C ARG X 105 46.90 -80.95 -4.43
N LYS X 106 46.48 -79.67 -4.49
CA LYS X 106 45.87 -79.09 -5.69
C LYS X 106 46.90 -78.89 -6.76
N GLU X 107 48.10 -78.40 -6.38
CA GLU X 107 49.20 -78.15 -7.29
C GLU X 107 49.74 -79.42 -7.87
N ARG X 108 49.57 -80.57 -7.20
CA ARG X 108 49.99 -81.83 -7.75
C ARG X 108 49.02 -82.28 -8.80
N LYS X 109 47.71 -82.07 -8.54
CA LYS X 109 46.62 -82.50 -9.38
C LYS X 109 46.69 -81.85 -10.72
N ASN X 110 46.82 -80.51 -10.75
CA ASN X 110 46.91 -79.71 -11.95
C ASN X 110 48.14 -80.00 -12.79
N ARG X 111 49.25 -80.45 -12.18
CA ARG X 111 50.43 -80.88 -12.90
C ARG X 111 50.21 -82.23 -13.52
N MET X 112 49.55 -83.15 -12.78
CA MET X 112 49.16 -84.47 -13.22
C MET X 112 48.26 -84.48 -14.42
N LYS X 113 47.41 -83.44 -14.64
CA LYS X 113 46.53 -83.38 -15.79
C LYS X 113 47.29 -83.32 -17.09
N LYS X 114 48.51 -82.73 -17.05
CA LYS X 114 49.31 -82.46 -18.22
C LYS X 114 49.93 -83.70 -18.80
N VAL X 115 50.40 -84.63 -17.92
CA VAL X 115 50.95 -85.90 -18.32
C VAL X 115 49.84 -86.91 -18.48
N ARG X 116 50.19 -88.11 -18.99
CA ARG X 116 49.26 -89.21 -19.07
C ARG X 116 50.06 -90.47 -18.96
N GLY X 117 49.50 -91.48 -18.25
CA GLY X 117 50.06 -92.82 -18.14
C GLY X 117 51.08 -92.97 -17.07
N THR X 118 51.40 -91.89 -16.33
CA THR X 118 52.41 -91.92 -15.29
C THR X 118 51.93 -90.94 -14.26
N ALA X 119 51.75 -91.41 -13.01
CA ALA X 119 51.15 -90.63 -11.96
C ALA X 119 52.23 -90.25 -10.98
N LYS X 120 53.32 -91.03 -10.98
CA LYS X 120 54.42 -90.96 -10.05
C LYS X 120 55.45 -89.92 -10.38
N ALA X 121 55.52 -89.50 -11.67
CA ALA X 121 56.51 -88.57 -12.19
C ALA X 121 56.44 -87.19 -11.60
N ASN X 122 55.25 -86.55 -11.59
CA ASN X 122 55.00 -85.24 -11.03
C ASN X 122 55.28 -85.16 -9.55
N VAL X 123 55.01 -86.26 -8.82
CA VAL X 123 55.27 -86.40 -7.40
C VAL X 123 56.75 -86.46 -7.13
N GLY X 124 57.51 -87.13 -8.02
CA GLY X 124 58.94 -87.27 -7.97
C GLY X 124 59.68 -85.98 -8.19
N ALA X 125 59.04 -85.01 -8.90
CA ALA X 125 59.64 -83.74 -9.24
C ALA X 125 59.81 -82.80 -8.07
N GLY X 126 59.10 -83.06 -6.95
CA GLY X 126 59.30 -82.32 -5.72
C GLY X 126 58.55 -80.99 -5.78
N THR Y 1 -12.83 -4.55 -5.13
CA THR Y 1 -14.06 -4.07 -4.43
C THR Y 1 -15.11 -3.77 -5.46
N LYS Y 2 -16.22 -3.15 -5.00
CA LYS Y 2 -17.26 -2.66 -5.85
C LYS Y 2 -17.73 -1.47 -5.09
N LYS Y 3 -17.98 -0.35 -5.80
CA LYS Y 3 -18.42 0.87 -5.17
C LYS Y 3 -19.92 0.92 -5.23
N ARG Y 4 -20.56 0.04 -6.04
CA ARG Y 4 -21.95 0.09 -6.32
C ARG Y 4 -22.45 -1.32 -6.23
N ARG Y 5 -23.79 -1.49 -6.19
CA ARG Y 5 -24.38 -2.78 -6.42
C ARG Y 5 -24.99 -2.83 -7.79
N ASN Y 6 -25.11 -1.68 -8.49
CA ASN Y 6 -25.69 -1.65 -9.81
C ASN Y 6 -24.64 -1.48 -10.87
N ASN Y 7 -23.34 -1.42 -10.48
CA ASN Y 7 -22.19 -1.23 -11.34
C ASN Y 7 -22.27 0.11 -12.02
N GLY Y 8 -22.85 0.12 -13.24
CA GLY Y 8 -23.04 1.30 -14.04
C GLY Y 8 -24.28 1.96 -13.55
N ARG Y 9 -25.35 1.91 -14.37
CA ARG Y 9 -26.67 2.13 -13.87
C ARG Y 9 -27.57 1.21 -14.63
N ALA Y 10 -28.59 0.67 -13.92
CA ALA Y 10 -29.70 -0.13 -14.36
C ALA Y 10 -29.58 -0.91 -15.64
N LYS Y 11 -28.88 -2.06 -15.60
CA LYS Y 11 -28.79 -2.98 -16.70
C LYS Y 11 -29.22 -4.26 -16.06
N LYS Y 12 -30.47 -4.70 -16.29
CA LYS Y 12 -31.01 -5.84 -15.61
C LYS Y 12 -31.77 -6.61 -16.64
N GLY Y 13 -31.39 -7.89 -16.84
CA GLY Y 13 -32.10 -8.79 -17.71
C GLY Y 13 -31.85 -8.54 -19.16
N ARG Y 14 -30.94 -7.62 -19.50
CA ARG Y 14 -30.74 -7.16 -20.85
C ARG Y 14 -29.27 -7.22 -21.12
N GLY Y 15 -28.91 -7.22 -22.41
CA GLY Y 15 -27.55 -7.35 -22.85
C GLY Y 15 -27.13 -5.97 -23.22
N HIS Y 16 -27.22 -5.65 -24.53
CA HIS Y 16 -26.77 -4.40 -25.07
C HIS Y 16 -27.85 -3.37 -24.92
N VAL Y 17 -27.44 -2.12 -24.66
CA VAL Y 17 -28.31 -0.98 -24.49
C VAL Y 17 -27.81 0.04 -25.46
N GLN Y 18 -28.75 0.69 -26.20
CA GLN Y 18 -28.46 1.66 -27.23
C GLN Y 18 -27.69 2.83 -26.69
N PRO Y 19 -26.62 3.34 -27.31
CA PRO Y 19 -25.82 4.41 -26.75
C PRO Y 19 -26.41 5.75 -27.08
N ILE Y 20 -25.84 6.83 -26.50
CA ILE Y 20 -26.30 8.17 -26.69
C ILE Y 20 -25.08 9.04 -26.51
N ARG Y 21 -25.12 10.29 -27.03
CA ARG Y 21 -23.96 11.12 -27.16
C ARG Y 21 -24.17 12.19 -26.14
N CYS Y 22 -23.11 12.57 -25.41
CA CYS Y 22 -23.13 13.64 -24.45
C CYS Y 22 -23.33 14.96 -25.14
N THR Y 23 -24.04 15.89 -24.47
CA THR Y 23 -24.37 17.19 -25.00
C THR Y 23 -23.16 18.06 -25.18
N ASN Y 24 -22.19 18.00 -24.25
CA ASN Y 24 -21.15 19.00 -24.18
C ASN Y 24 -19.80 18.37 -24.27
N CYS Y 25 -19.59 17.17 -23.66
CA CYS Y 25 -18.40 16.38 -23.87
C CYS Y 25 -18.31 15.92 -25.30
N ALA Y 26 -19.44 15.44 -25.85
CA ALA Y 26 -19.58 14.93 -27.20
C ALA Y 26 -19.09 13.52 -27.24
N CYS Y 27 -19.14 12.83 -26.08
CA CYS Y 27 -18.53 11.55 -25.86
C CYS Y 27 -19.62 10.56 -26.18
N CYS Y 28 -19.45 9.28 -25.81
CA CYS Y 28 -20.40 8.24 -26.09
C CYS Y 28 -20.50 7.45 -24.85
N VAL Y 29 -21.74 7.24 -24.35
CA VAL Y 29 -21.97 6.43 -23.18
C VAL Y 29 -23.27 5.69 -23.44
N PRO Y 30 -23.66 4.72 -22.62
CA PRO Y 30 -24.96 4.09 -22.66
C PRO Y 30 -26.08 5.05 -22.33
N LYS Y 31 -27.31 4.72 -22.76
CA LYS Y 31 -28.51 5.46 -22.46
C LYS Y 31 -28.76 5.50 -20.97
N ASP Y 32 -28.56 4.34 -20.30
CA ASP Y 32 -28.74 4.21 -18.89
C ASP Y 32 -27.38 4.16 -18.24
N LYS Y 33 -26.61 5.27 -18.37
CA LYS Y 33 -25.61 5.58 -17.40
C LYS Y 33 -25.61 7.06 -17.30
N ALA Y 34 -25.99 7.75 -18.40
CA ALA Y 34 -25.98 9.19 -18.51
C ALA Y 34 -26.96 9.79 -17.55
N ILE Y 35 -26.55 10.89 -16.87
CA ILE Y 35 -27.45 11.67 -16.04
C ILE Y 35 -28.35 12.44 -16.96
N LYS Y 36 -29.67 12.20 -16.85
CA LYS Y 36 -30.69 12.75 -17.69
C LYS Y 36 -31.38 13.79 -16.87
N LYS Y 37 -31.17 15.07 -17.25
CA LYS Y 37 -31.72 16.20 -16.56
C LYS Y 37 -32.53 16.95 -17.56
N PHE Y 38 -33.85 17.05 -17.30
CA PHE Y 38 -34.77 17.83 -18.10
C PHE Y 38 -34.82 19.18 -17.47
N VAL Y 39 -35.12 20.21 -18.29
CA VAL Y 39 -34.87 21.60 -17.98
C VAL Y 39 -36.10 22.32 -18.44
N ILE Y 40 -36.50 23.36 -17.67
CA ILE Y 40 -37.61 24.21 -17.97
C ILE Y 40 -37.03 25.57 -17.79
N ARG Y 41 -37.22 26.50 -18.74
CA ARG Y 41 -36.86 27.87 -18.50
C ARG Y 41 -37.81 28.71 -19.29
N ASN Y 42 -37.92 30.00 -18.93
CA ASN Y 42 -38.54 31.05 -19.69
C ASN Y 42 -37.60 31.52 -20.76
N ILE Y 43 -38.17 32.09 -21.85
CA ILE Y 43 -37.44 32.55 -23.02
C ILE Y 43 -36.56 33.71 -22.62
N VAL Y 44 -37.09 34.62 -21.77
CA VAL Y 44 -36.45 35.87 -21.41
C VAL Y 44 -35.77 35.68 -20.07
N GLU Y 45 -35.90 34.45 -19.51
CA GLU Y 45 -35.25 33.93 -18.33
C GLU Y 45 -35.92 34.42 -17.07
N ALA Y 46 -37.18 34.88 -17.23
CA ALA Y 46 -37.93 35.73 -16.34
C ALA Y 46 -37.17 36.80 -15.60
N ALA Y 47 -36.46 37.68 -16.34
CA ALA Y 47 -35.61 38.67 -15.70
C ALA Y 47 -35.98 40.00 -16.26
N ALA Y 48 -36.28 40.04 -17.57
CA ALA Y 48 -36.71 41.21 -18.28
C ALA Y 48 -38.19 41.10 -18.48
N VAL Y 49 -38.86 40.17 -17.76
CA VAL Y 49 -40.23 39.77 -17.97
C VAL Y 49 -41.21 40.88 -17.74
N ARG Y 50 -40.99 41.74 -16.73
CA ARG Y 50 -41.84 42.87 -16.47
C ARG Y 50 -41.72 43.89 -17.57
N ASP Y 51 -40.47 44.12 -18.05
CA ASP Y 51 -40.13 45.07 -19.08
C ASP Y 51 -40.62 44.66 -20.46
N ILE Y 52 -40.90 43.36 -20.65
CA ILE Y 52 -41.33 42.79 -21.92
C ILE Y 52 -42.83 42.80 -21.92
N SER Y 53 -43.47 42.20 -20.88
CA SER Y 53 -44.92 42.03 -20.82
C SER Y 53 -45.73 43.30 -20.93
N GLU Y 54 -45.22 44.40 -20.33
CA GLU Y 54 -45.81 45.72 -20.39
C GLU Y 54 -45.85 46.32 -21.78
N VAL Y 55 -44.86 46.00 -22.65
CA VAL Y 55 -44.79 46.59 -23.98
C VAL Y 55 -45.11 45.49 -24.94
N SER Y 56 -46.34 45.52 -25.49
CA SER Y 56 -46.78 44.54 -26.46
C SER Y 56 -47.97 45.12 -27.17
N VAL Y 57 -48.43 44.42 -28.24
CA VAL Y 57 -49.63 44.76 -28.96
C VAL Y 57 -50.79 43.95 -28.46
N PHE Y 58 -50.58 43.11 -27.42
CA PHE Y 58 -51.61 42.30 -26.84
C PHE Y 58 -51.74 42.69 -25.40
N ASP Y 59 -52.96 42.49 -24.83
CA ASP Y 59 -53.29 42.86 -23.48
C ASP Y 59 -52.60 41.92 -22.53
N ALA Y 60 -52.64 40.61 -22.86
CA ALA Y 60 -52.05 39.59 -22.03
C ALA Y 60 -51.52 38.56 -22.97
N TYR Y 61 -50.47 37.86 -22.52
CA TYR Y 61 -49.74 36.91 -23.31
C TYR Y 61 -48.70 36.45 -22.35
N VAL Y 62 -48.82 35.19 -21.88
CA VAL Y 62 -47.86 34.56 -21.02
C VAL Y 62 -46.92 33.83 -21.93
N LEU Y 63 -45.60 34.03 -21.73
CA LEU Y 63 -44.58 33.65 -22.67
C LEU Y 63 -44.40 32.15 -22.73
N PRO Y 64 -44.00 31.55 -23.85
CA PRO Y 64 -43.61 30.14 -23.98
C PRO Y 64 -42.51 29.72 -23.04
N LYS Y 65 -42.18 28.41 -23.05
CA LYS Y 65 -41.07 27.92 -22.30
C LYS Y 65 -40.14 27.29 -23.28
N LEU Y 66 -38.91 27.03 -22.80
CA LEU Y 66 -37.83 26.46 -23.54
C LEU Y 66 -37.55 25.12 -22.95
N TYR Y 67 -37.80 24.06 -23.72
CA TYR Y 67 -37.74 22.70 -23.25
C TYR Y 67 -36.54 22.09 -23.91
N VAL Y 68 -35.60 21.55 -23.08
CA VAL Y 68 -34.44 20.86 -23.58
C VAL Y 68 -34.17 19.78 -22.60
N LYS Y 69 -33.75 18.61 -23.12
CA LYS Y 69 -33.42 17.44 -22.37
C LYS Y 69 -31.96 17.26 -22.58
N LEU Y 70 -31.18 17.28 -21.48
CA LEU Y 70 -29.74 17.25 -21.57
C LEU Y 70 -29.31 15.95 -20.98
N HIS Y 71 -28.33 15.30 -21.64
CA HIS Y 71 -27.73 14.07 -21.18
C HIS Y 71 -26.30 14.38 -20.97
N TYR Y 72 -25.82 14.24 -19.71
CA TYR Y 72 -24.43 14.45 -19.38
C TYR Y 72 -23.86 13.09 -19.12
N CYS Y 73 -22.51 12.99 -19.15
CA CYS Y 73 -21.80 11.76 -18.92
C CYS Y 73 -21.13 11.89 -17.59
N VAL Y 74 -20.23 10.94 -17.25
CA VAL Y 74 -19.57 10.83 -15.97
C VAL Y 74 -18.70 12.01 -15.69
N SER Y 75 -17.93 12.49 -16.68
CA SER Y 75 -16.94 13.52 -16.48
C SER Y 75 -17.61 14.86 -16.58
N CYS Y 76 -18.41 15.08 -17.65
CA CYS Y 76 -19.08 16.34 -17.85
C CYS Y 76 -20.16 16.64 -16.85
N ALA Y 77 -20.57 15.66 -15.99
CA ALA Y 77 -21.49 15.96 -14.92
C ALA Y 77 -20.77 16.51 -13.73
N ILE Y 78 -19.68 15.84 -13.31
CA ILE Y 78 -18.91 16.19 -12.14
C ILE Y 78 -18.24 17.53 -12.31
N HIS Y 79 -17.83 17.90 -13.54
CA HIS Y 79 -17.02 19.06 -13.77
C HIS Y 79 -17.85 20.30 -13.74
N SER Y 80 -19.09 20.25 -14.30
CA SER Y 80 -20.06 21.31 -14.22
C SER Y 80 -20.80 21.31 -12.90
N LYS Y 81 -20.56 20.29 -12.04
CA LYS Y 81 -21.04 20.23 -10.68
C LYS Y 81 -22.53 20.16 -10.59
N VAL Y 82 -23.14 19.13 -11.21
CA VAL Y 82 -24.52 18.79 -10.94
C VAL Y 82 -24.58 17.66 -9.95
N VAL Y 83 -23.42 17.18 -9.47
CA VAL Y 83 -23.30 16.07 -8.55
C VAL Y 83 -22.00 16.31 -7.82
N ARG Y 84 -21.75 15.52 -6.75
CA ARG Y 84 -20.55 15.64 -5.97
C ARG Y 84 -20.38 14.35 -5.20
N ASN Y 85 -19.20 14.19 -4.56
CA ASN Y 85 -18.85 13.08 -3.69
C ASN Y 85 -19.78 12.99 -2.50
N ARG Y 86 -20.04 11.76 -2.02
CA ARG Y 86 -21.00 11.51 -0.99
C ARG Y 86 -20.41 10.50 -0.08
N SER Y 87 -20.96 10.37 1.15
CA SER Y 87 -20.46 9.50 2.17
C SER Y 87 -20.80 8.09 1.84
N ARG Y 88 -20.04 7.13 2.42
CA ARG Y 88 -20.10 5.73 2.08
C ARG Y 88 -21.31 5.06 2.67
N GLU Y 89 -21.94 5.76 3.64
CA GLU Y 89 -23.12 5.33 4.33
C GLU Y 89 -24.34 6.03 3.78
N ALA Y 90 -24.16 6.84 2.70
CA ALA Y 90 -25.21 7.71 2.23
C ALA Y 90 -25.13 7.88 0.75
N ARG Y 91 -24.42 6.95 0.05
CA ARG Y 91 -24.45 6.87 -1.39
C ARG Y 91 -25.81 6.38 -1.80
N LYS Y 92 -26.37 5.49 -0.95
CA LYS Y 92 -27.56 4.71 -1.21
C LYS Y 92 -28.79 5.52 -0.92
N ASP Y 93 -29.31 6.19 -1.97
CA ASP Y 93 -30.54 6.93 -1.93
C ASP Y 93 -31.04 6.87 -3.33
N ARG Y 94 -32.38 6.89 -3.49
CA ARG Y 94 -33.03 6.92 -4.77
C ARG Y 94 -33.78 8.21 -4.89
N THR Y 95 -33.54 9.15 -3.95
CA THR Y 95 -34.45 10.24 -3.68
C THR Y 95 -33.92 11.44 -4.42
N PRO Y 96 -34.71 12.20 -5.19
CA PRO Y 96 -34.30 13.46 -5.79
C PRO Y 96 -33.84 14.47 -4.78
N PRO Y 97 -33.12 15.53 -5.12
CA PRO Y 97 -32.77 16.58 -4.18
C PRO Y 97 -33.99 17.38 -3.76
N PRO Y 98 -34.15 17.86 -2.53
CA PRO Y 98 -35.29 18.64 -2.09
C PRO Y 98 -35.59 19.87 -2.91
N ARG Y 99 -36.88 20.05 -3.32
CA ARG Y 99 -37.33 21.19 -4.07
C ARG Y 99 -38.35 21.92 -3.20
N MET Z 1 -42.15 -18.72 10.59
CA MET Z 1 -43.25 -19.43 11.29
C MET Z 1 -43.26 -19.06 12.75
N PRO Z 2 -44.39 -19.02 13.44
CA PRO Z 2 -44.45 -18.72 14.87
C PRO Z 2 -44.01 -19.90 15.71
N LEU Z 3 -43.90 -21.11 15.11
CA LEU Z 3 -43.40 -22.33 15.70
C LEU Z 3 -44.54 -22.96 16.45
N ALA Z 4 -45.78 -22.58 16.08
CA ALA Z 4 -47.01 -23.05 16.66
C ALA Z 4 -47.80 -23.79 15.62
N LYS Z 5 -47.16 -24.12 14.47
CA LYS Z 5 -47.80 -24.62 13.29
C LYS Z 5 -48.54 -25.90 13.52
N ASP Z 6 -49.65 -26.08 12.78
CA ASP Z 6 -50.45 -27.27 12.81
C ASP Z 6 -50.47 -27.66 11.37
N LEU Z 7 -49.87 -28.83 11.07
CA LEU Z 7 -49.80 -29.36 9.75
C LEU Z 7 -50.47 -30.70 9.72
N LEU Z 8 -50.92 -31.20 10.90
CA LEU Z 8 -51.59 -32.46 11.04
C LEU Z 8 -52.95 -32.34 10.41
N HIS Z 9 -53.61 -31.20 10.68
CA HIS Z 9 -54.96 -30.93 10.28
C HIS Z 9 -54.86 -29.67 9.47
N PRO Z 10 -55.68 -29.45 8.46
CA PRO Z 10 -55.55 -28.32 7.58
C PRO Z 10 -56.19 -27.13 8.22
N SER Z 11 -55.97 -25.93 7.65
CA SER Z 11 -56.62 -24.72 8.08
C SER Z 11 -58.00 -24.71 7.48
N PRO Z 12 -59.00 -24.03 8.04
CA PRO Z 12 -60.38 -24.05 7.60
C PRO Z 12 -60.64 -23.86 6.13
N GLU Z 13 -59.95 -22.90 5.48
CA GLU Z 13 -60.08 -22.71 4.06
C GLU Z 13 -58.92 -21.88 3.59
N GLU Z 14 -57.94 -21.62 4.49
CA GLU Z 14 -56.73 -20.92 4.13
C GLU Z 14 -55.76 -21.91 3.55
N GLU Z 15 -56.06 -23.22 3.75
CA GLU Z 15 -55.42 -24.32 3.08
C GLU Z 15 -55.99 -24.44 1.69
N LYS Z 16 -57.33 -24.29 1.60
CA LYS Z 16 -58.08 -24.25 0.36
C LYS Z 16 -58.17 -22.86 -0.20
N ARG Z 17 -57.01 -22.22 -0.46
CA ARG Z 17 -56.94 -21.04 -1.27
C ARG Z 17 -55.59 -20.98 -1.90
N LYS Z 18 -54.72 -21.97 -1.56
CA LYS Z 18 -53.37 -22.09 -2.05
C LYS Z 18 -53.42 -22.71 -3.41
N HIS Z 19 -52.26 -22.81 -4.10
CA HIS Z 19 -52.12 -23.52 -5.34
C HIS Z 19 -52.50 -24.96 -5.13
N LYS Z 20 -53.15 -25.57 -6.14
CA LYS Z 20 -53.90 -26.80 -5.99
C LYS Z 20 -53.09 -28.01 -5.63
N LYS Z 21 -51.76 -28.01 -5.93
CA LYS Z 21 -50.91 -29.13 -5.62
C LYS Z 21 -50.07 -28.89 -4.39
N LYS Z 22 -50.24 -27.74 -3.70
CA LYS Z 22 -49.59 -27.48 -2.44
C LYS Z 22 -50.52 -27.70 -1.28
N ARG Z 23 -51.77 -28.14 -1.57
CA ARG Z 23 -52.73 -28.61 -0.59
C ARG Z 23 -52.26 -29.93 -0.06
N LEU Z 24 -52.65 -30.31 1.18
CA LEU Z 24 -52.22 -31.55 1.80
C LEU Z 24 -52.62 -32.75 1.01
N VAL Z 25 -53.86 -32.78 0.48
CA VAL Z 25 -54.32 -33.77 -0.45
C VAL Z 25 -54.76 -32.95 -1.62
N GLN Z 26 -54.26 -33.31 -2.83
CA GLN Z 26 -54.52 -32.59 -4.05
C GLN Z 26 -55.96 -32.74 -4.47
N SER Z 27 -56.49 -31.69 -5.13
CA SER Z 27 -57.83 -31.73 -5.66
C SER Z 27 -57.86 -30.76 -6.80
N PRO Z 28 -58.69 -30.93 -7.84
CA PRO Z 28 -59.00 -29.87 -8.78
C PRO Z 28 -59.89 -28.86 -8.10
N ASN Z 29 -60.05 -27.67 -8.71
CA ASN Z 29 -60.94 -26.65 -8.21
C ASN Z 29 -61.98 -26.39 -9.27
N SER Z 30 -61.98 -27.22 -10.34
CA SER Z 30 -62.94 -27.16 -11.42
C SER Z 30 -64.09 -28.07 -11.07
N TYR Z 31 -65.21 -27.98 -11.82
CA TYR Z 31 -66.46 -28.57 -11.43
C TYR Z 31 -67.30 -28.63 -12.66
N PHE Z 32 -68.43 -29.37 -12.61
CA PHE Z 32 -69.36 -29.49 -13.72
C PHE Z 32 -70.54 -28.59 -13.42
N MET Z 33 -71.51 -28.51 -14.34
CA MET Z 33 -72.72 -27.78 -14.10
C MET Z 33 -73.70 -28.30 -15.08
N ASP Z 34 -74.93 -28.52 -14.60
CA ASP Z 34 -76.02 -29.07 -15.36
C ASP Z 34 -76.83 -27.91 -15.83
N VAL Z 35 -76.89 -27.71 -17.17
CA VAL Z 35 -77.38 -26.49 -17.76
C VAL Z 35 -78.57 -26.91 -18.57
N LYS Z 36 -79.62 -26.06 -18.54
CA LYS Z 36 -80.77 -26.20 -19.39
C LYS Z 36 -81.18 -24.80 -19.72
N CYS Z 37 -80.85 -24.33 -20.95
CA CYS Z 37 -81.13 -22.97 -21.34
C CYS Z 37 -82.53 -22.98 -21.92
N PRO Z 38 -83.25 -21.88 -22.02
CA PRO Z 38 -84.59 -21.81 -22.59
C PRO Z 38 -84.72 -22.41 -23.97
N GLY Z 39 -85.76 -23.25 -24.18
CA GLY Z 39 -86.21 -23.65 -25.49
C GLY Z 39 -85.66 -24.99 -25.91
N CYS Z 40 -84.80 -25.61 -25.09
CA CYS Z 40 -84.31 -26.93 -25.37
C CYS Z 40 -84.23 -27.56 -24.02
N TYR Z 41 -85.34 -28.23 -23.64
CA TYR Z 41 -85.58 -28.78 -22.33
C TYR Z 41 -84.90 -30.10 -22.19
N LYS Z 42 -83.58 -30.10 -21.94
CA LYS Z 42 -82.83 -31.28 -21.66
C LYS Z 42 -81.73 -30.87 -20.75
N ILE Z 43 -81.33 -31.81 -19.89
CA ILE Z 43 -80.34 -31.64 -18.86
C ILE Z 43 -78.99 -31.90 -19.49
N THR Z 44 -78.32 -30.83 -19.97
CA THR Z 44 -77.02 -30.93 -20.59
C THR Z 44 -76.07 -30.79 -19.44
N THR Z 45 -74.85 -31.35 -19.54
CA THR Z 45 -73.85 -31.25 -18.50
C THR Z 45 -72.61 -30.80 -19.18
N VAL Z 46 -71.88 -29.85 -18.55
CA VAL Z 46 -70.88 -29.07 -19.19
C VAL Z 46 -69.86 -28.90 -18.12
N PHE Z 47 -68.56 -28.84 -18.52
CA PHE Z 47 -67.45 -28.62 -17.63
C PHE Z 47 -67.20 -27.14 -17.58
N SER Z 48 -66.76 -26.62 -16.41
CA SER Z 48 -66.63 -25.21 -16.16
C SER Z 48 -65.58 -24.56 -17.02
N HIS Z 49 -64.46 -25.27 -17.25
CA HIS Z 49 -63.38 -24.82 -18.10
C HIS Z 49 -63.43 -25.68 -19.33
N ALA Z 50 -64.49 -25.51 -20.15
CA ALA Z 50 -64.86 -26.39 -21.24
C ALA Z 50 -63.82 -26.48 -22.32
N GLN Z 51 -63.23 -25.31 -22.71
CA GLN Z 51 -62.26 -25.12 -23.77
C GLN Z 51 -62.86 -25.05 -25.15
N THR Z 52 -64.15 -25.41 -25.33
CA THR Z 52 -64.73 -25.56 -26.65
C THR Z 52 -66.16 -25.09 -26.58
N VAL Z 53 -66.77 -24.86 -27.77
CA VAL Z 53 -68.17 -24.56 -27.92
C VAL Z 53 -68.93 -25.79 -27.54
N VAL Z 54 -70.02 -25.63 -26.76
CA VAL Z 54 -70.90 -26.73 -26.43
C VAL Z 54 -72.19 -26.43 -27.11
N LEU Z 55 -72.80 -27.49 -27.70
CA LEU Z 55 -73.97 -27.40 -28.54
C LEU Z 55 -75.15 -27.96 -27.79
N CYS Z 56 -76.35 -27.63 -28.30
CA CYS Z 56 -77.61 -28.19 -27.88
C CYS Z 56 -78.24 -28.49 -29.21
N VAL Z 57 -79.19 -29.44 -29.25
CA VAL Z 57 -79.68 -29.97 -30.50
C VAL Z 57 -81.01 -29.38 -30.88
N GLY Z 58 -81.55 -28.49 -30.02
CA GLY Z 58 -82.83 -27.84 -30.25
C GLY Z 58 -82.65 -26.62 -31.09
N CYS Z 59 -83.46 -25.57 -30.80
CA CYS Z 59 -83.37 -24.27 -31.43
C CYS Z 59 -82.07 -23.59 -31.06
N SER Z 60 -81.67 -23.72 -29.78
CA SER Z 60 -80.40 -23.26 -29.27
C SER Z 60 -79.36 -24.24 -29.71
N THR Z 61 -78.11 -23.79 -29.92
CA THR Z 61 -77.05 -24.66 -30.37
C THR Z 61 -75.74 -24.02 -30.05
N VAL Z 62 -75.74 -22.91 -29.27
CA VAL Z 62 -74.54 -22.23 -28.86
C VAL Z 62 -74.74 -22.04 -27.38
N LEU Z 63 -73.65 -22.20 -26.59
CA LEU Z 63 -73.78 -22.15 -25.16
C LEU Z 63 -72.51 -21.59 -24.56
N CYS Z 64 -71.35 -21.76 -25.24
CA CYS Z 64 -70.09 -21.30 -24.73
C CYS Z 64 -69.38 -20.51 -25.78
N GLN Z 65 -68.48 -19.61 -25.34
CA GLN Z 65 -67.45 -19.02 -26.14
C GLN Z 65 -66.16 -19.37 -25.42
N PRO Z 66 -65.21 -20.13 -25.97
CA PRO Z 66 -63.93 -20.46 -25.36
C PRO Z 66 -63.15 -19.31 -24.80
N THR Z 67 -62.58 -19.48 -23.59
CA THR Z 67 -61.77 -18.48 -22.92
C THR Z 67 -60.67 -19.30 -22.31
N GLY Z 68 -59.52 -18.66 -21.98
CA GLY Z 68 -58.41 -19.31 -21.32
C GLY Z 68 -58.78 -19.74 -19.94
N GLY Z 69 -59.68 -18.97 -19.29
CA GLY Z 69 -60.15 -19.23 -17.96
C GLY Z 69 -61.42 -20.00 -18.10
N LYS Z 70 -62.42 -19.71 -17.24
CA LYS Z 70 -63.75 -20.20 -17.39
C LYS Z 70 -64.33 -19.62 -18.65
N ALA Z 71 -64.99 -20.48 -19.48
CA ALA Z 71 -65.60 -20.07 -20.73
C ALA Z 71 -66.77 -19.18 -20.45
N ARG Z 72 -67.02 -18.20 -21.34
CA ARG Z 72 -68.14 -17.30 -21.18
C ARG Z 72 -69.36 -18.01 -21.66
N LEU Z 73 -70.52 -17.70 -21.03
CA LEU Z 73 -71.78 -18.26 -21.39
C LEU Z 73 -72.41 -17.26 -22.30
N THR Z 74 -73.26 -17.73 -23.26
CA THR Z 74 -73.91 -16.85 -24.21
C THR Z 74 -75.17 -16.27 -23.62
N GLU Z 75 -75.69 -16.89 -22.55
CA GLU Z 75 -76.83 -16.43 -21.84
C GLU Z 75 -76.58 -16.88 -20.44
N GLY Z 76 -76.83 -15.99 -19.44
CA GLY Z 76 -76.39 -16.20 -18.09
C GLY Z 76 -77.44 -16.96 -17.34
N CYS Z 77 -77.36 -18.31 -17.38
CA CYS Z 77 -78.38 -19.16 -16.82
C CYS Z 77 -77.72 -20.44 -16.39
N SER Z 78 -78.16 -20.97 -15.23
CA SER Z 78 -77.90 -22.32 -14.75
C SER Z 78 -76.49 -22.53 -14.24
N PHE Z 79 -76.40 -22.91 -12.95
CA PHE Z 79 -75.16 -23.33 -12.32
C PHE Z 79 -75.58 -24.42 -11.38
N ARG Z 80 -74.91 -25.59 -11.46
CA ARG Z 80 -75.01 -26.64 -10.48
C ARG Z 80 -73.61 -27.06 -10.17
N ARG Z 81 -73.44 -27.86 -9.10
CA ARG Z 81 -72.16 -28.45 -8.74
C ARG Z 81 -71.68 -29.54 -9.67
N LYS Z 82 -72.49 -30.52 -10.15
CA LYS Z 82 -73.62 -31.14 -9.50
C LYS Z 82 -73.07 -32.22 -8.60
N GLN Z 83 -73.58 -32.29 -7.35
CA GLN Z 83 -73.42 -33.39 -6.41
C GLN Z 83 -72.06 -33.33 -5.78
N HIS Z 84 -71.05 -34.04 -6.36
CA HIS Z 84 -69.72 -34.11 -5.81
C HIS Z 84 -68.86 -33.12 -6.61
N ARG AA 1 -25.52 55.29 -22.55
CA ARG AA 1 -24.36 55.52 -23.46
C ARG AA 1 -24.22 57.00 -23.63
N VAL AA 2 -24.77 57.56 -24.74
CA VAL AA 2 -24.68 58.97 -25.06
C VAL AA 2 -26.00 59.61 -24.71
N GLN AA 3 -26.98 58.77 -24.27
CA GLN AA 3 -28.21 59.19 -23.64
C GLN AA 3 -27.92 59.92 -22.35
N PRO AA 4 -28.74 60.88 -21.91
CA PRO AA 4 -28.59 61.60 -20.64
C PRO AA 4 -28.22 60.77 -19.46
N ILE AA 5 -27.32 61.30 -18.60
CA ILE AA 5 -26.75 60.61 -17.47
C ILE AA 5 -27.86 60.32 -16.46
N LYS AA 6 -27.84 59.10 -15.90
CA LYS AA 6 -28.88 58.61 -15.04
C LYS AA 6 -28.42 58.68 -13.61
N LEU AA 7 -29.39 58.57 -12.68
CA LEU AA 7 -29.17 58.63 -11.25
C LEU AA 7 -30.08 57.59 -10.74
N ALA AA 8 -29.60 56.74 -9.81
CA ALA AA 8 -30.39 55.66 -9.29
C ALA AA 8 -29.87 55.43 -7.91
N ARG AA 9 -30.74 54.96 -6.99
CA ARG AA 9 -30.44 54.96 -5.58
C ARG AA 9 -30.63 53.58 -5.07
N VAL AA 10 -29.97 53.27 -3.92
CA VAL AA 10 -29.96 51.95 -3.33
C VAL AA 10 -31.30 51.75 -2.67
N THR AA 11 -31.83 50.51 -2.72
CA THR AA 11 -32.97 50.11 -1.94
C THR AA 11 -32.51 49.10 -0.94
N LYS AA 12 -31.48 48.31 -1.30
CA LYS AA 12 -31.04 47.23 -0.47
C LYS AA 12 -29.67 46.94 -0.98
N VAL AA 13 -28.77 46.43 -0.10
CA VAL AA 13 -27.47 45.94 -0.46
C VAL AA 13 -27.54 44.44 -0.31
N LEU AA 14 -26.82 43.68 -1.17
CA LEU AA 14 -27.00 42.25 -1.24
C LEU AA 14 -25.84 41.59 -0.59
N GLY AA 15 -24.61 41.87 -1.05
CA GLY AA 15 -23.45 41.19 -0.53
C GLY AA 15 -22.30 41.53 -1.40
N ARG AA 16 -21.07 41.16 -0.97
CA ARG AA 16 -19.85 41.52 -1.66
C ARG AA 16 -19.42 40.36 -2.50
N THR AA 17 -18.82 40.68 -3.67
CA THR AA 17 -18.43 39.74 -4.70
C THR AA 17 -17.10 40.23 -5.23
N GLY AA 18 -16.65 39.69 -6.37
CA GLY AA 18 -15.33 39.92 -6.87
C GLY AA 18 -14.47 38.78 -6.45
N SER AA 19 -13.20 38.80 -6.89
CA SER AA 19 -12.29 37.71 -6.66
C SER AA 19 -11.46 37.96 -5.43
N GLN AA 20 -11.69 39.12 -4.77
CA GLN AA 20 -11.10 39.40 -3.48
C GLN AA 20 -12.13 40.10 -2.64
N GLY AA 21 -13.42 40.11 -3.03
CA GLY AA 21 -14.44 40.80 -2.26
C GLY AA 21 -14.44 42.28 -2.57
N GLN AA 22 -13.72 42.66 -3.64
CA GLN AA 22 -13.47 44.01 -4.06
C GLN AA 22 -14.69 44.72 -4.61
N CYS AA 23 -15.66 43.97 -5.15
CA CYS AA 23 -16.87 44.48 -5.76
C CYS AA 23 -18.00 44.23 -4.82
N THR AA 24 -19.09 45.00 -4.95
CA THR AA 24 -20.23 44.87 -4.08
C THR AA 24 -21.42 44.88 -4.98
N GLN AA 25 -22.21 43.78 -4.96
CA GLN AA 25 -23.53 43.71 -5.54
C GLN AA 25 -24.50 44.49 -4.71
N VAL AA 26 -25.48 45.12 -5.39
CA VAL AA 26 -26.42 45.98 -4.75
C VAL AA 26 -27.61 45.95 -5.67
N ARG AA 27 -28.81 46.15 -5.09
CA ARG AA 27 -30.03 46.28 -5.83
C ARG AA 27 -30.40 47.73 -5.73
N VAL AA 28 -30.88 48.31 -6.85
CA VAL AA 28 -31.09 49.74 -6.96
C VAL AA 28 -32.38 49.97 -7.65
N GLU AA 29 -33.06 51.06 -7.24
CA GLU AA 29 -34.30 51.51 -7.79
C GLU AA 29 -33.92 52.72 -8.59
N PHE AA 30 -34.58 52.90 -9.75
CA PHE AA 30 -34.07 53.69 -10.84
C PHE AA 30 -34.21 55.17 -10.59
N MET AA 31 -35.04 55.56 -9.59
CA MET AA 31 -35.13 56.91 -9.07
C MET AA 31 -35.75 57.83 -10.09
N ASP AA 32 -36.70 57.26 -10.85
CA ASP AA 32 -37.52 57.94 -11.83
C ASP AA 32 -38.70 57.03 -12.06
N ASP AA 33 -38.72 55.87 -11.33
CA ASP AA 33 -39.77 54.88 -11.37
C ASP AA 33 -39.19 53.77 -10.53
N THR AA 34 -40.00 53.26 -9.58
CA THR AA 34 -39.57 52.33 -8.56
C THR AA 34 -40.01 50.94 -8.98
N SER AA 35 -40.80 50.84 -10.07
CA SER AA 35 -41.22 49.57 -10.63
C SER AA 35 -40.14 49.04 -11.50
N ARG AA 36 -39.18 49.91 -11.88
CA ARG AA 36 -38.00 49.58 -12.62
C ARG AA 36 -36.92 49.41 -11.60
N SER AA 37 -36.15 48.31 -11.70
CA SER AA 37 -35.11 48.02 -10.77
C SER AA 37 -34.17 47.10 -11.50
N ILE AA 38 -32.86 47.32 -11.29
CA ILE AA 38 -31.80 46.51 -11.82
C ILE AA 38 -30.86 46.21 -10.69
N ILE AA 39 -30.10 45.11 -10.81
CA ILE AA 39 -29.02 44.76 -9.92
C ILE AA 39 -27.78 45.21 -10.64
N ARG AA 40 -26.76 45.69 -9.88
CA ARG AA 40 -25.58 46.29 -10.44
C ARG AA 40 -24.41 45.74 -9.68
N ASN AA 41 -23.20 45.96 -10.21
CA ASN AA 41 -21.93 45.75 -9.54
C ASN AA 41 -21.27 47.09 -9.40
N VAL AA 42 -20.83 47.42 -8.16
CA VAL AA 42 -20.36 48.72 -7.79
C VAL AA 42 -19.04 48.49 -7.10
N LYS AA 43 -18.03 49.32 -7.38
CA LYS AA 43 -16.68 49.14 -6.92
C LYS AA 43 -16.53 49.58 -5.50
N GLY AA 44 -17.06 50.79 -5.16
CA GLY AA 44 -16.71 51.45 -3.92
C GLY AA 44 -17.38 50.80 -2.74
N PRO AA 45 -17.19 51.30 -1.52
CA PRO AA 45 -17.90 50.78 -0.37
C PRO AA 45 -19.17 51.57 -0.23
N VAL AA 46 -20.30 50.94 -0.62
CA VAL AA 46 -21.61 51.53 -0.61
C VAL AA 46 -22.26 51.21 0.70
N ARG AA 47 -23.36 51.92 0.98
CA ARG AA 47 -24.09 51.84 2.21
C ARG AA 47 -25.52 51.80 1.77
N GLU AA 48 -26.44 52.40 2.56
CA GLU AA 48 -27.86 52.32 2.31
C GLU AA 48 -28.33 53.73 2.09
N GLY AA 49 -29.22 53.92 1.09
CA GLY AA 49 -29.88 55.18 0.85
C GLY AA 49 -29.05 56.14 0.05
N ASP AA 50 -27.90 55.67 -0.50
CA ASP AA 50 -26.99 56.50 -1.25
C ASP AA 50 -27.49 56.56 -2.66
N VAL AA 51 -27.05 57.58 -3.43
CA VAL AA 51 -27.45 57.74 -4.80
C VAL AA 51 -26.17 57.50 -5.56
N LEU AA 52 -26.26 56.89 -6.77
CA LEU AA 52 -25.15 56.62 -7.63
C LEU AA 52 -25.35 57.46 -8.86
N THR AA 53 -24.42 57.34 -9.83
CA THR AA 53 -24.48 58.06 -11.08
C THR AA 53 -24.08 57.08 -12.13
N LEU AA 54 -25.09 56.44 -12.77
CA LEU AA 54 -24.90 55.46 -13.81
C LEU AA 54 -24.77 56.20 -15.10
N LEU AA 55 -23.84 55.76 -16.00
CA LEU AA 55 -23.69 56.34 -17.31
C LEU AA 55 -24.49 55.60 -18.35
N GLU AA 56 -25.19 54.52 -17.95
CA GLU AA 56 -26.05 53.78 -18.84
C GLU AA 56 -26.99 53.01 -17.98
N SER AA 57 -28.00 52.40 -18.62
CA SER AA 57 -28.93 51.53 -17.95
C SER AA 57 -29.34 50.47 -18.94
N GLU AA 58 -28.66 50.46 -20.11
CA GLU AA 58 -28.71 49.42 -21.09
C GLU AA 58 -28.14 48.14 -20.54
N ARG AA 59 -27.01 48.26 -19.81
CA ARG AA 59 -26.36 47.15 -19.14
C ARG AA 59 -27.24 46.65 -18.02
N GLU AA 60 -27.18 45.33 -17.74
CA GLU AA 60 -27.92 44.71 -16.68
C GLU AA 60 -26.94 43.70 -16.17
N ALA AA 61 -26.80 43.61 -14.83
CA ALA AA 61 -25.73 42.86 -14.23
C ALA AA 61 -26.32 42.04 -13.13
N ARG AA 62 -25.55 41.03 -12.67
CA ARG AA 62 -26.04 40.08 -11.70
C ARG AA 62 -24.88 39.35 -11.10
N ARG AA 63 -23.62 39.67 -11.51
CA ARG AA 63 -22.39 39.06 -11.05
C ARG AA 63 -21.33 39.35 -12.08
N LEU AA 64 -20.05 39.16 -11.68
CA LEU AA 64 -18.91 39.21 -12.58
C LEU AA 64 -18.09 37.95 -12.36
N GLN BA 1 56.98 35.50 39.10
CA GLN BA 1 58.34 34.96 38.84
C GLN BA 1 59.30 36.11 38.72
N GLN BA 2 60.02 36.22 37.57
CA GLN BA 2 61.05 37.19 37.33
C GLN BA 2 60.42 38.46 36.80
N LEU BA 3 61.06 39.11 35.81
CA LEU BA 3 60.64 40.40 35.29
C LEU BA 3 59.69 40.21 34.14
N TYR BA 4 59.40 38.95 33.77
CA TYR BA 4 58.47 38.67 32.71
C TYR BA 4 57.73 37.44 33.11
N TRP BA 5 56.39 37.60 33.20
CA TRP BA 5 55.46 36.55 33.48
C TRP BA 5 54.09 37.13 33.27
N SER BA 6 54.00 38.45 32.98
CA SER BA 6 52.75 39.16 33.00
C SER BA 6 52.94 40.42 32.20
N HIS BA 7 51.81 40.99 31.75
CA HIS BA 7 51.72 42.16 30.92
C HIS BA 7 50.53 42.88 31.49
N PRO BA 8 50.55 44.19 31.74
CA PRO BA 8 49.51 44.90 32.47
C PRO BA 8 48.18 44.77 31.77
N ARG BA 9 47.16 44.28 32.50
CA ARG BA 9 45.80 44.24 32.03
C ARG BA 9 45.01 44.73 33.21
N LYS BA 10 44.36 45.90 33.04
CA LYS BA 10 43.74 46.63 34.12
C LYS BA 10 42.64 47.45 33.54
N PHE BA 11 42.31 47.21 32.25
CA PHE BA 11 41.19 47.81 31.58
C PHE BA 11 40.98 46.91 30.42
N GLY BA 12 39.79 46.99 29.78
CA GLY BA 12 39.46 46.11 28.68
C GLY BA 12 39.09 44.74 29.17
N GLN BA 13 38.87 43.83 28.21
CA GLN BA 13 38.23 42.55 28.39
C GLN BA 13 38.97 41.59 29.28
N GLY BA 14 40.31 41.57 29.21
CA GLY BA 14 41.11 40.55 29.86
C GLY BA 14 41.27 40.74 31.34
N SER BA 15 40.74 41.84 31.91
CA SER BA 15 40.90 42.17 33.31
C SER BA 15 39.58 42.09 34.02
N ARG BA 16 38.55 41.49 33.38
CA ARG BA 16 37.33 41.17 34.07
C ARG BA 16 36.89 39.82 33.63
N SER BA 17 36.07 39.18 34.49
CA SER BA 17 35.65 37.82 34.32
C SER BA 17 34.31 37.79 34.97
N CYS BA 18 33.94 36.63 35.54
CA CYS BA 18 32.62 36.38 36.05
C CYS BA 18 32.81 35.37 37.12
N ARG BA 19 31.80 35.22 38.00
CA ARG BA 19 32.03 34.75 39.32
C ARG BA 19 31.44 33.38 39.45
N VAL BA 20 30.84 32.87 38.37
CA VAL BA 20 30.22 31.58 38.35
C VAL BA 20 30.91 30.63 37.41
N CYS BA 21 31.94 31.08 36.65
CA CYS BA 21 32.70 30.14 35.86
C CYS BA 21 33.97 30.75 35.34
N SER BA 22 34.19 32.06 35.56
CA SER BA 22 35.28 32.82 34.97
C SER BA 22 35.29 32.78 33.46
N ASN BA 23 34.15 33.18 32.84
CA ASN BA 23 34.01 33.27 31.42
C ASN BA 23 33.91 34.73 31.10
N ARG BA 24 34.28 35.08 29.85
CA ARG BA 24 34.41 36.43 29.40
C ARG BA 24 33.48 36.53 28.24
N HIS BA 25 32.92 37.74 28.01
CA HIS BA 25 32.31 38.19 26.79
C HIS BA 25 30.94 37.58 26.57
N GLY BA 26 29.90 38.45 26.60
CA GLY BA 26 28.63 38.13 27.19
C GLY BA 26 28.73 38.20 28.68
N LEU BA 27 28.56 39.40 29.25
CA LEU BA 27 28.46 39.56 30.68
C LEU BA 27 27.84 40.89 30.96
N ILE BA 28 27.34 41.05 32.20
CA ILE BA 28 26.46 42.11 32.57
C ILE BA 28 27.22 42.79 33.65
N ARG BA 29 27.51 44.09 33.48
CA ARG BA 29 28.32 44.86 34.40
C ARG BA 29 27.48 45.67 35.32
N LYS BA 30 26.15 45.70 35.09
CA LYS BA 30 25.35 46.82 35.49
C LYS BA 30 24.78 46.45 36.83
N TYR BA 31 24.85 47.40 37.79
CA TYR BA 31 24.39 47.28 39.16
C TYR BA 31 25.45 46.66 40.04
N GLY BA 32 26.71 46.62 39.55
CA GLY BA 32 27.75 45.83 40.17
C GLY BA 32 27.71 44.36 39.88
N LEU BA 33 26.80 43.89 38.99
CA LEU BA 33 26.80 42.52 38.53
C LEU BA 33 28.05 42.20 37.76
N ASN BA 34 28.39 40.90 37.67
CA ASN BA 34 29.62 40.42 37.14
C ASN BA 34 29.32 38.98 36.90
N MET BA 35 28.39 38.74 35.95
CA MET BA 35 27.82 37.45 35.72
C MET BA 35 27.60 37.41 34.25
N CYS BA 36 27.82 36.21 33.66
CA CYS BA 36 27.87 35.99 32.25
C CYS BA 36 26.48 35.61 31.88
N ARG BA 37 26.02 36.02 30.68
CA ARG BA 37 24.61 36.08 30.36
C ARG BA 37 23.94 34.73 30.31
N GLN BA 38 24.68 33.67 29.91
CA GLN BA 38 24.21 32.31 29.93
C GLN BA 38 23.92 31.80 31.32
N CYS BA 39 24.66 32.28 32.35
CA CYS BA 39 24.56 31.75 33.69
C CYS BA 39 23.70 32.62 34.55
N PHE BA 40 23.66 33.93 34.27
CA PHE BA 40 22.73 34.91 34.78
C PHE BA 40 21.29 34.46 34.68
N ARG BA 41 20.91 33.92 33.51
CA ARG BA 41 19.59 33.37 33.31
C ARG BA 41 19.24 32.27 34.27
N GLN BA 42 20.16 31.33 34.54
CA GLN BA 42 19.89 30.23 35.43
C GLN BA 42 19.83 30.59 36.88
N TYR BA 43 20.45 31.73 37.31
CA TYR BA 43 20.30 32.27 38.65
C TYR BA 43 19.40 33.48 38.62
N ALA BA 44 18.48 33.59 37.65
CA ALA BA 44 17.59 34.72 37.55
C ALA BA 44 16.53 34.75 38.60
N LYS BA 45 15.91 33.59 38.87
CA LYS BA 45 14.91 33.43 39.89
C LYS BA 45 15.49 33.65 41.26
N ASP BA 46 16.69 33.09 41.51
CA ASP BA 46 17.46 33.25 42.72
C ASP BA 46 17.82 34.70 42.87
N ILE BA 47 17.43 35.28 44.03
CA ILE BA 47 17.09 36.68 44.27
C ILE BA 47 17.83 37.65 43.39
N GLY BA 48 17.07 38.52 42.72
CA GLY BA 48 17.56 39.07 41.48
C GLY BA 48 16.41 39.76 40.84
N PHE BA 49 15.67 39.02 39.98
CA PHE BA 49 14.62 39.58 39.17
C PHE BA 49 13.52 38.58 39.16
N ILE BA 50 12.34 38.99 38.66
CA ILE BA 50 11.39 38.03 38.15
C ILE BA 50 10.68 38.65 36.98
N LYS BA 51 10.27 37.79 36.01
CA LYS BA 51 9.51 38.18 34.84
C LYS BA 51 8.16 38.68 35.26
N LEU BA 52 7.65 39.71 34.58
CA LEU BA 52 6.39 40.32 34.93
C LEU BA 52 5.85 40.94 33.67
N ASP BA 53 6.73 41.19 32.68
CA ASP BA 53 6.29 41.81 31.45
C ASP BA 53 7.29 41.41 30.33
N LYS CA 1 44.78 21.98 19.53
CA LYS CA 1 44.52 21.14 18.34
C LYS CA 1 45.74 20.34 17.97
N LYS CA 2 46.65 20.95 17.18
CA LYS CA 2 47.78 20.27 16.60
C LYS CA 2 48.85 20.07 17.64
N SER CA 3 49.75 19.08 17.39
CA SER CA 3 50.81 18.71 18.29
C SER CA 3 52.10 19.31 17.78
N TYR CA 4 53.09 19.44 18.68
CA TYR CA 4 54.35 20.14 18.47
C TYR CA 4 55.24 19.48 17.44
N THR CA 5 56.04 20.31 16.72
CA THR CA 5 57.00 19.89 15.72
C THR CA 5 58.36 19.71 16.38
N THR CA 6 59.48 19.99 15.65
CA THR CA 6 60.81 19.54 16.02
C THR CA 6 61.78 20.71 16.14
N PRO CA 7 62.21 21.05 17.36
CA PRO CA 7 63.43 21.82 17.60
C PRO CA 7 64.49 20.78 17.88
N LYS CA 8 65.63 21.17 18.50
CA LYS CA 8 66.70 20.25 18.74
C LYS CA 8 67.56 20.73 19.89
N LYS CA 9 67.31 21.96 20.39
CA LYS CA 9 68.03 22.50 21.53
C LYS CA 9 67.28 22.12 22.77
N ASN CA 10 68.03 21.84 23.86
CA ASN CA 10 67.68 20.91 24.89
C ASN CA 10 68.91 20.95 25.74
N LYS CA 11 69.01 21.99 26.60
CA LYS CA 11 70.12 22.16 27.51
C LYS CA 11 69.57 22.66 28.81
N HIS CA 12 70.43 22.63 29.84
CA HIS CA 12 70.08 22.94 31.20
C HIS CA 12 71.23 23.78 31.69
N LYS CA 13 70.95 24.59 32.73
CA LYS CA 13 71.79 25.68 33.17
C LYS CA 13 73.12 25.19 33.68
N ARG CA 14 73.04 24.15 34.54
CA ARG CA 14 74.09 23.37 35.13
C ARG CA 14 73.47 22.95 36.43
N LYS CA 15 73.92 21.80 36.97
CA LYS CA 15 73.18 21.10 37.99
C LYS CA 15 73.72 21.48 39.35
N LYS CA 16 74.68 22.44 39.39
CA LYS CA 16 75.29 22.97 40.58
C LYS CA 16 76.11 21.89 41.20
N VAL CA 17 77.03 21.35 40.37
CA VAL CA 17 77.66 20.06 40.46
C VAL CA 17 78.41 19.87 41.75
N LYS CA 18 78.46 18.60 42.21
CA LYS CA 18 78.87 18.22 43.53
C LYS CA 18 80.37 18.28 43.55
N LEU CA 19 80.91 19.18 44.40
CA LEU CA 19 82.32 19.46 44.45
C LEU CA 19 82.70 19.61 45.89
N ALA CA 20 84.03 19.59 46.14
CA ALA CA 20 84.61 19.90 47.41
C ALA CA 20 84.62 21.41 47.50
N VAL CA 21 83.79 21.94 48.42
CA VAL CA 21 83.43 23.33 48.51
C VAL CA 21 84.50 24.11 49.24
N LEU CA 22 84.42 24.18 50.58
CA LEU CA 22 84.91 25.31 51.34
C LEU CA 22 86.37 25.17 51.67
N LYS CA 23 87.23 25.76 50.81
CA LYS CA 23 88.63 25.92 51.05
C LYS CA 23 88.91 27.34 50.72
N TYR CA 24 88.09 28.22 51.35
CA TYR CA 24 88.16 29.64 51.19
C TYR CA 24 88.99 30.14 52.35
N TYR CA 25 89.19 29.22 53.33
CA TYR CA 25 90.08 29.38 54.45
C TYR CA 25 91.13 28.37 54.16
N LYS CA 26 92.40 28.78 54.29
CA LYS CA 26 93.54 28.01 53.86
C LYS CA 26 94.37 27.72 55.06
N VAL CA 27 94.87 26.47 55.17
CA VAL CA 27 95.57 25.98 56.32
C VAL CA 27 97.02 26.34 56.07
N ASP CA 28 97.66 27.02 57.05
CA ASP CA 28 99.05 27.42 56.96
C ASP CA 28 99.67 27.05 58.28
N GLU CA 29 99.18 27.69 59.37
CA GLU CA 29 99.67 27.51 60.70
C GLU CA 29 98.49 27.19 61.53
N ASN CA 30 98.74 26.78 62.79
CA ASN CA 30 97.73 26.33 63.70
C ASN CA 30 97.47 27.52 64.59
N GLY CA 31 96.21 27.98 64.83
CA GLY CA 31 94.94 27.50 64.33
C GLY CA 31 94.42 28.47 63.31
N LYS CA 32 95.31 29.37 62.80
CA LYS CA 32 95.04 30.42 61.85
C LYS CA 32 94.33 29.95 60.59
N ILE CA 33 93.39 30.79 60.12
CA ILE CA 33 92.64 30.59 58.90
C ILE CA 33 93.03 31.72 57.98
N SER CA 34 93.74 31.37 56.89
CA SER CA 34 94.32 32.29 55.94
C SER CA 34 93.34 32.59 54.86
N ARG CA 35 92.69 33.77 54.92
CA ARG CA 35 91.74 34.22 53.94
C ARG CA 35 92.54 34.76 52.78
N LEU CA 36 92.01 34.60 51.55
CA LEU CA 36 92.60 35.16 50.37
C LEU CA 36 91.80 36.36 49.94
N ARG CA 37 90.51 36.40 50.37
CA ARG CA 37 89.56 37.39 49.95
C ARG CA 37 88.60 37.47 51.08
N ARG CA 38 87.85 38.58 51.18
CA ARG CA 38 87.00 38.85 52.32
C ARG CA 38 85.81 37.93 52.37
N GLU CA 39 85.37 37.63 53.62
CA GLU CA 39 84.16 36.90 53.87
C GLU CA 39 83.25 38.03 54.21
N CYS CA 40 82.37 38.38 53.23
CA CYS CA 40 81.87 39.72 53.08
C CYS CA 40 81.12 40.25 54.29
N PRO CA 41 81.35 41.50 54.68
CA PRO CA 41 80.62 42.11 55.77
C PRO CA 41 79.73 43.13 55.10
N SER CA 42 78.81 42.66 54.22
CA SER CA 42 77.69 43.42 53.71
C SER CA 42 76.78 43.97 54.77
N ASP CA 43 75.69 44.62 54.34
CA ASP CA 43 74.74 45.26 55.20
C ASP CA 43 73.64 44.33 55.66
N GLU CA 44 73.83 43.00 55.54
CA GLU CA 44 72.88 42.05 56.07
C GLU CA 44 73.53 40.71 56.22
N CYS CA 45 74.77 40.54 55.69
CA CYS CA 45 75.62 39.38 55.94
C CYS CA 45 76.03 39.30 57.38
N GLY CA 46 76.06 38.05 57.89
CA GLY CA 46 76.37 37.73 59.26
C GLY CA 46 77.83 37.36 59.38
N ALA CA 47 78.57 37.47 58.24
CA ALA CA 47 79.94 37.07 58.06
C ALA CA 47 80.06 35.58 58.24
N GLY CA 48 79.14 34.85 57.60
CA GLY CA 48 79.14 33.41 57.54
C GLY CA 48 78.95 33.00 56.12
N VAL CA 49 78.88 33.99 55.20
CA VAL CA 49 78.79 33.78 53.78
C VAL CA 49 79.97 34.48 53.16
N PHE CA 50 80.70 33.74 52.30
CA PHE CA 50 81.83 34.22 51.55
C PHE CA 50 81.37 34.94 50.33
N MET CA 51 82.32 35.70 49.76
CA MET CA 51 82.16 36.39 48.52
C MET CA 51 83.15 35.82 47.56
N ALA CA 52 82.71 35.61 46.31
CA ALA CA 52 83.48 35.06 45.23
C ALA CA 52 84.53 36.02 44.78
N SER CA 53 85.77 35.52 44.63
CA SER CA 53 86.84 36.22 43.97
C SER CA 53 86.90 35.72 42.56
N HIS CA 54 86.20 36.41 41.63
CA HIS CA 54 85.90 35.88 40.31
C HIS CA 54 87.12 35.90 39.45
N PHE CA 55 87.94 36.96 39.62
CA PHE CA 55 88.97 37.42 38.74
C PHE CA 55 88.30 38.15 37.61
N ASP CA 56 88.54 39.49 37.56
CA ASP CA 56 87.81 40.49 36.81
C ASP CA 56 86.54 40.92 37.50
N ARG CA 57 86.22 40.39 38.71
CA ARG CA 57 84.98 40.77 39.35
C ARG CA 57 84.99 40.39 40.81
N HIS CA 58 83.94 40.84 41.52
CA HIS CA 58 83.76 40.70 42.92
C HIS CA 58 82.28 40.63 43.12
N TYR CA 59 81.76 39.45 43.51
CA TYR CA 59 80.37 39.12 43.33
C TYR CA 59 80.01 38.26 44.51
N CYS CA 60 78.85 38.54 45.14
CA CYS CA 60 78.27 37.72 46.16
C CYS CA 60 76.96 37.29 45.58
N GLY CA 61 76.49 36.07 45.93
CA GLY CA 61 75.22 35.56 45.48
C GLY CA 61 74.08 36.09 46.29
N LYS CA 62 74.38 36.69 47.47
CA LYS CA 62 73.40 37.29 48.34
C LYS CA 62 73.26 38.75 48.00
N CYS CA 63 74.40 39.48 47.92
CA CYS CA 63 74.44 40.83 47.39
C CYS CA 63 74.84 40.73 45.96
N CYS CA 64 73.81 40.58 45.09
CA CYS CA 64 73.98 40.24 43.70
C CYS CA 64 73.54 41.34 42.79
N LEU CA 65 72.84 42.36 43.32
CA LEU CA 65 72.46 43.53 42.56
C LEU CA 65 73.14 44.75 43.13
N THR CA 66 74.01 44.52 44.14
CA THR CA 66 74.57 45.59 44.93
C THR CA 66 75.86 44.99 45.42
N TYR CA 67 76.86 45.85 45.72
CA TYR CA 67 78.13 45.46 46.28
C TYR CA 67 78.85 44.55 45.31
N CYS CA 68 78.86 44.94 44.01
CA CYS CA 68 79.55 44.21 42.98
C CYS CA 68 80.51 45.10 42.25
N PHE CA 69 81.77 45.11 42.71
CA PHE CA 69 82.89 45.77 42.07
C PHE CA 69 83.31 44.96 40.86
N ASN CA 70 84.12 45.57 39.97
CA ASN CA 70 84.49 44.99 38.69
C ASN CA 70 85.96 44.65 38.66
N LYS CA 71 86.64 44.69 39.83
CA LYS CA 71 88.07 44.59 39.89
C LYS CA 71 88.47 43.12 39.97
N THR DA 1 -66.47 61.74 45.34
CA THR DA 1 -65.18 61.04 45.49
C THR DA 1 -64.04 61.92 45.02
N GLU DA 2 -62.80 61.51 45.34
CA GLU DA 2 -61.61 62.27 45.08
C GLU DA 2 -60.79 61.39 44.18
N GLN DA 3 -60.10 62.02 43.20
CA GLN DA 3 -59.38 61.30 42.19
C GLN DA 3 -58.16 62.09 41.86
N MET DA 4 -57.31 61.56 40.94
CA MET DA 4 -55.99 62.06 40.68
C MET DA 4 -55.91 62.46 39.24
N THR DA 5 -55.22 63.59 38.96
CA THR DA 5 -54.91 64.02 37.62
C THR DA 5 -53.41 64.06 37.56
N LEU DA 6 -52.86 63.83 36.35
CA LEU DA 6 -51.44 63.89 36.08
C LEU DA 6 -51.08 65.34 35.94
N ARG DA 7 -50.20 65.84 36.85
CA ARG DA 7 -49.90 67.24 36.95
C ARG DA 7 -48.85 67.60 35.93
N GLY DA 8 -47.65 66.96 36.00
CA GLY DA 8 -46.57 67.33 35.13
C GLY DA 8 -45.43 66.40 35.42
N THR DA 9 -44.23 66.74 34.90
CA THR DA 9 -43.05 65.91 35.06
C THR DA 9 -41.85 66.82 35.06
N LEU DA 10 -40.87 66.51 35.93
CA LEU DA 10 -39.61 67.18 36.06
C LEU DA 10 -38.60 66.38 35.29
N LYS DA 11 -37.42 66.98 34.97
CA LYS DA 11 -36.36 66.33 34.23
C LYS DA 11 -35.10 66.91 34.77
N GLY DA 12 -34.07 66.07 35.04
CA GLY DA 12 -32.77 66.61 35.36
C GLY DA 12 -31.74 65.54 35.55
N HIS DA 13 -32.17 64.27 35.71
CA HIS DA 13 -31.27 63.19 36.05
C HIS DA 13 -30.94 62.37 34.85
N ASN DA 14 -29.80 61.64 34.96
CA ASN DA 14 -29.33 60.72 33.95
C ASN DA 14 -29.40 59.32 34.49
N GLY DA 15 -30.01 59.13 35.69
CA GLY DA 15 -30.07 57.85 36.34
C GLY DA 15 -31.37 57.78 37.04
N TRP DA 16 -31.59 56.69 37.81
CA TRP DA 16 -32.87 56.38 38.40
C TRP DA 16 -33.01 57.21 39.63
N VAL DA 17 -34.19 57.86 39.85
CA VAL DA 17 -34.42 58.63 41.05
C VAL DA 17 -34.65 57.61 42.12
N THR DA 18 -33.85 57.63 43.22
CA THR DA 18 -33.88 56.62 44.24
C THR DA 18 -34.79 57.01 45.37
N GLN DA 19 -34.71 58.29 45.84
CA GLN DA 19 -35.56 58.74 46.89
C GLN DA 19 -35.84 60.19 46.65
N ILE DA 20 -36.90 60.69 47.29
CA ILE DA 20 -37.27 62.08 47.32
C ILE DA 20 -37.73 62.36 48.72
N ALA DA 21 -37.46 63.59 49.20
CA ALA DA 21 -37.94 64.04 50.47
C ALA DA 21 -38.23 65.49 50.25
N THR DA 22 -38.94 66.11 51.23
CA THR DA 22 -39.58 67.38 51.03
C THR DA 22 -39.29 68.20 52.25
N THR DA 23 -38.85 69.45 52.02
CA THR DA 23 -38.60 70.44 53.03
C THR DA 23 -39.95 70.97 53.47
N PRO DA 24 -40.36 70.96 54.75
CA PRO DA 24 -41.64 71.51 55.17
C PRO DA 24 -41.51 72.98 55.45
N GLN DA 25 -40.27 73.48 55.64
CA GLN DA 25 -39.95 74.88 55.80
C GLN DA 25 -40.24 75.63 54.53
N PHE DA 26 -39.85 75.04 53.39
CA PHE DA 26 -40.12 75.58 52.08
C PHE DA 26 -40.78 74.48 51.29
N PRO DA 27 -42.04 74.53 50.92
CA PRO DA 27 -42.62 73.60 49.95
C PRO DA 27 -42.17 74.01 48.55
N ASP DA 28 -41.49 75.17 48.43
CA ASP DA 28 -40.92 75.72 47.24
C ASP DA 28 -39.77 74.90 46.71
N MET DA 29 -38.93 74.34 47.60
CA MET DA 29 -37.94 73.35 47.23
C MET DA 29 -38.50 71.96 47.38
N ILE DA 30 -37.70 70.99 46.89
CA ILE DA 30 -37.93 69.58 47.01
C ILE DA 30 -36.59 69.01 46.64
N LEU DA 31 -36.25 67.82 47.17
CA LEU DA 31 -34.92 67.27 47.13
C LEU DA 31 -35.10 65.88 46.62
N SER DA 32 -34.04 65.34 46.01
CA SER DA 32 -34.09 64.12 45.27
C SER DA 32 -32.70 63.57 45.32
N ALA DA 33 -32.58 62.24 45.15
CA ALA DA 33 -31.31 61.57 45.07
C ALA DA 33 -31.45 60.68 43.89
N SER DA 34 -30.36 60.04 43.41
CA SER DA 34 -30.41 59.32 42.16
C SER DA 34 -29.16 58.50 41.98
N ARG DA 35 -29.24 57.57 40.99
CA ARG DA 35 -28.20 56.69 40.59
C ARG DA 35 -27.45 57.31 39.44
N ASP DA 36 -26.98 58.54 39.61
CA ASP DA 36 -25.97 59.12 38.77
C ASP DA 36 -25.17 60.03 39.65
N LYS DA 37 -25.19 59.72 40.98
CA LYS DA 37 -24.29 60.17 42.00
C LYS DA 37 -24.45 61.62 42.31
N THR DA 38 -25.70 62.12 42.38
CA THR DA 38 -25.96 63.50 42.70
C THR DA 38 -27.27 63.53 43.43
N ILE DA 39 -27.41 64.56 44.31
CA ILE DA 39 -28.65 64.91 44.95
C ILE DA 39 -28.95 66.26 44.38
N ILE DA 40 -30.21 66.47 43.91
CA ILE DA 40 -30.57 67.67 43.21
C ILE DA 40 -31.49 68.36 44.14
N MET DA 41 -31.20 69.66 44.37
CA MET DA 41 -32.02 70.56 45.12
C MET DA 41 -32.62 71.39 44.03
N TRP DA 42 -33.95 71.50 44.06
CA TRP DA 42 -34.73 71.98 42.96
C TRP DA 42 -35.16 73.36 43.29
N LYS DA 43 -35.72 74.04 42.27
CA LYS DA 43 -36.35 75.31 42.42
C LYS DA 43 -37.62 75.06 41.68
N LEU DA 44 -38.78 75.08 42.39
CA LEU DA 44 -40.01 74.65 41.80
C LEU DA 44 -40.73 75.87 41.35
N THR DA 45 -41.57 75.69 40.32
CA THR DA 45 -42.57 76.62 39.92
C THR DA 45 -43.79 75.79 39.67
N ARG DA 46 -44.94 76.46 39.48
CA ARG DA 46 -46.21 75.80 39.28
C ARG DA 46 -46.60 76.08 37.85
N ASP DA 47 -45.71 76.80 37.12
CA ASP DA 47 -45.71 77.15 35.71
C ASP DA 47 -45.87 75.99 34.77
N GLU DA 48 -45.93 76.29 33.47
CA GLU DA 48 -46.21 75.36 32.41
C GLU DA 48 -45.04 75.33 31.47
N THR DA 49 -44.10 76.31 31.60
CA THR DA 49 -42.83 76.35 30.93
C THR DA 49 -41.95 75.26 31.48
N ASN DA 50 -42.01 75.08 32.81
CA ASN DA 50 -41.43 73.97 33.50
C ASN DA 50 -42.22 73.89 34.78
N TYR DA 51 -42.14 72.74 35.48
CA TYR DA 51 -42.61 72.64 36.84
C TYR DA 51 -41.47 72.83 37.79
N GLY DA 52 -40.27 73.20 37.30
CA GLY DA 52 -39.13 73.38 38.13
C GLY DA 52 -37.90 73.11 37.34
N ILE DA 53 -36.75 73.58 37.88
CA ILE DA 53 -35.48 73.55 37.23
C ILE DA 53 -34.56 73.12 38.37
N PRO DA 54 -33.50 72.36 38.16
CA PRO DA 54 -32.51 72.07 39.20
C PRO DA 54 -31.74 73.31 39.54
N GLN DA 55 -31.60 73.65 40.84
CA GLN DA 55 -30.83 74.80 41.24
C GLN DA 55 -29.39 74.43 41.33
N ARG DA 56 -29.07 73.40 42.16
CA ARG DA 56 -27.71 72.93 42.30
C ARG DA 56 -27.71 71.45 42.49
N ALA DA 57 -26.51 70.84 42.43
CA ALA DA 57 -26.34 69.42 42.53
C ALA DA 57 -25.17 69.26 43.45
N LEU DA 58 -25.38 68.62 44.63
CA LEU DA 58 -24.32 68.45 45.59
C LEU DA 58 -23.58 67.20 45.25
N ARG DA 59 -22.22 67.29 45.24
CA ARG DA 59 -21.37 66.29 44.68
C ARG DA 59 -20.30 65.97 45.68
N GLY DA 60 -19.90 64.69 45.78
CA GLY DA 60 -18.73 64.35 46.52
C GLY DA 60 -18.59 62.87 46.59
N HIS DA 61 -19.74 62.15 46.68
CA HIS DA 61 -19.78 60.70 46.78
C HIS DA 61 -19.26 60.03 45.54
N SER DA 62 -18.63 58.84 45.72
CA SER DA 62 -18.00 58.10 44.65
C SER DA 62 -18.89 56.97 44.21
N HIS DA 63 -20.16 56.98 44.63
CA HIS DA 63 -21.12 55.98 44.23
C HIS DA 63 -22.45 56.67 44.31
N PHE DA 64 -23.55 55.92 44.05
CA PHE DA 64 -24.91 56.41 44.01
C PHE DA 64 -25.29 56.97 45.36
N VAL DA 65 -26.28 57.88 45.39
CA VAL DA 65 -26.80 58.40 46.62
C VAL DA 65 -28.16 57.80 46.73
N SER DA 66 -28.33 56.90 47.74
CA SER DA 66 -29.50 56.09 47.95
C SER DA 66 -30.64 56.91 48.52
N ASP DA 67 -30.44 57.53 49.71
CA ASP DA 67 -31.48 58.21 50.43
C ASP DA 67 -30.94 59.52 50.90
N VAL DA 68 -31.88 60.46 51.16
CA VAL DA 68 -31.62 61.84 51.43
C VAL DA 68 -32.73 62.22 52.39
N VAL DA 69 -32.48 63.19 53.29
CA VAL DA 69 -33.47 63.61 54.25
C VAL DA 69 -33.13 65.02 54.62
N ILE DA 70 -34.16 65.82 54.97
CA ILE DA 70 -34.06 67.20 55.37
C ILE DA 70 -33.82 67.30 56.85
N SER DA 71 -33.34 68.47 57.30
CA SER DA 71 -33.19 68.82 58.68
C SER DA 71 -34.46 69.49 59.10
N SER DA 72 -34.69 69.57 60.44
CA SER DA 72 -35.82 70.26 61.04
C SER DA 72 -35.72 71.73 60.75
N ASP DA 73 -34.48 72.26 60.77
CA ASP DA 73 -34.13 73.62 60.44
C ASP DA 73 -34.36 73.90 58.97
N GLY DA 74 -34.10 72.88 58.12
CA GLY DA 74 -34.24 72.97 56.68
C GLY DA 74 -33.07 73.59 55.99
N GLN DA 75 -31.97 73.85 56.74
CA GLN DA 75 -30.78 74.48 56.21
C GLN DA 75 -29.64 73.50 56.28
N PHE DA 76 -29.95 72.22 56.59
CA PHE DA 76 -28.98 71.15 56.57
C PHE DA 76 -29.68 70.01 55.91
N ALA DA 77 -28.90 68.98 55.53
CA ALA DA 77 -29.37 67.88 54.74
C ALA DA 77 -28.37 66.82 54.95
N LEU DA 78 -28.81 65.56 54.88
CA LEU DA 78 -28.02 64.44 55.30
C LEU DA 78 -28.27 63.38 54.27
N SER DA 79 -27.28 62.48 54.06
CA SER DA 79 -27.27 61.59 52.93
C SER DA 79 -26.74 60.25 53.33
N GLY DA 80 -27.17 59.22 52.58
CA GLY DA 80 -26.71 57.86 52.71
C GLY DA 80 -26.41 57.45 51.29
N SER DA 81 -25.28 56.73 51.08
CA SER DA 81 -24.73 56.53 49.77
C SER DA 81 -24.16 55.15 49.70
N TRP DA 82 -24.00 54.62 48.47
CA TRP DA 82 -23.54 53.26 48.21
C TRP DA 82 -22.01 53.26 48.19
N ASP DA 83 -21.34 54.26 48.81
CA ASP DA 83 -19.91 54.26 48.98
C ASP DA 83 -19.50 53.84 50.37
N GLY DA 84 -20.46 53.52 51.27
CA GLY DA 84 -20.15 53.07 52.61
C GLY DA 84 -19.93 54.17 53.61
N THR DA 85 -20.17 55.45 53.23
CA THR DA 85 -19.92 56.60 54.08
C THR DA 85 -21.14 57.47 53.97
N LEU DA 86 -21.22 58.52 54.82
CA LEU DA 86 -22.31 59.47 54.83
C LEU DA 86 -21.67 60.83 54.78
N ARG DA 87 -22.47 61.85 54.41
CA ARG DA 87 -22.04 63.22 54.42
C ARG DA 87 -23.17 63.99 54.99
N LEU DA 88 -22.83 65.16 55.57
CA LEU DA 88 -23.70 66.02 56.31
C LEU DA 88 -23.48 67.33 55.67
N TRP DA 89 -24.49 67.80 54.93
CA TRP DA 89 -24.40 68.87 53.99
C TRP DA 89 -24.79 70.09 54.73
N ASP DA 90 -24.44 71.27 54.15
CA ASP DA 90 -24.89 72.53 54.63
C ASP DA 90 -25.57 73.03 53.40
N LEU DA 91 -26.92 72.90 53.43
CA LEU DA 91 -27.79 73.02 52.30
C LEU DA 91 -27.96 74.46 51.94
N THR DA 92 -27.01 74.97 51.12
CA THR DA 92 -26.98 76.33 50.67
C THR DA 92 -26.30 76.28 49.33
N THR DA 93 -25.02 75.82 49.31
CA THR DA 93 -24.25 75.69 48.10
C THR DA 93 -23.55 74.36 48.09
N GLY DA 94 -23.29 73.74 49.27
CA GLY DA 94 -22.48 72.55 49.28
C GLY DA 94 -21.79 72.48 50.58
N THR DA 95 -20.43 72.43 50.55
CA THR DA 95 -19.53 72.64 51.65
C THR DA 95 -19.91 71.85 52.88
N THR DA 96 -19.73 70.51 52.78
CA THR DA 96 -19.92 69.54 53.86
C THR DA 96 -19.45 70.00 55.20
N THR DA 97 -20.38 69.96 56.17
CA THR DA 97 -20.14 70.29 57.55
C THR DA 97 -19.26 69.24 58.16
N ARG DA 98 -19.53 67.98 57.80
CA ARG DA 98 -18.94 66.84 58.43
C ARG DA 98 -19.12 65.70 57.48
N ARG DA 99 -18.17 64.75 57.43
CA ARG DA 99 -18.42 63.49 56.76
C ARG DA 99 -18.23 62.45 57.82
N PHE DA 100 -19.14 61.45 57.85
CA PHE DA 100 -19.23 60.46 58.89
C PHE DA 100 -18.52 59.25 58.38
N VAL DA 101 -17.50 58.75 59.12
CA VAL DA 101 -16.76 57.59 58.70
C VAL DA 101 -17.16 56.50 59.64
N GLY DA 102 -17.88 55.48 59.10
CA GLY DA 102 -17.98 54.19 59.70
C GLY DA 102 -18.67 53.33 58.70
N HIS DA 103 -18.93 52.05 59.07
CA HIS DA 103 -19.63 51.05 58.29
C HIS DA 103 -18.73 50.47 57.24
N THR DA 104 -18.58 49.12 57.26
CA THR DA 104 -17.75 48.39 56.33
C THR DA 104 -18.25 48.47 54.91
N LYS DA 105 -19.59 48.36 54.73
CA LYS DA 105 -20.23 48.33 53.44
C LYS DA 105 -21.29 49.38 53.51
N ASP DA 106 -22.02 49.55 52.38
CA ASP DA 106 -22.96 50.60 52.03
C ASP DA 106 -23.84 51.14 53.13
N VAL DA 107 -24.33 52.37 52.92
CA VAL DA 107 -25.25 53.03 53.79
C VAL DA 107 -26.48 53.19 52.97
N LEU DA 108 -27.53 52.43 53.31
CA LEU DA 108 -28.70 52.29 52.49
C LEU DA 108 -29.70 53.31 52.92
N SER DA 109 -29.89 53.45 54.24
CA SER DA 109 -30.92 54.27 54.83
C SER DA 109 -30.28 55.17 55.83
N VAL DA 110 -30.95 56.30 56.14
CA VAL DA 110 -30.41 57.32 56.98
C VAL DA 110 -31.59 58.15 57.39
N ALA DA 111 -31.52 58.81 58.57
CA ALA DA 111 -32.62 59.62 59.04
C ALA DA 111 -32.07 60.57 60.06
N PHE DA 112 -32.82 61.67 60.30
CA PHE DA 112 -32.36 62.82 61.03
C PHE DA 112 -33.47 63.11 62.01
N SER DA 113 -33.15 63.25 63.31
CA SER DA 113 -34.13 63.30 64.38
C SER DA 113 -34.69 64.68 64.55
N SER DA 114 -35.77 64.75 65.37
CA SER DA 114 -36.47 65.95 65.73
C SER DA 114 -35.61 66.78 66.66
N ASP DA 115 -34.85 66.10 67.56
CA ASP DA 115 -33.95 66.70 68.51
C ASP DA 115 -32.67 67.19 67.90
N ASN DA 116 -32.33 66.74 66.67
CA ASN DA 116 -31.17 67.15 65.90
C ASN DA 116 -29.88 66.89 66.63
N ARG DA 117 -29.68 65.65 67.10
CA ARG DA 117 -28.52 65.28 67.88
C ARG DA 117 -28.38 63.78 67.77
N GLN DA 118 -29.38 63.12 67.16
CA GLN DA 118 -29.39 61.70 66.94
C GLN DA 118 -29.65 61.48 65.48
N ILE DA 119 -28.85 60.61 64.86
CA ILE DA 119 -28.88 60.33 63.46
C ILE DA 119 -28.64 58.86 63.41
N VAL DA 120 -29.44 58.11 62.63
CA VAL DA 120 -29.30 56.67 62.60
C VAL DA 120 -28.93 56.33 61.19
N SER DA 121 -28.70 55.04 60.91
CA SER DA 121 -28.22 54.60 59.62
C SER DA 121 -28.47 53.11 59.54
N GLY DA 122 -28.91 52.62 58.36
CA GLY DA 122 -28.96 51.19 58.13
C GLY DA 122 -27.89 50.90 57.13
N SER DA 123 -27.21 49.75 57.31
CA SER DA 123 -26.01 49.44 56.58
C SER DA 123 -26.01 47.98 56.32
N ARG DA 124 -25.22 47.55 55.31
CA ARG DA 124 -25.00 46.17 54.98
C ARG DA 124 -23.84 45.63 55.77
N ASP DA 125 -23.31 46.43 56.72
CA ASP DA 125 -22.42 46.01 57.77
C ASP DA 125 -23.18 45.15 58.76
N LYS DA 126 -24.54 45.24 58.74
CA LYS DA 126 -25.46 44.57 59.63
C LYS DA 126 -25.44 45.29 60.95
N THR DA 127 -25.45 46.63 60.89
CA THR DA 127 -25.36 47.47 62.05
C THR DA 127 -26.33 48.60 61.88
N ILE DA 128 -27.11 48.83 62.96
CA ILE DA 128 -27.79 50.08 63.23
C ILE DA 128 -26.75 50.82 64.02
N LYS DA 129 -26.71 52.16 63.92
CA LYS DA 129 -25.70 52.89 64.62
C LYS DA 129 -26.31 54.21 64.94
N LEU DA 130 -25.85 54.85 66.04
CA LEU DA 130 -26.31 56.12 66.48
C LEU DA 130 -25.14 57.04 66.33
N TRP DA 131 -25.46 58.31 66.03
CA TRP DA 131 -24.49 59.26 65.57
C TRP DA 131 -24.77 60.55 66.22
N ASN DA 132 -23.73 61.12 66.86
CA ASN DA 132 -23.66 62.51 67.29
C ASN DA 132 -23.69 63.36 66.04
N THR DA 133 -24.14 64.63 66.15
CA THR DA 133 -24.19 65.54 65.02
C THR DA 133 -22.87 66.29 64.96
N LEU DA 134 -21.85 65.77 65.66
CA LEU DA 134 -20.47 66.15 65.56
C LEU DA 134 -19.79 65.09 64.72
N GLY DA 135 -20.56 64.06 64.27
CA GLY DA 135 -20.13 63.05 63.35
C GLY DA 135 -19.27 62.02 63.98
N VAL DA 136 -19.61 61.60 65.22
CA VAL DA 136 -18.84 60.62 65.94
C VAL DA 136 -19.92 59.68 66.41
N CYS DA 137 -19.55 58.50 66.93
CA CYS DA 137 -20.47 57.41 67.14
C CYS DA 137 -20.85 57.45 68.58
N LYS DA 138 -22.12 57.86 68.84
CA LYS DA 138 -22.69 57.90 70.15
C LYS DA 138 -22.84 56.49 70.70
N TYR DA 139 -23.20 55.53 69.82
CA TYR DA 139 -23.39 54.17 70.20
C TYR DA 139 -23.31 53.42 68.90
N THR DA 140 -23.12 52.08 68.95
CA THR DA 140 -23.21 51.26 67.77
C THR DA 140 -23.90 50.02 68.24
N VAL DA 141 -24.81 49.50 67.38
CA VAL DA 141 -25.71 48.41 67.67
C VAL DA 141 -25.24 47.29 66.80
N GLN DA 142 -24.82 46.17 67.41
CA GLN DA 142 -24.28 45.07 66.65
C GLN DA 142 -24.53 43.79 67.40
N ASP DA 143 -25.20 43.89 68.57
CA ASP DA 143 -25.52 42.75 69.40
C ASP DA 143 -27.00 42.83 69.61
N GLU DA 144 -27.68 41.68 69.33
CA GLU DA 144 -29.12 41.48 69.27
C GLU DA 144 -29.62 42.00 67.95
N SER DA 145 -28.70 42.32 67.01
CA SER DA 145 -29.00 42.90 65.72
C SER DA 145 -29.33 41.83 64.72
N HIS DA 146 -29.79 42.28 63.54
CA HIS DA 146 -30.08 41.47 62.38
C HIS DA 146 -28.86 40.71 61.93
N SER DA 147 -29.06 39.49 61.39
CA SER DA 147 -27.99 38.67 60.85
C SER DA 147 -27.94 38.85 59.36
N GLU DA 148 -28.80 39.73 58.81
CA GLU DA 148 -28.84 40.08 57.42
C GLU DA 148 -28.84 41.57 57.44
N TRP DA 149 -28.68 42.17 56.24
CA TRP DA 149 -28.51 43.60 56.07
C TRP DA 149 -29.69 44.36 56.62
N VAL DA 150 -29.43 45.57 57.15
CA VAL DA 150 -30.45 46.40 57.75
C VAL DA 150 -30.88 47.27 56.62
N SER DA 151 -32.19 47.20 56.32
CA SER DA 151 -32.81 47.73 55.14
C SER DA 151 -33.21 49.16 55.37
N CYS DA 152 -33.95 49.45 56.45
CA CYS DA 152 -34.40 50.79 56.69
C CYS DA 152 -34.69 50.93 58.15
N VAL DA 153 -34.30 52.10 58.67
CA VAL DA 153 -34.51 52.53 60.03
C VAL DA 153 -35.30 53.80 59.97
N ARG DA 154 -35.95 54.15 61.11
CA ARG DA 154 -36.83 55.29 61.19
C ARG DA 154 -36.76 55.80 62.59
N PHE DA 155 -36.95 57.14 62.74
CA PHE DA 155 -37.19 57.80 63.99
C PHE DA 155 -38.68 57.88 64.12
N SER DA 156 -39.17 57.73 65.37
CA SER DA 156 -40.57 57.75 65.69
C SER DA 156 -40.73 58.99 66.52
N PRO DA 157 -41.90 59.64 66.56
CA PRO DA 157 -42.20 60.74 67.48
C PRO DA 157 -41.80 60.49 68.90
N ASN DA 158 -41.07 61.46 69.50
CA ASN DA 158 -40.48 61.35 70.82
C ASN DA 158 -41.34 62.22 71.69
N SER DA 159 -42.67 61.97 71.65
CA SER DA 159 -43.65 62.61 72.48
C SER DA 159 -43.45 62.27 73.93
N SER DA 160 -43.18 60.97 74.19
CA SER DA 160 -42.69 60.50 75.45
C SER DA 160 -42.11 59.13 75.20
N ASN DA 161 -41.92 58.75 73.91
CA ASN DA 161 -41.72 57.38 73.51
C ASN DA 161 -40.31 57.27 73.00
N PRO DA 162 -39.43 56.44 73.55
CA PRO DA 162 -38.07 56.33 73.06
C PRO DA 162 -38.01 55.05 72.28
N ILE DA 163 -38.34 55.14 70.97
CA ILE DA 163 -38.43 53.99 70.10
C ILE DA 163 -37.98 54.41 68.74
N ILE DA 164 -37.23 53.50 68.06
CA ILE DA 164 -36.76 53.69 66.72
C ILE DA 164 -36.93 52.34 66.05
N VAL DA 165 -37.33 52.37 64.76
CA VAL DA 165 -37.74 51.21 64.02
C VAL DA 165 -36.51 50.74 63.26
N SER DA 166 -36.46 49.42 62.95
CA SER DA 166 -35.41 48.78 62.21
C SER DA 166 -36.08 47.65 61.50
N CYS DA 167 -35.70 47.38 60.23
CA CYS DA 167 -36.23 46.27 59.50
C CYS DA 167 -35.10 45.82 58.62
N GLY DA 168 -34.98 44.49 58.46
CA GLY DA 168 -33.88 43.89 57.75
C GLY DA 168 -34.43 42.95 56.73
N TRP DA 169 -33.51 42.18 56.09
CA TRP DA 169 -33.83 41.25 55.04
C TRP DA 169 -34.03 39.88 55.65
N ASP DA 170 -34.05 39.80 57.00
CA ASP DA 170 -34.20 38.59 57.75
C ASP DA 170 -35.65 38.32 58.09
N LYS DA 171 -36.58 39.13 57.52
CA LYS DA 171 -38.00 38.92 57.62
C LYS DA 171 -38.49 39.25 59.01
N LEU DA 172 -38.04 40.40 59.56
CA LEU DA 172 -38.29 40.81 60.93
C LEU DA 172 -38.28 42.31 60.96
N VAL DA 173 -38.94 42.87 62.00
CA VAL DA 173 -38.96 44.28 62.28
C VAL DA 173 -38.57 44.29 63.71
N LYS DA 174 -37.49 45.02 64.04
CA LYS DA 174 -36.94 45.08 65.37
C LYS DA 174 -37.19 46.47 65.79
N VAL DA 175 -37.62 46.66 67.06
CA VAL DA 175 -37.83 47.97 67.61
C VAL DA 175 -36.82 48.04 68.72
N TRP DA 176 -36.19 49.20 68.84
CA TRP DA 176 -35.03 49.44 69.64
C TRP DA 176 -35.43 50.60 70.48
N ASN DA 177 -34.92 50.66 71.73
CA ASN DA 177 -35.31 51.68 72.65
C ASN DA 177 -34.06 52.46 72.92
N LEU DA 178 -34.19 53.79 72.83
CA LEU DA 178 -33.09 54.72 72.98
C LEU DA 178 -32.56 54.71 74.39
N ALA DA 179 -31.22 54.63 74.48
CA ALA DA 179 -30.43 54.67 75.70
C ALA DA 179 -30.66 53.46 76.59
N ASN DA 180 -31.06 52.31 76.01
CA ASN DA 180 -30.97 51.02 76.67
C ASN DA 180 -30.49 50.06 75.62
N CYS DA 181 -30.91 50.34 74.37
CA CYS DA 181 -30.58 49.64 73.16
C CYS DA 181 -30.95 48.18 73.19
N LYS DA 182 -32.16 47.86 73.73
CA LYS DA 182 -32.63 46.50 73.80
C LYS DA 182 -33.68 46.37 72.73
N LEU DA 183 -33.98 45.12 72.32
CA LEU DA 183 -35.19 44.74 71.63
C LEU DA 183 -36.42 45.02 72.45
N LYS DA 184 -37.26 45.99 72.04
CA LYS DA 184 -38.59 46.17 72.57
C LYS DA 184 -39.52 45.05 72.14
N THR DA 185 -39.33 44.52 70.92
CA THR DA 185 -40.23 43.53 70.37
C THR DA 185 -39.58 43.07 69.09
N ASN DA 186 -40.10 41.95 68.54
CA ASN DA 186 -39.79 41.44 67.23
C ASN DA 186 -41.12 41.11 66.61
N HIS DA 187 -41.37 41.59 65.37
CA HIS DA 187 -42.59 41.33 64.67
C HIS DA 187 -42.29 40.47 63.49
N ILE DA 188 -43.10 39.41 63.31
CA ILE DA 188 -42.97 38.44 62.26
C ILE DA 188 -44.24 38.56 61.46
N GLY DA 189 -44.18 38.40 60.11
CA GLY DA 189 -45.40 38.43 59.32
C GLY DA 189 -45.14 38.80 57.89
N HIS DA 190 -43.89 38.64 57.40
CA HIS DA 190 -43.57 38.99 56.02
C HIS DA 190 -42.91 37.80 55.44
N THR DA 191 -43.54 37.19 54.41
CA THR DA 191 -42.97 36.09 53.65
C THR DA 191 -41.72 36.51 52.94
N GLY DA 192 -41.73 37.72 52.32
CA GLY DA 192 -40.60 38.21 51.57
C GLY DA 192 -39.78 39.01 52.53
N TYR DA 193 -38.66 39.59 52.03
CA TYR DA 193 -37.74 40.35 52.83
C TYR DA 193 -38.27 41.76 52.88
N LEU DA 194 -37.92 42.55 53.91
CA LEU DA 194 -38.52 43.85 54.10
C LEU DA 194 -37.63 44.87 53.51
N ASN DA 195 -38.25 45.79 52.74
CA ASN DA 195 -37.60 46.86 52.04
C ASN DA 195 -37.62 48.10 52.87
N THR DA 196 -38.78 48.41 53.49
CA THR DA 196 -39.00 49.73 54.02
C THR DA 196 -39.97 49.62 55.16
N VAL DA 197 -40.10 50.73 55.91
CA VAL DA 197 -41.02 50.87 57.01
C VAL DA 197 -41.08 52.37 57.21
N THR DA 198 -42.18 52.88 57.79
CA THR DA 198 -42.39 54.29 58.00
C THR DA 198 -43.43 54.37 59.07
N VAL DA 199 -43.45 55.48 59.83
CA VAL DA 199 -44.28 55.70 60.98
C VAL DA 199 -45.16 56.86 60.66
N SER DA 200 -46.41 56.86 61.20
CA SER DA 200 -47.36 57.94 61.04
C SER DA 200 -46.85 59.19 61.75
N PRO DA 201 -47.18 60.41 61.32
CA PRO DA 201 -46.76 61.63 61.99
C PRO DA 201 -47.44 61.77 63.33
N ASP DA 202 -48.68 61.25 63.47
CA ASP DA 202 -49.42 61.23 64.71
C ASP DA 202 -48.75 60.33 65.71
N GLY DA 203 -48.35 59.12 65.25
CA GLY DA 203 -47.53 58.20 66.00
C GLY DA 203 -48.52 57.27 66.63
N SER DA 204 -48.93 56.24 65.86
CA SER DA 204 -49.70 55.14 66.38
C SER DA 204 -49.58 53.97 65.45
N LEU DA 205 -48.84 54.12 64.33
CA LEU DA 205 -48.91 53.18 63.25
C LEU DA 205 -47.52 52.99 62.75
N CYS DA 206 -47.30 51.84 62.09
CA CYS DA 206 -46.10 51.53 61.36
C CYS DA 206 -46.61 50.80 60.16
N ALA DA 207 -46.47 51.44 58.98
CA ALA DA 207 -46.76 50.82 57.72
C ALA DA 207 -45.46 50.23 57.26
N SER DA 208 -45.44 48.90 57.09
CA SER DA 208 -44.25 48.13 56.81
C SER DA 208 -44.55 47.43 55.53
N GLY DA 209 -43.50 47.04 54.79
CA GLY DA 209 -43.71 46.33 53.57
C GLY DA 209 -42.46 45.63 53.17
N GLY DA 210 -42.58 44.82 52.10
CA GLY DA 210 -41.44 44.13 51.57
C GLY DA 210 -41.84 43.52 50.27
N LYS DA 211 -41.34 42.29 50.03
CA LYS DA 211 -41.64 41.48 48.88
C LYS DA 211 -42.65 40.42 49.31
N ASP DA 212 -43.35 40.68 50.44
CA ASP DA 212 -44.41 39.86 50.99
C ASP DA 212 -45.54 39.78 50.00
N GLY DA 213 -45.90 40.94 49.40
CA GLY DA 213 -46.98 41.07 48.47
C GLY DA 213 -48.12 41.71 49.21
N GLN DA 214 -48.27 41.40 50.51
CA GLN DA 214 -49.22 42.00 51.39
C GLN DA 214 -48.52 43.09 52.17
N ALA DA 215 -49.26 44.19 52.44
CA ALA DA 215 -48.84 45.33 53.21
C ALA DA 215 -49.42 45.20 54.57
N MET DA 216 -48.60 44.81 55.58
CA MET DA 216 -49.05 44.61 56.93
C MET DA 216 -48.74 45.83 57.75
N LEU DA 217 -49.59 46.05 58.78
CA LEU DA 217 -49.62 47.23 59.61
C LEU DA 217 -49.36 46.74 61.00
N TRP DA 218 -48.54 47.50 61.75
CA TRP DA 218 -48.09 47.22 63.09
C TRP DA 218 -48.39 48.44 63.90
N ASP DA 219 -48.44 48.28 65.24
CA ASP DA 219 -48.84 49.32 66.16
C ASP DA 219 -47.58 49.80 66.82
N LEU DA 220 -47.42 51.14 66.86
CA LEU DA 220 -46.24 51.80 67.34
C LEU DA 220 -46.24 51.82 68.85
N ASN DA 221 -47.42 51.62 69.49
CA ASN DA 221 -47.59 51.84 70.90
C ASN DA 221 -47.32 50.62 71.72
N GLU DA 222 -47.31 49.40 71.13
CA GLU DA 222 -46.94 48.22 71.88
C GLU DA 222 -46.63 47.07 70.97
N GLY DA 223 -46.93 47.18 69.65
CA GLY DA 223 -46.66 46.15 68.68
C GLY DA 223 -47.77 45.14 68.64
N LYS DA 224 -48.75 45.37 67.74
CA LYS DA 224 -49.87 44.50 67.48
C LYS DA 224 -50.04 44.52 66.00
N HIS DA 225 -50.50 43.40 65.40
CA HIS DA 225 -50.77 43.36 63.98
C HIS DA 225 -52.18 43.82 63.78
N LEU DA 226 -52.31 45.10 63.36
CA LEU DA 226 -53.57 45.78 63.23
C LEU DA 226 -54.39 45.17 62.12
N TYR DA 227 -53.87 45.20 60.87
CA TYR DA 227 -54.55 44.55 59.77
C TYR DA 227 -53.60 44.54 58.59
N THR DA 228 -54.09 44.01 57.46
CA THR DA 228 -53.32 43.64 56.29
C THR DA 228 -54.15 43.94 55.09
N LEU DA 229 -53.51 44.20 53.92
CA LEU DA 229 -54.23 44.45 52.69
C LEU DA 229 -53.44 43.70 51.66
N ASP DA 230 -54.15 43.14 50.64
CA ASP DA 230 -53.57 42.46 49.51
C ASP DA 230 -53.27 43.48 48.45
N GLY DA 231 -51.97 43.73 48.18
CA GLY DA 231 -51.61 44.75 47.24
C GLY DA 231 -50.25 45.21 47.58
N GLY DA 232 -49.44 45.49 46.54
CA GLY DA 232 -48.10 46.01 46.65
C GLY DA 232 -47.22 44.81 46.51
N ASP DA 233 -46.99 44.39 45.24
CA ASP DA 233 -46.25 43.20 44.88
C ASP DA 233 -44.83 43.31 45.37
N ILE DA 234 -44.26 44.51 45.17
CA ILE DA 234 -42.95 44.86 45.61
C ILE DA 234 -43.16 46.23 46.13
N ILE DA 235 -42.69 46.49 47.37
CA ILE DA 235 -43.01 47.68 48.11
C ILE DA 235 -41.67 48.30 48.32
N ASN DA 236 -41.54 49.60 47.99
CA ASN DA 236 -40.25 50.24 47.87
C ASN DA 236 -40.31 51.46 48.72
N ALA DA 237 -41.49 52.10 48.79
CA ALA DA 237 -41.67 53.31 49.54
C ALA DA 237 -43.07 53.31 50.02
N LEU DA 238 -43.29 53.96 51.18
CA LEU DA 238 -44.56 54.11 51.81
C LEU DA 238 -44.51 55.52 52.30
N CYS DA 239 -45.67 56.20 52.45
CA CYS DA 239 -45.66 57.52 53.04
C CYS DA 239 -47.07 57.80 53.47
N PHE DA 240 -47.27 58.04 54.80
CA PHE DA 240 -48.47 58.63 55.36
C PHE DA 240 -48.71 60.03 54.84
N SER DA 241 -49.94 60.56 55.03
CA SER DA 241 -50.31 61.90 54.57
C SER DA 241 -50.66 62.75 55.75
N PRO DA 242 -50.51 64.08 55.70
CA PRO DA 242 -50.75 64.93 56.86
C PRO DA 242 -52.16 65.49 56.82
N ASN DA 243 -52.80 65.60 55.63
CA ASN DA 243 -54.04 66.34 55.47
C ASN DA 243 -55.20 65.40 55.40
N ARG DA 244 -54.90 64.09 55.28
CA ARG DA 244 -55.85 63.02 55.27
C ARG DA 244 -55.15 61.94 56.01
N TYR DA 245 -55.88 60.86 56.36
CA TYR DA 245 -55.28 59.65 56.83
C TYR DA 245 -55.34 58.70 55.66
N TRP DA 246 -54.33 58.82 54.76
CA TRP DA 246 -54.11 57.91 53.66
C TRP DA 246 -52.78 57.26 53.86
N LEU DA 247 -52.44 56.32 52.95
CA LEU DA 247 -51.17 55.67 52.89
C LEU DA 247 -50.98 55.37 51.43
N CYS DA 248 -49.78 55.69 50.91
CA CYS DA 248 -49.50 55.74 49.49
C CYS DA 248 -48.44 54.70 49.24
N ALA DA 249 -48.75 53.70 48.38
CA ALA DA 249 -47.95 52.51 48.24
C ALA DA 249 -47.35 52.47 46.87
N ALA DA 250 -46.02 52.24 46.82
CA ALA DA 250 -45.21 52.29 45.63
C ALA DA 250 -44.98 50.89 45.14
N THR DA 251 -45.63 50.52 44.03
CA THR DA 251 -45.46 49.24 43.37
C THR DA 251 -44.71 49.63 42.11
N GLY DA 252 -44.23 48.66 41.30
CA GLY DA 252 -43.38 48.97 40.18
C GLY DA 252 -44.14 49.62 39.05
N PRO DA 253 -45.17 49.01 38.47
CA PRO DA 253 -45.86 49.62 37.35
C PRO DA 253 -46.79 50.73 37.77
N SER DA 254 -47.11 50.85 39.08
CA SER DA 254 -48.23 51.68 39.46
C SER DA 254 -48.06 52.10 40.90
N ILE DA 255 -48.80 53.14 41.31
CA ILE DA 255 -48.88 53.57 42.69
C ILE DA 255 -50.29 53.29 43.10
N LYS DA 256 -50.49 52.72 44.30
CA LYS DA 256 -51.79 52.40 44.83
C LYS DA 256 -51.96 53.28 46.04
N ILE DA 257 -52.87 54.26 45.97
CA ILE DA 257 -53.13 55.18 47.05
C ILE DA 257 -54.35 54.64 47.77
N TRP DA 258 -54.20 54.33 49.09
CA TRP DA 258 -55.20 53.66 49.88
C TRP DA 258 -55.71 54.56 50.97
N ASP DA 259 -57.06 54.66 51.07
CA ASP DA 259 -57.78 55.13 52.22
C ASP DA 259 -57.91 53.95 53.15
N LEU DA 260 -57.79 54.17 54.48
CA LEU DA 260 -57.74 53.10 55.45
C LEU DA 260 -58.98 53.17 56.31
N GLU DA 261 -59.87 54.15 56.05
CA GLU DA 261 -61.00 54.43 56.90
C GLU DA 261 -62.25 54.49 56.05
N GLY DA 262 -62.85 53.34 55.62
CA GLY DA 262 -62.41 51.97 55.79
C GLY DA 262 -61.45 51.63 54.69
N LYS DA 263 -60.91 50.39 54.72
CA LYS DA 263 -59.90 49.93 53.79
C LYS DA 263 -60.45 49.81 52.39
N ILE DA 264 -59.90 50.63 51.46
CA ILE DA 264 -60.33 50.67 50.09
C ILE DA 264 -59.23 51.36 49.35
N ILE DA 265 -59.12 51.12 48.01
CA ILE DA 265 -58.26 51.84 47.11
C ILE DA 265 -58.97 53.09 46.64
N VAL DA 266 -58.31 54.26 46.78
CA VAL DA 266 -58.79 55.52 46.24
C VAL DA 266 -58.64 55.50 44.75
N ASP DA 267 -57.39 55.36 44.23
CA ASP DA 267 -57.11 55.35 42.81
C ASP DA 267 -55.90 54.49 42.62
N GLU DA 268 -55.59 54.15 41.34
CA GLU DA 268 -54.35 53.55 40.96
C GLU DA 268 -53.79 54.49 39.93
N LEU DA 269 -52.55 54.99 40.14
CA LEU DA 269 -51.90 55.83 39.17
C LEU DA 269 -51.30 54.93 38.13
N LYS DA 270 -51.71 55.13 36.86
CA LYS DA 270 -51.13 54.51 35.70
C LYS DA 270 -50.58 55.58 34.82
N GLN DA 271 -49.40 55.31 34.22
CA GLN DA 271 -48.78 56.18 33.26
C GLN DA 271 -49.34 55.80 31.92
N GLU DA 272 -49.39 56.76 30.97
CA GLU DA 272 -49.82 56.58 29.61
C GLU DA 272 -48.94 55.59 28.88
N VAL DA 273 -49.54 54.80 27.93
CA VAL DA 273 -48.93 53.70 27.24
C VAL DA 273 -47.83 54.16 26.32
N ILE DA 274 -46.86 53.26 26.09
CA ILE DA 274 -45.79 53.46 25.16
C ILE DA 274 -45.57 52.10 24.57
N SER DA 275 -45.44 52.03 23.22
CA SER DA 275 -45.43 50.78 22.49
C SER DA 275 -44.05 50.22 22.57
N THR DA 276 -43.92 48.99 23.12
CA THR DA 276 -42.65 48.37 23.39
C THR DA 276 -42.76 46.95 22.92
N SER DA 277 -41.57 46.33 22.71
CA SER DA 277 -41.47 44.93 22.41
C SER DA 277 -40.19 44.51 23.09
N SER DA 278 -40.14 43.34 23.77
CA SER DA 278 -41.24 42.46 24.11
C SER DA 278 -42.16 43.10 25.10
N LYS DA 279 -41.59 43.81 26.10
CA LYS DA 279 -42.33 44.46 27.14
C LYS DA 279 -41.31 45.15 28.01
N ALA DA 280 -41.42 46.48 28.07
CA ALA DA 280 -40.52 47.33 28.81
C ALA DA 280 -41.26 48.63 29.01
N GLU DA 281 -42.59 48.59 28.78
CA GLU DA 281 -43.54 49.65 29.00
C GLU DA 281 -43.60 50.19 30.42
N PRO DA 282 -43.67 49.46 31.54
CA PRO DA 282 -43.53 50.08 32.84
C PRO DA 282 -42.11 50.45 33.20
N PRO DA 283 -41.90 51.64 33.77
CA PRO DA 283 -40.68 51.94 34.51
C PRO DA 283 -41.09 51.74 35.94
N GLN DA 284 -40.18 51.19 36.78
CA GLN DA 284 -40.42 51.00 38.18
C GLN DA 284 -40.54 52.29 38.94
N CYS DA 285 -41.56 52.41 39.83
CA CYS DA 285 -41.65 53.47 40.80
C CYS DA 285 -40.98 52.93 42.02
N THR DA 286 -40.17 53.79 42.68
CA THR DA 286 -39.31 53.35 43.74
C THR DA 286 -39.52 54.24 44.93
N SER DA 287 -39.89 55.52 44.72
CA SER DA 287 -40.08 56.43 45.82
C SER DA 287 -41.26 57.30 45.57
N LEU DA 288 -41.77 57.91 46.67
CA LEU DA 288 -42.87 58.83 46.60
C LEU DA 288 -42.86 59.59 47.90
N ALA DA 289 -43.42 60.81 47.88
CA ALA DA 289 -43.46 61.65 49.05
C ALA DA 289 -44.54 62.66 48.82
N TRP DA 290 -45.29 62.97 49.90
CA TRP DA 290 -46.31 63.99 49.92
C TRP DA 290 -45.69 65.33 50.17
N SER DA 291 -46.38 66.38 49.68
CA SER DA 291 -46.13 67.76 50.05
C SER DA 291 -46.90 68.05 51.29
N ALA DA 292 -46.61 69.22 51.91
CA ALA DA 292 -47.17 69.64 53.17
C ALA DA 292 -48.65 69.89 53.05
N ASP DA 293 -49.08 70.48 51.91
CA ASP DA 293 -50.45 70.71 51.53
C ASP DA 293 -51.21 69.43 51.41
N GLY DA 294 -50.57 68.39 50.85
CA GLY DA 294 -51.14 67.08 50.72
C GLY DA 294 -52.02 66.98 49.51
N GLN DA 295 -52.01 68.04 48.66
CA GLN DA 295 -52.72 68.06 47.41
C GLN DA 295 -51.86 67.38 46.39
N THR DA 296 -50.54 67.63 46.43
CA THR DA 296 -49.65 67.17 45.40
C THR DA 296 -48.72 66.21 46.06
N LEU DA 297 -48.30 65.21 45.27
CA LEU DA 297 -47.33 64.24 45.65
C LEU DA 297 -46.47 64.14 44.43
N PHE DA 298 -45.27 63.57 44.63
CA PHE DA 298 -44.27 63.48 43.62
C PHE DA 298 -43.88 62.04 43.71
N ALA DA 299 -43.17 61.52 42.70
CA ALA DA 299 -42.84 60.13 42.64
C ALA DA 299 -41.52 60.06 41.98
N GLY DA 300 -40.70 59.05 42.34
CA GLY DA 300 -39.44 58.80 41.70
C GLY DA 300 -39.62 57.55 40.91
N TYR DA 301 -39.08 57.57 39.69
CA TYR DA 301 -39.19 56.48 38.76
C TYR DA 301 -37.80 56.23 38.26
N THR DA 302 -37.67 55.13 37.49
CA THR DA 302 -36.41 54.64 36.99
C THR DA 302 -36.24 55.03 35.54
N ASP DA 303 -37.14 55.88 35.00
CA ASP DA 303 -37.01 56.43 33.68
C ASP DA 303 -36.34 57.77 33.73
N ASN DA 304 -35.86 58.16 34.94
CA ASN DA 304 -35.03 59.30 35.23
C ASN DA 304 -35.86 60.55 35.39
N LEU DA 305 -37.15 60.38 35.75
CA LEU DA 305 -38.11 61.45 35.81
C LEU DA 305 -38.69 61.45 37.18
N VAL DA 306 -39.22 62.62 37.60
CA VAL DA 306 -39.96 62.72 38.82
C VAL DA 306 -41.31 63.15 38.31
N ARG DA 307 -42.30 62.23 38.41
CA ARG DA 307 -43.63 62.46 37.93
C ARG DA 307 -44.42 63.10 39.03
N VAL DA 308 -45.25 64.11 38.69
CA VAL DA 308 -46.06 64.82 39.65
C VAL DA 308 -47.50 64.40 39.39
N TRP DA 309 -48.33 64.38 40.45
CA TRP DA 309 -49.75 64.17 40.36
C TRP DA 309 -50.35 65.14 41.33
N GLN DA 310 -51.69 65.30 41.26
CA GLN DA 310 -52.42 66.17 42.15
C GLN DA 310 -53.76 65.53 42.38
N VAL DA 311 -54.27 65.66 43.62
CA VAL DA 311 -55.59 65.26 44.04
C VAL DA 311 -56.55 66.34 43.61
N THR DA 312 -57.71 65.92 43.06
CA THR DA 312 -58.78 66.79 42.70
C THR DA 312 -59.96 66.21 43.40
N ILE DA 313 -60.83 67.11 43.91
CA ILE DA 313 -62.03 66.76 44.61
C ILE DA 313 -63.18 66.95 43.60
N ARG EA 1 18.34 66.88 -16.24
CA ARG EA 1 17.91 68.31 -16.17
C ARG EA 1 18.13 69.02 -17.47
N ASP EA 2 17.45 70.17 -17.63
CA ASP EA 2 17.42 70.96 -18.83
C ASP EA 2 18.57 71.94 -18.76
N LYS EA 3 18.79 72.68 -19.88
CA LYS EA 3 19.72 73.77 -19.93
C LYS EA 3 18.89 75.00 -20.21
N LEU EA 4 19.13 76.04 -19.39
CA LEU EA 4 18.41 77.29 -19.45
C LEU EA 4 19.31 78.30 -18.80
N ASN EA 5 19.09 79.60 -19.09
CA ASN EA 5 19.89 80.68 -18.58
C ASN EA 5 18.95 81.83 -18.42
N ASN EA 6 19.25 82.70 -17.44
CA ASN EA 6 18.40 83.81 -17.06
C ASN EA 6 19.30 85.00 -16.96
N LEU EA 7 18.70 86.23 -17.02
CA LEU EA 7 19.44 87.47 -16.98
C LEU EA 7 19.55 87.88 -15.54
N VAL EA 8 20.78 88.27 -15.14
CA VAL EA 8 21.14 88.54 -13.77
C VAL EA 8 21.37 90.01 -13.57
N LEU EA 9 21.14 90.82 -14.63
CA LEU EA 9 21.20 92.26 -14.58
C LEU EA 9 20.01 92.72 -15.37
N PHE EA 10 19.67 94.03 -15.23
CA PHE EA 10 18.51 94.65 -15.82
C PHE EA 10 18.92 95.14 -17.19
N ASP EA 11 17.91 95.32 -18.06
CA ASP EA 11 18.07 96.01 -19.30
C ASP EA 11 16.90 96.95 -19.41
N LYS EA 12 16.89 97.75 -20.51
CA LYS EA 12 15.92 98.75 -20.90
C LYS EA 12 14.53 98.16 -20.84
N ALA EA 13 14.32 97.10 -21.66
CA ALA EA 13 13.08 96.45 -21.97
C ALA EA 13 12.48 95.81 -20.74
N THR EA 14 13.33 95.25 -19.84
CA THR EA 14 12.91 94.69 -18.57
C THR EA 14 12.22 95.74 -17.72
N TYR EA 15 12.83 96.96 -17.59
CA TYR EA 15 12.31 98.04 -16.77
C TYR EA 15 11.01 98.55 -17.34
N ASP EA 16 10.92 98.66 -18.68
CA ASP EA 16 9.75 99.26 -19.30
C ASP EA 16 8.56 98.35 -19.18
N LYS EA 17 8.74 97.03 -19.40
CA LYS EA 17 7.73 96.03 -19.22
C LYS EA 17 7.27 95.94 -17.79
N LEU EA 18 8.19 96.17 -16.83
CA LEU EA 18 7.95 96.12 -15.40
C LEU EA 18 6.93 97.12 -14.94
N CYS EA 19 6.87 98.29 -15.63
CA CYS EA 19 5.94 99.36 -15.33
C CYS EA 19 4.57 99.10 -15.89
N LYS EA 20 4.46 98.25 -16.94
CA LYS EA 20 3.25 98.12 -17.71
C LYS EA 20 2.57 96.81 -17.44
N GLU EA 21 3.27 95.84 -16.81
CA GLU EA 21 2.65 94.60 -16.39
C GLU EA 21 1.72 94.80 -15.23
N VAL EA 22 1.96 95.84 -14.40
CA VAL EA 22 1.22 96.09 -13.18
C VAL EA 22 -0.28 96.21 -13.36
N PRO EA 23 -0.90 97.12 -14.13
CA PRO EA 23 -2.35 97.20 -14.22
C PRO EA 23 -2.99 96.02 -14.90
N ASN EA 24 -2.23 95.25 -15.71
CA ASN EA 24 -2.71 94.08 -16.38
C ASN EA 24 -2.73 92.82 -15.55
N TYR EA 25 -2.00 92.78 -14.41
CA TYR EA 25 -1.81 91.55 -13.65
C TYR EA 25 -2.46 91.71 -12.32
N LYS EA 26 -3.16 90.63 -11.88
CA LYS EA 26 -3.75 90.53 -10.57
C LYS EA 26 -2.74 89.89 -9.69
N LEU EA 27 -2.15 88.75 -10.11
CA LEU EA 27 -1.12 88.10 -9.35
C LEU EA 27 0.21 88.58 -9.88
N ILE EA 28 1.17 88.84 -8.97
CA ILE EA 28 2.52 89.17 -9.34
C ILE EA 28 3.29 88.52 -8.24
N THR EA 29 4.11 87.50 -8.58
CA THR EA 29 5.05 86.92 -7.64
C THR EA 29 6.36 86.89 -8.40
N PRO EA 30 7.52 86.73 -7.79
CA PRO EA 30 8.80 86.70 -8.48
C PRO EA 30 8.89 85.57 -9.46
N ALA EA 31 8.24 84.43 -9.16
CA ALA EA 31 8.18 83.27 -10.02
C ALA EA 31 7.51 83.57 -11.33
N VAL EA 32 6.39 84.32 -11.34
CA VAL EA 32 5.68 84.67 -12.54
C VAL EA 32 6.48 85.66 -13.36
N VAL EA 33 7.33 86.50 -12.72
CA VAL EA 33 8.19 87.44 -13.40
C VAL EA 33 9.34 86.72 -14.07
N SER EA 34 9.71 85.51 -13.57
CA SER EA 34 10.75 84.65 -14.11
C SER EA 34 10.41 84.13 -15.47
N GLU EA 35 9.11 84.00 -15.77
CA GLU EA 35 8.60 83.24 -16.88
C GLU EA 35 8.28 84.22 -17.98
N ARG EA 36 7.54 85.30 -17.64
CA ARG EA 36 7.12 86.35 -18.53
C ARG EA 36 8.27 87.16 -19.07
N LEU EA 37 9.39 87.20 -18.33
CA LEU EA 37 10.62 87.81 -18.75
C LEU EA 37 11.59 86.67 -18.72
N LYS EA 38 12.88 86.92 -19.00
CA LYS EA 38 13.92 85.94 -18.78
C LYS EA 38 14.78 86.64 -17.80
N ILE EA 39 14.64 86.25 -16.52
CA ILE EA 39 15.20 87.00 -15.43
C ILE EA 39 15.31 86.01 -14.31
N ARG EA 40 16.32 86.19 -13.43
CA ARG EA 40 16.59 85.31 -12.34
C ARG EA 40 15.60 85.60 -11.24
N GLY EA 41 15.33 84.60 -10.38
CA GLY EA 41 14.32 84.70 -9.37
C GLY EA 41 14.68 85.63 -8.26
N SER EA 42 15.97 85.74 -7.87
CA SER EA 42 16.37 86.72 -6.88
C SER EA 42 16.42 88.13 -7.43
N LEU EA 43 16.69 88.29 -8.74
CA LEU EA 43 16.62 89.57 -9.41
C LEU EA 43 15.21 90.07 -9.44
N ALA EA 44 14.27 89.15 -9.74
CA ALA EA 44 12.86 89.37 -9.82
C ALA EA 44 12.27 89.67 -8.46
N ARG EA 45 12.91 89.17 -7.38
CA ARG EA 45 12.52 89.39 -6.02
C ARG EA 45 12.61 90.85 -5.69
N ALA EA 46 13.79 91.45 -6.02
CA ALA EA 46 14.13 92.81 -5.72
C ALA EA 46 13.48 93.77 -6.67
N ALA EA 47 13.22 93.34 -7.91
CA ALA EA 47 12.51 94.12 -8.90
C ALA EA 47 11.12 94.50 -8.46
N LEU EA 48 10.44 93.60 -7.71
CA LEU EA 48 9.11 93.84 -7.20
C LEU EA 48 9.14 94.69 -5.98
N GLN EA 49 10.21 94.59 -5.16
CA GLN EA 49 10.43 95.48 -4.03
C GLN EA 49 10.52 96.93 -4.46
N GLU EA 50 11.15 97.22 -5.62
CA GLU EA 50 11.25 98.55 -6.21
C GLU EA 50 9.88 99.11 -6.49
N LEU EA 51 8.98 98.30 -7.09
CA LEU EA 51 7.65 98.72 -7.53
C LEU EA 51 6.77 99.07 -6.37
N LEU EA 52 6.98 98.39 -5.21
CA LEU EA 52 6.18 98.57 -4.02
C LEU EA 52 6.49 99.91 -3.38
N SER EA 53 7.75 100.40 -3.53
CA SER EA 53 8.20 101.70 -3.09
C SER EA 53 7.60 102.84 -3.89
N LYS EA 54 7.12 102.55 -5.12
CA LYS EA 54 6.45 103.49 -5.97
C LYS EA 54 4.98 103.49 -5.66
N GLY EA 55 4.46 102.35 -5.15
CA GLY EA 55 3.07 102.17 -4.78
C GLY EA 55 2.25 101.68 -5.93
N LEU EA 56 2.92 101.22 -7.02
CA LEU EA 56 2.26 100.64 -8.17
C LEU EA 56 1.56 99.34 -7.83
N ILE EA 57 2.23 98.47 -7.05
CA ILE EA 57 1.67 97.23 -6.56
C ILE EA 57 1.38 97.40 -5.10
N LYS EA 58 0.62 96.43 -4.52
CA LYS EA 58 0.30 96.41 -3.11
C LYS EA 58 0.64 95.03 -2.64
N LEU EA 59 1.28 94.91 -1.46
CA LEU EA 59 1.48 93.66 -0.76
C LEU EA 59 0.17 93.19 -0.18
N VAL EA 60 -0.06 91.85 -0.14
CA VAL EA 60 -1.29 91.28 0.38
C VAL EA 60 -0.99 90.15 1.31
N SER EA 61 0.23 89.59 1.26
CA SER EA 61 0.57 88.48 2.11
C SER EA 61 2.04 88.30 1.92
N LYS EA 62 2.67 87.70 2.95
CA LYS EA 62 4.09 87.62 3.07
C LYS EA 62 4.34 86.34 3.80
N HIS EA 63 5.50 85.72 3.49
CA HIS EA 63 5.94 84.51 4.09
C HIS EA 63 7.42 84.49 3.87
N ARG EA 64 8.10 83.54 4.52
CA ARG EA 64 9.47 83.19 4.36
C ARG EA 64 9.74 82.70 2.96
N ALA EA 65 8.81 81.88 2.42
CA ALA EA 65 9.02 81.14 1.21
C ALA EA 65 8.18 81.68 0.07
N GLN EA 66 7.44 82.80 0.27
CA GLN EA 66 6.58 83.32 -0.77
C GLN EA 66 6.25 84.74 -0.43
N VAL EA 67 5.90 85.56 -1.46
CA VAL EA 67 5.46 86.92 -1.29
C VAL EA 67 4.42 87.04 -2.37
N ILE EA 68 3.31 87.75 -2.07
CA ILE EA 68 2.20 87.89 -2.99
C ILE EA 68 2.01 89.37 -3.15
N TYR EA 69 1.56 89.80 -4.35
CA TYR EA 69 1.35 91.19 -4.65
C TYR EA 69 0.16 91.24 -5.56
N THR EA 70 -0.59 92.37 -5.47
CA THR EA 70 -1.82 92.62 -6.17
C THR EA 70 -1.71 93.98 -6.82
N ARG EA 71 -2.75 94.32 -7.62
CA ARG EA 71 -2.76 95.35 -8.62
C ARG EA 71 -2.83 96.71 -7.98
N ASN EA 72 -4.04 97.31 -7.85
CA ASN EA 72 -4.21 98.60 -7.23
C ASN EA 72 -5.55 98.60 -6.59
N THR EA 73 -6.18 97.40 -6.48
CA THR EA 73 -7.53 97.16 -6.02
C THR EA 73 -8.56 98.01 -6.74
N LYS EA 74 -8.53 97.94 -8.10
CA LYS EA 74 -9.44 98.65 -8.95
C LYS EA 74 -10.20 97.66 -9.79
N GLY EA 75 -10.07 96.35 -9.47
CA GLY EA 75 -10.78 95.28 -10.13
C GLY EA 75 -9.82 94.58 -11.12
N LYS FA 1 40.52 1.03 9.53
CA LYS FA 1 40.70 1.32 8.08
C LYS FA 1 39.96 0.31 7.26
N VAL FA 2 39.13 0.80 6.31
CA VAL FA 2 38.44 -0.01 5.32
C VAL FA 2 39.45 -0.64 4.38
N HIS FA 3 40.51 0.11 4.03
CA HIS FA 3 41.54 -0.24 3.10
C HIS FA 3 42.68 -0.94 3.80
N GLY FA 4 43.66 -1.41 3.01
CA GLY FA 4 44.80 -2.15 3.49
C GLY FA 4 44.72 -3.60 3.13
N SER FA 5 45.07 -3.92 1.85
CA SER FA 5 44.64 -5.09 1.12
C SER FA 5 43.20 -5.50 1.33
N LEU FA 6 42.26 -4.67 0.85
CA LEU FA 6 40.85 -4.86 1.05
C LEU FA 6 40.27 -5.62 -0.09
N ALA FA 7 41.15 -6.13 -1.00
CA ALA FA 7 40.77 -7.01 -2.06
C ALA FA 7 41.36 -8.37 -1.82
N ARG FA 8 41.95 -8.61 -0.61
CA ARG FA 8 42.67 -9.84 -0.39
C ARG FA 8 42.52 -10.25 1.05
N VAL FA 9 42.38 -11.58 1.23
CA VAL FA 9 42.29 -12.35 2.46
C VAL FA 9 43.30 -12.03 3.53
N GLY FA 10 42.99 -12.52 4.76
CA GLY FA 10 43.78 -12.35 5.96
C GLY FA 10 43.82 -10.93 6.41
N LYS FA 11 43.01 -10.57 7.42
CA LYS FA 11 42.91 -9.19 7.83
C LYS FA 11 42.20 -9.15 9.15
N VAL FA 12 41.95 -10.32 9.78
CA VAL FA 12 41.17 -10.32 10.98
C VAL FA 12 41.57 -11.52 11.79
N ARG FA 13 42.64 -12.24 11.35
CA ARG FA 13 43.00 -13.45 12.02
C ARG FA 13 44.50 -13.52 12.10
N GLY FA 14 45.19 -12.88 11.13
CA GLY FA 14 46.63 -12.82 11.12
C GLY FA 14 47.12 -11.60 11.82
N GLN FA 15 46.20 -10.77 12.36
CA GLN FA 15 46.57 -9.58 13.05
C GLN FA 15 45.64 -9.39 14.20
N THR FA 16 45.61 -10.41 15.08
CA THR FA 16 44.91 -10.37 16.33
C THR FA 16 45.95 -10.73 17.34
N LEU FA 17 45.68 -10.46 18.63
CA LEU FA 17 46.43 -11.00 19.74
C LEU FA 17 46.31 -12.51 19.76
N LYS FA 18 47.35 -13.20 20.26
CA LYS FA 18 47.36 -14.65 20.32
C LYS FA 18 47.35 -14.97 21.78
N VAL FA 19 46.33 -15.77 22.19
CA VAL FA 19 46.07 -16.13 23.56
C VAL FA 19 46.09 -17.63 23.53
N ALA FA 20 46.62 -18.26 24.59
CA ALA FA 20 46.68 -19.70 24.68
C ALA FA 20 46.60 -20.07 26.13
N LYS FA 21 46.03 -19.16 26.99
CA LYS FA 21 45.65 -19.45 28.35
C LYS FA 21 44.64 -20.55 28.39
N GLN FA 22 44.86 -21.55 29.25
CA GLN FA 22 44.04 -22.72 29.36
C GLN FA 22 44.25 -23.20 30.77
N GLU FA 23 43.40 -24.15 31.22
CA GLU FA 23 43.29 -24.57 32.60
C GLU FA 23 43.81 -25.98 32.64
N LYS FA 24 44.06 -26.50 33.86
CA LYS FA 24 44.17 -27.92 34.07
C LYS FA 24 43.10 -28.29 35.04
N LYS FA 25 42.28 -29.28 34.63
CA LYS FA 25 41.09 -29.67 35.34
C LYS FA 25 40.74 -30.99 34.73
N LYS FA 26 39.95 -31.81 35.46
CA LYS FA 26 39.45 -33.07 34.95
C LYS FA 26 37.97 -32.88 34.99
N LYS FA 27 37.32 -32.92 33.81
CA LYS FA 27 35.90 -32.76 33.69
C LYS FA 27 35.27 -34.11 33.78
N ARG FA 28 34.03 -34.15 34.30
CA ARG FA 28 33.32 -35.38 34.56
C ARG FA 28 32.59 -35.74 33.31
N THR FA 29 32.30 -37.05 33.14
CA THR FA 29 31.71 -37.58 31.94
C THR FA 29 30.67 -38.57 32.38
N GLY FA 30 29.77 -38.95 31.43
CA GLY FA 30 28.85 -40.05 31.57
C GLY FA 30 27.80 -39.78 32.60
N ARG FA 31 27.87 -40.53 33.72
CA ARG FA 31 26.93 -40.49 34.82
C ARG FA 31 27.13 -39.21 35.56
N ALA FA 32 28.38 -38.96 36.01
CA ALA FA 32 28.73 -37.90 36.92
C ALA FA 32 28.48 -36.52 36.34
N LYS FA 33 28.62 -36.35 35.00
CA LYS FA 33 28.31 -35.13 34.30
C LYS FA 33 26.87 -34.70 34.43
N ARG FA 34 25.95 -35.69 34.52
CA ARG FA 34 24.54 -35.47 34.76
C ARG FA 34 24.28 -35.23 36.21
N ARG FA 35 25.05 -35.88 37.12
CA ARG FA 35 24.93 -35.72 38.55
C ARG FA 35 25.17 -34.30 38.99
N MET FA 36 26.25 -33.68 38.48
CA MET FA 36 26.54 -32.30 38.78
C MET FA 36 25.52 -31.36 38.21
N GLN FA 37 25.02 -31.65 36.99
CA GLN FA 37 24.00 -30.87 36.32
C GLN FA 37 22.69 -30.86 37.07
N TYR FA 38 22.33 -31.99 37.73
CA TYR FA 38 21.11 -32.15 38.48
C TYR FA 38 21.18 -31.33 39.73
N ASN FA 39 22.21 -31.56 40.57
CA ASN FA 39 22.41 -30.85 41.82
C ASN FA 39 22.57 -29.37 41.67
N ARG FA 40 23.35 -28.91 40.65
CA ARG FA 40 23.68 -27.51 40.53
C ARG FA 40 22.49 -26.69 40.11
N ARG FA 41 21.55 -27.31 39.36
CA ARG FA 41 20.36 -26.63 38.92
C ARG FA 41 19.28 -26.69 39.97
N PHE FA 42 18.90 -27.90 40.45
CA PHE FA 42 17.66 -28.05 41.17
C PHE FA 42 17.77 -28.27 42.64
N VAL FA 43 18.78 -29.02 43.15
CA VAL FA 43 18.77 -29.37 44.56
C VAL FA 43 20.08 -28.99 45.17
N ASN FA 44 20.00 -28.01 46.11
CA ASN FA 44 21.07 -27.56 46.93
C ASN FA 44 20.61 -27.37 48.38
N VAL FA 45 19.33 -27.07 48.74
CA VAL FA 45 18.17 -26.62 48.00
C VAL FA 45 18.41 -25.29 47.33
N VAL FA 46 17.94 -25.16 46.07
CA VAL FA 46 18.16 -24.00 45.25
C VAL FA 46 17.42 -22.71 45.61
N PRO FA 47 16.14 -22.61 46.00
CA PRO FA 47 15.31 -21.47 45.67
C PRO FA 47 15.55 -20.23 46.47
N THR FA 48 15.34 -19.08 45.81
CA THR FA 48 15.58 -17.75 46.31
C THR FA 48 14.50 -16.98 45.59
N PHE FA 49 13.91 -15.97 46.27
CA PHE FA 49 12.71 -15.30 45.83
C PHE FA 49 12.86 -14.59 44.51
N GLY FA 50 11.83 -14.75 43.63
CA GLY FA 50 11.71 -14.06 42.36
C GLY FA 50 12.83 -14.27 41.38
N LYS FA 51 13.53 -15.44 41.44
CA LYS FA 51 14.74 -15.66 40.67
C LYS FA 51 14.39 -15.87 39.21
N LYS FA 52 15.30 -15.45 38.30
CA LYS FA 52 14.98 -15.31 36.91
C LYS FA 52 16.28 -15.33 36.14
N LYS FA 53 17.37 -15.79 36.80
CA LYS FA 53 18.70 -15.26 36.58
C LYS FA 53 19.47 -16.01 35.52
N GLY FA 54 18.87 -17.08 34.94
CA GLY FA 54 19.50 -18.01 34.03
C GLY FA 54 20.68 -18.77 34.60
N PRO FA 55 21.28 -19.68 33.84
CA PRO FA 55 22.33 -20.55 34.33
C PRO FA 55 23.66 -19.91 34.01
N ASN FA 56 23.64 -18.76 33.34
CA ASN FA 56 24.81 -17.95 33.14
C ASN FA 56 24.25 -16.56 33.31
N ALA FA 57 25.15 -15.57 33.35
CA ALA FA 57 24.85 -14.17 33.42
C ALA FA 57 26.11 -13.58 33.91
N ASN FA 58 26.40 -12.35 33.45
CA ASN FA 58 27.57 -11.60 33.84
C ASN FA 58 27.18 -10.63 34.92
N SER FA 59 25.92 -10.74 35.42
CA SER FA 59 25.40 -9.95 36.50
C SER FA 59 25.95 -10.43 37.86
N CYS IA 1 6.56 70.78 -35.00
CA CYS IA 1 5.97 71.09 -36.34
C CYS IA 1 5.19 69.91 -36.82
N ARG IA 2 4.23 70.17 -37.74
CA ARG IA 2 3.50 69.16 -38.47
C ARG IA 2 4.36 68.55 -39.54
N PHE IA 3 3.84 67.48 -40.18
CA PHE IA 3 4.52 66.77 -41.23
C PHE IA 3 3.47 66.29 -42.18
N TYR IA 4 2.28 66.94 -42.13
CA TYR IA 4 1.14 66.55 -42.92
C TYR IA 4 0.36 67.82 -43.03
N GLN IA 5 -0.64 67.84 -43.94
CA GLN IA 5 -1.45 69.00 -44.27
C GLN IA 5 -2.18 69.54 -43.07
N HIS IA 6 -2.79 68.64 -42.27
CA HIS IA 6 -3.45 69.00 -41.03
C HIS IA 6 -2.50 68.86 -39.89
N LYS IA 7 -2.94 69.35 -38.70
CA LYS IA 7 -2.29 69.13 -37.44
C LYS IA 7 -3.10 68.12 -36.67
N PHE IA 8 -4.19 67.61 -37.27
CA PHE IA 8 -5.09 66.69 -36.64
C PHE IA 8 -5.09 65.45 -37.51
N PRO IA 9 -4.64 64.29 -37.03
CA PRO IA 9 -4.84 63.02 -37.71
C PRO IA 9 -6.30 62.70 -37.83
N GLU IA 10 -6.66 61.90 -38.86
CA GLU IA 10 -8.01 61.46 -39.09
C GLU IA 10 -8.20 60.18 -38.32
N VAL IA 11 -9.46 59.69 -38.27
CA VAL IA 11 -9.77 58.46 -37.59
C VAL IA 11 -9.71 57.39 -38.64
N GLU IA 12 -8.96 56.29 -38.32
CA GLU IA 12 -8.75 55.09 -39.11
C GLU IA 12 -7.59 55.27 -40.05
N ASP IA 13 -6.74 56.31 -39.83
CA ASP IA 13 -5.59 56.59 -40.64
C ASP IA 13 -4.39 55.80 -40.16
N VAL IA 14 -3.50 55.44 -41.10
CA VAL IA 14 -2.24 54.80 -40.81
C VAL IA 14 -1.28 55.90 -40.45
N VAL IA 15 -0.54 55.71 -39.33
CA VAL IA 15 0.29 56.74 -38.76
C VAL IA 15 1.59 56.09 -38.38
N MET IA 16 2.49 56.90 -37.78
CA MET IA 16 3.77 56.46 -37.27
C MET IA 16 3.83 57.10 -35.92
N VAL IA 17 4.52 56.44 -34.98
CA VAL IA 17 4.70 56.92 -33.63
C VAL IA 17 6.14 56.68 -33.33
N ASN IA 18 6.59 57.15 -32.15
CA ASN IA 18 7.85 56.78 -31.59
C ASN IA 18 7.55 56.50 -30.16
N VAL IA 19 7.87 55.24 -29.72
CA VAL IA 19 7.71 54.79 -28.36
C VAL IA 19 8.65 55.58 -27.48
N ARG IA 20 8.14 56.15 -26.36
CA ARG IA 20 8.95 57.00 -25.53
C ARG IA 20 8.64 56.78 -24.08
N SER IA 21 7.45 56.22 -23.75
CA SER IA 21 7.08 55.93 -22.38
C SER IA 21 6.21 54.71 -22.40
N ILE IA 22 6.10 54.05 -21.23
CA ILE IA 22 5.26 52.88 -21.04
C ILE IA 22 4.37 53.21 -19.86
N ALA IA 23 3.05 53.17 -20.09
CA ALA IA 23 2.00 53.51 -19.15
C ALA IA 23 1.55 52.28 -18.41
N GLU IA 24 0.53 52.45 -17.54
CA GLU IA 24 -0.13 51.36 -16.85
C GLU IA 24 -1.35 50.94 -17.64
N MET IA 25 -1.65 51.69 -18.73
CA MET IA 25 -2.81 51.49 -19.56
C MET IA 25 -2.34 51.06 -20.91
N GLY IA 26 -1.00 50.92 -21.11
CA GLY IA 26 -0.45 50.70 -22.41
C GLY IA 26 0.86 51.39 -22.47
N ALA IA 27 1.02 52.28 -23.48
CA ALA IA 27 2.26 52.98 -23.75
C ALA IA 27 1.94 54.33 -24.29
N TYR IA 28 2.45 55.41 -23.65
CA TYR IA 28 2.27 56.76 -24.12
C TYR IA 28 3.40 57.06 -25.05
N VAL IA 29 3.04 57.53 -26.27
CA VAL IA 29 3.94 57.67 -27.38
C VAL IA 29 3.59 58.96 -28.07
N SER IA 30 4.60 59.58 -28.74
CA SER IA 30 4.40 60.77 -29.55
C SER IA 30 4.17 60.31 -30.96
N LEU IA 31 3.42 61.08 -31.77
CA LEU IA 31 3.26 60.83 -33.18
C LEU IA 31 4.38 61.54 -33.90
N LEU IA 32 4.82 60.98 -35.05
CA LEU IA 32 5.77 61.61 -35.94
C LEU IA 32 5.33 61.30 -37.35
N GLU IA 33 4.17 61.84 -37.76
CA GLU IA 33 3.71 61.72 -39.13
C GLU IA 33 2.71 62.81 -39.38
N TYR IA 34 2.30 63.53 -38.32
CA TYR IA 34 1.44 64.68 -38.37
C TYR IA 34 2.10 65.64 -37.43
N ASN IA 35 1.32 66.50 -36.73
CA ASN IA 35 1.75 67.23 -35.56
C ASN IA 35 2.11 66.28 -34.44
N ASN IA 36 3.08 66.71 -33.61
CA ASN IA 36 3.65 65.92 -32.55
C ASN IA 36 2.81 66.16 -31.33
N ILE IA 37 1.87 65.23 -31.08
CA ILE IA 37 0.95 65.25 -29.97
C ILE IA 37 0.91 63.87 -29.39
N GLU IA 38 0.25 63.75 -28.22
CA GLU IA 38 0.28 62.56 -27.42
C GLU IA 38 -0.78 61.62 -27.90
N GLY IA 39 -0.42 60.32 -27.91
CA GLY IA 39 -1.30 59.25 -28.27
C GLY IA 39 -1.00 58.11 -27.37
N MET IA 40 -2.05 57.39 -26.94
CA MET IA 40 -1.96 56.30 -26.00
C MET IA 40 -2.20 55.04 -26.78
N ILE IA 41 -1.27 54.07 -26.64
CA ILE IA 41 -1.39 52.74 -27.19
C ILE IA 41 -1.91 52.01 -25.99
N LEU IA 42 -2.69 50.94 -26.22
CA LEU IA 42 -3.40 50.23 -25.21
C LEU IA 42 -2.83 48.85 -25.17
N LEU IA 43 -2.83 48.23 -23.97
CA LEU IA 43 -2.19 46.95 -23.73
C LEU IA 43 -3.15 45.83 -23.99
N SER IA 44 -4.37 46.15 -24.46
CA SER IA 44 -5.40 45.19 -24.78
C SER IA 44 -5.53 45.10 -26.27
N GLU IA 45 -4.75 45.89 -27.04
CA GLU IA 45 -4.81 45.94 -28.48
C GLU IA 45 -3.44 45.66 -29.04
N LEU IA 46 -2.50 45.10 -28.24
CA LEU IA 46 -1.18 44.76 -28.73
C LEU IA 46 -1.19 43.59 -29.68
N SER IA 47 -1.94 42.52 -29.32
CA SER IA 47 -2.00 41.32 -30.13
C SER IA 47 -3.21 40.57 -29.65
N ARG IA 48 -3.65 39.56 -30.43
CA ARG IA 48 -4.73 38.67 -30.08
C ARG IA 48 -4.12 37.34 -29.73
N ARG IA 49 -3.34 37.33 -28.62
CA ARG IA 49 -2.79 36.13 -28.04
C ARG IA 49 -2.42 36.50 -26.63
N ARG IA 50 -1.51 35.76 -25.95
CA ARG IA 50 -0.83 35.40 -24.73
C ARG IA 50 0.38 36.30 -24.68
N ILE IA 51 0.52 37.07 -23.59
CA ILE IA 51 1.36 38.24 -23.55
C ILE IA 51 2.21 38.04 -22.33
N ARG IA 52 2.95 36.90 -22.28
CA ARG IA 52 3.53 36.85 -20.96
C ARG IA 52 4.72 37.78 -20.89
N SER IA 53 4.75 38.90 -21.45
CA SER IA 53 5.28 40.19 -21.10
C SER IA 53 6.45 40.41 -21.99
N ILE IA 54 6.39 41.50 -22.80
CA ILE IA 54 7.37 41.80 -23.81
C ILE IA 54 7.82 43.20 -23.55
N ASN IA 55 9.15 43.36 -23.51
CA ASN IA 55 9.81 44.62 -23.74
C ASN IA 55 11.03 44.23 -24.53
N LYS IA 56 10.79 43.42 -25.59
CA LYS IA 56 11.83 42.92 -26.45
C LYS IA 56 11.25 42.60 -27.80
N LEU IA 57 9.98 43.00 -28.06
CA LEU IA 57 9.43 43.02 -29.41
C LEU IA 57 8.78 44.35 -29.62
N ILE IA 58 8.35 45.02 -28.53
CA ILE IA 58 7.82 46.36 -28.56
C ILE IA 58 8.66 47.00 -27.51
N ARG IA 59 9.44 48.03 -27.87
CA ARG IA 59 10.33 48.69 -26.96
C ARG IA 59 10.49 50.13 -27.32
N ILE IA 60 10.98 50.91 -26.34
CA ILE IA 60 11.27 52.32 -26.42
C ILE IA 60 12.35 52.60 -27.45
N GLY IA 61 12.19 53.72 -28.20
CA GLY IA 61 13.20 54.23 -29.09
C GLY IA 61 13.11 53.64 -30.45
N ARG IA 62 11.91 53.17 -30.87
CA ARG IA 62 11.70 52.59 -32.17
C ARG IA 62 10.49 53.21 -32.74
N ASN IA 63 10.62 53.71 -34.00
CA ASN IA 63 9.52 54.10 -34.85
C ASN IA 63 8.76 52.88 -35.25
N GLU IA 64 7.43 52.89 -34.99
CA GLU IA 64 6.54 51.78 -35.21
C GLU IA 64 5.30 52.33 -35.83
N CYS IA 65 4.79 51.67 -36.90
CA CYS IA 65 3.55 52.04 -37.55
C CYS IA 65 2.42 51.39 -36.82
N VAL IA 66 1.26 52.08 -36.75
CA VAL IA 66 0.14 51.71 -35.93
C VAL IA 66 -1.04 52.38 -36.59
N VAL IA 67 -2.27 52.04 -36.17
CA VAL IA 67 -3.48 52.58 -36.75
C VAL IA 67 -4.26 53.27 -35.68
N VAL IA 68 -4.77 54.48 -35.98
CA VAL IA 68 -5.52 55.30 -35.07
C VAL IA 68 -6.92 54.74 -35.02
N ILE IA 69 -7.30 54.16 -33.85
CA ILE IA 69 -8.59 53.52 -33.67
C ILE IA 69 -9.64 54.57 -33.38
N ARG IA 70 -9.28 55.63 -32.62
CA ARG IA 70 -10.23 56.63 -32.21
C ARG IA 70 -9.44 57.88 -31.95
N VAL IA 71 -10.12 59.04 -31.94
CA VAL IA 71 -9.53 60.30 -31.60
C VAL IA 71 -10.65 60.99 -30.89
N ASP IA 72 -10.31 61.62 -29.75
CA ASP IA 72 -11.18 62.49 -28.99
C ASP IA 72 -10.88 63.84 -29.55
N LYS IA 73 -11.88 64.39 -30.27
CA LYS IA 73 -11.77 65.53 -31.15
C LYS IA 73 -11.30 66.81 -30.52
N GLU IA 74 -11.78 67.14 -29.29
CA GLU IA 74 -11.44 68.38 -28.61
C GLU IA 74 -10.60 68.14 -27.37
N LYS IA 75 -10.29 66.87 -27.02
CA LYS IA 75 -9.50 66.57 -25.85
C LYS IA 75 -8.12 66.10 -26.24
N GLY IA 76 -7.91 65.83 -27.55
CA GLY IA 76 -6.63 65.44 -28.10
C GLY IA 76 -6.09 64.13 -27.64
N TYR IA 77 -6.97 63.12 -27.39
CA TYR IA 77 -6.50 61.81 -27.00
C TYR IA 77 -6.57 61.00 -28.24
N ILE IA 78 -5.40 60.59 -28.77
CA ILE IA 78 -5.32 59.76 -29.96
C ILE IA 78 -5.07 58.35 -29.50
N ASP IA 79 -6.16 57.58 -29.36
CA ASP IA 79 -6.15 56.15 -29.12
C ASP IA 79 -5.58 55.43 -30.31
N LEU IA 80 -4.81 54.34 -30.09
CA LEU IA 80 -4.01 53.72 -31.10
C LEU IA 80 -4.19 52.24 -30.91
N SER IA 81 -3.83 51.45 -31.96
CA SER IA 81 -4.15 50.05 -32.00
C SER IA 81 -3.21 49.35 -32.94
N LYS IA 82 -2.93 48.07 -32.60
CA LYS IA 82 -2.16 47.13 -33.38
C LYS IA 82 -2.97 45.85 -33.47
N ARG IA 83 -4.26 45.88 -33.06
CA ARG IA 83 -5.14 44.73 -32.99
C ARG IA 83 -5.52 44.27 -34.36
N ARG IA 84 -5.87 45.23 -35.24
CA ARG IA 84 -6.09 45.00 -36.65
C ARG IA 84 -5.13 45.94 -37.32
N VAL IA 85 -4.07 45.37 -37.91
CA VAL IA 85 -3.06 46.11 -38.64
C VAL IA 85 -2.44 45.07 -39.53
N SER IA 86 -1.75 45.49 -40.63
CA SER IA 86 -1.09 44.58 -41.54
C SER IA 86 0.26 45.16 -41.86
N PRO IA 87 1.22 44.36 -42.35
CA PRO IA 87 2.53 44.81 -42.81
C PRO IA 87 2.45 45.79 -43.98
N GLU IA 88 1.41 45.63 -44.83
CA GLU IA 88 1.17 46.42 -46.02
C GLU IA 88 0.99 47.89 -45.72
N GLU IA 89 0.28 48.20 -44.61
CA GLU IA 89 0.09 49.55 -44.12
C GLU IA 89 1.39 50.17 -43.68
N ALA IA 90 2.28 49.35 -43.06
CA ALA IA 90 3.61 49.74 -42.63
C ALA IA 90 4.47 50.18 -43.79
N ILE IA 91 4.42 49.42 -44.92
CA ILE IA 91 5.11 49.70 -46.18
C ILE IA 91 4.66 51.05 -46.72
N LYS IA 92 3.34 51.31 -46.75
CA LYS IA 92 2.74 52.53 -47.23
C LYS IA 92 3.14 53.74 -46.42
N CYS IA 93 3.28 53.56 -45.08
CA CYS IA 93 3.69 54.59 -44.16
C CYS IA 93 5.18 54.84 -44.24
N GLU IA 94 5.99 53.78 -44.44
CA GLU IA 94 7.43 53.83 -44.64
C GLU IA 94 7.77 54.69 -45.84
N ASP IA 95 7.00 54.54 -46.95
CA ASP IA 95 7.09 55.32 -48.16
C ASP IA 95 6.90 56.81 -47.88
N LYS IA 96 5.82 57.15 -47.13
CA LYS IA 96 5.53 58.53 -46.73
C LYS IA 96 6.63 59.09 -45.87
N PHE IA 97 7.19 58.28 -44.94
CA PHE IA 97 8.29 58.64 -44.09
C PHE IA 97 9.52 59.01 -44.87
N THR IA 98 9.92 58.17 -45.88
CA THR IA 98 11.09 58.40 -46.69
C THR IA 98 10.92 59.63 -47.56
N LYS IA 99 9.73 59.85 -48.17
CA LYS IA 99 9.46 61.04 -48.96
C LYS IA 99 9.51 62.31 -48.13
N SER IA 100 8.94 62.29 -46.90
CA SER IA 100 8.97 63.40 -45.97
C SER IA 100 10.37 63.75 -45.55
N LYS IA 101 11.24 62.72 -45.35
CA LYS IA 101 12.62 62.86 -44.98
C LYS IA 101 13.42 63.61 -46.01
N THR IA 102 13.28 63.28 -47.31
CA THR IA 102 14.00 63.94 -48.38
C THR IA 102 13.55 65.37 -48.63
N VAL IA 103 12.22 65.63 -48.59
CA VAL IA 103 11.66 66.96 -48.74
C VAL IA 103 12.07 67.85 -47.60
N TYR IA 104 11.99 67.34 -46.36
CA TYR IA 104 12.39 68.06 -45.17
C TYR IA 104 13.88 68.30 -45.10
N SER IA 105 14.72 67.36 -45.61
CA SER IA 105 16.16 67.54 -45.67
C SER IA 105 16.58 68.67 -46.58
N ILE IA 106 15.88 68.86 -47.73
CA ILE IA 106 16.07 70.05 -48.54
C ILE IA 106 15.58 71.29 -47.83
N LEU IA 107 14.34 71.23 -47.26
CA LEU IA 107 13.71 72.30 -46.53
C LEU IA 107 14.09 72.35 -45.08
N ARG IA 108 15.36 72.08 -44.72
CA ARG IA 108 15.83 72.23 -43.36
C ARG IA 108 17.00 73.15 -43.50
N HIS IA 109 17.75 73.00 -44.61
CA HIS IA 109 18.83 73.87 -45.00
C HIS IA 109 18.37 75.30 -45.18
N VAL IA 110 17.16 75.47 -45.76
CA VAL IA 110 16.44 76.72 -45.97
C VAL IA 110 16.20 77.44 -44.66
N ALA IA 111 15.85 76.66 -43.60
CA ALA IA 111 15.52 77.18 -42.30
C ALA IA 111 16.75 77.51 -41.51
N GLU IA 112 17.94 76.99 -41.92
CA GLU IA 112 19.20 77.25 -41.29
C GLU IA 112 19.96 78.31 -42.03
N VAL IA 113 19.37 78.84 -43.13
CA VAL IA 113 19.93 79.92 -43.91
C VAL IA 113 19.24 81.17 -43.40
N LEU IA 114 18.10 80.99 -42.70
CA LEU IA 114 17.33 82.05 -42.11
C LEU IA 114 17.59 81.97 -40.63
N GLU IA 115 17.33 83.09 -39.93
CA GLU IA 115 17.48 83.20 -38.51
C GLU IA 115 16.08 83.38 -38.02
N TYR IA 116 15.63 82.51 -37.08
CA TYR IA 116 14.27 82.52 -36.66
C TYR IA 116 14.21 82.21 -35.19
N THR IA 117 13.08 82.61 -34.59
CA THR IA 117 12.73 82.42 -33.21
C THR IA 117 11.22 82.25 -33.24
N LYS IA 118 10.66 81.97 -34.45
CA LYS IA 118 9.29 81.62 -34.66
C LYS IA 118 9.27 80.27 -35.28
N ASP IA 119 8.58 79.32 -34.59
CA ASP IA 119 8.39 77.92 -34.95
C ASP IA 119 7.77 77.78 -36.32
N GLU IA 120 6.90 78.76 -36.65
CA GLU IA 120 6.09 78.88 -37.83
C GLU IA 120 6.85 79.03 -39.12
N GLN IA 121 8.21 79.10 -39.12
CA GLN IA 121 8.99 79.27 -40.33
C GLN IA 121 8.78 78.15 -41.34
N LEU IA 122 8.86 76.88 -40.87
CA LEU IA 122 8.70 75.71 -41.72
C LEU IA 122 7.28 75.58 -42.20
N GLU IA 123 6.32 76.00 -41.34
CA GLU IA 123 4.90 76.04 -41.64
C GLU IA 123 4.59 76.95 -42.80
N SER IA 124 5.25 78.13 -42.87
CA SER IA 124 5.12 79.12 -43.92
C SER IA 124 5.53 78.55 -45.25
N LEU IA 125 6.66 77.80 -45.28
CA LEU IA 125 7.12 77.15 -46.48
C LEU IA 125 6.15 76.06 -46.91
N PHE IA 126 5.66 75.25 -45.93
CA PHE IA 126 4.74 74.16 -46.17
C PHE IA 126 3.45 74.58 -46.83
N GLN IA 127 2.74 75.59 -46.28
CA GLN IA 127 1.41 75.95 -46.71
C GLN IA 127 1.38 76.37 -48.15
N ARG IA 128 2.31 77.26 -48.56
CA ARG IA 128 2.32 77.77 -49.90
C ARG IA 128 2.75 76.79 -50.97
N THR IA 129 3.81 75.98 -50.72
CA THR IA 129 4.29 75.03 -51.71
C THR IA 129 3.65 73.67 -51.67
N ALA IA 130 3.61 73.03 -50.47
CA ALA IA 130 3.30 71.62 -50.30
C ALA IA 130 1.92 71.24 -50.73
N TRP IA 131 0.92 72.03 -50.28
CA TRP IA 131 -0.48 71.70 -50.33
C TRP IA 131 -0.99 71.47 -51.73
N VAL IA 132 -0.64 72.38 -52.67
CA VAL IA 132 -1.09 72.32 -54.04
C VAL IA 132 -0.48 71.16 -54.81
N PHE IA 133 0.69 70.64 -54.34
CA PHE IA 133 1.30 69.44 -54.84
C PHE IA 133 0.61 68.19 -54.36
N ASP IA 134 0.28 68.17 -53.04
CA ASP IA 134 -0.05 66.94 -52.35
C ASP IA 134 -1.51 66.67 -52.34
N ASP IA 135 -2.41 67.70 -52.28
CA ASP IA 135 -3.84 67.46 -52.21
C ASP IA 135 -4.34 66.68 -53.42
N LYS IA 136 -3.77 67.00 -54.62
CA LYS IA 136 -4.06 66.35 -55.88
C LYS IA 136 -3.58 64.92 -55.97
N TYR IA 137 -2.56 64.53 -55.16
CA TYR IA 137 -1.92 63.25 -55.26
C TYR IA 137 -1.19 63.02 -53.96
N LYS IA 138 -1.68 62.08 -53.12
CA LYS IA 138 -0.99 61.73 -51.90
C LYS IA 138 -1.53 60.44 -51.37
N ARG IA 139 -2.57 59.89 -52.03
CA ARG IA 139 -3.14 58.59 -51.74
C ARG IA 139 -2.23 57.44 -52.08
N PRO IA 140 -1.46 57.37 -53.18
CA PRO IA 140 -0.42 56.36 -53.36
C PRO IA 140 0.71 56.49 -52.35
N GLY IA 141 0.91 57.71 -51.80
CA GLY IA 141 1.88 57.97 -50.76
C GLY IA 141 2.68 59.18 -51.11
N TYR IA 142 2.42 59.79 -52.30
CA TYR IA 142 3.08 60.97 -52.83
C TYR IA 142 3.05 62.15 -51.90
N GLY IA 143 4.01 63.07 -52.10
CA GLY IA 143 4.00 64.34 -51.45
C GLY IA 143 4.63 65.28 -52.42
N ALA IA 144 5.37 66.27 -51.89
CA ALA IA 144 6.04 67.32 -52.62
C ALA IA 144 7.17 66.84 -53.50
N TYR IA 145 7.68 65.61 -53.26
CA TYR IA 145 8.78 65.01 -53.99
C TYR IA 145 8.60 64.89 -55.47
N ASP IA 146 7.38 64.51 -55.96
CA ASP IA 146 7.11 64.36 -57.38
C ASP IA 146 7.34 65.68 -58.09
N ALA IA 147 6.80 66.77 -57.47
CA ALA IA 147 6.88 68.12 -57.94
C ALA IA 147 8.31 68.58 -58.03
N PHE IA 148 9.12 68.29 -56.96
CA PHE IA 148 10.51 68.66 -56.87
C PHE IA 148 11.38 67.95 -57.88
N LYS IA 149 11.15 66.63 -58.08
CA LYS IA 149 11.87 65.84 -59.05
C LYS IA 149 11.66 66.31 -60.47
N HIS IA 150 10.39 66.65 -60.81
CA HIS IA 150 10.02 67.29 -62.04
C HIS IA 150 10.62 68.67 -62.23
N ALA IA 151 10.71 69.47 -61.15
CA ALA IA 151 11.17 70.85 -61.20
C ALA IA 151 12.61 71.05 -61.58
N VAL IA 152 13.53 70.20 -61.08
CA VAL IA 152 14.93 70.27 -61.43
C VAL IA 152 15.21 69.88 -62.86
N SER IA 153 14.45 68.89 -63.39
CA SER IA 153 14.69 68.33 -64.70
C SER IA 153 13.95 69.07 -65.78
N ASP IA 154 12.89 69.83 -65.42
CA ASP IA 154 12.14 70.63 -66.35
C ASP IA 154 11.49 71.71 -65.53
N PRO IA 155 12.02 72.94 -65.44
CA PRO IA 155 11.46 74.01 -64.63
C PRO IA 155 10.03 74.33 -65.00
N SER IA 156 9.10 74.28 -64.02
CA SER IA 156 7.74 74.66 -64.22
C SER IA 156 7.08 74.84 -62.89
N ILE IA 157 7.81 74.53 -61.79
CA ILE IA 157 7.28 74.56 -60.44
C ILE IA 157 7.93 75.71 -59.74
N LEU IA 158 9.10 76.16 -60.26
CA LEU IA 158 9.87 77.26 -59.70
C LEU IA 158 9.51 78.51 -60.45
N ASP IA 159 8.56 78.39 -61.42
CA ASP IA 159 8.03 79.47 -62.21
C ASP IA 159 6.61 79.70 -61.80
N SER IA 160 6.03 78.80 -60.96
CA SER IA 160 4.66 78.90 -60.51
C SER IA 160 4.65 79.20 -59.04
N LEU IA 161 5.79 79.01 -58.35
CA LEU IA 161 5.88 79.20 -56.92
C LEU IA 161 7.22 79.81 -56.67
N ASP IA 162 7.42 80.35 -55.44
CA ASP IA 162 8.58 81.09 -55.01
C ASP IA 162 9.83 80.27 -55.11
N LEU IA 163 10.94 80.95 -55.43
CA LEU IA 163 12.25 80.35 -55.53
C LEU IA 163 13.09 81.08 -54.52
N ASN IA 164 13.74 80.32 -53.60
CA ASN IA 164 14.63 80.87 -52.62
C ASN IA 164 16.01 80.80 -53.17
N GLU IA 165 16.92 81.63 -52.62
CA GLU IA 165 18.25 81.82 -53.10
C GLU IA 165 19.22 80.91 -52.39
N ASP IA 166 18.73 79.77 -51.84
CA ASP IA 166 19.62 78.77 -51.29
C ASP IA 166 18.91 77.42 -51.34
N GLU IA 167 17.57 77.40 -51.53
CA GLU IA 167 16.80 76.18 -51.74
C GLU IA 167 17.29 75.43 -52.94
N ARG IA 168 17.53 76.17 -54.05
CA ARG IA 168 17.85 75.63 -55.35
C ARG IA 168 19.08 74.78 -55.35
N GLU IA 169 20.14 75.23 -54.64
CA GLU IA 169 21.40 74.54 -54.54
C GLU IA 169 21.25 73.20 -53.86
N VAL IA 170 20.61 73.18 -52.68
CA VAL IA 170 20.36 71.99 -51.88
C VAL IA 170 19.42 71.02 -52.57
N LEU IA 171 18.39 71.56 -53.27
CA LEU IA 171 17.42 70.85 -54.07
C LEU IA 171 18.12 70.04 -55.14
N ILE IA 172 19.01 70.73 -55.91
CA ILE IA 172 19.83 70.14 -56.94
C ILE IA 172 20.71 69.09 -56.33
N ASN IA 173 21.40 69.39 -55.21
CA ASN IA 173 22.31 68.45 -54.61
C ASN IA 173 21.67 67.15 -54.18
N ASN IA 174 20.53 67.20 -53.47
CA ASN IA 174 19.91 65.99 -52.93
C ASN IA 174 19.26 65.14 -53.99
N ILE IA 175 18.62 65.76 -55.02
CA ILE IA 175 18.12 65.03 -56.17
C ILE IA 175 19.21 64.42 -57.00
N ASN IA 176 20.29 65.18 -57.32
CA ASN IA 176 21.29 64.72 -58.26
C ASN IA 176 22.27 63.79 -57.62
N ARG IA 177 22.52 63.86 -56.30
CA ARG IA 177 23.34 62.87 -55.64
C ARG IA 177 22.66 61.55 -55.44
N ARG IA 178 21.39 61.54 -54.98
CA ARG IA 178 20.73 60.32 -54.55
C ARG IA 178 20.00 59.65 -55.68
N LEU IA 179 19.56 60.42 -56.69
CA LEU IA 179 18.84 59.89 -57.83
C LEU IA 179 19.48 60.46 -59.06
N THR IA 180 20.83 60.39 -59.10
CA THR IA 180 21.61 60.20 -60.30
C THR IA 180 22.82 59.46 -59.76
N PRO IA 181 23.50 58.62 -60.52
CA PRO IA 181 22.96 57.39 -61.13
C PRO IA 181 21.78 56.70 -60.48
N GLN IA 182 21.07 55.90 -61.29
CA GLN IA 182 19.67 56.06 -61.58
C GLN IA 182 19.52 55.47 -62.96
N ALA IA 183 18.74 54.37 -63.09
CA ALA IA 183 19.40 53.09 -63.15
C ALA IA 183 18.52 52.17 -63.95
N VAL IA 184 19.17 51.21 -64.67
CA VAL IA 184 18.56 50.15 -65.41
C VAL IA 184 19.56 49.02 -65.33
N LYS IA 185 19.17 47.82 -65.83
CA LYS IA 185 20.05 46.67 -65.85
C LYS IA 185 19.72 45.93 -67.13
N ILE IA 186 19.31 46.68 -68.18
CA ILE IA 186 19.10 46.20 -69.52
C ILE IA 186 20.35 45.60 -70.10
N ARG IA 187 20.17 44.58 -70.97
CA ARG IA 187 21.25 43.91 -71.64
C ARG IA 187 20.74 43.58 -73.01
N ALA IA 188 21.63 43.66 -74.03
CA ALA IA 188 21.34 43.19 -75.36
C ALA IA 188 21.98 41.84 -75.48
N ASP IA 189 21.17 40.82 -75.84
CA ASP IA 189 21.63 39.46 -76.01
C ASP IA 189 22.12 39.35 -77.42
N ILE IA 190 23.44 39.13 -77.59
CA ILE IA 190 24.08 39.16 -78.87
C ILE IA 190 25.04 38.02 -78.81
N GLU IA 191 25.08 37.22 -79.90
CA GLU IA 191 26.00 36.12 -80.06
C GLU IA 191 26.47 36.25 -81.47
N VAL IA 192 27.69 35.74 -81.76
CA VAL IA 192 28.36 35.91 -83.02
C VAL IA 192 28.83 34.55 -83.43
N ALA IA 193 28.62 34.20 -84.73
CA ALA IA 193 29.09 32.97 -85.32
C ALA IA 193 29.46 33.32 -86.73
N CYS IA 194 30.69 32.95 -87.16
CA CYS IA 194 31.18 33.26 -88.48
C CYS IA 194 32.05 32.09 -88.85
N TYR IA 195 31.93 31.64 -90.12
CA TYR IA 195 32.77 30.59 -90.67
C TYR IA 195 33.30 31.08 -92.00
N GLY IA 196 33.09 32.38 -92.31
CA GLY IA 196 33.65 33.06 -93.45
C GLY IA 196 34.96 33.62 -93.03
N TYR IA 197 35.17 34.94 -93.22
CA TYR IA 197 36.36 35.59 -92.72
C TYR IA 197 36.13 37.08 -92.58
N GLU IA 198 35.04 37.61 -93.20
CA GLU IA 198 34.72 39.02 -93.19
C GLU IA 198 33.74 39.36 -92.10
N GLY IA 199 33.51 38.43 -91.13
CA GLY IA 199 32.59 38.63 -90.03
C GLY IA 199 33.08 39.65 -89.06
N ILE IA 200 34.41 39.75 -88.89
CA ILE IA 200 35.07 40.66 -87.98
C ILE IA 200 34.75 42.10 -88.32
N ASP IA 201 34.80 42.46 -89.63
CA ASP IA 201 34.50 43.79 -90.10
C ASP IA 201 33.00 44.02 -90.17
N ALA IA 202 32.20 42.95 -90.42
CA ALA IA 202 30.76 43.01 -90.48
C ALA IA 202 30.13 43.43 -89.18
N VAL IA 203 30.61 42.86 -88.04
CA VAL IA 203 30.12 43.18 -86.70
C VAL IA 203 30.37 44.63 -86.34
N LYS IA 204 31.55 45.22 -86.69
CA LYS IA 204 31.87 46.59 -86.38
C LYS IA 204 30.91 47.59 -86.99
N GLU IA 205 30.54 47.38 -88.27
CA GLU IA 205 29.56 48.16 -88.97
C GLU IA 205 28.18 48.07 -88.35
N ALA IA 206 27.78 46.84 -87.93
CA ALA IA 206 26.50 46.56 -87.33
C ALA IA 206 26.34 47.20 -85.98
N LEU IA 207 27.39 47.20 -85.12
CA LEU IA 207 27.37 47.82 -83.81
C LEU IA 207 27.18 49.31 -83.88
N ARG IA 208 27.90 50.00 -84.79
CA ARG IA 208 27.96 51.45 -84.88
C ARG IA 208 26.70 52.05 -85.45
N ALA IA 209 25.81 51.21 -86.05
CA ALA IA 209 24.59 51.67 -86.65
C ALA IA 209 23.62 50.52 -86.50
N GLY IA 210 23.37 50.13 -85.22
CA GLY IA 210 22.39 49.12 -84.86
C GLY IA 210 21.01 49.71 -84.80
N LEU IA 211 20.90 51.04 -84.99
CA LEU IA 211 19.65 51.74 -85.11
C LEU IA 211 19.98 52.83 -86.10
N ASN IA 212 19.02 53.16 -86.98
CA ASN IA 212 19.10 54.27 -87.89
C ASN IA 212 18.86 55.56 -87.15
N CYS IA 213 19.26 56.69 -87.78
CA CYS IA 213 19.12 58.04 -87.29
C CYS IA 213 20.29 58.32 -86.40
N SER IA 214 21.50 58.15 -86.97
CA SER IA 214 22.76 58.42 -86.32
C SER IA 214 23.58 59.11 -87.37
N THR IA 215 24.59 59.92 -86.92
CA THR IA 215 25.54 60.55 -87.81
C THR IA 215 26.39 59.51 -88.51
N GLU IA 216 26.92 58.54 -87.73
CA GLU IA 216 27.62 57.38 -88.22
C GLU IA 216 28.00 56.53 -87.05
N THR IA 217 27.71 57.01 -85.81
CA THR IA 217 28.09 56.35 -84.59
C THR IA 217 26.97 56.62 -83.64
N MET IA 218 26.52 55.55 -82.92
CA MET IA 218 25.46 55.60 -81.95
C MET IA 218 26.05 55.98 -80.60
N PRO IA 219 25.26 56.46 -79.63
CA PRO IA 219 25.77 56.78 -78.30
C PRO IA 219 25.36 55.65 -77.37
N ILE IA 220 25.67 54.40 -77.77
CA ILE IA 220 25.42 53.18 -77.04
C ILE IA 220 26.66 52.83 -76.25
N LYS IA 221 26.53 51.90 -75.28
CA LYS IA 221 27.65 51.42 -74.51
C LYS IA 221 27.83 49.97 -74.85
N ILE IA 222 28.84 49.66 -75.68
CA ILE IA 222 29.27 48.31 -75.97
C ILE IA 222 30.13 47.84 -74.82
N ASN IA 223 29.97 46.56 -74.44
CA ASN IA 223 30.66 45.92 -73.33
C ASN IA 223 30.99 44.53 -73.77
N LEU IA 224 32.23 44.09 -73.50
CA LEU IA 224 32.68 42.76 -73.82
C LEU IA 224 32.93 42.10 -72.50
N ILE IA 225 32.14 41.04 -72.24
CA ILE IA 225 32.17 40.23 -71.04
C ILE IA 225 32.82 38.94 -71.45
N ALA IA 226 32.64 38.57 -72.74
CA ALA IA 226 33.21 37.39 -73.33
C ALA IA 226 33.24 37.73 -74.80
N PRO IA 227 34.01 37.05 -75.65
CA PRO IA 227 34.16 37.38 -77.06
C PRO IA 227 32.91 37.44 -77.93
N PRO IA 228 31.83 36.64 -77.87
CA PRO IA 228 30.74 36.76 -78.82
C PRO IA 228 29.72 37.73 -78.28
N ARG IA 229 29.76 38.07 -76.97
CA ARG IA 229 28.71 38.82 -76.33
C ARG IA 229 28.98 40.29 -76.36
N TYR IA 230 28.03 41.05 -76.93
CA TYR IA 230 28.09 42.49 -77.07
C TYR IA 230 26.87 42.97 -76.34
N VAL IA 231 27.06 43.57 -75.15
CA VAL IA 231 25.99 44.01 -74.30
C VAL IA 231 25.88 45.48 -74.56
N MET IA 232 24.66 45.93 -74.90
CA MET IA 232 24.43 47.30 -75.23
C MET IA 232 23.38 47.81 -74.32
N THR IA 233 23.77 48.72 -73.41
CA THR IA 233 22.88 49.58 -72.66
C THR IA 233 22.56 50.69 -73.63
N THR IA 234 21.30 50.72 -74.14
CA THR IA 234 20.90 51.65 -75.18
C THR IA 234 20.13 52.79 -74.58
N THR IA 235 20.27 53.99 -75.20
CA THR IA 235 19.62 55.23 -74.84
C THR IA 235 19.92 55.62 -73.41
N THR IA 236 21.23 55.77 -73.10
CA THR IA 236 21.71 55.81 -71.74
C THR IA 236 21.70 57.22 -71.24
N LEU IA 237 20.93 57.45 -70.16
CA LEU IA 237 20.82 58.69 -69.45
C LEU IA 237 20.07 58.26 -68.23
N GLU IA 238 18.89 57.64 -68.46
CA GLU IA 238 18.06 57.10 -67.42
C GLU IA 238 17.32 55.96 -68.04
N ARG IA 239 17.11 56.04 -69.39
CA ARG IA 239 16.33 55.15 -70.23
C ARG IA 239 14.87 55.14 -69.82
N THR IA 240 13.98 55.63 -70.72
CA THR IA 240 12.55 55.62 -70.47
C THR IA 240 11.84 55.31 -71.76
N GLU IA 241 12.59 54.96 -72.83
CA GLU IA 241 11.98 54.71 -74.12
C GLU IA 241 12.94 53.95 -74.99
N GLY IA 242 14.08 53.49 -74.41
CA GLY IA 242 15.11 52.80 -75.16
C GLY IA 242 14.88 51.32 -75.20
N LEU IA 243 13.68 50.83 -74.79
CA LEU IA 243 13.29 49.45 -74.90
C LEU IA 243 13.23 48.98 -76.34
N SER IA 244 12.66 49.82 -77.25
CA SER IA 244 12.56 49.50 -78.66
C SER IA 244 13.90 49.57 -79.35
N VAL IA 245 14.79 50.48 -78.87
CA VAL IA 245 16.14 50.65 -79.33
C VAL IA 245 16.96 49.42 -79.03
N LEU IA 246 16.71 48.82 -77.84
CA LEU IA 246 17.37 47.62 -77.38
C LEU IA 246 16.92 46.40 -78.15
N ASN IA 247 15.59 46.23 -78.33
CA ASN IA 247 14.98 45.04 -78.90
C ASN IA 247 15.33 44.90 -80.36
N GLN IA 248 15.14 45.98 -81.14
CA GLN IA 248 15.27 45.95 -82.58
C GLN IA 248 16.72 45.97 -82.98
N ALA IA 249 17.63 46.47 -82.11
CA ALA IA 249 19.06 46.48 -82.36
C ALA IA 249 19.62 45.09 -82.45
N MET IA 250 19.06 44.13 -81.65
CA MET IA 250 19.47 42.75 -81.67
C MET IA 250 19.19 42.09 -83.00
N ALA IA 251 18.07 42.44 -83.67
CA ALA IA 251 17.73 41.92 -84.97
C ALA IA 251 18.71 42.30 -86.07
N VAL IA 252 19.21 43.56 -86.05
CA VAL IA 252 20.16 44.13 -87.00
C VAL IA 252 21.44 43.34 -87.02
N ILE IA 253 22.00 43.12 -85.82
CA ILE IA 253 23.28 42.51 -85.55
C ILE IA 253 23.24 41.06 -85.97
N LYS IA 254 22.12 40.35 -85.69
CA LYS IA 254 21.89 38.96 -86.07
C LYS IA 254 21.78 38.80 -87.58
N GLU IA 255 21.29 39.82 -88.33
CA GLU IA 255 21.15 39.71 -89.77
C GLU IA 255 22.49 39.92 -90.44
N LYS IA 256 23.27 40.93 -90.00
CA LYS IA 256 24.55 41.29 -90.58
C LYS IA 256 25.60 40.20 -90.52
N ILE IA 257 25.58 39.38 -89.43
CA ILE IA 257 26.51 38.30 -89.16
C ILE IA 257 26.12 37.03 -89.88
N GLU IA 258 24.83 36.92 -90.27
CA GLU IA 258 24.26 35.75 -90.89
C GLU IA 258 24.69 35.66 -92.34
N GLU IA 259 25.07 36.83 -92.94
CA GLU IA 259 25.49 36.94 -94.33
C GLU IA 259 26.87 36.36 -94.52
N LYS IA 260 27.67 36.26 -93.44
CA LYS IA 260 29.07 35.90 -93.48
C LYS IA 260 29.24 34.46 -93.05
N ARG IA 261 28.19 33.64 -93.32
CA ARG IA 261 28.07 32.21 -93.14
C ARG IA 261 27.58 31.87 -91.76
N GLY IA 262 26.93 32.84 -91.06
CA GLY IA 262 26.31 32.59 -89.79
C GLY IA 262 24.97 32.00 -90.03
N VAL IA 263 24.38 31.33 -89.01
CA VAL IA 263 23.03 30.82 -89.06
C VAL IA 263 22.43 31.29 -87.78
N PHE IA 264 21.32 32.05 -87.86
CA PHE IA 264 20.72 32.68 -86.72
C PHE IA 264 19.24 32.54 -86.86
N ASN IA 265 18.54 32.76 -85.72
CA ASN IA 265 17.10 32.81 -85.59
C ASN IA 265 16.49 33.87 -86.45
N VAL IA 266 15.30 33.55 -87.02
CA VAL IA 266 14.50 34.47 -87.79
C VAL IA 266 13.53 35.10 -86.78
N GLN JA 1 60.50 30.47 -83.69
CA GLN JA 1 60.53 29.53 -84.83
C GLN JA 1 60.62 28.12 -84.32
N ALA JA 2 60.46 27.14 -85.23
CA ALA JA 2 60.45 25.74 -84.93
C ALA JA 2 61.10 25.11 -86.12
N THR JA 3 61.98 24.12 -85.88
CA THR JA 3 62.82 23.53 -86.90
C THR JA 3 62.74 22.05 -86.74
N ILE JA 4 62.45 21.58 -85.51
CA ILE JA 4 62.33 20.19 -85.14
C ILE JA 4 61.28 20.30 -84.06
N ASN JA 5 60.41 19.28 -83.93
CA ASN JA 5 59.43 19.23 -82.90
C ASN JA 5 59.81 18.01 -82.14
N ILE JA 6 60.30 18.23 -80.90
CA ILE JA 6 60.72 17.17 -80.02
C ILE JA 6 59.61 16.99 -79.03
N GLY JA 7 59.15 15.74 -78.83
CA GLY JA 7 58.06 15.45 -77.92
C GLY JA 7 58.61 14.95 -76.63
N THR JA 8 57.88 15.22 -75.53
CA THR JA 8 58.27 14.78 -74.21
C THR JA 8 57.15 13.87 -73.80
N ILE JA 9 57.24 12.61 -74.29
CA ILE JA 9 56.27 11.58 -74.01
C ILE JA 9 56.88 10.64 -73.03
N GLY JA 10 56.02 9.97 -72.25
CA GLY JA 10 56.46 9.07 -71.24
C GLY JA 10 55.25 8.30 -70.87
N HIS JA 11 55.04 8.13 -69.56
CA HIS JA 11 53.91 7.41 -69.06
C HIS JA 11 53.75 7.86 -67.64
N VAL JA 12 52.63 7.44 -67.02
CA VAL JA 12 52.27 7.64 -65.63
C VAL JA 12 53.41 7.42 -64.65
N ALA JA 13 53.68 8.49 -63.84
CA ALA JA 13 54.58 8.54 -62.71
C ALA JA 13 56.04 8.29 -63.00
N HIS JA 14 56.84 9.39 -63.00
CA HIS JA 14 58.29 9.36 -62.91
C HIS JA 14 58.78 10.78 -62.96
N GLY JA 15 57.86 11.77 -63.06
CA GLY JA 15 58.17 13.18 -63.12
C GLY JA 15 58.46 13.56 -64.54
N LYS JA 16 57.70 14.55 -65.06
CA LYS JA 16 57.93 15.11 -66.37
C LYS JA 16 58.70 16.39 -66.17
N SER JA 17 58.28 17.19 -65.16
CA SER JA 17 58.82 18.51 -64.90
C SER JA 17 60.27 18.48 -64.48
N THR JA 18 60.64 17.49 -63.64
CA THR JA 18 62.00 17.32 -63.13
C THR JA 18 63.01 17.04 -64.22
N VAL JA 19 62.71 16.05 -65.12
CA VAL JA 19 63.53 15.68 -66.25
C VAL JA 19 63.61 16.73 -67.34
N VAL JA 20 62.47 17.40 -67.68
CA VAL JA 20 62.44 18.41 -68.73
C VAL JA 20 63.23 19.62 -68.33
N LYS JA 21 63.17 20.03 -67.03
CA LYS JA 21 63.91 21.15 -66.51
C LYS JA 21 65.39 20.84 -66.42
N ALA JA 22 65.78 19.55 -66.27
CA ALA JA 22 67.17 19.18 -66.23
C ALA JA 22 67.85 19.28 -67.57
N ILE JA 23 67.12 18.92 -68.66
CA ILE JA 23 67.69 18.92 -69.99
C ILE JA 23 67.65 20.30 -70.62
N SER JA 24 66.50 20.99 -70.54
CA SER JA 24 66.27 22.24 -71.26
C SER JA 24 66.36 23.44 -70.36
N GLY JA 25 65.87 23.33 -69.11
CA GLY JA 25 65.78 24.46 -68.21
C GLY JA 25 64.49 25.20 -68.45
N VAL JA 26 63.49 24.48 -69.02
CA VAL JA 26 62.22 25.03 -69.40
C VAL JA 26 61.20 24.25 -68.61
N HIS JA 27 60.14 24.95 -68.14
CA HIS JA 27 59.01 24.37 -67.47
C HIS JA 27 57.83 24.70 -68.36
N THR JA 28 56.90 23.72 -68.51
CA THR JA 28 55.74 23.83 -69.36
C THR JA 28 54.52 24.16 -68.53
N VAL JA 29 53.47 24.74 -69.16
CA VAL JA 29 52.34 25.28 -68.46
C VAL JA 29 51.18 25.33 -69.44
N ARG JA 30 49.93 25.24 -68.89
CA ARG JA 30 48.69 25.37 -69.63
C ARG JA 30 47.79 26.00 -68.61
N PHE JA 31 47.03 27.06 -69.01
CA PHE JA 31 46.08 27.76 -68.17
C PHE JA 31 45.02 26.87 -67.56
N LYS JA 32 44.50 27.32 -66.38
CA LYS JA 32 43.90 26.48 -65.36
C LYS JA 32 44.92 25.56 -64.73
N ASN JA 33 45.99 26.16 -64.14
CA ASN JA 33 47.09 25.45 -63.54
C ASN JA 33 47.08 25.78 -62.07
N GLU JA 34 47.14 24.80 -61.12
CA GLU JA 34 47.21 23.35 -61.19
C GLU JA 34 48.53 22.82 -61.72
N LEU JA 35 49.27 22.12 -60.83
CA LEU JA 35 50.67 21.80 -61.02
C LEU JA 35 50.90 20.47 -60.32
N GLU JA 36 49.80 19.79 -59.92
CA GLU JA 36 49.68 18.35 -59.78
C GLU JA 36 50.41 17.82 -58.55
N ARG JA 37 50.26 16.51 -58.29
CA ARG JA 37 51.03 15.77 -57.33
C ARG JA 37 51.65 14.61 -58.07
N ASN JA 38 51.56 14.62 -59.42
CA ASN JA 38 52.17 13.63 -60.28
C ASN JA 38 52.66 14.40 -61.49
N ILE JA 39 52.59 13.79 -62.68
CA ILE JA 39 53.20 14.27 -63.89
C ILE JA 39 52.26 15.23 -64.57
N THR JA 40 52.76 15.92 -65.63
CA THR JA 40 52.00 16.93 -66.33
C THR JA 40 51.06 16.23 -67.29
N ILE JA 41 49.76 16.22 -66.93
CA ILE JA 41 48.69 15.58 -67.67
C ILE JA 41 47.94 16.69 -68.37
N LYS JA 42 48.42 17.95 -68.24
CA LYS JA 42 47.96 19.07 -69.02
C LYS JA 42 48.54 18.97 -70.40
N LEU JA 43 47.89 19.64 -71.38
CA LEU JA 43 48.41 19.82 -72.71
C LEU JA 43 49.22 21.09 -72.67
N GLY JA 44 50.47 20.96 -72.17
CA GLY JA 44 51.46 22.00 -72.06
C GLY JA 44 51.95 22.45 -73.41
N TYR JA 45 52.43 23.72 -73.45
CA TYR JA 45 53.03 24.29 -74.63
C TYR JA 45 54.36 24.83 -74.22
N ALA JA 46 55.33 24.83 -75.18
CA ALA JA 46 56.66 25.33 -74.93
C ALA JA 46 57.45 25.29 -76.21
N ASN JA 47 58.35 26.30 -76.32
CA ASN JA 47 59.36 26.46 -77.33
C ASN JA 47 60.62 26.64 -76.52
N ALA JA 48 61.78 26.69 -77.19
CA ALA JA 48 63.03 26.84 -76.49
C ALA JA 48 64.06 27.22 -77.50
N LYS JA 49 65.16 27.80 -76.99
CA LYS JA 49 66.24 28.34 -77.77
C LYS JA 49 67.42 27.45 -77.51
N ILE JA 50 68.04 26.97 -78.61
CA ILE JA 50 69.12 26.01 -78.60
C ILE JA 50 70.31 26.78 -79.13
N TYR JA 51 71.33 26.91 -78.24
CA TYR JA 51 72.54 27.67 -78.46
C TYR JA 51 73.73 26.76 -78.38
N LYS JA 52 74.89 27.28 -78.88
CA LYS JA 52 76.19 26.68 -78.75
C LYS JA 52 77.07 27.77 -78.19
N LEU JA 53 78.11 27.37 -77.42
CA LEU JA 53 79.18 28.26 -77.02
C LEU JA 53 80.48 27.63 -77.43
N ASP JA 54 80.43 26.56 -78.26
CA ASP JA 54 81.58 25.84 -78.76
C ASP JA 54 82.23 25.10 -77.61
N ASP JA 55 81.38 24.41 -76.83
CA ASP JA 55 81.72 23.68 -75.65
C ASP JA 55 80.98 22.38 -75.79
N PRO JA 56 81.28 21.33 -75.01
CA PRO JA 56 80.57 20.05 -75.08
C PRO JA 56 79.22 20.19 -74.40
N SER JA 57 78.94 21.36 -73.78
CA SER JA 57 77.73 21.68 -73.08
C SER JA 57 76.93 22.60 -73.96
N CYS JA 58 75.62 22.73 -73.65
CA CYS JA 58 74.68 23.51 -74.41
C CYS JA 58 74.23 24.60 -73.46
N PRO JA 59 74.45 25.88 -73.72
CA PRO JA 59 73.95 26.99 -72.92
C PRO JA 59 72.49 26.97 -72.54
N ARG JA 60 72.20 27.44 -71.31
CA ARG JA 60 70.96 28.08 -70.94
C ARG JA 60 71.10 29.57 -71.21
N PRO JA 61 70.05 30.39 -71.10
CA PRO JA 61 70.12 31.85 -70.93
C PRO JA 61 71.24 32.37 -70.07
N GLU JA 62 71.56 31.69 -68.95
CA GLU JA 62 72.68 32.03 -68.10
C GLU JA 62 73.73 31.07 -68.60
N CYS JA 63 74.68 31.63 -69.39
CA CYS JA 63 75.58 30.85 -70.20
C CYS JA 63 76.95 30.66 -69.62
N TYR JA 64 77.23 31.23 -68.42
CA TYR JA 64 78.50 31.06 -67.73
C TYR JA 64 78.35 29.92 -66.76
N ARG JA 65 77.30 29.99 -65.91
CA ARG JA 65 76.97 28.98 -64.96
C ARG JA 65 75.47 28.96 -64.95
N SER JA 66 74.87 27.83 -64.52
CA SER JA 66 73.44 27.69 -64.53
C SER JA 66 73.05 26.81 -63.38
N CYS JA 67 72.19 27.37 -62.50
CA CYS JA 67 71.72 26.73 -61.30
C CYS JA 67 70.28 26.40 -61.52
N GLY JA 68 69.96 25.08 -61.52
CA GLY JA 68 68.62 24.58 -61.73
C GLY JA 68 67.89 24.62 -60.42
N SER JA 69 66.62 24.14 -60.43
CA SER JA 69 65.81 24.13 -59.24
C SER JA 69 64.89 22.96 -59.34
N SER JA 70 64.74 22.23 -58.22
CA SER JA 70 63.80 21.15 -58.07
C SER JA 70 63.59 20.99 -56.58
N THR JA 71 64.47 21.65 -55.79
CA THR JA 71 64.40 21.74 -54.36
C THR JA 71 65.14 23.04 -54.11
N PRO JA 72 64.81 23.85 -53.12
CA PRO JA 72 65.57 25.05 -52.79
C PRO JA 72 66.66 24.74 -51.79
N ASP JA 73 66.55 23.63 -51.02
CA ASP JA 73 67.52 23.24 -50.00
C ASP JA 73 68.86 22.91 -50.60
N GLU JA 74 68.84 22.14 -51.70
CA GLU JA 74 70.03 21.88 -52.49
C GLU JA 74 70.05 22.91 -53.57
N PHE JA 75 71.19 22.98 -54.28
CA PHE JA 75 71.34 23.84 -55.42
C PHE JA 75 71.75 22.88 -56.51
N PRO JA 76 70.85 22.49 -57.41
CA PRO JA 76 71.19 21.72 -58.59
C PRO JA 76 72.07 22.50 -59.53
N THR JA 77 72.95 21.79 -60.28
CA THR JA 77 73.87 22.42 -61.18
C THR JA 77 73.73 21.75 -62.52
N ASP JA 78 73.87 22.57 -63.57
CA ASP JA 78 73.93 22.14 -64.94
C ASP JA 78 75.06 22.98 -65.49
N ILE JA 79 75.61 22.57 -66.65
CA ILE JA 79 76.81 23.14 -67.22
C ILE JA 79 76.32 23.82 -68.47
N PRO JA 80 76.57 25.11 -68.70
CA PRO JA 80 76.17 25.77 -69.92
C PRO JA 80 77.38 26.32 -70.65
N GLY JA 81 78.60 25.80 -70.37
CA GLY JA 81 79.80 26.25 -71.05
C GLY JA 81 80.32 27.50 -70.41
N THR JA 82 81.43 28.04 -70.97
CA THR JA 82 82.08 29.24 -70.52
C THR JA 82 81.99 30.24 -71.64
N LYS JA 83 81.80 31.54 -71.27
CA LYS JA 83 81.04 32.45 -72.09
C LYS JA 83 81.96 33.38 -72.81
N GLY JA 84 81.41 33.98 -73.90
CA GLY JA 84 82.12 34.87 -74.76
C GLY JA 84 81.16 35.17 -75.86
N ASN JA 85 79.89 35.49 -75.47
CA ASN JA 85 78.76 35.72 -76.33
C ASN JA 85 78.26 34.42 -76.90
N PHE JA 86 77.03 34.00 -76.48
CA PHE JA 86 76.45 32.73 -76.83
C PHE JA 86 75.65 32.84 -78.10
N LYS JA 87 75.98 31.95 -79.06
CA LYS JA 87 75.47 31.93 -80.41
C LYS JA 87 74.23 31.10 -80.52
N LEU JA 88 73.15 31.70 -81.09
CA LEU JA 88 71.90 31.05 -81.43
C LEU JA 88 72.14 30.15 -82.60
N VAL JA 89 71.78 28.85 -82.46
CA VAL JA 89 71.98 27.86 -83.49
C VAL JA 89 70.69 27.75 -84.25
N ARG JA 90 69.56 27.76 -83.51
CA ARG JA 90 68.24 27.64 -84.07
C ARG JA 90 67.29 27.76 -82.92
N HIS JA 91 65.99 27.88 -83.25
CA HIS JA 91 64.94 27.88 -82.28
C HIS JA 91 64.20 26.59 -82.51
N VAL JA 92 64.04 25.81 -81.42
CA VAL JA 92 63.51 24.47 -81.42
C VAL JA 92 62.18 24.60 -80.73
N SER JA 93 61.29 23.60 -80.89
CA SER JA 93 59.97 23.65 -80.32
C SER JA 93 59.75 22.31 -79.72
N PHE JA 94 58.96 22.29 -78.62
CA PHE JA 94 58.66 21.08 -77.91
C PHE JA 94 57.18 20.89 -77.99
N VAL JA 95 56.75 19.63 -77.76
CA VAL JA 95 55.37 19.25 -77.70
C VAL JA 95 55.23 18.45 -76.44
N ASP JA 96 54.73 19.10 -75.37
CA ASP JA 96 54.39 18.44 -74.13
C ASP JA 96 53.04 17.83 -74.34
N CYS JA 97 52.98 16.49 -74.47
CA CYS JA 97 51.75 15.75 -74.54
C CYS JA 97 51.22 15.57 -73.13
N PRO JA 98 49.91 15.49 -72.88
CA PRO JA 98 49.37 14.96 -71.65
C PRO JA 98 49.83 13.54 -71.40
N GLY JA 99 50.44 13.30 -70.21
CA GLY JA 99 50.94 12.02 -69.78
C GLY JA 99 49.87 11.03 -69.44
N HIS JA 100 50.31 9.88 -68.88
CA HIS JA 100 49.52 8.72 -68.51
C HIS JA 100 49.15 7.87 -69.70
N ASP JA 101 48.98 6.56 -69.41
CA ASP JA 101 48.78 5.49 -70.37
C ASP JA 101 47.51 5.66 -71.17
N ILE JA 102 46.44 6.15 -70.47
CA ILE JA 102 45.09 6.38 -70.94
C ILE JA 102 45.03 7.41 -72.06
N LEU JA 103 45.86 8.47 -72.00
CA LEU JA 103 45.98 9.55 -72.96
C LEU JA 103 46.63 9.14 -74.28
N MET JA 104 46.59 7.83 -74.64
CA MET JA 104 47.22 7.25 -75.79
C MET JA 104 46.76 7.87 -77.10
N ALA JA 105 45.44 8.11 -77.29
CA ALA JA 105 44.87 8.64 -78.52
C ALA JA 105 45.35 10.03 -78.87
N THR JA 106 45.56 10.89 -77.83
CA THR JA 106 46.04 12.24 -77.96
C THR JA 106 47.52 12.23 -78.25
N MET JA 107 48.25 11.29 -77.60
CA MET JA 107 49.68 11.08 -77.76
C MET JA 107 49.98 10.69 -79.18
N LEU JA 108 49.16 9.80 -79.78
CA LEU JA 108 49.18 9.36 -81.16
C LEU JA 108 49.06 10.51 -82.11
N ASN JA 109 48.02 11.37 -81.93
CA ASN JA 109 47.72 12.52 -82.76
C ASN JA 109 48.92 13.44 -82.85
N GLY JA 110 49.49 13.80 -81.67
CA GLY JA 110 50.62 14.69 -81.54
C GLY JA 110 51.88 14.10 -82.14
N ALA JA 111 52.12 12.79 -81.89
CA ALA JA 111 53.23 12.00 -82.39
C ALA JA 111 53.32 12.00 -83.90
N ALA JA 112 52.13 11.94 -84.56
CA ALA JA 112 51.97 11.82 -85.98
C ALA JA 112 52.33 13.08 -86.74
N VAL JA 113 52.74 14.16 -86.03
CA VAL JA 113 53.04 15.42 -86.64
C VAL JA 113 54.24 16.04 -85.97
N MET JA 114 54.95 15.28 -85.09
CA MET JA 114 56.20 15.72 -84.50
C MET JA 114 57.26 14.82 -85.06
N ASP JA 115 58.38 15.45 -85.46
CA ASP JA 115 59.54 14.83 -86.08
C ASP JA 115 60.24 13.80 -85.25
N ALA JA 116 60.43 14.08 -83.94
CA ALA JA 116 61.25 13.24 -83.11
C ALA JA 116 60.67 13.33 -81.74
N ALA JA 117 61.27 12.56 -80.81
CA ALA JA 117 60.76 12.42 -79.48
C ALA JA 117 61.92 12.15 -78.59
N LEU JA 118 61.63 12.22 -77.27
CA LEU JA 118 62.53 11.95 -76.22
C LEU JA 118 61.63 11.17 -75.33
N LEU JA 119 61.91 9.85 -75.28
CA LEU JA 119 61.16 8.88 -74.54
C LEU JA 119 61.66 8.83 -73.13
N LEU JA 120 60.86 9.40 -72.18
CA LEU JA 120 61.20 9.42 -70.79
C LEU JA 120 60.76 8.10 -70.22
N ILE JA 121 61.74 7.17 -70.07
CA ILE JA 121 61.51 5.86 -69.50
C ILE JA 121 61.75 5.97 -68.03
N ALA JA 122 61.01 5.17 -67.23
CA ALA JA 122 61.16 5.16 -65.79
C ALA JA 122 62.14 4.06 -65.43
N GLY JA 123 62.09 3.59 -64.17
CA GLY JA 123 63.06 2.67 -63.66
C GLY JA 123 62.65 2.27 -62.29
N ASN JA 124 61.72 3.04 -61.67
CA ASN JA 124 61.28 2.88 -60.32
C ASN JA 124 59.96 2.16 -60.30
N GLU JA 125 59.56 1.57 -61.45
CA GLU JA 125 58.32 0.85 -61.60
C GLU JA 125 58.57 -0.24 -62.61
N SER JA 126 57.48 -1.02 -62.94
CA SER JA 126 57.40 -2.26 -63.68
C SER JA 126 58.53 -2.59 -64.65
N CYS JA 127 59.07 -3.83 -64.54
CA CYS JA 127 60.20 -4.30 -65.31
C CYS JA 127 59.94 -4.42 -66.80
N PRO JA 128 58.83 -4.92 -67.37
CA PRO JA 128 58.69 -5.00 -68.82
C PRO JA 128 58.38 -3.65 -69.40
N GLN JA 129 57.89 -2.72 -68.55
CA GLN JA 129 57.61 -1.34 -68.83
C GLN JA 129 56.72 -1.13 -70.05
N PRO JA 130 55.45 -1.56 -70.01
CA PRO JA 130 54.55 -1.70 -71.16
C PRO JA 130 54.53 -0.54 -72.13
N GLN JA 131 54.22 0.68 -71.64
CA GLN JA 131 53.93 1.85 -72.44
C GLN JA 131 55.09 2.35 -73.26
N THR JA 132 56.35 2.18 -72.79
CA THR JA 132 57.55 2.62 -73.50
C THR JA 132 57.65 1.96 -74.86
N SER JA 133 57.39 0.62 -74.88
CA SER JA 133 57.43 -0.25 -76.03
C SER JA 133 56.30 0.08 -76.94
N GLU JA 134 55.07 0.29 -76.39
CA GLU JA 134 53.83 0.66 -77.06
C GLU JA 134 54.05 1.88 -77.94
N HIS JA 135 54.64 2.94 -77.33
CA HIS JA 135 55.00 4.19 -77.97
C HIS JA 135 55.95 3.95 -79.12
N LEU JA 136 57.14 3.35 -78.85
CA LEU JA 136 58.18 3.00 -79.80
C LEU JA 136 57.67 2.32 -81.04
N ALA JA 137 56.76 1.31 -80.88
CA ALA JA 137 56.22 0.53 -81.97
C ALA JA 137 55.37 1.35 -82.91
N ALA JA 138 54.51 2.24 -82.37
CA ALA JA 138 53.66 3.14 -83.15
C ALA JA 138 54.47 4.08 -84.00
N ILE JA 139 55.59 4.59 -83.41
CA ILE JA 139 56.52 5.53 -83.99
C ILE JA 139 57.23 4.91 -85.19
N GLU JA 140 57.69 3.65 -85.09
CA GLU JA 140 58.42 2.96 -86.14
C GLU JA 140 57.51 2.65 -87.31
N ILE JA 141 56.20 2.52 -87.04
CA ILE JA 141 55.21 2.21 -88.03
C ILE JA 141 54.93 3.45 -88.85
N MET JA 142 54.77 4.64 -88.20
CA MET JA 142 54.42 5.85 -88.94
C MET JA 142 55.44 6.30 -89.97
N LYS JA 143 56.76 6.30 -89.64
CA LYS JA 143 57.90 6.39 -90.55
C LYS JA 143 59.10 7.01 -89.85
N LEU JA 144 59.12 7.07 -88.49
CA LEU JA 144 60.18 7.72 -87.75
C LEU JA 144 60.80 6.73 -86.83
N LYS JA 145 62.08 6.93 -86.40
CA LYS JA 145 62.75 5.93 -85.63
C LYS JA 145 63.99 6.48 -84.97
N HIS JA 146 64.26 7.81 -85.10
CA HIS JA 146 65.40 8.44 -84.45
C HIS JA 146 64.91 9.08 -83.19
N ILE JA 147 64.92 8.27 -82.12
CA ILE JA 147 64.35 8.55 -80.81
C ILE JA 147 65.57 8.47 -79.92
N LEU JA 148 65.60 9.25 -78.82
CA LEU JA 148 66.74 9.24 -77.93
C LEU JA 148 66.13 9.16 -76.57
N ILE JA 149 66.31 7.97 -75.96
CA ILE JA 149 65.77 7.54 -74.71
C ILE JA 149 66.55 8.13 -73.54
N LEU JA 150 65.81 8.51 -72.47
CA LEU JA 150 66.38 9.09 -71.27
C LEU JA 150 65.79 8.37 -70.10
N GLN JA 151 66.65 7.75 -69.26
CA GLN JA 151 66.25 7.00 -68.08
C GLN JA 151 66.23 7.92 -66.91
N ASN JA 152 65.01 8.32 -66.48
CA ASN JA 152 64.72 9.44 -65.63
C ASN JA 152 65.46 9.42 -64.30
N LYS JA 153 65.48 8.25 -63.61
CA LYS JA 153 66.06 8.14 -62.30
C LYS JA 153 66.89 6.89 -62.29
N ILE JA 154 67.97 6.93 -61.48
CA ILE JA 154 68.93 5.87 -61.31
C ILE JA 154 69.52 6.09 -59.93
N ASP JA 155 69.09 7.17 -59.24
CA ASP JA 155 69.55 7.56 -57.93
C ASP JA 155 68.71 6.92 -56.87
N LEU JA 156 67.36 7.05 -56.98
CA LEU JA 156 66.40 6.39 -56.13
C LEU JA 156 66.38 4.92 -56.45
N VAL JA 157 66.40 4.60 -57.77
CA VAL JA 157 66.37 3.26 -58.29
C VAL JA 157 67.67 2.58 -57.97
N LYS JA 158 67.61 1.37 -57.36
CA LYS JA 158 68.79 0.58 -57.08
C LYS JA 158 69.23 -0.12 -58.33
N GLU JA 159 70.54 -0.44 -58.42
CA GLU JA 159 71.18 -0.93 -59.61
C GLU JA 159 70.79 -2.34 -59.95
N SER JA 160 70.25 -3.11 -58.96
CA SER JA 160 69.69 -4.43 -59.18
C SER JA 160 68.35 -4.33 -59.88
N GLN JA 161 67.49 -3.38 -59.45
CA GLN JA 161 66.16 -3.15 -59.99
C GLN JA 161 66.25 -2.73 -61.43
N ALA JA 162 67.14 -1.75 -61.69
CA ALA JA 162 67.39 -1.17 -62.97
C ALA JA 162 67.97 -2.18 -63.93
N LYS JA 163 68.66 -3.23 -63.42
CA LYS JA 163 69.29 -4.25 -64.22
C LYS JA 163 68.27 -5.27 -64.68
N GLU JA 164 67.35 -5.69 -63.77
CA GLU JA 164 66.26 -6.62 -64.05
C GLU JA 164 65.33 -6.06 -65.10
N GLN JA 165 65.07 -4.74 -64.99
CA GLN JA 165 64.29 -3.95 -65.90
C GLN JA 165 64.90 -3.91 -67.28
N TYR JA 166 66.23 -3.67 -67.39
CA TYR JA 166 66.95 -3.64 -68.65
C TYR JA 166 66.87 -4.97 -69.38
N GLU JA 167 66.85 -6.09 -68.64
CA GLU JA 167 66.67 -7.41 -69.21
C GLU JA 167 65.28 -7.56 -69.81
N GLN JA 168 64.23 -7.31 -69.01
CA GLN JA 168 62.84 -7.44 -69.43
C GLN JA 168 62.44 -6.57 -70.61
N ILE JA 169 62.93 -5.30 -70.68
CA ILE JA 169 62.67 -4.39 -71.78
C ILE JA 169 63.29 -4.91 -73.06
N LEU JA 170 64.57 -5.34 -73.02
CA LEU JA 170 65.32 -5.80 -74.18
C LEU JA 170 64.80 -7.11 -74.73
N ALA JA 171 63.94 -7.82 -73.96
CA ALA JA 171 63.42 -9.11 -74.33
C ALA JA 171 62.04 -8.94 -74.89
N PHE JA 172 61.29 -7.92 -74.40
CA PHE JA 172 60.00 -7.56 -74.92
C PHE JA 172 60.10 -6.95 -76.31
N VAL JA 173 61.06 -6.01 -76.52
CA VAL JA 173 61.31 -5.30 -77.76
C VAL JA 173 62.01 -6.13 -78.84
N GLN JA 174 61.76 -7.46 -78.86
CA GLN JA 174 62.34 -8.37 -79.82
C GLN JA 174 61.74 -8.19 -81.20
N GLY JA 175 60.59 -7.50 -81.31
CA GLY JA 175 59.87 -7.32 -82.55
C GLY JA 175 59.90 -5.87 -82.97
N THR JA 176 60.28 -4.95 -82.06
CA THR JA 176 60.25 -3.52 -82.29
C THR JA 176 61.65 -3.01 -82.14
N VAL JA 177 62.18 -2.36 -83.21
CA VAL JA 177 63.49 -1.78 -83.21
C VAL JA 177 63.30 -0.37 -83.74
N ALA JA 178 63.53 0.61 -82.84
CA ALA JA 178 63.23 2.00 -83.10
C ALA JA 178 64.04 2.81 -82.13
N GLU JA 179 65.01 2.14 -81.46
CA GLU JA 179 65.81 2.68 -80.40
C GLU JA 179 67.22 2.29 -80.72
N GLY JA 180 67.56 2.28 -82.03
CA GLY JA 180 68.86 1.92 -82.55
C GLY JA 180 69.82 3.08 -82.47
N ALA JA 181 69.33 4.29 -82.12
CA ALA JA 181 70.13 5.39 -81.67
C ALA JA 181 70.34 5.19 -80.19
N PRO JA 182 71.35 5.77 -79.54
CA PRO JA 182 71.69 5.56 -78.14
C PRO JA 182 70.58 5.64 -77.10
N ILE JA 183 70.88 5.08 -75.90
CA ILE JA 183 70.00 4.99 -74.77
C ILE JA 183 70.86 5.55 -73.68
N ILE JA 184 70.50 6.77 -73.21
CA ILE JA 184 71.30 7.53 -72.26
C ILE JA 184 70.63 7.47 -70.91
N PRO JA 185 71.04 6.66 -69.94
CA PRO JA 185 70.58 6.78 -68.56
C PRO JA 185 71.11 8.07 -67.99
N ILE JA 186 70.25 8.85 -67.29
CA ILE JA 186 70.62 10.15 -66.77
C ILE JA 186 70.03 10.24 -65.39
N SER JA 187 70.30 11.35 -64.70
CA SER JA 187 69.71 11.69 -63.44
C SER JA 187 68.90 12.92 -63.72
N ALA JA 188 67.76 13.03 -63.02
CA ALA JA 188 66.81 14.10 -63.18
C ALA JA 188 66.41 14.49 -61.79
N GLN JA 189 66.61 13.55 -60.83
CA GLN JA 189 66.44 13.75 -59.43
C GLN JA 189 67.55 14.65 -58.94
N LEU JA 190 68.78 14.44 -59.48
CA LEU JA 190 69.95 15.22 -59.14
C LEU JA 190 70.26 16.14 -60.30
N LYS JA 191 69.60 15.93 -61.47
CA LYS JA 191 69.71 16.78 -62.64
C LYS JA 191 71.11 16.76 -63.21
N TYR JA 192 71.66 15.54 -63.42
CA TYR JA 192 73.06 15.35 -63.72
C TYR JA 192 73.14 14.38 -64.87
N ASN JA 193 74.33 14.36 -65.53
CA ASN JA 193 74.73 13.56 -66.68
C ASN JA 193 74.30 14.26 -67.94
N ILE JA 194 73.96 15.56 -67.81
CA ILE JA 194 73.46 16.44 -68.83
C ILE JA 194 74.43 16.68 -69.96
N GLU JA 195 75.76 16.74 -69.67
CA GLU JA 195 76.77 17.16 -70.62
C GLU JA 195 76.95 16.26 -71.83
N VAL JA 196 76.81 14.91 -71.66
CA VAL JA 196 76.91 13.99 -72.79
C VAL JA 196 75.65 14.07 -73.63
N VAL JA 197 74.50 14.42 -73.00
CA VAL JA 197 73.25 14.65 -73.68
C VAL JA 197 73.36 15.84 -74.60
N CYS JA 198 74.06 16.92 -74.17
CA CYS JA 198 74.23 18.14 -74.94
C CYS JA 198 74.98 17.97 -76.23
N GLU JA 199 76.00 17.08 -76.26
CA GLU JA 199 76.74 16.76 -77.46
C GLU JA 199 75.90 15.94 -78.41
N TYR JA 200 75.15 14.97 -77.84
CA TYR JA 200 74.30 14.03 -78.52
C TYR JA 200 73.12 14.63 -79.25
N ILE JA 201 72.31 15.50 -78.59
CA ILE JA 201 71.05 15.97 -79.14
C ILE JA 201 71.16 16.85 -80.35
N VAL JA 202 72.31 17.54 -80.57
CA VAL JA 202 72.53 18.29 -81.79
C VAL JA 202 73.10 17.43 -82.89
N LYS JA 203 73.71 16.28 -82.54
CA LYS JA 203 74.35 15.40 -83.48
C LYS JA 203 73.42 14.37 -84.03
N LYS JA 204 72.75 13.59 -83.14
CA LYS JA 204 72.02 12.38 -83.51
C LYS JA 204 70.66 12.69 -84.06
N ILE JA 205 70.16 13.94 -83.91
CA ILE JA 205 68.75 14.21 -84.04
C ILE JA 205 68.66 15.39 -84.97
N PRO JA 206 68.43 15.17 -86.26
CA PRO JA 206 67.91 16.17 -87.16
C PRO JA 206 66.44 15.87 -87.26
N VAL JA 207 65.79 16.28 -88.38
CA VAL JA 207 64.44 15.88 -88.71
C VAL JA 207 64.65 14.57 -89.45
N PRO JA 208 64.11 13.41 -89.04
CA PRO JA 208 64.16 12.18 -89.81
C PRO JA 208 63.54 12.39 -91.17
N PRO JA 209 64.18 12.09 -92.32
CA PRO JA 209 63.73 12.36 -93.68
C PRO JA 209 62.23 12.44 -93.91
N ARG JA 210 61.76 13.59 -94.43
CA ARG JA 210 60.37 13.86 -94.66
C ARG JA 210 60.33 14.58 -95.98
N ASP JA 211 59.11 14.67 -96.55
CA ASP JA 211 58.89 15.19 -97.87
C ASP JA 211 58.12 16.45 -97.67
N PHE JA 212 58.76 17.60 -97.94
CA PHE JA 212 58.22 18.90 -97.62
C PHE JA 212 58.09 19.73 -98.86
N THR JA 213 58.31 19.13 -100.05
CA THR JA 213 58.31 19.84 -101.31
C THR JA 213 57.07 19.37 -102.05
N SER JA 214 56.23 18.55 -101.36
CA SER JA 214 54.94 18.10 -101.82
C SER JA 214 53.90 19.16 -101.56
N GLU JA 215 52.63 18.75 -101.28
CA GLU JA 215 51.50 19.66 -101.22
C GLU JA 215 51.23 20.01 -99.79
N PRO JA 216 51.06 21.29 -99.39
CA PRO JA 216 50.85 21.71 -98.01
C PRO JA 216 49.66 21.07 -97.34
N ARG JA 217 49.92 20.37 -96.21
CA ARG JA 217 48.91 19.85 -95.32
C ARG JA 217 49.39 20.18 -93.92
N LEU JA 218 48.47 20.80 -93.14
CA LEU JA 218 48.69 21.27 -91.79
C LEU JA 218 47.72 20.53 -90.93
N ILE JA 219 48.18 20.06 -89.74
CA ILE JA 219 47.34 19.36 -88.78
C ILE JA 219 47.43 20.21 -87.54
N VAL JA 220 46.29 20.83 -87.14
CA VAL JA 220 46.19 21.61 -85.93
C VAL JA 220 45.81 20.71 -84.79
N ILE JA 221 46.54 20.89 -83.65
CA ILE JA 221 46.42 20.07 -82.47
C ILE JA 221 46.11 20.90 -81.25
N ARG JA 222 46.51 22.19 -81.21
CA ARG JA 222 46.37 23.07 -80.06
C ARG JA 222 45.76 24.39 -80.44
N SER JA 223 45.00 25.01 -79.50
CA SER JA 223 44.08 26.08 -79.75
C SER JA 223 44.57 27.28 -78.98
N PHE JA 224 44.63 28.48 -79.63
CA PHE JA 224 45.19 29.67 -79.02
C PHE JA 224 44.36 30.87 -79.38
N ASP JA 225 44.02 31.68 -78.35
CA ASP JA 225 43.42 32.97 -78.53
C ASP JA 225 44.05 33.88 -77.51
N VAL JA 226 44.43 35.17 -77.77
CA VAL JA 226 43.98 36.20 -78.71
C VAL JA 226 42.89 36.96 -78.00
N ASN JA 227 43.11 38.22 -77.53
CA ASN JA 227 44.35 38.97 -77.57
C ASN JA 227 44.33 39.87 -76.37
N LYS JA 228 43.33 40.77 -76.31
CA LYS JA 228 43.18 41.74 -75.27
C LYS JA 228 41.91 42.46 -75.67
N PRO JA 229 40.77 42.29 -74.99
CA PRO JA 229 39.70 43.28 -74.94
C PRO JA 229 40.18 44.69 -74.68
N GLY JA 230 39.77 45.70 -75.50
CA GLY JA 230 38.43 45.92 -75.98
C GLY JA 230 37.53 46.46 -74.91
N CYS JA 231 36.32 46.98 -75.28
CA CYS JA 231 35.64 46.76 -76.53
C CYS JA 231 35.74 48.07 -77.27
N GLU JA 232 36.57 48.09 -78.34
CA GLU JA 232 36.07 48.20 -79.68
C GLU JA 232 37.24 48.03 -80.61
N VAL JA 233 38.44 47.74 -80.06
CA VAL JA 233 39.67 47.58 -80.78
C VAL JA 233 39.67 46.32 -81.65
N ASP JA 234 39.37 45.13 -81.08
CA ASP JA 234 38.11 44.40 -81.10
C ASP JA 234 37.10 44.84 -82.12
N ASP JA 235 37.32 44.48 -83.41
CA ASP JA 235 37.33 43.10 -83.80
C ASP JA 235 38.66 42.84 -84.43
N LEU JA 236 39.10 41.55 -84.41
CA LEU JA 236 40.44 41.20 -84.06
C LEU JA 236 41.14 40.94 -85.36
N LYS JA 237 42.50 40.96 -85.34
CA LYS JA 237 43.27 40.11 -86.20
C LYS JA 237 43.66 38.93 -85.38
N GLY JA 238 43.30 37.72 -85.90
CA GLY JA 238 42.33 36.91 -85.22
C GLY JA 238 43.09 35.78 -84.61
N GLY JA 239 42.58 34.55 -84.83
CA GLY JA 239 42.57 33.51 -83.84
C GLY JA 239 43.59 32.55 -84.37
N VAL JA 240 44.39 31.95 -83.46
CA VAL JA 240 45.61 31.30 -83.81
C VAL JA 240 45.44 29.83 -83.58
N ALA JA 241 45.86 29.04 -84.58
CA ALA JA 241 45.79 27.61 -84.55
C ALA JA 241 47.24 27.24 -84.47
N GLY JA 242 47.58 26.53 -83.37
CA GLY JA 242 48.80 25.81 -83.20
C GLY JA 242 48.78 24.51 -83.91
N GLY JA 243 49.43 24.44 -85.09
CA GLY JA 243 49.50 23.20 -85.80
C GLY JA 243 50.90 23.04 -86.28
N SER JA 244 51.23 21.76 -86.50
CA SER JA 244 52.44 21.28 -87.13
C SER JA 244 52.17 20.87 -88.54
N ILE JA 245 53.24 20.98 -89.37
CA ILE JA 245 53.17 20.64 -90.78
C ILE JA 245 53.92 19.33 -90.87
N LEU JA 246 53.31 18.35 -91.57
CA LEU JA 246 53.87 17.02 -91.74
C LEU JA 246 54.06 16.69 -93.19
N LYS JA 247 53.78 17.65 -94.11
CA LYS JA 247 53.79 17.38 -95.53
C LYS JA 247 53.63 18.72 -96.18
N GLY JA 248 54.61 19.11 -97.03
CA GLY JA 248 54.52 20.32 -97.82
C GLY JA 248 55.01 21.46 -96.97
N VAL JA 249 54.83 22.70 -97.43
CA VAL JA 249 55.23 23.86 -96.66
C VAL JA 249 54.17 24.92 -96.83
N LEU JA 250 53.65 25.43 -95.69
CA LEU JA 250 52.74 26.55 -95.63
C LEU JA 250 53.53 27.83 -95.69
N LYS JA 251 53.29 28.64 -96.75
CA LYS JA 251 53.83 29.98 -96.86
C LYS JA 251 52.75 30.96 -96.49
N VAL JA 252 53.15 32.19 -96.08
CA VAL JA 252 52.25 33.24 -95.67
C VAL JA 252 51.43 33.75 -96.83
N GLY JA 253 50.15 34.10 -96.56
CA GLY JA 253 49.23 34.62 -97.53
C GLY JA 253 48.46 33.55 -98.26
N GLN JA 254 48.78 32.24 -98.02
CA GLN JA 254 48.06 31.14 -98.63
C GLN JA 254 46.67 31.05 -98.08
N GLU JA 255 45.73 30.51 -98.88
CA GLU JA 255 44.41 30.19 -98.42
C GLU JA 255 44.52 28.74 -98.07
N ILE JA 256 43.83 28.31 -97.00
CA ILE JA 256 43.93 26.97 -96.49
C ILE JA 256 42.51 26.56 -96.22
N GLU JA 257 42.22 25.25 -96.42
CA GLU JA 257 40.92 24.66 -96.27
C GLU JA 257 41.01 23.62 -95.21
N VAL JA 258 40.02 23.59 -94.30
CA VAL JA 258 39.90 22.57 -93.29
C VAL JA 258 38.94 21.56 -93.87
N ARG JA 259 39.46 20.31 -94.03
CA ARG JA 259 39.00 19.33 -94.99
C ARG JA 259 37.97 18.34 -94.50
N PRO JA 260 37.72 17.98 -93.23
CA PRO JA 260 36.58 17.15 -92.84
C PRO JA 260 35.26 17.78 -93.22
N GLY JA 261 35.23 19.13 -93.37
CA GLY JA 261 34.16 19.86 -93.99
C GLY JA 261 33.03 20.09 -93.05
N ILE JA 262 32.00 20.83 -93.53
CA ILE JA 262 30.73 20.93 -92.86
C ILE JA 262 29.73 20.39 -93.84
N VAL JA 263 28.74 19.63 -93.31
CA VAL JA 263 27.81 18.84 -94.08
C VAL JA 263 26.73 19.78 -94.56
N SER JA 264 26.28 19.60 -95.82
CA SER JA 264 25.21 20.37 -96.45
C SER JA 264 23.93 20.22 -95.67
N LYS JA 265 23.11 21.30 -95.62
CA LYS JA 265 21.86 21.43 -94.89
C LYS JA 265 21.02 20.18 -94.82
N ASP JA 266 20.67 19.79 -93.56
CA ASP JA 266 19.91 18.61 -93.18
C ASP JA 266 20.76 17.37 -93.33
N SER JA 267 20.54 16.40 -92.42
CA SER JA 267 21.21 15.12 -92.47
C SER JA 267 20.10 14.12 -92.59
N GLU JA 268 19.99 13.54 -93.80
CA GLU JA 268 18.99 12.56 -94.15
C GLU JA 268 19.69 11.61 -95.08
N GLY JA 269 20.76 12.10 -95.73
CA GLY JA 269 21.57 11.37 -96.67
C GLY JA 269 22.82 11.04 -95.95
N LYS JA 270 23.98 11.15 -96.64
CA LYS JA 270 25.25 10.83 -96.07
C LYS JA 270 26.34 11.40 -96.94
N LEU JA 271 25.96 12.16 -97.99
CA LEU JA 271 26.88 12.83 -98.88
C LEU JA 271 26.30 14.20 -99.08
N MET JA 272 27.02 15.30 -98.71
CA MET JA 272 28.43 15.55 -98.96
C MET JA 272 28.86 16.55 -97.92
N CYS JA 273 30.20 16.71 -97.76
CA CYS JA 273 30.82 17.66 -96.87
C CYS JA 273 31.55 18.65 -97.73
N LYS JA 274 31.63 19.92 -97.28
CA LYS JA 274 32.21 21.01 -98.04
C LYS JA 274 33.22 21.65 -97.13
N PRO JA 275 34.52 21.63 -97.43
CA PRO JA 275 35.57 22.36 -96.70
C PRO JA 275 35.31 23.82 -96.47
N ILE JA 276 35.90 24.38 -95.40
CA ILE JA 276 35.69 25.74 -94.97
C ILE JA 276 37.01 26.39 -95.24
N PHE JA 277 36.99 27.67 -95.70
CA PHE JA 277 38.11 28.34 -96.30
C PHE JA 277 38.46 29.53 -95.44
N SER JA 278 39.77 29.68 -95.13
CA SER JA 278 40.29 30.78 -94.36
C SER JA 278 41.65 31.12 -94.90
N LYS JA 279 41.96 32.43 -95.04
CA LYS JA 279 43.26 32.89 -95.48
C LYS JA 279 44.17 33.09 -94.31
N ILE JA 280 45.46 32.73 -94.49
CA ILE JA 280 46.50 32.80 -93.48
C ILE JA 280 46.92 34.24 -93.37
N VAL JA 281 46.73 34.83 -92.17
CA VAL JA 281 47.15 36.17 -91.85
C VAL JA 281 48.62 36.20 -91.52
N SER JA 282 49.07 35.31 -90.60
CA SER JA 282 50.43 35.40 -90.11
C SER JA 282 50.94 34.09 -89.56
N LEU JA 283 52.29 33.97 -89.54
CA LEU JA 283 53.00 32.72 -89.34
C LEU JA 283 53.96 33.13 -88.25
N PHE JA 284 53.45 33.00 -87.01
CA PHE JA 284 53.98 33.50 -85.77
C PHE JA 284 54.51 32.38 -84.93
N ALA JA 285 55.76 32.51 -84.44
CA ALA JA 285 56.31 31.58 -83.48
C ALA JA 285 57.20 32.37 -82.56
N GLU JA 286 57.30 31.89 -81.29
CA GLU JA 286 57.94 32.55 -80.17
C GLU JA 286 57.48 33.98 -80.05
N HIS JA 287 58.40 34.88 -79.66
CA HIS JA 287 58.17 36.31 -79.58
C HIS JA 287 59.05 36.96 -80.60
N ASN JA 288 59.34 36.23 -81.70
CA ASN JA 288 60.27 36.69 -82.71
C ASN JA 288 59.50 36.71 -83.98
N ASP JA 289 59.70 37.81 -84.77
CA ASP JA 289 58.98 38.02 -86.01
C ASP JA 289 59.44 37.05 -87.06
N LEU JA 290 58.51 36.68 -87.95
CA LEU JA 290 58.73 35.71 -88.98
C LEU JA 290 57.69 36.05 -90.00
N GLN JA 291 57.83 35.44 -91.20
CA GLN JA 291 56.85 35.51 -92.25
C GLN JA 291 56.83 34.16 -92.89
N TYR JA 292 57.57 33.19 -92.32
CA TYR JA 292 57.66 31.85 -92.84
C TYR JA 292 57.39 30.89 -91.72
N ALA JA 293 57.18 29.62 -92.11
CA ALA JA 293 56.80 28.54 -91.26
C ALA JA 293 57.54 27.35 -91.77
N ALA JA 294 58.78 27.14 -91.28
CA ALA JA 294 59.60 26.00 -91.65
C ALA JA 294 58.85 24.70 -91.38
N PRO JA 295 58.73 23.79 -92.34
CA PRO JA 295 57.97 22.57 -92.19
C PRO JA 295 58.71 21.58 -91.32
N GLY JA 296 57.96 20.74 -90.58
CA GLY JA 296 58.52 19.93 -89.53
C GLY JA 296 58.67 20.81 -88.34
N GLY JA 297 57.63 21.62 -88.08
CA GLY JA 297 57.70 22.67 -87.11
C GLY JA 297 56.30 22.98 -86.71
N LEU JA 298 56.18 23.51 -85.46
CA LEU JA 298 54.94 23.87 -84.81
C LEU JA 298 54.90 25.36 -84.90
N ILE JA 299 53.82 25.87 -85.54
CA ILE JA 299 53.72 27.24 -85.96
C ILE JA 299 52.36 27.71 -85.54
N GLY JA 300 52.24 29.02 -85.22
CA GLY JA 300 50.99 29.65 -84.90
C GLY JA 300 50.56 30.26 -86.20
N VAL JA 301 49.52 29.66 -86.81
CA VAL JA 301 48.89 30.19 -87.98
C VAL JA 301 47.69 30.94 -87.48
N GLY JA 302 47.85 32.29 -87.44
CA GLY JA 302 46.76 33.22 -87.36
C GLY JA 302 45.95 33.21 -88.60
N THR JA 303 44.63 33.01 -88.44
CA THR JA 303 43.63 33.00 -89.47
C THR JA 303 42.57 33.91 -88.93
N LYS JA 304 41.64 34.39 -89.81
CA LYS JA 304 40.59 35.30 -89.43
C LYS JA 304 39.40 34.59 -88.83
N ILE JA 305 39.65 33.75 -87.78
CA ILE JA 305 38.63 33.14 -86.97
C ILE JA 305 38.53 33.94 -85.71
N ASP JA 306 37.41 33.78 -84.96
CA ASP JA 306 37.12 34.57 -83.79
C ASP JA 306 37.65 33.82 -82.58
N PRO JA 307 38.12 34.51 -81.51
CA PRO JA 307 38.53 33.98 -80.22
C PRO JA 307 37.74 32.84 -79.62
N THR JA 308 36.39 32.85 -79.78
CA THR JA 308 35.43 31.95 -79.19
C THR JA 308 35.68 30.50 -79.55
N LEU JA 309 36.20 30.24 -80.76
CA LEU JA 309 36.45 28.91 -81.26
C LEU JA 309 37.71 28.30 -80.71
N CYS JA 310 38.61 29.11 -80.09
CA CYS JA 310 39.87 28.65 -79.54
C CYS JA 310 39.98 29.03 -78.09
N ARG JA 311 38.85 29.28 -77.39
CA ARG JA 311 38.81 29.81 -76.04
C ARG JA 311 39.49 28.91 -75.02
N ALA JA 312 39.40 27.58 -75.22
CA ALA JA 312 40.08 26.61 -74.42
C ALA JA 312 40.60 25.63 -75.43
N ASP JA 313 40.75 24.33 -75.05
CA ASP JA 313 41.13 23.28 -75.95
C ASP JA 313 39.86 22.87 -76.66
N ARG JA 314 39.84 23.00 -78.01
CA ARG JA 314 38.65 22.79 -78.80
C ARG JA 314 39.03 22.10 -80.08
N MET JA 315 40.31 22.18 -80.49
CA MET JA 315 40.83 21.57 -81.68
C MET JA 315 41.91 20.66 -81.17
N VAL JA 316 41.81 19.35 -81.47
CA VAL JA 316 42.76 18.35 -81.02
C VAL JA 316 43.34 17.58 -82.17
N GLY JA 317 42.80 17.73 -83.39
CA GLY JA 317 43.33 16.99 -84.50
C GLY JA 317 42.41 17.15 -85.66
N GLN JA 318 42.62 18.22 -86.45
CA GLN JA 318 41.88 18.45 -87.67
C GLN JA 318 42.87 18.47 -88.79
N VAL JA 319 42.45 18.01 -90.00
CA VAL JA 319 43.34 17.91 -91.13
C VAL JA 319 42.96 19.05 -92.02
N LEU JA 320 43.98 19.82 -92.45
CA LEU JA 320 43.83 21.00 -93.27
C LEU JA 320 44.70 20.80 -94.48
N GLY JA 321 44.13 21.01 -95.68
CA GLY JA 321 44.81 20.86 -96.95
C GLY JA 321 44.67 22.19 -97.64
N ALA JA 322 45.69 22.59 -98.41
CA ALA JA 322 45.64 23.80 -99.19
C ALA JA 322 45.89 23.41 -100.62
N VAL JA 323 45.55 24.30 -101.58
CA VAL JA 323 44.20 24.82 -101.74
C VAL JA 323 43.83 24.56 -103.17
N GLY JA 324 42.57 24.14 -103.40
CA GLY JA 324 42.08 23.67 -104.68
C GLY JA 324 42.42 22.22 -104.91
N ALA JA 325 43.06 21.56 -103.91
CA ALA JA 325 43.31 20.14 -103.92
C ALA JA 325 42.05 19.42 -103.57
N LEU JA 326 41.92 18.14 -104.00
CA LEU JA 326 40.72 17.40 -103.85
C LEU JA 326 41.09 16.13 -103.14
N PRO JA 327 40.78 15.95 -101.87
CA PRO JA 327 40.74 14.65 -101.23
C PRO JA 327 39.40 14.06 -101.55
N GLU JA 328 39.28 12.72 -101.59
CA GLU JA 328 38.05 12.08 -102.01
C GLU JA 328 37.14 12.07 -100.83
N ILE JA 329 35.81 12.21 -101.06
CA ILE JA 329 34.85 12.30 -99.99
C ILE JA 329 34.06 11.04 -100.00
N PHE JA 330 34.65 10.01 -99.33
CA PHE JA 330 34.06 8.71 -99.14
C PHE JA 330 33.03 8.85 -98.04
N THR JA 331 31.98 8.00 -98.11
CA THR JA 331 31.03 7.83 -97.05
C THR JA 331 31.17 6.40 -96.58
N GLU JA 332 31.68 5.51 -97.47
CA GLU JA 332 31.99 4.15 -97.13
C GLU JA 332 33.37 3.95 -97.69
N LEU JA 333 34.26 3.30 -96.91
CA LEU JA 333 35.68 3.35 -97.14
C LEU JA 333 36.23 1.98 -96.89
N GLU JA 334 37.29 1.60 -97.64
CA GLU JA 334 37.91 0.29 -97.59
C GLU JA 334 39.19 0.42 -96.81
N ILE JA 335 39.19 -0.05 -95.54
CA ILE JA 335 40.37 -0.02 -94.70
C ILE JA 335 41.10 -1.34 -94.77
N SER JA 336 42.44 -1.27 -94.99
CA SER JA 336 43.34 -2.35 -94.65
C SER JA 336 43.80 -2.11 -93.25
N TYR JA 337 44.09 -3.18 -92.49
CA TYR JA 337 44.46 -3.04 -91.11
C TYR JA 337 45.20 -4.25 -90.67
N PHE JA 338 45.94 -4.11 -89.54
CA PHE JA 338 46.61 -5.21 -88.92
C PHE JA 338 46.54 -4.94 -87.44
N LEU JA 339 46.72 -6.00 -86.63
CA LEU JA 339 46.60 -5.92 -85.20
C LEU JA 339 47.93 -6.32 -84.62
N LEU JA 340 48.20 -5.79 -83.41
CA LEU JA 340 49.29 -6.16 -82.54
C LEU JA 340 49.17 -7.60 -82.08
N ARG JA 341 50.34 -8.24 -81.82
CA ARG JA 341 50.49 -9.62 -81.42
C ARG JA 341 50.50 -9.74 -79.91
N ARG JA 342 50.23 -8.61 -79.21
CA ARG JA 342 50.04 -8.56 -77.79
C ARG JA 342 48.85 -7.65 -77.64
N LEU JA 343 48.21 -7.69 -76.45
CA LEU JA 343 47.21 -6.71 -76.08
C LEU JA 343 47.99 -5.88 -75.11
N LEU JA 344 48.37 -4.65 -75.56
CA LEU JA 344 49.27 -3.80 -74.84
C LEU JA 344 48.58 -2.49 -74.60
N GLY JA 345 48.58 -2.06 -73.32
CA GLY JA 345 47.94 -0.85 -72.91
C GLY JA 345 47.87 -0.88 -71.43
N VAL JA 346 47.67 -2.11 -70.88
CA VAL JA 346 47.63 -2.37 -69.47
C VAL JA 346 48.29 -3.73 -69.35
N ARG JA 347 49.15 -3.89 -68.31
CA ARG JA 347 49.94 -5.08 -68.15
C ARG JA 347 50.15 -5.22 -66.68
N THR JA 348 50.26 -6.49 -66.22
CA THR JA 348 50.42 -6.86 -64.85
C THR JA 348 51.37 -8.04 -64.89
N GLU JA 349 51.93 -8.43 -63.73
CA GLU JA 349 52.91 -9.50 -63.62
C GLU JA 349 52.20 -10.79 -63.30
N GLY JA 350 50.84 -10.75 -63.30
CA GLY JA 350 49.97 -11.91 -63.22
C GLY JA 350 49.81 -12.54 -64.59
N ASP JA 351 50.42 -11.92 -65.64
CA ASP JA 351 50.42 -12.36 -67.01
C ASP JA 351 49.04 -12.26 -67.63
N LYS JA 352 48.39 -11.10 -67.44
CA LYS JA 352 47.08 -10.84 -67.98
C LYS JA 352 47.14 -9.48 -68.62
N LYS JA 353 47.55 -9.36 -69.91
CA LYS JA 353 47.73 -10.43 -70.87
C LYS JA 353 48.59 -9.89 -71.97
N ALA JA 354 48.98 -10.80 -72.89
CA ALA JA 354 49.82 -10.52 -74.02
C ALA JA 354 49.35 -11.41 -75.13
N ALA JA 355 48.11 -11.95 -74.98
CA ALA JA 355 47.37 -12.63 -76.02
C ALA JA 355 47.05 -11.69 -77.14
N LYS JA 356 47.05 -12.21 -78.38
CA LYS JA 356 46.87 -11.47 -79.61
C LYS JA 356 45.49 -10.87 -79.65
N VAL JA 357 45.38 -9.64 -80.20
CA VAL JA 357 44.17 -8.84 -80.19
C VAL JA 357 43.10 -9.54 -80.98
N GLN JA 358 41.86 -9.60 -80.43
CA GLN JA 358 40.71 -10.18 -81.07
C GLN JA 358 40.33 -9.41 -82.31
N LYS JA 359 40.02 -10.15 -83.38
CA LYS JA 359 39.56 -9.67 -84.67
C LYS JA 359 38.38 -8.74 -84.60
N LEU JA 360 38.08 -8.10 -85.75
CA LEU JA 360 36.95 -7.22 -85.94
C LEU JA 360 35.79 -8.12 -86.31
N SER JA 361 34.54 -7.67 -86.05
CA SER JA 361 33.35 -8.42 -86.41
C SER JA 361 32.33 -7.40 -86.81
N LYS JA 362 31.50 -7.75 -87.84
CA LYS JA 362 30.48 -6.89 -88.41
C LYS JA 362 29.40 -6.51 -87.45
N ASN JA 363 28.85 -5.30 -87.66
CA ASN JA 363 27.86 -4.62 -86.84
C ASN JA 363 28.41 -4.27 -85.48
N GLU JA 364 29.70 -3.87 -85.44
CA GLU JA 364 30.37 -3.38 -84.25
C GLU JA 364 30.86 -2.01 -84.63
N VAL JA 365 30.78 -1.04 -83.69
CA VAL JA 365 31.24 0.32 -83.89
C VAL JA 365 32.69 0.37 -83.48
N LEU JA 366 33.57 0.95 -84.35
CA LEU JA 366 34.99 0.97 -84.13
C LEU JA 366 35.47 2.35 -84.42
N MET JA 367 36.47 2.79 -83.61
CA MET JA 367 37.16 4.04 -83.73
C MET JA 367 38.27 3.95 -84.75
N VAL JA 368 38.13 4.71 -85.87
CA VAL JA 368 39.16 4.92 -86.85
C VAL JA 368 39.78 6.28 -86.60
N ASN JA 369 41.06 6.32 -86.15
CA ASN JA 369 41.80 7.56 -86.07
C ASN JA 369 42.50 7.68 -87.40
N ILE JA 370 41.99 8.56 -88.29
CA ILE JA 370 42.49 8.79 -89.61
C ILE JA 370 43.02 10.19 -89.57
N GLY JA 371 44.30 10.39 -89.97
CA GLY JA 371 45.00 11.65 -89.81
C GLY JA 371 45.24 11.83 -88.33
N SER JA 372 44.70 12.94 -87.77
CA SER JA 372 44.65 13.15 -86.34
C SER JA 372 43.21 13.30 -85.94
N LEU JA 373 42.29 13.24 -86.93
CA LEU JA 373 40.84 13.16 -86.76
C LEU JA 373 40.51 11.85 -86.08
N SER JA 374 39.41 11.81 -85.30
CA SER JA 374 38.93 10.58 -84.73
C SER JA 374 37.45 10.57 -85.01
N THR JA 375 37.03 9.70 -85.96
CA THR JA 375 35.67 9.58 -86.40
C THR JA 375 35.30 8.14 -86.09
N GLY JA 376 33.97 7.88 -86.00
CA GLY JA 376 33.41 6.59 -85.70
C GLY JA 376 32.69 6.06 -86.91
N GLY JA 377 32.71 4.72 -87.03
CA GLY JA 377 32.11 4.09 -88.19
C GLY JA 377 31.89 2.67 -87.81
N ARG JA 378 30.97 2.00 -88.53
CA ARG JA 378 30.57 0.64 -88.26
C ARG JA 378 31.05 -0.17 -89.42
N VAL JA 379 31.42 -1.44 -89.15
CA VAL JA 379 31.98 -2.34 -90.12
C VAL JA 379 30.83 -3.12 -90.72
N SER JA 380 30.70 -3.06 -92.06
CA SER JA 380 29.60 -3.62 -92.80
C SER JA 380 29.99 -4.95 -93.41
N ALA JA 381 31.28 -5.09 -93.79
CA ALA JA 381 31.84 -6.32 -94.32
C ALA JA 381 33.10 -6.52 -93.54
N VAL JA 382 33.40 -7.78 -93.15
CA VAL JA 382 34.54 -8.06 -92.33
C VAL JA 382 35.33 -9.25 -92.83
N LYS JA 383 36.43 -8.96 -93.55
CA LYS JA 383 37.47 -9.92 -93.86
C LYS JA 383 38.63 -9.45 -93.02
N ALA JA 384 39.63 -10.32 -92.81
CA ALA JA 384 40.73 -10.13 -91.88
C ALA JA 384 41.53 -8.88 -92.11
N ASP JA 385 41.80 -8.51 -93.38
CA ASP JA 385 42.60 -7.36 -93.71
C ASP JA 385 41.89 -6.59 -94.78
N LEU JA 386 40.55 -6.62 -94.77
CA LEU JA 386 39.76 -5.83 -95.70
C LEU JA 386 38.39 -5.81 -95.08
N GLY JA 387 38.07 -4.67 -94.44
CA GLY JA 387 36.79 -4.38 -93.90
C GLY JA 387 36.29 -3.18 -94.63
N LYS JA 388 34.96 -3.09 -94.77
CA LYS JA 388 34.32 -1.99 -95.44
C LYS JA 388 33.58 -1.34 -94.32
N ILE JA 389 33.81 -0.02 -94.12
CA ILE JA 389 33.29 0.72 -92.99
C ILE JA 389 32.44 1.82 -93.54
N VAL JA 390 31.34 2.15 -92.84
CA VAL JA 390 30.40 3.19 -93.18
C VAL JA 390 30.54 4.19 -92.06
N LEU JA 391 30.77 5.48 -92.41
CA LEU JA 391 31.24 6.48 -91.47
C LEU JA 391 30.08 7.38 -91.21
N THR JA 392 30.03 7.95 -89.97
CA THR JA 392 28.94 8.81 -89.53
C THR JA 392 29.01 10.16 -90.22
N ASN JA 393 30.22 10.78 -90.29
CA ASN JA 393 30.48 12.03 -90.95
C ASN JA 393 31.46 11.70 -92.06
N PRO JA 394 31.37 12.23 -93.29
CA PRO JA 394 32.19 11.79 -94.41
C PRO JA 394 33.66 12.01 -94.17
N VAL JA 395 34.51 11.18 -94.81
CA VAL JA 395 35.92 11.15 -94.54
C VAL JA 395 36.66 11.51 -95.78
N CYS JA 396 37.47 12.58 -95.65
CA CYS JA 396 38.44 13.02 -96.61
C CYS JA 396 39.63 12.10 -96.58
N THR JA 397 39.91 11.46 -97.74
CA THR JA 397 41.01 10.54 -97.88
C THR JA 397 42.01 11.32 -98.65
N GLU JA 398 43.02 11.81 -97.89
CA GLU JA 398 44.10 12.66 -98.34
C GLU JA 398 45.03 11.94 -99.26
N VAL JA 399 45.43 10.72 -98.83
CA VAL JA 399 46.42 9.90 -99.47
C VAL JA 399 46.15 8.54 -98.86
N GLY JA 400 46.90 7.48 -99.25
CA GLY JA 400 46.84 6.17 -98.63
C GLY JA 400 47.11 6.14 -97.14
N GLU JA 401 47.95 7.08 -96.64
CA GLU JA 401 48.08 7.48 -95.25
C GLU JA 401 48.28 6.33 -94.28
N LYS JA 402 47.87 6.55 -93.00
CA LYS JA 402 47.94 5.57 -91.96
C LYS JA 402 46.70 5.76 -91.14
N ILE JA 403 46.43 4.79 -90.23
CA ILE JA 403 45.35 4.89 -89.29
C ILE JA 403 45.85 4.26 -88.04
N ALA JA 404 45.15 4.57 -86.92
CA ALA JA 404 45.41 3.99 -85.64
C ALA JA 404 44.09 3.56 -85.11
N LEU JA 405 44.06 2.33 -84.55
CA LEU JA 405 42.86 1.63 -84.20
C LEU JA 405 43.02 1.31 -82.75
N SER JA 406 41.97 1.60 -81.96
CA SER JA 406 42.03 1.47 -80.53
C SER JA 406 40.80 0.73 -80.12
N ARG JA 407 40.84 0.09 -78.93
CA ARG JA 407 39.77 -0.75 -78.46
C ARG JA 407 39.56 -0.35 -77.05
N ARG JA 408 38.27 -0.34 -76.62
CA ARG JA 408 37.87 -0.15 -75.24
C ARG JA 408 38.05 -1.47 -74.57
N VAL JA 409 39.27 -1.72 -74.00
CA VAL JA 409 39.63 -2.99 -73.44
C VAL JA 409 38.73 -3.36 -72.30
N GLU JA 410 38.42 -2.40 -71.38
CA GLU JA 410 37.57 -2.74 -70.28
C GLU JA 410 37.00 -1.52 -69.61
N LYS JA 411 37.49 -0.28 -69.92
CA LYS JA 411 36.88 0.91 -69.35
C LYS JA 411 37.44 2.16 -69.98
N HIS JA 412 38.44 2.04 -70.87
CA HIS JA 412 38.94 3.17 -71.60
C HIS JA 412 39.64 2.58 -72.78
N TRP JA 413 39.89 3.40 -73.84
CA TRP JA 413 40.58 2.95 -75.01
C TRP JA 413 42.04 2.73 -74.74
N ARG JA 414 42.62 1.77 -75.49
CA ARG JA 414 44.01 1.41 -75.44
C ARG JA 414 44.36 1.04 -76.85
N LEU JA 415 45.60 1.39 -77.30
CA LEU JA 415 46.07 1.18 -78.65
C LEU JA 415 46.22 -0.30 -78.93
N ILE JA 416 45.59 -0.79 -80.05
CA ILE JA 416 45.58 -2.20 -80.38
C ILE JA 416 46.21 -2.47 -81.71
N GLY JA 417 46.20 -1.52 -82.65
CA GLY JA 417 46.59 -1.84 -83.99
C GLY JA 417 46.62 -0.60 -84.82
N TRP JA 418 47.05 -0.78 -86.09
CA TRP JA 418 47.25 0.29 -87.03
C TRP JA 418 46.75 -0.21 -88.36
N GLY JA 419 47.12 0.49 -89.45
CA GLY JA 419 46.86 0.04 -90.80
C GLY JA 419 47.02 1.17 -91.75
N GLN JA 420 46.42 1.04 -92.95
CA GLN JA 420 46.39 2.09 -93.95
C GLN JA 420 45.06 2.12 -94.63
N ILE JA 421 44.55 3.35 -94.90
CA ILE JA 421 43.43 3.61 -95.78
C ILE JA 421 43.75 3.16 -97.19
N ARG JA 422 42.74 2.69 -97.95
CA ARG JA 422 42.89 2.37 -99.35
C ARG JA 422 41.66 2.95 -100.05
N PRO KA 1 19.77 97.57 -14.42
CA PRO KA 1 20.90 98.55 -14.46
C PRO KA 1 22.20 97.79 -14.36
N GLU KA 2 23.34 98.51 -14.44
CA GLU KA 2 24.68 97.98 -14.26
C GLU KA 2 25.02 96.94 -15.31
N LYS KA 3 25.22 97.40 -16.56
CA LYS KA 3 25.40 96.56 -17.72
C LYS KA 3 26.88 96.43 -18.02
N PHE KA 4 27.77 96.94 -17.12
CA PHE KA 4 29.13 97.31 -17.44
C PHE KA 4 29.98 96.14 -17.88
N GLN KA 5 29.93 94.99 -17.16
CA GLN KA 5 30.75 93.86 -17.50
C GLN KA 5 30.15 92.65 -16.86
N HIS KA 6 30.68 91.47 -17.26
CA HIS KA 6 30.16 90.19 -16.88
C HIS KA 6 31.37 89.33 -16.65
N ILE KA 7 31.48 88.18 -17.38
CA ILE KA 7 32.51 87.17 -17.22
C ILE KA 7 33.87 87.77 -17.47
N LEU KA 8 34.86 87.34 -16.65
CA LEU KA 8 36.18 87.92 -16.60
C LEU KA 8 37.13 86.79 -16.35
N ARG KA 9 38.45 87.09 -16.42
CA ARG KA 9 39.48 86.17 -16.03
C ARG KA 9 40.24 86.80 -14.89
N VAL KA 10 40.52 85.99 -13.85
CA VAL KA 10 41.41 86.31 -12.76
C VAL KA 10 42.43 85.20 -12.77
N LEU KA 11 43.35 85.16 -11.77
CA LEU KA 11 44.40 84.17 -11.66
C LEU KA 11 43.93 82.74 -11.77
N ASN KA 12 44.32 82.10 -12.90
CA ASN KA 12 44.41 80.67 -13.13
C ASN KA 12 43.07 80.00 -13.35
N THR KA 13 41.94 80.71 -13.14
CA THR KA 13 40.62 80.16 -13.35
C THR KA 13 39.77 81.32 -13.76
N ASN KA 14 38.78 81.07 -14.65
CA ASN KA 14 37.91 82.07 -15.21
C ASN KA 14 36.72 82.12 -14.28
N ILE KA 15 36.35 83.35 -13.85
CA ILE KA 15 35.31 83.56 -12.87
C ILE KA 15 34.25 84.38 -13.53
N ASP KA 16 32.98 83.89 -13.44
CA ASP KA 16 31.83 84.54 -14.00
C ASP KA 16 31.37 85.70 -13.16
N GLY KA 17 30.74 86.71 -13.81
CA GLY KA 17 30.12 87.83 -13.16
C GLY KA 17 28.67 87.56 -12.91
N ARG KA 18 28.18 86.36 -13.33
CA ARG KA 18 26.83 85.89 -13.17
C ARG KA 18 26.45 85.67 -11.73
N ARG KA 19 27.38 85.12 -10.91
CA ARG KA 19 27.12 84.66 -9.57
C ARG KA 19 27.50 85.74 -8.59
N LYS KA 20 26.98 85.65 -7.34
CA LYS KA 20 27.35 86.43 -6.16
C LYS KA 20 28.84 86.36 -5.90
N ILE KA 21 29.42 87.36 -5.20
CA ILE KA 21 30.87 87.56 -5.14
C ILE KA 21 31.57 86.42 -4.45
N ALA KA 22 31.09 86.01 -3.25
CA ALA KA 22 31.76 85.02 -2.43
C ALA KA 22 31.80 83.69 -3.12
N PHE KA 23 30.63 83.22 -3.55
CA PHE KA 23 30.41 81.96 -4.21
C PHE KA 23 31.10 81.87 -5.55
N ALA KA 24 31.25 83.01 -6.27
CA ALA KA 24 31.98 83.09 -7.51
C ALA KA 24 33.44 82.75 -7.33
N ILE KA 25 34.08 83.34 -6.29
CA ILE KA 25 35.48 83.18 -5.94
C ILE KA 25 35.85 81.74 -5.60
N THR KA 26 34.90 80.90 -5.10
CA THR KA 26 35.19 79.57 -4.60
C THR KA 26 35.72 78.60 -5.64
N ALA KA 27 35.46 78.88 -6.95
CA ALA KA 27 35.85 78.04 -8.06
C ALA KA 27 37.35 77.88 -8.13
N ILE KA 28 38.11 78.94 -7.77
CA ILE KA 28 39.55 78.92 -7.60
C ILE KA 28 39.88 77.96 -6.47
N LYS KA 29 40.82 77.01 -6.72
CA LYS KA 29 41.14 75.95 -5.81
C LYS KA 29 41.96 76.52 -4.68
N GLY KA 30 41.83 75.91 -3.47
CA GLY KA 30 42.44 76.42 -2.26
C GLY KA 30 41.60 77.47 -1.60
N VAL KA 31 40.40 77.79 -2.14
CA VAL KA 31 39.49 78.74 -1.57
C VAL KA 31 38.16 78.06 -1.53
N GLY KA 32 37.62 77.85 -0.30
CA GLY KA 32 36.28 77.35 -0.09
C GLY KA 32 35.42 78.52 0.25
N ARG KA 33 34.09 78.28 0.41
CA ARG KA 33 33.11 79.30 0.75
C ARG KA 33 33.38 79.95 2.08
N ARG KA 34 33.81 79.14 3.07
CA ARG KA 34 34.21 79.56 4.39
C ARG KA 34 35.41 80.48 4.39
N TYR KA 35 36.33 80.30 3.42
CA TYR KA 35 37.55 81.08 3.32
C TYR KA 35 37.29 82.42 2.66
N ALA KA 36 36.12 82.61 2.02
CA ALA KA 36 35.90 83.73 1.14
C ALA KA 36 35.11 84.76 1.87
N HIS KA 37 34.08 84.34 2.65
CA HIS KA 37 33.32 85.21 3.50
C HIS KA 37 34.12 85.91 4.58
N VAL KA 38 35.31 85.37 4.95
CA VAL KA 38 36.29 86.09 5.75
C VAL KA 38 36.97 87.17 4.95
N VAL KA 39 37.62 86.80 3.81
CA VAL KA 39 38.52 87.65 3.05
C VAL KA 39 37.82 88.86 2.48
N LEU KA 40 36.52 88.74 2.12
CA LEU KA 40 35.70 89.85 1.71
C LEU KA 40 35.47 90.87 2.79
N ARG KA 41 35.46 90.47 4.09
CA ARG KA 41 35.10 91.34 5.17
C ARG KA 41 36.33 92.07 5.64
N LYS KA 42 37.52 91.43 5.56
CA LYS KA 42 38.80 92.07 5.71
C LYS KA 42 39.06 93.13 4.65
N ALA KA 43 38.48 92.92 3.44
CA ALA KA 43 38.57 93.85 2.34
C ALA KA 43 37.55 94.95 2.46
N ASP KA 44 36.53 94.76 3.34
CA ASP KA 44 35.51 95.72 3.69
C ASP KA 44 34.68 96.12 2.50
N ILE KA 45 34.11 95.11 1.80
CA ILE KA 45 33.26 95.34 0.65
C ILE KA 45 32.05 94.48 0.83
N ASP KA 46 30.97 94.81 0.06
CA ASP KA 46 29.74 94.07 -0.02
C ASP KA 46 29.95 92.68 -0.56
N LEU KA 47 29.12 91.75 -0.07
CA LEU KA 47 29.02 90.40 -0.58
C LEU KA 47 27.58 90.19 -1.00
N THR KA 48 26.82 91.31 -1.13
CA THR KA 48 25.40 91.33 -1.34
C THR KA 48 25.10 91.75 -2.76
N LYS KA 49 26.07 91.58 -3.68
CA LYS KA 49 25.92 91.94 -5.07
C LYS KA 49 26.75 90.99 -5.86
N ARG KA 50 26.73 91.11 -7.21
CA ARG KA 50 27.36 90.19 -8.13
C ARG KA 50 28.81 90.53 -8.29
N ALA KA 51 29.58 89.55 -8.83
CA ALA KA 51 31.01 89.64 -9.05
C ALA KA 51 31.34 90.48 -10.27
N GLY KA 52 30.35 90.70 -11.16
CA GLY KA 52 30.50 91.53 -12.33
C GLY KA 52 30.35 92.99 -12.02
N GLU KA 53 30.03 93.33 -10.74
CA GLU KA 53 29.79 94.69 -10.32
C GLU KA 53 30.96 95.21 -9.55
N LEU KA 54 32.00 94.37 -9.33
CA LEU KA 54 33.27 94.79 -8.77
C LEU KA 54 34.05 95.54 -9.82
N THR KA 55 34.85 96.54 -9.39
CA THR KA 55 35.73 97.31 -10.26
C THR KA 55 37.11 96.73 -10.16
N GLU KA 56 38.01 97.13 -11.09
CA GLU KA 56 39.36 96.63 -11.19
C GLU KA 56 40.22 97.01 -9.99
N ASP KA 57 39.96 98.21 -9.42
CA ASP KA 57 40.61 98.73 -8.22
C ASP KA 57 40.34 97.85 -7.02
N GLU KA 58 39.09 97.34 -6.93
CA GLU KA 58 38.63 96.53 -5.83
C GLU KA 58 39.24 95.16 -5.89
N VAL KA 59 39.11 94.44 -7.02
CA VAL KA 59 39.63 93.10 -7.18
C VAL KA 59 41.14 93.02 -7.08
N GLU KA 60 41.88 94.12 -7.41
CA GLU KA 60 43.31 94.20 -7.19
C GLU KA 60 43.70 94.08 -5.73
N ARG KA 61 42.87 94.66 -4.83
CA ARG KA 61 43.01 94.56 -3.39
C ARG KA 61 42.69 93.19 -2.87
N VAL KA 62 41.77 92.44 -3.54
CA VAL KA 62 41.27 91.17 -3.06
C VAL KA 62 42.40 90.18 -2.98
N ILE KA 63 43.15 90.00 -4.10
CA ILE KA 63 44.25 89.08 -4.20
C ILE KA 63 45.38 89.39 -3.23
N THR KA 64 45.69 90.68 -2.96
CA THR KA 64 46.62 91.07 -1.92
C THR KA 64 46.20 90.65 -0.52
N ILE KA 65 44.90 90.87 -0.15
CA ILE KA 65 44.37 90.47 1.14
C ILE KA 65 44.34 88.96 1.28
N MET KA 66 44.23 88.24 0.13
CA MET KA 66 44.20 86.80 0.07
C MET KA 66 45.57 86.21 0.31
N GLN KA 67 46.61 86.73 -0.40
CA GLN KA 67 47.88 86.05 -0.52
C GLN KA 67 48.87 86.51 0.52
N ASN KA 68 48.43 87.33 1.50
CA ASN KA 68 49.27 87.72 2.62
C ASN KA 68 48.37 87.70 3.83
N PRO KA 69 47.72 86.59 4.18
CA PRO KA 69 46.62 86.59 5.12
C PRO KA 69 47.04 86.93 6.54
N ARG KA 70 48.25 86.50 6.99
CA ARG KA 70 48.82 86.79 8.28
C ARG KA 70 49.06 88.26 8.51
N GLN KA 71 49.39 89.01 7.43
CA GLN KA 71 49.69 90.42 7.48
C GLN KA 71 48.45 91.27 7.42
N TYR KA 72 47.27 90.65 7.16
CA TYR KA 72 46.00 91.31 7.27
C TYR KA 72 45.19 90.69 8.37
N LYS KA 73 45.86 89.89 9.25
CA LYS KA 73 45.35 89.45 10.53
C LYS KA 73 44.19 88.51 10.38
N ILE KA 74 44.36 87.49 9.50
CA ILE KA 74 43.56 86.30 9.48
C ILE KA 74 44.39 85.27 10.24
N PRO KA 75 43.89 84.57 11.27
CA PRO KA 75 44.67 83.66 12.09
C PRO KA 75 45.33 82.52 11.35
N ASP KA 76 46.39 81.94 11.96
CA ASP KA 76 47.22 80.90 11.40
C ASP KA 76 46.49 79.60 11.22
N TRP KA 77 45.66 79.21 12.23
CA TRP KA 77 44.83 78.02 12.20
C TRP KA 77 43.83 77.98 11.08
N PHE KA 78 43.43 79.17 10.56
CA PHE KA 78 42.45 79.32 9.51
C PHE KA 78 43.06 79.15 8.12
N LEU KA 79 44.35 78.77 8.01
CA LEU KA 79 45.00 78.58 6.73
C LEU KA 79 44.95 77.12 6.37
N ASN KA 80 45.25 76.83 5.08
CA ASN KA 80 45.36 75.50 4.54
C ASN KA 80 46.50 74.75 5.17
N ARG KA 81 47.66 75.42 5.33
CA ARG KA 81 48.91 74.79 5.64
C ARG KA 81 49.46 75.52 6.83
N GLN KA 82 49.92 74.75 7.85
CA GLN KA 82 50.63 75.27 8.97
C GLN KA 82 51.86 74.43 9.01
N LYS KA 83 53.05 75.04 8.78
CA LYS KA 83 54.35 74.37 8.77
C LYS KA 83 54.40 73.22 7.80
N ASP KA 84 54.24 73.52 6.49
CA ASP KA 84 54.05 72.63 5.36
C ASP KA 84 54.60 71.22 5.49
N VAL KA 85 55.94 71.11 5.43
CA VAL KA 85 56.82 70.35 6.29
C VAL KA 85 58.05 70.39 5.42
N LYS KA 86 59.14 70.95 5.99
CA LYS KA 86 60.43 71.16 5.39
C LYS KA 86 60.44 72.44 4.60
N ASP KA 87 59.63 73.44 5.04
CA ASP KA 87 59.60 74.73 4.39
C ASP KA 87 59.55 75.78 5.46
N GLY KA 88 59.01 75.44 6.64
CA GLY KA 88 59.28 76.17 7.86
C GLY KA 88 58.29 77.25 8.17
N LYS KA 89 57.17 77.36 7.42
CA LYS KA 89 56.22 78.41 7.67
C LYS KA 89 54.87 77.94 7.24
N TYR KA 90 53.85 78.39 8.02
CA TYR KA 90 52.54 78.86 7.61
C TYR KA 90 52.44 79.39 6.21
N SER KA 91 51.43 78.92 5.45
CA SER KA 91 51.34 79.20 4.04
C SER KA 91 49.89 79.08 3.67
N GLN KA 92 49.54 79.70 2.54
CA GLN KA 92 48.23 79.60 1.95
C GLN KA 92 48.51 79.36 0.50
N VAL KA 93 47.87 78.30 -0.06
CA VAL KA 93 48.17 77.80 -1.39
C VAL KA 93 46.92 77.95 -2.19
N LEU KA 94 47.10 78.37 -3.47
CA LEU KA 94 46.03 78.69 -4.39
C LEU KA 94 46.31 77.86 -5.62
N ALA KA 95 45.61 78.14 -6.74
CA ALA KA 95 45.11 77.14 -7.67
C ALA KA 95 46.15 76.21 -8.24
N ASN KA 96 47.08 76.73 -9.08
CA ASN KA 96 48.01 75.91 -9.82
C ASN KA 96 49.21 75.51 -8.99
N GLY KA 97 49.49 76.25 -7.88
CA GLY KA 97 50.52 75.91 -6.93
C GLY KA 97 50.12 74.80 -6.00
N LEU KA 98 48.79 74.62 -5.78
CA LEU KA 98 48.21 73.61 -4.93
C LEU KA 98 48.53 72.24 -5.48
N ASP KA 99 48.32 72.04 -6.79
CA ASP KA 99 48.59 70.80 -7.48
C ASP KA 99 50.04 70.43 -7.43
N ASN KA 100 50.94 71.44 -7.60
CA ASN KA 100 52.37 71.26 -7.61
C ASN KA 100 52.87 70.81 -6.25
N LYS KA 101 52.38 71.47 -5.18
CA LYS KA 101 52.60 71.11 -3.79
C LYS KA 101 52.13 69.72 -3.47
N LEU KA 102 50.93 69.34 -3.97
CA LEU KA 102 50.28 68.08 -3.70
C LEU KA 102 51.09 66.94 -4.26
N ARG KA 103 51.55 67.07 -5.53
CA ARG KA 103 52.32 66.07 -6.23
C ARG KA 103 53.66 65.82 -5.59
N GLU KA 104 54.23 66.83 -4.87
CA GLU KA 104 55.47 66.70 -4.14
C GLU KA 104 55.31 65.75 -3.00
N ASP KA 105 54.25 65.90 -2.17
CA ASP KA 105 54.03 65.08 -1.01
C ASP KA 105 53.79 63.63 -1.32
N LEU KA 106 53.17 63.32 -2.50
CA LEU KA 106 53.08 61.98 -3.04
C LEU KA 106 54.43 61.38 -3.34
N GLU KA 107 55.29 62.17 -4.01
CA GLU KA 107 56.62 61.78 -4.44
C GLU KA 107 57.50 61.50 -3.27
N ARG KA 108 57.40 62.36 -2.21
CA ARG KA 108 58.13 62.26 -0.96
C ARG KA 108 57.87 60.96 -0.23
N LEU KA 109 56.60 60.50 -0.23
CA LEU KA 109 56.19 59.32 0.51
C LEU KA 109 56.47 58.05 -0.26
N LYS KA 110 56.91 58.14 -1.54
CA LYS KA 110 57.50 57.03 -2.25
C LYS KA 110 59.01 57.12 -2.26
N LYS KA 111 59.59 58.33 -2.03
CA LYS KA 111 61.02 58.53 -1.87
C LYS KA 111 61.52 57.76 -0.68
N ILE KA 112 61.01 58.09 0.53
CA ILE KA 112 61.21 57.30 1.73
C ILE KA 112 60.65 55.90 1.63
N ARG KA 113 59.62 55.70 0.76
CA ARG KA 113 58.84 54.50 0.53
C ARG KA 113 58.26 53.91 1.79
N ALA KA 114 57.50 54.76 2.50
CA ALA KA 114 56.58 54.40 3.55
C ALA KA 114 55.43 53.58 3.00
N HIS KA 115 54.50 53.17 3.88
CA HIS KA 115 53.31 52.43 3.54
C HIS KA 115 52.42 53.23 2.63
N ARG KA 116 52.48 54.57 2.76
CA ARG KA 116 51.64 55.54 2.11
C ARG KA 116 51.84 55.51 0.62
N GLY KA 117 53.08 55.77 0.15
CA GLY KA 117 53.42 55.84 -1.26
C GLY KA 117 53.16 54.57 -2.02
N LEU KA 118 53.31 53.41 -1.36
CA LEU KA 118 53.02 52.11 -1.92
C LEU KA 118 51.56 51.95 -2.23
N ARG KA 119 50.67 52.30 -1.25
CA ARG KA 119 49.23 52.35 -1.40
C ARG KA 119 48.81 53.32 -2.48
N HIS KA 120 49.49 54.48 -2.60
CA HIS KA 120 49.26 55.45 -3.65
C HIS KA 120 49.57 54.84 -5.00
N PHE KA 121 50.80 54.34 -5.18
CA PHE KA 121 51.26 53.78 -6.45
C PHE KA 121 50.46 52.57 -6.90
N TRP KA 122 49.96 51.72 -5.96
CA TRP KA 122 49.12 50.60 -6.27
C TRP KA 122 47.69 50.96 -6.56
N GLY KA 123 47.25 52.19 -6.20
CA GLY KA 123 45.93 52.68 -6.51
C GLY KA 123 44.90 52.14 -5.56
N LEU KA 124 45.25 52.07 -4.26
CA LEU KA 124 44.44 51.50 -3.22
C LEU KA 124 44.31 52.55 -2.16
N ARG KA 125 43.26 52.41 -1.29
CA ARG KA 125 42.87 53.40 -0.31
C ARG KA 125 43.93 53.58 0.75
N VAL KA 126 44.25 54.86 1.04
CA VAL KA 126 45.33 55.26 1.90
C VAL KA 126 44.95 55.05 3.34
N ARG KA 127 43.72 55.45 3.69
CA ARG KA 127 43.21 55.50 5.04
C ARG KA 127 42.60 54.17 5.35
N GLY KA 128 42.31 53.91 6.65
CA GLY KA 128 41.79 52.66 7.13
C GLY KA 128 40.39 52.43 6.67
N GLN KA 129 40.27 51.57 5.63
CA GLN KA 129 39.04 51.35 4.92
C GLN KA 129 39.20 49.95 4.41
N HIS KA 130 38.06 49.24 4.26
CA HIS KA 130 38.03 47.92 3.68
C HIS KA 130 37.91 48.11 2.19
N THR KA 131 38.55 47.22 1.41
CA THR KA 131 38.60 47.30 -0.04
C THR KA 131 37.95 46.04 -0.58
N LYS KA 132 37.46 45.15 0.32
CA LYS KA 132 36.86 43.88 -0.05
C LYS KA 132 35.58 44.07 -0.80
N THR KA 133 34.73 44.99 -0.33
CA THR KA 133 33.43 45.26 -0.90
C THR KA 133 33.38 46.68 -1.41
N THR KA 134 34.52 47.36 -1.44
CA THR KA 134 34.56 48.75 -1.88
C THR KA 134 35.32 48.98 -3.18
N GLY KA 135 34.93 50.05 -3.88
CA GLY KA 135 35.56 50.40 -5.13
C GLY KA 135 34.91 49.77 -6.33
N ARG KA 136 34.85 48.44 -6.34
CA ARG KA 136 34.26 47.72 -7.46
C ARG KA 136 34.85 48.25 -8.75
N ARG KA 137 34.08 48.21 -9.83
CA ARG KA 137 34.55 48.70 -11.11
C ARG KA 137 35.95 48.14 -11.42
N GLY KA 138 36.06 46.84 -11.65
CA GLY KA 138 34.93 45.92 -11.61
C GLY KA 138 35.04 44.88 -12.71
N ARG KA 139 33.91 44.51 -13.30
CA ARG KA 139 33.89 43.53 -14.37
C ARG KA 139 34.76 42.32 -14.03
N THR KA 140 35.11 41.54 -15.05
CA THR KA 140 35.94 40.35 -14.87
C THR KA 140 35.53 39.54 -13.64
N VAL KA 141 34.59 38.61 -13.84
CA VAL KA 141 34.12 37.77 -12.75
C VAL KA 141 34.37 36.29 -13.05
N GLY KA 142 34.21 35.45 -12.03
CA GLY KA 142 34.42 34.03 -12.18
C GLY KA 142 33.15 33.22 -11.93
N VAL LA 1 72.76 56.17 3.37
CA VAL LA 1 72.59 57.59 3.00
C VAL LA 1 73.55 57.92 1.90
N GLU LA 2 73.06 58.58 0.83
CA GLU LA 2 73.84 58.90 -0.34
C GLU LA 2 73.12 59.99 -1.08
N GLN LA 3 72.06 60.56 -0.45
CA GLN LA 3 71.20 61.55 -1.03
C GLN LA 3 71.82 62.91 -0.89
N LYS LA 4 71.21 63.91 -1.55
CA LYS LA 4 71.58 65.29 -1.42
C LYS LA 4 70.30 66.05 -1.59
N LYS LA 5 70.22 67.25 -0.97
CA LYS LA 5 69.14 68.20 -1.13
C LYS LA 5 67.83 67.67 -0.59
N LYS LA 6 67.86 67.07 0.63
CA LYS LA 6 66.69 66.52 1.24
C LYS LA 6 66.62 66.90 2.70
N ARG LA 7 67.60 67.70 3.20
CA ARG LA 7 67.61 68.09 4.59
C ARG LA 7 68.64 69.15 4.80
N THR LA 8 69.39 69.50 3.73
CA THR LA 8 70.33 70.58 3.74
C THR LA 8 70.41 71.05 2.31
N PHE LA 9 71.08 72.20 2.08
CA PHE LA 9 71.47 72.74 0.80
C PHE LA 9 70.30 73.54 0.27
N ARG LA 10 70.38 73.95 -1.02
CA ARG LA 10 69.24 74.33 -1.83
C ARG LA 10 68.30 73.15 -1.93
N LYS LA 11 66.99 73.40 -1.70
CA LYS LA 11 65.90 72.45 -1.67
C LYS LA 11 65.97 71.67 -0.39
N PHE LA 12 65.03 72.00 0.53
CA PHE LA 12 64.68 71.24 1.71
C PHE LA 12 65.69 71.43 2.80
N THR LA 13 65.28 72.15 3.86
CA THR LA 13 65.80 71.99 5.20
C THR LA 13 64.61 71.62 6.04
N TYR LA 14 64.79 70.70 7.02
CA TYR LA 14 63.73 70.10 7.80
C TYR LA 14 63.04 71.11 8.67
N ARG LA 15 61.86 71.57 8.17
CA ARG LA 15 61.09 72.69 8.65
C ARG LA 15 61.91 73.89 9.08
N GLY LA 16 62.75 74.41 8.15
CA GLY LA 16 63.52 75.61 8.33
C GLY LA 16 64.81 75.45 9.09
N VAL LA 17 65.21 74.21 9.45
CA VAL LA 17 66.44 73.99 10.19
C VAL LA 17 67.06 72.73 9.64
N ASP LA 18 68.41 72.73 9.55
CA ASP LA 18 69.20 71.64 9.02
C ASP LA 18 69.30 70.56 10.04
N LEU LA 19 69.73 69.36 9.60
CA LEU LA 19 69.97 68.19 10.44
C LEU LA 19 70.98 68.45 11.52
N ASP LA 20 71.99 69.31 11.21
CA ASP LA 20 73.09 69.64 12.07
C ASP LA 20 72.66 70.31 13.34
N GLN LA 21 71.57 71.12 13.28
CA GLN LA 21 71.02 71.80 14.44
C GLN LA 21 70.27 70.84 15.30
N LEU LA 22 69.53 69.88 14.69
CA LEU LA 22 68.68 68.90 15.34
C LEU LA 22 69.45 68.05 16.32
N LEU LA 23 70.64 67.57 15.88
CA LEU LA 23 71.53 66.74 16.66
C LEU LA 23 72.01 67.41 17.92
N ASP LA 24 72.10 68.76 17.94
CA ASP LA 24 72.53 69.51 19.10
C ASP LA 24 71.36 69.90 19.96
N MET LA 25 70.12 69.94 19.40
CA MET LA 25 68.90 70.16 20.13
C MET LA 25 68.63 69.02 21.07
N SER LA 26 67.94 69.33 22.20
CA SER LA 26 67.25 68.37 23.01
C SER LA 26 65.97 67.99 22.34
N TYR LA 27 65.27 66.95 22.85
CA TYR LA 27 63.96 66.53 22.40
C TYR LA 27 62.93 67.63 22.53
N GLU LA 28 63.12 68.56 23.49
CA GLU LA 28 62.19 69.59 23.85
C GLU LA 28 61.97 70.58 22.73
N GLN LA 29 63.06 71.20 22.20
CA GLN LA 29 63.02 72.03 21.01
C GLN LA 29 62.58 71.31 19.76
N LEU LA 30 62.91 70.00 19.66
CA LEU LA 30 62.70 69.20 18.46
C LEU LA 30 61.25 68.89 18.25
N MET LA 31 60.52 68.57 19.35
CA MET LA 31 59.14 68.14 19.30
C MET LA 31 58.20 69.26 18.96
N GLN LA 32 58.58 70.52 19.30
CA GLN LA 32 57.81 71.72 19.01
C GLN LA 32 57.76 72.04 17.54
N LEU LA 33 58.57 71.35 16.70
CA LEU LA 33 58.44 71.37 15.27
C LEU LA 33 57.27 70.48 14.93
N TYR LA 34 56.32 71.03 14.13
CA TYR LA 34 54.96 70.54 13.97
C TYR LA 34 54.88 69.14 13.42
N SER LA 35 54.39 68.20 14.27
CA SER LA 35 54.18 66.83 13.89
C SER LA 35 53.41 66.12 14.99
N ALA LA 36 52.19 66.61 15.31
CA ALA LA 36 51.43 66.46 16.54
C ALA LA 36 51.53 65.16 17.30
N ARG LA 37 51.38 64.01 16.62
CA ARG LA 37 51.38 62.67 17.18
C ARG LA 37 52.70 62.31 17.85
N GLN LA 38 53.84 62.83 17.34
CA GLN LA 38 55.16 62.69 17.91
C GLN LA 38 55.22 63.21 19.31
N ARG LA 39 54.56 64.36 19.58
CA ARG LA 39 54.66 65.06 20.83
C ARG LA 39 54.04 64.32 21.97
N ARG LA 40 52.96 63.52 21.73
CA ARG LA 40 52.40 62.60 22.71
C ARG LA 40 53.41 61.59 23.21
N ARG LA 41 54.16 61.00 22.26
CA ARG LA 41 54.99 59.84 22.50
C ARG LA 41 56.20 60.18 23.33
N LEU LA 42 56.63 61.46 23.28
CA LEU LA 42 57.78 61.93 24.01
C LEU LA 42 57.37 62.40 25.38
N SER LA 43 56.41 63.36 25.45
CA SER LA 43 55.97 63.98 26.68
C SER LA 43 55.35 63.01 27.67
N ARG LA 44 54.62 61.98 27.18
CA ARG LA 44 54.10 60.92 28.01
C ARG LA 44 55.18 59.95 28.35
N GLY LA 45 55.88 59.45 27.30
CA GLY LA 45 56.64 58.22 27.40
C GLY LA 45 57.88 58.36 28.23
N LEU LA 46 58.91 59.05 27.66
CA LEU LA 46 60.21 59.25 28.26
C LEU LA 46 60.88 57.94 28.63
N ARG LA 47 61.09 57.06 27.60
CA ARG LA 47 62.00 55.94 27.63
C ARG LA 47 61.48 54.80 28.48
N ARG LA 48 60.75 53.84 27.86
CA ARG LA 48 60.21 52.68 28.54
C ARG LA 48 61.01 51.52 28.03
N LYS LA 49 62.35 51.54 28.27
CA LYS LA 49 63.29 50.53 27.85
C LYS LA 49 63.33 50.42 26.35
N GLN LA 50 63.28 51.60 25.68
CA GLN LA 50 63.87 51.81 24.38
C GLN LA 50 65.37 51.96 24.49
N HIS LA 51 65.90 52.02 25.74
CA HIS LA 51 67.30 52.02 26.11
C HIS LA 51 68.12 51.00 25.36
N SER LA 52 67.57 49.77 25.24
CA SER LA 52 68.19 48.65 24.61
C SER LA 52 68.53 48.90 23.15
N LEU LA 53 67.69 49.68 22.43
CA LEU LA 53 67.88 49.92 21.03
C LEU LA 53 68.90 51.00 20.84
N LEU LA 54 68.64 52.20 21.42
CA LEU LA 54 69.38 53.41 21.14
C LEU LA 54 70.85 53.37 21.49
N LYS LA 55 71.26 52.48 22.43
CA LYS LA 55 72.66 52.30 22.75
C LYS LA 55 73.36 51.46 21.73
N ARG LA 56 72.71 50.38 21.24
CA ARG LA 56 73.23 49.48 20.23
C ARG LA 56 73.46 50.16 18.91
N LEU LA 57 72.65 51.20 18.58
CA LEU LA 57 72.71 51.87 17.30
C LEU LA 57 73.94 52.73 17.25
N ARG LA 58 74.11 53.64 18.24
CA ARG LA 58 75.26 54.49 18.43
C ARG LA 58 76.55 53.71 18.55
N LYS LA 59 76.53 52.61 19.33
CA LYS LA 59 77.64 51.72 19.55
C LYS LA 59 78.13 51.12 18.26
N ALA LA 60 77.24 50.39 17.54
CA ALA LA 60 77.54 49.76 16.27
C ALA LA 60 77.97 50.73 15.20
N LYS LA 61 77.37 51.95 15.16
CA LYS LA 61 77.75 53.02 14.26
C LYS LA 61 79.16 53.50 14.46
N LYS LA 62 79.63 53.48 15.73
CA LYS LA 62 80.94 53.94 16.14
C LYS LA 62 81.99 52.97 15.71
N GLU LA 63 81.80 51.66 16.03
CA GLU LA 63 82.80 50.64 15.86
C GLU LA 63 82.98 50.26 14.41
N ALA LA 64 81.95 50.48 13.56
CA ALA LA 64 81.94 50.11 12.16
C ALA LA 64 82.99 50.90 11.40
N PRO LA 65 83.65 50.36 10.36
CA PRO LA 65 84.68 51.06 9.58
C PRO LA 65 84.15 52.33 8.94
N PRO LA 66 84.96 53.34 8.62
CA PRO LA 66 84.52 54.53 7.93
C PRO LA 66 84.22 54.21 6.50
N MET LA 67 83.14 54.84 5.97
CA MET LA 67 82.59 54.64 4.63
C MET LA 67 81.98 53.28 4.48
N GLU LA 68 81.49 52.70 5.60
CA GLU LA 68 80.83 51.42 5.61
C GLU LA 68 79.81 51.50 6.69
N LYS LA 69 78.65 50.83 6.46
CA LYS LA 69 77.55 50.80 7.39
C LYS LA 69 77.77 49.67 8.37
N PRO LA 70 77.17 49.65 9.56
CA PRO LA 70 77.26 48.55 10.50
C PRO LA 70 76.58 47.29 10.00
N GLU LA 71 76.40 46.28 10.88
CA GLU LA 71 75.76 45.04 10.55
C GLU LA 71 74.28 45.29 10.66
N VAL LA 72 73.62 44.86 11.75
CA VAL LA 72 72.24 45.17 12.00
C VAL LA 72 72.07 45.15 13.48
N VAL LA 73 71.06 45.92 13.95
CA VAL LA 73 70.46 45.71 15.25
C VAL LA 73 69.09 45.27 14.87
N LYS LA 74 68.52 44.26 15.58
CA LYS LA 74 67.22 43.75 15.23
C LYS LA 74 66.25 44.22 16.27
N THR LA 75 64.95 44.18 15.93
CA THR LA 75 63.87 44.64 16.78
C THR LA 75 62.68 43.75 16.50
N HIS LA 76 61.84 43.52 17.54
CA HIS LA 76 60.45 43.17 17.36
C HIS LA 76 59.60 44.41 17.53
N LEU LA 77 60.22 45.55 17.90
CA LEU LA 77 59.53 46.79 18.11
C LEU LA 77 59.43 47.47 16.78
N ARG LA 78 58.17 47.69 16.34
CA ARG LA 78 57.85 48.34 15.09
C ARG LA 78 57.50 49.78 15.37
N ASP LA 79 57.63 50.20 16.65
CA ASP LA 79 57.18 51.48 17.10
C ASP LA 79 58.34 52.10 17.78
N MET LA 80 58.69 53.32 17.28
CA MET LA 80 59.69 54.20 17.83
C MET LA 80 59.85 55.19 16.72
N ILE LA 81 59.95 56.49 17.09
CA ILE LA 81 60.01 57.59 16.17
C ILE LA 81 61.38 57.55 15.55
N ILE LA 82 61.50 57.75 14.21
CA ILE LA 82 62.78 57.83 13.55
C ILE LA 82 63.28 59.23 13.83
N LEU LA 83 64.59 59.35 14.14
CA LEU LA 83 65.16 60.52 14.74
C LEU LA 83 66.45 60.78 14.00
N PRO LA 84 67.04 61.98 14.08
CA PRO LA 84 68.27 62.32 13.38
C PRO LA 84 69.43 61.49 13.84
N GLU LA 85 69.55 61.19 15.16
CA GLU LA 85 70.66 60.46 15.71
C GLU LA 85 70.70 59.03 15.21
N MET LA 86 69.51 58.43 14.93
CA MET LA 86 69.37 57.07 14.46
C MET LA 86 69.88 56.85 13.06
N VAL LA 87 70.01 57.94 12.25
CA VAL LA 87 70.32 57.88 10.84
C VAL LA 87 71.71 57.32 10.63
N GLY LA 88 71.85 56.47 9.58
CA GLY LA 88 73.10 55.86 9.20
C GLY LA 88 73.20 54.45 9.69
N SER LA 89 72.35 54.06 10.66
CA SER LA 89 72.29 52.70 11.16
C SER LA 89 71.46 51.86 10.23
N MET LA 90 71.46 50.53 10.45
CA MET LA 90 70.71 49.60 9.65
C MET LA 90 70.00 48.72 10.62
N VAL LA 91 68.67 48.54 10.43
CA VAL LA 91 67.82 47.96 11.44
C VAL LA 91 66.99 46.92 10.75
N GLY LA 92 66.86 45.72 11.37
CA GLY LA 92 66.00 44.67 10.90
C GLY LA 92 64.78 44.70 11.78
N VAL LA 93 63.58 44.55 11.18
CA VAL LA 93 62.33 44.79 11.86
C VAL LA 93 61.51 43.55 11.65
N TYR LA 94 61.12 42.87 12.76
CA TYR LA 94 60.32 41.67 12.74
C TYR LA 94 58.93 41.96 12.22
N ASN LA 95 58.40 41.03 11.39
CA ASN LA 95 57.10 41.15 10.78
C ASN LA 95 56.19 40.19 11.47
N GLY LA 96 56.04 38.96 10.92
CA GLY LA 96 55.53 37.84 11.67
C GLY LA 96 56.57 36.79 11.81
N LYS LA 97 57.60 36.76 10.92
CA LYS LA 97 58.66 35.79 11.00
C LYS LA 97 59.95 36.39 10.54
N THR LA 98 59.89 37.48 9.75
CA THR LA 98 60.99 37.85 8.88
C THR LA 98 61.46 39.18 9.34
N PHE LA 99 62.80 39.39 9.31
CA PHE LA 99 63.42 40.63 9.71
C PHE LA 99 63.79 41.27 8.42
N ASN LA 100 63.00 42.27 7.98
CA ASN LA 100 63.25 43.02 6.78
C ASN LA 100 64.13 44.15 7.18
N GLN LA 101 65.33 44.22 6.56
CA GLN LA 101 66.34 45.18 6.92
C GLN LA 101 66.13 46.41 6.09
N VAL LA 102 66.46 47.58 6.65
CA VAL LA 102 66.27 48.86 6.03
C VAL LA 102 67.39 49.73 6.52
N GLU LA 103 67.83 50.65 5.64
CA GLU LA 103 68.76 51.71 5.95
C GLU LA 103 67.92 52.88 6.34
N ILE LA 104 68.40 53.69 7.31
CA ILE LA 104 67.67 54.82 7.84
C ILE LA 104 68.18 56.02 7.09
N LYS LA 105 67.26 56.81 6.51
CA LYS LA 105 67.57 58.02 5.78
C LYS LA 105 67.27 59.19 6.69
N PRO LA 106 67.84 60.37 6.49
CA PRO LA 106 67.43 61.60 7.17
C PRO LA 106 66.10 62.11 6.68
N GLU LA 107 65.48 61.46 5.67
CA GLU LA 107 64.27 61.92 5.04
C GLU LA 107 63.11 61.15 5.63
N MET LA 108 63.40 60.16 6.52
CA MET LA 108 62.41 59.31 7.12
C MET LA 108 62.03 59.78 8.49
N ILE LA 109 62.65 60.88 9.00
CA ILE LA 109 62.47 61.31 10.37
C ILE LA 109 61.05 61.77 10.62
N GLY LA 110 60.50 61.42 11.81
CA GLY LA 110 59.13 61.66 12.19
C GLY LA 110 58.32 60.40 12.09
N HIS LA 111 58.49 59.59 11.01
CA HIS LA 111 57.80 58.34 10.79
C HIS LA 111 58.18 57.28 11.80
N TYR LA 112 57.47 56.13 11.74
CA TYR LA 112 57.74 54.96 12.55
C TYR LA 112 58.58 54.02 11.75
N LEU LA 113 59.17 53.01 12.44
CA LEU LA 113 59.93 51.93 11.85
C LEU LA 113 59.07 51.02 11.01
N GLY LA 114 57.81 50.79 11.46
CA GLY LA 114 56.96 49.75 10.97
C GLY LA 114 56.28 50.08 9.67
N GLU LA 115 56.47 51.32 9.15
CA GLU LA 115 55.91 51.73 7.88
C GLU LA 115 56.78 51.27 6.74
N PHE LA 116 58.05 50.90 7.04
CA PHE LA 116 59.04 50.56 6.04
C PHE LA 116 59.23 49.08 5.96
N SER LA 117 58.41 48.30 6.69
CA SER LA 117 58.43 46.86 6.59
C SER LA 117 57.00 46.41 6.57
N ILE LA 118 56.62 45.66 5.52
CA ILE LA 118 55.28 45.20 5.28
C ILE LA 118 55.16 43.84 5.90
N THR LA 119 53.92 43.33 6.03
CA THR LA 119 53.64 42.21 6.88
C THR LA 119 52.58 41.37 6.20
N TYR LA 120 52.51 41.46 4.86
CA TYR LA 120 51.58 40.70 4.07
C TYR LA 120 52.14 40.71 2.67
N LYS LA 121 51.68 39.76 1.82
CA LYS LA 121 52.07 39.71 0.42
C LYS LA 121 51.08 40.59 -0.31
N PRO LA 122 51.47 41.52 -1.19
CA PRO LA 122 50.62 42.57 -1.75
C PRO LA 122 49.27 42.17 -2.27
N VAL LA 123 49.22 41.06 -3.04
CA VAL LA 123 48.10 40.18 -3.32
C VAL LA 123 48.24 39.88 -4.78
N LYS LA 124 47.73 38.74 -5.21
CA LYS LA 124 47.77 38.36 -6.63
C LYS LA 124 46.73 37.29 -6.97
N HIS LA 125 45.61 37.71 -7.55
CA HIS LA 125 44.55 36.78 -7.94
C HIS LA 125 45.11 35.72 -8.89
N GLY LA 126 44.26 34.81 -9.36
CA GLY LA 126 42.84 34.78 -9.04
C GLY LA 126 42.10 33.84 -9.98
N ARG LA 127 40.87 33.51 -9.62
CA ARG LA 127 40.02 32.62 -10.43
C ARG LA 127 38.86 32.14 -9.57
N PRO LA 128 37.64 32.49 -9.96
CA PRO LA 128 36.46 32.09 -9.17
C PRO LA 128 36.45 30.60 -8.88
N GLY LA 129 36.11 30.24 -7.64
CA GLY LA 129 36.08 28.85 -7.22
C GLY LA 129 34.81 28.13 -7.62
N ILE LA 130 34.62 26.94 -7.06
CA ILE LA 130 33.45 26.13 -7.35
C ILE LA 130 32.32 26.40 -6.36
N GLY LA 131 32.30 27.61 -5.81
CA GLY LA 131 31.26 28.01 -4.87
C GLY LA 131 31.30 29.51 -4.63
N ALA LA 132 31.04 30.28 -5.68
CA ALA LA 132 31.05 31.74 -5.56
C ALA LA 132 30.08 32.41 -6.54
N THR LA 133 28.82 32.00 -6.48
CA THR LA 133 27.79 32.57 -7.35
C THR LA 133 26.53 31.71 -7.34
N HIS LA 134 25.41 32.31 -6.93
CA HIS LA 134 24.15 31.61 -6.87
C HIS LA 134 23.91 30.76 -8.10
N SER LA 135 24.78 29.77 -8.30
CA SER LA 135 24.67 28.88 -9.46
C SER LA 135 25.51 27.62 -9.25
#